data_6SLI
#
_entry.id   6SLI
#
_cell.length_a   190.560
_cell.length_b   376.870
_cell.length_c   369.240
_cell.angle_alpha   90.000
_cell.angle_beta   90.000
_cell.angle_gamma   90.000
#
_symmetry.space_group_name_H-M   'C 2 2 21'
#
loop_
_entity.id
_entity.type
_entity.pdbx_description
1 polymer 'Lipoprotein RagB'
2 polymer 'RagA protein'
3 polymer ALA-SER-THR-THR-GLY-GLY-ASN-SER-GLN-ARG-GLY-SER-GLY
4 polymer ASTTGGNSQRGGG
5 non-polymer '(1R,4S,6R)-6-({[2-(ACETYLAMINO)-2-DEOXY-ALPHA-D-GLUCOPYRANOSYL]OXY}METHYL)-4-HYDROXY-1-{[(15-METHYLHEXADECANOYL)OXY]METHYL}-4-OXIDO-7-OXO-3,5-DIOXA-8-AZA-4-PHOSPHAHEPTACOS-1-YL 15-METHYLHEXADECANOATE'
6 non-polymer (HYDROXYETHYLOXY)TRI(ETHYLOXY)OCTANE
#
loop_
_entity_poly.entity_id
_entity_poly.type
_entity_poly.pdbx_seq_one_letter_code
_entity_poly.pdbx_strand_id
1 'polypeptide(L)'
;CELDRDPEGKDFQQPYTSFVQTKQNRDGLYALLRNTENPRMHFYQELQSDMYCTTITDGNSLAPFVNWDLGILNDHGRAD
EDEVSGIAGYYFVYNRLNQQANAFVNNTEAALQNQVYKNSTEIANAKSFLAEGKVLQALAIWRLMDRFSFHESVTEVNSG
AKDLGVILLKEYNPGYIGPRATKAQCYDYILSRLSEAIEVLPENRESVLYVSRDYAYALRARIYLALGEYGKAAADAKMV
VDKYPLIGAADASEFENIYRSDANNPEIIFRGFASATLGSFTATTLNGAAPAGKDIKYNPSAVPFQWVVDLYENEDFRKS
VYIAKVVKKDKGYLVNKFLEDKAYRDVQDKPNLKVGARYFSVAEVYLILVESALQTGDTPTAEKYLKALSKARGAEVSVV
NMEALQAERTRELIGEGSRLRDMVRWSIPNNHDAFETQPGLEGFANTTPLKAQAPVGFYAYTWEFPQRDRQTNPQLIKNW
PIHHHHHH
;
A,C,F,I
2 'polypeptide(L)'
;QNRTVKGTVISSEDNEPLIGANVVVVGNTTIGAATDLDGNFTLSVPANAKMLRVSYSGMTTKEVAIANVMKIVLDPDSKV
LEQVVVLGYGTGQKLSTVSGSVAKVSSEKLAEKPVANIMDALQGQVAGMQVMTTSGDPTAVASVEIHGTGSLGASSAPLY
IVDGMQTSLDVVATMNPNDFESMSVLKDASATSIYGARAANGVVFIQTKKGKMSERGRITFNASYGISQILNTKPLDNMM
TGDELLDFQVKAGFWGNNQTVQKVKDMILAGAEDLYGNYDSLKDEYGKTLFPVDFNHDADWLKALFKTAPTSQGDISFSG
GSQGTSYYASIGYFDQEGMAREPANFKRYSGRLNFESRINEWLKVGANLSGAIANRRSADYFGKYYMGSGTFGVLTMPRY
YNPFDVNGDLADVYYMYGATRPSMTEPYFAKMRPFSSESHQANVNGFAQITPIKGLTLKAQAGVDITNTRTSSKRMPNNP
YDSTPLGERRERAYRDVSKSFTNTAEYKFSIDEKHDLTALMGHEYIEYEGDVIGASSKGFESDKLMLLSQGKTGNSLSLP
EHRVAEYAYLSFFSRFNYGFDKWMYIDFSVRNDQSSRFGSNNRSAWFYSVGGMFDIYNKFIQESNWLSDLRLKMSYGTTG
NSEIGNYNHQALVTVNNYTEDAMGLSISTAGNPDLSWEKQSQFNFGLAAGAFNNRLSAEVDFYVRTTNDMLIDVPMPYIS
GFFSQYQNVGSMKNTGVDLSLKGTIYQNKDWNVYASANFNYNRQEITKLFFGLNKYMLPNTGTIWEIGYPNSFYMAEYAG
IDKKTGKQLWYVPGQVDADGNKVTTSQYSADLETRIDKSVTPPITGGFSLGASWKGLSLDADFAYIVGKWMINNDRYFTE
NGGGLMQLNKDKMLLNAWTEDNKETDVPKLGQSPQFDTHLLENASFLRLKNLKLTYVLPNSLFAGQNVIGGARVYLMARN
LLTVTKYKGFDPEAGGNVGKNQYPNSKQYVAGIQLSF
;
B,D,G,J
3 'polypeptide(L)' ASTTGGNSQRGSG P,H
4 'polypeptide(L)' ASTTGGNSQRGGG E,K
#
# COMPACT_ATOMS: atom_id res chain seq x y z
N CYS A 1 -30.93 21.33 25.00
CA CYS A 1 -31.37 20.14 25.75
C CYS A 1 -30.32 19.18 26.36
N GLU A 2 -29.59 19.64 27.36
CA GLU A 2 -28.40 18.94 27.86
C GLU A 2 -28.70 17.63 28.60
N LEU A 3 -27.95 16.58 28.28
CA LEU A 3 -28.41 15.27 28.71
C LEU A 3 -27.27 14.36 29.15
N ASP A 4 -26.19 14.91 29.69
CA ASP A 4 -25.26 14.05 30.39
C ASP A 4 -25.64 13.99 31.86
N ARG A 5 -25.66 12.78 32.39
CA ARG A 5 -26.05 12.51 33.77
C ARG A 5 -24.87 11.80 34.44
N ASP A 6 -24.36 12.41 35.52
CA ASP A 6 -23.31 11.87 36.41
C ASP A 6 -23.92 11.38 37.71
N PRO A 7 -23.24 10.50 38.42
CA PRO A 7 -23.88 9.83 39.56
C PRO A 7 -23.70 10.58 40.85
N GLU A 8 -24.73 10.55 41.68
CA GLU A 8 -24.54 11.11 42.98
C GLU A 8 -23.78 10.12 43.83
N GLY A 9 -22.84 10.61 44.61
CA GLY A 9 -22.03 9.71 45.42
C GLY A 9 -20.60 9.62 44.97
N LYS A 10 -20.37 9.52 43.67
CA LYS A 10 -19.04 9.34 43.12
C LYS A 10 -18.46 10.65 42.59
N ASP A 11 -17.14 10.69 42.55
CA ASP A 11 -16.39 11.79 41.95
C ASP A 11 -15.36 11.25 40.94
N PHE A 12 -14.84 12.16 40.11
CA PHE A 12 -13.89 11.76 39.08
C PHE A 12 -12.52 11.58 39.69
N GLN A 13 -11.74 10.65 39.13
CA GLN A 13 -10.33 10.53 39.48
C GLN A 13 -9.57 11.74 38.91
N GLN A 14 -8.73 12.38 39.72
CA GLN A 14 -7.87 13.44 39.24
C GLN A 14 -6.54 13.34 39.95
N PRO A 15 -5.49 13.95 39.42
CA PRO A 15 -4.25 14.09 40.17
C PRO A 15 -4.44 14.90 41.45
N TYR A 16 -3.57 14.62 42.44
CA TYR A 16 -3.73 15.19 43.78
C TYR A 16 -3.38 16.67 43.76
N THR A 17 -4.30 17.50 44.24
CA THR A 17 -4.20 18.95 44.11
C THR A 17 -3.76 19.64 45.39
N SER A 18 -3.91 18.97 46.52
CA SER A 18 -3.88 19.63 47.80
C SER A 18 -3.59 18.58 48.83
N PHE A 19 -2.88 19.00 49.90
CA PHE A 19 -2.50 18.06 50.94
C PHE A 19 -3.69 17.25 51.40
N VAL A 20 -4.83 17.93 51.60
CA VAL A 20 -5.98 17.29 52.22
C VAL A 20 -6.48 16.13 51.38
N GLN A 21 -6.47 16.33 50.06
CA GLN A 21 -6.87 15.27 49.15
C GLN A 21 -5.97 14.05 49.34
N THR A 22 -4.66 14.30 49.46
CA THR A 22 -3.69 13.23 49.63
C THR A 22 -4.03 12.42 50.85
N LYS A 23 -4.36 13.13 51.92
CA LYS A 23 -4.58 12.47 53.19
C LYS A 23 -5.80 11.58 53.11
N GLN A 24 -6.81 11.99 52.32
CA GLN A 24 -8.05 11.23 52.22
C GLN A 24 -7.87 9.94 51.45
N ASN A 25 -7.25 10.01 50.26
CA ASN A 25 -6.94 8.81 49.50
C ASN A 25 -6.12 7.85 50.33
N ARG A 26 -5.29 8.41 51.22
CA ARG A 26 -4.46 7.64 52.12
C ARG A 26 -5.30 6.85 53.11
N ASP A 27 -6.37 7.46 53.65
CA ASP A 27 -7.26 6.69 54.52
C ASP A 27 -8.02 5.62 53.75
N GLY A 28 -8.52 5.94 52.57
CA GLY A 28 -9.18 4.92 51.79
C GLY A 28 -8.31 3.69 51.60
N LEU A 29 -6.99 3.87 51.51
CA LEU A 29 -6.09 2.74 51.35
C LEU A 29 -6.00 1.92 52.63
N TYR A 30 -5.82 2.61 53.76
CA TYR A 30 -5.84 1.95 55.06
C TYR A 30 -7.18 1.35 55.39
N ALA A 31 -8.23 1.88 54.73
CA ALA A 31 -9.61 1.41 54.84
C ALA A 31 -9.83 0.14 54.08
N LEU A 32 -9.25 0.09 52.87
CA LEU A 32 -9.21 -1.08 52.01
C LEU A 32 -8.41 -2.23 52.64
N LEU A 33 -7.29 -1.90 53.29
CA LEU A 33 -6.43 -2.88 53.95
C LEU A 33 -7.18 -3.70 55.01
N ARG A 34 -8.10 -3.06 55.76
CA ARG A 34 -8.83 -3.72 56.86
C ARG A 34 -9.67 -4.89 56.37
N ASN A 35 -10.13 -4.84 55.11
CA ASN A 35 -10.90 -5.91 54.48
C ASN A 35 -10.05 -6.78 53.56
N THR A 36 -8.71 -6.79 53.78
CA THR A 36 -7.73 -7.55 53.02
C THR A 36 -6.82 -8.41 53.92
N GLU A 37 -5.89 -7.79 54.65
CA GLU A 37 -5.07 -8.50 55.64
C GLU A 37 -5.95 -8.72 56.89
N ASN A 38 -6.92 -9.62 56.71
CA ASN A 38 -8.07 -9.81 57.59
C ASN A 38 -8.18 -11.28 57.99
N PRO A 39 -8.42 -11.57 59.28
CA PRO A 39 -8.42 -12.97 59.76
C PRO A 39 -9.31 -13.92 58.99
N ARG A 40 -10.40 -13.44 58.41
CA ARG A 40 -11.25 -14.34 57.65
C ARG A 40 -10.56 -14.89 56.41
N MET A 41 -9.55 -14.19 55.89
CA MET A 41 -8.90 -14.54 54.63
C MET A 41 -7.79 -15.55 54.80
N HIS A 42 -7.31 -15.70 56.01
CA HIS A 42 -6.26 -16.62 56.30
C HIS A 42 -6.78 -17.90 56.90
N PHE A 43 -8.09 -17.99 57.11
CA PHE A 43 -8.66 -19.21 57.65
C PHE A 43 -8.59 -20.36 56.67
N TYR A 44 -8.23 -20.07 55.42
CA TYR A 44 -8.09 -21.11 54.42
C TYR A 44 -6.76 -21.84 54.61
N GLN A 45 -5.64 -21.10 54.55
CA GLN A 45 -4.34 -21.73 54.76
C GLN A 45 -4.17 -22.26 56.18
N GLU A 46 -5.10 -21.95 57.06
CA GLU A 46 -5.10 -22.55 58.38
C GLU A 46 -5.67 -23.96 58.32
N LEU A 47 -6.86 -24.08 57.73
CA LEU A 47 -7.55 -25.35 57.75
C LEU A 47 -6.83 -26.42 56.96
N GLN A 48 -6.06 -26.01 55.95
CA GLN A 48 -5.43 -27.00 55.07
C GLN A 48 -4.31 -27.77 55.78
N SER A 49 -3.77 -27.24 56.85
CA SER A 49 -2.68 -27.91 57.55
C SER A 49 -3.17 -29.18 58.26
N ASP A 50 -2.28 -29.70 59.12
CA ASP A 50 -2.41 -31.01 59.72
C ASP A 50 -2.97 -30.96 61.14
N MET A 51 -3.75 -29.94 61.48
CA MET A 51 -4.23 -29.78 62.85
C MET A 51 -5.70 -30.13 63.04
N TYR A 52 -6.54 -29.96 62.02
CA TYR A 52 -7.97 -30.11 62.21
C TYR A 52 -8.53 -31.35 61.56
N CYS A 53 -9.74 -31.69 61.97
CA CYS A 53 -10.59 -32.66 61.31
C CYS A 53 -12.03 -32.14 61.32
N THR A 54 -12.80 -32.52 60.31
CA THR A 54 -14.14 -31.98 60.12
C THR A 54 -15.21 -32.76 60.87
N THR A 55 -16.14 -32.01 61.49
CA THR A 55 -17.26 -32.51 62.29
C THR A 55 -18.49 -32.76 61.43
N ILE A 56 -19.54 -33.31 62.04
CA ILE A 56 -20.76 -33.62 61.29
C ILE A 56 -21.60 -32.39 60.99
N THR A 57 -21.13 -31.23 61.36
CA THR A 57 -21.93 -30.06 61.11
C THR A 57 -21.54 -29.40 59.78
N ASP A 58 -20.34 -29.67 59.29
CA ASP A 58 -19.86 -29.09 58.05
C ASP A 58 -20.82 -29.43 56.92
N GLY A 59 -21.05 -28.46 56.03
CA GLY A 59 -21.80 -28.64 54.79
C GLY A 59 -20.88 -28.40 53.61
N ASN A 60 -19.74 -29.10 53.64
CA ASN A 60 -18.69 -29.01 52.64
C ASN A 60 -18.08 -27.62 52.51
N SER A 61 -18.16 -26.82 53.56
CA SER A 61 -17.56 -25.49 53.56
C SER A 61 -16.08 -25.56 53.89
N LEU A 62 -15.69 -26.35 54.89
CA LEU A 62 -14.28 -26.52 55.21
C LEU A 62 -13.65 -27.78 54.65
N ALA A 63 -14.37 -28.89 54.54
CA ALA A 63 -13.77 -30.17 54.16
C ALA A 63 -12.82 -30.11 52.96
N PRO A 64 -13.07 -29.33 51.92
CA PRO A 64 -12.10 -29.22 50.81
C PRO A 64 -10.72 -28.75 51.21
N PHE A 65 -10.58 -27.90 52.22
CA PHE A 65 -9.24 -27.54 52.67
C PHE A 65 -8.67 -28.53 53.70
N VAL A 66 -9.51 -28.95 54.64
CA VAL A 66 -9.13 -29.92 55.66
C VAL A 66 -8.79 -31.28 55.07
N ASN A 67 -9.41 -31.67 53.97
CA ASN A 67 -9.21 -33.05 53.54
C ASN A 67 -8.55 -33.14 52.17
N TRP A 68 -8.12 -32.00 51.63
CA TRP A 68 -7.39 -31.94 50.37
C TRP A 68 -8.22 -32.54 49.23
N ASP A 69 -9.42 -31.98 49.05
CA ASP A 69 -10.25 -32.31 47.89
C ASP A 69 -9.72 -31.47 46.74
N LEU A 70 -8.79 -32.04 45.98
CA LEU A 70 -8.09 -31.26 44.96
C LEU A 70 -9.01 -30.86 43.82
N GLY A 71 -10.07 -31.65 43.58
CA GLY A 71 -11.01 -31.33 42.52
C GLY A 71 -11.80 -30.08 42.81
N ILE A 72 -11.86 -29.66 44.08
CA ILE A 72 -12.51 -28.42 44.49
C ILE A 72 -11.52 -27.27 44.63
N LEU A 73 -10.34 -27.55 45.19
CA LEU A 73 -9.36 -26.52 45.50
C LEU A 73 -8.69 -25.96 44.25
N ASN A 74 -8.84 -26.62 43.10
CA ASN A 74 -8.29 -26.09 41.84
C ASN A 74 -8.89 -24.73 41.50
N ASP A 75 -10.24 -24.66 41.38
CA ASP A 75 -10.98 -23.48 40.93
C ASP A 75 -11.42 -22.59 42.06
N HIS A 76 -11.15 -22.95 43.31
CA HIS A 76 -11.99 -22.61 44.47
C HIS A 76 -12.16 -21.12 44.70
N GLY A 77 -13.40 -20.75 45.00
CA GLY A 77 -13.74 -19.42 45.47
C GLY A 77 -14.59 -18.68 44.46
N ARG A 78 -14.85 -17.40 44.80
CA ARG A 78 -15.61 -16.42 44.02
C ARG A 78 -15.04 -15.03 44.25
N ALA A 79 -15.23 -14.15 43.27
CA ALA A 79 -14.78 -12.77 43.38
C ALA A 79 -15.54 -11.95 42.38
N ASP A 80 -16.87 -12.00 42.48
CA ASP A 80 -17.79 -11.13 41.76
C ASP A 80 -18.27 -9.96 42.63
N GLU A 81 -19.43 -9.42 42.33
CA GLU A 81 -19.97 -8.36 43.15
C GLU A 81 -21.00 -8.87 44.14
N ASP A 82 -21.31 -10.15 44.14
CA ASP A 82 -22.16 -10.74 45.17
C ASP A 82 -21.31 -11.32 46.31
N GLU A 83 -20.26 -12.06 45.97
CA GLU A 83 -19.38 -12.69 46.94
C GLU A 83 -17.92 -12.34 46.65
N VAL A 84 -17.07 -12.55 47.65
CA VAL A 84 -15.61 -12.50 47.50
C VAL A 84 -15.06 -13.45 48.56
N SER A 85 -14.61 -14.63 48.16
CA SER A 85 -14.25 -15.61 49.17
C SER A 85 -13.18 -16.54 48.63
N GLY A 86 -12.67 -17.40 49.51
CA GLY A 86 -11.80 -18.48 49.08
C GLY A 86 -10.55 -18.04 48.34
N ILE A 87 -10.01 -18.99 47.59
CA ILE A 87 -8.70 -18.78 46.99
C ILE A 87 -8.77 -17.67 45.94
N ALA A 88 -9.82 -17.70 45.11
CA ALA A 88 -10.08 -16.63 44.16
C ALA A 88 -10.14 -15.26 44.83
N GLY A 89 -10.84 -15.17 45.97
CA GLY A 89 -10.96 -13.91 46.67
C GLY A 89 -9.64 -13.45 47.25
N TYR A 90 -8.93 -14.37 47.94
CA TYR A 90 -7.59 -14.05 48.42
C TYR A 90 -6.74 -13.49 47.28
N TYR A 91 -6.74 -14.18 46.12
CA TYR A 91 -5.97 -13.68 44.98
C TYR A 91 -6.38 -12.27 44.60
N PHE A 92 -7.69 -11.97 44.67
CA PHE A 92 -8.24 -10.72 44.16
C PHE A 92 -7.91 -9.53 45.06
N VAL A 93 -8.25 -9.63 46.35
CA VAL A 93 -8.25 -8.45 47.22
C VAL A 93 -6.86 -7.88 47.38
N TYR A 94 -5.84 -8.76 47.28
CA TYR A 94 -4.44 -8.36 47.44
C TYR A 94 -3.95 -7.65 46.20
N ASN A 95 -4.33 -8.16 45.03
CA ASN A 95 -4.01 -7.46 43.79
C ASN A 95 -4.68 -6.10 43.75
N ARG A 96 -5.94 -6.03 44.23
CA ARG A 96 -6.57 -4.71 44.37
C ARG A 96 -5.78 -3.81 45.29
N LEU A 97 -5.33 -4.35 46.43
CA LEU A 97 -4.51 -3.56 47.34
C LEU A 97 -3.24 -3.10 46.65
N ASN A 98 -2.53 -3.99 45.92
CA ASN A 98 -1.33 -3.52 45.21
C ASN A 98 -1.70 -2.43 44.21
N GLN A 99 -2.82 -2.58 43.51
CA GLN A 99 -3.16 -1.62 42.48
C GLN A 99 -3.58 -0.27 43.06
N GLN A 100 -4.44 -0.29 44.10
CA GLN A 100 -4.89 0.97 44.69
C GLN A 100 -3.75 1.70 45.37
N ALA A 101 -2.86 0.94 46.01
CA ALA A 101 -1.65 1.48 46.62
C ALA A 101 -0.71 2.05 45.57
N ASN A 102 -0.53 1.33 44.45
CA ASN A 102 0.30 1.85 43.36
C ASN A 102 -0.20 3.21 42.93
N ALA A 103 -1.52 3.37 42.90
CA ALA A 103 -2.09 4.65 42.55
C ALA A 103 -1.80 5.71 43.61
N PHE A 104 -1.83 5.33 44.89
CA PHE A 104 -1.48 6.29 45.94
C PHE A 104 -0.01 6.67 45.87
N VAL A 105 0.85 5.66 45.85
CA VAL A 105 2.29 5.88 45.88
C VAL A 105 2.73 6.77 44.72
N ASN A 106 2.23 6.48 43.52
CA ASN A 106 2.60 7.25 42.34
C ASN A 106 2.02 8.67 42.36
N ASN A 107 0.70 8.80 42.62
CA ASN A 107 0.11 10.13 42.60
C ASN A 107 0.72 11.05 43.64
N THR A 108 1.17 10.50 44.78
CA THR A 108 1.80 11.36 45.78
C THR A 108 3.18 11.78 45.34
N GLU A 109 3.94 10.86 44.71
CA GLU A 109 5.21 11.19 44.07
C GLU A 109 5.03 12.26 43.01
N ALA A 110 3.96 12.17 42.22
CA ALA A 110 3.70 13.19 41.22
C ALA A 110 3.41 14.53 41.88
N ALA A 111 2.62 14.50 42.97
CA ALA A 111 2.26 15.74 43.66
C ALA A 111 3.48 16.43 44.21
N LEU A 112 4.50 15.66 44.56
CA LEU A 112 5.69 16.29 45.10
C LEU A 112 6.48 16.95 44.00
N GLN A 113 6.58 16.31 42.81
CA GLN A 113 7.37 16.88 41.73
C GLN A 113 6.79 18.21 41.26
N ASN A 114 5.47 18.24 41.06
CA ASN A 114 4.77 19.44 40.62
C ASN A 114 4.71 20.49 41.70
N GLN A 115 5.28 20.18 42.87
CA GLN A 115 5.38 21.10 44.00
C GLN A 115 4.00 21.58 44.45
N VAL A 116 3.03 20.65 44.49
CA VAL A 116 1.67 21.05 44.84
C VAL A 116 1.51 21.37 46.31
N TYR A 117 2.45 20.95 47.14
CA TYR A 117 2.25 21.19 48.54
C TYR A 117 2.69 22.62 48.88
N LYS A 118 2.39 23.05 50.11
CA LYS A 118 2.40 24.47 50.47
C LYS A 118 3.63 24.90 51.28
N ASN A 119 3.96 24.16 52.33
CA ASN A 119 5.07 24.48 53.19
C ASN A 119 5.87 23.20 53.42
N SER A 120 6.94 23.35 54.20
CA SER A 120 7.80 22.23 54.49
C SER A 120 7.09 21.14 55.29
N THR A 121 6.17 21.53 56.17
CA THR A 121 5.46 20.57 57.03
C THR A 121 4.52 19.65 56.22
N GLU A 122 3.91 20.19 55.18
CA GLU A 122 3.11 19.32 54.33
C GLU A 122 4.03 18.33 53.61
N ILE A 123 5.12 18.85 53.04
CA ILE A 123 6.00 18.06 52.18
C ILE A 123 6.64 16.92 52.96
N ALA A 124 6.98 17.15 54.21
CA ALA A 124 7.52 16.11 55.07
C ALA A 124 6.48 15.02 55.32
N ASN A 125 5.27 15.43 55.74
CA ASN A 125 4.16 14.50 55.96
C ASN A 125 3.84 13.74 54.68
N ALA A 126 4.00 14.41 53.55
CA ALA A 126 3.76 13.74 52.28
C ALA A 126 4.71 12.56 52.14
N LYS A 127 6.02 12.83 52.34
CA LYS A 127 7.06 11.82 52.16
C LYS A 127 6.85 10.62 53.06
N SER A 128 6.40 10.85 54.28
CA SER A 128 6.15 9.73 55.17
C SER A 128 4.93 8.93 54.72
N PHE A 129 3.90 9.59 54.17
CA PHE A 129 2.81 8.87 53.51
C PHE A 129 3.33 7.97 52.40
N LEU A 130 4.18 8.53 51.55
CA LEU A 130 4.73 7.78 50.44
C LEU A 130 5.44 6.52 50.91
N ALA A 131 6.16 6.63 52.03
CA ALA A 131 6.84 5.48 52.62
C ALA A 131 5.83 4.45 53.14
N GLU A 132 4.72 4.90 53.71
CA GLU A 132 3.71 3.96 54.17
C GLU A 132 3.12 3.18 53.00
N GLY A 133 2.86 3.87 51.87
CA GLY A 133 2.36 3.17 50.69
C GLY A 133 3.32 2.09 50.19
N LYS A 134 4.62 2.34 50.31
CA LYS A 134 5.62 1.35 49.91
C LYS A 134 5.58 0.10 50.80
N VAL A 135 5.28 0.24 52.10
CA VAL A 135 5.17 -0.96 52.94
C VAL A 135 4.00 -1.84 52.50
N LEU A 136 2.86 -1.20 52.13
CA LEU A 136 1.62 -1.90 51.70
C LEU A 136 1.73 -2.50 50.31
N GLN A 137 2.40 -1.80 49.38
CA GLN A 137 2.83 -2.41 48.14
C GLN A 137 3.53 -3.75 48.43
N ALA A 138 4.53 -3.69 49.31
CA ALA A 138 5.30 -4.86 49.67
C ALA A 138 4.44 -5.92 50.33
N LEU A 139 3.54 -5.52 51.24
CA LEU A 139 2.72 -6.53 51.91
C LEU A 139 1.88 -7.32 50.89
N ALA A 140 1.34 -6.62 49.89
CA ALA A 140 0.47 -7.24 48.90
C ALA A 140 1.20 -8.27 48.03
N ILE A 141 2.40 -7.94 47.55
CA ILE A 141 3.11 -8.88 46.70
C ILE A 141 3.53 -10.13 47.49
N TRP A 142 4.07 -9.94 48.70
CA TRP A 142 4.50 -11.10 49.49
C TRP A 142 3.31 -11.98 49.88
N ARG A 143 2.17 -11.38 50.30
CA ARG A 143 0.99 -12.18 50.67
C ARG A 143 0.44 -12.97 49.50
N LEU A 144 0.70 -12.50 48.26
CA LEU A 144 0.40 -13.23 47.04
C LEU A 144 1.46 -14.29 46.73
N MET A 145 2.72 -13.98 47.04
CA MET A 145 3.82 -14.92 46.82
C MET A 145 3.73 -16.11 47.78
N ASP A 146 3.23 -15.88 49.00
CA ASP A 146 3.21 -16.95 50.00
C ASP A 146 2.32 -18.09 49.55
N ARG A 147 1.26 -17.80 48.81
CA ARG A 147 0.31 -18.83 48.41
C ARG A 147 0.42 -19.25 46.94
N PHE A 148 1.11 -18.46 46.11
CA PHE A 148 1.05 -18.74 44.69
C PHE A 148 2.39 -18.94 44.01
N SER A 149 3.49 -19.06 44.75
CA SER A 149 4.75 -19.44 44.14
C SER A 149 5.31 -20.57 44.99
N PHE A 150 5.96 -21.52 44.32
CA PHE A 150 6.41 -22.73 44.98
C PHE A 150 7.57 -22.47 45.94
N HIS A 151 7.59 -23.22 47.04
CA HIS A 151 8.77 -23.20 47.88
C HIS A 151 9.93 -23.83 47.12
N GLU A 152 11.17 -23.45 47.50
CA GLU A 152 12.37 -23.91 46.80
C GLU A 152 12.66 -25.39 47.07
N SER A 153 11.62 -26.19 47.36
CA SER A 153 11.78 -27.53 47.91
C SER A 153 10.67 -28.44 47.43
N VAL A 154 10.31 -28.38 46.15
CA VAL A 154 9.12 -29.01 45.62
C VAL A 154 9.52 -30.06 44.59
N THR A 155 8.76 -31.15 44.52
CA THR A 155 9.16 -32.20 43.59
C THR A 155 8.60 -31.91 42.19
N GLU A 156 7.51 -32.57 41.81
CA GLU A 156 6.90 -32.39 40.49
C GLU A 156 6.09 -31.10 40.41
N VAL A 157 6.26 -30.36 39.30
CA VAL A 157 5.53 -29.11 39.02
C VAL A 157 5.15 -29.10 37.55
N ASN A 158 4.50 -28.02 37.14
CA ASN A 158 4.26 -27.81 35.73
C ASN A 158 5.54 -27.26 35.10
N SER A 159 5.89 -27.81 33.94
CA SER A 159 7.08 -27.42 33.22
C SER A 159 7.14 -25.91 33.05
N GLY A 160 8.01 -25.28 33.82
CA GLY A 160 8.31 -23.87 33.65
C GLY A 160 8.11 -23.04 34.88
N ALA A 161 7.46 -23.59 35.91
CA ALA A 161 6.95 -22.85 37.06
C ALA A 161 7.92 -22.77 38.26
N LYS A 162 8.82 -23.74 38.44
CA LYS A 162 9.54 -23.93 39.71
C LYS A 162 10.37 -22.75 40.18
N ASP A 163 10.58 -21.70 39.36
CA ASP A 163 11.37 -20.57 39.84
C ASP A 163 10.70 -19.22 39.63
N LEU A 164 9.37 -19.19 39.52
CA LEU A 164 8.56 -18.03 39.16
C LEU A 164 7.83 -17.44 40.35
N GLY A 165 7.54 -16.14 40.23
CA GLY A 165 6.69 -15.42 41.18
C GLY A 165 5.25 -15.14 40.74
N VAL A 166 4.82 -13.88 40.79
CA VAL A 166 3.46 -13.52 40.43
C VAL A 166 3.52 -12.40 39.39
N ILE A 167 2.36 -12.06 38.81
CA ILE A 167 2.39 -10.99 37.82
C ILE A 167 2.68 -9.69 38.56
N LEU A 168 3.82 -9.09 38.29
CA LEU A 168 4.33 -8.02 39.15
C LEU A 168 4.09 -6.70 38.47
N LEU A 169 3.18 -5.93 39.02
CA LEU A 169 2.74 -4.69 38.41
C LEU A 169 3.05 -3.55 39.37
N LYS A 170 4.00 -2.70 39.00
CA LYS A 170 4.53 -1.70 39.92
C LYS A 170 3.90 -0.31 39.75
N GLU A 171 2.87 -0.20 38.89
CA GLU A 171 2.19 1.06 38.62
C GLU A 171 0.70 0.80 38.50
N TYR A 172 -0.09 1.86 38.69
CA TYR A 172 -1.52 1.71 38.47
C TYR A 172 -1.66 1.42 36.99
N ASN A 173 -2.07 0.20 36.65
CA ASN A 173 -2.14 -0.26 35.27
C ASN A 173 -3.13 -1.40 35.21
N PRO A 174 -4.43 -1.10 35.26
CA PRO A 174 -5.42 -2.18 35.29
C PRO A 174 -5.61 -2.77 33.93
N GLY A 175 -5.05 -2.16 32.89
CA GLY A 175 -5.20 -2.69 31.55
C GLY A 175 -3.94 -3.33 31.03
N TYR A 176 -3.37 -4.20 31.86
CA TYR A 176 -2.13 -4.90 31.56
C TYR A 176 -2.43 -6.38 31.60
N ILE A 177 -1.92 -7.09 30.62
CA ILE A 177 -1.84 -8.53 30.66
C ILE A 177 -0.42 -8.88 30.25
N GLY A 178 0.28 -9.59 31.13
CA GLY A 178 1.65 -9.96 30.89
C GLY A 178 1.85 -11.31 31.51
N PRO A 179 3.09 -11.76 31.58
CA PRO A 179 3.38 -13.07 32.16
C PRO A 179 3.99 -12.94 33.55
N ARG A 180 4.03 -14.02 34.30
CA ARG A 180 4.61 -13.95 35.64
C ARG A 180 6.10 -13.63 35.53
N ALA A 181 6.59 -12.85 36.49
CA ALA A 181 8.00 -12.54 36.58
C ALA A 181 8.66 -13.54 37.52
N THR A 182 9.98 -13.45 37.62
CA THR A 182 10.74 -14.43 38.37
C THR A 182 10.64 -14.20 39.87
N LYS A 183 10.91 -15.26 40.63
CA LYS A 183 11.06 -15.13 42.07
C LYS A 183 12.09 -14.07 42.42
N ALA A 184 13.23 -14.09 41.74
CA ALA A 184 14.28 -13.14 42.10
C ALA A 184 13.82 -11.72 41.91
N GLN A 185 12.87 -11.50 41.01
CA GLN A 185 12.39 -10.15 40.78
C GLN A 185 11.43 -9.69 41.85
N CYS A 186 10.48 -10.55 42.23
CA CYS A 186 9.52 -10.10 43.22
C CYS A 186 10.19 -9.92 44.57
N TYR A 187 11.08 -10.87 44.94
CA TYR A 187 11.69 -10.79 46.26
C TYR A 187 12.62 -9.56 46.40
N ASP A 188 13.33 -9.18 45.33
CA ASP A 188 14.05 -7.91 45.41
C ASP A 188 13.10 -6.72 45.52
N TYR A 189 11.91 -6.78 44.89
CA TYR A 189 10.95 -5.69 44.96
C TYR A 189 10.34 -5.57 46.35
N ILE A 190 9.81 -6.68 46.87
CA ILE A 190 9.31 -6.66 48.25
C ILE A 190 10.37 -6.09 49.17
N LEU A 191 11.61 -6.56 49.01
CA LEU A 191 12.63 -6.19 49.98
C LEU A 191 13.13 -4.78 49.79
N SER A 192 13.33 -4.33 48.56
CA SER A 192 13.76 -2.94 48.41
C SER A 192 12.70 -2.00 48.98
N ARG A 193 11.43 -2.24 48.64
CA ARG A 193 10.34 -1.37 49.10
C ARG A 193 10.36 -1.23 50.61
N LEU A 194 10.46 -2.36 51.33
CA LEU A 194 10.55 -2.31 52.79
C LEU A 194 11.70 -1.42 53.27
N SER A 195 12.88 -1.58 52.67
CA SER A 195 14.02 -0.78 53.06
C SER A 195 13.87 0.69 52.68
N GLU A 196 13.31 1.00 51.50
CA GLU A 196 13.16 2.41 51.13
C GLU A 196 12.26 3.15 52.13
N ALA A 197 11.37 2.42 52.81
CA ALA A 197 10.46 3.03 53.75
C ALA A 197 11.08 3.18 55.13
N ILE A 198 11.98 2.26 55.49
CA ILE A 198 12.60 2.32 56.81
C ILE A 198 13.54 3.51 56.92
N GLU A 199 14.12 3.96 55.83
CA GLU A 199 14.93 5.14 55.95
C GLU A 199 14.11 6.40 56.20
N VAL A 200 12.77 6.34 56.11
CA VAL A 200 11.95 7.55 56.15
C VAL A 200 10.93 7.55 57.28
N LEU A 201 10.31 6.41 57.57
CA LEU A 201 9.36 6.41 58.66
C LEU A 201 10.07 6.78 59.95
N PRO A 202 9.45 7.55 60.83
CA PRO A 202 10.10 7.89 62.11
C PRO A 202 10.29 6.71 63.05
N GLU A 203 11.36 6.84 63.88
CA GLU A 203 11.87 5.74 64.70
C GLU A 203 10.81 5.20 65.64
N ASN A 204 10.06 6.11 66.28
CA ASN A 204 8.96 5.79 67.18
C ASN A 204 7.61 5.77 66.48
N ARG A 205 6.84 4.71 66.72
CA ARG A 205 5.50 4.63 66.16
C ARG A 205 4.65 5.83 66.51
N GLU A 206 3.91 6.34 65.53
CA GLU A 206 3.11 7.51 65.82
C GLU A 206 1.64 7.18 66.13
N SER A 207 1.06 6.17 65.47
CA SER A 207 -0.29 5.67 65.77
C SER A 207 -0.33 4.16 65.49
N VAL A 208 -1.07 3.42 66.32
CA VAL A 208 -1.19 1.98 66.13
C VAL A 208 -2.13 1.67 64.98
N LEU A 209 -2.69 2.71 64.38
CA LEU A 209 -3.60 2.56 63.25
C LEU A 209 -2.96 2.89 61.91
N TYR A 210 -1.64 3.04 61.84
CA TYR A 210 -0.97 3.37 60.59
C TYR A 210 0.41 2.72 60.56
N VAL A 211 0.82 2.26 59.38
CA VAL A 211 2.16 1.74 59.18
C VAL A 211 3.17 2.66 59.83
N SER A 212 4.03 2.05 60.65
CA SER A 212 5.08 2.63 61.47
C SER A 212 6.38 1.94 61.12
N ARG A 213 7.50 2.55 61.51
CA ARG A 213 8.76 1.83 61.28
C ARG A 213 8.82 0.52 62.06
N ASP A 214 8.23 0.49 63.26
CA ASP A 214 8.23 -0.74 64.02
C ASP A 214 7.50 -1.85 63.27
N TYR A 215 6.42 -1.52 62.56
CA TYR A 215 5.79 -2.55 61.72
C TYR A 215 6.75 -3.04 60.65
N ALA A 216 7.44 -2.12 59.98
CA ALA A 216 8.23 -2.50 58.81
C ALA A 216 9.23 -3.60 59.16
N TYR A 217 10.09 -3.36 60.17
CA TYR A 217 11.11 -4.32 60.59
C TYR A 217 10.48 -5.66 60.95
N ALA A 218 9.34 -5.63 61.65
CA ALA A 218 8.68 -6.88 62.03
C ALA A 218 8.19 -7.63 60.79
N LEU A 219 7.76 -6.90 59.75
CA LEU A 219 7.32 -7.57 58.53
C LEU A 219 8.50 -8.19 57.81
N ARG A 220 9.57 -7.41 57.57
CA ARG A 220 10.78 -7.94 56.93
C ARG A 220 11.32 -9.15 57.67
N ALA A 221 11.37 -9.08 59.01
CA ALA A 221 11.75 -10.24 59.80
C ALA A 221 10.87 -11.44 59.50
N ARG A 222 9.57 -11.24 59.42
CA ARG A 222 8.67 -12.32 59.08
C ARG A 222 8.99 -12.90 57.70
N ILE A 223 9.32 -12.04 56.72
CA ILE A 223 9.55 -12.53 55.37
C ILE A 223 10.85 -13.31 55.28
N TYR A 224 11.94 -12.74 55.80
CA TYR A 224 13.23 -13.42 55.82
C TYR A 224 13.12 -14.83 56.37
N LEU A 225 12.39 -15.00 57.46
CA LEU A 225 12.27 -16.33 58.04
C LEU A 225 11.64 -17.32 57.05
N ALA A 226 10.65 -16.87 56.28
CA ALA A 226 10.06 -17.70 55.20
C ALA A 226 11.09 -18.07 54.14
N LEU A 227 11.93 -17.10 53.74
CA LEU A 227 13.01 -17.30 52.79
C LEU A 227 14.09 -18.21 53.37
N GLY A 228 14.20 -18.22 54.68
CA GLY A 228 15.27 -18.92 55.35
C GLY A 228 16.46 -18.06 55.72
N GLU A 229 16.47 -16.78 55.35
CA GLU A 229 17.58 -15.89 55.69
C GLU A 229 17.65 -15.65 57.19
N TYR A 230 17.76 -16.77 57.95
CA TYR A 230 17.72 -16.77 59.42
C TYR A 230 18.64 -15.74 60.06
N GLY A 231 19.73 -15.41 59.41
CA GLY A 231 20.60 -14.39 59.92
C GLY A 231 19.95 -13.03 59.88
N LYS A 232 19.50 -12.58 58.68
CA LYS A 232 18.91 -11.25 58.56
C LYS A 232 17.58 -11.15 59.31
N ALA A 233 16.86 -12.29 59.42
CA ALA A 233 15.58 -12.30 60.12
C ALA A 233 15.77 -11.88 61.56
N ALA A 234 16.76 -12.48 62.23
CA ALA A 234 17.03 -12.15 63.63
C ALA A 234 17.47 -10.69 63.81
N ALA A 235 18.24 -10.16 62.87
CA ALA A 235 18.75 -8.82 63.09
C ALA A 235 17.71 -7.74 62.89
N ASP A 236 16.63 -8.02 62.14
CA ASP A 236 15.56 -7.03 62.07
C ASP A 236 14.65 -7.19 63.27
N ALA A 237 14.34 -8.43 63.65
CA ALA A 237 13.49 -8.67 64.82
C ALA A 237 14.02 -7.95 66.04
N LYS A 238 15.34 -8.02 66.26
CA LYS A 238 15.96 -7.37 67.41
C LYS A 238 15.60 -5.89 67.45
N MET A 239 15.40 -5.28 66.28
CA MET A 239 15.14 -3.85 66.29
C MET A 239 13.81 -3.51 66.96
N VAL A 240 12.96 -4.49 67.29
CA VAL A 240 11.62 -4.10 67.71
C VAL A 240 11.16 -5.00 68.87
N VAL A 241 11.79 -6.17 69.06
CA VAL A 241 11.23 -7.16 69.98
C VAL A 241 11.12 -6.62 71.40
N ASP A 242 11.97 -5.66 71.71
CA ASP A 242 12.04 -5.14 73.05
C ASP A 242 11.13 -3.95 73.27
N LYS A 243 10.48 -3.42 72.24
CA LYS A 243 9.64 -2.24 72.44
C LYS A 243 8.23 -2.56 72.85
N TYR A 244 7.81 -3.82 72.85
CA TYR A 244 6.44 -4.17 73.19
C TYR A 244 6.40 -5.19 74.32
N PRO A 245 5.95 -4.80 75.51
CA PRO A 245 5.84 -5.75 76.61
C PRO A 245 4.88 -6.88 76.33
N LEU A 246 5.19 -8.01 76.89
CA LEU A 246 4.20 -9.07 76.86
C LEU A 246 3.11 -8.81 77.90
N ILE A 247 2.02 -9.56 77.75
CA ILE A 247 0.84 -9.38 78.59
C ILE A 247 1.15 -9.93 79.96
N GLY A 248 0.80 -9.12 80.97
CA GLY A 248 1.02 -9.44 82.38
C GLY A 248 -0.19 -10.00 83.06
N ALA A 249 -0.22 -11.31 83.23
CA ALA A 249 -1.42 -11.99 83.72
C ALA A 249 -1.12 -12.83 84.93
N ALA A 250 -2.09 -12.86 85.85
CA ALA A 250 -2.02 -13.65 87.06
C ALA A 250 -2.78 -14.97 86.98
N ASP A 251 -3.76 -15.09 86.09
CA ASP A 251 -4.49 -16.34 85.91
C ASP A 251 -5.14 -16.27 84.54
N ALA A 252 -5.93 -17.29 84.21
CA ALA A 252 -6.52 -17.36 82.88
C ALA A 252 -7.45 -16.20 82.64
N SER A 253 -8.35 -15.95 83.60
CA SER A 253 -9.36 -14.91 83.46
C SER A 253 -8.73 -13.55 83.21
N GLU A 254 -7.62 -13.27 83.90
CA GLU A 254 -6.97 -11.99 83.69
C GLU A 254 -6.34 -11.93 82.31
N PHE A 255 -5.85 -13.06 81.81
CA PHE A 255 -5.30 -13.11 80.46
C PHE A 255 -6.37 -12.81 79.42
N GLU A 256 -7.52 -13.50 79.53
CA GLU A 256 -8.53 -13.35 78.49
C GLU A 256 -8.96 -11.91 78.36
N ASN A 257 -9.18 -11.21 79.47
CA ASN A 257 -9.66 -9.84 79.37
C ASN A 257 -8.65 -8.89 78.77
N ILE A 258 -7.38 -9.28 78.61
CA ILE A 258 -6.44 -8.36 77.99
C ILE A 258 -6.13 -8.77 76.57
N TYR A 259 -6.02 -10.08 76.33
CA TYR A 259 -5.73 -10.50 74.98
C TYR A 259 -6.88 -10.16 74.06
N ARG A 260 -8.10 -10.19 74.56
CA ARG A 260 -9.22 -9.97 73.69
C ARG A 260 -9.55 -8.49 73.51
N SER A 261 -8.72 -7.57 74.02
CA SER A 261 -9.03 -6.14 73.94
C SER A 261 -8.09 -5.39 73.01
N ASP A 262 -8.58 -5.05 71.80
CA ASP A 262 -7.73 -4.34 70.85
C ASP A 262 -7.14 -3.06 71.45
N ALA A 263 -7.83 -2.45 72.41
CA ALA A 263 -7.42 -1.14 72.88
C ALA A 263 -6.45 -1.17 74.03
N ASN A 264 -6.36 -2.29 74.74
CA ASN A 264 -5.53 -2.41 75.93
C ASN A 264 -4.25 -3.21 75.71
N ASN A 265 -4.38 -4.42 75.14
CA ASN A 265 -3.31 -5.37 74.84
C ASN A 265 -2.07 -4.68 74.28
N PRO A 266 -1.01 -4.58 75.09
CA PRO A 266 0.16 -3.76 74.71
C PRO A 266 1.14 -4.47 73.78
N GLU A 267 0.72 -5.62 73.22
CA GLU A 267 1.49 -6.43 72.28
C GLU A 267 1.23 -6.06 70.81
N ILE A 268 0.27 -5.21 70.53
CA ILE A 268 -0.17 -4.98 69.17
C ILE A 268 0.56 -3.80 68.54
N ILE A 269 1.15 -4.05 67.37
CA ILE A 269 2.10 -3.12 66.74
C ILE A 269 1.45 -2.34 65.61
N PHE A 270 0.36 -2.85 65.05
CA PHE A 270 -0.36 -2.25 63.94
C PHE A 270 -1.67 -2.98 63.85
N ARG A 271 -2.79 -2.24 63.89
CA ARG A 271 -4.09 -2.86 63.69
C ARG A 271 -4.96 -1.85 62.98
N GLY A 272 -6.05 -2.34 62.40
CA GLY A 272 -6.99 -1.47 61.69
C GLY A 272 -8.11 -0.99 62.59
N PHE A 273 -8.45 0.29 62.41
CA PHE A 273 -9.47 0.94 63.24
C PHE A 273 -10.70 0.05 63.42
N ALA A 274 -11.35 0.20 64.60
CA ALA A 274 -12.57 -0.53 64.88
C ALA A 274 -13.46 0.18 65.88
N SER A 275 -14.76 0.31 65.52
CA SER A 275 -15.84 0.58 66.45
C SER A 275 -16.93 -0.46 66.26
N ALA A 276 -17.99 -0.33 67.07
CA ALA A 276 -19.10 -1.25 66.96
C ALA A 276 -19.92 -0.99 65.71
N THR A 277 -19.79 0.22 65.14
CA THR A 277 -20.53 0.65 63.95
C THR A 277 -19.64 0.83 62.73
N LEU A 278 -18.34 0.53 62.80
CA LEU A 278 -17.44 0.61 61.63
C LEU A 278 -16.17 -0.18 61.89
N GLY A 279 -15.99 -1.28 61.20
CA GLY A 279 -14.73 -2.00 61.28
C GLY A 279 -14.74 -3.22 62.18
N SER A 280 -15.84 -3.54 62.81
CA SER A 280 -15.90 -4.81 63.51
C SER A 280 -16.39 -5.86 62.52
N PHE A 281 -16.21 -7.12 62.89
CA PHE A 281 -16.73 -8.19 62.06
C PHE A 281 -16.78 -9.49 62.82
N THR A 282 -17.70 -10.34 62.43
CA THR A 282 -17.66 -11.68 62.98
C THR A 282 -16.64 -12.52 62.23
N ALA A 283 -16.03 -13.43 62.97
CA ALA A 283 -15.08 -14.33 62.37
C ALA A 283 -15.29 -15.73 62.92
N THR A 284 -16.53 -16.21 62.80
CA THR A 284 -16.97 -17.39 63.57
C THR A 284 -16.70 -18.70 62.85
N THR A 285 -15.73 -18.74 61.93
CA THR A 285 -15.56 -19.90 61.07
C THR A 285 -15.07 -21.10 61.86
N LEU A 286 -14.09 -20.86 62.75
CA LEU A 286 -13.34 -21.93 63.41
C LEU A 286 -14.00 -22.39 64.71
N ASN A 287 -14.84 -21.56 65.33
CA ASN A 287 -15.45 -21.88 66.63
C ASN A 287 -16.95 -22.18 66.56
N GLY A 288 -17.66 -21.73 65.52
CA GLY A 288 -19.08 -22.01 65.41
C GLY A 288 -19.91 -21.30 66.43
N ALA A 289 -19.43 -20.15 66.88
CA ALA A 289 -20.07 -19.39 67.94
C ALA A 289 -21.36 -18.76 67.48
N ALA A 290 -22.31 -18.67 68.40
CA ALA A 290 -23.61 -18.05 68.18
C ALA A 290 -24.23 -17.60 69.50
N PRO A 291 -24.66 -16.35 69.58
CA PRO A 291 -25.21 -15.84 70.83
C PRO A 291 -26.55 -16.46 71.18
N ALA A 292 -26.78 -16.70 72.48
CA ALA A 292 -28.06 -17.19 72.98
C ALA A 292 -28.43 -16.34 74.20
N GLY A 293 -29.07 -15.22 73.93
CA GLY A 293 -29.42 -14.32 75.00
C GLY A 293 -28.18 -13.55 75.37
N LYS A 294 -27.68 -13.77 76.59
CA LYS A 294 -26.43 -13.21 77.13
C LYS A 294 -25.37 -14.28 77.34
N ASP A 295 -25.62 -15.52 76.92
CA ASP A 295 -24.63 -16.58 76.87
C ASP A 295 -24.03 -16.71 75.48
N ILE A 296 -23.20 -17.75 75.29
CA ILE A 296 -22.61 -18.10 74.01
C ILE A 296 -22.62 -19.61 73.88
N LYS A 297 -23.08 -20.10 72.74
CA LYS A 297 -23.18 -21.52 72.45
C LYS A 297 -22.39 -21.90 71.20
N TYR A 298 -21.89 -23.14 71.14
CA TYR A 298 -20.99 -23.54 70.06
C TYR A 298 -21.43 -24.76 69.25
N ASN A 299 -21.14 -24.70 67.93
CA ASN A 299 -21.32 -25.83 67.01
C ASN A 299 -20.34 -25.70 65.84
N PRO A 300 -19.10 -26.16 66.00
CA PRO A 300 -18.05 -25.90 65.00
C PRO A 300 -18.06 -26.88 63.85
N SER A 301 -17.52 -26.42 62.71
CA SER A 301 -17.34 -27.30 61.57
C SER A 301 -15.97 -27.96 61.55
N ALA A 302 -15.05 -27.53 62.41
CA ALA A 302 -13.79 -28.25 62.59
C ALA A 302 -13.32 -28.20 64.04
N VAL A 303 -12.88 -29.34 64.53
CA VAL A 303 -12.27 -29.29 65.85
C VAL A 303 -10.85 -29.81 65.68
N PRO A 304 -9.90 -29.35 66.48
CA PRO A 304 -8.54 -29.90 66.35
C PRO A 304 -8.48 -31.38 66.69
N PHE A 305 -7.40 -31.99 66.22
CA PHE A 305 -7.10 -33.35 66.57
C PHE A 305 -6.73 -33.38 68.04
N GLN A 306 -6.54 -34.59 68.56
CA GLN A 306 -6.20 -34.72 69.97
C GLN A 306 -4.82 -34.14 70.26
N TRP A 307 -3.89 -34.32 69.31
CA TRP A 307 -2.52 -33.90 69.55
C TRP A 307 -2.34 -32.39 69.63
N VAL A 308 -3.26 -31.62 69.05
CA VAL A 308 -3.19 -30.17 69.19
C VAL A 308 -3.52 -29.77 70.63
N VAL A 309 -4.55 -30.39 71.20
CA VAL A 309 -4.88 -30.25 72.63
C VAL A 309 -3.68 -30.55 73.50
N ASP A 310 -2.88 -31.54 73.11
CA ASP A 310 -1.81 -32.05 73.95
C ASP A 310 -0.54 -31.21 73.92
N LEU A 311 -0.46 -30.20 73.05
CA LEU A 311 0.66 -29.25 73.15
C LEU A 311 0.55 -28.37 74.40
N TYR A 312 -0.66 -28.15 74.89
CA TYR A 312 -0.94 -27.16 75.92
C TYR A 312 -0.91 -27.80 77.30
N GLU A 313 -0.03 -27.30 78.17
CA GLU A 313 -0.09 -27.68 79.58
C GLU A 313 -1.41 -27.20 80.17
N ASN A 314 -1.94 -27.94 81.16
CA ASN A 314 -3.29 -27.65 81.62
C ASN A 314 -3.41 -26.28 82.28
N GLU A 315 -2.30 -25.76 82.77
CA GLU A 315 -2.23 -24.45 83.41
C GLU A 315 -1.83 -23.35 82.44
N ASP A 316 -1.66 -23.68 81.16
CA ASP A 316 -1.38 -22.69 80.13
C ASP A 316 -2.61 -21.82 79.92
N PHE A 317 -2.46 -20.49 79.99
CA PHE A 317 -3.62 -19.62 79.79
C PHE A 317 -4.30 -19.87 78.46
N ARG A 318 -3.55 -20.25 77.45
CA ARG A 318 -4.13 -20.36 76.13
C ARG A 318 -5.05 -21.58 76.00
N LYS A 319 -4.99 -22.55 76.92
CA LYS A 319 -5.87 -23.72 76.80
C LYS A 319 -7.25 -23.45 77.35
N SER A 320 -7.56 -22.17 77.52
CA SER A 320 -8.92 -21.72 77.76
C SER A 320 -9.28 -20.45 77.00
N VAL A 321 -8.35 -19.86 76.25
CA VAL A 321 -8.60 -18.68 75.41
C VAL A 321 -8.32 -18.95 73.93
N TYR A 322 -7.08 -19.31 73.58
CA TYR A 322 -6.76 -19.63 72.20
C TYR A 322 -7.52 -20.86 71.77
N ILE A 323 -7.54 -21.88 72.62
CA ILE A 323 -8.50 -22.95 72.44
C ILE A 323 -9.31 -22.97 73.73
N ALA A 324 -10.49 -23.58 73.70
CA ALA A 324 -11.40 -23.50 74.84
C ALA A 324 -12.25 -24.75 74.90
N LYS A 325 -12.47 -25.28 76.10
CA LYS A 325 -13.14 -26.59 76.21
C LYS A 325 -14.66 -26.39 76.24
N VAL A 326 -15.23 -26.09 75.07
CA VAL A 326 -16.62 -25.62 75.01
C VAL A 326 -17.45 -26.44 74.02
N VAL A 327 -16.81 -27.35 73.25
CA VAL A 327 -17.51 -28.22 72.30
C VAL A 327 -18.32 -29.28 73.03
N LYS A 328 -19.56 -29.51 72.57
CA LYS A 328 -20.51 -30.38 73.27
C LYS A 328 -20.70 -29.94 74.72
N LYS A 329 -20.75 -28.62 74.91
CA LYS A 329 -20.85 -27.92 76.19
C LYS A 329 -19.56 -28.01 76.98
N ASP A 330 -18.99 -29.21 77.12
CA ASP A 330 -17.75 -29.34 77.90
C ASP A 330 -16.91 -30.57 77.60
N LYS A 331 -17.05 -31.27 76.45
CA LYS A 331 -16.39 -32.55 76.22
C LYS A 331 -15.19 -32.47 75.28
N GLY A 332 -15.08 -31.41 74.46
CA GLY A 332 -13.95 -31.28 73.56
C GLY A 332 -13.56 -29.82 73.38
N TYR A 333 -12.44 -29.60 72.69
CA TYR A 333 -11.90 -28.26 72.48
C TYR A 333 -12.16 -27.79 71.04
N LEU A 334 -12.35 -26.48 70.88
CA LEU A 334 -12.35 -25.85 69.55
C LEU A 334 -11.43 -24.66 69.62
N VAL A 335 -11.21 -24.00 68.49
CA VAL A 335 -10.21 -22.94 68.45
C VAL A 335 -10.92 -21.61 68.64
N ASN A 336 -10.79 -21.05 69.83
CA ASN A 336 -11.60 -19.89 70.20
C ASN A 336 -10.81 -18.60 70.18
N LYS A 337 -9.73 -18.55 69.40
CA LYS A 337 -8.91 -17.36 69.45
C LYS A 337 -9.63 -16.14 68.92
N PHE A 338 -10.65 -16.31 68.09
CA PHE A 338 -11.35 -15.14 67.54
C PHE A 338 -12.75 -14.90 68.13
N LEU A 339 -12.91 -15.16 69.44
CA LEU A 339 -14.25 -15.17 70.06
C LEU A 339 -14.91 -13.80 70.00
N GLU A 340 -14.31 -12.81 70.63
CA GLU A 340 -14.88 -11.48 70.67
C GLU A 340 -13.84 -10.46 71.12
N ASP A 341 -14.25 -9.21 70.99
CA ASP A 341 -13.75 -8.07 71.72
C ASP A 341 -15.02 -7.39 72.20
N LYS A 342 -15.22 -7.35 73.52
CA LYS A 342 -16.47 -6.88 74.06
C LYS A 342 -16.69 -5.40 73.80
N ALA A 343 -15.67 -4.64 73.44
CA ALA A 343 -15.89 -3.23 73.19
C ALA A 343 -16.77 -2.96 71.98
N TYR A 344 -17.06 -3.97 71.17
CA TYR A 344 -17.81 -3.80 69.95
C TYR A 344 -19.24 -4.27 70.10
N ARG A 345 -19.64 -4.66 71.31
CA ARG A 345 -21.00 -5.13 71.54
C ARG A 345 -21.98 -3.96 71.36
N ASP A 346 -23.19 -4.27 70.85
CA ASP A 346 -24.19 -3.21 70.73
C ASP A 346 -24.73 -2.85 72.12
N VAL A 347 -24.98 -3.88 72.90
CA VAL A 347 -25.52 -3.78 74.24
C VAL A 347 -24.70 -4.70 75.14
N GLN A 348 -24.15 -4.10 76.21
CA GLN A 348 -23.16 -4.69 77.10
C GLN A 348 -23.50 -6.08 77.60
N ASP A 349 -24.78 -6.32 77.93
CA ASP A 349 -25.23 -7.62 78.41
C ASP A 349 -25.00 -8.73 77.40
N LYS A 350 -25.08 -8.42 76.09
CA LYS A 350 -25.39 -9.35 74.99
C LYS A 350 -24.20 -9.57 74.05
N PRO A 351 -23.74 -10.83 73.85
CA PRO A 351 -22.62 -11.07 72.93
C PRO A 351 -23.01 -10.80 71.47
N ASN A 352 -22.04 -10.27 70.68
CA ASN A 352 -22.21 -10.16 69.23
C ASN A 352 -21.01 -10.69 68.44
N LEU A 353 -20.02 -11.25 69.12
CA LEU A 353 -18.96 -12.00 68.48
C LEU A 353 -18.23 -11.18 67.43
N LYS A 354 -18.05 -9.89 67.68
CA LYS A 354 -17.33 -9.04 66.74
C LYS A 354 -15.92 -8.79 67.26
N VAL A 355 -14.94 -8.73 66.35
CA VAL A 355 -13.52 -8.61 66.64
C VAL A 355 -12.95 -7.55 65.70
N GLY A 356 -11.64 -7.35 65.73
CA GLY A 356 -11.00 -6.39 64.86
C GLY A 356 -9.89 -7.00 64.01
N ALA A 357 -9.46 -6.24 63.01
CA ALA A 357 -8.39 -6.71 62.12
C ALA A 357 -7.01 -6.38 62.72
N ARG A 358 -6.30 -7.40 63.24
CA ARG A 358 -4.97 -7.20 63.80
C ARG A 358 -3.88 -7.55 62.78
N TYR A 359 -2.80 -6.77 62.74
CA TYR A 359 -1.85 -6.92 61.66
C TYR A 359 -0.51 -7.49 62.06
N PHE A 360 -0.08 -7.33 63.33
CA PHE A 360 1.18 -7.88 63.86
C PHE A 360 1.24 -7.72 65.38
N SER A 361 1.29 -8.83 66.11
CA SER A 361 1.44 -8.76 67.56
C SER A 361 2.84 -9.23 67.93
N VAL A 362 3.31 -8.86 69.13
CA VAL A 362 4.73 -9.07 69.42
C VAL A 362 5.09 -10.53 69.67
N ALA A 363 4.13 -11.37 70.04
CA ALA A 363 4.46 -12.77 70.27
C ALA A 363 5.13 -13.41 69.03
N GLU A 364 4.85 -12.90 67.83
CA GLU A 364 5.45 -13.47 66.65
C GLU A 364 6.90 -13.04 66.54
N VAL A 365 7.18 -11.76 66.78
CA VAL A 365 8.57 -11.32 66.74
C VAL A 365 9.45 -12.08 67.75
N TYR A 366 8.91 -12.47 68.92
CA TYR A 366 9.66 -13.35 69.84
C TYR A 366 9.99 -14.68 69.18
N LEU A 367 8.98 -15.38 68.65
CA LEU A 367 9.16 -16.69 68.03
C LEU A 367 9.96 -16.63 66.72
N ILE A 368 10.06 -15.45 66.09
CA ILE A 368 10.96 -15.32 64.95
C ILE A 368 12.41 -15.36 65.42
N LEU A 369 12.72 -14.58 66.48
CA LEU A 369 14.09 -14.45 67.00
C LEU A 369 14.59 -15.74 67.62
N VAL A 370 13.75 -16.44 68.37
CA VAL A 370 14.17 -17.71 68.94
C VAL A 370 14.59 -18.66 67.83
N GLU A 371 13.74 -18.83 66.81
CA GLU A 371 14.03 -19.74 65.71
C GLU A 371 15.23 -19.28 64.86
N SER A 372 15.35 -17.99 64.57
CA SER A 372 16.54 -17.55 63.84
C SER A 372 17.80 -17.74 64.67
N ALA A 373 17.72 -17.46 65.97
CA ALA A 373 18.90 -17.62 66.81
C ALA A 373 19.32 -19.09 66.85
N LEU A 374 18.36 -20.01 66.94
CA LEU A 374 18.71 -21.43 66.97
C LEU A 374 19.48 -21.84 65.71
N GLN A 375 19.12 -21.25 64.56
CA GLN A 375 19.83 -21.61 63.33
C GLN A 375 21.20 -20.93 63.24
N THR A 376 21.34 -19.71 63.74
CA THR A 376 22.61 -19.02 63.57
C THR A 376 23.49 -19.20 64.77
N GLY A 377 23.13 -20.11 65.69
CA GLY A 377 23.93 -20.42 66.85
C GLY A 377 24.09 -19.28 67.85
N ASP A 378 22.98 -18.87 68.47
CA ASP A 378 23.00 -17.80 69.46
C ASP A 378 22.06 -18.26 70.59
N THR A 379 22.51 -19.25 71.35
CA THR A 379 21.69 -19.81 72.41
C THR A 379 21.50 -18.83 73.56
N PRO A 380 22.43 -17.88 73.83
CA PRO A 380 22.10 -16.85 74.83
C PRO A 380 20.74 -16.24 74.59
N THR A 381 20.63 -15.41 73.54
CA THR A 381 19.41 -14.68 73.18
C THR A 381 18.41 -15.58 72.46
N ALA A 382 18.20 -16.77 72.97
CA ALA A 382 17.33 -17.75 72.32
C ALA A 382 16.59 -18.55 73.35
N GLU A 383 17.06 -18.58 74.56
CA GLU A 383 16.27 -19.01 75.66
C GLU A 383 15.87 -17.84 76.51
N LYS A 384 16.68 -16.77 76.48
CA LYS A 384 16.23 -15.52 77.06
C LYS A 384 14.83 -15.21 76.58
N TYR A 385 14.65 -15.24 75.27
CA TYR A 385 13.35 -14.89 74.70
C TYR A 385 12.37 -16.06 74.65
N LEU A 386 12.83 -17.31 74.51
CA LEU A 386 11.85 -18.40 74.44
C LEU A 386 11.25 -18.66 75.82
N LYS A 387 12.05 -18.57 76.87
CA LYS A 387 11.50 -18.82 78.19
C LYS A 387 10.58 -17.68 78.59
N ALA A 388 10.97 -16.44 78.25
CA ALA A 388 10.19 -15.28 78.62
C ALA A 388 8.75 -15.36 78.09
N LEU A 389 8.60 -15.61 76.77
CA LEU A 389 7.29 -15.78 76.14
C LEU A 389 6.53 -16.97 76.74
N SER A 390 7.17 -18.14 76.84
CA SER A 390 6.48 -19.30 77.42
C SER A 390 6.05 -19.05 78.87
N LYS A 391 6.85 -18.33 79.68
CA LYS A 391 6.47 -18.17 81.08
C LYS A 391 5.36 -17.14 81.26
N ALA A 392 5.45 -16.01 80.56
CA ALA A 392 4.42 -14.97 80.66
C ALA A 392 3.05 -15.49 80.26
N ARG A 393 3.00 -16.60 79.52
CA ARG A 393 1.78 -17.29 79.11
C ARG A 393 1.31 -18.34 80.10
N GLY A 394 2.03 -18.59 81.18
CA GLY A 394 1.54 -19.50 82.21
C GLY A 394 2.33 -20.78 82.34
N ALA A 395 2.87 -21.30 81.24
CA ALA A 395 3.69 -22.50 81.28
C ALA A 395 5.04 -22.22 80.62
N GLU A 396 6.05 -21.94 81.44
CA GLU A 396 7.40 -21.82 80.96
C GLU A 396 7.81 -23.19 80.41
N VAL A 397 8.75 -23.17 79.43
CA VAL A 397 9.17 -24.34 78.67
C VAL A 397 10.41 -25.01 79.28
N SER A 398 10.43 -26.36 79.24
CA SER A 398 11.46 -27.15 79.93
C SER A 398 12.85 -26.92 79.37
N VAL A 399 13.03 -27.19 78.06
CA VAL A 399 14.29 -27.14 77.34
C VAL A 399 14.15 -26.16 76.19
N VAL A 400 15.21 -25.46 75.85
CA VAL A 400 15.20 -24.60 74.66
C VAL A 400 15.96 -25.32 73.56
N ASN A 401 15.29 -25.72 72.47
CA ASN A 401 15.94 -26.70 71.61
C ASN A 401 15.33 -26.91 70.22
N MET A 402 14.54 -25.97 69.70
CA MET A 402 14.00 -26.06 68.32
C MET A 402 12.94 -27.14 68.17
N GLU A 403 13.04 -28.25 68.90
CA GLU A 403 11.87 -29.09 68.97
C GLU A 403 10.82 -28.44 69.84
N ALA A 404 11.27 -27.65 70.82
CA ALA A 404 10.40 -26.86 71.67
C ALA A 404 10.04 -25.53 71.04
N LEU A 405 10.89 -25.02 70.16
CA LEU A 405 10.48 -23.87 69.38
C LEU A 405 9.35 -24.24 68.44
N GLN A 406 9.37 -25.45 67.89
CA GLN A 406 8.30 -25.84 66.99
C GLN A 406 6.98 -25.97 67.73
N ALA A 407 6.97 -26.65 68.87
CA ALA A 407 5.70 -26.81 69.56
C ALA A 407 5.19 -25.47 70.10
N GLU A 408 6.07 -24.57 70.49
CA GLU A 408 5.65 -23.30 71.10
C GLU A 408 5.17 -22.30 70.04
N ARG A 409 5.80 -22.24 68.86
CA ARG A 409 5.24 -21.41 67.80
C ARG A 409 3.88 -21.91 67.37
N THR A 410 3.71 -23.23 67.30
CA THR A 410 2.40 -23.78 67.01
C THR A 410 1.39 -23.41 68.09
N ARG A 411 1.77 -23.53 69.38
CA ARG A 411 0.87 -23.19 70.48
C ARG A 411 0.39 -21.74 70.41
N GLU A 412 1.27 -20.80 70.02
CA GLU A 412 0.92 -19.38 70.00
C GLU A 412 0.18 -18.95 68.73
N LEU A 413 0.44 -19.55 67.58
CA LEU A 413 -0.13 -19.00 66.36
C LEU A 413 -1.33 -19.76 65.81
N ILE A 414 -1.92 -20.69 66.59
CA ILE A 414 -3.08 -21.43 66.12
C ILE A 414 -4.19 -20.48 65.67
N GLY A 415 -4.93 -20.88 64.64
CA GLY A 415 -5.97 -20.06 64.05
C GLY A 415 -5.50 -18.87 63.24
N GLU A 416 -4.19 -18.62 63.15
CA GLU A 416 -3.65 -17.45 62.48
C GLU A 416 -2.99 -17.77 61.13
N GLY A 417 -3.15 -19.00 60.61
CA GLY A 417 -2.71 -19.36 59.27
C GLY A 417 -1.23 -19.55 59.05
N SER A 418 -0.49 -19.96 60.08
CA SER A 418 0.95 -20.12 59.97
C SER A 418 1.39 -21.58 59.97
N ARG A 419 0.50 -22.51 60.28
CA ARG A 419 0.96 -23.89 60.41
C ARG A 419 1.28 -24.53 59.06
N LEU A 420 0.51 -24.22 58.01
CA LEU A 420 0.80 -24.80 56.70
C LEU A 420 2.19 -24.40 56.21
N ARG A 421 2.47 -23.09 56.19
CA ARG A 421 3.79 -22.61 55.76
C ARG A 421 4.89 -23.15 56.64
N ASP A 422 4.63 -23.27 57.95
CA ASP A 422 5.65 -23.79 58.85
C ASP A 422 5.96 -25.26 58.51
N MET A 423 4.93 -26.09 58.34
CA MET A 423 5.17 -27.53 58.13
C MET A 423 5.78 -27.84 56.74
N VAL A 424 6.02 -26.83 55.93
CA VAL A 424 6.78 -26.95 54.70
C VAL A 424 8.24 -26.62 54.91
N ARG A 425 8.53 -25.63 55.77
CA ARG A 425 9.92 -25.37 56.11
C ARG A 425 10.45 -26.42 57.07
N TRP A 426 9.58 -27.07 57.85
CA TRP A 426 10.08 -28.06 58.77
C TRP A 426 10.02 -29.47 58.19
N SER A 427 9.66 -29.60 56.91
CA SER A 427 9.67 -30.88 56.20
C SER A 427 8.78 -31.90 56.90
N ILE A 428 7.53 -31.50 57.09
CA ILE A 428 6.52 -32.30 57.75
C ILE A 428 5.46 -32.68 56.71
N PRO A 429 5.25 -33.95 56.45
CA PRO A 429 4.14 -34.37 55.61
C PRO A 429 2.81 -34.27 56.33
N ASN A 430 1.69 -34.54 55.66
CA ASN A 430 0.43 -34.34 56.36
C ASN A 430 0.22 -35.34 57.50
N ASN A 431 -0.07 -36.60 57.19
CA ASN A 431 -0.37 -37.65 58.17
C ASN A 431 -1.73 -37.47 58.84
N HIS A 432 -2.62 -36.73 58.21
CA HIS A 432 -3.97 -36.51 58.73
C HIS A 432 -4.67 -37.84 59.03
N ASP A 433 -4.48 -38.83 58.15
CA ASP A 433 -5.21 -40.09 58.29
C ASP A 433 -4.75 -40.86 59.51
N ALA A 434 -3.58 -40.52 60.07
CA ALA A 434 -2.96 -41.30 61.13
C ALA A 434 -3.28 -40.81 62.53
N PHE A 435 -3.55 -39.50 62.69
CA PHE A 435 -3.81 -38.90 63.98
C PHE A 435 -5.11 -39.43 64.58
N GLU A 436 -5.29 -39.16 65.86
CA GLU A 436 -6.38 -39.67 66.66
C GLU A 436 -7.27 -38.49 66.97
N THR A 437 -8.58 -38.69 66.84
CA THR A 437 -9.57 -37.65 67.14
C THR A 437 -9.89 -37.62 68.65
N GLN A 438 -10.35 -36.43 69.10
CA GLN A 438 -10.68 -36.20 70.51
C GLN A 438 -11.69 -37.24 71.02
N PRO A 439 -11.36 -38.03 72.04
CA PRO A 439 -12.28 -39.11 72.45
C PRO A 439 -13.55 -38.62 73.12
N GLY A 440 -13.57 -37.40 73.65
CA GLY A 440 -14.82 -36.88 74.21
C GLY A 440 -15.91 -36.64 73.17
N LEU A 441 -15.52 -36.32 71.95
CA LEU A 441 -16.47 -36.04 70.87
C LEU A 441 -16.57 -37.26 69.96
N GLU A 442 -17.41 -38.22 70.31
CA GLU A 442 -17.61 -39.36 69.43
C GLU A 442 -19.04 -39.31 68.99
N GLY A 443 -19.25 -39.49 67.70
CA GLY A 443 -20.51 -39.18 67.12
C GLY A 443 -20.58 -37.77 66.61
N PHE A 444 -19.70 -36.90 67.09
CA PHE A 444 -19.66 -35.52 66.63
C PHE A 444 -18.47 -35.23 65.71
N ALA A 445 -17.25 -35.43 66.20
CA ALA A 445 -16.04 -35.19 65.41
C ALA A 445 -15.44 -36.55 65.09
N ASN A 446 -15.67 -37.02 63.88
CA ASN A 446 -15.28 -38.36 63.50
C ASN A 446 -14.22 -38.31 62.43
N THR A 447 -13.63 -39.46 62.21
CA THR A 447 -12.47 -39.53 61.35
C THR A 447 -12.89 -39.60 59.90
N THR A 448 -12.38 -38.67 59.09
CA THR A 448 -12.63 -38.58 57.66
C THR A 448 -11.31 -38.65 56.90
N PRO A 449 -11.13 -39.62 56.00
CA PRO A 449 -9.82 -39.81 55.36
C PRO A 449 -9.53 -38.77 54.29
N LEU A 450 -8.29 -38.81 53.79
CA LEU A 450 -7.92 -37.82 52.81
C LEU A 450 -8.53 -38.10 51.45
N LYS A 451 -8.39 -37.11 50.58
CA LYS A 451 -8.78 -37.25 49.20
C LYS A 451 -7.61 -37.05 48.26
N ALA A 452 -6.40 -37.00 48.80
CA ALA A 452 -5.13 -36.77 48.12
C ALA A 452 -4.05 -36.70 49.20
N GLN A 453 -2.93 -37.37 49.04
CA GLN A 453 -1.96 -37.32 50.12
C GLN A 453 -1.06 -36.11 50.00
N ALA A 454 -0.42 -35.74 51.09
CA ALA A 454 0.42 -34.54 51.12
C ALA A 454 1.80 -34.85 51.68
N PRO A 455 2.55 -35.72 51.01
CA PRO A 455 3.94 -35.93 51.38
C PRO A 455 4.71 -34.69 51.01
N VAL A 456 5.95 -34.64 51.50
CA VAL A 456 6.74 -33.44 51.35
C VAL A 456 6.96 -33.10 49.87
N GLY A 457 7.03 -31.80 49.57
CA GLY A 457 7.27 -31.40 48.19
C GLY A 457 6.12 -31.58 47.23
N PHE A 458 4.94 -32.02 47.71
CA PHE A 458 3.73 -32.07 46.91
C PHE A 458 3.37 -30.68 46.40
N TYR A 459 2.97 -30.60 45.13
CA TYR A 459 2.76 -29.30 44.51
C TYR A 459 1.61 -28.55 45.18
N ALA A 460 0.60 -29.25 45.74
CA ALA A 460 -0.67 -28.66 46.22
C ALA A 460 -0.54 -27.90 47.54
N TYR A 461 0.61 -27.97 48.22
CA TYR A 461 0.91 -27.00 49.27
C TYR A 461 0.89 -25.59 48.71
N THR A 462 1.12 -25.41 47.41
CA THR A 462 0.90 -24.12 46.77
C THR A 462 -0.45 -24.13 46.08
N TRP A 463 -1.11 -22.98 46.09
CA TRP A 463 -2.41 -22.87 45.48
C TRP A 463 -2.23 -22.63 44.01
N GLU A 464 -3.28 -22.99 43.25
CA GLU A 464 -3.30 -22.82 41.81
C GLU A 464 -3.90 -21.47 41.43
N PHE A 465 -3.37 -20.86 40.37
CA PHE A 465 -3.86 -19.56 39.93
C PHE A 465 -5.34 -19.64 39.56
N PRO A 466 -6.12 -18.59 39.87
CA PRO A 466 -7.57 -18.63 39.63
C PRO A 466 -7.93 -18.65 38.14
N GLN A 467 -8.98 -19.39 37.80
CA GLN A 467 -9.18 -19.57 36.37
C GLN A 467 -9.65 -18.31 35.69
N ARG A 468 -9.78 -17.20 36.39
CA ARG A 468 -10.02 -15.98 35.65
C ARG A 468 -8.75 -15.50 34.98
N ASP A 469 -7.63 -15.56 35.69
CA ASP A 469 -6.37 -15.13 35.07
C ASP A 469 -5.75 -16.19 34.17
N ARG A 470 -6.12 -17.46 34.32
CA ARG A 470 -5.73 -18.47 33.34
C ARG A 470 -6.49 -18.25 32.04
N GLN A 471 -7.84 -18.18 32.12
CA GLN A 471 -8.69 -18.01 30.95
C GLN A 471 -8.41 -16.69 30.25
N THR A 472 -8.28 -15.60 30.98
CA THR A 472 -8.11 -14.31 30.34
C THR A 472 -6.72 -14.08 29.76
N ASN A 473 -5.77 -14.95 30.02
CA ASN A 473 -4.39 -14.64 29.70
C ASN A 473 -3.64 -15.94 29.52
N PRO A 474 -3.65 -16.51 28.32
CA PRO A 474 -2.94 -17.79 28.11
C PRO A 474 -1.43 -17.66 28.02
N GLN A 475 -0.85 -16.49 28.30
CA GLN A 475 0.59 -16.25 28.45
C GLN A 475 1.07 -16.51 29.88
N LEU A 476 0.21 -17.09 30.70
CA LEU A 476 0.47 -17.28 32.11
C LEU A 476 0.80 -18.74 32.32
N ILE A 477 1.94 -19.02 32.95
CA ILE A 477 2.31 -20.40 33.22
C ILE A 477 1.61 -20.80 34.52
N LYS A 478 0.75 -21.82 34.47
CA LYS A 478 0.09 -22.24 35.70
C LYS A 478 1.03 -23.11 36.50
N ASN A 479 0.65 -23.44 37.74
CA ASN A 479 1.54 -24.10 38.69
C ASN A 479 1.38 -25.61 38.77
N TRP A 480 0.16 -26.10 38.96
CA TRP A 480 -0.03 -27.54 39.14
C TRP A 480 0.24 -28.30 37.85
N PRO A 481 0.76 -29.53 37.93
CA PRO A 481 0.79 -30.40 36.74
C PRO A 481 -0.60 -30.73 36.20
N ILE A 482 -1.61 -30.80 37.07
CA ILE A 482 -3.00 -31.08 36.70
C ILE A 482 -3.94 -29.86 36.79
N LEU B 95 -48.57 1.33 13.39
CA LEU B 95 -47.34 0.89 14.04
C LEU B 95 -46.50 0.01 13.11
N SER B 96 -47.15 -0.91 12.41
CA SER B 96 -46.48 -1.86 11.55
C SER B 96 -46.34 -1.31 10.14
N THR B 97 -45.29 -1.75 9.46
CA THR B 97 -45.10 -1.42 8.06
C THR B 97 -45.45 -2.62 7.18
N VAL B 98 -45.58 -2.35 5.89
CA VAL B 98 -45.97 -3.39 4.95
C VAL B 98 -44.76 -4.20 4.45
N SER B 99 -43.54 -3.69 4.62
CA SER B 99 -42.32 -4.44 4.31
C SER B 99 -42.07 -5.52 5.35
N GLY B 100 -42.30 -5.19 6.62
CA GLY B 100 -41.79 -5.97 7.73
C GLY B 100 -42.62 -7.18 8.13
N SER B 101 -42.06 -7.88 9.11
CA SER B 101 -42.68 -9.05 9.72
C SER B 101 -43.36 -8.58 10.99
N VAL B 102 -44.55 -9.13 11.26
CA VAL B 102 -45.35 -8.68 12.38
C VAL B 102 -46.24 -9.82 12.80
N ALA B 103 -46.49 -9.91 14.10
CA ALA B 103 -47.48 -10.82 14.65
C ALA B 103 -48.42 -10.02 15.52
N LYS B 104 -49.63 -10.55 15.71
CA LYS B 104 -50.69 -9.91 16.49
C LYS B 104 -51.43 -10.98 17.27
N VAL B 105 -51.59 -10.78 18.57
CA VAL B 105 -52.33 -11.70 19.41
C VAL B 105 -53.64 -11.02 19.79
N SER B 106 -54.70 -11.80 19.84
CA SER B 106 -55.96 -11.17 20.17
C SER B 106 -56.23 -11.10 21.68
N SER B 107 -57.23 -10.28 22.01
CA SER B 107 -57.74 -10.20 23.38
C SER B 107 -58.00 -11.58 23.96
N GLU B 108 -58.43 -12.51 23.12
CA GLU B 108 -58.85 -13.81 23.61
C GLU B 108 -57.73 -14.59 24.30
N LYS B 109 -56.47 -14.39 23.91
CA LYS B 109 -55.37 -15.12 24.54
C LYS B 109 -54.81 -14.43 25.80
N LEU B 110 -55.12 -13.16 25.94
CA LEU B 110 -54.73 -12.33 27.08
C LEU B 110 -55.90 -12.19 28.06
N ALA B 111 -56.43 -13.29 28.59
CA ALA B 111 -57.66 -13.15 29.36
C ALA B 111 -57.79 -14.30 30.35
N GLU B 112 -58.11 -13.94 31.60
CA GLU B 112 -57.95 -14.79 32.77
C GLU B 112 -56.47 -15.15 32.82
N LYS B 113 -56.10 -16.43 32.70
CA LYS B 113 -54.73 -16.89 32.91
C LYS B 113 -54.35 -16.44 34.32
N PRO B 114 -54.60 -17.27 35.32
CA PRO B 114 -54.46 -16.84 36.72
C PRO B 114 -53.06 -16.49 37.18
N VAL B 115 -52.46 -15.46 36.58
CA VAL B 115 -51.05 -15.19 36.80
C VAL B 115 -50.79 -13.72 36.53
N ALA B 116 -49.92 -13.13 37.37
CA ALA B 116 -49.60 -11.72 37.23
C ALA B 116 -48.75 -11.43 35.99
N ASN B 117 -47.97 -12.42 35.55
CA ASN B 117 -47.03 -12.35 34.42
C ASN B 117 -47.81 -12.51 33.13
N ILE B 118 -48.09 -11.40 32.43
CA ILE B 118 -48.95 -11.56 31.26
C ILE B 118 -48.22 -12.31 30.19
N MET B 119 -46.93 -12.00 30.02
CA MET B 119 -46.07 -12.58 29.02
C MET B 119 -46.00 -14.09 29.10
N ASP B 120 -46.46 -14.70 30.20
CA ASP B 120 -46.56 -16.16 30.24
C ASP B 120 -47.52 -16.70 29.19
N ALA B 121 -48.48 -15.89 28.75
CA ALA B 121 -49.45 -16.36 27.78
C ALA B 121 -48.91 -16.36 26.36
N LEU B 122 -47.73 -15.81 26.12
CA LEU B 122 -47.20 -15.75 24.77
C LEU B 122 -46.15 -16.83 24.52
N GLN B 123 -46.10 -17.84 25.39
CA GLN B 123 -45.09 -18.90 25.27
C GLN B 123 -45.45 -19.84 24.13
N GLY B 124 -44.56 -19.93 23.15
CA GLY B 124 -44.89 -20.73 22.00
C GLY B 124 -46.08 -20.16 21.27
N GLN B 125 -46.17 -18.82 21.19
CA GLN B 125 -47.30 -18.20 20.55
C GLN B 125 -46.93 -17.15 19.51
N VAL B 126 -45.67 -16.81 19.35
CA VAL B 126 -45.24 -15.94 18.27
C VAL B 126 -44.00 -16.58 17.66
N ALA B 127 -43.86 -16.43 16.35
CA ALA B 127 -42.80 -17.08 15.60
C ALA B 127 -41.49 -16.41 15.96
N GLY B 128 -40.67 -17.07 16.77
CA GLY B 128 -39.40 -16.50 17.16
C GLY B 128 -39.40 -15.76 18.48
N MET B 129 -40.46 -15.88 19.26
CA MET B 129 -40.58 -15.20 20.53
C MET B 129 -40.50 -16.32 21.54
N GLN B 130 -39.29 -16.45 22.10
CA GLN B 130 -38.91 -17.42 23.11
C GLN B 130 -39.04 -16.76 24.47
N VAL B 131 -40.04 -17.17 25.23
CA VAL B 131 -40.28 -16.64 26.57
C VAL B 131 -40.22 -17.79 27.55
N MET B 132 -39.54 -17.58 28.67
CA MET B 132 -39.43 -18.57 29.72
C MET B 132 -39.52 -17.88 31.08
N THR B 133 -40.25 -18.52 31.99
CA THR B 133 -40.44 -18.08 33.36
C THR B 133 -39.68 -19.06 34.23
N THR B 134 -38.62 -18.57 34.88
CA THR B 134 -37.63 -19.37 35.59
C THR B 134 -37.94 -19.52 37.08
N SER B 135 -39.17 -19.23 37.52
CA SER B 135 -39.53 -19.29 38.93
C SER B 135 -41.05 -19.34 39.09
N GLY B 136 -41.54 -20.22 39.96
CA GLY B 136 -42.96 -20.29 40.18
C GLY B 136 -43.49 -19.33 41.24
N ASP B 137 -42.92 -18.18 41.28
CA ASP B 137 -43.21 -17.13 42.25
C ASP B 137 -44.16 -16.12 41.65
N PRO B 138 -45.25 -15.77 42.34
CA PRO B 138 -46.21 -14.83 41.74
C PRO B 138 -45.59 -13.47 41.48
N THR B 139 -44.48 -13.19 42.13
CA THR B 139 -43.78 -11.93 41.96
C THR B 139 -42.93 -11.95 40.68
N ALA B 140 -42.87 -13.11 40.00
CA ALA B 140 -41.95 -13.37 38.89
C ALA B 140 -42.40 -12.77 37.56
N VAL B 141 -41.41 -12.39 36.77
CA VAL B 141 -41.61 -11.85 35.43
C VAL B 141 -40.75 -12.61 34.43
N ALA B 142 -41.33 -12.93 33.28
CA ALA B 142 -40.72 -13.86 32.34
C ALA B 142 -39.62 -13.19 31.53
N SER B 143 -38.74 -14.04 30.98
CA SER B 143 -37.61 -13.66 30.16
C SER B 143 -37.99 -13.82 28.69
N VAL B 144 -37.65 -12.82 27.88
CA VAL B 144 -38.05 -12.79 26.46
C VAL B 144 -36.87 -12.43 25.57
N GLU B 145 -36.62 -13.27 24.56
CA GLU B 145 -35.64 -13.02 23.51
C GLU B 145 -36.34 -13.23 22.18
N ILE B 146 -36.39 -12.20 21.34
CA ILE B 146 -37.03 -12.25 20.02
C ILE B 146 -36.01 -12.62 18.94
N HIS B 147 -36.29 -13.69 18.18
CA HIS B 147 -35.32 -14.27 17.26
C HIS B 147 -34.14 -14.79 18.08
N GLY B 148 -33.00 -14.09 18.12
CA GLY B 148 -31.83 -14.59 18.81
C GLY B 148 -31.61 -14.00 20.20
N THR B 149 -30.54 -14.47 20.87
CA THR B 149 -29.95 -13.70 21.95
C THR B 149 -29.07 -12.60 21.36
N GLY B 150 -29.44 -11.34 21.62
CA GLY B 150 -28.87 -10.24 20.88
C GLY B 150 -27.42 -9.98 21.19
N SER B 151 -27.07 -9.88 22.47
CA SER B 151 -25.73 -9.48 22.85
C SER B 151 -25.20 -10.40 23.94
N LEU B 152 -23.92 -10.21 24.25
CA LEU B 152 -23.22 -10.95 25.31
C LEU B 152 -23.12 -10.18 26.62
N GLY B 153 -23.01 -8.86 26.56
CA GLY B 153 -23.10 -8.07 27.76
C GLY B 153 -24.44 -7.37 27.92
N ALA B 154 -24.85 -6.58 26.92
CA ALA B 154 -26.05 -5.75 27.03
C ALA B 154 -27.30 -6.62 26.94
N SER B 155 -28.44 -6.02 27.26
CA SER B 155 -29.62 -6.84 27.47
C SER B 155 -30.34 -7.19 26.17
N SER B 156 -31.12 -8.26 26.23
CA SER B 156 -31.77 -8.75 25.03
C SER B 156 -33.29 -8.79 25.08
N ALA B 157 -33.90 -8.37 26.19
CA ALA B 157 -35.35 -8.42 26.23
C ALA B 157 -35.95 -7.35 25.30
N PRO B 158 -37.12 -7.62 24.71
CA PRO B 158 -37.70 -6.68 23.75
C PRO B 158 -38.12 -5.40 24.44
N LEU B 159 -38.29 -4.36 23.64
CA LEU B 159 -38.78 -3.09 24.16
C LEU B 159 -40.30 -3.17 24.34
N TYR B 160 -40.76 -2.93 25.55
CA TYR B 160 -42.17 -3.05 25.89
C TYR B 160 -42.82 -1.69 25.77
N ILE B 161 -43.86 -1.59 24.96
CA ILE B 161 -44.57 -0.32 24.74
C ILE B 161 -46.06 -0.56 24.93
N VAL B 162 -46.67 0.20 25.84
CA VAL B 162 -48.12 0.15 26.04
C VAL B 162 -48.67 1.51 25.65
N ASP B 163 -49.59 1.51 24.70
CA ASP B 163 -50.38 2.67 24.27
C ASP B 163 -49.47 3.85 23.91
N GLY B 164 -48.22 3.57 23.55
CA GLY B 164 -47.33 4.55 22.99
C GLY B 164 -46.15 4.90 23.85
N MET B 165 -46.25 4.71 25.17
CA MET B 165 -45.16 5.03 26.09
C MET B 165 -44.51 3.72 26.58
N GLN B 166 -43.18 3.75 26.73
CA GLN B 166 -42.39 2.60 27.16
C GLN B 166 -42.67 2.26 28.62
N THR B 167 -43.23 1.09 28.89
CA THR B 167 -43.41 0.78 30.28
C THR B 167 -42.44 -0.33 30.62
N SER B 168 -42.83 -1.22 31.52
CA SER B 168 -41.97 -2.30 31.99
C SER B 168 -42.84 -3.43 32.49
N LEU B 169 -42.37 -4.67 32.34
CA LEU B 169 -43.16 -5.82 32.76
C LEU B 169 -43.61 -5.68 34.19
N ASP B 170 -42.88 -4.91 35.00
CA ASP B 170 -43.30 -4.72 36.37
C ASP B 170 -44.56 -3.86 36.43
N VAL B 171 -44.61 -2.79 35.64
CA VAL B 171 -45.81 -1.96 35.56
C VAL B 171 -46.97 -2.74 34.95
N VAL B 172 -46.72 -3.40 33.82
CA VAL B 172 -47.74 -4.14 33.08
C VAL B 172 -48.49 -5.13 33.97
N ALA B 173 -47.84 -5.62 35.03
CA ALA B 173 -48.47 -6.55 35.96
C ALA B 173 -49.43 -5.86 36.94
N THR B 174 -49.28 -4.56 37.16
CA THR B 174 -50.25 -3.79 37.94
C THR B 174 -51.49 -3.42 37.14
N MET B 175 -51.49 -3.60 35.80
CA MET B 175 -52.65 -3.33 34.97
C MET B 175 -53.55 -4.54 34.89
N ASN B 176 -54.76 -4.32 34.37
CA ASN B 176 -55.75 -5.38 34.25
C ASN B 176 -55.75 -5.93 32.83
N PRO B 177 -55.55 -7.24 32.61
CA PRO B 177 -55.51 -7.73 31.23
C PRO B 177 -56.84 -7.57 30.49
N ASN B 178 -57.98 -7.70 31.17
CA ASN B 178 -59.22 -7.46 30.46
C ASN B 178 -59.27 -6.05 29.89
N ASP B 179 -58.28 -5.21 30.18
CA ASP B 179 -58.10 -3.94 29.51
C ASP B 179 -57.34 -4.07 28.19
N PHE B 180 -56.66 -5.19 27.96
CA PHE B 180 -55.82 -5.31 26.78
C PHE B 180 -56.62 -5.76 25.54
N GLU B 181 -56.48 -4.98 24.48
CA GLU B 181 -57.15 -5.20 23.21
C GLU B 181 -56.38 -6.17 22.33
N SER B 182 -55.09 -5.95 22.12
CA SER B 182 -54.27 -6.80 21.27
C SER B 182 -52.81 -6.59 21.64
N MET B 183 -51.98 -7.54 21.24
CA MET B 183 -50.54 -7.40 21.38
C MET B 183 -49.91 -7.59 20.02
N SER B 184 -49.01 -6.69 19.64
CA SER B 184 -48.29 -6.82 18.38
C SER B 184 -46.80 -7.00 18.65
N VAL B 185 -46.20 -8.00 18.03
CA VAL B 185 -44.78 -8.29 18.15
C VAL B 185 -44.10 -7.86 16.87
N LEU B 186 -43.23 -6.88 16.96
CA LEU B 186 -42.62 -6.36 15.74
C LEU B 186 -41.20 -6.93 15.62
N LYS B 187 -41.06 -8.04 14.87
CA LYS B 187 -39.83 -8.82 14.93
C LYS B 187 -38.80 -8.54 13.85
N ASP B 188 -39.10 -7.77 12.81
CA ASP B 188 -37.99 -7.47 11.91
C ASP B 188 -37.49 -6.05 12.18
N ALA B 189 -36.79 -5.46 11.22
CA ALA B 189 -36.20 -4.17 11.49
C ALA B 189 -36.86 -3.04 10.74
N SER B 190 -37.80 -3.34 9.86
CA SER B 190 -38.54 -2.26 9.22
C SER B 190 -39.72 -1.83 10.05
N ALA B 191 -40.34 -2.76 10.80
CA ALA B 191 -41.43 -2.39 11.70
C ALA B 191 -40.92 -1.49 12.81
N THR B 192 -39.81 -1.88 13.42
CA THR B 192 -39.17 -1.13 14.50
C THR B 192 -38.19 -0.15 13.88
N SER B 193 -38.72 0.97 13.38
CA SER B 193 -37.89 1.97 12.75
C SER B 193 -38.23 3.38 13.21
N ILE B 194 -39.27 3.53 14.04
CA ILE B 194 -39.61 4.79 14.71
C ILE B 194 -39.19 4.76 16.15
N TYR B 195 -38.79 3.60 16.66
CA TYR B 195 -38.41 3.45 18.06
C TYR B 195 -36.91 3.67 18.23
N GLY B 196 -36.49 3.75 19.49
CA GLY B 196 -35.09 4.06 19.73
C GLY B 196 -34.54 3.94 21.14
N ALA B 197 -34.36 2.71 21.60
CA ALA B 197 -33.76 2.50 22.91
C ALA B 197 -33.06 1.15 22.96
N ARG B 198 -33.81 0.12 22.59
CA ARG B 198 -33.30 -1.22 22.41
C ARG B 198 -34.18 -1.96 21.40
N ALA B 199 -34.58 -1.27 20.34
CA ALA B 199 -35.43 -1.93 19.34
C ALA B 199 -34.69 -3.04 18.61
N ALA B 200 -33.39 -3.15 18.84
CA ALA B 200 -32.65 -4.25 18.29
C ALA B 200 -33.28 -5.60 18.65
N ASN B 201 -33.92 -5.72 19.82
CA ASN B 201 -34.55 -6.98 20.17
C ASN B 201 -36.02 -7.05 19.75
N GLY B 202 -36.44 -6.21 18.82
CA GLY B 202 -37.85 -6.14 18.46
C GLY B 202 -38.54 -5.18 19.37
N VAL B 203 -39.86 -5.00 19.16
CA VAL B 203 -40.68 -4.37 20.18
C VAL B 203 -41.94 -5.19 20.36
N VAL B 204 -42.60 -4.93 21.46
CA VAL B 204 -43.84 -5.59 21.83
C VAL B 204 -44.81 -4.51 22.20
N PHE B 205 -45.92 -4.43 21.46
CA PHE B 205 -46.82 -3.30 21.50
C PHE B 205 -48.16 -3.75 22.01
N ILE B 206 -48.58 -3.19 23.14
CA ILE B 206 -49.86 -3.47 23.76
C ILE B 206 -50.77 -2.29 23.50
N GLN B 207 -52.00 -2.59 23.08
CA GLN B 207 -53.05 -1.59 22.87
C GLN B 207 -54.21 -1.90 23.80
N THR B 208 -54.68 -0.90 24.51
CA THR B 208 -55.79 -1.07 25.43
C THR B 208 -57.12 -0.79 24.74
N LYS B 209 -58.14 -1.51 25.21
CA LYS B 209 -59.49 -1.35 24.71
C LYS B 209 -59.96 0.10 24.72
N LYS B 210 -60.64 0.48 23.65
CA LYS B 210 -61.44 1.70 23.59
C LYS B 210 -62.82 1.31 23.06
N GLY B 211 -63.87 1.72 23.77
CA GLY B 211 -65.18 1.17 23.51
C GLY B 211 -65.65 1.54 22.11
N LYS B 212 -66.26 0.56 21.43
CA LYS B 212 -66.93 0.79 20.15
C LYS B 212 -68.07 1.79 20.34
N MET B 213 -68.28 2.66 19.34
CA MET B 213 -69.14 3.83 19.55
C MET B 213 -70.60 3.43 19.72
N SER B 214 -71.18 2.71 18.75
CA SER B 214 -72.56 2.25 18.82
C SER B 214 -73.46 3.38 19.30
N GLU B 215 -74.42 3.03 20.16
CA GLU B 215 -75.37 4.01 20.63
C GLU B 215 -75.99 3.59 21.95
N ARG B 216 -75.65 2.39 22.44
CA ARG B 216 -76.11 2.01 23.77
C ARG B 216 -74.91 1.86 24.68
N GLY B 217 -74.91 0.82 25.48
CA GLY B 217 -73.85 0.65 26.42
C GLY B 217 -73.73 -0.79 26.85
N ARG B 218 -72.48 -1.23 26.97
CA ARG B 218 -72.13 -2.57 27.41
C ARG B 218 -71.53 -2.51 28.80
N ILE B 219 -71.78 -3.58 29.56
CA ILE B 219 -71.36 -3.66 30.96
C ILE B 219 -71.11 -5.12 31.29
N THR B 220 -69.85 -5.47 31.53
CA THR B 220 -69.52 -6.85 31.79
C THR B 220 -68.87 -7.03 33.16
N PHE B 221 -69.03 -8.25 33.68
CA PHE B 221 -68.70 -8.61 35.04
C PHE B 221 -68.05 -9.96 35.02
N ASN B 222 -66.84 -10.05 35.56
CA ASN B 222 -66.11 -11.30 35.60
C ASN B 222 -65.79 -11.66 37.04
N ALA B 223 -65.67 -12.96 37.29
CA ALA B 223 -65.44 -13.44 38.64
C ALA B 223 -65.03 -14.91 38.63
N SER B 224 -63.77 -15.17 39.00
CA SER B 224 -63.22 -16.51 38.97
C SER B 224 -62.45 -16.82 40.24
N TYR B 225 -62.37 -18.12 40.55
CA TYR B 225 -61.66 -18.63 41.72
C TYR B 225 -60.88 -19.88 41.34
N GLY B 226 -59.78 -20.10 42.06
CA GLY B 226 -58.96 -21.28 41.81
C GLY B 226 -57.86 -21.50 42.83
N ILE B 227 -57.08 -22.56 42.59
CA ILE B 227 -55.97 -22.96 43.45
C ILE B 227 -54.72 -23.27 42.62
N SER B 228 -53.54 -23.06 43.25
CA SER B 228 -52.22 -23.44 42.74
C SER B 228 -51.80 -24.71 43.46
N GLN B 229 -51.34 -25.70 42.71
CA GLN B 229 -50.78 -26.91 43.30
C GLN B 229 -49.35 -27.04 42.78
N ILE B 230 -48.85 -28.24 42.63
CA ILE B 230 -47.46 -28.38 42.23
C ILE B 230 -47.39 -29.57 41.28
N LEU B 231 -46.64 -29.42 40.18
CA LEU B 231 -46.76 -30.41 39.10
C LEU B 231 -45.95 -31.68 39.38
N ASN B 232 -44.65 -31.54 39.67
CA ASN B 232 -43.80 -32.72 39.77
C ASN B 232 -43.63 -33.24 41.19
N THR B 233 -43.90 -34.55 41.37
CA THR B 233 -43.61 -35.29 42.58
C THR B 233 -42.51 -36.32 42.39
N LYS B 234 -42.17 -36.63 41.13
CA LYS B 234 -41.26 -37.73 40.85
C LYS B 234 -39.92 -37.64 41.61
N PRO B 235 -39.32 -36.45 41.82
CA PRO B 235 -38.04 -36.40 42.53
C PRO B 235 -37.98 -37.18 43.85
N LEU B 236 -39.04 -37.18 44.64
CA LEU B 236 -38.96 -37.87 45.91
C LEU B 236 -39.56 -39.26 45.85
N ASP B 237 -39.58 -39.88 44.69
CA ASP B 237 -40.12 -41.22 44.63
C ASP B 237 -39.06 -42.29 44.91
N ASN B 238 -37.80 -41.90 45.09
CA ASN B 238 -36.74 -42.87 45.23
C ASN B 238 -35.62 -42.30 46.10
N MET B 239 -35.98 -41.87 47.30
CA MET B 239 -34.97 -41.41 48.25
C MET B 239 -35.10 -42.21 49.53
N MET B 240 -33.96 -42.51 50.11
CA MET B 240 -33.90 -43.38 51.27
C MET B 240 -34.88 -42.92 52.34
N THR B 241 -35.34 -43.86 53.14
CA THR B 241 -36.32 -43.56 54.15
C THR B 241 -35.65 -43.29 55.49
N GLY B 242 -36.42 -43.42 56.57
CA GLY B 242 -35.95 -43.15 57.91
C GLY B 242 -34.71 -43.95 58.20
N ASP B 243 -34.89 -45.22 58.50
CA ASP B 243 -33.70 -46.01 58.81
C ASP B 243 -33.00 -46.53 57.57
N GLU B 244 -33.55 -46.29 56.38
CA GLU B 244 -32.79 -46.61 55.17
C GLU B 244 -31.47 -45.84 55.14
N LEU B 245 -31.49 -44.53 55.41
CA LEU B 245 -30.21 -43.85 55.35
C LEU B 245 -29.46 -43.89 56.66
N LEU B 246 -30.07 -44.28 57.79
CA LEU B 246 -29.22 -44.52 58.95
C LEU B 246 -28.17 -45.57 58.64
N ASP B 247 -28.61 -46.77 58.23
CA ASP B 247 -27.63 -47.80 57.91
C ASP B 247 -26.69 -47.32 56.82
N PHE B 248 -27.15 -46.47 55.91
CA PHE B 248 -26.21 -45.87 54.97
C PHE B 248 -25.15 -45.06 55.71
N GLN B 249 -25.58 -44.21 56.67
CA GLN B 249 -24.66 -43.37 57.44
C GLN B 249 -23.74 -44.19 58.33
N VAL B 250 -24.29 -45.18 59.04
CA VAL B 250 -23.48 -45.99 59.96
C VAL B 250 -22.41 -46.73 59.17
N LYS B 251 -22.82 -47.41 58.10
CA LYS B 251 -21.89 -48.23 57.36
C LYS B 251 -20.75 -47.39 56.80
N ALA B 252 -21.00 -46.15 56.43
CA ALA B 252 -19.89 -45.32 55.96
C ALA B 252 -19.24 -44.57 57.10
N GLY B 253 -19.57 -44.93 58.34
CA GLY B 253 -18.92 -44.43 59.56
C GLY B 253 -18.92 -42.93 59.71
N PHE B 254 -19.89 -42.32 59.07
CA PHE B 254 -20.05 -40.89 59.21
C PHE B 254 -20.26 -40.51 60.66
N TRP B 255 -20.98 -41.36 61.41
CA TRP B 255 -21.08 -41.32 62.88
C TRP B 255 -20.14 -42.37 63.45
N GLY B 256 -19.08 -41.93 64.08
CA GLY B 256 -18.20 -42.83 64.79
C GLY B 256 -17.38 -43.71 63.87
N ASN B 257 -16.35 -44.35 64.41
CA ASN B 257 -15.54 -45.22 63.61
C ASN B 257 -16.12 -46.62 63.65
N ASN B 258 -16.37 -47.13 64.83
CA ASN B 258 -17.11 -48.37 64.97
C ASN B 258 -18.22 -48.11 65.97
N GLN B 259 -19.45 -48.19 65.48
CA GLN B 259 -20.71 -47.89 66.13
C GLN B 259 -21.83 -48.71 65.50
N THR B 260 -22.88 -48.96 66.27
CA THR B 260 -24.02 -49.72 65.78
C THR B 260 -25.21 -48.79 65.58
N VAL B 261 -26.07 -49.13 64.63
CA VAL B 261 -27.21 -48.29 64.27
C VAL B 261 -27.98 -47.80 65.49
N GLN B 262 -28.12 -48.63 66.52
CA GLN B 262 -28.83 -48.19 67.71
C GLN B 262 -28.01 -47.21 68.54
N LYS B 263 -26.72 -47.51 68.76
CA LYS B 263 -25.86 -46.54 69.44
C LYS B 263 -26.02 -45.18 68.80
N VAL B 264 -26.11 -45.14 67.46
CA VAL B 264 -26.15 -43.86 66.74
C VAL B 264 -27.46 -43.13 66.93
N LYS B 265 -28.41 -43.73 67.53
CA LYS B 265 -29.68 -43.07 67.72
C LYS B 265 -30.11 -43.22 69.14
N ASP B 266 -29.93 -44.43 69.70
CA ASP B 266 -30.43 -44.86 70.99
C ASP B 266 -30.43 -43.67 71.90
N MET B 267 -29.31 -42.95 71.91
CA MET B 267 -29.38 -41.64 72.50
C MET B 267 -28.55 -40.58 71.80
N ILE B 268 -27.62 -40.88 70.85
CA ILE B 268 -26.79 -39.76 70.35
C ILE B 268 -27.69 -38.63 69.89
N LEU B 269 -28.73 -38.93 69.13
CA LEU B 269 -29.63 -37.85 68.78
C LEU B 269 -31.05 -38.01 69.30
N ALA B 270 -31.56 -39.23 69.50
CA ALA B 270 -32.80 -39.30 70.27
C ALA B 270 -32.61 -38.72 71.67
N GLY B 271 -31.36 -38.66 72.15
CA GLY B 271 -31.07 -38.03 73.43
C GLY B 271 -30.65 -36.58 73.30
N ALA B 272 -31.03 -35.89 72.23
CA ALA B 272 -31.01 -34.43 72.28
C ALA B 272 -32.42 -33.88 72.46
N GLU B 273 -33.17 -34.60 73.30
CA GLU B 273 -34.18 -34.00 74.16
C GLU B 273 -33.59 -33.08 75.22
N ASP B 274 -32.28 -33.19 75.51
CA ASP B 274 -31.67 -32.23 76.42
C ASP B 274 -31.78 -30.83 75.84
N LEU B 275 -31.90 -30.69 74.52
CA LEU B 275 -32.10 -29.36 73.97
C LEU B 275 -33.48 -28.83 74.32
N TYR B 276 -34.51 -29.61 74.01
CA TYR B 276 -35.87 -29.15 74.22
C TYR B 276 -36.16 -28.84 75.69
N GLY B 277 -35.47 -29.52 76.62
CA GLY B 277 -35.79 -29.25 78.00
C GLY B 277 -35.16 -28.00 78.55
N ASN B 278 -34.46 -27.23 77.72
CA ASN B 278 -33.92 -25.95 78.16
C ASN B 278 -34.79 -24.80 77.74
N TYR B 279 -35.83 -25.06 76.97
CA TYR B 279 -36.75 -24.01 76.53
C TYR B 279 -38.06 -24.19 77.28
N ASP B 280 -38.53 -23.13 77.94
CA ASP B 280 -39.70 -23.27 78.79
C ASP B 280 -40.94 -23.70 78.01
N SER B 281 -41.04 -23.33 76.74
CA SER B 281 -42.20 -23.72 75.93
C SER B 281 -42.28 -25.23 75.82
N LEU B 282 -41.24 -25.81 75.28
CA LEU B 282 -41.20 -27.18 74.85
C LEU B 282 -40.55 -28.12 75.87
N LYS B 283 -40.27 -27.63 77.08
CA LYS B 283 -39.60 -28.46 78.08
C LYS B 283 -40.47 -29.64 78.49
N ASP B 284 -41.77 -29.42 78.61
CA ASP B 284 -42.67 -30.47 79.01
C ASP B 284 -43.71 -30.73 77.91
N GLU B 285 -43.29 -30.57 76.66
CA GLU B 285 -44.10 -31.00 75.54
C GLU B 285 -43.28 -31.88 74.61
N TYR B 286 -42.05 -32.21 75.02
CA TYR B 286 -41.23 -33.19 74.33
C TYR B 286 -41.60 -34.55 74.88
N GLY B 287 -42.05 -35.45 74.01
CA GLY B 287 -42.59 -36.69 74.46
C GLY B 287 -44.06 -36.63 74.76
N LYS B 288 -44.59 -35.44 75.03
CA LYS B 288 -46.04 -35.33 75.18
C LYS B 288 -46.66 -35.20 73.79
N THR B 289 -46.71 -33.97 73.27
CA THR B 289 -47.39 -33.67 72.03
C THR B 289 -46.44 -33.57 70.86
N LEU B 290 -45.16 -33.73 71.09
CA LEU B 290 -44.20 -33.23 70.12
C LEU B 290 -42.93 -34.07 70.16
N PHE B 291 -42.75 -34.92 69.14
CA PHE B 291 -41.52 -35.67 68.91
C PHE B 291 -40.81 -35.12 67.67
N PRO B 292 -39.57 -34.70 67.79
CA PRO B 292 -38.94 -34.02 66.67
C PRO B 292 -37.90 -34.90 65.98
N VAL B 293 -37.68 -36.08 66.59
CA VAL B 293 -36.87 -37.17 66.08
C VAL B 293 -37.66 -38.44 66.26
N ASP B 294 -37.64 -39.30 65.25
CA ASP B 294 -38.38 -40.54 65.35
C ASP B 294 -37.97 -41.42 64.18
N PHE B 295 -37.31 -42.54 64.49
CA PHE B 295 -36.79 -43.47 63.51
C PHE B 295 -37.80 -44.51 63.06
N ASN B 296 -39.07 -44.34 63.42
CA ASN B 296 -40.14 -45.22 62.95
C ASN B 296 -40.91 -44.50 61.85
N HIS B 297 -42.04 -43.88 62.18
CA HIS B 297 -42.82 -43.13 61.20
C HIS B 297 -42.08 -41.90 60.69
N ASP B 298 -41.36 -42.04 59.57
CA ASP B 298 -40.67 -40.90 58.99
C ASP B 298 -41.65 -39.93 58.34
N ALA B 299 -41.29 -38.65 58.35
CA ALA B 299 -42.20 -37.54 58.08
C ALA B 299 -42.18 -37.13 56.63
N ASP B 300 -43.14 -36.29 56.28
CA ASP B 300 -43.35 -35.83 54.91
C ASP B 300 -42.80 -34.41 54.81
N TRP B 301 -41.59 -34.26 54.27
CA TRP B 301 -40.99 -32.93 54.24
C TRP B 301 -41.56 -32.03 53.14
N LEU B 302 -42.22 -32.63 52.15
CA LEU B 302 -42.80 -31.85 51.08
C LEU B 302 -44.01 -31.05 51.57
N LYS B 303 -44.94 -31.72 52.26
CA LYS B 303 -46.07 -31.01 52.84
C LYS B 303 -45.61 -30.08 53.95
N ALA B 304 -44.47 -30.37 54.56
CA ALA B 304 -43.93 -29.46 55.55
C ALA B 304 -43.43 -28.16 54.93
N LEU B 305 -43.07 -28.16 53.65
CA LEU B 305 -42.49 -26.96 53.03
C LEU B 305 -43.29 -26.37 51.84
N PHE B 306 -44.39 -27.00 51.38
CA PHE B 306 -45.21 -26.52 50.27
C PHE B 306 -46.70 -26.78 50.49
N LYS B 307 -47.56 -25.85 50.03
CA LYS B 307 -49.01 -25.88 50.29
C LYS B 307 -49.82 -25.60 49.02
N THR B 308 -51.10 -25.97 49.05
CA THR B 308 -52.03 -25.59 47.99
C THR B 308 -52.61 -24.23 48.29
N ALA B 309 -52.40 -23.26 47.39
CA ALA B 309 -52.65 -21.85 47.71
C ALA B 309 -53.69 -21.23 46.78
N PRO B 310 -54.67 -20.52 47.33
CA PRO B 310 -55.80 -20.02 46.55
C PRO B 310 -55.46 -18.75 45.79
N THR B 311 -56.13 -18.58 44.63
CA THR B 311 -56.01 -17.44 43.74
C THR B 311 -57.40 -16.95 43.36
N SER B 312 -57.62 -15.63 43.36
CA SER B 312 -58.95 -15.05 43.19
C SER B 312 -58.89 -13.73 42.42
N GLN B 313 -59.78 -13.53 41.43
CA GLN B 313 -59.85 -12.26 40.70
C GLN B 313 -61.25 -11.99 40.17
N GLY B 314 -61.49 -10.73 39.83
CA GLY B 314 -62.79 -10.25 39.41
C GLY B 314 -62.72 -8.85 38.82
N ASP B 315 -63.69 -8.55 37.98
CA ASP B 315 -63.56 -7.39 37.12
C ASP B 315 -64.94 -6.84 36.82
N ILE B 316 -65.06 -5.52 36.76
CA ILE B 316 -66.24 -4.84 36.20
C ILE B 316 -65.80 -3.73 35.26
N SER B 317 -66.45 -3.66 34.09
CA SER B 317 -65.99 -2.79 33.02
C SER B 317 -67.11 -2.29 32.13
N PHE B 318 -67.07 -0.98 31.80
CA PHE B 318 -68.08 -0.29 31.01
C PHE B 318 -67.45 0.33 29.75
N SER B 319 -68.17 0.19 28.63
CA SER B 319 -67.75 0.77 27.35
C SER B 319 -68.97 1.29 26.62
N GLY B 320 -68.71 2.08 25.60
CA GLY B 320 -69.78 2.80 24.93
C GLY B 320 -69.27 4.12 24.39
N GLY B 321 -70.14 4.75 23.62
CA GLY B 321 -69.72 5.91 22.87
C GLY B 321 -70.91 6.51 22.16
N SER B 322 -70.64 7.53 21.38
CA SER B 322 -71.79 8.32 21.02
C SER B 322 -71.61 8.98 19.66
N GLN B 323 -71.40 10.29 19.62
CA GLN B 323 -71.23 10.88 18.30
C GLN B 323 -69.79 10.66 17.91
N GLY B 324 -68.93 11.58 18.29
CA GLY B 324 -67.53 11.40 17.99
C GLY B 324 -66.63 11.14 19.18
N THR B 325 -67.17 10.51 20.24
CA THR B 325 -66.46 10.39 21.51
C THR B 325 -66.68 9.00 22.07
N SER B 326 -65.60 8.42 22.59
CA SER B 326 -65.56 7.04 23.08
C SER B 326 -64.95 7.00 24.47
N TYR B 327 -65.36 5.99 25.23
CA TYR B 327 -64.80 5.78 26.54
C TYR B 327 -64.75 4.28 26.83
N TYR B 328 -63.66 3.87 27.47
CA TYR B 328 -63.51 2.59 28.14
C TYR B 328 -63.24 2.86 29.61
N ALA B 329 -63.71 1.95 30.44
CA ALA B 329 -63.59 2.10 31.87
C ALA B 329 -63.73 0.74 32.51
N SER B 330 -62.88 0.45 33.49
CA SER B 330 -62.87 -0.81 34.19
C SER B 330 -62.40 -0.58 35.62
N ILE B 331 -62.82 -1.47 36.53
CA ILE B 331 -62.23 -1.59 37.85
C ILE B 331 -62.14 -3.07 38.16
N GLY B 332 -61.09 -3.47 38.88
CA GLY B 332 -60.91 -4.88 39.15
C GLY B 332 -59.84 -5.14 40.20
N TYR B 333 -59.89 -6.36 40.74
CA TYR B 333 -58.96 -6.82 41.74
C TYR B 333 -58.37 -8.18 41.36
N PHE B 334 -57.18 -8.45 41.92
CA PHE B 334 -56.43 -9.67 41.68
C PHE B 334 -55.68 -10.03 42.95
N ASP B 335 -55.65 -11.34 43.29
CA ASP B 335 -55.05 -11.86 44.52
C ASP B 335 -54.59 -13.32 44.33
N GLN B 336 -53.30 -13.50 44.02
CA GLN B 336 -52.69 -14.82 43.84
C GLN B 336 -51.73 -15.08 44.98
N GLU B 337 -51.81 -16.27 45.55
CA GLU B 337 -50.98 -16.62 46.70
C GLU B 337 -50.07 -17.76 46.33
N GLY B 338 -48.78 -17.62 46.68
CA GLY B 338 -47.77 -18.58 46.25
C GLY B 338 -47.90 -19.94 46.91
N MET B 339 -47.56 -20.96 46.14
CA MET B 339 -47.70 -22.31 46.65
C MET B 339 -46.60 -22.67 47.64
N ALA B 340 -45.51 -21.91 47.66
CA ALA B 340 -44.48 -22.16 48.64
C ALA B 340 -44.96 -21.76 50.03
N ARG B 341 -44.71 -22.64 51.00
CA ARG B 341 -45.06 -22.34 52.38
C ARG B 341 -44.23 -21.18 52.91
N GLU B 342 -43.00 -21.05 52.42
CA GLU B 342 -42.25 -19.83 52.57
C GLU B 342 -43.03 -18.74 51.86
N PRO B 343 -43.49 -17.71 52.57
CA PRO B 343 -44.52 -16.82 52.03
C PRO B 343 -44.08 -16.03 50.82
N ALA B 344 -45.01 -15.98 49.84
CA ALA B 344 -44.92 -15.28 48.56
C ALA B 344 -46.33 -15.03 48.06
N ASN B 345 -46.57 -13.85 47.47
CA ASN B 345 -47.90 -13.50 46.95
C ASN B 345 -47.85 -12.21 46.12
N PHE B 346 -48.95 -11.94 45.41
CA PHE B 346 -49.11 -10.74 44.56
C PHE B 346 -50.58 -10.36 44.47
N LYS B 347 -50.92 -9.09 44.76
CA LYS B 347 -52.31 -8.64 44.66
C LYS B 347 -52.42 -7.15 44.32
N ARG B 348 -53.30 -6.82 43.36
CA ARG B 348 -53.47 -5.47 42.83
C ARG B 348 -54.94 -5.11 42.80
N TYR B 349 -55.19 -3.80 42.88
CA TYR B 349 -56.53 -3.24 42.75
C TYR B 349 -56.41 -2.23 41.62
N SER B 350 -57.13 -2.49 40.51
CA SER B 350 -56.89 -1.89 39.21
C SER B 350 -57.99 -0.92 38.84
N GLY B 351 -57.62 0.22 38.27
CA GLY B 351 -58.59 1.12 37.66
C GLY B 351 -58.09 1.66 36.33
N ARG B 352 -59.03 1.93 35.40
CA ARG B 352 -58.66 2.40 34.06
C ARG B 352 -59.81 3.20 33.44
N LEU B 353 -59.49 4.38 32.91
CA LEU B 353 -60.47 5.20 32.19
C LEU B 353 -59.79 5.69 30.92
N ASN B 354 -60.31 5.21 29.78
CA ASN B 354 -59.80 5.51 28.45
C ASN B 354 -60.83 6.39 27.74
N PHE B 355 -60.37 7.38 26.97
CA PHE B 355 -61.23 8.41 26.40
C PHE B 355 -60.57 9.08 25.19
N GLU B 356 -61.38 9.32 24.15
CA GLU B 356 -60.89 10.05 23.00
C GLU B 356 -62.09 10.69 22.32
N SER B 357 -61.88 11.88 21.75
CA SER B 357 -62.99 12.70 21.24
C SER B 357 -62.57 13.57 20.07
N ARG B 358 -63.45 13.66 19.07
CA ARG B 358 -63.26 14.59 17.96
C ARG B 358 -63.88 15.92 18.34
N ILE B 359 -63.04 16.92 18.59
CA ILE B 359 -63.52 18.23 19.01
C ILE B 359 -64.20 18.95 17.85
N ASN B 360 -63.50 19.10 16.73
CA ASN B 360 -64.06 19.61 15.49
C ASN B 360 -63.40 18.87 14.32
N GLU B 361 -63.46 19.48 13.12
CA GLU B 361 -62.87 18.88 11.92
C GLU B 361 -61.47 19.38 11.70
N TRP B 362 -60.75 19.66 12.78
CA TRP B 362 -59.45 20.27 12.68
C TRP B 362 -58.66 19.90 13.93
N LEU B 363 -59.36 19.40 14.95
CA LEU B 363 -58.75 19.06 16.22
C LEU B 363 -59.48 17.87 16.84
N LYS B 364 -58.71 17.01 17.51
CA LYS B 364 -59.23 15.79 18.08
C LYS B 364 -58.21 15.28 19.07
N VAL B 365 -58.69 14.94 20.27
CA VAL B 365 -57.86 14.67 21.42
C VAL B 365 -58.32 13.41 22.14
N GLY B 366 -57.43 12.91 22.99
CA GLY B 366 -57.66 11.69 23.72
C GLY B 366 -56.76 11.59 24.93
N ALA B 367 -57.04 10.58 25.71
CA ALA B 367 -56.41 10.42 26.99
C ALA B 367 -56.83 9.08 27.58
N ASN B 368 -55.88 8.28 28.06
CA ASN B 368 -56.22 7.06 28.79
C ASN B 368 -55.36 6.93 30.03
N LEU B 369 -56.04 6.81 31.17
CA LEU B 369 -55.47 6.93 32.49
C LEU B 369 -55.63 5.60 33.22
N SER B 370 -54.55 5.10 33.82
CA SER B 370 -54.60 3.87 34.61
C SER B 370 -53.87 4.03 35.94
N GLY B 371 -54.03 3.03 36.80
CA GLY B 371 -53.48 3.11 38.14
C GLY B 371 -53.86 1.93 39.00
N ALA B 372 -53.05 1.65 40.03
CA ALA B 372 -53.31 0.50 40.89
C ALA B 372 -52.64 0.68 42.23
N ILE B 373 -52.99 -0.24 43.11
CA ILE B 373 -52.54 -0.36 44.47
C ILE B 373 -52.22 -1.83 44.71
N ALA B 374 -50.90 -2.15 44.88
CA ALA B 374 -50.42 -3.53 44.85
C ALA B 374 -49.44 -3.89 45.97
N ASN B 375 -49.64 -5.08 46.53
CA ASN B 375 -48.81 -5.69 47.54
C ASN B 375 -48.07 -6.90 46.97
N ARG B 376 -46.78 -6.75 46.64
CA ARG B 376 -45.96 -7.88 46.19
C ARG B 376 -44.93 -8.27 47.25
N ARG B 377 -44.96 -9.54 47.64
CA ARG B 377 -44.02 -10.12 48.58
C ARG B 377 -43.43 -11.38 47.95
N SER B 378 -42.10 -11.46 47.90
CA SER B 378 -41.37 -12.47 47.11
C SER B 378 -40.54 -13.37 48.02
N ALA B 379 -40.76 -14.68 47.96
CA ALA B 379 -39.96 -15.64 48.73
C ALA B 379 -38.57 -15.82 48.14
N ASP B 380 -37.52 -15.58 48.93
CA ASP B 380 -36.20 -15.46 48.34
C ASP B 380 -35.09 -16.21 49.09
N TYR B 381 -35.41 -17.33 49.73
CA TYR B 381 -34.38 -18.32 50.04
C TYR B 381 -34.24 -19.34 48.92
N PHE B 382 -34.87 -19.10 47.77
CA PHE B 382 -34.83 -20.03 46.67
C PHE B 382 -33.66 -19.69 45.77
N GLY B 383 -33.09 -20.72 45.14
CA GLY B 383 -31.88 -20.55 44.36
C GLY B 383 -30.60 -20.53 45.17
N LYS B 384 -30.70 -20.89 46.44
CA LYS B 384 -29.60 -20.88 47.38
C LYS B 384 -29.75 -22.15 48.19
N TYR B 385 -28.64 -22.66 48.71
CA TYR B 385 -28.63 -23.95 49.39
C TYR B 385 -28.66 -23.73 50.90
N TYR B 386 -29.80 -24.05 51.53
CA TYR B 386 -29.97 -23.92 52.96
C TYR B 386 -30.58 -25.18 53.54
N MET B 387 -30.12 -25.55 54.74
CA MET B 387 -30.30 -26.92 55.21
C MET B 387 -31.73 -27.44 55.12
N GLY B 388 -32.72 -26.63 55.47
CA GLY B 388 -34.03 -27.26 55.48
C GLY B 388 -35.09 -26.45 54.77
N SER B 389 -34.75 -25.84 53.65
CA SER B 389 -35.64 -24.91 52.98
C SER B 389 -35.61 -25.10 51.48
N GLY B 390 -36.77 -24.93 50.85
CA GLY B 390 -36.86 -25.10 49.42
C GLY B 390 -37.03 -26.55 48.97
N THR B 391 -37.14 -26.69 47.64
CA THR B 391 -37.15 -28.02 47.03
C THR B 391 -35.91 -28.81 47.41
N PHE B 392 -34.76 -28.13 47.47
CA PHE B 392 -33.57 -28.77 48.01
C PHE B 392 -33.82 -29.34 49.39
N GLY B 393 -34.67 -28.69 50.17
CA GLY B 393 -34.97 -29.22 51.49
C GLY B 393 -35.85 -30.45 51.44
N VAL B 394 -36.86 -30.45 50.55
CA VAL B 394 -37.81 -31.56 50.56
C VAL B 394 -37.10 -32.87 50.20
N LEU B 395 -35.98 -32.81 49.50
CA LEU B 395 -35.23 -33.99 49.14
C LEU B 395 -34.14 -34.33 50.16
N THR B 396 -33.34 -33.33 50.60
CA THR B 396 -32.15 -33.62 51.41
C THR B 396 -32.46 -33.86 52.89
N MET B 397 -33.49 -33.24 53.45
CA MET B 397 -33.75 -33.40 54.89
C MET B 397 -34.01 -34.87 55.25
N PRO B 398 -33.28 -35.42 56.21
CA PRO B 398 -33.51 -36.82 56.59
C PRO B 398 -34.93 -37.06 57.03
N ARG B 399 -35.40 -38.28 56.77
CA ARG B 399 -36.77 -38.61 57.11
C ARG B 399 -36.92 -38.94 58.59
N TYR B 400 -35.83 -39.06 59.37
CA TYR B 400 -36.01 -39.24 60.80
C TYR B 400 -36.10 -37.92 61.55
N TYR B 401 -36.17 -36.78 60.85
CA TYR B 401 -36.44 -35.50 61.50
C TYR B 401 -37.87 -35.07 61.17
N ASN B 402 -38.65 -34.84 62.21
CA ASN B 402 -40.11 -34.72 62.19
C ASN B 402 -40.63 -33.35 62.59
N PRO B 403 -41.08 -32.54 61.67
CA PRO B 403 -41.54 -31.21 62.05
C PRO B 403 -43.02 -31.09 62.39
N PHE B 404 -43.68 -32.15 62.83
CA PHE B 404 -45.12 -32.10 63.09
C PHE B 404 -45.39 -32.45 64.55
N ASP B 405 -46.45 -31.87 65.12
CA ASP B 405 -46.89 -32.30 66.44
C ASP B 405 -47.64 -33.63 66.32
N VAL B 406 -48.10 -34.16 67.44
CA VAL B 406 -48.81 -35.44 67.40
C VAL B 406 -50.16 -35.37 66.69
N ASN B 407 -50.65 -34.16 66.38
CA ASN B 407 -51.91 -33.93 65.67
C ASN B 407 -51.76 -33.75 64.18
N GLY B 408 -50.59 -34.08 63.62
CA GLY B 408 -50.37 -33.88 62.20
C GLY B 408 -50.31 -32.43 61.77
N ASP B 409 -50.11 -31.53 62.71
CA ASP B 409 -50.01 -30.10 62.43
C ASP B 409 -48.56 -29.63 62.55
N LEU B 410 -48.23 -28.59 61.82
CA LEU B 410 -46.87 -28.10 61.81
C LEU B 410 -46.51 -27.54 63.17
N ALA B 411 -45.36 -27.97 63.68
CA ALA B 411 -44.84 -27.45 64.94
C ALA B 411 -44.19 -26.08 64.72
N ASP B 412 -43.84 -25.44 65.83
CA ASP B 412 -43.11 -24.19 65.75
C ASP B 412 -41.65 -24.38 65.42
N VAL B 413 -41.13 -25.59 65.60
CA VAL B 413 -39.70 -25.71 65.51
C VAL B 413 -39.34 -27.19 65.44
N TYR B 414 -38.31 -27.52 64.64
CA TYR B 414 -37.75 -28.87 64.54
C TYR B 414 -36.31 -28.87 65.02
N TYR B 415 -35.71 -30.06 64.92
CA TYR B 415 -34.38 -30.29 65.47
C TYR B 415 -33.51 -31.05 64.48
N MET B 416 -32.25 -30.63 64.39
CA MET B 416 -31.18 -31.34 63.69
C MET B 416 -30.37 -32.14 64.71
N TYR B 417 -29.03 -32.11 64.67
CA TYR B 417 -28.25 -32.74 65.73
C TYR B 417 -26.97 -31.93 65.91
N GLY B 418 -26.66 -31.64 67.16
CA GLY B 418 -25.61 -30.71 67.41
C GLY B 418 -26.05 -29.28 67.31
N ALA B 419 -27.35 -29.05 67.30
CA ALA B 419 -27.77 -27.66 67.13
C ALA B 419 -27.71 -26.94 68.46
N THR B 420 -27.61 -25.63 68.37
CA THR B 420 -27.62 -24.78 69.57
C THR B 420 -29.07 -24.44 69.88
N ARG B 421 -29.66 -23.64 69.03
CA ARG B 421 -30.97 -23.03 68.92
C ARG B 421 -31.83 -23.91 68.03
N PRO B 422 -33.02 -24.34 68.44
CA PRO B 422 -33.88 -25.05 67.52
C PRO B 422 -34.18 -24.19 66.31
N SER B 423 -34.24 -24.85 65.16
CA SER B 423 -34.49 -24.18 63.90
C SER B 423 -36.00 -24.05 63.70
N MET B 424 -36.46 -22.84 63.39
CA MET B 424 -37.89 -22.55 63.29
C MET B 424 -38.46 -22.92 61.92
N THR B 425 -39.68 -23.44 61.91
CA THR B 425 -40.38 -23.78 60.67
C THR B 425 -40.80 -22.52 59.91
N GLU B 426 -41.13 -22.71 58.60
CA GLU B 426 -41.35 -21.55 57.73
C GLU B 426 -42.61 -20.75 58.07
N PRO B 427 -43.66 -21.34 58.72
CA PRO B 427 -44.81 -20.52 59.15
C PRO B 427 -44.54 -19.66 60.38
N TYR B 428 -43.96 -20.30 61.40
CA TYR B 428 -43.57 -19.61 62.62
C TYR B 428 -42.45 -18.62 62.33
N PHE B 429 -41.49 -19.00 61.50
CA PHE B 429 -40.51 -18.00 61.04
C PHE B 429 -41.22 -16.78 60.45
N ALA B 430 -42.27 -17.00 59.65
CA ALA B 430 -42.95 -15.89 58.97
C ALA B 430 -43.61 -14.94 59.95
N LYS B 431 -44.19 -15.47 61.03
CA LYS B 431 -44.88 -14.60 61.96
C LYS B 431 -43.92 -13.91 62.93
N MET B 432 -42.70 -14.39 63.06
CA MET B 432 -41.66 -13.74 63.83
C MET B 432 -40.86 -12.72 63.02
N ARG B 433 -41.26 -12.47 61.79
CA ARG B 433 -40.46 -11.75 60.79
C ARG B 433 -41.37 -11.23 59.68
N PRO B 434 -42.16 -10.21 59.99
CA PRO B 434 -43.16 -9.73 59.04
C PRO B 434 -42.61 -8.78 57.98
N PHE B 435 -43.42 -8.64 56.91
CA PHE B 435 -43.11 -7.88 55.69
C PHE B 435 -44.39 -7.38 55.03
N SER B 436 -44.38 -6.12 54.55
CA SER B 436 -45.42 -5.59 53.68
C SER B 436 -44.84 -4.49 52.79
N SER B 437 -45.21 -4.51 51.48
CA SER B 437 -44.99 -3.38 50.57
C SER B 437 -46.33 -2.90 50.02
N GLU B 438 -46.38 -1.62 49.64
CA GLU B 438 -47.52 -1.00 48.99
C GLU B 438 -47.03 -0.02 47.94
N SER B 439 -47.33 -0.32 46.67
CA SER B 439 -46.94 0.47 45.52
C SER B 439 -48.16 1.25 45.06
N HIS B 440 -47.99 2.54 44.78
CA HIS B 440 -49.08 3.43 44.37
C HIS B 440 -48.81 3.87 42.93
N GLN B 441 -49.29 3.08 41.96
CA GLN B 441 -48.94 3.26 40.54
C GLN B 441 -49.96 4.10 39.83
N ALA B 442 -49.46 5.02 39.00
CA ALA B 442 -50.24 5.98 38.23
C ALA B 442 -49.68 6.09 36.81
N ASN B 443 -50.57 6.17 35.81
CA ASN B 443 -50.16 6.21 34.40
C ASN B 443 -51.08 7.17 33.65
N VAL B 444 -50.58 8.32 33.20
CA VAL B 444 -51.43 9.25 32.47
C VAL B 444 -50.86 9.41 31.07
N ASN B 445 -51.75 9.49 30.09
CA ASN B 445 -51.41 9.45 28.69
C ASN B 445 -52.43 10.30 27.97
N GLY B 446 -51.95 11.23 27.15
CA GLY B 446 -52.85 12.10 26.40
C GLY B 446 -52.31 12.38 25.01
N PHE B 447 -53.21 12.73 24.11
CA PHE B 447 -52.70 13.09 22.81
C PHE B 447 -53.60 14.13 22.15
N ALA B 448 -53.03 14.79 21.16
CA ALA B 448 -53.73 15.81 20.43
C ALA B 448 -53.27 15.69 19.00
N GLN B 449 -54.24 15.46 18.12
CA GLN B 449 -54.11 15.42 16.67
C GLN B 449 -54.62 16.74 16.13
N ILE B 450 -53.90 17.31 15.18
CA ILE B 450 -54.31 18.54 14.51
C ILE B 450 -54.09 18.32 13.02
N THR B 451 -55.14 18.48 12.22
CA THR B 451 -55.08 18.27 10.76
C THR B 451 -55.38 19.59 10.04
N PRO B 452 -54.39 20.48 9.90
CA PRO B 452 -54.66 21.74 9.19
C PRO B 452 -55.22 21.58 7.79
N ILE B 453 -54.46 21.00 6.86
CA ILE B 453 -54.77 21.05 5.43
C ILE B 453 -54.71 19.66 4.79
N LYS B 454 -55.84 18.94 4.76
CA LYS B 454 -55.89 17.68 4.00
C LYS B 454 -54.88 16.65 4.50
N GLY B 455 -53.70 16.68 3.89
CA GLY B 455 -52.74 15.61 4.10
C GLY B 455 -52.02 15.51 5.42
N LEU B 456 -51.50 16.61 5.99
CA LEU B 456 -50.70 16.48 7.22
C LEU B 456 -51.57 16.32 8.45
N THR B 457 -51.03 15.56 9.39
CA THR B 457 -51.71 15.23 10.63
C THR B 457 -50.66 15.50 11.70
N LEU B 458 -50.69 16.69 12.26
CA LEU B 458 -49.79 16.98 13.34
C LEU B 458 -50.35 16.32 14.60
N LYS B 459 -49.48 15.67 15.37
CA LYS B 459 -49.89 14.89 16.53
C LYS B 459 -48.82 15.01 17.61
N ALA B 460 -49.19 15.66 18.72
CA ALA B 460 -48.36 15.75 19.92
C ALA B 460 -48.86 14.79 21.01
N GLN B 461 -47.93 14.10 21.64
CA GLN B 461 -48.26 13.13 22.66
C GLN B 461 -47.29 13.28 23.83
N ALA B 462 -47.82 13.11 25.04
CA ALA B 462 -47.07 13.18 26.29
C ALA B 462 -47.67 12.21 27.29
N GLY B 463 -46.88 11.86 28.28
CA GLY B 463 -47.37 10.99 29.33
C GLY B 463 -46.36 10.98 30.46
N VAL B 464 -46.79 10.43 31.59
CA VAL B 464 -46.01 10.41 32.81
C VAL B 464 -46.29 9.10 33.56
N ASP B 465 -45.25 8.56 34.20
CA ASP B 465 -45.38 7.33 34.98
C ASP B 465 -44.73 7.53 36.34
N ILE B 466 -45.57 7.58 37.39
CA ILE B 466 -45.20 7.78 38.78
C ILE B 466 -45.43 6.47 39.51
N THR B 467 -44.47 6.06 40.34
CA THR B 467 -44.70 4.87 41.17
C THR B 467 -43.92 5.03 42.47
N ASN B 468 -44.62 5.45 43.55
CA ASN B 468 -44.11 5.46 44.91
C ASN B 468 -44.51 4.22 45.66
N THR B 469 -43.51 3.47 46.09
CA THR B 469 -43.65 2.25 46.85
C THR B 469 -43.05 2.51 48.21
N ARG B 470 -43.45 1.70 49.17
CA ARG B 470 -43.18 2.01 50.55
C ARG B 470 -43.23 0.67 51.29
N THR B 471 -42.19 0.36 52.10
CA THR B 471 -42.05 -1.01 52.59
C THR B 471 -41.38 -1.14 53.97
N SER B 472 -42.00 -1.97 54.80
CA SER B 472 -41.74 -2.14 56.23
C SER B 472 -41.46 -3.60 56.53
N SER B 473 -40.55 -3.83 57.47
CA SER B 473 -40.09 -5.17 57.83
C SER B 473 -39.51 -5.12 59.24
N LYS B 474 -39.86 -6.13 60.06
CA LYS B 474 -39.54 -6.21 61.49
C LYS B 474 -38.96 -7.57 61.84
N ARG B 475 -38.09 -7.55 62.84
CA ARG B 475 -37.64 -8.73 63.57
C ARG B 475 -38.26 -8.69 64.93
N MET B 476 -39.10 -9.65 65.19
CA MET B 476 -40.00 -9.48 66.33
C MET B 476 -39.26 -9.75 67.62
N PRO B 477 -39.48 -8.88 68.61
CA PRO B 477 -38.76 -9.00 69.86
C PRO B 477 -39.37 -10.10 70.70
N ASN B 478 -38.48 -10.77 71.43
CA ASN B 478 -38.76 -11.74 72.48
C ASN B 478 -39.05 -13.12 71.92
N ASN B 479 -38.39 -13.51 70.66
CA ASN B 479 -38.88 -14.90 70.67
C ASN B 479 -37.82 -15.86 71.20
N PRO B 480 -38.25 -16.97 71.81
CA PRO B 480 -37.32 -17.83 72.55
C PRO B 480 -36.33 -18.50 71.65
N TYR B 481 -36.60 -18.52 70.37
CA TYR B 481 -35.76 -19.25 69.45
C TYR B 481 -34.90 -18.33 68.59
N ASP B 482 -34.50 -17.20 69.13
CA ASP B 482 -33.74 -16.18 68.45
C ASP B 482 -32.37 -15.99 69.12
N SER B 483 -31.53 -15.13 68.52
CA SER B 483 -30.21 -14.87 69.08
C SER B 483 -30.33 -13.96 70.28
N THR B 484 -31.05 -12.87 70.13
CA THR B 484 -31.28 -11.96 71.23
C THR B 484 -32.77 -11.83 71.37
N PRO B 485 -33.24 -11.15 72.36
CA PRO B 485 -34.68 -10.95 72.45
C PRO B 485 -35.04 -9.52 72.16
N LEU B 486 -34.12 -8.79 71.56
CA LEU B 486 -34.39 -7.42 71.18
C LEU B 486 -34.87 -7.37 69.73
N GLY B 487 -35.92 -6.59 69.45
CA GLY B 487 -36.41 -6.50 68.07
C GLY B 487 -35.67 -5.48 67.17
N GLU B 488 -36.19 -5.32 65.93
CA GLU B 488 -35.76 -4.26 65.03
C GLU B 488 -36.75 -4.10 63.85
N ARG B 489 -36.64 -2.94 63.19
CA ARG B 489 -37.54 -2.48 62.14
C ARG B 489 -36.79 -1.72 61.06
N ARG B 490 -37.15 -1.95 59.80
CA ARG B 490 -36.52 -1.31 58.65
C ARG B 490 -37.62 -0.72 57.79
N GLU B 491 -37.49 0.55 57.42
CA GLU B 491 -38.47 1.24 56.57
C GLU B 491 -37.80 1.83 55.34
N ARG B 492 -38.29 1.44 54.14
CA ARG B 492 -37.80 1.93 52.84
C ARG B 492 -38.86 2.73 52.09
N ALA B 493 -38.37 3.63 51.20
CA ALA B 493 -39.22 4.57 50.47
C ALA B 493 -38.65 4.80 49.06
N TYR B 494 -39.22 4.12 48.05
CA TYR B 494 -38.82 4.24 46.64
C TYR B 494 -39.70 5.21 45.86
N ARG B 495 -39.12 5.79 44.81
CA ARG B 495 -39.81 6.70 43.89
C ARG B 495 -39.27 6.55 42.46
N ASP B 496 -40.18 6.37 41.49
CA ASP B 496 -39.78 6.26 40.09
C ASP B 496 -40.67 7.12 39.21
N VAL B 497 -40.06 7.98 38.42
CA VAL B 497 -40.76 9.00 37.65
C VAL B 497 -40.13 9.17 36.28
N SER B 498 -40.64 8.43 35.33
CA SER B 498 -40.19 8.51 33.96
C SER B 498 -41.27 9.19 33.14
N LYS B 499 -40.91 10.20 32.38
CA LYS B 499 -41.88 10.91 31.57
C LYS B 499 -41.37 11.01 30.15
N SER B 500 -42.28 10.84 29.18
CA SER B 500 -41.96 10.80 27.74
C SER B 500 -42.83 11.74 26.93
N PHE B 501 -42.25 12.26 25.85
CA PHE B 501 -42.94 13.01 24.80
C PHE B 501 -42.65 12.36 23.48
N THR B 502 -43.62 12.36 22.57
CA THR B 502 -43.40 11.83 21.23
C THR B 502 -44.36 12.56 20.30
N ASN B 503 -43.91 13.61 19.63
CA ASN B 503 -44.81 14.27 18.69
C ASN B 503 -44.35 14.27 17.24
N THR B 504 -45.18 13.74 16.34
CA THR B 504 -44.86 13.51 14.94
C THR B 504 -45.54 14.54 14.03
N ALA B 505 -45.35 14.39 12.73
CA ALA B 505 -46.04 15.20 11.73
C ALA B 505 -45.98 14.44 10.43
N GLU B 506 -47.11 13.85 10.03
CA GLU B 506 -47.20 12.95 8.89
C GLU B 506 -48.01 13.60 7.78
N TYR B 507 -47.40 13.71 6.59
CA TYR B 507 -48.03 14.30 5.41
C TYR B 507 -48.12 13.20 4.37
N LYS B 508 -49.24 12.49 4.36
CA LYS B 508 -49.52 11.60 3.25
C LYS B 508 -50.33 12.34 2.21
N PHE B 509 -50.29 11.84 0.97
CA PHE B 509 -50.93 12.45 -0.19
C PHE B 509 -50.57 11.65 -1.44
N SER B 510 -51.54 11.47 -2.34
CA SER B 510 -51.29 10.80 -3.62
C SER B 510 -51.01 11.83 -4.70
N ILE B 511 -50.67 11.32 -5.89
CA ILE B 511 -50.27 12.22 -6.97
C ILE B 511 -50.32 11.49 -8.30
N ASP B 512 -51.40 10.74 -8.53
CA ASP B 512 -51.58 10.00 -9.77
C ASP B 512 -52.87 9.20 -9.88
N GLU B 513 -52.93 8.13 -9.09
CA GLU B 513 -53.94 7.08 -9.04
C GLU B 513 -53.15 5.80 -8.80
N LYS B 514 -51.90 5.81 -9.26
CA LYS B 514 -50.95 4.71 -9.10
C LYS B 514 -49.58 5.23 -8.63
N HIS B 515 -49.58 6.25 -7.77
CA HIS B 515 -48.39 6.90 -7.19
C HIS B 515 -48.77 7.39 -5.79
N ASP B 516 -48.98 6.43 -4.89
CA ASP B 516 -49.21 6.77 -3.50
C ASP B 516 -47.88 6.96 -2.78
N LEU B 517 -47.94 7.69 -1.67
CA LEU B 517 -46.76 8.10 -0.93
C LEU B 517 -47.20 8.57 0.44
N THR B 518 -46.32 8.40 1.42
CA THR B 518 -46.48 8.97 2.76
C THR B 518 -45.10 9.36 3.27
N ALA B 519 -45.01 10.54 3.89
CA ALA B 519 -43.77 10.98 4.54
C ALA B 519 -44.08 11.35 5.99
N LEU B 520 -43.52 10.58 6.92
CA LEU B 520 -43.72 10.77 8.35
C LEU B 520 -42.46 11.24 9.04
N MET B 521 -42.59 12.14 10.02
CA MET B 521 -41.39 12.44 10.78
C MET B 521 -41.56 13.30 12.02
N GLY B 522 -41.10 12.80 13.18
CA GLY B 522 -41.22 13.55 14.41
C GLY B 522 -40.07 13.37 15.37
N HIS B 523 -40.30 13.53 16.69
CA HIS B 523 -39.22 13.27 17.64
C HIS B 523 -39.81 12.73 18.93
N GLU B 524 -38.90 12.23 19.78
CA GLU B 524 -39.15 11.66 21.09
C GLU B 524 -38.19 12.28 22.09
N TYR B 525 -38.54 12.12 23.37
CA TYR B 525 -37.68 12.54 24.51
C TYR B 525 -38.17 11.76 25.72
N ILE B 526 -37.46 10.70 26.10
CA ILE B 526 -37.76 10.00 27.34
C ILE B 526 -36.80 10.58 28.36
N GLU B 527 -37.12 10.38 29.64
CA GLU B 527 -36.37 10.96 30.75
C GLU B 527 -36.79 10.26 32.05
N TYR B 528 -35.81 9.95 32.92
CA TYR B 528 -36.07 9.15 34.11
C TYR B 528 -35.35 9.66 35.36
N GLU B 529 -36.02 9.52 36.52
CA GLU B 529 -35.44 9.85 37.82
C GLU B 529 -35.90 8.82 38.85
N GLY B 530 -34.96 8.29 39.64
CA GLY B 530 -35.26 7.29 40.64
C GLY B 530 -34.74 7.71 42.00
N ASP B 531 -34.91 6.82 42.98
CA ASP B 531 -34.78 7.26 44.36
C ASP B 531 -35.03 6.18 45.40
N VAL B 532 -34.16 6.01 46.42
CA VAL B 532 -34.51 5.14 47.56
C VAL B 532 -34.00 5.72 48.88
N ILE B 533 -34.76 5.45 49.94
CA ILE B 533 -34.52 5.93 51.29
C ILE B 533 -34.82 4.80 52.27
N GLY B 534 -33.92 4.58 53.23
CA GLY B 534 -34.12 3.53 54.23
C GLY B 534 -33.56 3.89 55.59
N ALA B 535 -34.21 3.39 56.65
CA ALA B 535 -33.80 3.63 58.01
C ALA B 535 -34.07 2.37 58.84
N SER B 536 -33.21 2.14 59.83
CA SER B 536 -33.19 0.92 60.62
C SER B 536 -32.96 1.28 62.07
N SER B 537 -33.57 0.51 62.94
CA SER B 537 -33.46 0.79 64.37
C SER B 537 -33.55 -0.54 65.10
N LYS B 538 -32.85 -0.64 66.24
CA LYS B 538 -32.82 -1.91 66.97
C LYS B 538 -32.88 -1.68 68.46
N GLY B 539 -33.04 -2.80 69.15
CA GLY B 539 -33.09 -2.83 70.59
C GLY B 539 -34.47 -2.77 71.18
N PHE B 540 -35.51 -3.13 70.42
CA PHE B 540 -36.88 -2.92 70.89
C PHE B 540 -37.26 -3.98 71.91
N GLU B 541 -38.03 -3.59 72.93
CA GLU B 541 -38.34 -4.54 73.97
C GLU B 541 -39.84 -4.86 74.06
N SER B 542 -40.68 -4.25 73.21
CA SER B 542 -42.10 -4.61 73.25
C SER B 542 -42.81 -4.35 71.91
N ASP B 543 -43.78 -5.24 71.59
CA ASP B 543 -44.54 -5.16 70.34
C ASP B 543 -45.21 -3.81 70.18
N LYS B 544 -45.71 -3.26 71.28
CA LYS B 544 -46.48 -2.03 71.18
C LYS B 544 -45.60 -0.79 71.05
N LEU B 545 -44.29 -0.90 71.35
CA LEU B 545 -43.37 0.23 71.31
C LEU B 545 -42.25 -0.04 70.30
N MET B 546 -42.60 -0.02 69.01
CA MET B 546 -41.61 -0.32 67.98
C MET B 546 -41.58 0.77 66.95
N LEU B 547 -41.78 2.00 67.39
CA LEU B 547 -41.62 3.09 66.47
C LEU B 547 -40.15 3.25 66.11
N LEU B 548 -39.87 3.81 64.96
CA LEU B 548 -38.49 3.85 64.48
C LEU B 548 -37.64 4.77 65.34
N SER B 549 -38.27 5.73 66.04
CA SER B 549 -37.57 6.71 66.87
C SER B 549 -37.50 6.30 68.33
N GLN B 550 -37.87 5.08 68.64
CA GLN B 550 -37.81 4.55 69.99
C GLN B 550 -36.73 3.48 70.08
N GLY B 551 -35.60 3.72 69.44
CA GLY B 551 -34.56 2.72 69.37
C GLY B 551 -33.43 3.08 70.32
N LYS B 552 -32.57 2.09 70.54
CA LYS B 552 -31.36 2.22 71.35
C LYS B 552 -30.34 3.13 70.64
N THR B 553 -29.39 3.68 71.42
CA THR B 553 -28.78 4.96 71.06
C THR B 553 -27.27 4.92 70.89
N GLY B 554 -26.66 3.75 70.85
CA GLY B 554 -25.25 3.92 70.97
C GLY B 554 -24.55 3.29 69.82
N ASN B 555 -24.08 2.14 70.11
CA ASN B 555 -23.62 1.12 69.25
C ASN B 555 -24.73 0.43 68.60
N SER B 556 -25.92 0.95 68.86
CA SER B 556 -27.08 0.37 68.21
C SER B 556 -27.52 1.17 66.99
N LEU B 557 -26.98 2.38 66.81
CA LEU B 557 -27.37 3.20 65.68
C LEU B 557 -26.75 2.63 64.42
N SER B 558 -27.43 2.87 63.30
CA SER B 558 -27.08 2.40 61.96
C SER B 558 -26.81 3.59 61.08
N LEU B 559 -26.52 3.33 59.87
CA LEU B 559 -26.46 4.36 58.85
C LEU B 559 -27.68 4.27 57.88
N PRO B 560 -28.15 5.40 57.32
CA PRO B 560 -29.30 5.30 56.43
C PRO B 560 -28.88 4.62 55.16
N GLU B 561 -29.85 4.36 54.29
CA GLU B 561 -29.68 3.83 52.95
C GLU B 561 -30.00 4.93 51.95
N HIS B 562 -29.39 4.90 50.77
CA HIS B 562 -29.65 5.94 49.77
C HIS B 562 -29.15 5.54 48.39
N ARG B 563 -30.01 5.63 47.38
CA ARG B 563 -29.60 5.33 46.00
C ARG B 563 -30.33 6.27 45.04
N VAL B 564 -29.60 6.71 44.02
CA VAL B 564 -30.11 7.72 43.09
C VAL B 564 -29.69 7.32 41.68
N ALA B 565 -30.65 7.37 40.74
CA ALA B 565 -30.42 6.93 39.37
C ALA B 565 -31.22 7.81 38.41
N GLU B 566 -30.62 8.16 37.27
CA GLU B 566 -31.33 8.93 36.25
C GLU B 566 -30.71 8.83 34.84
N TYR B 567 -31.56 8.76 33.82
CA TYR B 567 -31.08 8.79 32.44
C TYR B 567 -32.03 9.57 31.54
N ALA B 568 -31.70 9.57 30.26
CA ALA B 568 -32.49 10.26 29.24
C ALA B 568 -32.09 9.77 27.86
N TYR B 569 -32.98 10.05 26.92
CA TYR B 569 -32.90 9.63 25.54
C TYR B 569 -33.50 10.77 24.75
N LEU B 570 -32.87 11.12 23.63
CA LEU B 570 -33.34 12.17 22.72
C LEU B 570 -33.15 11.61 21.33
N SER B 571 -34.23 11.34 20.64
CA SER B 571 -34.12 10.74 19.32
C SER B 571 -35.01 11.47 18.31
N PHE B 572 -34.52 11.62 17.07
CA PHE B 572 -35.28 12.15 15.93
C PHE B 572 -35.36 11.12 14.83
N PHE B 573 -36.51 11.01 14.18
CA PHE B 573 -36.65 9.98 13.16
C PHE B 573 -37.39 10.54 11.95
N SER B 574 -37.49 9.71 10.92
CA SER B 574 -38.21 10.01 9.70
C SER B 574 -38.44 8.68 9.02
N ARG B 575 -39.55 8.58 8.29
CA ARG B 575 -39.87 7.30 7.66
C ARG B 575 -40.96 7.47 6.60
N PHE B 576 -40.59 7.22 5.34
CA PHE B 576 -41.43 7.38 4.15
C PHE B 576 -41.88 6.02 3.64
N ASN B 577 -43.08 6.00 3.05
CA ASN B 577 -43.58 4.85 2.30
C ASN B 577 -43.91 5.27 0.87
N TYR B 578 -43.78 4.32 -0.04
CA TYR B 578 -43.94 4.56 -1.47
C TYR B 578 -44.88 3.53 -2.08
N GLY B 579 -45.66 3.98 -3.04
CA GLY B 579 -46.53 3.10 -3.77
C GLY B 579 -46.33 3.28 -5.25
N PHE B 580 -46.57 2.20 -5.99
CA PHE B 580 -46.58 2.23 -7.45
C PHE B 580 -47.63 1.18 -7.80
N ASP B 581 -48.70 1.63 -8.45
CA ASP B 581 -49.89 0.83 -8.77
C ASP B 581 -50.42 0.25 -7.45
N LYS B 582 -50.71 -1.05 -7.35
CA LYS B 582 -51.33 -1.66 -6.18
C LYS B 582 -50.61 -2.92 -5.76
N TRP B 583 -49.37 -3.10 -6.22
CA TRP B 583 -48.66 -4.36 -6.07
C TRP B 583 -47.27 -4.16 -5.48
N MET B 584 -46.65 -3.00 -5.72
CA MET B 584 -45.27 -2.76 -5.33
C MET B 584 -45.20 -1.65 -4.30
N TYR B 585 -44.53 -1.95 -3.19
CA TYR B 585 -44.35 -1.06 -2.07
C TYR B 585 -42.87 -0.97 -1.68
N ILE B 586 -42.44 0.26 -1.39
CA ILE B 586 -41.06 0.60 -1.07
C ILE B 586 -41.07 1.58 0.09
N ASP B 587 -40.32 1.28 1.15
CA ASP B 587 -40.29 2.25 2.23
C ASP B 587 -38.94 2.26 2.94
N PHE B 588 -38.55 3.46 3.32
CA PHE B 588 -37.19 3.74 3.72
C PHE B 588 -37.25 4.75 4.86
N SER B 589 -36.45 4.51 5.89
CA SER B 589 -36.52 5.25 7.14
C SER B 589 -35.12 5.52 7.68
N VAL B 590 -35.03 6.45 8.61
CA VAL B 590 -33.73 6.90 9.11
C VAL B 590 -33.96 7.62 10.44
N ARG B 591 -33.00 7.43 11.37
CA ARG B 591 -33.05 7.74 12.81
C ARG B 591 -31.88 8.63 13.22
N ASN B 592 -31.90 9.10 14.48
CA ASN B 592 -30.68 9.61 15.15
C ASN B 592 -30.87 9.50 16.66
N ASP B 593 -30.11 8.65 17.31
CA ASP B 593 -30.30 8.41 18.74
C ASP B 593 -29.17 8.98 19.60
N GLN B 594 -29.55 9.72 20.64
CA GLN B 594 -28.60 10.08 21.68
C GLN B 594 -29.06 9.48 23.01
N SER B 595 -28.09 9.12 23.86
CA SER B 595 -28.46 8.54 25.15
C SER B 595 -27.51 9.06 26.21
N SER B 596 -28.02 9.15 27.44
CA SER B 596 -27.20 9.71 28.51
C SER B 596 -26.24 8.68 29.06
N ARG B 597 -26.45 7.40 28.71
CA ARG B 597 -25.61 6.31 29.16
C ARG B 597 -24.23 6.35 28.54
N PHE B 598 -24.01 7.21 27.55
CA PHE B 598 -22.70 7.30 26.95
C PHE B 598 -22.11 8.69 27.12
N GLY B 599 -20.80 8.75 26.91
CA GLY B 599 -20.05 9.97 27.12
C GLY B 599 -20.51 11.08 26.21
N SER B 600 -19.98 12.28 26.49
CA SER B 600 -20.33 13.50 25.75
C SER B 600 -19.86 13.51 24.30
N ASN B 601 -18.88 12.68 23.91
CA ASN B 601 -18.36 12.66 22.55
C ASN B 601 -18.70 11.36 21.83
N ASN B 602 -19.68 10.62 22.32
CA ASN B 602 -19.95 9.30 21.81
C ASN B 602 -21.42 8.93 21.90
N ARG B 603 -22.32 9.89 22.09
CA ARG B 603 -23.67 9.45 22.43
C ARG B 603 -24.57 9.26 21.22
N SER B 604 -24.32 9.95 20.09
CA SER B 604 -25.17 9.89 18.90
C SER B 604 -24.80 8.73 17.98
N ALA B 605 -25.75 8.35 17.13
CA ALA B 605 -25.65 7.18 16.25
C ALA B 605 -26.83 7.09 15.30
N TRP B 606 -26.60 7.07 14.00
CA TRP B 606 -27.69 7.04 13.02
C TRP B 606 -27.96 5.65 12.49
N PHE B 607 -29.23 5.33 12.34
CA PHE B 607 -29.63 4.04 11.82
C PHE B 607 -30.68 4.26 10.73
N TYR B 608 -30.82 3.28 9.84
CA TYR B 608 -31.73 3.42 8.72
C TYR B 608 -32.25 2.05 8.35
N SER B 609 -33.48 2.05 7.85
CA SER B 609 -34.15 0.86 7.37
C SER B 609 -34.54 1.05 5.91
N VAL B 610 -34.53 -0.04 5.15
CA VAL B 610 -35.03 -0.07 3.79
C VAL B 610 -35.66 -1.45 3.55
N GLY B 611 -36.85 -1.48 2.94
CA GLY B 611 -37.51 -2.73 2.62
C GLY B 611 -38.60 -2.50 1.59
N GLY B 612 -39.24 -3.60 1.20
CA GLY B 612 -40.28 -3.55 0.17
C GLY B 612 -41.11 -4.81 0.13
N MET B 613 -42.30 -4.68 -0.39
CA MET B 613 -43.24 -5.77 -0.59
C MET B 613 -43.74 -5.80 -2.03
N PHE B 614 -43.93 -7.03 -2.53
CA PHE B 614 -44.53 -7.30 -3.84
C PHE B 614 -45.82 -8.11 -3.63
N ASP B 615 -46.96 -7.58 -4.11
CA ASP B 615 -48.25 -8.29 -4.02
C ASP B 615 -48.36 -9.19 -5.24
N ILE B 616 -47.88 -10.44 -5.11
CA ILE B 616 -47.85 -11.31 -6.30
C ILE B 616 -49.27 -11.69 -6.72
N TYR B 617 -50.27 -11.54 -5.86
CA TYR B 617 -51.61 -11.93 -6.27
C TYR B 617 -52.38 -10.79 -6.89
N ASN B 618 -52.12 -9.55 -6.48
CA ASN B 618 -52.88 -8.46 -7.07
C ASN B 618 -52.27 -7.95 -8.36
N LYS B 619 -51.09 -8.46 -8.73
CA LYS B 619 -50.50 -8.12 -10.02
C LYS B 619 -50.47 -9.36 -10.92
N PHE B 620 -49.61 -10.32 -10.67
CA PHE B 620 -49.32 -11.36 -11.63
C PHE B 620 -50.33 -12.51 -11.64
N ILE B 621 -51.31 -12.56 -10.74
CA ILE B 621 -52.28 -13.68 -10.75
C ILE B 621 -53.73 -13.24 -10.51
N GLN B 622 -54.01 -11.94 -10.67
CA GLN B 622 -55.31 -11.27 -10.47
C GLN B 622 -56.54 -12.04 -9.96
N GLU B 623 -56.69 -13.33 -10.21
CA GLU B 623 -57.82 -14.10 -9.71
C GLU B 623 -57.41 -15.56 -9.57
N SER B 624 -58.12 -16.32 -8.71
CA SER B 624 -57.82 -17.75 -8.68
C SER B 624 -58.95 -18.53 -8.02
N ASN B 625 -58.80 -19.84 -8.06
CA ASN B 625 -59.75 -20.84 -7.59
C ASN B 625 -59.37 -21.46 -6.26
N TRP B 626 -58.09 -21.41 -5.88
CA TRP B 626 -57.64 -21.98 -4.60
C TRP B 626 -56.75 -21.04 -3.80
N LEU B 627 -56.06 -20.13 -4.45
CA LEU B 627 -55.08 -19.26 -3.81
C LEU B 627 -55.70 -17.88 -3.57
N SER B 628 -55.93 -17.57 -2.27
CA SER B 628 -56.52 -16.30 -1.83
C SER B 628 -55.54 -15.12 -1.94
N ASP B 629 -54.42 -15.20 -1.23
CA ASP B 629 -53.48 -14.08 -1.23
C ASP B 629 -52.07 -14.63 -1.21
N LEU B 630 -51.13 -13.81 -1.68
CA LEU B 630 -49.73 -14.23 -1.79
C LEU B 630 -48.83 -13.00 -1.90
N ARG B 631 -48.01 -12.78 -0.87
CA ARG B 631 -47.18 -11.59 -0.78
C ARG B 631 -45.75 -12.00 -0.45
N LEU B 632 -44.79 -11.42 -1.15
CA LEU B 632 -43.37 -11.60 -0.88
C LEU B 632 -42.79 -10.27 -0.46
N LYS B 633 -42.07 -10.26 0.66
CA LYS B 633 -41.50 -9.03 1.19
C LYS B 633 -40.08 -9.29 1.67
N MET B 634 -39.32 -8.21 1.81
CA MET B 634 -37.91 -8.27 2.14
C MET B 634 -37.48 -6.87 2.58
N SER B 635 -36.55 -6.85 3.54
CA SER B 635 -36.12 -5.63 4.19
C SER B 635 -34.72 -5.82 4.71
N TYR B 636 -34.06 -4.69 4.99
CA TYR B 636 -32.77 -4.69 5.69
C TYR B 636 -32.56 -3.40 6.47
N GLY B 637 -32.11 -3.50 7.72
CA GLY B 637 -31.89 -2.30 8.50
C GLY B 637 -30.90 -2.44 9.63
N THR B 638 -30.43 -1.28 10.11
CA THR B 638 -29.54 -1.17 11.26
C THR B 638 -30.30 -0.61 12.46
N THR B 639 -30.17 -1.27 13.60
CA THR B 639 -30.85 -0.80 14.80
C THR B 639 -29.84 -0.30 15.81
N GLY B 640 -30.11 -0.54 17.08
CA GLY B 640 -29.25 -0.03 18.14
C GLY B 640 -29.73 -0.46 19.51
N ASN B 641 -28.77 -0.86 20.34
CA ASN B 641 -28.98 -1.44 21.67
C ASN B 641 -28.22 -0.62 22.67
N SER B 642 -28.89 -0.31 23.77
CA SER B 642 -28.41 0.64 24.75
C SER B 642 -28.68 0.21 26.18
N GLU B 643 -29.37 -0.91 26.42
CA GLU B 643 -29.77 -1.22 27.80
C GLU B 643 -28.58 -1.84 28.49
N ILE B 644 -27.83 -0.98 29.20
CA ILE B 644 -26.81 -1.39 30.17
C ILE B 644 -27.08 -0.60 31.46
N GLY B 645 -26.06 0.07 31.98
CA GLY B 645 -26.20 0.84 33.22
C GLY B 645 -26.01 2.32 33.01
N ASN B 646 -26.49 3.15 33.96
CA ASN B 646 -26.53 4.58 33.66
C ASN B 646 -25.18 5.27 33.82
N TYR B 647 -24.23 4.66 34.50
CA TYR B 647 -23.00 5.41 34.76
C TYR B 647 -21.73 4.63 34.36
N ASN B 648 -21.86 3.67 33.43
CA ASN B 648 -20.83 2.68 33.16
C ASN B 648 -19.70 3.21 32.30
N HIS B 649 -19.42 4.48 32.32
CA HIS B 649 -18.39 4.98 31.44
C HIS B 649 -17.44 5.98 32.06
N GLN B 650 -17.58 6.30 33.35
CA GLN B 650 -16.76 7.32 33.97
C GLN B 650 -15.72 6.72 34.89
N ALA B 651 -14.68 7.52 35.15
CA ALA B 651 -13.54 7.14 35.97
C ALA B 651 -13.75 7.66 37.38
N LEU B 652 -14.27 6.82 38.26
CA LEU B 652 -14.88 7.36 39.47
C LEU B 652 -14.25 6.89 40.78
N VAL B 653 -14.42 7.76 41.76
CA VAL B 653 -13.93 7.64 43.12
C VAL B 653 -15.13 7.64 44.06
N THR B 654 -15.14 6.78 45.08
CA THR B 654 -16.22 6.85 46.09
C THR B 654 -15.64 7.07 47.50
N VAL B 655 -16.49 6.96 48.54
CA VAL B 655 -15.98 7.09 49.90
C VAL B 655 -15.69 5.70 50.45
N ASN B 656 -14.58 5.61 51.15
CA ASN B 656 -14.18 4.46 51.97
C ASN B 656 -13.70 5.12 53.25
N ASN B 657 -14.45 4.97 54.31
CA ASN B 657 -14.10 5.65 55.54
C ASN B 657 -13.28 4.69 56.36
N TYR B 658 -12.17 5.20 56.93
CA TYR B 658 -11.29 4.49 57.86
C TYR B 658 -11.68 4.77 59.31
N THR B 659 -11.59 6.02 59.73
CA THR B 659 -11.86 6.39 61.10
C THR B 659 -13.25 7.02 61.21
N GLU B 660 -13.52 7.60 62.37
CA GLU B 660 -14.77 8.31 62.55
C GLU B 660 -14.54 9.82 62.59
N ASP B 661 -13.33 10.28 62.25
CA ASP B 661 -13.06 11.70 62.40
C ASP B 661 -12.53 12.37 61.13
N ALA B 662 -12.49 11.65 60.00
CA ALA B 662 -12.37 12.24 58.66
C ALA B 662 -12.70 11.18 57.62
N MET B 663 -13.15 11.63 56.45
CA MET B 663 -13.52 10.72 55.36
C MET B 663 -12.32 10.28 54.53
N GLY B 664 -12.52 9.16 53.82
CA GLY B 664 -11.49 8.66 52.92
C GLY B 664 -12.07 8.26 51.58
N LEU B 665 -11.17 8.24 50.58
CA LEU B 665 -11.53 7.99 49.18
C LEU B 665 -10.79 6.78 48.63
N SER B 666 -11.55 5.96 47.94
CA SER B 666 -10.98 4.80 47.28
C SER B 666 -11.38 4.84 45.80
N ILE B 667 -10.80 3.96 44.99
CA ILE B 667 -11.02 3.96 43.57
C ILE B 667 -12.09 2.94 43.28
N SER B 668 -13.06 3.31 42.44
CA SER B 668 -14.31 2.57 42.39
C SER B 668 -14.62 1.95 41.04
N THR B 669 -14.31 2.63 39.96
CA THR B 669 -14.65 2.10 38.67
C THR B 669 -13.51 2.40 37.69
N ALA B 670 -13.38 1.51 36.71
CA ALA B 670 -12.20 1.47 35.88
C ALA B 670 -12.07 2.69 34.97
N GLY B 671 -13.03 2.88 34.05
CA GLY B 671 -13.08 3.97 33.07
C GLY B 671 -13.38 3.44 31.68
N ASN B 672 -13.83 4.30 30.73
CA ASN B 672 -13.99 4.01 29.29
C ASN B 672 -14.63 5.19 28.56
N PRO B 673 -13.85 6.20 28.17
CA PRO B 673 -14.46 7.38 27.53
C PRO B 673 -15.11 7.08 26.21
N ASP B 674 -14.69 6.01 25.55
CA ASP B 674 -15.08 5.68 24.19
C ASP B 674 -16.29 4.77 24.13
N LEU B 675 -16.98 4.58 25.25
CA LEU B 675 -18.13 3.68 25.26
C LEU B 675 -19.25 4.29 24.42
N SER B 676 -19.86 3.49 23.57
CA SER B 676 -20.93 3.98 22.71
C SER B 676 -21.93 2.86 22.41
N TRP B 677 -22.77 3.07 21.39
CA TRP B 677 -23.87 2.17 21.12
C TRP B 677 -23.39 0.84 20.59
N GLU B 678 -24.05 -0.23 21.02
CA GLU B 678 -23.97 -1.52 20.31
C GLU B 678 -24.90 -1.48 19.11
N LYS B 679 -24.41 -1.89 17.94
CA LYS B 679 -25.10 -1.69 16.65
C LYS B 679 -25.43 -3.04 16.01
N GLN B 680 -26.70 -3.28 15.72
CA GLN B 680 -27.11 -4.52 15.11
C GLN B 680 -27.65 -4.26 13.70
N SER B 681 -27.86 -5.35 12.95
CA SER B 681 -28.38 -5.24 11.59
C SER B 681 -29.09 -6.55 11.26
N GLN B 682 -30.25 -6.43 10.57
CA GLN B 682 -31.15 -7.51 10.21
C GLN B 682 -31.36 -7.53 8.70
N PHE B 683 -31.51 -8.73 8.16
CA PHE B 683 -31.95 -8.93 6.78
C PHE B 683 -33.10 -9.93 6.83
N ASN B 684 -34.30 -9.50 6.45
CA ASN B 684 -35.48 -10.35 6.50
C ASN B 684 -36.03 -10.49 5.10
N PHE B 685 -36.33 -11.74 4.73
CA PHE B 685 -36.93 -12.14 3.47
C PHE B 685 -38.08 -13.08 3.80
N GLY B 686 -39.28 -12.75 3.33
CA GLY B 686 -40.48 -13.41 3.82
C GLY B 686 -41.52 -13.57 2.73
N LEU B 687 -42.38 -14.57 2.93
CA LEU B 687 -43.46 -14.90 2.00
C LEU B 687 -44.71 -15.29 2.77
N ALA B 688 -45.84 -14.67 2.43
CA ALA B 688 -47.10 -15.00 3.09
C ALA B 688 -48.14 -15.41 2.05
N ALA B 689 -49.09 -16.26 2.49
CA ALA B 689 -50.11 -16.82 1.60
C ALA B 689 -51.32 -17.30 2.39
N GLY B 690 -52.45 -17.37 1.68
CA GLY B 690 -53.74 -17.84 2.18
C GLY B 690 -54.52 -18.56 1.10
N ALA B 691 -55.25 -19.62 1.45
CA ALA B 691 -55.91 -20.49 0.47
C ALA B 691 -57.43 -20.49 0.58
N PHE B 692 -58.03 -21.67 0.38
CA PHE B 692 -59.47 -21.94 0.33
C PHE B 692 -60.37 -20.72 0.19
N ASN B 693 -60.40 -19.82 1.17
CA ASN B 693 -61.16 -18.57 1.05
C ASN B 693 -60.65 -17.58 2.09
N ASN B 694 -59.33 -17.40 2.11
CA ASN B 694 -58.63 -16.75 3.21
C ASN B 694 -59.11 -17.33 4.54
N ARG B 695 -59.12 -18.65 4.60
CA ARG B 695 -59.44 -19.43 5.78
C ARG B 695 -58.45 -20.58 5.94
N LEU B 696 -57.21 -20.34 5.49
CA LEU B 696 -56.09 -21.26 5.59
C LEU B 696 -54.81 -20.49 5.23
N SER B 697 -54.09 -19.99 6.24
CA SER B 697 -53.04 -18.98 6.11
C SER B 697 -51.71 -19.51 6.61
N ALA B 698 -50.62 -18.88 6.16
CA ALA B 698 -49.29 -19.24 6.63
C ALA B 698 -48.26 -18.24 6.10
N GLU B 699 -47.16 -18.10 6.84
CA GLU B 699 -46.08 -17.16 6.56
C GLU B 699 -44.74 -17.82 6.90
N VAL B 700 -43.70 -17.41 6.17
CA VAL B 700 -42.35 -17.95 6.36
C VAL B 700 -41.36 -16.82 6.20
N ASP B 701 -40.50 -16.63 7.19
CA ASP B 701 -39.45 -15.61 7.11
C ASP B 701 -38.09 -16.23 7.43
N PHE B 702 -37.07 -15.66 6.80
CA PHE B 702 -35.68 -16.05 7.00
C PHE B 702 -34.90 -14.80 7.40
N TYR B 703 -33.97 -14.95 8.34
CA TYR B 703 -33.30 -13.78 8.89
C TYR B 703 -31.81 -14.00 9.11
N VAL B 704 -31.11 -12.87 9.14
CA VAL B 704 -29.73 -12.79 9.56
C VAL B 704 -29.56 -11.54 10.41
N ARG B 705 -29.21 -11.73 11.70
CA ARG B 705 -29.04 -10.67 12.69
C ARG B 705 -27.58 -10.65 13.11
N THR B 706 -26.92 -9.50 12.94
CA THR B 706 -25.49 -9.35 13.19
C THR B 706 -25.27 -8.26 14.23
N THR B 707 -24.70 -8.63 15.36
CA THR B 707 -24.38 -7.66 16.40
C THR B 707 -22.91 -7.28 16.24
N ASN B 708 -22.67 -6.03 15.91
CA ASN B 708 -21.32 -5.54 15.76
C ASN B 708 -21.09 -4.47 16.82
N ASP B 709 -19.83 -4.21 17.11
CA ASP B 709 -19.46 -3.17 18.06
C ASP B 709 -20.11 -3.44 19.43
N MET B 710 -20.15 -4.73 19.79
CA MET B 710 -20.94 -5.28 20.89
C MET B 710 -20.54 -4.69 22.27
N LEU B 711 -21.48 -4.73 23.21
CA LEU B 711 -21.25 -4.34 24.60
C LEU B 711 -21.19 -5.57 25.49
N ILE B 712 -19.96 -5.90 25.89
CA ILE B 712 -19.63 -7.02 26.78
C ILE B 712 -19.22 -6.40 28.10
N ASP B 713 -19.62 -7.02 29.21
CA ASP B 713 -19.08 -6.65 30.54
C ASP B 713 -17.76 -7.37 30.73
N VAL B 714 -16.70 -6.84 30.12
CA VAL B 714 -15.56 -7.70 29.82
C VAL B 714 -14.91 -8.17 31.11
N PRO B 715 -14.80 -9.48 31.35
CA PRO B 715 -14.18 -9.95 32.60
C PRO B 715 -12.71 -9.54 32.62
N MET B 716 -12.31 -8.91 33.70
CA MET B 716 -10.91 -8.49 33.69
C MET B 716 -10.04 -9.44 34.52
N PRO B 717 -8.75 -9.54 34.21
CA PRO B 717 -7.85 -10.31 35.06
C PRO B 717 -7.79 -9.69 36.45
N TYR B 718 -7.84 -10.54 37.47
CA TYR B 718 -7.95 -10.01 38.81
C TYR B 718 -6.78 -9.09 39.17
N ILE B 719 -5.59 -9.28 38.58
CA ILE B 719 -4.43 -8.46 38.88
C ILE B 719 -4.69 -7.00 38.61
N SER B 720 -5.75 -6.70 37.83
CA SER B 720 -6.14 -5.33 37.48
C SER B 720 -6.79 -4.62 38.66
N GLY B 721 -7.50 -5.38 39.50
CA GLY B 721 -8.08 -4.89 40.72
C GLY B 721 -9.57 -4.70 40.68
N PHE B 722 -10.15 -4.72 39.48
CA PHE B 722 -11.59 -4.56 39.32
C PHE B 722 -12.19 -5.91 38.90
N PHE B 723 -13.52 -5.96 38.74
CA PHE B 723 -14.12 -7.19 38.23
C PHE B 723 -14.37 -7.11 36.73
N SER B 724 -14.96 -6.01 36.27
CA SER B 724 -15.48 -5.85 34.92
C SER B 724 -15.21 -4.46 34.40
N GLN B 725 -15.53 -4.29 33.13
CA GLN B 725 -15.79 -2.98 32.54
C GLN B 725 -16.47 -3.16 31.16
N TYR B 726 -17.53 -2.39 30.92
CA TYR B 726 -18.24 -2.48 29.65
C TYR B 726 -17.35 -1.87 28.58
N GLN B 727 -17.33 -2.50 27.40
CA GLN B 727 -16.46 -2.10 26.29
C GLN B 727 -17.07 -2.51 24.95
N ASN B 728 -16.92 -1.63 23.96
CA ASN B 728 -17.35 -1.98 22.61
C ASN B 728 -16.35 -2.94 22.01
N VAL B 729 -16.68 -4.22 22.02
CA VAL B 729 -15.74 -5.30 21.81
C VAL B 729 -16.45 -6.56 21.33
N GLY B 730 -16.03 -7.09 20.18
CA GLY B 730 -16.60 -8.34 19.73
C GLY B 730 -17.66 -8.18 18.67
N SER B 731 -18.28 -9.31 18.32
CA SER B 731 -19.37 -9.39 17.36
C SER B 731 -19.96 -10.80 17.39
N MET B 732 -21.16 -10.94 16.78
CA MET B 732 -22.02 -12.11 16.94
C MET B 732 -23.08 -12.18 15.82
N LYS B 733 -23.56 -13.40 15.55
CA LYS B 733 -24.50 -13.66 14.44
C LYS B 733 -25.60 -14.60 14.91
N ASN B 734 -26.85 -14.29 14.54
CA ASN B 734 -27.96 -15.22 14.70
C ASN B 734 -28.65 -15.39 13.36
N THR B 735 -28.61 -16.63 12.83
CA THR B 735 -29.22 -17.00 11.56
C THR B 735 -30.34 -18.00 11.83
N GLY B 736 -31.52 -17.73 11.29
CA GLY B 736 -32.62 -18.63 11.55
C GLY B 736 -33.80 -18.34 10.65
N VAL B 737 -34.87 -19.09 10.89
CA VAL B 737 -36.12 -19.01 10.16
C VAL B 737 -37.27 -19.35 11.11
N ASP B 738 -38.40 -18.68 10.94
CA ASP B 738 -39.61 -19.05 11.66
C ASP B 738 -40.77 -19.21 10.67
N LEU B 739 -41.78 -19.97 11.11
CA LEU B 739 -42.96 -20.23 10.28
C LEU B 739 -44.18 -20.41 11.16
N SER B 740 -45.26 -19.74 10.78
CA SER B 740 -46.56 -19.91 11.42
C SER B 740 -47.61 -20.29 10.38
N LEU B 741 -48.67 -20.93 10.84
CA LEU B 741 -49.79 -21.30 9.98
C LEU B 741 -51.01 -21.58 10.83
N LYS B 742 -52.14 -21.07 10.39
CA LYS B 742 -53.43 -21.25 11.04
C LYS B 742 -54.38 -21.89 10.04
N GLY B 743 -55.27 -22.75 10.55
CA GLY B 743 -56.25 -23.41 9.72
C GLY B 743 -57.69 -23.28 10.19
N THR B 744 -58.62 -23.98 9.51
CA THR B 744 -60.05 -23.91 9.86
C THR B 744 -60.71 -25.17 9.29
N ILE B 745 -60.75 -26.23 10.10
CA ILE B 745 -61.26 -27.54 9.73
C ILE B 745 -62.75 -27.65 10.04
N TYR B 746 -63.47 -26.51 10.07
CA TYR B 746 -64.82 -26.49 10.63
C TYR B 746 -65.70 -27.52 9.93
N GLN B 747 -66.43 -28.30 10.74
CA GLN B 747 -67.00 -29.55 10.30
C GLN B 747 -68.51 -29.46 10.04
N ASN B 748 -69.12 -28.28 10.23
CA ASN B 748 -70.57 -28.15 10.12
C ASN B 748 -70.97 -26.83 9.50
N LYS B 749 -71.65 -25.98 10.27
CA LYS B 749 -72.22 -24.72 9.81
C LYS B 749 -72.39 -23.83 11.02
N ASP B 750 -72.54 -24.48 12.18
CA ASP B 750 -72.55 -23.84 13.49
C ASP B 750 -71.47 -24.42 14.41
N TRP B 751 -70.79 -25.47 13.95
CA TRP B 751 -69.93 -26.35 14.74
C TRP B 751 -68.55 -26.16 14.12
N ASN B 752 -67.76 -25.27 14.75
CA ASN B 752 -66.44 -24.85 14.26
C ASN B 752 -65.32 -25.71 14.85
N VAL B 753 -64.24 -25.86 14.09
CA VAL B 753 -63.04 -26.58 14.52
C VAL B 753 -61.81 -25.82 14.01
N TYR B 754 -60.92 -25.43 14.93
CA TYR B 754 -59.79 -24.55 14.63
C TYR B 754 -58.46 -25.24 14.93
N ALA B 755 -57.39 -24.71 14.33
CA ALA B 755 -56.05 -25.24 14.56
C ALA B 755 -54.98 -24.23 14.16
N SER B 756 -53.88 -24.23 14.90
CA SER B 756 -52.77 -23.33 14.62
C SER B 756 -51.48 -23.89 15.21
N ALA B 757 -50.35 -23.56 14.56
CA ALA B 757 -49.04 -24.09 14.93
C ALA B 757 -47.95 -23.05 14.70
N ASN B 758 -46.83 -23.24 15.38
CA ASN B 758 -45.74 -22.27 15.44
C ASN B 758 -44.41 -23.00 15.53
N PHE B 759 -43.35 -22.38 14.99
CA PHE B 759 -42.01 -22.98 14.96
C PHE B 759 -40.95 -21.94 14.61
N ASN B 760 -39.81 -22.01 15.29
CA ASN B 760 -38.62 -21.20 14.96
C ASN B 760 -37.37 -21.98 15.32
N TYR B 761 -36.33 -21.85 14.49
CA TYR B 761 -35.01 -22.40 14.80
C TYR B 761 -33.94 -21.34 14.57
N ASN B 762 -33.17 -21.01 15.62
CA ASN B 762 -32.12 -20.01 15.57
C ASN B 762 -30.79 -20.65 15.90
N ARG B 763 -29.77 -20.37 15.09
CA ARG B 763 -28.43 -20.86 15.35
C ARG B 763 -27.53 -19.67 15.62
N GLN B 764 -26.75 -19.75 16.69
CA GLN B 764 -25.96 -18.64 17.16
C GLN B 764 -24.50 -18.85 16.78
N GLU B 765 -23.77 -17.75 16.58
CA GLU B 765 -22.36 -17.91 16.27
C GLU B 765 -21.55 -16.67 16.64
N ILE B 766 -20.49 -16.88 17.44
CA ILE B 766 -19.69 -15.75 17.89
C ILE B 766 -18.54 -15.51 16.92
N THR B 767 -18.21 -14.24 16.75
CA THR B 767 -17.25 -13.82 15.75
C THR B 767 -15.96 -13.28 16.37
N LYS B 768 -15.97 -12.11 17.02
CA LYS B 768 -14.82 -11.59 17.74
C LYS B 768 -15.10 -11.55 19.24
N LEU B 769 -14.05 -11.76 20.04
CA LEU B 769 -14.09 -11.64 21.48
C LEU B 769 -13.23 -10.47 21.94
N PHE B 770 -12.62 -10.59 23.13
CA PHE B 770 -12.15 -9.42 23.85
C PHE B 770 -10.70 -9.17 23.52
N PHE B 771 -9.87 -9.69 24.42
CA PHE B 771 -8.46 -9.38 24.52
C PHE B 771 -7.69 -10.17 23.48
N GLY B 772 -8.30 -10.39 22.32
CA GLY B 772 -7.65 -11.19 21.31
C GLY B 772 -7.82 -12.67 21.50
N LEU B 773 -8.79 -13.11 22.30
CA LEU B 773 -8.92 -14.54 22.55
C LEU B 773 -9.86 -15.18 21.55
N ASN B 774 -9.73 -16.49 21.48
CA ASN B 774 -10.56 -17.31 20.62
C ASN B 774 -11.59 -18.09 21.43
N LYS B 775 -11.31 -18.34 22.71
CA LYS B 775 -12.29 -18.91 23.61
C LYS B 775 -12.10 -18.25 24.95
N TYR B 776 -13.15 -18.32 25.78
CA TYR B 776 -13.11 -17.83 27.16
C TYR B 776 -14.11 -18.65 27.97
N MET B 777 -13.62 -19.44 28.91
CA MET B 777 -14.52 -20.14 29.80
C MET B 777 -15.02 -19.18 30.87
N LEU B 778 -16.31 -19.24 31.14
CA LEU B 778 -16.85 -18.52 32.27
C LEU B 778 -16.52 -19.36 33.50
N PRO B 779 -15.78 -18.84 34.46
CA PRO B 779 -15.39 -19.65 35.61
C PRO B 779 -16.59 -20.07 36.45
N ASN B 780 -16.55 -21.32 36.91
CA ASN B 780 -17.54 -21.94 37.80
C ASN B 780 -18.94 -22.00 37.23
N THR B 781 -19.09 -21.82 35.92
CA THR B 781 -20.41 -21.92 35.29
C THR B 781 -20.61 -23.13 34.40
N GLY B 782 -19.56 -23.66 33.75
CA GLY B 782 -19.78 -24.78 32.84
C GLY B 782 -20.11 -24.37 31.43
N THR B 783 -19.82 -23.13 31.05
CA THR B 783 -20.14 -22.58 29.75
C THR B 783 -18.90 -21.93 29.15
N ILE B 784 -18.91 -21.69 27.83
CA ILE B 784 -17.75 -21.11 27.16
C ILE B 784 -18.20 -20.29 25.96
N TRP B 785 -17.50 -19.18 25.73
CA TRP B 785 -17.65 -18.32 24.56
C TRP B 785 -16.41 -18.61 23.72
N GLU B 786 -16.53 -19.54 22.78
CA GLU B 786 -15.48 -19.83 21.80
C GLU B 786 -15.86 -19.21 20.45
N ILE B 787 -14.87 -18.62 19.76
CA ILE B 787 -15.15 -17.99 18.46
C ILE B 787 -15.74 -19.01 17.50
N GLY B 788 -15.56 -20.30 17.82
CA GLY B 788 -16.16 -21.41 17.11
C GLY B 788 -17.65 -21.26 16.82
N TYR B 789 -18.48 -22.01 17.54
CA TYR B 789 -19.83 -21.79 17.09
C TYR B 789 -20.67 -21.09 18.16
N PRO B 790 -21.74 -21.71 18.80
CA PRO B 790 -22.77 -20.85 19.39
C PRO B 790 -22.36 -20.29 20.74
N ASN B 791 -23.03 -20.75 21.80
CA ASN B 791 -22.59 -20.48 23.16
C ASN B 791 -22.92 -21.78 23.87
N SER B 792 -21.92 -22.55 24.21
CA SER B 792 -22.18 -23.94 24.56
C SER B 792 -21.56 -24.30 25.90
N PHE B 793 -22.01 -25.45 26.41
CA PHE B 793 -21.54 -26.01 27.67
C PHE B 793 -20.08 -26.43 27.60
N TYR B 794 -19.39 -26.39 28.76
CA TYR B 794 -17.93 -26.65 28.84
C TYR B 794 -17.59 -27.52 30.05
N MET B 795 -17.56 -28.84 29.86
CA MET B 795 -17.29 -29.78 30.95
C MET B 795 -16.29 -30.88 30.59
N ALA B 796 -16.33 -31.95 31.36
CA ALA B 796 -15.51 -33.12 31.11
C ALA B 796 -16.42 -34.29 30.80
N GLU B 797 -16.19 -34.96 29.66
CA GLU B 797 -17.04 -36.09 29.28
C GLU B 797 -16.89 -37.21 30.28
N TYR B 798 -17.99 -37.62 30.89
CA TYR B 798 -17.89 -38.63 31.93
C TYR B 798 -18.08 -40.01 31.31
N ALA B 799 -17.17 -40.94 31.64
CA ALA B 799 -17.19 -42.31 31.15
C ALA B 799 -18.05 -43.20 32.06
N GLY B 800 -17.50 -43.62 33.19
CA GLY B 800 -18.26 -44.43 34.14
C GLY B 800 -17.38 -44.76 35.32
N ILE B 801 -17.45 -45.99 35.79
CA ILE B 801 -16.54 -46.46 36.83
C ILE B 801 -15.75 -47.65 36.30
N ASP B 802 -14.60 -47.86 36.90
CA ASP B 802 -13.72 -48.98 36.61
C ASP B 802 -14.28 -50.16 37.39
N LYS B 803 -14.85 -51.17 36.73
CA LYS B 803 -15.36 -52.28 37.52
C LYS B 803 -14.27 -52.93 38.37
N LYS B 804 -12.98 -52.66 38.11
CA LYS B 804 -11.85 -53.26 38.79
C LYS B 804 -11.47 -52.56 40.08
N THR B 805 -11.42 -51.21 40.08
CA THR B 805 -11.03 -50.40 41.23
C THR B 805 -12.18 -49.66 41.90
N GLY B 806 -13.29 -49.46 41.22
CA GLY B 806 -14.42 -48.75 41.77
C GLY B 806 -14.28 -47.26 41.66
N LYS B 807 -13.25 -46.79 40.96
CA LYS B 807 -12.98 -45.37 40.92
C LYS B 807 -13.81 -44.73 39.81
N GLN B 808 -13.47 -43.51 39.40
CA GLN B 808 -14.28 -42.76 38.46
C GLN B 808 -13.43 -42.54 37.21
N LEU B 809 -14.05 -42.56 36.03
CA LEU B 809 -13.30 -42.33 34.80
C LEU B 809 -13.85 -41.16 34.00
N TRP B 810 -13.03 -40.69 33.07
CA TRP B 810 -13.29 -39.51 32.26
C TRP B 810 -12.63 -39.72 30.90
N TYR B 811 -13.35 -39.45 29.82
CA TYR B 811 -12.69 -39.46 28.54
C TYR B 811 -11.67 -38.32 28.52
N VAL B 812 -10.56 -38.55 27.82
CA VAL B 812 -9.49 -37.57 27.70
C VAL B 812 -9.66 -36.80 26.40
N PRO B 813 -9.73 -35.47 26.43
CA PRO B 813 -10.00 -34.72 25.19
C PRO B 813 -8.86 -34.82 24.18
N GLY B 814 -9.22 -35.29 22.98
CA GLY B 814 -8.34 -35.42 21.84
C GLY B 814 -7.63 -36.75 21.68
N GLN B 815 -7.85 -37.71 22.60
CA GLN B 815 -7.12 -38.98 22.62
C GLN B 815 -8.03 -40.13 22.21
N VAL B 816 -7.60 -40.87 21.18
CA VAL B 816 -8.34 -41.98 20.60
C VAL B 816 -7.54 -43.26 20.75
N ASP B 817 -8.24 -44.39 20.66
CA ASP B 817 -7.61 -45.69 20.63
C ASP B 817 -7.68 -46.29 19.23
N ALA B 818 -6.57 -46.96 18.85
CA ALA B 818 -6.44 -47.59 17.55
C ALA B 818 -6.84 -49.05 17.64
N LYS B 822 -10.98 -44.69 22.32
CA LYS B 822 -11.19 -43.48 23.15
C LYS B 822 -10.69 -43.63 24.59
N VAL B 823 -9.72 -42.78 24.92
CA VAL B 823 -8.91 -42.94 26.11
C VAL B 823 -9.68 -42.55 27.37
N THR B 824 -9.38 -43.27 28.45
CA THR B 824 -9.96 -43.01 29.76
C THR B 824 -8.87 -42.84 30.79
N THR B 825 -9.09 -41.91 31.71
CA THR B 825 -8.19 -41.62 32.81
C THR B 825 -8.99 -41.63 34.11
N SER B 826 -8.25 -41.57 35.22
CA SER B 826 -8.86 -41.62 36.53
C SER B 826 -8.49 -40.44 37.43
N GLN B 827 -7.53 -39.62 37.03
CA GLN B 827 -7.09 -38.48 37.81
C GLN B 827 -7.66 -37.27 37.11
N TYR B 828 -8.74 -36.70 37.68
CA TYR B 828 -9.34 -35.49 37.13
C TYR B 828 -8.34 -34.34 37.06
N SER B 829 -8.16 -33.78 35.85
CA SER B 829 -7.38 -32.58 35.65
C SER B 829 -8.23 -31.47 35.09
N ALA B 830 -7.81 -30.25 35.40
CA ALA B 830 -8.47 -29.06 34.87
C ALA B 830 -8.61 -29.15 33.36
N ASP B 831 -7.54 -29.62 32.70
CA ASP B 831 -7.44 -29.74 31.24
C ASP B 831 -8.14 -30.99 30.69
N LEU B 832 -9.06 -31.54 31.46
CA LEU B 832 -9.96 -32.58 31.01
C LEU B 832 -11.29 -32.00 30.55
N GLU B 833 -11.38 -30.68 30.48
CA GLU B 833 -12.64 -29.99 30.20
C GLU B 833 -12.57 -29.48 28.76
N THR B 834 -13.66 -29.69 28.01
CA THR B 834 -13.69 -29.32 26.60
C THR B 834 -15.11 -28.95 26.16
N ARG B 835 -15.20 -28.01 25.21
CA ARG B 835 -16.49 -27.55 24.65
C ARG B 835 -17.35 -28.75 24.29
N ILE B 836 -18.44 -29.03 25.04
CA ILE B 836 -19.44 -30.01 24.59
C ILE B 836 -20.40 -29.33 23.63
N ASP B 837 -20.98 -30.13 22.75
CA ASP B 837 -21.65 -29.55 21.60
C ASP B 837 -23.15 -29.52 21.79
N LYS B 838 -23.54 -28.99 22.94
CA LYS B 838 -24.89 -28.58 23.23
C LYS B 838 -24.89 -27.05 23.17
N SER B 839 -25.86 -26.40 23.81
CA SER B 839 -25.97 -24.96 23.68
C SER B 839 -26.91 -24.43 24.76
N VAL B 840 -26.51 -23.35 25.42
CA VAL B 840 -27.29 -22.89 26.57
C VAL B 840 -28.64 -22.36 26.11
N THR B 841 -28.64 -21.37 25.21
CA THR B 841 -29.89 -20.79 24.73
C THR B 841 -30.53 -21.82 23.82
N PRO B 842 -31.71 -22.30 24.15
CA PRO B 842 -32.31 -23.36 23.35
C PRO B 842 -32.51 -22.91 21.92
N PRO B 843 -32.40 -23.81 20.97
CA PRO B 843 -32.39 -23.41 19.57
C PRO B 843 -33.73 -23.56 18.86
N ILE B 844 -34.66 -24.35 19.40
CA ILE B 844 -35.95 -24.55 18.77
C ILE B 844 -37.06 -24.11 19.71
N THR B 845 -37.90 -23.17 19.24
CA THR B 845 -38.96 -22.56 20.02
C THR B 845 -40.25 -22.54 19.20
N GLY B 846 -41.37 -22.59 19.88
CA GLY B 846 -42.67 -22.48 19.26
C GLY B 846 -43.66 -23.50 19.80
N GLY B 847 -44.93 -23.20 19.63
CA GLY B 847 -45.99 -24.13 20.00
C GLY B 847 -47.08 -24.32 18.94
N PHE B 848 -48.24 -24.75 19.40
CA PHE B 848 -49.39 -25.03 18.57
C PHE B 848 -50.62 -25.17 19.45
N SER B 849 -51.76 -24.75 18.91
CA SER B 849 -53.02 -24.74 19.60
C SER B 849 -54.11 -25.34 18.73
N LEU B 850 -55.14 -25.85 19.40
CA LEU B 850 -56.34 -26.47 18.88
C LEU B 850 -57.53 -25.53 19.06
N GLY B 851 -58.71 -26.06 18.84
CA GLY B 851 -59.90 -25.26 18.96
C GLY B 851 -61.09 -26.05 18.49
N ALA B 852 -62.22 -25.84 19.14
CA ALA B 852 -63.38 -26.63 18.83
C ALA B 852 -64.58 -25.82 19.30
N SER B 853 -65.73 -26.47 19.37
CA SER B 853 -66.96 -25.74 19.52
C SER B 853 -68.12 -26.72 19.61
N TRP B 854 -69.32 -26.21 19.35
CA TRP B 854 -70.58 -26.93 19.23
C TRP B 854 -71.64 -25.86 19.27
N LYS B 855 -72.67 -26.09 20.06
CA LYS B 855 -73.69 -25.09 20.21
C LYS B 855 -73.42 -24.43 21.56
N GLY B 856 -72.48 -23.49 21.54
CA GLY B 856 -72.12 -22.84 22.79
C GLY B 856 -70.92 -23.41 23.50
N LEU B 857 -70.97 -24.71 23.71
CA LEU B 857 -69.89 -25.40 24.38
C LEU B 857 -68.59 -25.20 23.62
N SER B 858 -67.51 -24.94 24.36
CA SER B 858 -66.20 -24.78 23.73
C SER B 858 -65.13 -25.50 24.52
N LEU B 859 -64.06 -25.83 23.83
CA LEU B 859 -62.87 -26.44 24.41
C LEU B 859 -61.71 -25.97 23.60
N ASP B 860 -60.69 -25.47 24.27
CA ASP B 860 -59.52 -24.93 23.62
C ASP B 860 -58.30 -25.48 24.34
N ALA B 861 -57.22 -25.65 23.58
CA ALA B 861 -56.02 -26.23 24.13
C ALA B 861 -54.82 -25.58 23.47
N ASP B 862 -53.91 -25.04 24.26
CA ASP B 862 -52.70 -24.44 23.72
C ASP B 862 -51.50 -25.19 24.31
N PHE B 863 -50.60 -25.62 23.43
CA PHE B 863 -49.39 -26.32 23.78
C PHE B 863 -48.19 -25.45 23.42
N ALA B 864 -47.07 -25.70 24.08
CA ALA B 864 -45.85 -24.98 23.76
C ALA B 864 -44.69 -25.89 24.09
N TYR B 865 -43.60 -25.71 23.34
CA TYR B 865 -42.45 -26.56 23.55
C TYR B 865 -41.19 -25.73 23.35
N ILE B 866 -40.11 -26.29 23.89
CA ILE B 866 -38.74 -25.83 23.73
C ILE B 866 -37.87 -27.06 23.71
N VAL B 867 -37.16 -27.24 22.60
CA VAL B 867 -36.33 -28.42 22.45
C VAL B 867 -34.91 -27.99 22.14
N GLY B 868 -33.99 -28.79 22.63
CA GLY B 868 -32.60 -28.42 22.61
C GLY B 868 -32.14 -27.63 23.80
N LYS B 869 -32.77 -27.81 24.96
CA LYS B 869 -32.46 -27.02 26.15
C LYS B 869 -31.85 -27.95 27.15
N TRP B 870 -30.65 -27.64 27.62
CA TRP B 870 -29.97 -28.45 28.61
C TRP B 870 -29.66 -27.63 29.85
N MET B 871 -29.55 -28.34 30.99
CA MET B 871 -29.29 -27.74 32.29
C MET B 871 -28.50 -28.68 33.17
N ILE B 872 -27.80 -28.08 34.15
CA ILE B 872 -27.02 -28.79 35.17
C ILE B 872 -27.84 -28.89 36.45
N ASN B 873 -28.30 -30.11 36.75
CA ASN B 873 -29.07 -30.37 37.96
C ASN B 873 -28.17 -30.23 39.17
N ASN B 874 -28.02 -29.01 39.67
CA ASN B 874 -27.03 -28.82 40.74
C ASN B 874 -27.46 -29.58 42.00
N ASP B 875 -28.78 -29.77 42.18
CA ASP B 875 -29.29 -30.57 43.28
C ASP B 875 -28.72 -32.00 43.26
N ARG B 876 -28.45 -32.56 42.10
CA ARG B 876 -27.89 -33.90 42.11
C ARG B 876 -26.43 -33.92 42.55
N TYR B 877 -25.76 -32.76 42.56
CA TYR B 877 -24.42 -32.72 43.14
C TYR B 877 -24.49 -33.22 44.58
N PHE B 878 -25.59 -32.97 45.25
CA PHE B 878 -25.77 -33.37 46.64
C PHE B 878 -26.44 -34.75 46.77
N THR B 879 -27.63 -34.92 46.17
CA THR B 879 -28.42 -36.13 46.41
C THR B 879 -27.82 -37.39 45.84
N GLU B 880 -26.73 -37.26 45.08
CA GLU B 880 -26.11 -38.34 44.33
C GLU B 880 -24.63 -38.34 44.58
N ASN B 881 -24.19 -38.35 45.83
CA ASN B 881 -22.76 -38.59 46.02
C ASN B 881 -22.48 -39.22 47.37
N GLY B 882 -21.42 -40.02 47.40
CA GLY B 882 -20.94 -40.66 48.61
C GLY B 882 -19.68 -40.03 49.15
N GLY B 883 -19.26 -38.89 48.61
CA GLY B 883 -18.05 -38.24 49.05
C GLY B 883 -18.22 -37.20 50.14
N GLY B 884 -19.39 -36.57 50.24
CA GLY B 884 -19.61 -35.57 51.26
C GLY B 884 -21.07 -35.23 51.49
N LEU B 885 -21.27 -34.20 52.31
CA LEU B 885 -22.61 -33.74 52.68
C LEU B 885 -23.46 -34.93 53.13
N MET B 886 -22.85 -35.75 53.98
CA MET B 886 -23.43 -37.02 54.35
C MET B 886 -24.46 -36.90 55.46
N GLN B 887 -24.69 -35.70 55.99
CA GLN B 887 -25.82 -35.48 56.89
C GLN B 887 -27.15 -35.65 56.17
N LEU B 888 -27.17 -35.30 54.88
CA LEU B 888 -28.34 -35.18 54.01
C LEU B 888 -28.79 -36.53 53.45
N ASN B 889 -30.09 -36.62 53.18
CA ASN B 889 -30.63 -37.82 52.55
C ASN B 889 -30.17 -37.82 51.10
N LYS B 890 -30.01 -39.02 50.53
CA LYS B 890 -29.48 -39.21 49.18
C LYS B 890 -30.35 -40.18 48.38
N ASP B 891 -30.09 -40.26 47.07
CA ASP B 891 -30.77 -41.22 46.20
C ASP B 891 -30.51 -42.65 46.61
N LYS B 892 -31.54 -43.49 46.43
CA LYS B 892 -31.46 -44.88 46.85
C LYS B 892 -30.30 -45.62 46.19
N MET B 893 -29.76 -45.05 45.12
CA MET B 893 -28.77 -45.74 44.31
C MET B 893 -27.47 -45.88 45.04
N LEU B 894 -27.19 -45.02 46.03
CA LEU B 894 -25.95 -45.19 46.76
C LEU B 894 -25.94 -46.41 47.65
N LEU B 895 -26.91 -47.30 47.50
CA LEU B 895 -26.91 -48.55 48.23
C LEU B 895 -26.26 -49.66 47.43
N ASN B 896 -25.66 -49.33 46.27
CA ASN B 896 -24.99 -50.28 45.39
C ASN B 896 -23.58 -49.85 45.05
N ALA B 897 -22.99 -48.94 45.79
CA ALA B 897 -21.68 -48.44 45.43
C ALA B 897 -20.67 -49.59 45.42
N TRP B 898 -19.72 -49.51 44.49
CA TRP B 898 -18.73 -50.56 44.31
C TRP B 898 -18.03 -50.88 45.63
N THR B 899 -18.03 -52.17 45.99
CA THR B 899 -17.19 -52.64 47.07
C THR B 899 -16.32 -53.76 46.52
N GLU B 900 -15.99 -54.74 47.34
CA GLU B 900 -15.33 -55.94 46.85
C GLU B 900 -16.30 -57.10 46.76
N ASP B 901 -17.26 -57.17 47.67
CA ASP B 901 -18.28 -58.19 47.66
C ASP B 901 -19.40 -57.89 46.68
N ASN B 902 -19.52 -56.63 46.25
CA ASN B 902 -20.48 -56.16 45.27
C ASN B 902 -19.73 -55.35 44.22
N LYS B 903 -19.89 -55.72 42.95
CA LYS B 903 -18.97 -55.19 41.94
C LYS B 903 -19.63 -55.09 40.58
N GLU B 904 -20.85 -55.58 40.45
CA GLU B 904 -21.58 -55.50 39.18
C GLU B 904 -22.62 -54.38 39.18
N THR B 905 -22.19 -53.16 39.51
CA THR B 905 -23.02 -51.96 39.36
C THR B 905 -22.20 -50.86 38.70
N ASP B 906 -22.73 -49.63 38.71
CA ASP B 906 -22.06 -48.51 38.08
C ASP B 906 -22.15 -47.24 38.92
N VAL B 907 -22.42 -47.38 40.21
CA VAL B 907 -22.33 -46.30 41.18
C VAL B 907 -21.00 -46.42 41.94
N PRO B 908 -20.13 -45.40 41.89
CA PRO B 908 -18.73 -45.58 42.34
C PRO B 908 -18.63 -45.87 43.83
N LYS B 909 -17.42 -46.32 44.25
CA LYS B 909 -17.12 -46.58 45.66
C LYS B 909 -17.45 -45.40 46.55
N LEU B 910 -17.69 -45.67 47.84
CA LEU B 910 -18.25 -44.60 48.65
C LEU B 910 -17.32 -43.41 48.81
N GLY B 911 -16.01 -43.60 48.82
CA GLY B 911 -15.21 -42.51 49.36
C GLY B 911 -15.02 -41.24 48.51
N GLN B 912 -15.60 -41.11 47.33
CA GLN B 912 -15.17 -40.04 46.44
C GLN B 912 -16.28 -39.04 46.16
N SER B 913 -15.86 -37.73 45.96
CA SER B 913 -16.85 -36.70 45.68
C SER B 913 -16.97 -36.51 44.19
N PRO B 914 -18.16 -36.12 43.69
CA PRO B 914 -18.39 -36.00 42.24
C PRO B 914 -18.03 -34.63 41.71
N GLN B 915 -17.85 -34.56 40.39
CA GLN B 915 -17.49 -33.31 39.72
C GLN B 915 -18.59 -32.84 38.76
N PHE B 916 -18.50 -31.58 38.34
CA PHE B 916 -19.52 -30.98 37.46
C PHE B 916 -19.19 -31.36 36.02
N ASP B 917 -19.63 -32.57 35.62
CA ASP B 917 -19.20 -33.16 34.37
C ASP B 917 -20.46 -33.37 33.55
N THR B 918 -20.72 -34.58 33.09
CA THR B 918 -21.87 -34.83 32.27
C THR B 918 -22.89 -35.72 32.94
N HIS B 919 -22.54 -36.32 34.09
CA HIS B 919 -23.59 -36.99 34.83
C HIS B 919 -24.58 -35.98 35.39
N LEU B 920 -24.33 -34.69 35.17
CA LEU B 920 -25.21 -33.62 35.59
C LEU B 920 -25.87 -32.84 34.44
N LEU B 921 -25.38 -32.94 33.19
CA LEU B 921 -26.09 -32.30 32.08
C LEU B 921 -27.33 -33.09 31.74
N GLU B 922 -28.49 -32.50 31.96
CA GLU B 922 -29.72 -33.18 31.63
C GLU B 922 -30.37 -32.50 30.44
N ASN B 923 -31.30 -33.22 29.82
CA ASN B 923 -32.06 -32.67 28.70
C ASN B 923 -33.31 -32.03 29.28
N ALA B 924 -33.22 -30.73 29.56
CA ALA B 924 -34.36 -29.98 30.05
C ALA B 924 -35.19 -29.49 28.88
N SER B 925 -35.67 -30.46 28.12
CA SER B 925 -36.62 -30.20 27.06
C SER B 925 -37.99 -30.63 27.53
N PHE B 926 -39.00 -29.99 26.95
CA PHE B 926 -40.33 -30.11 27.48
C PHE B 926 -41.35 -29.60 26.49
N LEU B 927 -42.54 -30.10 26.66
CA LEU B 927 -43.75 -29.68 25.99
C LEU B 927 -44.77 -29.50 27.11
N ARG B 928 -45.43 -28.35 27.15
CA ARG B 928 -46.42 -28.07 28.20
C ARG B 928 -47.80 -27.83 27.60
N LEU B 929 -48.82 -28.28 28.33
CA LEU B 929 -50.20 -28.00 27.99
C LEU B 929 -50.56 -26.81 28.85
N LYS B 930 -50.35 -25.63 28.30
CA LYS B 930 -50.49 -24.42 29.08
C LYS B 930 -51.94 -24.13 29.46
N ASN B 931 -52.84 -23.97 28.50
CA ASN B 931 -54.22 -23.80 28.98
C ASN B 931 -55.13 -24.86 28.36
N LEU B 932 -56.25 -25.07 29.03
CA LEU B 932 -57.29 -26.02 28.67
C LEU B 932 -58.63 -25.51 29.17
N LYS B 933 -59.24 -24.65 28.37
CA LYS B 933 -60.52 -24.07 28.75
C LYS B 933 -61.67 -24.95 28.30
N LEU B 934 -62.85 -24.57 28.75
CA LEU B 934 -64.07 -25.32 28.51
C LEU B 934 -65.19 -24.37 28.86
N THR B 935 -65.57 -23.52 27.93
CA THR B 935 -66.58 -22.51 28.18
C THR B 935 -67.95 -23.00 27.70
N TYR B 936 -68.97 -22.23 28.07
CA TYR B 936 -70.34 -22.58 27.72
C TYR B 936 -71.13 -21.27 27.76
N VAL B 937 -71.17 -20.59 26.63
CA VAL B 937 -71.96 -19.36 26.59
C VAL B 937 -73.44 -19.74 26.66
N LEU B 938 -74.14 -19.19 27.68
CA LEU B 938 -75.53 -19.54 27.95
C LEU B 938 -76.39 -19.30 26.72
N PRO B 939 -77.40 -20.15 26.50
CA PRO B 939 -78.29 -19.98 25.35
C PRO B 939 -78.92 -18.59 25.27
N ASN B 940 -78.86 -18.01 24.06
CA ASN B 940 -79.39 -16.66 23.77
C ASN B 940 -80.88 -16.54 24.06
N SER B 941 -81.58 -17.67 24.11
CA SER B 941 -83.03 -17.73 24.22
C SER B 941 -83.47 -17.75 25.67
N LEU B 942 -82.56 -17.66 26.61
CA LEU B 942 -82.92 -17.72 28.01
C LEU B 942 -83.14 -16.33 28.59
N PHE B 943 -82.86 -15.29 27.81
CA PHE B 943 -83.04 -13.90 28.20
C PHE B 943 -84.14 -13.37 27.30
N ALA B 944 -85.39 -13.75 27.61
CA ALA B 944 -86.57 -13.43 26.79
C ALA B 944 -87.33 -12.19 27.28
N GLY B 945 -88.04 -12.29 28.41
CA GLY B 945 -88.74 -11.12 28.95
C GLY B 945 -87.81 -10.11 29.59
N GLN B 946 -86.72 -10.58 30.23
CA GLN B 946 -85.72 -9.85 31.04
C GLN B 946 -84.87 -8.86 30.27
N ASN B 947 -85.27 -7.58 30.23
CA ASN B 947 -84.51 -6.54 29.55
C ASN B 947 -83.36 -6.01 30.42
N VAL B 948 -82.90 -6.81 31.38
CA VAL B 948 -81.82 -6.38 32.27
C VAL B 948 -80.52 -7.05 31.86
N ILE B 949 -80.61 -8.27 31.31
CA ILE B 949 -79.40 -9.03 30.95
C ILE B 949 -79.28 -9.20 29.44
N GLY B 950 -78.84 -10.37 28.99
CA GLY B 950 -78.60 -10.56 27.59
C GLY B 950 -77.17 -11.01 27.39
N GLY B 951 -76.71 -11.91 28.27
CA GLY B 951 -75.35 -12.49 28.22
C GLY B 951 -74.90 -13.27 29.45
N ALA B 952 -74.09 -14.31 29.26
CA ALA B 952 -73.63 -15.19 30.34
C ALA B 952 -72.61 -16.17 29.76
N ARG B 953 -71.81 -16.78 30.65
CA ARG B 953 -70.79 -17.78 30.31
C ARG B 953 -70.33 -18.55 31.54
N VAL B 954 -69.70 -19.69 31.28
CA VAL B 954 -69.19 -20.48 32.39
C VAL B 954 -67.83 -21.10 32.01
N TYR B 955 -66.87 -21.02 32.93
CA TYR B 955 -65.49 -21.47 32.76
C TYR B 955 -65.27 -22.82 33.38
N LEU B 956 -64.14 -23.40 33.04
CA LEU B 956 -63.59 -24.48 33.84
C LEU B 956 -62.19 -24.69 33.26
N MET B 957 -61.27 -23.78 33.59
CA MET B 957 -59.93 -23.73 33.05
C MET B 957 -58.94 -24.60 33.83
N ALA B 958 -57.69 -24.57 33.38
CA ALA B 958 -56.57 -25.30 33.98
C ALA B 958 -55.30 -24.90 33.25
N ARG B 959 -54.23 -24.55 33.97
CA ARG B 959 -53.00 -24.15 33.32
C ARG B 959 -51.84 -25.01 33.83
N ASN B 960 -50.93 -25.33 32.91
CA ASN B 960 -49.74 -26.16 33.17
C ASN B 960 -50.11 -27.51 33.80
N LEU B 961 -51.20 -28.13 33.35
CA LEU B 961 -51.64 -29.36 34.01
C LEU B 961 -50.96 -30.60 33.47
N LEU B 962 -50.26 -30.51 32.36
CA LEU B 962 -49.62 -31.68 31.78
C LEU B 962 -48.24 -31.27 31.29
N THR B 963 -47.22 -32.01 31.71
CA THR B 963 -45.87 -31.65 31.34
C THR B 963 -45.11 -32.93 31.05
N VAL B 964 -44.27 -32.91 30.01
CA VAL B 964 -43.53 -34.08 29.56
C VAL B 964 -42.10 -34.00 30.08
N THR B 965 -41.87 -34.71 31.16
CA THR B 965 -40.64 -34.63 31.93
C THR B 965 -39.55 -35.31 31.14
N LYS B 966 -38.56 -34.57 30.65
CA LYS B 966 -37.31 -35.29 30.40
C LYS B 966 -36.35 -35.21 31.59
N TYR B 967 -36.18 -33.98 32.10
CA TYR B 967 -35.43 -33.61 33.30
C TYR B 967 -35.84 -34.40 34.52
N LYS B 968 -34.86 -34.70 35.36
CA LYS B 968 -35.06 -35.48 36.58
C LYS B 968 -35.22 -34.60 37.83
N GLY B 969 -35.79 -33.42 37.73
CA GLY B 969 -35.83 -32.59 38.91
C GLY B 969 -36.82 -31.46 38.94
N PHE B 970 -38.05 -31.76 39.36
CA PHE B 970 -39.12 -30.75 39.44
C PHE B 970 -39.32 -30.10 38.09
N ASP B 971 -39.01 -28.82 37.94
CA ASP B 971 -39.47 -28.27 36.68
C ASP B 971 -38.32 -27.88 35.76
N PRO B 972 -38.30 -28.41 34.52
CA PRO B 972 -37.19 -28.12 33.61
C PRO B 972 -37.22 -26.75 33.01
N GLU B 973 -38.27 -25.98 33.25
CA GLU B 973 -38.24 -24.61 32.75
C GLU B 973 -37.45 -23.71 33.69
N ALA B 974 -37.58 -23.95 35.00
CA ALA B 974 -37.08 -23.05 36.05
C ALA B 974 -35.58 -23.23 36.22
N GLY B 975 -34.85 -22.55 35.37
CA GLY B 975 -33.42 -22.68 35.38
C GLY B 975 -32.83 -22.19 34.08
N GLY B 976 -32.01 -23.00 33.42
CA GLY B 976 -31.25 -22.46 32.31
C GLY B 976 -29.87 -22.03 32.76
N ASN B 977 -28.88 -22.72 32.23
CA ASN B 977 -27.50 -22.74 32.72
C ASN B 977 -27.47 -23.77 33.84
N VAL B 978 -27.99 -23.45 35.03
CA VAL B 978 -27.88 -24.31 36.21
C VAL B 978 -29.23 -24.41 36.90
N GLY B 979 -29.55 -25.59 37.43
CA GLY B 979 -30.83 -25.76 38.07
C GLY B 979 -30.68 -26.06 39.53
N LYS B 980 -30.80 -25.01 40.36
CA LYS B 980 -30.50 -24.99 41.78
C LYS B 980 -31.71 -25.36 42.65
N ASN B 981 -31.68 -24.92 43.88
CA ASN B 981 -32.84 -25.05 44.76
C ASN B 981 -33.94 -24.29 44.07
N GLN B 982 -34.79 -24.97 43.31
CA GLN B 982 -35.64 -24.18 42.43
C GLN B 982 -37.04 -24.02 42.99
N TYR B 983 -37.70 -22.95 42.54
CA TYR B 983 -39.07 -22.69 42.89
C TYR B 983 -39.89 -23.17 41.70
N PRO B 984 -40.44 -24.40 41.75
CA PRO B 984 -41.14 -24.97 40.60
C PRO B 984 -42.23 -24.08 40.05
N ASN B 985 -42.57 -24.24 38.77
CA ASN B 985 -43.77 -23.56 38.32
C ASN B 985 -44.99 -24.27 38.87
N SER B 986 -46.12 -23.68 38.56
CA SER B 986 -47.34 -24.04 39.24
C SER B 986 -48.34 -24.66 38.27
N LYS B 987 -49.27 -25.43 38.83
CA LYS B 987 -50.47 -25.90 38.15
C LYS B 987 -51.67 -25.26 38.83
N GLN B 988 -52.68 -24.81 38.05
CA GLN B 988 -53.88 -24.13 38.54
C GLN B 988 -55.17 -24.82 38.08
N TYR B 989 -56.19 -24.77 38.92
CA TYR B 989 -57.55 -25.18 38.58
C TYR B 989 -58.45 -23.98 38.79
N VAL B 990 -58.98 -23.39 37.73
CA VAL B 990 -59.77 -22.18 37.84
C VAL B 990 -61.24 -22.56 37.69
N ALA B 991 -62.14 -21.58 37.92
CA ALA B 991 -63.55 -21.74 37.53
C ALA B 991 -64.13 -20.33 37.51
N GLY B 992 -64.37 -19.80 36.31
CA GLY B 992 -64.93 -18.47 36.15
C GLY B 992 -66.43 -18.44 35.81
N ILE B 993 -66.97 -17.22 35.81
CA ILE B 993 -68.41 -16.96 35.57
C ILE B 993 -68.50 -15.55 35.03
N GLN B 994 -69.15 -15.37 33.92
CA GLN B 994 -69.29 -14.02 33.40
C GLN B 994 -70.74 -13.68 33.16
N LEU B 995 -71.07 -12.42 33.45
CA LEU B 995 -72.42 -11.87 33.32
C LEU B 995 -72.32 -10.66 32.42
N SER B 996 -73.07 -10.67 31.33
CA SER B 996 -72.96 -9.62 30.34
C SER B 996 -74.29 -8.91 30.20
N PHE B 997 -74.26 -7.58 30.33
CA PHE B 997 -75.43 -6.75 30.05
C PHE B 997 -74.99 -5.30 29.86
N ALA C 1 -27.34 -24.66 59.05
CA ALA C 1 -26.10 -24.46 58.31
C ALA C 1 -26.42 -23.72 57.03
N SER C 2 -25.64 -24.01 55.99
CA SER C 2 -25.78 -23.43 54.66
C SER C 2 -24.83 -24.22 53.75
N THR C 3 -25.26 -25.41 53.35
CA THR C 3 -24.41 -26.39 52.69
C THR C 3 -24.01 -25.97 51.27
N THR C 4 -22.94 -25.18 51.15
CA THR C 4 -22.41 -24.81 49.83
C THR C 4 -21.50 -25.92 49.31
N GLY C 5 -22.04 -27.12 49.15
CA GLY C 5 -21.20 -28.25 48.78
C GLY C 5 -20.47 -28.06 47.47
N GLY C 6 -21.25 -27.88 46.42
CA GLY C 6 -20.68 -27.45 45.18
C GLY C 6 -21.22 -26.05 45.06
N ASN C 7 -22.48 -25.95 44.56
CA ASN C 7 -23.14 -24.70 44.20
C ASN C 7 -22.38 -24.13 43.01
N SER C 8 -22.61 -24.68 41.82
CA SER C 8 -22.04 -24.07 40.63
C SER C 8 -22.88 -22.83 40.34
N GLN C 9 -22.21 -21.73 40.02
CA GLN C 9 -22.85 -20.41 40.03
C GLN C 9 -23.48 -20.06 38.67
N ARG C 10 -24.77 -19.66 38.69
CA ARG C 10 -25.51 -19.35 37.44
C ARG C 10 -24.81 -18.27 36.63
N GLY C 11 -24.64 -18.53 35.34
CA GLY C 11 -23.95 -17.57 34.51
C GLY C 11 -24.78 -16.85 33.47
N SER C 12 -26.03 -17.29 33.32
CA SER C 12 -26.90 -16.86 32.22
C SER C 12 -28.05 -15.95 32.67
N GLY C 13 -28.70 -16.20 33.81
CA GLY C 13 -29.69 -15.26 34.32
C GLY C 13 -29.08 -13.99 34.91
N CYS D 1 -30.39 -7.01 -43.47
CA CYS D 1 -31.45 -6.07 -43.14
C CYS D 1 -32.64 -6.41 -43.95
N GLU D 2 -33.10 -5.49 -44.83
CA GLU D 2 -34.42 -5.46 -45.50
C GLU D 2 -35.15 -6.77 -45.76
N LEU D 3 -36.40 -6.87 -45.25
CA LEU D 3 -36.96 -8.19 -45.01
C LEU D 3 -38.47 -8.31 -45.19
N ASP D 4 -39.09 -7.60 -46.15
CA ASP D 4 -40.46 -7.94 -46.55
C ASP D 4 -40.46 -8.89 -47.73
N ARG D 5 -41.33 -9.89 -47.66
CA ARG D 5 -41.42 -10.94 -48.66
C ARG D 5 -42.83 -10.94 -49.23
N ASP D 6 -42.93 -10.68 -50.50
CA ASP D 6 -44.23 -10.73 -51.16
C ASP D 6 -44.33 -11.99 -51.99
N PRO D 7 -45.54 -12.49 -52.28
CA PRO D 7 -45.63 -13.79 -52.93
C PRO D 7 -45.63 -13.68 -54.44
N GLU D 8 -44.92 -14.61 -55.07
CA GLU D 8 -44.92 -14.76 -56.51
C GLU D 8 -46.21 -15.43 -56.89
N GLY D 9 -46.81 -14.98 -57.97
CA GLY D 9 -48.08 -15.57 -58.34
C GLY D 9 -49.24 -14.63 -58.11
N LYS D 10 -49.26 -13.96 -56.97
CA LYS D 10 -50.30 -13.02 -56.62
C LYS D 10 -49.82 -11.58 -56.89
N ASP D 11 -50.80 -10.67 -57.01
CA ASP D 11 -50.54 -9.23 -57.07
C ASP D 11 -51.43 -8.49 -56.08
N PHE D 12 -51.12 -7.22 -55.86
CA PHE D 12 -51.92 -6.44 -54.92
C PHE D 12 -53.22 -6.05 -55.61
N GLN D 13 -54.30 -5.94 -54.82
CA GLN D 13 -55.54 -5.34 -55.30
C GLN D 13 -55.34 -3.85 -55.50
N GLN D 14 -55.74 -3.33 -56.66
CA GLN D 14 -55.69 -1.90 -56.95
C GLN D 14 -56.92 -1.49 -57.74
N PRO D 15 -57.25 -0.19 -57.73
CA PRO D 15 -58.28 0.32 -58.64
C PRO D 15 -57.86 0.16 -60.10
N TYR D 16 -58.87 0.01 -60.95
CA TYR D 16 -58.63 -0.31 -62.36
C TYR D 16 -58.04 0.93 -63.03
N THR D 17 -56.89 0.78 -63.66
CA THR D 17 -56.11 1.91 -64.16
C THR D 17 -56.27 2.13 -65.66
N SER D 18 -56.71 1.11 -66.40
CA SER D 18 -56.63 1.10 -67.84
C SER D 18 -57.63 0.09 -68.34
N PHE D 19 -58.07 0.27 -69.60
CA PHE D 19 -59.00 -0.64 -70.23
C PHE D 19 -58.55 -2.09 -70.08
N VAL D 20 -57.25 -2.34 -70.28
CA VAL D 20 -56.75 -3.72 -70.34
C VAL D 20 -56.95 -4.43 -69.02
N GLN D 21 -56.81 -3.69 -67.91
CA GLN D 21 -57.04 -4.24 -66.57
C GLN D 21 -58.51 -4.59 -66.35
N THR D 22 -59.41 -3.72 -66.84
CA THR D 22 -60.83 -3.92 -66.67
C THR D 22 -61.27 -5.24 -67.29
N LYS D 23 -60.71 -5.53 -68.47
CA LYS D 23 -61.16 -6.72 -69.19
C LYS D 23 -60.69 -7.99 -68.48
N GLN D 24 -59.52 -7.93 -67.82
CA GLN D 24 -58.97 -9.12 -67.18
C GLN D 24 -59.81 -9.50 -65.96
N ASN D 25 -60.08 -8.53 -65.09
CA ASN D 25 -60.98 -8.76 -63.96
C ASN D 25 -62.35 -9.23 -64.42
N ARG D 26 -62.80 -8.77 -65.59
CA ARG D 26 -64.07 -9.21 -66.13
C ARG D 26 -64.04 -10.69 -66.46
N ASP D 27 -62.94 -11.18 -67.07
CA ASP D 27 -62.82 -12.62 -67.34
C ASP D 27 -62.73 -13.43 -66.06
N GLY D 28 -61.92 -12.95 -65.11
CA GLY D 28 -61.85 -13.67 -63.87
C GLY D 28 -63.22 -13.89 -63.27
N LEU D 29 -64.11 -12.92 -63.47
CA LEU D 29 -65.45 -13.08 -62.94
C LEU D 29 -66.20 -14.17 -63.70
N TYR D 30 -66.14 -14.13 -65.03
CA TYR D 30 -66.86 -15.12 -65.84
C TYR D 30 -66.34 -16.52 -65.59
N ALA D 31 -65.09 -16.59 -65.15
CA ALA D 31 -64.49 -17.86 -64.79
C ALA D 31 -65.05 -18.33 -63.48
N LEU D 32 -65.15 -17.42 -62.51
CA LEU D 32 -65.76 -17.77 -61.24
C LEU D 32 -67.19 -18.25 -61.43
N LEU D 33 -67.92 -17.63 -62.37
CA LEU D 33 -69.29 -18.07 -62.66
C LEU D 33 -69.35 -19.55 -63.06
N ARG D 34 -68.30 -20.05 -63.76
CA ARG D 34 -68.25 -21.44 -64.23
C ARG D 34 -68.20 -22.46 -63.08
N ASN D 35 -67.61 -22.11 -61.94
CA ASN D 35 -67.62 -22.98 -60.76
C ASN D 35 -68.67 -22.56 -59.76
N THR D 36 -69.73 -21.87 -60.19
CA THR D 36 -70.77 -21.39 -59.31
C THR D 36 -72.16 -21.84 -59.75
N GLU D 37 -72.65 -21.25 -60.87
CA GLU D 37 -73.86 -21.65 -61.59
C GLU D 37 -73.55 -22.88 -62.44
N ASN D 38 -73.39 -24.02 -61.74
CA ASN D 38 -72.83 -25.28 -62.23
C ASN D 38 -73.74 -26.46 -61.87
N PRO D 39 -73.94 -27.43 -62.78
CA PRO D 39 -74.88 -28.54 -62.50
C PRO D 39 -74.60 -29.36 -61.24
N ARG D 40 -73.34 -29.50 -60.80
CA ARG D 40 -73.05 -30.23 -59.56
C ARG D 40 -73.65 -29.54 -58.35
N MET D 41 -73.94 -28.24 -58.49
CA MET D 41 -74.46 -27.41 -57.41
C MET D 41 -75.98 -27.48 -57.32
N HIS D 42 -76.65 -27.89 -58.41
CA HIS D 42 -78.09 -28.01 -58.43
C HIS D 42 -78.58 -29.46 -58.31
N PHE D 43 -77.67 -30.42 -58.18
CA PHE D 43 -78.09 -31.81 -58.01
C PHE D 43 -78.75 -32.05 -56.66
N TYR D 44 -78.68 -31.06 -55.77
CA TYR D 44 -79.29 -31.14 -54.45
C TYR D 44 -80.79 -30.86 -54.50
N GLN D 45 -81.19 -29.69 -55.03
CA GLN D 45 -82.63 -29.48 -55.17
C GLN D 45 -83.26 -30.43 -56.18
N GLU D 46 -82.45 -31.16 -56.93
CA GLU D 46 -83.05 -32.16 -57.79
C GLU D 46 -83.43 -33.40 -56.99
N LEU D 47 -82.49 -33.98 -56.27
CA LEU D 47 -82.77 -35.24 -55.61
C LEU D 47 -83.83 -35.11 -54.53
N GLN D 48 -84.04 -33.90 -53.97
CA GLN D 48 -85.04 -33.68 -52.91
C GLN D 48 -86.49 -33.78 -53.40
N SER D 49 -86.73 -33.61 -54.70
CA SER D 49 -88.08 -33.66 -55.22
C SER D 49 -88.60 -35.09 -55.22
N ASP D 50 -89.76 -35.27 -55.84
CA ASP D 50 -90.54 -36.49 -55.69
C ASP D 50 -90.29 -37.48 -56.81
N MET D 51 -89.12 -37.43 -57.45
CA MET D 51 -88.84 -38.24 -58.63
C MET D 51 -87.89 -39.40 -58.39
N TYR D 52 -86.94 -39.32 -57.47
CA TYR D 52 -85.97 -40.39 -57.38
C TYR D 52 -86.21 -41.25 -56.15
N CYS D 53 -85.55 -42.41 -56.16
CA CYS D 53 -85.39 -43.27 -54.99
C CYS D 53 -83.94 -43.73 -54.96
N THR D 54 -83.46 -44.04 -53.74
CA THR D 54 -82.06 -44.36 -53.49
C THR D 54 -81.79 -45.84 -53.69
N THR D 55 -80.73 -46.16 -54.44
CA THR D 55 -80.44 -47.56 -54.72
C THR D 55 -79.56 -48.12 -53.61
N ILE D 56 -79.24 -49.40 -53.71
CA ILE D 56 -78.44 -50.03 -52.66
C ILE D 56 -76.98 -49.67 -52.83
N THR D 57 -76.70 -48.76 -53.74
CA THR D 57 -75.33 -48.36 -53.98
C THR D 57 -74.93 -47.13 -53.17
N ASP D 58 -75.90 -46.31 -52.77
CA ASP D 58 -75.65 -45.06 -52.05
C ASP D 58 -74.85 -45.29 -50.75
N GLY D 59 -73.98 -44.35 -50.45
CA GLY D 59 -73.33 -44.36 -49.15
C GLY D 59 -73.74 -43.16 -48.32
N ASN D 60 -75.06 -42.94 -48.17
CA ASN D 60 -75.64 -41.78 -47.48
C ASN D 60 -75.28 -40.44 -48.11
N SER D 61 -74.96 -40.47 -49.41
CA SER D 61 -74.59 -39.27 -50.16
C SER D 61 -75.83 -38.55 -50.67
N LEU D 62 -76.76 -39.30 -51.25
CA LEU D 62 -78.02 -38.73 -51.71
C LEU D 62 -79.17 -38.94 -50.75
N ALA D 63 -79.19 -40.04 -50.00
CA ALA D 63 -80.33 -40.34 -49.14
C ALA D 63 -80.83 -39.17 -48.32
N PRO D 64 -79.97 -38.30 -47.75
CA PRO D 64 -80.51 -37.12 -47.04
C PRO D 64 -81.40 -36.19 -47.89
N PHE D 65 -81.16 -36.07 -49.19
CA PHE D 65 -82.09 -35.19 -49.88
C PHE D 65 -83.30 -35.95 -50.41
N VAL D 66 -83.10 -37.19 -50.87
CA VAL D 66 -84.16 -38.02 -51.40
C VAL D 66 -85.17 -38.45 -50.34
N ASN D 67 -84.72 -38.63 -49.08
CA ASN D 67 -85.53 -39.22 -48.02
C ASN D 67 -85.81 -38.26 -46.86
N TRP D 68 -85.43 -36.99 -46.99
CA TRP D 68 -85.79 -35.92 -46.04
C TRP D 68 -85.35 -36.28 -44.62
N ASP D 69 -84.06 -36.56 -44.47
CA ASP D 69 -83.43 -36.74 -43.15
C ASP D 69 -83.10 -35.35 -42.62
N LEU D 70 -84.03 -34.81 -41.84
CA LEU D 70 -83.91 -33.42 -41.44
C LEU D 70 -82.73 -33.21 -40.49
N GLY D 71 -82.30 -34.27 -39.80
CA GLY D 71 -81.16 -34.18 -38.92
C GLY D 71 -79.85 -33.97 -39.64
N ILE D 72 -79.78 -34.31 -40.92
CA ILE D 72 -78.59 -34.05 -41.72
C ILE D 72 -78.73 -32.76 -42.51
N LEU D 73 -79.94 -32.48 -43.00
CA LEU D 73 -80.19 -31.34 -43.89
C LEU D 73 -80.13 -29.99 -43.17
N ASN D 74 -80.23 -29.97 -41.84
CA ASN D 74 -80.07 -28.72 -41.08
C ASN D 74 -78.69 -28.10 -41.32
N ASP D 75 -77.62 -28.87 -41.02
CA ASP D 75 -76.24 -28.40 -41.01
C ASP D 75 -75.51 -28.56 -42.32
N HIS D 76 -76.18 -29.08 -43.37
CA HIS D 76 -75.53 -29.83 -44.44
C HIS D 76 -74.51 -29.04 -45.25
N GLY D 77 -73.40 -29.69 -45.55
CA GLY D 77 -72.46 -29.20 -46.54
C GLY D 77 -71.13 -28.87 -45.92
N ARG D 78 -70.26 -28.34 -46.77
CA ARG D 78 -68.96 -27.85 -46.36
C ARG D 78 -68.59 -26.65 -47.21
N ALA D 79 -67.74 -25.79 -46.65
CA ALA D 79 -67.21 -24.64 -47.36
C ALA D 79 -65.95 -24.19 -46.64
N ASP D 80 -65.00 -25.09 -46.56
CA ASP D 80 -63.66 -24.74 -46.17
C ASP D 80 -62.79 -24.62 -47.43
N GLU D 81 -61.49 -24.75 -47.29
CA GLU D 81 -60.58 -24.70 -48.42
C GLU D 81 -60.16 -26.08 -48.88
N ASP D 82 -60.66 -27.15 -48.24
CA ASP D 82 -60.49 -28.52 -48.74
C ASP D 82 -61.69 -28.95 -49.55
N GLU D 83 -62.89 -28.66 -49.09
CA GLU D 83 -64.12 -29.01 -49.78
C GLU D 83 -65.02 -27.79 -49.90
N VAL D 84 -65.98 -27.88 -50.81
CA VAL D 84 -67.10 -26.96 -50.94
C VAL D 84 -68.20 -27.85 -51.48
N SER D 85 -69.17 -28.23 -50.68
CA SER D 85 -70.16 -29.11 -51.25
C SER D 85 -71.51 -28.82 -50.60
N GLY D 86 -72.57 -29.37 -51.18
CA GLY D 86 -73.84 -29.23 -50.47
C GLY D 86 -74.35 -27.81 -50.19
N ILE D 87 -75.29 -27.76 -49.24
CA ILE D 87 -76.10 -26.56 -49.02
C ILE D 87 -75.23 -25.41 -48.55
N ALA D 88 -74.33 -25.68 -47.60
CA ALA D 88 -73.35 -24.69 -47.18
C ALA D 88 -72.55 -24.15 -48.34
N GLY D 89 -72.08 -25.03 -49.23
CA GLY D 89 -71.30 -24.60 -50.38
C GLY D 89 -72.13 -23.74 -51.32
N TYR D 90 -73.37 -24.18 -51.60
CA TYR D 90 -74.29 -23.37 -52.40
C TYR D 90 -74.35 -21.95 -51.85
N TYR D 91 -74.58 -21.83 -50.53
CA TYR D 91 -74.63 -20.51 -49.91
C TYR D 91 -73.34 -19.75 -50.19
N PHE D 92 -72.22 -20.46 -50.21
CA PHE D 92 -70.94 -19.78 -50.28
C PHE D 92 -70.66 -19.25 -51.67
N VAL D 93 -70.74 -20.12 -52.68
CA VAL D 93 -70.28 -19.74 -54.02
C VAL D 93 -71.14 -18.62 -54.61
N TYR D 94 -72.42 -18.55 -54.23
CA TYR D 94 -73.22 -17.46 -54.77
C TYR D 94 -72.90 -16.13 -54.09
N ASN D 95 -72.74 -16.14 -52.76
CA ASN D 95 -72.27 -14.92 -52.09
C ASN D 95 -70.89 -14.49 -52.60
N ARG D 96 -69.97 -15.43 -52.82
CA ARG D 96 -68.68 -15.05 -53.41
C ARG D 96 -68.87 -14.43 -54.79
N LEU D 97 -69.76 -15.02 -55.60
CA LEU D 97 -70.10 -14.41 -56.87
C LEU D 97 -70.60 -12.98 -56.65
N ASN D 98 -71.45 -12.78 -55.63
CA ASN D 98 -71.99 -11.46 -55.36
C ASN D 98 -70.86 -10.48 -55.04
N GLN D 99 -69.95 -10.86 -54.16
CA GLN D 99 -68.98 -9.85 -53.74
C GLN D 99 -68.03 -9.48 -54.87
N GLN D 100 -67.53 -10.49 -55.58
CA GLN D 100 -66.58 -10.21 -56.62
C GLN D 100 -67.23 -9.43 -57.76
N ALA D 101 -68.49 -9.76 -58.08
CA ALA D 101 -69.25 -8.98 -59.05
C ALA D 101 -69.42 -7.55 -58.58
N ASN D 102 -69.68 -7.38 -57.28
CA ASN D 102 -69.78 -6.05 -56.69
C ASN D 102 -68.47 -5.30 -56.88
N ALA D 103 -67.35 -5.99 -56.65
CA ALA D 103 -66.08 -5.31 -56.79
C ALA D 103 -65.82 -4.95 -58.25
N PHE D 104 -66.25 -5.82 -59.16
CA PHE D 104 -66.12 -5.51 -60.58
C PHE D 104 -66.99 -4.31 -60.96
N VAL D 105 -68.27 -4.33 -60.56
CA VAL D 105 -69.20 -3.25 -60.91
C VAL D 105 -68.69 -1.90 -60.41
N ASN D 106 -68.25 -1.86 -59.13
CA ASN D 106 -67.87 -0.59 -58.51
C ASN D 106 -66.59 -0.04 -59.10
N ASN D 107 -65.57 -0.91 -59.26
CA ASN D 107 -64.30 -0.42 -59.78
C ASN D 107 -64.46 0.07 -61.21
N THR D 108 -65.34 -0.56 -61.98
CA THR D 108 -65.54 -0.09 -63.35
C THR D 108 -66.27 1.26 -63.34
N GLU D 109 -67.32 1.41 -62.49
CA GLU D 109 -67.98 2.71 -62.30
C GLU D 109 -67.00 3.77 -61.85
N ALA D 110 -66.12 3.39 -60.92
CA ALA D 110 -65.09 4.28 -60.41
C ALA D 110 -64.13 4.71 -61.51
N ALA D 111 -63.75 3.75 -62.36
CA ALA D 111 -62.84 4.05 -63.46
C ALA D 111 -63.46 5.01 -64.46
N LEU D 112 -64.79 4.97 -64.61
CA LEU D 112 -65.45 5.81 -65.60
C LEU D 112 -65.47 7.26 -65.15
N GLN D 113 -65.74 7.52 -63.86
CA GLN D 113 -65.71 8.90 -63.37
C GLN D 113 -64.34 9.51 -63.50
N ASN D 114 -63.31 8.76 -63.11
CA ASN D 114 -61.92 9.22 -63.16
C ASN D 114 -61.37 9.31 -64.58
N GLN D 115 -62.16 8.95 -65.59
CA GLN D 115 -61.77 9.16 -66.99
C GLN D 115 -60.43 8.47 -67.29
N VAL D 116 -60.29 7.23 -66.80
CA VAL D 116 -59.06 6.50 -67.01
C VAL D 116 -58.95 5.98 -68.43
N TYR D 117 -60.04 5.91 -69.17
CA TYR D 117 -60.04 5.26 -70.47
C TYR D 117 -59.51 6.20 -71.55
N LYS D 118 -59.31 5.66 -72.75
CA LYS D 118 -58.50 6.38 -73.75
C LYS D 118 -59.34 7.04 -74.83
N ASN D 119 -60.29 6.33 -75.40
CA ASN D 119 -61.11 6.92 -76.43
C ASN D 119 -62.56 6.54 -76.18
N SER D 120 -63.42 6.95 -77.13
CA SER D 120 -64.84 6.64 -77.05
C SER D 120 -65.10 5.14 -77.14
N THR D 121 -64.29 4.42 -77.90
CA THR D 121 -64.43 2.98 -78.03
C THR D 121 -64.16 2.27 -76.70
N GLU D 122 -63.20 2.79 -75.94
CA GLU D 122 -62.93 2.21 -74.63
C GLU D 122 -64.06 2.51 -73.66
N ILE D 123 -64.52 3.78 -73.61
CA ILE D 123 -65.56 4.17 -72.66
C ILE D 123 -66.85 3.42 -72.96
N ALA D 124 -67.12 3.21 -74.24
CA ALA D 124 -68.31 2.49 -74.66
C ALA D 124 -68.30 1.06 -74.18
N ASN D 125 -67.24 0.32 -74.50
CA ASN D 125 -67.19 -1.07 -74.08
C ASN D 125 -67.27 -1.18 -72.57
N ALA D 126 -66.66 -0.23 -71.87
CA ALA D 126 -66.61 -0.31 -70.43
C ALA D 126 -68.01 -0.33 -69.84
N LYS D 127 -68.85 0.61 -70.27
CA LYS D 127 -70.20 0.71 -69.74
C LYS D 127 -70.96 -0.59 -69.97
N SER D 128 -70.75 -1.22 -71.13
CA SER D 128 -71.42 -2.48 -71.43
C SER D 128 -70.87 -3.62 -70.58
N PHE D 129 -69.56 -3.61 -70.33
CA PHE D 129 -69.02 -4.49 -69.28
C PHE D 129 -69.80 -4.29 -67.99
N LEU D 130 -70.00 -3.03 -67.62
CA LEU D 130 -70.70 -2.69 -66.38
C LEU D 130 -72.11 -3.28 -66.35
N ALA D 131 -72.80 -3.28 -67.49
CA ALA D 131 -74.12 -3.88 -67.55
C ALA D 131 -74.04 -5.37 -67.29
N GLU D 132 -73.02 -6.02 -67.82
CA GLU D 132 -72.88 -7.46 -67.63
C GLU D 132 -72.72 -7.79 -66.15
N GLY D 133 -71.94 -6.96 -65.43
CA GLY D 133 -71.76 -7.18 -64.00
C GLY D 133 -73.07 -7.08 -63.22
N LYS D 134 -73.93 -6.13 -63.61
CA LYS D 134 -75.20 -5.95 -62.91
C LYS D 134 -76.10 -7.17 -63.06
N VAL D 135 -76.08 -7.81 -64.23
CA VAL D 135 -76.83 -9.04 -64.42
C VAL D 135 -76.35 -10.14 -63.48
N LEU D 136 -75.02 -10.26 -63.28
CA LEU D 136 -74.48 -11.32 -62.40
C LEU D 136 -74.82 -11.06 -60.94
N GLN D 137 -74.85 -9.79 -60.55
CA GLN D 137 -75.44 -9.41 -59.26
C GLN D 137 -76.85 -9.97 -59.11
N ALA D 138 -77.71 -9.76 -60.11
CA ALA D 138 -79.08 -10.23 -59.98
C ALA D 138 -79.15 -11.75 -59.91
N LEU D 139 -78.29 -12.45 -60.67
CA LEU D 139 -78.34 -13.90 -60.67
C LEU D 139 -77.96 -14.47 -59.32
N ALA D 140 -76.91 -13.93 -58.70
CA ALA D 140 -76.45 -14.45 -57.42
C ALA D 140 -77.49 -14.23 -56.32
N ILE D 141 -78.06 -13.03 -56.21
CA ILE D 141 -79.09 -12.78 -55.19
C ILE D 141 -80.36 -13.60 -55.48
N TRP D 142 -80.78 -13.72 -56.75
CA TRP D 142 -81.94 -14.55 -57.04
C TRP D 142 -81.66 -16.01 -56.68
N ARG D 143 -80.46 -16.50 -57.00
CA ARG D 143 -80.10 -17.89 -56.74
C ARG D 143 -80.09 -18.24 -55.26
N LEU D 144 -79.81 -17.26 -54.40
CA LEU D 144 -79.84 -17.50 -52.97
C LEU D 144 -81.26 -17.50 -52.47
N MET D 145 -82.06 -16.58 -53.05
CA MET D 145 -83.44 -16.39 -52.65
C MET D 145 -84.28 -17.62 -52.97
N ASP D 146 -83.96 -18.33 -54.06
CA ASP D 146 -84.76 -19.50 -54.42
C ASP D 146 -84.60 -20.59 -53.37
N ARG D 147 -83.40 -20.70 -52.74
CA ARG D 147 -83.16 -21.73 -51.73
C ARG D 147 -83.20 -21.22 -50.30
N PHE D 148 -83.16 -19.92 -50.05
CA PHE D 148 -83.07 -19.52 -48.67
C PHE D 148 -84.14 -18.56 -48.18
N SER D 149 -85.20 -18.31 -48.96
CA SER D 149 -86.34 -17.54 -48.47
C SER D 149 -87.60 -18.34 -48.76
N PHE D 150 -88.55 -18.24 -47.84
CA PHE D 150 -89.79 -19.02 -47.89
C PHE D 150 -90.65 -18.64 -49.08
N HIS D 151 -91.37 -19.62 -49.62
CA HIS D 151 -92.43 -19.30 -50.56
C HIS D 151 -93.56 -18.60 -49.83
N GLU D 152 -94.29 -17.73 -50.54
CA GLU D 152 -95.33 -16.96 -49.86
C GLU D 152 -96.56 -17.82 -49.54
N SER D 153 -96.33 -19.11 -49.32
CA SER D 153 -97.38 -20.12 -49.27
C SER D 153 -97.04 -21.22 -48.25
N VAL D 154 -96.50 -20.84 -47.13
CA VAL D 154 -95.89 -21.78 -46.20
C VAL D 154 -96.70 -21.80 -44.91
N THR D 155 -96.74 -22.98 -44.27
CA THR D 155 -97.53 -23.13 -43.04
C THR D 155 -96.72 -22.65 -41.84
N GLU D 156 -96.14 -23.55 -41.06
CA GLU D 156 -95.36 -23.13 -39.91
C GLU D 156 -93.97 -22.63 -40.34
N VAL D 157 -93.51 -21.56 -39.70
CA VAL D 157 -92.17 -20.99 -39.94
C VAL D 157 -91.61 -20.56 -38.59
N ASN D 158 -90.38 -20.04 -38.60
CA ASN D 158 -89.76 -19.47 -37.39
C ASN D 158 -90.24 -18.04 -37.18
N SER D 159 -90.50 -17.71 -35.91
CA SER D 159 -91.01 -16.42 -35.51
C SER D 159 -90.19 -15.29 -36.12
N GLY D 160 -90.69 -14.70 -37.21
CA GLY D 160 -90.08 -13.51 -37.76
C GLY D 160 -89.67 -13.65 -39.20
N ALA D 161 -89.73 -14.87 -39.70
CA ALA D 161 -89.08 -15.18 -40.95
C ALA D 161 -89.98 -15.07 -42.18
N LYS D 162 -91.29 -15.20 -42.05
CA LYS D 162 -92.08 -15.47 -43.26
C LYS D 162 -91.98 -14.38 -44.32
N ASP D 163 -91.44 -13.20 -44.07
CA ASP D 163 -91.39 -12.21 -45.15
C ASP D 163 -90.00 -11.68 -45.43
N LEU D 164 -88.99 -12.50 -45.20
CA LEU D 164 -87.60 -12.07 -45.30
C LEU D 164 -86.93 -12.59 -46.56
N GLY D 165 -85.92 -11.84 -47.00
CA GLY D 165 -85.05 -12.30 -48.06
C GLY D 165 -83.71 -12.79 -47.52
N VAL D 166 -82.60 -12.28 -48.05
CA VAL D 166 -81.27 -12.63 -47.57
C VAL D 166 -80.46 -11.36 -47.36
N ILE D 167 -79.31 -11.52 -46.71
CA ILE D 167 -78.45 -10.38 -46.36
C ILE D 167 -77.98 -9.75 -47.66
N LEU D 168 -78.37 -8.52 -47.89
CA LEU D 168 -78.18 -7.92 -49.20
C LEU D 168 -77.03 -6.94 -49.13
N LEU D 169 -75.95 -7.24 -49.84
CA LEU D 169 -74.77 -6.40 -49.81
C LEU D 169 -74.42 -6.01 -51.22
N LYS D 170 -74.69 -4.75 -51.59
CA LYS D 170 -74.61 -4.30 -52.98
C LYS D 170 -73.28 -3.65 -53.27
N GLU D 171 -72.34 -3.74 -52.33
CA GLU D 171 -71.02 -3.16 -52.50
C GLU D 171 -70.00 -4.13 -51.94
N TYR D 172 -68.74 -3.99 -52.37
CA TYR D 172 -67.72 -4.91 -51.87
C TYR D 172 -67.52 -4.68 -50.38
N ASN D 173 -67.91 -5.65 -49.55
CA ASN D 173 -67.95 -5.45 -48.10
C ASN D 173 -67.81 -6.79 -47.37
N PRO D 174 -66.59 -7.28 -47.20
CA PRO D 174 -66.40 -8.54 -46.49
C PRO D 174 -66.37 -8.32 -44.99
N GLY D 175 -66.31 -7.08 -44.54
CA GLY D 175 -66.32 -6.87 -43.12
C GLY D 175 -67.68 -6.38 -42.70
N TYR D 176 -68.74 -7.00 -43.20
CA TYR D 176 -70.09 -6.61 -42.86
C TYR D 176 -70.76 -7.80 -42.18
N ILE D 177 -71.39 -7.54 -41.04
CA ILE D 177 -72.32 -8.48 -40.43
C ILE D 177 -73.57 -7.68 -40.10
N GLY D 178 -74.69 -8.07 -40.71
CA GLY D 178 -75.95 -7.40 -40.51
C GLY D 178 -77.08 -8.39 -40.56
N PRO D 179 -78.33 -7.88 -40.53
CA PRO D 179 -79.50 -8.77 -40.51
C PRO D 179 -80.20 -8.89 -41.84
N ARG D 180 -81.04 -9.92 -41.97
CA ARG D 180 -81.67 -10.13 -43.26
C ARG D 180 -82.53 -8.93 -43.61
N ALA D 181 -82.60 -8.67 -44.91
CA ALA D 181 -83.48 -7.64 -45.43
C ALA D 181 -84.81 -8.28 -45.85
N THR D 182 -85.75 -7.42 -46.23
CA THR D 182 -87.09 -7.87 -46.54
C THR D 182 -87.10 -8.59 -47.86
N LYS D 183 -88.16 -9.35 -48.12
CA LYS D 183 -88.36 -9.87 -49.48
C LYS D 183 -88.43 -8.75 -50.50
N ALA D 184 -89.21 -7.72 -50.24
CA ALA D 184 -89.39 -6.67 -51.23
C ALA D 184 -88.09 -5.93 -51.54
N GLN D 185 -87.17 -5.89 -50.59
CA GLN D 185 -85.93 -5.17 -50.82
C GLN D 185 -85.03 -5.90 -51.79
N CYS D 186 -85.01 -7.23 -51.68
CA CYS D 186 -84.17 -8.04 -52.54
C CYS D 186 -84.77 -8.19 -53.94
N TYR D 187 -86.08 -8.44 -54.02
CA TYR D 187 -86.65 -8.62 -55.34
C TYR D 187 -86.63 -7.32 -56.12
N ASP D 188 -86.76 -6.18 -55.43
CA ASP D 188 -86.56 -4.90 -56.13
C ASP D 188 -85.11 -4.72 -56.57
N TYR D 189 -84.15 -5.32 -55.86
CA TYR D 189 -82.75 -5.24 -56.28
C TYR D 189 -82.55 -6.07 -57.56
N ILE D 190 -82.97 -7.33 -57.53
CA ILE D 190 -82.86 -8.19 -58.71
C ILE D 190 -83.45 -7.49 -59.93
N LEU D 191 -84.66 -7.03 -59.81
CA LEU D 191 -85.37 -6.54 -60.97
C LEU D 191 -84.83 -5.21 -61.45
N SER D 192 -84.37 -4.34 -60.56
CA SER D 192 -83.76 -3.11 -61.03
C SER D 192 -82.50 -3.42 -61.82
N ARG D 193 -81.62 -4.26 -61.26
CA ARG D 193 -80.35 -4.55 -61.90
C ARG D 193 -80.55 -5.09 -63.30
N LEU D 194 -81.46 -6.08 -63.46
CA LEU D 194 -81.82 -6.59 -64.79
C LEU D 194 -82.35 -5.48 -65.70
N SER D 195 -83.22 -4.60 -65.18
CA SER D 195 -83.72 -3.52 -66.02
C SER D 195 -82.63 -2.51 -66.38
N GLU D 196 -81.77 -2.14 -65.43
CA GLU D 196 -80.74 -1.15 -65.72
C GLU D 196 -79.78 -1.64 -66.80
N ALA D 197 -79.63 -2.97 -66.91
CA ALA D 197 -78.70 -3.61 -67.83
C ALA D 197 -79.30 -3.86 -69.20
N ILE D 198 -80.59 -4.15 -69.27
CA ILE D 198 -81.23 -4.39 -70.54
C ILE D 198 -81.28 -3.11 -71.35
N GLU D 199 -81.21 -1.96 -70.70
CA GLU D 199 -81.12 -0.71 -71.45
C GLU D 199 -79.76 -0.51 -72.12
N VAL D 200 -78.75 -1.32 -71.85
CA VAL D 200 -77.41 -1.07 -72.36
C VAL D 200 -76.87 -2.22 -73.20
N LEU D 201 -77.19 -3.45 -72.83
CA LEU D 201 -76.67 -4.55 -73.63
C LEU D 201 -77.16 -4.39 -75.06
N PRO D 202 -76.30 -4.62 -76.06
CA PRO D 202 -76.76 -4.50 -77.44
C PRO D 202 -77.71 -5.64 -77.73
N GLU D 203 -78.68 -5.34 -78.61
CA GLU D 203 -79.82 -6.22 -78.84
C GLU D 203 -79.40 -7.62 -79.28
N ASN D 204 -78.49 -7.70 -80.23
CA ASN D 204 -78.07 -8.97 -80.80
C ASN D 204 -76.86 -9.51 -80.07
N ARG D 205 -76.96 -10.76 -79.63
CA ARG D 205 -75.89 -11.41 -78.86
C ARG D 205 -74.51 -11.31 -79.51
N GLU D 206 -73.53 -10.93 -78.72
CA GLU D 206 -72.19 -10.72 -79.22
C GLU D 206 -71.28 -11.94 -79.04
N SER D 207 -71.47 -12.73 -77.99
CA SER D 207 -70.81 -14.02 -77.78
C SER D 207 -71.68 -14.93 -76.93
N VAL D 208 -71.58 -16.24 -77.17
CA VAL D 208 -72.30 -17.19 -76.33
C VAL D 208 -71.56 -17.48 -75.04
N LEU D 209 -70.38 -16.91 -74.84
CA LEU D 209 -69.68 -17.13 -73.58
C LEU D 209 -69.75 -15.95 -72.65
N TYR D 210 -70.60 -14.98 -72.93
CA TYR D 210 -70.67 -13.73 -72.19
C TYR D 210 -72.11 -13.22 -72.16
N VAL D 211 -72.53 -12.69 -71.02
CA VAL D 211 -73.89 -12.18 -70.85
C VAL D 211 -74.28 -11.24 -71.98
N SER D 212 -75.44 -11.52 -72.57
CA SER D 212 -76.03 -10.85 -73.72
C SER D 212 -77.40 -10.33 -73.33
N ARG D 213 -77.95 -9.40 -74.12
CA ARG D 213 -79.28 -8.93 -73.77
C ARG D 213 -80.28 -10.07 -73.74
N ASP D 214 -80.11 -11.06 -74.62
CA ASP D 214 -81.04 -12.18 -74.64
C ASP D 214 -81.01 -12.96 -73.32
N TYR D 215 -79.81 -13.17 -72.72
CA TYR D 215 -79.79 -13.83 -71.41
C TYR D 215 -80.56 -13.02 -70.39
N ALA D 216 -80.40 -11.70 -70.40
CA ALA D 216 -81.08 -10.89 -69.40
C ALA D 216 -82.60 -11.12 -69.44
N TYR D 217 -83.22 -11.04 -70.63
CA TYR D 217 -84.66 -11.28 -70.80
C TYR D 217 -85.07 -12.72 -70.41
N ALA D 218 -84.29 -13.73 -70.80
CA ALA D 218 -84.67 -15.10 -70.45
C ALA D 218 -84.62 -15.34 -68.94
N LEU D 219 -83.63 -14.74 -68.25
CA LEU D 219 -83.53 -14.88 -66.80
C LEU D 219 -84.70 -14.19 -66.12
N ARG D 220 -84.98 -12.95 -66.54
CA ARG D 220 -86.11 -12.23 -65.96
C ARG D 220 -87.38 -13.04 -66.10
N ALA D 221 -87.62 -13.61 -67.29
CA ALA D 221 -88.77 -14.48 -67.47
C ALA D 221 -88.75 -15.64 -66.49
N ARG D 222 -87.57 -16.23 -66.28
CA ARG D 222 -87.42 -17.30 -65.30
C ARG D 222 -87.76 -16.83 -63.88
N ILE D 223 -87.34 -15.60 -63.52
CA ILE D 223 -87.54 -15.10 -62.17
C ILE D 223 -88.98 -14.72 -61.95
N TYR D 224 -89.54 -13.96 -62.93
CA TYR D 224 -90.96 -13.59 -62.94
C TYR D 224 -91.88 -14.79 -62.79
N LEU D 225 -91.62 -15.84 -63.56
CA LEU D 225 -92.44 -17.05 -63.41
C LEU D 225 -92.33 -17.63 -61.99
N ALA D 226 -91.13 -17.61 -61.40
CA ALA D 226 -90.98 -18.11 -60.03
C ALA D 226 -91.85 -17.33 -59.10
N LEU D 227 -91.90 -16.01 -59.30
CA LEU D 227 -92.74 -15.14 -58.49
C LEU D 227 -94.20 -15.43 -58.69
N GLY D 228 -94.61 -15.81 -59.88
CA GLY D 228 -96.01 -15.85 -60.19
C GLY D 228 -96.49 -14.67 -61.00
N GLU D 229 -95.60 -13.74 -61.35
CA GLU D 229 -95.93 -12.62 -62.23
C GLU D 229 -96.15 -13.10 -63.66
N TYR D 230 -97.10 -14.04 -63.83
CA TYR D 230 -97.35 -14.70 -65.11
C TYR D 230 -97.52 -13.74 -66.27
N GLY D 231 -98.04 -12.55 -66.03
CA GLY D 231 -98.21 -11.62 -67.13
C GLY D 231 -96.89 -11.12 -67.69
N LYS D 232 -96.05 -10.54 -66.80
CA LYS D 232 -94.76 -9.99 -67.21
C LYS D 232 -93.81 -11.07 -67.61
N ALA D 233 -94.01 -12.28 -67.10
CA ALA D 233 -93.16 -13.41 -67.46
C ALA D 233 -93.27 -13.67 -68.96
N ALA D 234 -94.51 -13.72 -69.46
CA ALA D 234 -94.73 -13.96 -70.88
C ALA D 234 -94.19 -12.82 -71.74
N ALA D 235 -94.28 -11.59 -71.28
CA ALA D 235 -93.82 -10.50 -72.15
C ALA D 235 -92.30 -10.47 -72.29
N ASP D 236 -91.56 -11.08 -71.36
CA ASP D 236 -90.12 -11.14 -71.54
C ASP D 236 -89.75 -12.36 -72.36
N ALA D 237 -90.43 -13.50 -72.15
CA ALA D 237 -90.17 -14.67 -72.98
C ALA D 237 -90.30 -14.34 -74.47
N LYS D 238 -91.38 -13.63 -74.83
CA LYS D 238 -91.63 -13.31 -76.24
C LYS D 238 -90.46 -12.59 -76.89
N MET D 239 -89.71 -11.82 -76.09
CA MET D 239 -88.61 -11.04 -76.61
C MET D 239 -87.42 -11.88 -77.07
N VAL D 240 -87.45 -13.21 -76.90
CA VAL D 240 -86.24 -14.01 -77.13
C VAL D 240 -86.59 -15.38 -77.72
N VAL D 241 -87.81 -15.89 -77.51
CA VAL D 241 -88.14 -17.30 -77.78
C VAL D 241 -87.96 -17.64 -79.25
N ASP D 242 -88.07 -16.64 -80.09
CA ASP D 242 -88.01 -16.88 -81.49
C ASP D 242 -86.59 -16.79 -82.05
N LYS D 243 -85.57 -16.38 -81.25
CA LYS D 243 -84.22 -16.25 -81.82
C LYS D 243 -83.37 -17.51 -81.73
N TYR D 244 -83.78 -18.55 -81.00
CA TYR D 244 -82.92 -19.74 -80.87
C TYR D 244 -83.67 -20.98 -81.34
N PRO D 245 -83.28 -21.57 -82.47
CA PRO D 245 -84.01 -22.71 -83.05
C PRO D 245 -83.92 -23.99 -82.27
N LEU D 246 -85.00 -24.76 -82.34
CA LEU D 246 -84.97 -26.05 -81.69
C LEU D 246 -84.11 -27.03 -82.48
N ILE D 247 -83.77 -28.14 -81.83
CA ILE D 247 -82.84 -29.11 -82.43
C ILE D 247 -83.57 -29.91 -83.49
N GLY D 248 -82.95 -30.00 -84.66
CA GLY D 248 -83.58 -30.76 -85.71
C GLY D 248 -83.07 -32.17 -85.87
N ALA D 249 -83.80 -33.16 -85.35
CA ALA D 249 -83.34 -34.55 -85.39
C ALA D 249 -84.39 -35.42 -86.05
N ALA D 250 -83.92 -36.38 -86.84
CA ALA D 250 -84.80 -37.32 -87.52
C ALA D 250 -84.98 -38.62 -86.75
N ASP D 251 -84.09 -38.90 -85.80
CA ASP D 251 -84.17 -40.08 -84.95
C ASP D 251 -83.49 -39.75 -83.63
N ALA D 252 -83.44 -40.77 -82.75
CA ALA D 252 -82.85 -40.59 -81.44
C ALA D 252 -81.37 -40.28 -81.55
N SER D 253 -80.63 -41.08 -82.34
CA SER D 253 -79.18 -40.88 -82.46
C SER D 253 -78.82 -39.50 -82.99
N GLU D 254 -79.56 -38.99 -83.97
CA GLU D 254 -79.20 -37.69 -84.51
C GLU D 254 -79.38 -36.62 -83.48
N PHE D 255 -80.42 -36.76 -82.64
CA PHE D 255 -80.69 -35.87 -81.51
C PHE D 255 -79.54 -35.88 -80.50
N GLU D 256 -79.14 -37.07 -80.08
CA GLU D 256 -78.10 -37.18 -79.07
C GLU D 256 -76.81 -36.51 -79.54
N ASN D 257 -76.43 -36.66 -80.82
CA ASN D 257 -75.17 -36.05 -81.24
C ASN D 257 -75.21 -34.54 -81.19
N ILE D 258 -76.39 -33.93 -81.12
CA ILE D 258 -76.49 -32.48 -81.11
C ILE D 258 -76.82 -31.97 -79.72
N TYR D 259 -77.68 -32.69 -79.01
CA TYR D 259 -78.00 -32.20 -77.68
C TYR D 259 -76.77 -32.24 -76.81
N ARG D 260 -75.87 -33.20 -77.06
CA ARG D 260 -74.70 -33.33 -76.21
C ARG D 260 -73.53 -32.48 -76.65
N SER D 261 -73.67 -31.63 -77.65
CA SER D 261 -72.52 -30.86 -78.15
C SER D 261 -72.66 -29.40 -77.76
N ASP D 262 -71.82 -28.93 -76.84
CA ASP D 262 -71.91 -27.51 -76.47
C ASP D 262 -71.66 -26.61 -77.67
N ALA D 263 -70.91 -27.08 -78.67
CA ALA D 263 -70.51 -26.19 -79.77
C ALA D 263 -71.49 -26.15 -80.92
N ASN D 264 -72.35 -27.16 -81.03
CA ASN D 264 -73.29 -27.33 -82.13
C ASN D 264 -74.73 -27.05 -81.74
N ASN D 265 -75.19 -27.56 -80.57
CA ASN D 265 -76.54 -27.38 -80.03
C ASN D 265 -77.00 -25.92 -80.16
N PRO D 266 -77.88 -25.63 -81.13
CA PRO D 266 -78.20 -24.25 -81.50
C PRO D 266 -79.23 -23.58 -80.62
N GLU D 267 -79.60 -24.26 -79.52
CA GLU D 267 -80.57 -23.79 -78.55
C GLU D 267 -79.93 -23.01 -77.43
N ILE D 268 -78.60 -22.96 -77.35
CA ILE D 268 -77.93 -22.46 -76.15
C ILE D 268 -77.65 -20.96 -76.28
N ILE D 269 -78.08 -20.21 -75.26
CA ILE D 269 -78.11 -18.76 -75.30
C ILE D 269 -76.92 -18.21 -74.51
N PHE D 270 -76.45 -18.99 -73.55
CA PHE D 270 -75.38 -18.52 -72.69
C PHE D 270 -74.80 -19.74 -72.01
N ARG D 271 -73.50 -19.92 -72.13
CA ARG D 271 -72.80 -20.99 -71.45
C ARG D 271 -71.41 -20.47 -71.16
N GLY D 272 -70.72 -21.20 -70.29
CA GLY D 272 -69.33 -20.90 -69.95
C GLY D 272 -68.38 -21.72 -70.80
N PHE D 273 -67.28 -21.07 -71.21
CA PHE D 273 -66.21 -21.70 -72.01
C PHE D 273 -65.79 -23.06 -71.43
N ALA D 274 -65.41 -23.97 -72.33
CA ALA D 274 -64.88 -25.26 -71.94
C ALA D 274 -64.05 -25.83 -73.07
N SER D 275 -62.84 -26.30 -72.75
CA SER D 275 -62.09 -27.22 -73.60
C SER D 275 -61.78 -28.47 -72.77
N ALA D 276 -61.08 -29.43 -73.38
CA ALA D 276 -60.72 -30.64 -72.64
C ALA D 276 -59.71 -30.38 -71.53
N THR D 277 -58.99 -29.27 -71.62
CA THR D 277 -57.96 -28.92 -70.67
C THR D 277 -58.29 -27.72 -69.79
N LEU D 278 -59.47 -27.13 -69.92
CA LEU D 278 -59.87 -26.00 -69.06
C LEU D 278 -61.39 -25.84 -69.09
N GLY D 279 -62.05 -26.04 -67.96
CA GLY D 279 -63.46 -25.73 -67.89
C GLY D 279 -64.41 -26.90 -68.07
N SER D 280 -63.90 -28.10 -68.21
CA SER D 280 -64.65 -29.35 -68.27
C SER D 280 -64.78 -29.95 -66.88
N PHE D 281 -65.69 -30.90 -66.73
CA PHE D 281 -65.79 -31.57 -65.44
C PHE D 281 -66.69 -32.78 -65.50
N THR D 282 -66.44 -33.70 -64.60
CA THR D 282 -67.40 -34.77 -64.48
C THR D 282 -68.55 -34.34 -63.60
N ALA D 283 -69.71 -34.85 -63.96
CA ALA D 283 -70.97 -34.58 -63.30
C ALA D 283 -71.70 -35.91 -63.13
N THR D 284 -71.04 -36.88 -62.52
CA THR D 284 -71.52 -38.26 -62.58
C THR D 284 -72.46 -38.63 -61.45
N THR D 285 -73.16 -37.66 -60.85
CA THR D 285 -73.90 -37.93 -59.61
C THR D 285 -75.17 -38.75 -59.88
N LEU D 286 -75.90 -38.40 -60.92
CA LEU D 286 -77.22 -38.97 -61.09
C LEU D 286 -77.19 -40.28 -61.83
N ASN D 287 -76.12 -40.52 -62.60
CA ASN D 287 -76.01 -41.68 -63.49
C ASN D 287 -75.02 -42.74 -63.05
N GLY D 288 -74.07 -42.44 -62.18
CA GLY D 288 -73.14 -43.48 -61.80
C GLY D 288 -72.20 -43.93 -62.90
N ALA D 289 -71.92 -43.03 -63.86
CA ALA D 289 -71.08 -43.34 -65.02
C ALA D 289 -69.62 -43.58 -64.62
N ALA D 290 -68.94 -44.45 -65.40
CA ALA D 290 -67.51 -44.77 -65.26
C ALA D 290 -66.94 -45.39 -66.51
N PRO D 291 -65.80 -44.94 -67.03
CA PRO D 291 -65.25 -45.59 -68.24
C PRO D 291 -64.74 -46.97 -67.92
N ALA D 292 -64.98 -47.87 -68.83
CA ALA D 292 -64.50 -49.24 -68.77
C ALA D 292 -63.99 -49.47 -70.18
N GLY D 293 -62.75 -49.08 -70.39
CA GLY D 293 -62.14 -49.20 -71.69
C GLY D 293 -62.67 -48.13 -72.62
N LYS D 294 -63.35 -48.55 -73.68
CA LYS D 294 -63.99 -47.64 -74.62
C LYS D 294 -65.50 -47.75 -74.51
N ASP D 295 -65.99 -48.51 -73.53
CA ASP D 295 -67.40 -48.53 -73.17
C ASP D 295 -67.68 -47.54 -72.04
N ILE D 296 -68.91 -47.59 -71.54
CA ILE D 296 -69.31 -46.87 -70.34
C ILE D 296 -70.21 -47.80 -69.55
N LYS D 297 -69.92 -47.96 -68.27
CA LYS D 297 -70.76 -48.79 -67.40
C LYS D 297 -71.34 -47.94 -66.27
N TYR D 298 -72.50 -48.36 -65.77
CA TYR D 298 -73.25 -47.54 -64.85
C TYR D 298 -73.49 -48.23 -63.52
N ASN D 299 -73.49 -47.43 -62.45
CA ASN D 299 -73.89 -47.89 -61.13
C ASN D 299 -74.39 -46.68 -60.37
N PRO D 300 -75.66 -46.33 -60.55
CA PRO D 300 -76.18 -45.09 -59.98
C PRO D 300 -76.49 -45.28 -58.51
N SER D 301 -76.48 -44.16 -57.81
CA SER D 301 -76.91 -44.19 -56.43
C SER D 301 -78.37 -43.77 -56.28
N ALA D 302 -78.97 -43.19 -57.33
CA ALA D 302 -80.39 -42.93 -57.34
C ALA D 302 -80.94 -43.09 -58.76
N VAL D 303 -82.11 -43.72 -58.85
CA VAL D 303 -82.81 -43.90 -60.11
C VAL D 303 -84.20 -43.31 -59.99
N PRO D 304 -84.82 -42.87 -61.09
CA PRO D 304 -86.20 -42.40 -61.01
C PRO D 304 -87.19 -43.51 -60.65
N PHE D 305 -88.39 -43.06 -60.23
CA PHE D 305 -89.57 -43.88 -59.99
C PHE D 305 -90.19 -44.24 -61.32
N GLN D 306 -91.14 -45.19 -61.30
CA GLN D 306 -91.73 -45.66 -62.54
C GLN D 306 -92.57 -44.60 -63.22
N TRP D 307 -93.24 -43.73 -62.46
CA TRP D 307 -94.09 -42.73 -63.08
C TRP D 307 -93.27 -41.69 -63.83
N VAL D 308 -92.00 -41.56 -63.47
CA VAL D 308 -91.07 -40.72 -64.22
C VAL D 308 -90.75 -41.38 -65.57
N VAL D 309 -90.45 -42.69 -65.56
CA VAL D 309 -90.27 -43.44 -66.80
C VAL D 309 -91.51 -43.33 -67.69
N ASP D 310 -92.69 -43.40 -67.09
CA ASP D 310 -93.92 -43.48 -67.84
C ASP D 310 -94.37 -42.13 -68.37
N LEU D 311 -93.70 -41.04 -67.98
CA LEU D 311 -93.98 -39.78 -68.66
C LEU D 311 -93.54 -39.78 -70.11
N TYR D 312 -92.53 -40.56 -70.47
CA TYR D 312 -91.92 -40.43 -71.78
C TYR D 312 -92.58 -41.41 -72.76
N GLU D 313 -93.16 -40.86 -73.83
CA GLU D 313 -93.57 -41.76 -74.91
C GLU D 313 -92.37 -42.54 -75.42
N ASN D 314 -92.61 -43.78 -75.85
CA ASN D 314 -91.48 -44.65 -76.17
C ASN D 314 -90.66 -44.11 -77.33
N GLU D 315 -91.23 -43.24 -78.15
CA GLU D 315 -90.55 -42.68 -79.30
C GLU D 315 -89.92 -41.34 -79.02
N ASP D 316 -90.03 -40.84 -77.78
CA ASP D 316 -89.47 -39.57 -77.38
C ASP D 316 -87.95 -39.69 -77.43
N PHE D 317 -87.31 -38.81 -78.20
CA PHE D 317 -85.86 -38.83 -78.31
C PHE D 317 -85.20 -38.79 -76.94
N ARG D 318 -85.88 -38.16 -75.98
CA ARG D 318 -85.34 -37.98 -74.65
C ARG D 318 -85.36 -39.26 -73.82
N LYS D 319 -86.09 -40.30 -74.21
CA LYS D 319 -86.14 -41.55 -73.45
C LYS D 319 -84.94 -42.44 -73.72
N SER D 320 -83.94 -41.89 -74.38
CA SER D 320 -82.66 -42.53 -74.59
C SER D 320 -81.50 -41.56 -74.46
N VAL D 321 -81.78 -40.30 -74.16
CA VAL D 321 -80.73 -39.32 -73.91
C VAL D 321 -80.89 -38.71 -72.52
N TYR D 322 -82.04 -38.06 -72.24
CA TYR D 322 -82.25 -37.45 -70.92
C TYR D 322 -82.36 -38.50 -69.81
N ILE D 323 -83.11 -39.58 -70.07
CA ILE D 323 -83.04 -40.79 -69.26
C ILE D 323 -82.68 -41.93 -70.20
N ALA D 324 -82.19 -43.03 -69.64
CA ALA D 324 -81.64 -44.08 -70.47
C ALA D 324 -81.70 -45.43 -69.77
N LYS D 325 -82.12 -46.47 -70.52
CA LYS D 325 -82.34 -47.80 -69.95
C LYS D 325 -81.02 -48.57 -70.01
N VAL D 326 -80.16 -48.24 -69.05
CA VAL D 326 -78.79 -48.75 -69.00
C VAL D 326 -78.52 -49.33 -67.61
N VAL D 327 -79.48 -49.19 -66.69
CA VAL D 327 -79.31 -49.74 -65.34
C VAL D 327 -79.42 -51.27 -65.42
N LYS D 328 -78.52 -51.97 -64.72
CA LYS D 328 -78.39 -53.42 -64.84
C LYS D 328 -78.22 -53.85 -66.30
N LYS D 329 -77.44 -53.07 -67.04
CA LYS D 329 -77.13 -53.20 -68.46
C LYS D 329 -78.33 -52.86 -69.36
N ASP D 330 -79.54 -53.36 -69.05
CA ASP D 330 -80.68 -52.97 -69.90
C ASP D 330 -82.03 -53.13 -69.23
N LYS D 331 -82.14 -53.13 -67.90
CA LYS D 331 -83.39 -53.46 -67.22
C LYS D 331 -84.12 -52.26 -66.64
N GLY D 332 -83.47 -51.13 -66.41
CA GLY D 332 -84.16 -49.97 -65.84
C GLY D 332 -83.53 -48.71 -66.36
N TYR D 333 -84.15 -47.57 -66.05
CA TYR D 333 -83.68 -46.28 -66.51
C TYR D 333 -83.00 -45.50 -65.38
N LEU D 334 -82.01 -44.69 -65.76
CA LEU D 334 -81.43 -43.68 -64.89
C LEU D 334 -81.41 -42.36 -65.63
N VAL D 335 -80.97 -41.31 -64.97
CA VAL D 335 -81.02 -39.98 -65.52
C VAL D 335 -79.68 -39.65 -66.16
N ASN D 336 -79.61 -39.72 -67.50
CA ASN D 336 -78.36 -39.64 -68.25
C ASN D 336 -78.16 -38.31 -68.96
N LYS D 337 -78.79 -37.23 -68.47
CA LYS D 337 -78.71 -36.00 -69.22
C LYS D 337 -77.29 -35.46 -69.26
N PHE D 338 -76.47 -35.79 -68.26
CA PHE D 338 -75.13 -35.22 -68.15
C PHE D 338 -74.03 -36.24 -68.49
N LEU D 339 -74.26 -37.10 -69.47
CA LEU D 339 -73.32 -38.19 -69.69
C LEU D 339 -71.96 -37.64 -70.10
N GLU D 340 -71.90 -36.94 -71.22
CA GLU D 340 -70.63 -36.44 -71.71
C GLU D 340 -70.87 -35.46 -72.85
N ASP D 341 -69.79 -34.81 -73.26
CA ASP D 341 -69.61 -34.14 -74.54
C ASP D 341 -68.30 -34.66 -75.09
N LYS D 342 -68.36 -35.36 -76.21
CA LYS D 342 -67.18 -36.06 -76.72
C LYS D 342 -66.07 -35.09 -77.12
N ALA D 343 -66.36 -33.81 -77.25
CA ALA D 343 -65.34 -32.82 -77.64
C ALA D 343 -64.32 -32.56 -76.57
N TYR D 344 -64.57 -33.05 -75.36
CA TYR D 344 -63.71 -32.86 -74.20
C TYR D 344 -62.95 -34.13 -73.84
N ARG D 345 -63.04 -35.17 -74.67
CA ARG D 345 -62.31 -36.39 -74.39
C ARG D 345 -60.80 -36.18 -74.55
N ASP D 346 -60.00 -36.87 -73.71
CA ASP D 346 -58.55 -36.79 -73.85
C ASP D 346 -58.12 -37.53 -75.10
N VAL D 347 -58.76 -38.67 -75.32
CA VAL D 347 -58.53 -39.52 -76.47
C VAL D 347 -59.88 -39.96 -77.01
N GLN D 348 -60.08 -39.73 -78.32
CA GLN D 348 -61.34 -39.91 -79.03
C GLN D 348 -62.02 -41.26 -78.75
N ASP D 349 -61.22 -42.31 -78.56
CA ASP D 349 -61.70 -43.67 -78.27
C ASP D 349 -62.43 -43.78 -76.94
N LYS D 350 -61.90 -43.13 -75.90
CA LYS D 350 -62.16 -43.52 -74.53
C LYS D 350 -62.93 -42.41 -73.81
N PRO D 351 -64.09 -42.71 -73.23
CA PRO D 351 -64.90 -41.68 -72.57
C PRO D 351 -64.21 -41.19 -71.31
N ASN D 352 -64.42 -39.91 -70.99
CA ASN D 352 -64.00 -39.33 -69.73
C ASN D 352 -65.13 -38.59 -69.02
N LEU D 353 -66.35 -38.67 -69.53
CA LEU D 353 -67.53 -38.20 -68.85
C LEU D 353 -67.43 -36.72 -68.49
N LYS D 354 -66.78 -35.93 -69.34
CA LYS D 354 -66.60 -34.52 -69.08
C LYS D 354 -67.62 -33.70 -69.87
N VAL D 355 -68.17 -32.66 -69.21
CA VAL D 355 -69.32 -31.90 -69.67
C VAL D 355 -69.02 -30.41 -69.50
N GLY D 356 -69.97 -29.55 -69.88
CA GLY D 356 -69.76 -28.12 -69.84
C GLY D 356 -70.76 -27.33 -69.02
N ALA D 357 -70.42 -26.08 -68.75
CA ALA D 357 -71.28 -25.25 -67.93
C ALA D 357 -72.27 -24.53 -68.83
N ARG D 358 -73.53 -24.98 -68.81
CA ARG D 358 -74.59 -24.31 -69.53
C ARG D 358 -75.48 -23.51 -68.58
N TYR D 359 -75.91 -22.33 -69.05
CA TYR D 359 -76.63 -21.39 -68.22
C TYR D 359 -78.07 -21.15 -68.65
N PHE D 360 -78.42 -21.36 -69.93
CA PHE D 360 -79.81 -21.20 -70.41
C PHE D 360 -80.01 -21.64 -71.86
N SER D 361 -80.89 -22.62 -72.07
CA SER D 361 -81.26 -23.08 -73.41
C SER D 361 -82.67 -22.60 -73.74
N VAL D 362 -83.00 -22.52 -75.03
CA VAL D 362 -84.26 -21.88 -75.37
C VAL D 362 -85.41 -22.79 -75.01
N ALA D 363 -85.18 -24.08 -74.82
CA ALA D 363 -86.30 -24.95 -74.47
C ALA D 363 -87.06 -24.45 -73.24
N GLU D 364 -86.39 -23.74 -72.32
CA GLU D 364 -87.04 -23.22 -71.11
C GLU D 364 -87.88 -22.00 -71.47
N VAL D 365 -87.36 -21.10 -72.29
CA VAL D 365 -88.17 -19.95 -72.69
C VAL D 365 -89.46 -20.43 -73.29
N TYR D 366 -89.44 -21.55 -74.00
CA TYR D 366 -90.69 -22.14 -74.48
C TYR D 366 -91.59 -22.49 -73.31
N LEU D 367 -91.09 -23.32 -72.39
CA LEU D 367 -91.98 -23.80 -71.36
C LEU D 367 -92.43 -22.69 -70.40
N ILE D 368 -91.68 -21.58 -70.30
CA ILE D 368 -92.13 -20.42 -69.53
C ILE D 368 -93.28 -19.73 -70.25
N LEU D 369 -93.15 -19.55 -71.57
CA LEU D 369 -94.18 -18.90 -72.35
C LEU D 369 -95.46 -19.72 -72.34
N VAL D 370 -95.35 -21.04 -72.43
CA VAL D 370 -96.53 -21.89 -72.43
C VAL D 370 -97.28 -21.76 -71.10
N GLU D 371 -96.56 -21.91 -69.98
CA GLU D 371 -97.24 -21.86 -68.68
C GLU D 371 -97.79 -20.47 -68.40
N SER D 372 -97.06 -19.40 -68.75
CA SER D 372 -97.59 -18.06 -68.52
C SER D 372 -98.85 -17.81 -69.33
N ALA D 373 -98.86 -18.25 -70.60
CA ALA D 373 -100.01 -18.05 -71.47
C ALA D 373 -101.23 -18.81 -70.97
N LEU D 374 -101.05 -20.06 -70.51
CA LEU D 374 -102.19 -20.80 -69.97
C LEU D 374 -102.79 -20.10 -68.75
N GLN D 375 -101.95 -19.46 -67.93
CA GLN D 375 -102.53 -18.78 -66.78
C GLN D 375 -103.24 -17.52 -67.21
N THR D 376 -102.78 -16.83 -68.24
CA THR D 376 -103.45 -15.59 -68.58
C THR D 376 -104.41 -15.74 -69.73
N GLY D 377 -104.75 -16.97 -70.12
CA GLY D 377 -105.76 -17.24 -71.14
C GLY D 377 -105.45 -16.76 -72.55
N ASP D 378 -104.40 -17.30 -73.13
CA ASP D 378 -103.90 -16.96 -74.43
C ASP D 378 -103.57 -18.31 -75.04
N THR D 379 -104.60 -19.06 -75.41
CA THR D 379 -104.32 -20.41 -75.87
C THR D 379 -103.62 -20.43 -77.23
N PRO D 380 -103.90 -19.48 -78.14
CA PRO D 380 -103.06 -19.37 -79.34
C PRO D 380 -101.56 -19.45 -79.03
N THR D 381 -100.96 -18.45 -78.36
CA THR D 381 -99.51 -18.57 -78.18
C THR D 381 -99.17 -19.53 -77.07
N ALA D 382 -99.78 -20.70 -77.00
CA ALA D 382 -99.50 -21.58 -75.89
C ALA D 382 -99.57 -22.99 -76.40
N GLU D 383 -100.23 -23.16 -77.51
CA GLU D 383 -100.09 -24.41 -78.19
C GLU D 383 -99.18 -24.26 -79.37
N LYS D 384 -99.12 -23.05 -79.94
CA LYS D 384 -98.08 -22.78 -80.91
C LYS D 384 -96.76 -23.25 -80.36
N TYR D 385 -96.40 -22.79 -79.16
CA TYR D 385 -95.09 -23.13 -78.62
C TYR D 385 -95.05 -24.50 -77.96
N LEU D 386 -96.14 -24.94 -77.31
CA LEU D 386 -96.05 -26.23 -76.64
C LEU D 386 -96.01 -27.37 -77.66
N LYS D 387 -96.79 -27.27 -78.75
CA LYS D 387 -96.79 -28.36 -79.74
C LYS D 387 -95.49 -28.39 -80.51
N ALA D 388 -94.93 -27.22 -80.81
CA ALA D 388 -93.68 -27.16 -81.57
C ALA D 388 -92.57 -27.92 -80.86
N LEU D 389 -92.33 -27.57 -79.59
CA LEU D 389 -91.29 -28.19 -78.78
C LEU D 389 -91.52 -29.69 -78.63
N SER D 390 -92.71 -30.10 -78.19
CA SER D 390 -92.98 -31.52 -78.05
C SER D 390 -92.85 -32.27 -79.38
N LYS D 391 -93.13 -31.62 -80.51
CA LYS D 391 -93.02 -32.35 -81.77
C LYS D 391 -91.57 -32.46 -82.21
N ALA D 392 -90.80 -31.39 -82.02
CA ALA D 392 -89.37 -31.38 -82.34
C ALA D 392 -88.57 -32.42 -81.55
N ARG D 393 -89.08 -32.84 -80.38
CA ARG D 393 -88.48 -33.87 -79.55
C ARG D 393 -89.00 -35.27 -79.88
N GLY D 394 -89.96 -35.40 -80.77
CA GLY D 394 -90.35 -36.73 -81.20
C GLY D 394 -91.75 -37.18 -80.88
N ALA D 395 -92.26 -36.81 -79.73
CA ALA D 395 -93.63 -37.15 -79.38
C ALA D 395 -94.34 -35.82 -79.16
N GLU D 396 -95.04 -35.34 -80.21
CA GLU D 396 -95.89 -34.17 -80.10
C GLU D 396 -96.99 -34.50 -79.09
N VAL D 397 -97.51 -33.45 -78.45
CA VAL D 397 -98.43 -33.57 -77.34
C VAL D 397 -99.88 -33.64 -77.84
N SER D 398 -100.69 -34.49 -77.18
CA SER D 398 -102.04 -34.78 -77.65
C SER D 398 -102.91 -33.54 -77.59
N VAL D 399 -103.08 -32.99 -76.38
CA VAL D 399 -103.85 -31.79 -76.12
C VAL D 399 -102.94 -30.84 -75.37
N VAL D 400 -103.08 -29.54 -75.61
CA VAL D 400 -102.33 -28.53 -74.86
C VAL D 400 -103.23 -27.95 -73.78
N ASN D 401 -102.86 -28.16 -72.50
CA ASN D 401 -103.91 -27.92 -71.51
C ASN D 401 -103.39 -27.80 -70.10
N MET D 402 -102.11 -27.50 -69.89
CA MET D 402 -101.60 -27.26 -68.55
C MET D 402 -101.44 -28.52 -67.72
N GLU D 403 -102.32 -29.49 -67.89
CA GLU D 403 -101.97 -30.75 -67.27
C GLU D 403 -100.84 -31.39 -68.07
N ALA D 404 -100.77 -31.05 -69.36
CA ALA D 404 -99.65 -31.42 -70.22
C ALA D 404 -98.54 -30.41 -70.22
N LEU D 405 -98.81 -29.15 -69.89
CA LEU D 405 -97.68 -28.25 -69.69
C LEU D 405 -96.90 -28.68 -68.46
N GLN D 406 -97.59 -29.12 -67.42
CA GLN D 406 -96.86 -29.59 -66.24
C GLN D 406 -96.02 -30.82 -66.57
N ALA D 407 -96.59 -31.79 -67.30
CA ALA D 407 -95.83 -33.00 -67.63
C ALA D 407 -94.72 -32.73 -68.65
N GLU D 408 -94.91 -31.76 -69.56
CA GLU D 408 -93.88 -31.51 -70.57
C GLU D 408 -92.69 -30.75 -70.00
N ARG D 409 -92.94 -29.76 -69.13
CA ARG D 409 -91.85 -29.09 -68.44
C ARG D 409 -91.05 -30.08 -67.61
N THR D 410 -91.75 -31.00 -66.93
CA THR D 410 -91.05 -32.02 -66.19
C THR D 410 -90.19 -32.89 -67.10
N ARG D 411 -90.74 -33.32 -68.26
CA ARG D 411 -89.97 -34.18 -69.17
C ARG D 411 -88.69 -33.48 -69.61
N GLU D 412 -88.77 -32.21 -69.99
CA GLU D 412 -87.65 -31.50 -70.60
C GLU D 412 -86.61 -31.03 -69.60
N LEU D 413 -86.99 -30.66 -68.38
CA LEU D 413 -86.02 -30.08 -67.45
C LEU D 413 -85.51 -31.06 -66.42
N ILE D 414 -85.69 -32.38 -66.63
CA ILE D 414 -85.19 -33.35 -65.67
C ILE D 414 -83.70 -33.15 -65.48
N GLY D 415 -83.23 -33.41 -64.25
CA GLY D 415 -81.85 -33.25 -63.79
C GLY D 415 -81.39 -31.81 -63.58
N GLU D 416 -82.23 -30.83 -63.86
CA GLU D 416 -81.82 -29.44 -63.80
C GLU D 416 -82.37 -28.74 -62.56
N GLY D 417 -82.89 -29.49 -61.58
CA GLY D 417 -83.15 -28.90 -60.28
C GLY D 417 -84.34 -27.98 -60.25
N SER D 418 -85.28 -28.24 -61.13
CA SER D 418 -86.48 -27.44 -61.23
C SER D 418 -87.70 -28.13 -60.65
N ARG D 419 -87.65 -29.43 -60.37
CA ARG D 419 -88.91 -30.04 -59.98
C ARG D 419 -89.32 -29.63 -58.58
N LEU D 420 -88.36 -29.46 -57.65
CA LEU D 420 -88.73 -29.07 -56.29
C LEU D 420 -89.46 -27.73 -56.29
N ARG D 421 -88.83 -26.71 -56.88
CA ARG D 421 -89.48 -25.41 -57.01
C ARG D 421 -90.80 -25.51 -57.76
N ASP D 422 -90.86 -26.40 -58.77
CA ASP D 422 -92.12 -26.58 -59.51
C ASP D 422 -93.18 -27.19 -58.60
N MET D 423 -92.86 -28.27 -57.87
CA MET D 423 -93.95 -28.93 -57.14
C MET D 423 -94.44 -28.13 -55.95
N VAL D 424 -93.87 -26.96 -55.73
CA VAL D 424 -94.37 -26.04 -54.75
C VAL D 424 -95.31 -25.02 -55.39
N ARG D 425 -95.05 -24.57 -56.62
CA ARG D 425 -96.04 -23.69 -57.26
C ARG D 425 -97.29 -24.44 -57.70
N TRP D 426 -97.23 -25.76 -57.91
CA TRP D 426 -98.40 -26.47 -58.37
C TRP D 426 -99.13 -27.18 -57.23
N SER D 427 -98.77 -26.92 -55.99
CA SER D 427 -99.47 -27.50 -54.83
C SER D 427 -99.42 -29.03 -54.88
N ILE D 428 -98.20 -29.54 -54.91
CA ILE D 428 -97.94 -30.97 -54.96
C ILE D 428 -97.29 -31.39 -53.66
N PRO D 429 -97.89 -32.28 -52.89
CA PRO D 429 -97.20 -32.90 -51.77
C PRO D 429 -96.21 -33.93 -52.29
N ASN D 430 -95.38 -34.47 -51.38
CA ASN D 430 -94.33 -35.38 -51.81
C ASN D 430 -94.87 -36.71 -52.32
N ASN D 431 -95.43 -37.56 -51.45
CA ASN D 431 -95.96 -38.87 -51.85
C ASN D 431 -94.88 -39.88 -52.24
N HIS D 432 -93.63 -39.64 -51.84
CA HIS D 432 -92.55 -40.58 -52.11
C HIS D 432 -92.90 -41.95 -51.55
N ASP D 433 -93.64 -41.98 -50.44
CA ASP D 433 -94.01 -43.23 -49.82
C ASP D 433 -94.98 -44.04 -50.68
N ALA D 434 -95.69 -43.40 -51.60
CA ALA D 434 -96.73 -44.10 -52.34
C ALA D 434 -96.29 -44.59 -53.69
N PHE D 435 -95.30 -43.94 -54.31
CA PHE D 435 -94.90 -44.26 -55.66
C PHE D 435 -94.34 -45.67 -55.72
N GLU D 436 -94.25 -46.19 -56.95
CA GLU D 436 -93.84 -47.55 -57.19
C GLU D 436 -92.52 -47.52 -57.92
N THR D 437 -91.57 -48.35 -57.48
CA THR D 437 -90.24 -48.41 -58.07
C THR D 437 -90.23 -49.20 -59.36
N GLN D 438 -89.25 -48.90 -60.23
CA GLN D 438 -89.13 -49.61 -61.49
C GLN D 438 -89.02 -51.11 -61.25
N PRO D 439 -89.93 -51.94 -61.76
CA PRO D 439 -89.91 -53.38 -61.42
C PRO D 439 -88.73 -54.15 -61.98
N GLY D 440 -88.14 -53.69 -63.09
CA GLY D 440 -86.99 -54.38 -63.66
C GLY D 440 -85.79 -54.40 -62.73
N LEU D 441 -85.70 -53.44 -61.83
CA LEU D 441 -84.63 -53.35 -60.84
C LEU D 441 -85.21 -53.80 -59.52
N GLU D 442 -85.15 -55.09 -59.23
CA GLU D 442 -85.61 -55.58 -57.94
C GLU D 442 -84.41 -56.20 -57.25
N GLY D 443 -84.21 -55.84 -56.00
CA GLY D 443 -82.97 -56.13 -55.36
C GLY D 443 -81.94 -55.06 -55.56
N PHE D 444 -82.12 -54.19 -56.56
CA PHE D 444 -81.18 -53.10 -56.78
C PHE D 444 -81.69 -51.75 -56.31
N ALA D 445 -82.77 -51.29 -56.89
CA ALA D 445 -83.35 -50.01 -56.51
C ALA D 445 -84.62 -50.38 -55.77
N ASN D 446 -84.57 -50.27 -54.46
CA ASN D 446 -85.69 -50.71 -53.65
C ASN D 446 -86.27 -49.53 -52.89
N THR D 447 -87.43 -49.78 -52.28
CA THR D 447 -88.19 -48.71 -51.67
C THR D 447 -87.73 -48.49 -50.23
N THR D 448 -87.32 -47.25 -49.94
CA THR D 448 -86.88 -46.75 -48.63
C THR D 448 -87.82 -45.63 -48.20
N PRO D 449 -88.48 -45.72 -47.04
CA PRO D 449 -89.52 -44.74 -46.70
C PRO D 449 -88.92 -43.39 -46.33
N LEU D 450 -89.80 -42.42 -46.12
CA LEU D 450 -89.31 -41.10 -45.77
C LEU D 450 -88.81 -41.08 -44.33
N LYS D 451 -88.19 -39.98 -43.97
CA LYS D 451 -87.82 -39.75 -42.58
C LYS D 451 -88.51 -38.50 -42.03
N ALA D 452 -89.48 -37.97 -42.80
CA ALA D 452 -90.21 -36.74 -42.54
C ALA D 452 -91.19 -36.51 -43.67
N GLN D 453 -92.44 -36.20 -43.38
CA GLN D 453 -93.34 -36.01 -44.50
C GLN D 453 -93.20 -34.59 -45.05
N ALA D 454 -93.62 -34.41 -46.30
CA ALA D 454 -93.47 -33.12 -46.98
C ALA D 454 -94.79 -32.67 -47.60
N PRO D 455 -95.84 -32.48 -46.79
CA PRO D 455 -97.09 -31.93 -47.31
C PRO D 455 -96.96 -30.45 -47.64
N VAL D 456 -97.97 -29.94 -48.37
CA VAL D 456 -97.86 -28.62 -49.02
C VAL D 456 -97.63 -27.51 -48.02
N GLY D 457 -96.70 -26.61 -48.34
CA GLY D 457 -96.37 -25.52 -47.41
C GLY D 457 -95.51 -25.90 -46.23
N PHE D 458 -94.99 -27.11 -46.18
CA PHE D 458 -94.00 -27.49 -45.18
C PHE D 458 -92.79 -26.57 -45.27
N TYR D 459 -92.22 -26.26 -44.10
CA TYR D 459 -91.16 -25.24 -44.03
C TYR D 459 -89.89 -25.68 -44.74
N ALA D 460 -89.63 -26.99 -44.80
CA ALA D 460 -88.35 -27.54 -45.27
C ALA D 460 -88.20 -27.52 -46.80
N TYR D 461 -89.23 -27.21 -47.55
CA TYR D 461 -88.97 -26.96 -48.95
C TYR D 461 -88.03 -25.78 -49.10
N THR D 462 -87.96 -24.89 -48.11
CA THR D 462 -86.91 -23.88 -48.09
C THR D 462 -85.80 -24.34 -47.16
N TRP D 463 -84.55 -24.07 -47.57
CA TRP D 463 -83.39 -24.54 -46.85
C TRP D 463 -83.05 -23.59 -45.71
N GLU D 464 -82.35 -24.15 -44.71
CA GLU D 464 -81.98 -23.45 -43.50
C GLU D 464 -80.62 -22.78 -43.62
N PHE D 465 -80.47 -21.60 -43.04
CA PHE D 465 -79.22 -20.89 -43.17
C PHE D 465 -78.06 -21.74 -42.63
N PRO D 466 -76.87 -21.63 -43.25
CA PRO D 466 -75.69 -22.40 -42.79
C PRO D 466 -75.27 -21.96 -41.39
N GLN D 467 -74.83 -22.93 -40.59
CA GLN D 467 -74.57 -22.53 -39.21
C GLN D 467 -73.32 -21.67 -39.01
N ARG D 468 -72.54 -21.39 -40.06
CA ARG D 468 -71.45 -20.42 -39.92
C ARG D 468 -72.00 -19.00 -39.85
N ASP D 469 -73.00 -18.67 -40.68
CA ASP D 469 -73.58 -17.33 -40.58
C ASP D 469 -74.54 -17.22 -39.41
N ARG D 470 -75.04 -18.36 -38.92
CA ARG D 470 -75.80 -18.37 -37.69
C ARG D 470 -74.86 -18.13 -36.50
N GLN D 471 -73.81 -18.95 -36.39
CA GLN D 471 -72.91 -18.79 -35.25
C GLN D 471 -72.26 -17.43 -35.27
N THR D 472 -71.77 -17.00 -36.43
CA THR D 472 -71.02 -15.76 -36.47
C THR D 472 -71.90 -14.51 -36.33
N ASN D 473 -73.22 -14.65 -36.35
CA ASN D 473 -74.10 -13.48 -36.44
C ASN D 473 -75.46 -13.82 -35.82
N PRO D 474 -75.58 -13.73 -34.50
CA PRO D 474 -76.86 -14.01 -33.85
C PRO D 474 -77.90 -12.92 -34.03
N GLN D 475 -77.65 -11.96 -34.92
CA GLN D 475 -78.60 -10.97 -35.39
C GLN D 475 -79.39 -11.49 -36.60
N LEU D 476 -79.24 -12.78 -36.88
CA LEU D 476 -79.80 -13.39 -38.07
C LEU D 476 -80.97 -14.28 -37.67
N ILE D 477 -82.12 -13.99 -38.24
CA ILE D 477 -83.34 -14.72 -37.91
C ILE D 477 -83.40 -15.99 -38.76
N LYS D 478 -83.36 -17.16 -38.13
CA LYS D 478 -83.33 -18.38 -38.92
C LYS D 478 -84.71 -18.70 -39.49
N ASN D 479 -84.75 -19.73 -40.33
CA ASN D 479 -85.94 -20.07 -41.10
C ASN D 479 -86.73 -21.21 -40.48
N TRP D 480 -86.10 -22.35 -40.26
CA TRP D 480 -86.86 -23.46 -39.74
C TRP D 480 -87.32 -23.21 -38.30
N PRO D 481 -88.53 -23.67 -37.95
CA PRO D 481 -88.93 -23.64 -36.53
C PRO D 481 -88.06 -24.49 -35.62
N ILE D 482 -87.57 -25.63 -36.08
CA ILE D 482 -86.74 -26.46 -35.21
C ILE D 482 -85.25 -26.44 -35.60
N LEU E 95 -27.22 -22.58 -21.91
CA LEU E 95 -28.48 -22.53 -22.65
C LEU E 95 -29.60 -22.08 -21.71
N SER E 96 -29.61 -22.71 -20.55
CA SER E 96 -30.62 -22.51 -19.52
C SER E 96 -30.15 -21.44 -18.55
N THR E 97 -31.11 -20.79 -17.89
CA THR E 97 -30.76 -19.87 -16.83
C THR E 97 -31.07 -20.49 -15.46
N VAL E 98 -30.49 -19.90 -14.41
CA VAL E 98 -30.60 -20.42 -13.04
C VAL E 98 -31.87 -19.99 -12.32
N SER E 99 -32.53 -18.92 -12.79
CA SER E 99 -33.84 -18.48 -12.32
C SER E 99 -34.95 -19.39 -12.80
N GLY E 100 -34.89 -19.80 -14.06
CA GLY E 100 -36.01 -20.42 -14.73
C GLY E 100 -36.17 -21.91 -14.49
N SER E 101 -37.24 -22.44 -15.06
CA SER E 101 -37.57 -23.87 -14.99
C SER E 101 -37.04 -24.53 -16.26
N VAL E 102 -36.46 -25.72 -16.10
CA VAL E 102 -35.71 -26.40 -17.14
C VAL E 102 -35.77 -27.89 -16.84
N ALA E 103 -35.75 -28.73 -17.87
CA ALA E 103 -35.64 -30.16 -17.66
C ALA E 103 -34.52 -30.71 -18.54
N LYS E 104 -34.02 -31.91 -18.23
CA LYS E 104 -32.98 -32.51 -19.04
C LYS E 104 -33.21 -34.00 -19.17
N VAL E 105 -33.19 -34.50 -20.40
CA VAL E 105 -33.33 -35.93 -20.64
C VAL E 105 -31.99 -36.47 -21.12
N SER E 106 -31.59 -37.62 -20.58
CA SER E 106 -30.30 -38.16 -20.92
C SER E 106 -30.41 -39.03 -22.16
N SER E 107 -29.26 -39.30 -22.76
CA SER E 107 -29.11 -40.24 -23.86
C SER E 107 -29.79 -41.59 -23.59
N GLU E 108 -29.82 -42.02 -22.35
CA GLU E 108 -30.33 -43.35 -22.03
C GLU E 108 -31.79 -43.53 -22.43
N LYS E 109 -32.57 -42.45 -22.48
CA LYS E 109 -33.96 -42.50 -22.95
C LYS E 109 -34.10 -42.25 -24.46
N LEU E 110 -33.10 -41.62 -25.06
CA LEU E 110 -33.08 -41.29 -26.48
C LEU E 110 -32.21 -42.31 -27.22
N ALA E 111 -32.61 -43.59 -27.17
CA ALA E 111 -31.73 -44.67 -27.65
C ALA E 111 -32.56 -45.89 -28.03
N GLU E 112 -32.22 -46.50 -29.16
CA GLU E 112 -33.05 -47.50 -29.83
C GLU E 112 -34.39 -46.84 -30.13
N LYS E 113 -35.48 -47.30 -29.54
CA LYS E 113 -36.83 -46.86 -29.83
C LYS E 113 -37.13 -47.09 -31.31
N PRO E 114 -37.74 -48.25 -31.66
CA PRO E 114 -37.92 -48.60 -33.07
C PRO E 114 -38.87 -47.67 -33.83
N VAL E 115 -38.53 -46.38 -33.94
CA VAL E 115 -39.45 -45.40 -34.50
C VAL E 115 -38.64 -44.23 -35.03
N ALA E 116 -39.05 -43.70 -36.19
CA ALA E 116 -38.40 -42.51 -36.73
C ALA E 116 -38.80 -41.26 -35.96
N ASN E 117 -40.01 -41.25 -35.40
CA ASN E 117 -40.58 -40.17 -34.61
C ASN E 117 -39.91 -40.13 -33.25
N ILE E 118 -38.96 -39.22 -33.07
CA ILE E 118 -38.21 -39.21 -31.82
C ILE E 118 -39.07 -38.75 -30.64
N MET E 119 -39.92 -37.75 -30.86
CA MET E 119 -40.71 -37.19 -29.77
C MET E 119 -41.61 -38.19 -29.05
N ASP E 120 -41.88 -39.37 -29.63
CA ASP E 120 -42.73 -40.31 -28.89
C ASP E 120 -42.08 -40.76 -27.59
N ALA E 121 -40.76 -40.69 -27.51
CA ALA E 121 -40.07 -41.21 -26.34
C ALA E 121 -40.17 -40.28 -25.15
N LEU E 122 -40.66 -39.06 -25.32
CA LEU E 122 -40.74 -38.11 -24.22
C LEU E 122 -42.15 -38.01 -23.65
N GLN E 123 -42.99 -39.00 -23.92
CA GLN E 123 -44.36 -39.06 -23.44
C GLN E 123 -44.38 -39.48 -21.97
N GLY E 124 -44.91 -38.60 -21.11
CA GLY E 124 -44.90 -38.83 -19.67
C GLY E 124 -43.50 -38.84 -19.10
N GLN E 125 -42.61 -38.01 -19.65
CA GLN E 125 -41.23 -37.95 -19.24
C GLN E 125 -40.73 -36.54 -19.01
N VAL E 126 -41.52 -35.51 -19.22
CA VAL E 126 -41.13 -34.18 -18.79
C VAL E 126 -42.38 -33.54 -18.20
N ALA E 127 -42.21 -32.77 -17.11
CA ALA E 127 -43.35 -32.16 -16.41
C ALA E 127 -43.82 -30.94 -17.19
N GLY E 128 -44.96 -31.05 -17.85
CA GLY E 128 -45.54 -29.94 -18.59
C GLY E 128 -45.36 -29.98 -20.09
N MET E 129 -44.92 -31.11 -20.63
CA MET E 129 -44.74 -31.36 -22.06
C MET E 129 -45.66 -32.53 -22.41
N GLN E 130 -46.79 -32.20 -23.03
CA GLN E 130 -47.78 -33.16 -23.45
C GLN E 130 -47.55 -33.52 -24.91
N VAL E 131 -47.21 -34.79 -25.20
CA VAL E 131 -46.98 -35.22 -26.58
C VAL E 131 -47.94 -36.34 -26.96
N MET E 132 -48.49 -36.26 -28.18
CA MET E 132 -49.38 -37.28 -28.71
C MET E 132 -49.13 -37.55 -30.19
N THR E 133 -49.16 -38.85 -30.55
CA THR E 133 -48.94 -39.36 -31.90
C THR E 133 -50.26 -39.92 -32.42
N THR E 134 -50.84 -39.24 -33.41
CA THR E 134 -52.19 -39.49 -33.89
C THR E 134 -52.28 -40.41 -35.11
N SER E 135 -51.26 -41.26 -35.33
CA SER E 135 -51.24 -42.17 -36.48
C SER E 135 -50.19 -43.27 -36.31
N GLY E 136 -50.55 -44.49 -36.69
CA GLY E 136 -49.55 -45.54 -36.67
C GLY E 136 -48.73 -45.66 -37.95
N ASP E 137 -48.42 -44.51 -38.60
CA ASP E 137 -47.67 -44.50 -39.86
C ASP E 137 -46.22 -44.17 -39.61
N PRO E 138 -45.29 -44.98 -40.08
CA PRO E 138 -43.87 -44.70 -39.79
C PRO E 138 -43.44 -43.33 -40.28
N THR E 139 -44.20 -42.70 -41.14
CA THR E 139 -43.82 -41.39 -41.61
C THR E 139 -44.29 -40.28 -40.66
N ALA E 140 -45.09 -40.61 -39.63
CA ALA E 140 -45.78 -39.63 -38.78
C ALA E 140 -44.88 -39.02 -37.72
N VAL E 141 -45.19 -37.78 -37.36
CA VAL E 141 -44.52 -37.07 -36.28
C VAL E 141 -45.55 -36.53 -35.29
N ALA E 142 -45.22 -36.58 -34.01
CA ALA E 142 -46.12 -36.35 -32.88
C ALA E 142 -46.37 -34.85 -32.63
N SER E 143 -47.43 -34.58 -31.85
CA SER E 143 -47.79 -33.22 -31.40
C SER E 143 -47.24 -32.94 -30.02
N VAL E 144 -46.70 -31.73 -29.84
CA VAL E 144 -46.03 -31.32 -28.61
C VAL E 144 -46.57 -29.95 -28.23
N GLU E 145 -47.11 -29.83 -27.00
CA GLU E 145 -47.62 -28.59 -26.41
C GLU E 145 -47.07 -28.44 -25.01
N ILE E 146 -46.32 -27.37 -24.79
CA ILE E 146 -45.66 -27.15 -23.51
C ILE E 146 -46.57 -26.31 -22.62
N HIS E 147 -46.86 -26.81 -21.43
CA HIS E 147 -47.82 -26.17 -20.52
C HIS E 147 -49.21 -26.15 -21.15
N GLY E 148 -49.64 -25.05 -21.76
CA GLY E 148 -50.97 -24.97 -22.33
C GLY E 148 -51.05 -25.17 -23.84
N THR E 149 -52.29 -25.15 -24.35
CA THR E 149 -52.53 -24.86 -25.77
C THR E 149 -52.41 -23.36 -25.96
N GLY E 150 -51.38 -22.92 -26.68
CA GLY E 150 -51.03 -21.51 -26.69
C GLY E 150 -52.05 -20.63 -27.40
N SER E 151 -52.45 -21.01 -28.61
CA SER E 151 -53.27 -20.11 -29.39
C SER E 151 -54.46 -20.84 -30.00
N LEU E 152 -55.35 -20.06 -30.60
CA LEU E 152 -56.52 -20.61 -31.24
C LEU E 152 -56.39 -20.66 -32.75
N GLY E 153 -55.63 -19.73 -33.34
CA GLY E 153 -55.29 -19.77 -34.76
C GLY E 153 -53.87 -20.23 -35.03
N ALA E 154 -52.92 -19.57 -34.37
CA ALA E 154 -51.49 -19.79 -34.56
C ALA E 154 -51.06 -21.11 -33.90
N SER E 155 -49.79 -21.45 -34.10
CA SER E 155 -49.24 -22.76 -33.78
C SER E 155 -48.87 -22.90 -32.32
N SER E 156 -48.85 -24.14 -31.85
CA SER E 156 -48.57 -24.37 -30.45
C SER E 156 -47.35 -25.25 -30.20
N ALA E 157 -46.69 -25.71 -31.25
CA ALA E 157 -45.51 -26.55 -31.08
C ALA E 157 -44.32 -25.72 -30.60
N PRO E 158 -43.45 -26.34 -29.78
CA PRO E 158 -42.27 -25.65 -29.25
C PRO E 158 -41.27 -25.34 -30.34
N LEU E 159 -40.36 -24.41 -30.05
CA LEU E 159 -39.29 -24.12 -30.99
C LEU E 159 -38.23 -25.21 -30.90
N TYR E 160 -37.97 -25.86 -32.02
CA TYR E 160 -37.05 -26.98 -32.11
C TYR E 160 -35.68 -26.50 -32.59
N ILE E 161 -34.69 -26.72 -31.73
CA ILE E 161 -33.30 -26.34 -31.97
C ILE E 161 -32.45 -27.58 -31.75
N VAL E 162 -31.64 -27.93 -32.73
CA VAL E 162 -30.58 -28.92 -32.59
C VAL E 162 -29.28 -28.16 -32.80
N ASP E 163 -28.40 -28.21 -31.80
CA ASP E 163 -27.04 -27.67 -31.84
C ASP E 163 -26.97 -26.18 -32.20
N GLY E 164 -28.02 -25.41 -31.93
CA GLY E 164 -27.95 -23.96 -32.02
C GLY E 164 -28.75 -23.36 -33.15
N MET E 165 -29.03 -24.14 -34.20
CA MET E 165 -29.80 -23.64 -35.30
C MET E 165 -31.18 -24.28 -35.22
N GLN E 166 -32.21 -23.52 -35.60
CA GLN E 166 -33.58 -23.99 -35.62
C GLN E 166 -33.77 -25.07 -36.66
N THR E 167 -34.14 -26.28 -36.27
CA THR E 167 -34.44 -27.24 -37.33
C THR E 167 -35.93 -27.54 -37.33
N SER E 168 -36.30 -28.78 -37.61
CA SER E 168 -37.70 -29.11 -37.79
C SER E 168 -37.91 -30.60 -37.56
N LEU E 169 -39.06 -30.97 -37.01
CA LEU E 169 -39.31 -32.39 -36.69
C LEU E 169 -39.07 -33.33 -37.86
N ASP E 170 -39.22 -32.85 -39.10
CA ASP E 170 -39.00 -33.69 -40.28
C ASP E 170 -37.53 -33.99 -40.49
N VAL E 171 -36.69 -32.98 -40.33
CA VAL E 171 -35.26 -33.15 -40.42
C VAL E 171 -34.75 -34.07 -39.31
N VAL E 172 -35.16 -33.79 -38.07
CA VAL E 172 -34.76 -34.60 -36.93
C VAL E 172 -35.07 -36.08 -37.13
N ALA E 173 -36.09 -36.41 -37.95
CA ALA E 173 -36.39 -37.81 -38.19
C ALA E 173 -35.37 -38.46 -39.11
N THR E 174 -34.67 -37.66 -39.93
CA THR E 174 -33.55 -38.10 -40.76
C THR E 174 -32.25 -38.25 -39.98
N MET E 175 -32.19 -37.80 -38.74
CA MET E 175 -30.95 -37.97 -38.00
C MET E 175 -30.89 -39.31 -37.29
N ASN E 176 -29.71 -39.62 -36.79
CA ASN E 176 -29.48 -40.86 -36.08
C ASN E 176 -29.67 -40.58 -34.60
N PRO E 177 -30.58 -41.28 -33.90
CA PRO E 177 -30.81 -40.93 -32.49
C PRO E 177 -29.59 -41.18 -31.59
N ASN E 178 -28.80 -42.23 -31.85
CA ASN E 178 -27.61 -42.49 -31.06
C ASN E 178 -26.58 -41.37 -31.10
N ASP E 179 -26.75 -40.36 -31.95
CA ASP E 179 -25.89 -39.19 -31.93
C ASP E 179 -26.29 -38.19 -30.86
N PHE E 180 -27.49 -38.31 -30.31
CA PHE E 180 -27.99 -37.29 -29.41
C PHE E 180 -27.46 -37.53 -28.02
N GLU E 181 -26.90 -36.49 -27.42
CA GLU E 181 -26.38 -36.57 -26.05
C GLU E 181 -27.48 -36.25 -25.04
N SER E 182 -28.20 -35.16 -25.24
CA SER E 182 -29.25 -34.81 -24.29
C SER E 182 -30.26 -33.91 -24.99
N MET E 183 -31.41 -33.79 -24.34
CA MET E 183 -32.47 -32.87 -24.69
C MET E 183 -32.88 -32.04 -23.47
N SER E 184 -32.95 -30.72 -23.64
CA SER E 184 -33.38 -29.82 -22.57
C SER E 184 -34.65 -29.09 -22.98
N VAL E 185 -35.66 -29.13 -22.12
CA VAL E 185 -36.95 -28.50 -22.38
C VAL E 185 -37.06 -27.28 -21.51
N LEU E 186 -37.18 -26.10 -22.11
CA LEU E 186 -37.13 -24.85 -21.35
C LEU E 186 -38.53 -24.27 -21.10
N LYS E 187 -39.15 -24.59 -19.95
CA LYS E 187 -40.59 -24.45 -19.78
C LYS E 187 -41.10 -23.12 -19.19
N ASP E 188 -40.26 -22.27 -18.64
CA ASP E 188 -40.77 -20.98 -18.18
C ASP E 188 -40.36 -19.91 -19.18
N ALA E 189 -40.34 -18.66 -18.75
CA ALA E 189 -40.08 -17.58 -19.67
C ALA E 189 -38.73 -16.96 -19.47
N SER E 190 -38.02 -17.34 -18.42
CA SER E 190 -36.69 -16.80 -18.20
C SER E 190 -35.63 -17.59 -18.96
N ALA E 191 -35.79 -18.91 -19.06
CA ALA E 191 -34.83 -19.71 -19.81
C ALA E 191 -34.85 -19.36 -21.29
N THR E 192 -36.05 -19.21 -21.87
CA THR E 192 -36.23 -18.91 -23.29
C THR E 192 -36.28 -17.41 -23.49
N SER E 193 -35.11 -16.79 -23.53
CA SER E 193 -35.06 -15.34 -23.75
C SER E 193 -33.95 -14.92 -24.71
N ILE E 194 -33.18 -15.86 -25.26
CA ILE E 194 -32.25 -15.55 -26.34
C ILE E 194 -32.79 -16.06 -27.65
N TYR E 195 -33.86 -16.86 -27.62
CA TYR E 195 -34.47 -17.36 -28.84
C TYR E 195 -35.54 -16.37 -29.25
N GLY E 196 -36.09 -16.56 -30.46
CA GLY E 196 -37.07 -15.62 -30.95
C GLY E 196 -37.83 -15.98 -32.20
N ALA E 197 -38.79 -16.88 -32.10
CA ALA E 197 -39.57 -17.17 -33.28
C ALA E 197 -40.96 -17.64 -32.93
N ARG E 198 -41.02 -18.59 -32.00
CA ARG E 198 -42.26 -19.03 -31.38
C ARG E 198 -41.93 -19.57 -29.99
N ALA E 199 -40.95 -18.97 -29.33
CA ALA E 199 -40.57 -19.54 -28.05
C ALA E 199 -41.65 -19.47 -26.99
N ALA E 200 -42.77 -18.80 -27.24
CA ALA E 200 -43.86 -18.80 -26.27
C ALA E 200 -44.33 -20.21 -25.91
N ASN E 201 -44.22 -21.17 -26.83
CA ASN E 201 -44.65 -22.54 -26.56
C ASN E 201 -43.55 -23.41 -25.96
N GLY E 202 -42.54 -22.79 -25.32
CA GLY E 202 -41.35 -23.48 -24.82
C GLY E 202 -40.29 -23.55 -25.90
N VAL E 203 -39.15 -24.17 -25.57
CA VAL E 203 -38.22 -24.63 -26.61
C VAL E 203 -37.72 -26.03 -26.25
N VAL E 204 -37.20 -26.72 -27.26
CA VAL E 204 -36.70 -28.07 -27.14
C VAL E 204 -35.33 -28.13 -27.80
N PHE E 205 -34.32 -28.45 -27.00
CA PHE E 205 -32.92 -28.34 -27.38
C PHE E 205 -32.30 -29.72 -27.34
N ILE E 206 -31.84 -30.19 -28.49
CA ILE E 206 -31.17 -31.47 -28.62
C ILE E 206 -29.69 -31.16 -28.85
N GLN E 207 -28.80 -31.82 -28.09
CA GLN E 207 -27.36 -31.65 -28.18
C GLN E 207 -26.68 -32.95 -28.57
N THR E 208 -25.84 -32.89 -29.59
CA THR E 208 -25.24 -34.09 -30.15
C THR E 208 -23.91 -34.39 -29.50
N LYS E 209 -23.63 -35.68 -29.36
CA LYS E 209 -22.39 -36.17 -28.76
C LYS E 209 -21.16 -35.50 -29.34
N LYS E 210 -20.19 -35.22 -28.48
CA LYS E 210 -18.81 -35.00 -28.86
C LYS E 210 -18.01 -35.95 -28.01
N GLY E 211 -17.13 -36.71 -28.63
CA GLY E 211 -16.47 -37.79 -27.91
C GLY E 211 -15.64 -37.22 -26.77
N LYS E 212 -15.65 -37.95 -25.65
CA LYS E 212 -14.75 -37.66 -24.55
C LYS E 212 -13.30 -37.74 -25.05
N MET E 213 -12.43 -36.88 -24.53
CA MET E 213 -11.11 -36.73 -25.13
C MET E 213 -10.22 -37.96 -24.90
N SER E 214 -10.03 -38.34 -23.64
CA SER E 214 -9.14 -39.45 -23.31
C SER E 214 -7.80 -39.33 -24.04
N GLU E 215 -7.30 -40.47 -24.48
CA GLU E 215 -6.00 -40.58 -25.14
C GLU E 215 -6.00 -41.84 -25.97
N ARG E 216 -7.11 -42.56 -25.94
CA ARG E 216 -7.31 -43.68 -26.83
C ARG E 216 -8.48 -43.36 -27.76
N GLY E 217 -9.37 -44.32 -27.98
CA GLY E 217 -10.47 -44.12 -28.90
C GLY E 217 -11.57 -45.09 -28.58
N ARG E 218 -12.82 -44.65 -28.68
CA ARG E 218 -13.94 -45.53 -28.45
C ARG E 218 -14.61 -45.87 -29.77
N ILE E 219 -15.17 -47.07 -29.86
CA ILE E 219 -15.74 -47.52 -31.12
C ILE E 219 -16.82 -48.56 -30.84
N THR E 220 -18.07 -48.19 -31.13
CA THR E 220 -19.23 -49.00 -30.83
C THR E 220 -20.03 -49.34 -32.09
N PHE E 221 -20.82 -50.40 -31.96
CA PHE E 221 -21.58 -51.03 -33.04
C PHE E 221 -22.91 -51.49 -32.47
N ASN E 222 -24.00 -51.04 -33.08
CA ASN E 222 -25.35 -51.38 -32.67
C ASN E 222 -26.06 -52.08 -33.82
N ALA E 223 -27.05 -52.91 -33.49
CA ALA E 223 -27.76 -53.69 -34.50
C ALA E 223 -28.99 -54.41 -33.96
N SER E 224 -30.19 -54.03 -34.39
CA SER E 224 -31.39 -54.70 -33.88
C SER E 224 -32.40 -55.03 -34.97
N TYR E 225 -33.22 -56.03 -34.66
CA TYR E 225 -34.29 -56.53 -35.51
C TYR E 225 -35.55 -56.72 -34.69
N GLY E 226 -36.69 -56.50 -35.34
CA GLY E 226 -37.95 -56.62 -34.63
C GLY E 226 -39.11 -56.54 -35.58
N ILE E 227 -40.32 -56.56 -35.01
CA ILE E 227 -41.54 -56.54 -35.80
C ILE E 227 -42.53 -55.54 -35.21
N SER E 228 -43.39 -55.00 -36.09
CA SER E 228 -44.51 -54.17 -35.68
C SER E 228 -45.77 -55.01 -35.80
N GLN E 229 -46.59 -55.00 -34.74
CA GLN E 229 -47.90 -55.63 -34.78
C GLN E 229 -48.98 -54.60 -34.50
N ILE E 230 -50.09 -55.04 -33.92
CA ILE E 230 -51.24 -54.18 -33.71
C ILE E 230 -51.83 -54.53 -32.35
N LEU E 231 -52.16 -53.49 -31.56
CA LEU E 231 -52.43 -53.67 -30.13
C LEU E 231 -53.87 -54.12 -29.84
N ASN E 232 -54.86 -53.38 -30.34
CA ASN E 232 -56.25 -53.64 -30.02
C ASN E 232 -56.92 -54.57 -31.01
N THR E 233 -57.57 -55.62 -30.49
CA THR E 233 -58.43 -56.50 -31.27
C THR E 233 -59.91 -56.42 -30.89
N LYS E 234 -60.23 -55.86 -29.71
CA LYS E 234 -61.60 -55.94 -29.21
C LYS E 234 -62.65 -55.40 -30.20
N PRO E 235 -62.40 -54.35 -31.00
CA PRO E 235 -63.45 -53.84 -31.87
C PRO E 235 -64.24 -54.86 -32.67
N LEU E 236 -63.60 -55.89 -33.20
CA LEU E 236 -64.31 -56.78 -34.09
C LEU E 236 -64.74 -58.07 -33.40
N ASP E 237 -64.95 -58.03 -32.09
CA ASP E 237 -65.35 -59.24 -31.37
C ASP E 237 -66.85 -59.46 -31.40
N ASN E 238 -67.63 -58.49 -31.84
CA ASN E 238 -69.07 -58.56 -31.72
C ASN E 238 -69.66 -57.83 -32.92
N MET E 239 -69.29 -58.30 -34.09
CA MET E 239 -69.85 -57.79 -35.33
C MET E 239 -70.49 -58.96 -36.05
N MET E 240 -71.62 -58.70 -36.69
CA MET E 240 -72.39 -59.75 -37.32
C MET E 240 -71.50 -60.56 -38.26
N THR E 241 -71.82 -61.83 -38.42
CA THR E 241 -71.01 -62.69 -39.25
C THR E 241 -71.64 -62.81 -40.63
N GLY E 242 -71.27 -63.88 -41.36
CA GLY E 242 -71.70 -64.07 -42.72
C GLY E 242 -73.19 -63.92 -42.89
N ASP E 243 -73.95 -64.93 -42.54
CA ASP E 243 -75.38 -64.78 -42.72
C ASP E 243 -76.04 -64.06 -41.55
N GLU E 244 -75.28 -63.70 -40.53
CA GLU E 244 -75.84 -62.90 -39.44
C GLU E 244 -76.42 -61.60 -39.97
N LEU E 245 -75.65 -60.85 -40.75
CA LEU E 245 -76.27 -59.64 -41.24
C LEU E 245 -77.10 -59.88 -42.48
N LEU E 246 -77.06 -61.06 -43.09
CA LEU E 246 -77.99 -61.29 -44.20
C LEU E 246 -79.44 -61.19 -43.74
N ASP E 247 -79.84 -61.97 -42.72
CA ASP E 247 -81.22 -61.85 -42.24
C ASP E 247 -81.54 -60.45 -41.77
N PHE E 248 -80.56 -59.77 -41.19
CA PHE E 248 -80.79 -58.38 -40.79
C PHE E 248 -81.17 -57.53 -42.01
N GLN E 249 -80.46 -57.72 -43.14
CA GLN E 249 -80.77 -57.03 -44.39
C GLN E 249 -82.10 -57.51 -44.98
N VAL E 250 -82.35 -58.81 -44.95
CA VAL E 250 -83.59 -59.35 -45.50
C VAL E 250 -84.79 -58.89 -44.67
N LYS E 251 -84.69 -59.02 -43.34
CA LYS E 251 -85.80 -58.66 -42.47
C LYS E 251 -86.13 -57.18 -42.59
N ALA E 252 -85.11 -56.34 -42.73
CA ALA E 252 -85.32 -54.91 -42.88
C ALA E 252 -85.53 -54.50 -44.32
N GLY E 253 -85.76 -55.46 -45.20
CA GLY E 253 -86.14 -55.20 -46.58
C GLY E 253 -85.26 -54.28 -47.41
N PHE E 254 -83.98 -54.18 -47.03
CA PHE E 254 -83.05 -53.38 -47.80
C PHE E 254 -82.94 -53.88 -49.25
N TRP E 255 -82.98 -55.21 -49.44
CA TRP E 255 -83.18 -55.83 -50.75
C TRP E 255 -84.65 -56.21 -50.81
N GLY E 256 -85.45 -55.43 -51.54
CA GLY E 256 -86.83 -55.80 -51.80
C GLY E 256 -87.76 -55.82 -50.61
N ASN E 257 -89.07 -55.88 -50.86
CA ASN E 257 -90.06 -56.01 -49.80
C ASN E 257 -90.39 -57.48 -49.55
N ASN E 258 -90.73 -58.17 -50.64
CA ASN E 258 -91.03 -59.60 -50.60
C ASN E 258 -89.77 -60.32 -51.03
N GLN E 259 -89.13 -61.00 -50.08
CA GLN E 259 -87.91 -61.71 -50.41
C GLN E 259 -87.65 -62.79 -49.38
N THR E 260 -86.96 -63.83 -49.83
CA THR E 260 -86.54 -64.94 -49.00
C THR E 260 -85.04 -64.82 -48.80
N VAL E 261 -84.55 -65.21 -47.62
CA VAL E 261 -83.13 -65.11 -47.34
C VAL E 261 -82.29 -65.72 -48.46
N GLN E 262 -82.77 -66.81 -49.06
CA GLN E 262 -82.05 -67.46 -50.17
C GLN E 262 -82.19 -66.72 -51.49
N LYS E 263 -83.39 -66.21 -51.82
CA LYS E 263 -83.55 -65.40 -53.04
C LYS E 263 -82.49 -64.30 -53.13
N VAL E 264 -82.19 -63.65 -52.00
CA VAL E 264 -81.28 -62.51 -51.97
C VAL E 264 -79.87 -63.00 -52.19
N LYS E 265 -79.71 -64.27 -52.27
CA LYS E 265 -78.38 -64.76 -52.54
C LYS E 265 -78.39 -65.74 -53.67
N ASP E 266 -79.39 -66.64 -53.68
CA ASP E 266 -79.45 -67.81 -54.55
C ASP E 266 -78.85 -67.48 -55.88
N MET E 267 -79.23 -66.35 -56.43
CA MET E 267 -78.48 -65.83 -57.56
C MET E 267 -78.36 -64.32 -57.53
N ILE E 268 -79.07 -63.58 -56.67
CA ILE E 268 -78.99 -62.11 -56.80
C ILE E 268 -77.53 -61.67 -56.74
N LEU E 269 -76.76 -62.14 -55.76
CA LEU E 269 -75.35 -61.77 -55.81
C LEU E 269 -74.40 -62.93 -55.98
N ALA E 270 -74.75 -64.15 -55.53
CA ALA E 270 -73.92 -65.28 -55.93
C ALA E 270 -73.90 -65.42 -57.46
N GLY E 271 -74.93 -64.93 -58.14
CA GLY E 271 -75.02 -64.97 -59.58
C GLY E 271 -74.53 -63.71 -60.24
N ALA E 272 -73.66 -62.98 -59.53
CA ALA E 272 -72.81 -61.99 -60.16
C ALA E 272 -71.41 -62.53 -60.34
N GLU E 273 -71.39 -63.83 -60.66
CA GLU E 273 -70.35 -64.43 -61.49
C GLU E 273 -70.38 -63.90 -62.92
N ASP E 274 -71.50 -63.32 -63.35
CA ASP E 274 -71.53 -62.69 -64.67
C ASP E 274 -70.52 -61.57 -64.75
N LEU E 275 -70.20 -60.92 -63.63
CA LEU E 275 -69.09 -59.97 -63.67
C LEU E 275 -67.78 -60.71 -63.92
N TYR E 276 -67.48 -61.72 -63.09
CA TYR E 276 -66.21 -62.39 -63.22
C TYR E 276 -66.01 -63.02 -64.59
N GLY E 277 -67.09 -63.39 -65.26
CA GLY E 277 -66.84 -64.06 -66.52
C GLY E 277 -66.53 -63.16 -67.69
N ASN E 278 -66.45 -61.86 -67.47
CA ASN E 278 -66.14 -60.91 -68.53
C ASN E 278 -64.67 -60.56 -68.55
N TYR E 279 -63.89 -61.04 -67.60
CA TYR E 279 -62.48 -60.73 -67.55
C TYR E 279 -61.71 -61.98 -67.92
N ASP E 280 -60.84 -61.86 -68.94
CA ASP E 280 -60.15 -63.04 -69.45
C ASP E 280 -59.30 -63.68 -68.36
N SER E 281 -58.86 -62.90 -67.38
CA SER E 281 -58.08 -63.44 -66.27
C SER E 281 -58.89 -64.46 -65.48
N LEU E 282 -60.02 -64.02 -64.99
CA LEU E 282 -60.85 -64.74 -64.05
C LEU E 282 -62.09 -65.39 -64.66
N LYS E 283 -62.25 -65.37 -65.99
CA LYS E 283 -63.47 -65.93 -66.60
C LYS E 283 -63.61 -67.40 -66.29
N ASP E 284 -62.51 -68.14 -66.32
CA ASP E 284 -62.50 -69.56 -66.04
C ASP E 284 -61.55 -69.83 -64.88
N GLU E 285 -61.59 -68.91 -63.90
CA GLU E 285 -60.97 -69.14 -62.61
C GLU E 285 -61.95 -68.86 -61.48
N TYR E 286 -63.20 -68.59 -61.82
CA TYR E 286 -64.28 -68.42 -60.85
C TYR E 286 -64.90 -69.78 -60.54
N GLY E 287 -65.00 -70.12 -59.27
CA GLY E 287 -65.40 -71.46 -58.91
C GLY E 287 -64.26 -72.44 -58.84
N LYS E 288 -63.17 -72.17 -59.57
CA LYS E 288 -61.97 -72.99 -59.49
C LYS E 288 -61.14 -72.56 -58.30
N THR E 289 -60.31 -71.54 -58.48
CA THR E 289 -59.35 -71.15 -57.46
C THR E 289 -59.82 -69.97 -56.65
N LEU E 290 -60.97 -69.41 -57.00
CA LEU E 290 -61.26 -68.08 -56.53
C LEU E 290 -62.77 -67.88 -56.46
N PHE E 291 -63.30 -67.85 -55.22
CA PHE E 291 -64.65 -67.46 -54.88
C PHE E 291 -64.64 -66.12 -54.20
N PRO E 292 -65.43 -65.21 -54.66
CA PRO E 292 -65.39 -63.87 -54.10
C PRO E 292 -66.62 -63.60 -53.24
N VAL E 293 -67.57 -64.56 -53.32
CA VAL E 293 -68.81 -64.61 -52.55
C VAL E 293 -68.94 -66.02 -51.99
N ASP E 294 -69.36 -66.10 -50.74
CA ASP E 294 -69.55 -67.38 -50.06
C ASP E 294 -70.24 -67.12 -48.72
N PHE E 295 -71.49 -67.58 -48.59
CA PHE E 295 -72.27 -67.32 -47.39
C PHE E 295 -72.00 -68.31 -46.29
N ASN E 296 -70.98 -69.16 -46.48
CA ASN E 296 -70.61 -70.18 -45.51
C ASN E 296 -69.39 -69.72 -44.72
N HIS E 297 -68.20 -70.15 -45.12
CA HIS E 297 -66.98 -69.67 -44.47
C HIS E 297 -66.75 -68.18 -44.76
N ASP E 298 -67.29 -67.30 -43.91
CA ASP E 298 -67.08 -65.87 -44.09
C ASP E 298 -65.64 -65.47 -43.73
N ALA E 299 -65.18 -64.36 -44.32
CA ALA E 299 -63.76 -64.07 -44.42
C ALA E 299 -63.22 -63.25 -43.26
N ASP E 300 -61.88 -63.23 -43.18
CA ASP E 300 -61.12 -62.55 -42.14
C ASP E 300 -60.62 -61.25 -42.75
N TRP E 301 -61.32 -60.16 -42.52
CA TRP E 301 -60.95 -58.93 -43.19
C TRP E 301 -59.79 -58.19 -42.54
N LEU E 302 -59.47 -58.50 -41.28
CA LEU E 302 -58.36 -57.82 -40.63
C LEU E 302 -57.04 -58.24 -41.24
N LYS E 303 -56.83 -59.55 -41.41
CA LYS E 303 -55.63 -60.08 -42.07
C LYS E 303 -55.56 -59.68 -43.53
N ALA E 304 -56.71 -59.37 -44.13
CA ALA E 304 -56.77 -58.86 -45.49
C ALA E 304 -56.24 -57.44 -45.62
N LEU E 305 -56.23 -56.65 -44.55
CA LEU E 305 -55.89 -55.23 -44.65
C LEU E 305 -54.69 -54.83 -43.80
N PHE E 306 -54.14 -55.76 -43.01
CA PHE E 306 -53.03 -55.51 -42.09
C PHE E 306 -52.09 -56.72 -42.03
N LYS E 307 -50.80 -56.43 -41.88
CA LYS E 307 -49.75 -57.43 -41.90
C LYS E 307 -48.79 -57.15 -40.77
N THR E 308 -48.02 -58.16 -40.39
CA THR E 308 -46.95 -57.96 -39.42
C THR E 308 -45.72 -57.49 -40.16
N ALA E 309 -45.15 -56.36 -39.76
CA ALA E 309 -44.15 -55.73 -40.62
C ALA E 309 -42.81 -55.52 -39.92
N PRO E 310 -41.70 -55.92 -40.54
CA PRO E 310 -40.39 -55.89 -39.87
C PRO E 310 -39.72 -54.53 -39.84
N THR E 311 -38.92 -54.34 -38.79
CA THR E 311 -38.16 -53.12 -38.53
C THR E 311 -36.71 -53.49 -38.20
N SER E 312 -35.76 -52.77 -38.79
CA SER E 312 -34.35 -53.15 -38.71
C SER E 312 -33.48 -51.92 -38.59
N GLN E 313 -32.51 -51.93 -37.68
CA GLN E 313 -31.61 -50.80 -37.56
C GLN E 313 -30.23 -51.25 -37.04
N GLY E 314 -29.24 -50.40 -37.27
CA GLY E 314 -27.85 -50.67 -36.94
C GLY E 314 -26.95 -49.45 -36.99
N ASP E 315 -25.89 -49.47 -36.20
CA ASP E 315 -25.18 -48.23 -35.92
C ASP E 315 -23.71 -48.57 -35.68
N ILE E 316 -22.83 -47.73 -36.20
CA ILE E 316 -21.42 -47.74 -35.86
C ILE E 316 -20.95 -46.31 -35.71
N SER E 317 -20.16 -46.07 -34.67
CA SER E 317 -19.74 -44.71 -34.35
C SER E 317 -18.37 -44.74 -33.69
N PHE E 318 -17.56 -43.73 -34.00
CA PHE E 318 -16.19 -43.57 -33.52
C PHE E 318 -16.09 -42.30 -32.71
N SER E 319 -15.43 -42.36 -31.57
CA SER E 319 -15.32 -41.17 -30.74
C SER E 319 -13.94 -41.14 -30.08
N GLY E 320 -13.59 -39.97 -29.56
CA GLY E 320 -12.27 -39.80 -29.03
C GLY E 320 -11.72 -38.42 -29.25
N GLY E 321 -10.55 -38.17 -28.68
CA GLY E 321 -9.94 -36.86 -28.69
C GLY E 321 -8.55 -36.90 -28.11
N SER E 322 -7.93 -35.72 -28.05
CA SER E 322 -6.50 -35.69 -27.84
C SER E 322 -6.02 -34.47 -27.08
N GLN E 323 -5.38 -33.55 -27.79
CA GLN E 323 -4.75 -32.41 -27.14
C GLN E 323 -5.80 -31.36 -26.83
N GLY E 324 -6.06 -30.48 -27.78
CA GLY E 324 -7.14 -29.53 -27.59
C GLY E 324 -8.28 -29.77 -28.56
N THR E 325 -8.49 -31.04 -28.96
CA THR E 325 -9.31 -31.40 -30.12
C THR E 325 -10.18 -32.63 -29.85
N SER E 326 -11.45 -32.57 -30.30
CA SER E 326 -12.46 -33.60 -30.07
C SER E 326 -13.14 -33.98 -31.38
N TYR E 327 -13.56 -35.25 -31.51
CA TYR E 327 -14.29 -35.67 -32.72
C TYR E 327 -15.32 -36.75 -32.41
N TYR E 328 -16.50 -36.64 -33.05
CA TYR E 328 -17.51 -37.68 -33.10
C TYR E 328 -17.80 -38.00 -34.55
N ALA E 329 -18.16 -39.25 -34.81
CA ALA E 329 -18.45 -39.65 -36.18
C ALA E 329 -19.25 -40.92 -36.15
N SER E 330 -20.27 -40.98 -36.98
CA SER E 330 -21.14 -42.14 -36.98
C SER E 330 -21.67 -42.37 -38.39
N ILE E 331 -22.05 -43.62 -38.65
CA ILE E 331 -22.82 -43.99 -39.82
C ILE E 331 -23.86 -45.00 -39.34
N GLY E 332 -25.03 -44.96 -39.95
CA GLY E 332 -26.09 -45.85 -39.54
C GLY E 332 -27.19 -45.89 -40.57
N TYR E 333 -27.99 -46.94 -40.47
CA TYR E 333 -29.16 -47.14 -41.30
C TYR E 333 -30.35 -47.50 -40.42
N PHE E 334 -31.54 -47.15 -40.93
CA PHE E 334 -32.81 -47.37 -40.24
C PHE E 334 -33.86 -47.69 -41.29
N ASP E 335 -34.68 -48.71 -41.01
CA ASP E 335 -35.59 -49.23 -42.03
C ASP E 335 -36.78 -49.88 -41.32
N GLN E 336 -37.86 -49.10 -41.17
CA GLN E 336 -39.10 -49.53 -40.53
C GLN E 336 -40.24 -49.54 -41.55
N GLU E 337 -41.06 -50.59 -41.52
CA GLU E 337 -42.14 -50.74 -42.47
C GLU E 337 -43.49 -50.77 -41.76
N GLY E 338 -44.45 -50.04 -42.30
CA GLY E 338 -45.75 -49.92 -41.64
C GLY E 338 -46.54 -51.22 -41.63
N MET E 339 -47.31 -51.38 -40.55
CA MET E 339 -48.14 -52.57 -40.32
C MET E 339 -49.41 -52.61 -41.16
N ALA E 340 -49.85 -51.49 -41.72
CA ALA E 340 -51.01 -51.52 -42.60
C ALA E 340 -50.63 -52.16 -43.92
N ARG E 341 -51.53 -52.97 -44.47
CA ARG E 341 -51.28 -53.58 -45.78
C ARG E 341 -51.27 -52.53 -46.88
N GLU E 342 -52.03 -51.49 -46.71
CA GLU E 342 -51.85 -50.32 -47.56
C GLU E 342 -50.46 -49.76 -47.26
N PRO E 343 -49.61 -49.59 -48.27
CA PRO E 343 -48.16 -49.43 -48.04
C PRO E 343 -47.79 -48.15 -47.28
N ALA E 344 -46.83 -48.29 -46.37
CA ALA E 344 -46.27 -47.18 -45.60
C ALA E 344 -44.90 -47.58 -45.09
N ASN E 345 -43.93 -46.67 -45.19
CA ASN E 345 -42.62 -46.96 -44.61
C ASN E 345 -41.72 -45.72 -44.62
N PHE E 346 -40.62 -45.83 -43.87
CA PHE E 346 -39.60 -44.82 -43.68
C PHE E 346 -38.25 -45.49 -43.52
N LYS E 347 -37.24 -45.07 -44.29
CA LYS E 347 -35.92 -45.65 -44.10
C LYS E 347 -34.85 -44.60 -44.42
N ARG E 348 -33.83 -44.55 -43.57
CA ARG E 348 -32.77 -43.55 -43.65
C ARG E 348 -31.40 -44.18 -43.58
N TYR E 349 -30.45 -43.47 -44.19
CA TYR E 349 -29.05 -43.86 -44.11
C TYR E 349 -28.34 -42.61 -43.59
N SER E 350 -27.72 -42.70 -42.40
CA SER E 350 -27.26 -41.56 -41.61
C SER E 350 -25.73 -41.48 -41.54
N GLY E 351 -25.20 -40.27 -41.70
CA GLY E 351 -23.79 -40.01 -41.47
C GLY E 351 -23.66 -38.73 -40.68
N ARG E 352 -22.61 -38.66 -39.85
CA ARG E 352 -22.41 -37.51 -38.98
C ARG E 352 -20.95 -37.43 -38.52
N LEU E 353 -20.33 -36.24 -38.63
CA LEU E 353 -18.98 -36.02 -38.13
C LEU E 353 -18.89 -34.72 -37.34
N ASN E 354 -18.69 -34.83 -36.03
CA ASN E 354 -18.61 -33.72 -35.10
C ASN E 354 -17.15 -33.50 -34.69
N PHE E 355 -16.75 -32.23 -34.53
CA PHE E 355 -15.35 -31.83 -34.38
C PHE E 355 -15.23 -30.46 -33.73
N GLU E 356 -14.31 -30.32 -32.77
CA GLU E 356 -14.05 -29.03 -32.16
C GLU E 356 -12.62 -29.01 -31.63
N SER E 357 -11.97 -27.87 -31.78
CA SER E 357 -10.53 -27.79 -31.58
C SER E 357 -10.14 -26.40 -31.08
N ARG E 358 -9.24 -26.35 -30.08
CA ARG E 358 -8.60 -25.10 -29.68
C ARG E 358 -7.32 -24.90 -30.50
N ILE E 359 -7.37 -23.92 -31.40
CA ILE E 359 -6.23 -23.59 -32.25
C ILE E 359 -5.12 -23.01 -31.40
N ASN E 360 -5.46 -21.97 -30.63
CA ASN E 360 -4.59 -21.44 -29.61
C ASN E 360 -5.42 -20.97 -28.43
N GLU E 361 -4.81 -20.07 -27.67
CA GLU E 361 -5.41 -19.45 -26.50
C GLU E 361 -6.00 -18.10 -26.85
N TRP E 362 -6.54 -17.97 -28.06
CA TRP E 362 -7.11 -16.71 -28.49
C TRP E 362 -8.16 -16.94 -29.57
N LEU E 363 -8.16 -18.14 -30.14
CA LEU E 363 -9.08 -18.51 -31.20
C LEU E 363 -9.34 -20.00 -31.08
N LYS E 364 -10.56 -20.40 -31.41
CA LYS E 364 -10.97 -21.77 -31.18
C LYS E 364 -12.17 -22.01 -32.09
N VAL E 365 -12.18 -23.13 -32.81
CA VAL E 365 -13.10 -23.29 -33.92
C VAL E 365 -13.75 -24.68 -33.89
N GLY E 366 -14.83 -24.77 -34.66
CA GLY E 366 -15.67 -25.96 -34.69
C GLY E 366 -16.54 -26.07 -35.92
N ALA E 367 -17.19 -27.23 -35.96
CA ALA E 367 -18.01 -27.65 -37.06
C ALA E 367 -18.62 -29.03 -36.73
N ASN E 368 -19.94 -29.19 -36.91
CA ASN E 368 -20.54 -30.52 -36.93
C ASN E 368 -21.51 -30.65 -38.11
N LEU E 369 -21.26 -31.67 -38.92
CA LEU E 369 -21.85 -31.87 -40.22
C LEU E 369 -22.64 -33.19 -40.20
N SER E 370 -23.89 -33.15 -40.68
CA SER E 370 -24.72 -34.34 -40.75
C SER E 370 -25.37 -34.44 -42.11
N GLY E 371 -26.04 -35.57 -42.36
CA GLY E 371 -26.68 -35.84 -43.63
C GLY E 371 -27.26 -37.22 -43.76
N ALA E 372 -28.29 -37.37 -44.60
CA ALA E 372 -28.94 -38.67 -44.74
C ALA E 372 -29.57 -38.75 -46.11
N ILE E 373 -30.03 -39.96 -46.42
CA ILE E 373 -30.70 -40.34 -47.66
C ILE E 373 -31.93 -41.14 -47.26
N ALA E 374 -33.13 -40.58 -47.51
CA ALA E 374 -34.33 -41.15 -46.94
C ALA E 374 -35.42 -41.32 -47.97
N ASN E 375 -36.05 -42.47 -47.86
CA ASN E 375 -37.19 -42.87 -48.64
C ASN E 375 -38.37 -42.88 -47.68
N ARG E 376 -39.19 -41.83 -47.70
CA ARG E 376 -40.42 -41.80 -46.91
C ARG E 376 -41.64 -42.02 -47.80
N ARG E 377 -42.47 -43.01 -47.46
CA ARG E 377 -43.74 -43.25 -48.12
C ARG E 377 -44.86 -43.38 -47.12
N SER E 378 -45.88 -42.55 -47.29
CA SER E 378 -46.96 -42.41 -46.32
C SER E 378 -48.26 -42.86 -46.96
N ALA E 379 -48.92 -43.83 -46.30
CA ALA E 379 -50.25 -44.29 -46.68
C ALA E 379 -51.28 -43.26 -46.26
N ASP E 380 -52.13 -42.84 -47.21
CA ASP E 380 -52.97 -41.67 -46.99
C ASP E 380 -54.45 -41.85 -47.37
N TYR E 381 -54.94 -43.09 -47.43
CA TYR E 381 -56.38 -43.32 -47.42
C TYR E 381 -56.93 -43.47 -46.00
N PHE E 382 -56.13 -43.16 -45.00
CA PHE E 382 -56.55 -43.18 -43.61
C PHE E 382 -57.05 -41.80 -43.27
N GLY E 383 -57.99 -41.74 -42.33
CA GLY E 383 -58.68 -40.51 -41.97
C GLY E 383 -59.82 -40.13 -42.88
N LYS E 384 -60.17 -41.00 -43.82
CA LYS E 384 -61.26 -40.79 -44.77
C LYS E 384 -62.05 -42.09 -44.87
N TYR E 385 -63.33 -41.99 -45.24
CA TYR E 385 -64.23 -43.16 -45.25
C TYR E 385 -64.44 -43.75 -46.64
N TYR E 386 -63.82 -44.92 -46.89
CA TYR E 386 -63.86 -45.60 -48.19
C TYR E 386 -64.25 -47.06 -48.01
N MET E 387 -65.05 -47.56 -48.96
CA MET E 387 -65.84 -48.79 -48.77
C MET E 387 -65.05 -49.96 -48.22
N GLY E 388 -63.82 -50.15 -48.67
CA GLY E 388 -63.16 -51.34 -48.18
C GLY E 388 -61.74 -51.14 -47.76
N SER E 389 -61.43 -50.02 -47.07
CA SER E 389 -60.05 -49.68 -46.79
C SER E 389 -59.90 -49.12 -45.38
N GLY E 390 -58.76 -49.41 -44.77
CA GLY E 390 -58.52 -48.95 -43.42
C GLY E 390 -59.20 -49.85 -42.40
N THR E 391 -59.01 -49.47 -41.14
CA THR E 391 -59.71 -50.08 -40.02
C THR E 391 -61.22 -49.97 -40.18
N PHE E 392 -61.71 -48.82 -40.65
CA PHE E 392 -63.13 -48.73 -40.96
C PHE E 392 -63.55 -49.87 -41.86
N GLY E 393 -62.66 -50.28 -42.76
CA GLY E 393 -62.96 -51.38 -43.65
C GLY E 393 -62.94 -52.72 -42.94
N VAL E 394 -61.99 -52.92 -42.02
CA VAL E 394 -61.92 -54.21 -41.37
C VAL E 394 -63.21 -54.47 -40.59
N LEU E 395 -63.98 -53.41 -40.26
CA LEU E 395 -65.23 -53.54 -39.52
C LEU E 395 -66.46 -53.62 -40.42
N THR E 396 -66.61 -52.70 -41.39
CA THR E 396 -67.85 -52.60 -42.16
C THR E 396 -67.95 -53.61 -43.30
N MET E 397 -66.83 -54.08 -43.86
CA MET E 397 -66.93 -54.99 -45.01
C MET E 397 -67.73 -56.23 -44.65
N PRO E 398 -68.79 -56.54 -45.37
CA PRO E 398 -69.55 -57.75 -45.07
C PRO E 398 -68.66 -58.97 -45.10
N ARG E 399 -69.02 -59.94 -44.28
CA ARG E 399 -68.21 -61.15 -44.15
C ARG E 399 -68.50 -62.18 -45.25
N TYR E 400 -69.57 -62.03 -46.01
CA TYR E 400 -69.84 -62.97 -47.09
C TYR E 400 -69.12 -62.56 -48.37
N TYR E 401 -68.23 -61.58 -48.28
CA TYR E 401 -67.35 -61.22 -49.38
C TYR E 401 -65.94 -61.71 -49.07
N ASN E 402 -65.35 -62.50 -49.98
CA ASN E 402 -64.13 -63.25 -49.70
C ASN E 402 -63.00 -62.73 -50.59
N PRO E 403 -62.00 -62.05 -50.02
CA PRO E 403 -60.93 -61.48 -50.82
C PRO E 403 -59.78 -62.44 -50.98
N PHE E 404 -60.06 -63.72 -50.87
CA PHE E 404 -59.03 -64.75 -50.88
C PHE E 404 -59.31 -65.76 -51.98
N ASP E 405 -58.22 -66.36 -52.48
CA ASP E 405 -58.34 -67.52 -53.35
C ASP E 405 -58.64 -68.74 -52.50
N VAL E 406 -58.82 -69.89 -53.14
CA VAL E 406 -59.08 -71.11 -52.39
C VAL E 406 -57.88 -71.56 -51.56
N ASN E 407 -56.70 -70.99 -51.77
CA ASN E 407 -55.50 -71.34 -50.99
C ASN E 407 -55.28 -70.43 -49.80
N GLY E 408 -56.28 -69.64 -49.43
CA GLY E 408 -56.15 -68.72 -48.32
C GLY E 408 -55.17 -67.60 -48.55
N ASP E 409 -54.80 -67.35 -49.80
CA ASP E 409 -53.91 -66.26 -50.15
C ASP E 409 -54.74 -65.12 -50.72
N LEU E 410 -54.20 -63.91 -50.63
CA LEU E 410 -54.95 -62.75 -51.07
C LEU E 410 -55.15 -62.79 -52.58
N ALA E 411 -56.41 -62.62 -52.99
CA ALA E 411 -56.73 -62.61 -54.41
C ALA E 411 -56.26 -61.30 -55.02
N ASP E 412 -56.35 -61.21 -56.33
CA ASP E 412 -56.04 -59.93 -56.96
C ASP E 412 -57.22 -58.98 -56.87
N VAL E 413 -58.42 -59.48 -56.59
CA VAL E 413 -59.62 -58.65 -56.74
C VAL E 413 -60.76 -59.28 -55.97
N TYR E 414 -61.56 -58.45 -55.31
CA TYR E 414 -62.81 -58.87 -54.68
C TYR E 414 -63.98 -58.16 -55.36
N TYR E 415 -65.16 -58.43 -54.86
CA TYR E 415 -66.38 -58.05 -55.54
C TYR E 415 -67.38 -57.51 -54.55
N MET E 416 -68.03 -56.42 -54.91
CA MET E 416 -69.15 -55.88 -54.17
C MET E 416 -70.45 -56.39 -54.83
N TYR E 417 -71.45 -55.58 -55.10
CA TYR E 417 -72.62 -56.05 -55.84
C TYR E 417 -73.17 -54.86 -56.58
N GLY E 418 -73.46 -55.08 -57.85
CA GLY E 418 -73.81 -53.96 -58.69
C GLY E 418 -72.58 -53.19 -59.09
N ALA E 419 -71.39 -53.73 -58.80
CA ALA E 419 -70.19 -53.00 -59.14
C ALA E 419 -69.90 -53.23 -60.63
N THR E 420 -69.17 -52.29 -61.25
CA THR E 420 -68.85 -52.39 -62.67
C THR E 420 -67.54 -53.14 -62.93
N ARG E 421 -66.55 -52.63 -62.48
CA ARG E 421 -65.19 -53.04 -62.47
C ARG E 421 -64.90 -53.65 -61.12
N PRO E 422 -64.39 -54.87 -61.05
CA PRO E 422 -64.01 -55.42 -59.74
C PRO E 422 -62.95 -54.58 -59.01
N SER E 423 -63.07 -54.50 -57.69
CA SER E 423 -62.15 -53.67 -56.93
C SER E 423 -60.87 -54.43 -56.59
N MET E 424 -59.71 -53.78 -56.78
CA MET E 424 -58.40 -54.40 -56.54
C MET E 424 -58.03 -54.37 -55.07
N THR E 425 -57.36 -55.44 -54.60
CA THR E 425 -56.86 -55.56 -53.23
C THR E 425 -55.64 -54.67 -52.98
N GLU E 426 -55.33 -54.45 -51.70
CA GLU E 426 -54.31 -53.45 -51.36
C GLU E 426 -52.89 -53.79 -51.80
N PRO E 427 -52.51 -55.05 -51.95
CA PRO E 427 -51.18 -55.35 -52.50
C PRO E 427 -51.10 -55.18 -54.01
N TYR E 428 -52.12 -55.69 -54.70
CA TYR E 428 -52.16 -55.55 -56.16
C TYR E 428 -52.31 -54.11 -56.57
N PHE E 429 -53.19 -53.36 -55.88
CA PHE E 429 -53.33 -51.92 -56.12
C PHE E 429 -52.00 -51.21 -56.02
N ALA E 430 -51.19 -51.58 -55.02
CA ALA E 430 -49.91 -50.89 -54.84
C ALA E 430 -49.00 -51.15 -56.03
N LYS E 431 -48.95 -52.38 -56.54
CA LYS E 431 -48.01 -52.61 -57.62
C LYS E 431 -48.51 -52.08 -58.95
N MET E 432 -49.79 -51.74 -59.07
CA MET E 432 -50.30 -51.05 -60.24
C MET E 432 -50.17 -49.52 -60.14
N ARG E 433 -49.43 -49.00 -59.16
CA ARG E 433 -49.41 -47.60 -58.74
C ARG E 433 -48.15 -47.35 -57.90
N PRO E 434 -46.97 -47.30 -58.52
CA PRO E 434 -45.72 -47.22 -57.76
C PRO E 434 -45.46 -45.83 -57.20
N PHE E 435 -44.50 -45.80 -56.29
CA PHE E 435 -44.12 -44.56 -55.64
C PHE E 435 -42.70 -44.68 -55.09
N SER E 436 -41.89 -43.65 -55.29
CA SER E 436 -40.62 -43.57 -54.57
C SER E 436 -40.24 -42.11 -54.42
N SER E 437 -39.80 -41.73 -53.24
CA SER E 437 -39.16 -40.45 -53.01
C SER E 437 -37.76 -40.69 -52.48
N GLU E 438 -36.89 -39.70 -52.70
CA GLU E 438 -35.53 -39.73 -52.21
C GLU E 438 -35.16 -38.33 -51.74
N SER E 439 -34.85 -38.21 -50.45
CA SER E 439 -34.43 -36.96 -49.85
C SER E 439 -32.94 -36.97 -49.60
N HIS E 440 -32.26 -35.90 -50.02
CA HIS E 440 -30.82 -35.70 -49.93
C HIS E 440 -30.59 -34.50 -49.01
N GLN E 441 -30.53 -34.80 -47.72
CA GLN E 441 -30.44 -33.86 -46.59
C GLN E 441 -29.01 -33.56 -46.17
N ALA E 442 -28.75 -32.26 -45.93
CA ALA E 442 -27.46 -31.71 -45.56
C ALA E 442 -27.62 -30.74 -44.40
N ASN E 443 -26.65 -30.76 -43.49
CA ASN E 443 -26.57 -29.92 -42.31
C ASN E 443 -25.11 -29.56 -42.05
N VAL E 444 -24.79 -28.29 -42.18
CA VAL E 444 -23.48 -27.75 -41.85
C VAL E 444 -23.64 -26.71 -40.75
N ASN E 445 -22.66 -26.65 -39.87
CA ASN E 445 -22.69 -25.83 -38.67
C ASN E 445 -21.25 -25.42 -38.44
N GLY E 446 -20.99 -24.14 -38.21
CA GLY E 446 -19.63 -23.72 -37.89
C GLY E 446 -19.60 -22.62 -36.84
N PHE E 447 -18.54 -22.59 -36.06
CA PHE E 447 -18.43 -21.51 -35.10
C PHE E 447 -16.97 -21.15 -34.86
N ALA E 448 -16.77 -19.98 -34.29
CA ALA E 448 -15.45 -19.47 -34.01
C ALA E 448 -15.55 -18.65 -32.73
N GLN E 449 -14.80 -19.05 -31.71
CA GLN E 449 -14.73 -18.36 -30.43
C GLN E 449 -13.44 -17.57 -30.36
N ILE E 450 -13.51 -16.32 -29.93
CA ILE E 450 -12.35 -15.46 -29.84
C ILE E 450 -12.40 -14.76 -28.49
N THR E 451 -11.33 -14.89 -27.69
CA THR E 451 -11.25 -14.29 -26.36
C THR E 451 -10.13 -13.25 -26.35
N PRO E 452 -10.38 -12.02 -26.79
CA PRO E 452 -9.34 -10.99 -26.70
C PRO E 452 -8.83 -10.68 -25.29
N ILE E 453 -9.61 -10.14 -24.37
CA ILE E 453 -9.04 -9.61 -23.12
C ILE E 453 -9.75 -10.24 -21.92
N LYS E 454 -9.27 -11.40 -21.48
CA LYS E 454 -9.69 -12.06 -20.26
C LYS E 454 -11.15 -12.49 -20.38
N GLY E 455 -12.08 -11.67 -19.88
CA GLY E 455 -13.49 -12.03 -19.70
C GLY E 455 -14.43 -12.15 -20.91
N LEU E 456 -14.31 -11.29 -21.92
CA LEU E 456 -15.25 -11.32 -23.04
C LEU E 456 -15.00 -12.48 -24.01
N THR E 457 -16.09 -13.02 -24.55
CA THR E 457 -16.10 -14.19 -25.43
C THR E 457 -16.93 -13.79 -26.66
N LEU E 458 -16.21 -13.34 -27.68
CA LEU E 458 -16.83 -13.07 -28.96
C LEU E 458 -17.05 -14.41 -29.65
N LYS E 459 -18.18 -14.56 -30.33
CA LYS E 459 -18.50 -15.84 -30.95
C LYS E 459 -19.34 -15.57 -32.17
N ALA E 460 -18.85 -15.98 -33.34
CA ALA E 460 -19.62 -15.96 -34.59
C ALA E 460 -20.14 -17.35 -34.91
N GLN E 461 -21.42 -17.45 -35.26
CA GLN E 461 -21.99 -18.73 -35.62
C GLN E 461 -22.87 -18.61 -36.85
N ALA E 462 -22.78 -19.64 -37.71
CA ALA E 462 -23.49 -19.79 -38.97
C ALA E 462 -23.79 -21.26 -39.22
N GLY E 463 -24.77 -21.49 -40.09
CA GLY E 463 -25.12 -22.83 -40.55
C GLY E 463 -26.04 -22.74 -41.75
N VAL E 464 -26.21 -23.86 -42.41
CA VAL E 464 -27.03 -23.89 -43.61
C VAL E 464 -27.72 -25.25 -43.63
N ASP E 465 -28.97 -25.30 -44.11
CA ASP E 465 -29.74 -26.54 -44.10
C ASP E 465 -30.42 -26.73 -45.47
N ILE E 466 -29.93 -27.71 -46.25
CA ILE E 466 -30.42 -28.00 -47.60
C ILE E 466 -31.14 -29.34 -47.58
N THR E 467 -32.28 -29.41 -48.24
CA THR E 467 -32.98 -30.68 -48.37
C THR E 467 -33.67 -30.67 -49.74
N ASN E 468 -33.04 -31.33 -50.73
CA ASN E 468 -33.57 -31.57 -52.07
C ASN E 468 -34.27 -32.93 -52.10
N THR E 469 -35.55 -32.95 -52.46
CA THR E 469 -36.32 -34.17 -52.63
C THR E 469 -36.76 -34.27 -54.06
N ARG E 470 -37.13 -35.49 -54.44
CA ARG E 470 -37.39 -35.89 -55.81
C ARG E 470 -38.28 -37.13 -55.73
N THR E 471 -39.39 -37.13 -56.48
CA THR E 471 -40.46 -38.10 -56.20
C THR E 471 -41.17 -38.51 -57.49
N SER E 472 -41.35 -39.84 -57.68
CA SER E 472 -41.84 -40.49 -58.89
C SER E 472 -43.07 -41.31 -58.57
N SER E 473 -44.05 -41.26 -59.47
CA SER E 473 -45.32 -41.96 -59.31
C SER E 473 -45.92 -42.23 -60.69
N LYS E 474 -46.43 -43.45 -60.88
CA LYS E 474 -46.90 -43.98 -62.15
C LYS E 474 -48.26 -44.66 -61.99
N ARG E 475 -49.07 -44.59 -63.04
CA ARG E 475 -50.27 -45.41 -63.21
C ARG E 475 -49.94 -46.45 -64.27
N MET E 476 -49.94 -47.68 -63.88
CA MET E 476 -49.33 -48.61 -64.81
C MET E 476 -50.30 -48.92 -65.95
N PRO E 477 -49.79 -48.99 -67.17
CA PRO E 477 -50.64 -49.22 -68.33
C PRO E 477 -51.04 -50.67 -68.45
N ASN E 478 -52.23 -50.85 -69.02
CA ASN E 478 -52.73 -52.13 -69.45
C ASN E 478 -53.21 -52.91 -68.24
N ASN E 479 -53.74 -52.12 -67.04
CA ASN E 479 -54.16 -53.28 -66.28
C ASN E 479 -55.65 -53.52 -66.48
N PRO E 480 -56.04 -54.80 -66.45
CA PRO E 480 -57.39 -55.18 -66.86
C PRO E 480 -58.49 -54.69 -65.96
N TYR E 481 -58.17 -54.24 -64.75
CA TYR E 481 -59.21 -53.84 -63.81
C TYR E 481 -59.28 -52.33 -63.62
N ASP E 482 -59.00 -51.56 -64.66
CA ASP E 482 -58.93 -50.10 -64.63
C ASP E 482 -59.96 -49.48 -65.59
N SER E 483 -60.02 -48.14 -65.60
CA SER E 483 -60.92 -47.42 -66.50
C SER E 483 -60.35 -47.37 -67.89
N THR E 484 -59.10 -47.01 -67.99
CA THR E 484 -58.55 -47.07 -69.32
C THR E 484 -57.34 -47.96 -69.22
N PRO E 485 -56.78 -48.30 -70.29
CA PRO E 485 -55.55 -49.05 -70.24
C PRO E 485 -54.35 -48.20 -70.61
N LEU E 486 -54.52 -46.88 -70.62
CA LEU E 486 -53.41 -45.99 -70.89
C LEU E 486 -52.85 -45.51 -69.56
N GLY E 487 -51.52 -45.55 -69.43
CA GLY E 487 -50.85 -45.18 -68.21
C GLY E 487 -50.65 -43.68 -68.06
N GLU E 488 -49.91 -43.30 -67.01
CA GLU E 488 -49.48 -41.92 -66.80
C GLU E 488 -48.41 -41.88 -65.72
N ARG E 489 -47.69 -40.73 -65.67
CA ARG E 489 -46.54 -40.49 -64.80
C ARG E 489 -46.48 -39.04 -64.29
N ARG E 490 -46.01 -38.87 -63.03
CA ARG E 490 -45.85 -37.58 -62.35
C ARG E 490 -44.49 -37.55 -61.65
N GLU E 491 -43.68 -36.51 -61.91
CA GLU E 491 -42.37 -36.35 -61.30
C GLU E 491 -42.25 -34.98 -60.66
N ARG E 492 -41.96 -34.91 -59.35
CA ARG E 492 -41.85 -33.64 -58.63
C ARG E 492 -40.44 -33.43 -58.08
N ALA E 493 -40.05 -32.16 -57.89
CA ALA E 493 -38.68 -31.85 -57.44
C ALA E 493 -38.66 -30.64 -56.50
N TYR E 494 -38.72 -30.91 -55.19
CA TYR E 494 -38.77 -29.87 -54.15
C TYR E 494 -37.36 -29.50 -53.65
N ARG E 495 -37.23 -28.25 -53.20
CA ARG E 495 -35.98 -27.74 -52.67
C ARG E 495 -36.23 -26.77 -51.51
N ASP E 496 -35.47 -26.95 -50.42
CA ASP E 496 -35.56 -26.13 -49.22
C ASP E 496 -34.15 -25.70 -48.79
N VAL E 497 -33.97 -24.41 -48.53
CA VAL E 497 -32.69 -23.81 -48.19
C VAL E 497 -32.94 -22.78 -47.12
N SER E 498 -32.77 -23.18 -45.86
CA SER E 498 -32.88 -22.30 -44.71
C SER E 498 -31.47 -22.10 -44.16
N LYS E 499 -31.08 -20.85 -43.89
CA LYS E 499 -29.76 -20.59 -43.30
C LYS E 499 -29.83 -19.58 -42.15
N SER E 500 -29.03 -19.79 -41.07
CA SER E 500 -29.08 -18.92 -39.88
C SER E 500 -27.69 -18.41 -39.48
N PHE E 501 -27.65 -17.18 -38.97
CA PHE E 501 -26.46 -16.65 -38.33
C PHE E 501 -26.85 -16.29 -36.92
N THR E 502 -25.99 -16.56 -35.97
CA THR E 502 -26.32 -16.10 -34.62
C THR E 502 -25.00 -15.86 -33.90
N ASN E 503 -24.56 -14.61 -33.95
CA ASN E 503 -23.30 -14.21 -33.35
C ASN E 503 -23.52 -13.26 -32.18
N THR E 504 -22.92 -13.63 -31.04
CA THR E 504 -23.01 -13.03 -29.72
C THR E 504 -21.72 -12.31 -29.34
N ALA E 505 -21.74 -11.76 -28.13
CA ALA E 505 -20.58 -11.18 -27.46
C ALA E 505 -20.93 -11.11 -25.99
N GLU E 506 -20.30 -11.97 -25.18
CA GLU E 506 -20.57 -12.11 -23.76
C GLU E 506 -19.36 -11.67 -22.95
N TYR E 507 -19.56 -10.73 -22.02
CA TYR E 507 -18.49 -10.22 -21.15
C TYR E 507 -18.83 -10.55 -19.69
N LYS E 508 -18.40 -11.72 -19.19
CA LYS E 508 -18.55 -11.92 -17.76
C LYS E 508 -17.29 -11.46 -17.02
N PHE E 509 -17.47 -11.22 -15.73
CA PHE E 509 -16.45 -10.61 -14.88
C PHE E 509 -16.99 -10.38 -13.48
N SER E 510 -16.15 -10.58 -12.46
CA SER E 510 -16.54 -10.28 -11.09
C SER E 510 -16.06 -8.87 -10.71
N ILE E 511 -16.41 -8.41 -9.51
CA ILE E 511 -16.14 -7.03 -9.11
C ILE E 511 -16.01 -6.95 -7.59
N ASP E 512 -15.71 -8.08 -6.94
CA ASP E 512 -15.66 -8.13 -5.48
C ASP E 512 -15.20 -9.50 -4.99
N GLU E 513 -16.17 -10.31 -4.57
CA GLU E 513 -16.03 -11.67 -4.05
C GLU E 513 -17.43 -12.10 -3.70
N LYS E 514 -18.34 -11.14 -3.58
CA LYS E 514 -19.76 -11.39 -3.37
C LYS E 514 -20.61 -10.49 -4.28
N HIS E 515 -20.13 -10.25 -5.51
CA HIS E 515 -20.79 -9.40 -6.49
C HIS E 515 -20.42 -9.78 -7.91
N ASP E 516 -20.83 -10.98 -8.36
CA ASP E 516 -20.57 -11.49 -9.71
C ASP E 516 -21.57 -10.92 -10.71
N LEU E 517 -21.25 -11.07 -12.00
CA LEU E 517 -22.05 -10.47 -13.06
C LEU E 517 -21.71 -11.16 -14.37
N THR E 518 -22.69 -11.20 -15.29
CA THR E 518 -22.46 -11.59 -16.68
C THR E 518 -23.31 -10.68 -17.55
N ALA E 519 -22.74 -10.15 -18.63
CA ALA E 519 -23.48 -9.29 -19.56
C ALA E 519 -23.33 -9.84 -20.97
N LEU E 520 -24.43 -10.39 -21.50
CA LEU E 520 -24.49 -11.04 -22.81
C LEU E 520 -25.41 -10.28 -23.77
N MET E 521 -24.98 -10.19 -25.04
CA MET E 521 -25.81 -9.58 -26.08
C MET E 521 -25.25 -9.68 -27.50
N GLY E 522 -26.01 -10.23 -28.43
CA GLY E 522 -25.60 -10.38 -29.83
C GLY E 522 -26.82 -10.26 -30.77
N HIS E 523 -26.75 -10.91 -31.95
CA HIS E 523 -27.89 -10.86 -32.85
C HIS E 523 -28.05 -12.18 -33.62
N GLU E 524 -29.19 -12.29 -34.29
CA GLU E 524 -29.59 -13.42 -35.12
C GLU E 524 -29.95 -12.91 -36.52
N TYR E 525 -29.99 -13.83 -37.49
CA TYR E 525 -30.44 -13.45 -38.82
C TYR E 525 -30.83 -14.74 -39.51
N ILE E 526 -32.09 -15.08 -39.45
CA ILE E 526 -32.58 -16.28 -40.07
C ILE E 526 -33.12 -15.90 -41.45
N GLU E 527 -33.32 -16.91 -42.29
CA GLU E 527 -33.76 -16.68 -43.66
C GLU E 527 -34.12 -18.01 -44.30
N TYR E 528 -35.21 -18.03 -45.07
CA TYR E 528 -35.70 -19.28 -45.64
C TYR E 528 -36.18 -19.06 -47.06
N GLU E 529 -35.97 -20.10 -47.88
CA GLU E 529 -36.47 -20.24 -49.24
C GLU E 529 -36.92 -21.66 -49.52
N GLY E 530 -38.06 -21.77 -50.22
CA GLY E 530 -38.61 -23.04 -50.64
C GLY E 530 -38.93 -22.98 -52.13
N ASP E 531 -39.48 -24.10 -52.63
CA ASP E 531 -39.60 -24.33 -54.07
C ASP E 531 -40.20 -25.70 -54.35
N VAL E 532 -41.16 -25.81 -55.30
CA VAL E 532 -41.63 -27.12 -55.78
C VAL E 532 -41.84 -27.05 -57.29
N ILE E 533 -41.58 -28.18 -57.96
CA ILE E 533 -41.67 -28.32 -59.39
C ILE E 533 -42.36 -29.62 -59.69
N GLY E 534 -43.34 -29.59 -60.61
CA GLY E 534 -44.09 -30.78 -60.95
C GLY E 534 -44.45 -30.92 -62.41
N ALA E 535 -44.42 -32.15 -62.93
CA ALA E 535 -44.72 -32.39 -64.32
C ALA E 535 -45.35 -33.77 -64.47
N SER E 536 -46.33 -33.90 -65.37
CA SER E 536 -47.09 -35.14 -65.55
C SER E 536 -47.47 -35.31 -67.01
N SER E 537 -47.56 -36.57 -67.43
CA SER E 537 -47.84 -36.92 -68.81
C SER E 537 -48.67 -38.19 -68.80
N LYS E 538 -49.55 -38.32 -69.80
CA LYS E 538 -50.47 -39.46 -69.88
C LYS E 538 -50.56 -40.01 -71.29
N GLY E 539 -51.22 -41.16 -71.38
CA GLY E 539 -51.47 -41.84 -72.63
C GLY E 539 -50.52 -42.95 -73.03
N PHE E 540 -49.82 -43.58 -72.08
CA PHE E 540 -48.76 -44.54 -72.40
C PHE E 540 -49.34 -45.90 -72.81
N GLU E 541 -48.64 -46.60 -73.70
CA GLU E 541 -49.20 -47.87 -74.13
C GLU E 541 -48.34 -49.08 -73.78
N SER E 542 -47.16 -48.90 -73.18
CA SER E 542 -46.36 -50.05 -72.73
C SER E 542 -45.42 -49.68 -71.60
N ASP E 543 -45.20 -50.65 -70.70
CA ASP E 543 -44.37 -50.48 -69.50
C ASP E 543 -42.97 -50.00 -69.83
N LYS E 544 -42.39 -50.46 -70.92
CA LYS E 544 -41.01 -50.12 -71.19
C LYS E 544 -40.84 -48.73 -71.81
N LEU E 545 -41.91 -48.08 -72.24
CA LEU E 545 -41.85 -46.76 -72.88
C LEU E 545 -42.70 -45.77 -72.09
N MET E 546 -42.25 -45.36 -70.91
CA MET E 546 -43.03 -44.45 -70.04
C MET E 546 -42.22 -43.23 -69.64
N LEU E 547 -41.40 -42.75 -70.56
CA LEU E 547 -40.68 -41.50 -70.33
C LEU E 547 -41.64 -40.32 -70.44
N LEU E 548 -41.33 -39.26 -69.72
CA LEU E 548 -42.32 -38.19 -69.59
C LEU E 548 -42.54 -37.52 -70.93
N SER E 549 -41.52 -37.50 -71.78
CA SER E 549 -41.51 -36.76 -73.05
C SER E 549 -42.03 -37.61 -74.20
N GLN E 550 -42.58 -38.76 -73.88
CA GLN E 550 -43.16 -39.71 -74.81
C GLN E 550 -44.67 -39.81 -74.61
N GLY E 551 -45.34 -38.69 -74.33
CA GLY E 551 -46.72 -38.75 -73.92
C GLY E 551 -47.65 -38.34 -75.05
N LYS E 552 -48.94 -38.55 -74.81
CA LYS E 552 -49.93 -38.08 -75.77
C LYS E 552 -49.94 -36.55 -75.73
N THR E 553 -50.42 -35.94 -76.81
CA THR E 553 -50.00 -34.59 -77.15
C THR E 553 -51.16 -33.62 -77.34
N GLY E 554 -52.36 -33.93 -76.91
CA GLY E 554 -53.35 -32.96 -77.33
C GLY E 554 -54.15 -32.47 -76.17
N ASN E 555 -55.29 -33.06 -76.09
CA ASN E 555 -56.12 -33.10 -74.95
C ASN E 555 -55.61 -33.93 -73.97
N SER E 556 -54.40 -34.44 -74.13
CA SER E 556 -53.79 -35.14 -73.02
C SER E 556 -52.78 -34.29 -72.28
N LEU E 557 -52.45 -33.11 -72.78
CA LEU E 557 -51.43 -32.33 -72.10
C LEU E 557 -51.98 -31.74 -70.80
N SER E 558 -51.08 -31.55 -69.84
CA SER E 558 -51.40 -31.05 -68.51
C SER E 558 -50.74 -29.69 -68.32
N LEU E 559 -51.01 -29.12 -67.27
CA LEU E 559 -50.28 -27.94 -66.86
C LEU E 559 -49.32 -28.28 -65.71
N PRO E 560 -48.10 -27.68 -65.61
CA PRO E 560 -47.18 -28.07 -64.53
C PRO E 560 -47.64 -27.61 -63.15
N GLU E 561 -46.88 -28.03 -62.12
CA GLU E 561 -47.03 -27.60 -60.73
C GLU E 561 -45.89 -26.66 -60.39
N HIS E 562 -46.17 -25.68 -59.54
CA HIS E 562 -45.20 -24.67 -59.13
C HIS E 562 -45.71 -23.98 -57.87
N ARG E 563 -44.89 -23.96 -56.82
CA ARG E 563 -45.22 -23.28 -55.58
C ARG E 563 -43.91 -22.71 -55.01
N VAL E 564 -43.98 -21.55 -54.36
CA VAL E 564 -42.79 -20.87 -53.85
C VAL E 564 -43.05 -20.31 -52.45
N ALA E 565 -42.13 -20.51 -51.53
CA ALA E 565 -42.40 -20.01 -50.20
C ALA E 565 -41.13 -19.42 -49.62
N GLU E 566 -41.23 -18.27 -48.99
CA GLU E 566 -40.01 -17.70 -48.45
C GLU E 566 -40.35 -16.72 -47.32
N TYR E 567 -39.52 -16.74 -46.28
CA TYR E 567 -39.67 -15.81 -45.19
C TYR E 567 -38.29 -15.42 -44.69
N ALA E 568 -38.28 -14.68 -43.58
CA ALA E 568 -37.09 -14.21 -42.86
C ALA E 568 -37.50 -13.67 -41.49
N TYR E 569 -36.49 -13.55 -40.62
CA TYR E 569 -36.48 -13.12 -39.22
C TYR E 569 -35.17 -12.38 -38.96
N LEU E 570 -35.21 -11.34 -38.15
CA LEU E 570 -34.04 -10.58 -37.70
C LEU E 570 -34.23 -10.14 -36.25
N SER E 571 -33.41 -10.65 -35.35
CA SER E 571 -33.62 -10.29 -33.96
C SER E 571 -32.30 -9.90 -33.29
N PHE E 572 -32.36 -8.93 -32.37
CA PHE E 572 -31.25 -8.52 -31.51
C PHE E 572 -31.67 -8.78 -30.08
N PHE E 573 -30.78 -9.26 -29.24
CA PHE E 573 -31.18 -9.61 -27.88
C PHE E 573 -30.12 -9.13 -26.91
N SER E 574 -30.41 -9.34 -25.63
CA SER E 574 -29.51 -9.09 -24.52
C SER E 574 -30.07 -9.82 -23.31
N ARG E 575 -29.18 -10.24 -22.42
CA ARG E 575 -29.58 -10.96 -21.21
C ARG E 575 -28.43 -10.95 -20.23
N PHE E 576 -28.61 -10.26 -19.09
CA PHE E 576 -27.59 -10.10 -18.06
C PHE E 576 -27.91 -10.96 -16.84
N ASN E 577 -26.86 -11.39 -16.13
CA ASN E 577 -26.97 -12.06 -14.84
C ASN E 577 -26.24 -11.27 -13.75
N TYR E 578 -26.75 -11.39 -12.53
CA TYR E 578 -26.24 -10.68 -11.38
C TYR E 578 -26.19 -11.65 -10.21
N GLY E 579 -25.18 -11.46 -9.35
CA GLY E 579 -25.05 -12.24 -8.14
C GLY E 579 -24.75 -11.35 -6.94
N PHE E 580 -25.10 -11.86 -5.76
CA PHE E 580 -24.77 -11.18 -4.50
C PHE E 580 -24.47 -12.32 -3.54
N ASP E 581 -23.23 -12.36 -3.05
CA ASP E 581 -22.75 -13.41 -2.14
C ASP E 581 -22.96 -14.74 -2.85
N LYS E 582 -23.62 -15.71 -2.22
CA LYS E 582 -23.77 -17.05 -2.76
C LYS E 582 -25.21 -17.51 -2.66
N TRP E 583 -26.18 -16.59 -2.53
CA TRP E 583 -27.54 -17.03 -2.30
C TRP E 583 -28.53 -16.38 -3.25
N MET E 584 -28.26 -15.15 -3.70
CA MET E 584 -29.25 -14.33 -4.40
C MET E 584 -28.82 -14.11 -5.84
N TYR E 585 -29.72 -14.46 -6.77
CA TYR E 585 -29.52 -14.28 -8.21
C TYR E 585 -30.71 -13.58 -8.80
N ILE E 586 -30.39 -12.61 -9.65
CA ILE E 586 -31.38 -11.79 -10.33
C ILE E 586 -30.87 -11.61 -11.75
N ASP E 587 -31.68 -11.98 -12.74
CA ASP E 587 -31.23 -11.86 -14.13
C ASP E 587 -32.38 -11.41 -15.01
N PHE E 588 -32.01 -10.59 -15.98
CA PHE E 588 -32.91 -9.67 -16.64
C PHE E 588 -32.53 -9.54 -18.11
N SER E 589 -33.53 -9.58 -18.99
CA SER E 589 -33.31 -9.65 -20.44
C SER E 589 -34.33 -8.82 -21.21
N VAL E 590 -33.98 -8.59 -22.47
CA VAL E 590 -34.78 -7.79 -23.38
C VAL E 590 -34.33 -8.09 -24.82
N ARG E 591 -35.31 -8.13 -25.72
CA ARG E 591 -35.28 -8.64 -27.09
C ARG E 591 -35.78 -7.57 -28.05
N ASN E 592 -35.65 -7.82 -29.38
CA ASN E 592 -36.35 -7.07 -30.43
C ASN E 592 -36.42 -7.94 -31.67
N ASP E 593 -37.60 -8.49 -31.93
CA ASP E 593 -37.85 -9.46 -32.99
C ASP E 593 -38.55 -8.76 -34.16
N GLN E 594 -38.01 -8.94 -35.37
CA GLN E 594 -38.70 -8.53 -36.60
C GLN E 594 -38.99 -9.76 -37.46
N SER E 595 -40.10 -9.72 -38.21
CA SER E 595 -40.43 -10.90 -39.01
C SER E 595 -41.05 -10.47 -40.33
N SER E 596 -40.91 -11.35 -41.35
CA SER E 596 -41.44 -11.01 -42.67
C SER E 596 -42.92 -11.38 -42.81
N ARG E 597 -43.48 -12.15 -41.87
CA ARG E 597 -44.88 -12.55 -41.96
C ARG E 597 -45.82 -11.39 -41.71
N PHE E 598 -45.30 -10.26 -41.23
CA PHE E 598 -46.12 -9.11 -40.92
C PHE E 598 -45.67 -7.93 -41.77
N GLY E 599 -46.52 -6.92 -41.77
CA GLY E 599 -46.32 -5.77 -42.62
C GLY E 599 -45.07 -5.02 -42.31
N SER E 600 -44.74 -4.10 -43.20
CA SER E 600 -43.56 -3.27 -43.09
C SER E 600 -43.61 -2.32 -41.89
N ASN E 601 -44.80 -2.05 -41.36
CA ASN E 601 -44.99 -1.17 -40.19
C ASN E 601 -45.47 -1.90 -38.96
N ASN E 602 -45.28 -3.19 -38.91
CA ASN E 602 -45.88 -3.93 -37.81
C ASN E 602 -44.99 -5.09 -37.44
N ARG E 603 -43.75 -5.18 -37.93
CA ARG E 603 -43.05 -6.45 -37.83
C ARG E 603 -42.25 -6.58 -36.55
N SER E 604 -41.89 -5.44 -35.92
CA SER E 604 -41.06 -5.38 -34.71
C SER E 604 -41.91 -5.54 -33.45
N ALA E 605 -41.23 -5.91 -32.36
CA ALA E 605 -41.91 -6.26 -31.11
C ALA E 605 -40.93 -6.56 -30.00
N TRP E 606 -40.97 -5.84 -28.89
CA TRP E 606 -40.01 -6.05 -27.80
C TRP E 606 -40.57 -6.90 -26.67
N PHE E 607 -39.74 -7.79 -26.15
CA PHE E 607 -40.13 -8.63 -25.04
C PHE E 607 -39.01 -8.53 -23.99
N TYR E 608 -39.32 -8.86 -22.73
CA TYR E 608 -38.36 -8.76 -21.63
C TYR E 608 -38.67 -9.82 -20.59
N SER E 609 -37.62 -10.34 -19.98
CA SER E 609 -37.74 -11.34 -18.94
C SER E 609 -37.01 -10.85 -17.69
N VAL E 610 -37.54 -11.17 -16.52
CA VAL E 610 -36.87 -10.93 -15.24
C VAL E 610 -37.24 -12.04 -14.26
N GLY E 611 -36.26 -12.52 -13.52
CA GLY E 611 -36.51 -13.55 -12.53
C GLY E 611 -35.39 -13.64 -11.52
N GLY E 612 -35.52 -14.61 -10.62
CA GLY E 612 -34.51 -14.80 -9.61
C GLY E 612 -34.67 -16.13 -8.92
N MET E 613 -33.56 -16.60 -8.37
CA MET E 613 -33.54 -17.78 -7.52
C MET E 613 -32.84 -17.44 -6.24
N PHE E 614 -33.36 -17.95 -5.14
CA PHE E 614 -32.83 -17.68 -3.81
C PHE E 614 -32.37 -19.01 -3.23
N ASP E 615 -31.08 -19.09 -2.87
CA ASP E 615 -30.52 -20.34 -2.35
C ASP E 615 -30.78 -20.39 -0.86
N ILE E 616 -31.91 -20.95 -0.46
CA ILE E 616 -32.22 -21.00 0.97
C ILE E 616 -31.37 -22.03 1.73
N TYR E 617 -30.67 -22.94 1.05
CA TYR E 617 -29.82 -23.86 1.80
C TYR E 617 -28.41 -23.33 2.01
N ASN E 618 -27.91 -22.50 1.10
CA ASN E 618 -26.57 -21.94 1.20
C ASN E 618 -26.48 -20.63 1.96
N LYS E 619 -27.60 -20.10 2.46
CA LYS E 619 -27.58 -18.97 3.38
C LYS E 619 -28.11 -19.42 4.74
N PHE E 620 -29.39 -19.66 4.84
CA PHE E 620 -30.06 -19.83 6.11
C PHE E 620 -29.96 -21.24 6.69
N ILE E 621 -29.44 -22.22 5.96
CA ILE E 621 -29.40 -23.54 6.61
C ILE E 621 -28.11 -24.33 6.29
N GLN E 622 -27.01 -23.64 5.92
CA GLN E 622 -25.68 -24.17 5.52
C GLN E 622 -25.35 -25.65 5.76
N GLU E 623 -25.96 -26.27 6.77
CA GLU E 623 -25.80 -27.70 6.98
C GLU E 623 -27.04 -28.18 7.70
N SER E 624 -27.35 -29.46 7.50
CA SER E 624 -28.48 -30.10 8.16
C SER E 624 -28.23 -31.60 8.06
N ASN E 625 -29.11 -32.38 8.67
CA ASN E 625 -28.86 -33.82 8.78
C ASN E 625 -29.57 -34.61 7.71
N TRP E 626 -30.63 -34.06 7.13
CA TRP E 626 -31.40 -34.74 6.11
C TRP E 626 -31.64 -33.90 4.86
N LEU E 627 -31.54 -32.58 4.94
CA LEU E 627 -31.88 -31.71 3.82
C LEU E 627 -30.62 -31.36 3.03
N SER E 628 -30.51 -31.96 1.82
CA SER E 628 -29.39 -31.74 0.91
C SER E 628 -29.46 -30.38 0.22
N ASP E 629 -30.61 -30.05 -0.38
CA ASP E 629 -30.74 -28.85 -1.19
C ASP E 629 -32.10 -28.22 -0.91
N LEU E 630 -32.22 -26.92 -1.20
CA LEU E 630 -33.55 -26.31 -1.11
C LEU E 630 -33.50 -24.95 -1.82
N ARG E 631 -34.22 -24.83 -2.96
CA ARG E 631 -34.19 -23.65 -3.82
C ARG E 631 -35.58 -23.09 -4.07
N LEU E 632 -35.72 -21.78 -4.00
CA LEU E 632 -36.91 -21.09 -4.45
C LEU E 632 -36.49 -20.20 -5.60
N LYS E 633 -37.28 -20.24 -6.69
CA LYS E 633 -37.06 -19.42 -7.85
C LYS E 633 -38.41 -18.96 -8.35
N MET E 634 -38.39 -17.86 -9.09
CA MET E 634 -39.58 -17.17 -9.56
C MET E 634 -39.19 -16.21 -10.67
N SER E 635 -40.05 -16.08 -11.67
CA SER E 635 -39.79 -15.23 -12.82
C SER E 635 -41.09 -14.95 -13.57
N TYR E 636 -41.06 -13.88 -14.37
CA TYR E 636 -42.15 -13.44 -15.26
C TYR E 636 -41.56 -12.76 -16.49
N GLY E 637 -42.05 -13.12 -17.66
CA GLY E 637 -41.59 -12.51 -18.89
C GLY E 637 -42.68 -12.56 -19.95
N THR E 638 -42.54 -11.69 -20.95
CA THR E 638 -43.43 -11.66 -22.10
C THR E 638 -42.70 -12.25 -23.29
N THR E 639 -43.36 -13.16 -24.01
CA THR E 639 -42.81 -13.89 -25.13
C THR E 639 -43.45 -13.42 -26.44
N GLY E 640 -43.65 -14.34 -27.37
CA GLY E 640 -44.15 -13.95 -28.67
C GLY E 640 -44.35 -15.17 -29.55
N ASN E 641 -45.42 -15.19 -30.33
CA ASN E 641 -45.78 -16.32 -31.17
C ASN E 641 -45.99 -15.77 -32.56
N SER E 642 -45.44 -16.50 -33.55
CA SER E 642 -45.36 -16.03 -34.93
C SER E 642 -45.55 -17.15 -35.95
N GLU E 643 -45.90 -18.36 -35.56
CA GLU E 643 -46.03 -19.39 -36.58
C GLU E 643 -47.42 -19.28 -37.18
N ILE E 644 -47.55 -18.60 -38.32
CA ILE E 644 -48.77 -18.64 -39.12
C ILE E 644 -48.37 -18.96 -40.56
N GLY E 645 -48.81 -18.15 -41.53
CA GLY E 645 -48.44 -18.35 -42.91
C GLY E 645 -47.56 -17.19 -43.33
N ASN E 646 -46.75 -17.35 -44.36
CA ASN E 646 -45.70 -16.37 -44.66
C ASN E 646 -46.25 -15.12 -45.33
N TYR E 647 -47.47 -15.19 -45.89
CA TYR E 647 -48.03 -14.09 -46.67
C TYR E 647 -49.42 -13.68 -46.18
N ASN E 648 -49.74 -13.93 -44.92
CA ASN E 648 -51.12 -13.86 -44.47
C ASN E 648 -51.63 -12.46 -44.14
N HIS E 649 -51.07 -11.44 -44.77
CA HIS E 649 -51.45 -10.09 -44.43
C HIS E 649 -51.69 -9.17 -45.61
N GLN E 650 -51.47 -9.62 -46.84
CA GLN E 650 -51.64 -8.77 -48.00
C GLN E 650 -52.96 -9.11 -48.63
N ALA E 651 -53.51 -8.11 -49.35
CA ALA E 651 -54.81 -8.13 -50.03
C ALA E 651 -54.60 -8.34 -51.51
N LEU E 652 -54.85 -9.56 -51.99
CA LEU E 652 -54.28 -9.98 -53.25
C LEU E 652 -55.28 -10.45 -54.33
N VAL E 653 -54.76 -10.38 -55.53
CA VAL E 653 -55.39 -10.81 -56.75
C VAL E 653 -54.56 -11.94 -57.34
N THR E 654 -55.21 -13.02 -57.78
CA THR E 654 -54.53 -14.09 -58.51
C THR E 654 -55.09 -14.20 -59.92
N VAL E 655 -54.67 -15.24 -60.60
CA VAL E 655 -55.08 -15.50 -61.97
C VAL E 655 -56.29 -16.41 -62.01
N ASN E 656 -57.21 -16.10 -62.89
CA ASN E 656 -58.32 -17.00 -63.19
C ASN E 656 -58.56 -16.90 -64.68
N ASN E 657 -58.22 -17.93 -65.44
CA ASN E 657 -58.33 -17.80 -66.90
C ASN E 657 -59.73 -18.23 -67.28
N TYR E 658 -60.42 -17.42 -68.11
CA TYR E 658 -61.73 -17.81 -68.59
C TYR E 658 -61.57 -18.64 -69.83
N THR E 659 -60.94 -18.06 -70.85
CA THR E 659 -60.66 -18.69 -72.12
C THR E 659 -59.20 -19.09 -72.17
N GLU E 660 -58.74 -19.51 -73.33
CA GLU E 660 -57.34 -19.84 -73.48
C GLU E 660 -56.61 -18.77 -74.29
N ASP E 661 -57.21 -17.58 -74.46
CA ASP E 661 -56.55 -16.53 -75.22
C ASP E 661 -56.39 -15.21 -74.47
N ALA E 662 -56.77 -15.15 -73.21
CA ALA E 662 -56.28 -14.08 -72.35
C ALA E 662 -56.55 -14.47 -70.92
N MET E 663 -55.72 -13.92 -70.03
CA MET E 663 -55.80 -14.19 -68.62
C MET E 663 -56.80 -13.28 -67.94
N GLY E 664 -57.29 -13.76 -66.81
CA GLY E 664 -58.20 -12.98 -66.01
C GLY E 664 -57.80 -13.04 -64.55
N LEU E 665 -58.25 -12.03 -63.82
CA LEU E 665 -57.85 -11.88 -62.43
C LEU E 665 -59.10 -11.94 -61.57
N SER E 666 -59.00 -12.65 -60.47
CA SER E 666 -60.06 -12.67 -59.49
C SER E 666 -59.50 -12.24 -58.13
N ILE E 667 -60.37 -12.08 -57.13
CA ILE E 667 -59.91 -11.63 -55.83
C ILE E 667 -59.65 -12.88 -55.00
N SER E 668 -58.49 -12.86 -54.31
CA SER E 668 -57.83 -14.03 -53.78
C SER E 668 -57.68 -14.06 -52.28
N THR E 669 -57.47 -12.93 -51.63
CA THR E 669 -57.30 -12.93 -50.20
C THR E 669 -57.85 -11.62 -49.65
N ALA E 670 -58.35 -11.68 -48.40
CA ALA E 670 -59.18 -10.61 -47.85
C ALA E 670 -58.40 -9.31 -47.66
N GLY E 671 -57.38 -9.34 -46.82
CA GLY E 671 -56.55 -8.18 -46.58
C GLY E 671 -56.36 -7.99 -45.09
N ASN E 672 -55.31 -7.28 -44.64
CA ASN E 672 -55.11 -6.89 -43.24
C ASN E 672 -53.84 -6.12 -43.01
N PRO E 673 -53.82 -4.81 -43.19
CA PRO E 673 -52.59 -4.04 -42.97
C PRO E 673 -52.11 -4.05 -41.51
N ASP E 674 -52.99 -4.35 -40.57
CA ASP E 674 -52.64 -4.29 -39.17
C ASP E 674 -52.22 -5.66 -38.61
N LEU E 675 -51.87 -6.63 -39.44
CA LEU E 675 -51.51 -7.91 -38.87
C LEU E 675 -50.17 -7.77 -38.18
N SER E 676 -50.06 -8.28 -36.95
CA SER E 676 -48.79 -8.21 -36.24
C SER E 676 -48.65 -9.39 -35.26
N TRP E 677 -47.68 -9.29 -34.34
CA TRP E 677 -47.26 -10.39 -33.46
C TRP E 677 -48.26 -10.73 -32.37
N GLU E 678 -48.48 -12.03 -32.18
CA GLU E 678 -49.22 -12.49 -31.02
C GLU E 678 -48.25 -12.48 -29.88
N LYS E 679 -48.68 -11.93 -28.73
CA LYS E 679 -47.84 -11.69 -27.56
C LYS E 679 -48.39 -12.47 -26.37
N GLN E 680 -47.53 -13.25 -25.73
CA GLN E 680 -47.88 -14.05 -24.56
C GLN E 680 -47.11 -13.57 -23.32
N SER E 681 -47.41 -14.17 -22.16
CA SER E 681 -46.77 -13.79 -20.90
C SER E 681 -46.88 -14.93 -19.90
N GLN E 682 -45.79 -15.17 -19.15
CA GLN E 682 -45.72 -16.25 -18.17
C GLN E 682 -45.35 -15.68 -16.81
N PHE E 683 -45.96 -16.21 -15.76
CA PHE E 683 -45.52 -15.96 -14.41
C PHE E 683 -45.34 -17.32 -13.78
N ASN E 684 -44.09 -17.61 -13.39
CA ASN E 684 -43.63 -18.88 -12.84
C ASN E 684 -43.12 -18.63 -11.43
N PHE E 685 -43.59 -19.43 -10.47
CA PHE E 685 -43.17 -19.40 -9.08
C PHE E 685 -42.90 -20.84 -8.69
N GLY E 686 -41.67 -21.13 -8.29
CA GLY E 686 -41.24 -22.52 -8.20
C GLY E 686 -40.27 -22.79 -7.08
N LEU E 687 -40.29 -24.03 -6.62
CA LEU E 687 -39.48 -24.51 -5.51
C LEU E 687 -38.97 -25.92 -5.78
N ALA E 688 -37.67 -26.15 -5.55
CA ALA E 688 -37.03 -27.45 -5.69
C ALA E 688 -36.45 -27.86 -4.35
N ALA E 689 -36.19 -29.17 -4.19
CA ALA E 689 -35.67 -29.67 -2.91
C ALA E 689 -34.88 -30.97 -3.11
N GLY E 690 -33.98 -31.26 -2.15
CA GLY E 690 -33.24 -32.51 -2.11
C GLY E 690 -32.87 -33.00 -0.72
N ALA E 691 -33.06 -34.30 -0.47
CA ALA E 691 -32.91 -34.86 0.87
C ALA E 691 -31.80 -35.90 0.97
N PHE E 692 -32.08 -36.96 1.71
CA PHE E 692 -31.17 -38.05 2.06
C PHE E 692 -29.68 -37.76 1.85
N ASN E 693 -29.24 -37.61 0.61
CA ASN E 693 -27.85 -37.22 0.35
C ASN E 693 -27.71 -36.72 -1.07
N ASN E 694 -28.61 -35.82 -1.44
CA ASN E 694 -28.86 -35.44 -2.82
C ASN E 694 -29.09 -36.71 -3.65
N ARG E 695 -29.91 -37.61 -3.09
CA ARG E 695 -30.28 -38.87 -3.71
C ARG E 695 -31.78 -39.13 -3.58
N LEU E 696 -32.57 -38.05 -3.56
CA LEU E 696 -34.01 -38.18 -3.51
C LEU E 696 -34.57 -36.77 -3.72
N SER E 697 -34.93 -36.42 -4.96
CA SER E 697 -35.21 -35.04 -5.37
C SER E 697 -36.61 -34.89 -5.95
N ALA E 698 -37.08 -33.65 -6.05
CA ALA E 698 -38.37 -33.32 -6.64
C ALA E 698 -38.47 -31.80 -6.78
N GLU E 699 -39.30 -31.35 -7.72
CA GLU E 699 -39.49 -29.93 -7.98
C GLU E 699 -40.95 -29.68 -8.27
N VAL E 700 -41.42 -28.47 -7.96
CA VAL E 700 -42.82 -28.08 -8.16
C VAL E 700 -42.87 -26.63 -8.61
N ASP E 701 -43.54 -26.36 -9.74
CA ASP E 701 -43.71 -25.01 -10.24
C ASP E 701 -45.17 -24.72 -10.52
N PHE E 702 -45.53 -23.44 -10.37
CA PHE E 702 -46.86 -22.92 -10.63
C PHE E 702 -46.77 -21.81 -11.68
N TYR E 703 -47.73 -21.76 -12.61
CA TYR E 703 -47.63 -20.84 -13.74
C TYR E 703 -48.97 -20.24 -14.09
N VAL E 704 -48.90 -19.05 -14.69
CA VAL E 704 -50.04 -18.36 -15.26
C VAL E 704 -49.61 -17.88 -16.64
N ARG E 705 -50.15 -18.49 -17.67
CA ARG E 705 -49.74 -18.19 -19.03
C ARG E 705 -50.90 -17.52 -19.75
N THR E 706 -50.64 -16.32 -20.26
CA THR E 706 -51.63 -15.41 -20.78
C THR E 706 -51.35 -15.13 -22.25
N THR E 707 -52.29 -15.49 -23.09
CA THR E 707 -52.19 -15.26 -24.51
C THR E 707 -52.98 -14.01 -24.86
N ASN E 708 -52.28 -12.97 -25.25
CA ASN E 708 -52.80 -11.64 -25.46
C ASN E 708 -52.63 -11.28 -26.93
N ASP E 709 -53.39 -10.29 -27.42
CA ASP E 709 -53.21 -9.82 -28.81
C ASP E 709 -53.28 -10.99 -29.82
N MET E 710 -54.14 -11.96 -29.53
CA MET E 710 -54.07 -13.29 -30.13
C MET E 710 -54.18 -13.26 -31.66
N LEU E 711 -53.61 -14.32 -32.28
CA LEU E 711 -53.62 -14.57 -33.74
C LEU E 711 -54.60 -15.70 -34.05
N ILE E 712 -55.81 -15.33 -34.54
CA ILE E 712 -56.87 -16.29 -34.89
C ILE E 712 -57.10 -16.28 -36.40
N ASP E 713 -57.31 -17.47 -36.97
CA ASP E 713 -57.82 -17.60 -38.33
C ASP E 713 -59.33 -17.43 -38.22
N VAL E 714 -59.79 -16.18 -38.18
CA VAL E 714 -61.16 -15.90 -37.72
C VAL E 714 -62.17 -16.44 -38.75
N PRO E 715 -63.16 -17.24 -38.35
CA PRO E 715 -64.13 -17.76 -39.33
C PRO E 715 -64.94 -16.61 -39.87
N MET E 716 -64.99 -16.48 -41.14
CA MET E 716 -65.77 -15.33 -41.51
C MET E 716 -67.20 -15.72 -41.94
N PRO E 717 -68.16 -14.78 -41.86
CA PRO E 717 -69.50 -15.07 -42.39
C PRO E 717 -69.46 -15.31 -43.90
N TYR E 718 -70.16 -16.34 -44.36
CA TYR E 718 -70.04 -16.67 -45.77
C TYR E 718 -70.42 -15.51 -46.63
N ILE E 719 -71.26 -14.61 -46.13
CA ILE E 719 -71.69 -13.48 -46.94
C ILE E 719 -70.51 -12.70 -47.48
N SER E 720 -69.34 -12.84 -46.85
CA SER E 720 -68.18 -12.05 -47.23
C SER E 720 -67.56 -12.52 -48.53
N GLY E 721 -67.57 -13.81 -48.79
CA GLY E 721 -66.94 -14.28 -49.99
C GLY E 721 -65.63 -14.98 -49.77
N PHE E 722 -65.08 -14.93 -48.55
CA PHE E 722 -63.89 -15.63 -48.12
C PHE E 722 -64.27 -16.69 -47.10
N PHE E 723 -63.27 -17.46 -46.64
CA PHE E 723 -63.46 -18.43 -45.57
C PHE E 723 -62.93 -17.90 -44.25
N SER E 724 -61.69 -17.40 -44.27
CA SER E 724 -60.88 -17.04 -43.09
C SER E 724 -60.16 -15.73 -43.32
N GLN E 725 -59.58 -15.22 -42.25
CA GLN E 725 -58.54 -14.21 -42.33
C GLN E 725 -57.87 -14.05 -40.97
N TYR E 726 -56.55 -14.00 -40.97
CA TYR E 726 -55.87 -13.82 -39.71
C TYR E 726 -56.06 -12.39 -39.24
N GLN E 727 -56.25 -12.23 -37.94
CA GLN E 727 -56.51 -10.95 -37.27
C GLN E 727 -55.97 -11.06 -35.85
N ASN E 728 -55.34 -9.98 -35.36
CA ASN E 728 -54.97 -9.94 -33.94
C ASN E 728 -56.23 -9.70 -33.10
N VAL E 729 -56.81 -10.76 -32.55
CA VAL E 729 -58.16 -10.60 -31.98
C VAL E 729 -58.44 -11.64 -30.90
N GLY E 730 -58.79 -11.21 -29.70
CA GLY E 730 -59.12 -12.15 -28.63
C GLY E 730 -58.00 -12.32 -27.61
N SER E 731 -58.21 -13.26 -26.68
CA SER E 731 -57.23 -13.61 -25.64
C SER E 731 -57.69 -14.88 -24.91
N MET E 732 -56.77 -15.44 -24.10
CA MET E 732 -56.87 -16.78 -23.53
C MET E 732 -55.92 -16.98 -22.36
N LYS E 733 -56.27 -17.92 -21.47
CA LYS E 733 -55.52 -18.17 -20.24
C LYS E 733 -55.27 -19.65 -20.04
N ASN E 734 -54.01 -19.98 -19.68
CA ASN E 734 -53.58 -21.32 -19.23
C ASN E 734 -52.93 -21.17 -17.85
N THR E 735 -53.53 -21.79 -16.83
CA THR E 735 -53.02 -21.81 -15.46
C THR E 735 -52.85 -23.24 -14.96
N GLY E 736 -51.68 -23.56 -14.42
CA GLY E 736 -51.42 -24.91 -13.96
C GLY E 736 -50.22 -25.03 -13.04
N VAL E 737 -49.89 -26.28 -12.71
CA VAL E 737 -48.78 -26.65 -11.84
C VAL E 737 -48.22 -27.98 -12.34
N ASP E 738 -46.90 -28.14 -12.30
CA ASP E 738 -46.27 -29.41 -12.59
C ASP E 738 -45.40 -29.82 -11.41
N LEU E 739 -45.18 -31.13 -11.32
CA LEU E 739 -44.38 -31.72 -10.25
C LEU E 739 -43.75 -33.02 -10.70
N SER E 740 -42.43 -33.12 -10.59
CA SER E 740 -41.75 -34.37 -10.84
C SER E 740 -40.90 -34.72 -9.63
N LEU E 741 -40.51 -35.99 -9.56
CA LEU E 741 -39.71 -36.47 -8.44
C LEU E 741 -38.97 -37.75 -8.83
N LYS E 742 -37.73 -37.85 -8.37
CA LYS E 742 -36.92 -39.05 -8.53
C LYS E 742 -36.47 -39.54 -7.15
N GLY E 743 -36.41 -40.86 -7.01
CA GLY E 743 -35.98 -41.53 -5.80
C GLY E 743 -34.88 -42.53 -6.09
N THR E 744 -34.52 -43.35 -5.10
CA THR E 744 -33.43 -44.34 -5.24
C THR E 744 -33.66 -45.40 -4.17
N ILE E 745 -34.40 -46.45 -4.52
CA ILE E 745 -34.77 -47.45 -3.53
C ILE E 745 -33.72 -48.56 -3.41
N TYR E 746 -32.45 -48.25 -3.72
CA TYR E 746 -31.42 -49.29 -3.79
C TYR E 746 -31.30 -50.04 -2.47
N GLN E 747 -31.33 -51.36 -2.54
CA GLN E 747 -31.43 -52.20 -1.34
C GLN E 747 -30.12 -52.94 -1.06
N ASN E 748 -29.05 -52.66 -1.82
CA ASN E 748 -27.84 -53.45 -1.73
C ASN E 748 -26.56 -52.60 -1.79
N LYS E 749 -25.73 -52.84 -2.80
CA LYS E 749 -24.41 -52.21 -2.90
C LYS E 749 -23.95 -52.30 -4.35
N ASP E 750 -24.41 -53.35 -5.01
CA ASP E 750 -24.24 -53.55 -6.43
C ASP E 750 -25.57 -53.74 -7.12
N TRP E 751 -26.67 -53.77 -6.36
CA TRP E 751 -27.99 -54.21 -6.81
C TRP E 751 -28.90 -52.99 -6.64
N ASN E 752 -29.08 -52.21 -7.72
CA ASN E 752 -29.73 -50.90 -7.70
C ASN E 752 -31.22 -50.99 -8.04
N VAL E 753 -32.00 -50.05 -7.48
CA VAL E 753 -33.41 -49.90 -7.78
C VAL E 753 -33.70 -48.39 -7.79
N TYR E 754 -34.26 -47.90 -8.88
CA TYR E 754 -34.52 -46.49 -9.11
C TYR E 754 -36.02 -46.29 -9.32
N ALA E 755 -36.46 -45.03 -9.27
CA ALA E 755 -37.87 -44.74 -9.52
C ALA E 755 -38.04 -43.27 -9.90
N SER E 756 -39.08 -42.98 -10.69
CA SER E 756 -39.36 -41.61 -11.06
C SER E 756 -40.81 -41.47 -11.51
N ALA E 757 -41.38 -40.30 -11.23
CA ALA E 757 -42.80 -40.05 -11.50
C ALA E 757 -42.97 -38.62 -11.99
N ASN E 758 -44.09 -38.40 -12.69
CA ASN E 758 -44.35 -37.16 -13.41
C ASN E 758 -45.86 -36.87 -13.37
N PHE E 759 -46.22 -35.57 -13.31
CA PHE E 759 -47.62 -35.15 -13.26
C PHE E 759 -47.73 -33.64 -13.47
N ASN E 760 -48.73 -33.23 -14.28
CA ASN E 760 -49.09 -31.82 -14.52
C ASN E 760 -50.59 -31.72 -14.81
N TYR E 761 -51.18 -30.62 -14.35
CA TYR E 761 -52.59 -30.29 -14.63
C TYR E 761 -52.66 -28.86 -15.13
N ASN E 762 -53.24 -28.67 -16.32
CA ASN E 762 -53.42 -27.35 -16.91
C ASN E 762 -54.90 -27.12 -17.16
N ARG E 763 -55.41 -25.93 -16.82
CA ARG E 763 -56.80 -25.56 -17.13
C ARG E 763 -56.80 -24.39 -18.10
N GLN E 764 -57.72 -24.43 -19.05
CA GLN E 764 -57.77 -23.42 -20.10
C GLN E 764 -58.92 -22.46 -19.85
N GLU E 765 -58.77 -21.22 -20.33
CA GLU E 765 -59.85 -20.24 -20.20
C GLU E 765 -59.72 -19.18 -21.29
N ILE E 766 -60.83 -18.94 -22.03
CA ILE E 766 -60.83 -17.93 -23.07
C ILE E 766 -61.36 -16.61 -22.54
N THR E 767 -60.76 -15.52 -23.01
CA THR E 767 -60.98 -14.18 -22.48
C THR E 767 -61.82 -13.33 -23.43
N LYS E 768 -61.30 -12.92 -24.57
CA LYS E 768 -62.02 -12.20 -25.61
C LYS E 768 -62.08 -13.10 -26.84
N LEU E 769 -63.15 -13.01 -27.62
CA LEU E 769 -63.25 -13.69 -28.90
C LEU E 769 -63.19 -12.66 -30.02
N PHE E 770 -63.81 -12.98 -31.16
CA PHE E 770 -63.64 -12.15 -32.34
C PHE E 770 -64.79 -11.16 -32.52
N PHE E 771 -65.88 -11.49 -33.22
CA PHE E 771 -66.76 -10.41 -33.63
C PHE E 771 -67.64 -9.86 -32.52
N GLY E 772 -67.13 -9.84 -31.31
CA GLY E 772 -67.96 -9.39 -30.23
C GLY E 772 -68.86 -10.48 -29.71
N LEU E 773 -68.58 -11.73 -30.02
CA LEU E 773 -69.48 -12.77 -29.57
C LEU E 773 -69.06 -13.25 -28.20
N ASN E 774 -69.94 -13.99 -27.58
CA ASN E 774 -69.68 -14.61 -26.31
C ASN E 774 -69.48 -16.11 -26.44
N LYS E 775 -70.06 -16.73 -27.44
CA LYS E 775 -69.77 -18.12 -27.73
C LYS E 775 -69.77 -18.29 -29.24
N TYR E 776 -69.06 -19.32 -29.72
CA TYR E 776 -69.02 -19.64 -31.16
C TYR E 776 -68.77 -21.12 -31.35
N MET E 777 -69.74 -21.84 -31.92
CA MET E 777 -69.52 -23.22 -32.29
C MET E 777 -68.85 -23.35 -33.66
N LEU E 778 -67.85 -24.22 -33.73
CA LEU E 778 -67.22 -24.52 -34.99
C LEU E 778 -68.19 -25.41 -35.76
N PRO E 779 -68.62 -25.02 -36.96
CA PRO E 779 -69.67 -25.80 -37.64
C PRO E 779 -69.30 -27.25 -37.81
N ASN E 780 -70.30 -28.12 -37.59
CA ASN E 780 -70.24 -29.59 -37.49
C ASN E 780 -68.87 -30.15 -37.11
N THR E 781 -68.35 -29.72 -35.95
CA THR E 781 -67.12 -30.19 -35.32
C THR E 781 -67.35 -30.89 -33.99
N GLY E 782 -68.39 -30.49 -33.27
CA GLY E 782 -68.67 -30.95 -31.94
C GLY E 782 -68.02 -30.12 -30.86
N THR E 783 -67.40 -29.00 -31.22
CA THR E 783 -66.64 -28.18 -30.28
C THR E 783 -67.10 -26.74 -30.34
N ILE E 784 -66.80 -26.00 -29.27
CA ILE E 784 -67.24 -24.62 -29.09
C ILE E 784 -66.19 -23.86 -28.31
N TRP E 785 -66.02 -22.60 -28.68
CA TRP E 785 -65.15 -21.64 -28.02
C TRP E 785 -66.10 -20.71 -27.29
N GLU E 786 -66.35 -20.98 -26.01
CA GLU E 786 -67.17 -20.13 -25.15
C GLU E 786 -66.26 -19.31 -24.26
N ILE E 787 -66.62 -18.04 -24.04
CA ILE E 787 -65.80 -17.25 -23.14
C ILE E 787 -65.85 -17.81 -21.72
N GLY E 788 -66.90 -18.58 -21.40
CA GLY E 788 -67.02 -19.22 -20.09
C GLY E 788 -66.17 -20.44 -19.92
N TYR E 789 -64.87 -20.19 -19.83
CA TYR E 789 -63.73 -21.05 -19.51
C TYR E 789 -63.19 -21.76 -20.77
N PRO E 790 -63.09 -23.14 -20.86
CA PRO E 790 -62.06 -23.72 -21.75
C PRO E 790 -62.41 -23.83 -23.24
N ASN E 791 -62.25 -25.03 -23.78
CA ASN E 791 -62.66 -25.33 -25.14
C ASN E 791 -63.28 -26.71 -25.06
N SER E 792 -64.59 -26.78 -25.15
CA SER E 792 -65.29 -27.94 -24.69
C SER E 792 -66.15 -28.48 -25.81
N PHE E 793 -66.58 -29.73 -25.66
CA PHE E 793 -67.49 -30.34 -26.60
C PHE E 793 -68.84 -29.65 -26.53
N TYR E 794 -69.59 -29.64 -27.65
CA TYR E 794 -70.86 -28.93 -27.77
C TYR E 794 -71.84 -29.86 -28.47
N MET E 795 -72.58 -30.62 -27.68
CA MET E 795 -73.51 -31.61 -28.21
C MET E 795 -74.89 -31.53 -27.58
N ALA E 796 -75.65 -32.60 -27.76
CA ALA E 796 -76.99 -32.74 -27.20
C ALA E 796 -77.01 -33.95 -26.29
N GLU E 797 -77.49 -33.77 -25.07
CA GLU E 797 -77.52 -34.89 -24.14
C GLU E 797 -78.49 -35.94 -24.64
N TYR E 798 -78.00 -37.17 -24.77
CA TYR E 798 -78.81 -38.26 -25.29
C TYR E 798 -79.46 -39.00 -24.13
N ALA E 799 -80.77 -39.25 -24.23
CA ALA E 799 -81.52 -39.92 -23.18
C ALA E 799 -81.56 -41.44 -23.32
N GLY E 800 -82.44 -41.97 -24.16
CA GLY E 800 -82.53 -43.39 -24.46
C GLY E 800 -83.60 -43.68 -25.50
N ILE E 801 -84.32 -44.79 -25.37
CA ILE E 801 -85.43 -45.06 -26.29
C ILE E 801 -86.70 -45.14 -25.49
N ASP E 802 -87.81 -44.80 -26.13
CA ASP E 802 -89.12 -44.87 -25.51
C ASP E 802 -89.63 -46.29 -25.66
N LYS E 803 -89.65 -47.08 -24.57
CA LYS E 803 -90.12 -48.46 -24.70
C LYS E 803 -91.56 -48.52 -25.22
N LYS E 804 -92.27 -47.39 -25.29
CA LYS E 804 -93.64 -47.37 -25.79
C LYS E 804 -93.70 -47.28 -27.32
N THR E 805 -92.89 -46.39 -27.91
CA THR E 805 -92.85 -46.24 -29.37
C THR E 805 -91.55 -46.74 -29.99
N GLY E 806 -90.48 -46.82 -29.22
CA GLY E 806 -89.22 -47.25 -29.75
C GLY E 806 -88.37 -46.15 -30.35
N LYS E 807 -88.73 -44.89 -30.18
CA LYS E 807 -88.02 -43.83 -30.88
C LYS E 807 -86.77 -43.42 -30.09
N GLN E 808 -86.20 -42.26 -30.39
CA GLN E 808 -84.99 -41.78 -29.75
C GLN E 808 -85.38 -40.56 -28.93
N LEU E 809 -84.75 -40.39 -27.77
CA LEU E 809 -85.06 -39.28 -26.89
C LEU E 809 -83.84 -38.43 -26.65
N TRP E 810 -84.11 -37.22 -26.16
CA TRP E 810 -83.07 -36.25 -25.92
C TRP E 810 -83.51 -35.40 -24.74
N TYR E 811 -82.59 -35.20 -23.81
CA TYR E 811 -82.86 -34.25 -22.76
C TYR E 811 -83.01 -32.85 -23.35
N VAL E 812 -83.86 -32.06 -22.72
CA VAL E 812 -84.10 -30.67 -23.11
C VAL E 812 -83.16 -29.76 -22.33
N PRO E 813 -82.34 -28.95 -22.99
CA PRO E 813 -81.34 -28.17 -22.24
C PRO E 813 -82.01 -27.09 -21.41
N GLY E 814 -81.80 -27.16 -20.09
CA GLY E 814 -82.32 -26.17 -19.16
C GLY E 814 -83.71 -26.42 -18.61
N GLN E 815 -84.38 -27.48 -19.04
CA GLN E 815 -85.76 -27.77 -18.63
C GLN E 815 -85.73 -28.93 -17.66
N VAL E 816 -86.34 -28.75 -16.50
CA VAL E 816 -86.37 -29.82 -15.54
C VAL E 816 -87.85 -30.15 -15.27
N ASP E 817 -88.07 -31.35 -14.74
CA ASP E 817 -89.37 -31.75 -14.25
C ASP E 817 -89.41 -31.87 -12.73
N ALA E 818 -90.56 -31.52 -12.16
CA ALA E 818 -90.79 -31.59 -10.72
C ALA E 818 -91.45 -32.92 -10.34
N LYS E 822 -86.22 -33.85 -15.35
CA LYS E 822 -85.51 -33.58 -16.60
C LYS E 822 -86.35 -34.04 -17.83
N VAL E 823 -86.75 -33.06 -18.65
CA VAL E 823 -87.75 -33.23 -19.71
C VAL E 823 -87.14 -33.89 -20.93
N THR E 824 -87.90 -34.76 -21.59
CA THR E 824 -87.42 -35.42 -22.81
C THR E 824 -88.39 -35.21 -23.96
N THR E 825 -87.82 -35.06 -25.15
CA THR E 825 -88.57 -34.90 -26.36
C THR E 825 -88.09 -35.95 -27.33
N SER E 826 -88.80 -36.04 -28.44
CA SER E 826 -88.49 -37.03 -29.44
C SER E 826 -88.10 -36.37 -30.75
N GLN E 827 -88.16 -35.07 -30.81
CA GLN E 827 -87.83 -34.34 -32.01
C GLN E 827 -86.46 -33.71 -31.81
N TYR E 828 -85.45 -34.29 -32.45
CA TYR E 828 -84.15 -33.66 -32.46
C TYR E 828 -84.31 -32.23 -32.96
N SER E 829 -83.76 -31.28 -32.21
CA SER E 829 -83.74 -29.89 -32.59
C SER E 829 -82.31 -29.43 -32.73
N ALA E 830 -82.09 -28.44 -33.59
CA ALA E 830 -80.79 -27.80 -33.61
C ALA E 830 -80.45 -27.23 -32.24
N ASP E 831 -81.41 -26.52 -31.64
CA ASP E 831 -81.25 -25.84 -30.36
C ASP E 831 -81.44 -26.77 -29.18
N LEU E 832 -81.23 -28.06 -29.40
CA LEU E 832 -81.17 -29.07 -28.35
C LEU E 832 -79.71 -29.29 -27.89
N GLU E 833 -78.80 -28.46 -28.38
CA GLU E 833 -77.36 -28.62 -28.21
C GLU E 833 -76.89 -27.63 -27.15
N THR E 834 -76.01 -28.10 -26.26
CA THR E 834 -75.54 -27.26 -25.16
C THR E 834 -74.13 -27.66 -24.74
N ARG E 835 -73.34 -26.66 -24.32
CA ARG E 835 -71.97 -26.88 -23.86
C ARG E 835 -71.93 -28.05 -22.88
N ILE E 836 -71.31 -29.15 -23.26
CA ILE E 836 -71.03 -30.19 -22.28
C ILE E 836 -69.74 -29.84 -21.55
N ASP E 837 -69.59 -30.40 -20.35
CA ASP E 837 -68.49 -30.00 -19.46
C ASP E 837 -67.32 -30.98 -19.53
N LYS E 838 -66.87 -31.29 -20.76
CA LYS E 838 -65.61 -31.94 -21.03
C LYS E 838 -64.66 -30.90 -21.65
N SER E 839 -63.64 -31.36 -22.35
CA SER E 839 -62.69 -30.43 -22.95
C SER E 839 -61.86 -31.22 -23.94
N VAL E 840 -61.64 -30.65 -25.11
CA VAL E 840 -60.97 -31.41 -26.15
C VAL E 840 -59.52 -31.69 -25.75
N THR E 841 -58.77 -30.65 -25.43
CA THR E 841 -57.39 -30.81 -25.02
C THR E 841 -57.37 -31.42 -23.64
N PRO E 842 -56.78 -32.60 -23.48
CA PRO E 842 -56.82 -33.26 -22.19
C PRO E 842 -56.15 -32.40 -21.14
N PRO E 843 -56.57 -32.48 -19.88
CA PRO E 843 -56.01 -31.61 -18.85
C PRO E 843 -54.90 -32.24 -18.01
N ILE E 844 -54.73 -33.56 -18.05
CA ILE E 844 -53.70 -34.21 -17.25
C ILE E 844 -52.75 -34.99 -18.14
N THR E 845 -51.45 -34.67 -18.01
CA THR E 845 -50.36 -35.36 -18.70
C THR E 845 -49.20 -35.60 -17.75
N GLY E 846 -48.51 -36.69 -17.97
CA GLY E 846 -47.36 -37.10 -17.19
C GLY E 846 -47.39 -38.60 -17.06
N GLY E 847 -46.24 -39.17 -16.78
CA GLY E 847 -46.10 -40.59 -16.57
C GLY E 847 -45.26 -40.90 -15.34
N PHE E 848 -44.64 -42.07 -15.39
CA PHE E 848 -43.79 -42.55 -14.31
C PHE E 848 -42.97 -43.71 -14.83
N SER E 849 -41.77 -43.83 -14.31
CA SER E 849 -40.86 -44.85 -14.76
C SER E 849 -40.24 -45.60 -13.58
N LEU E 850 -39.89 -46.86 -13.81
CA LEU E 850 -39.20 -47.72 -12.87
C LEU E 850 -37.78 -47.99 -13.39
N GLY E 851 -37.05 -48.83 -12.67
CA GLY E 851 -35.68 -49.13 -13.02
C GLY E 851 -35.02 -49.93 -11.94
N ALA E 852 -34.15 -50.83 -12.32
CA ALA E 852 -33.57 -51.72 -11.33
C ALA E 852 -32.31 -52.31 -11.94
N SER E 853 -31.88 -53.44 -11.40
CA SER E 853 -30.59 -53.98 -11.78
C SER E 853 -30.40 -55.32 -11.09
N TRP E 854 -29.16 -55.78 -11.06
CA TRP E 854 -28.70 -56.94 -10.31
C TRP E 854 -27.20 -56.92 -10.44
N LYS E 855 -26.67 -57.79 -11.25
CA LYS E 855 -25.26 -57.76 -11.48
C LYS E 855 -25.14 -57.86 -13.01
N GLY E 856 -25.28 -56.74 -13.69
CA GLY E 856 -25.28 -56.79 -15.14
C GLY E 856 -26.69 -56.72 -15.70
N LEU E 857 -27.55 -57.65 -15.28
CA LEU E 857 -28.92 -57.63 -15.73
C LEU E 857 -29.58 -56.31 -15.36
N SER E 858 -30.36 -55.78 -16.29
CA SER E 858 -31.13 -54.58 -16.01
C SER E 858 -32.54 -54.79 -16.54
N LEU E 859 -33.48 -54.04 -15.99
CA LEU E 859 -34.85 -54.09 -16.47
C LEU E 859 -35.40 -52.71 -16.20
N ASP E 860 -36.10 -52.14 -17.18
CA ASP E 860 -36.69 -50.82 -17.03
C ASP E 860 -38.13 -50.84 -17.51
N ALA E 861 -38.92 -49.94 -16.95
CA ALA E 861 -40.31 -49.81 -17.31
C ALA E 861 -40.61 -48.32 -17.33
N ASP E 862 -41.10 -47.82 -18.46
CA ASP E 862 -41.46 -46.41 -18.62
C ASP E 862 -42.95 -46.38 -18.94
N PHE E 863 -43.72 -45.64 -18.15
CA PHE E 863 -45.15 -45.50 -18.37
C PHE E 863 -45.51 -44.05 -18.71
N ALA E 864 -46.66 -43.91 -19.36
CA ALA E 864 -47.24 -42.60 -19.60
C ALA E 864 -48.74 -42.75 -19.72
N TYR E 865 -49.47 -41.72 -19.32
CA TYR E 865 -50.92 -41.77 -19.34
C TYR E 865 -51.43 -40.40 -19.72
N ILE E 866 -52.71 -40.36 -20.14
CA ILE E 866 -53.43 -39.12 -20.39
C ILE E 866 -54.88 -39.30 -19.99
N VAL E 867 -55.34 -38.47 -19.05
CA VAL E 867 -56.70 -38.54 -18.52
C VAL E 867 -57.36 -37.19 -18.65
N GLY E 868 -58.66 -37.24 -18.84
CA GLY E 868 -59.41 -36.08 -19.22
C GLY E 868 -59.40 -35.89 -20.71
N LYS E 869 -59.25 -36.96 -21.47
CA LYS E 869 -59.18 -36.87 -22.92
C LYS E 869 -60.42 -37.56 -23.47
N TRP E 870 -61.21 -36.85 -24.27
CA TRP E 870 -62.42 -37.42 -24.82
C TRP E 870 -62.39 -37.35 -26.35
N MET E 871 -63.17 -38.24 -26.98
CA MET E 871 -63.25 -38.31 -28.42
C MET E 871 -64.62 -38.81 -28.87
N ILE E 872 -64.94 -38.50 -30.14
CA ILE E 872 -66.14 -38.97 -30.82
C ILE E 872 -65.76 -40.14 -31.72
N ASN E 873 -66.18 -41.36 -31.38
CA ASN E 873 -65.89 -42.54 -32.21
C ASN E 873 -66.79 -42.49 -33.45
N ASN E 874 -66.35 -41.73 -34.46
CA ASN E 874 -67.16 -41.52 -35.67
C ASN E 874 -67.46 -42.83 -36.38
N ASP E 875 -66.53 -43.80 -36.34
CA ASP E 875 -66.77 -45.11 -36.91
C ASP E 875 -68.08 -45.70 -36.39
N ARG E 876 -68.46 -45.35 -35.15
CA ARG E 876 -69.69 -45.86 -34.57
C ARG E 876 -70.95 -45.23 -35.16
N TYR E 877 -70.86 -44.09 -35.85
CA TYR E 877 -72.03 -43.60 -36.59
C TYR E 877 -72.53 -44.68 -37.55
N PHE E 878 -71.61 -45.46 -38.12
CA PHE E 878 -71.91 -46.46 -39.13
C PHE E 878 -72.20 -47.84 -38.53
N THR E 879 -71.31 -48.36 -37.70
CA THR E 879 -71.52 -49.70 -37.18
C THR E 879 -72.71 -49.81 -36.27
N GLU E 880 -73.29 -48.68 -35.85
CA GLU E 880 -74.30 -48.63 -34.79
C GLU E 880 -75.50 -47.83 -35.24
N ASN E 881 -76.01 -48.14 -36.43
CA ASN E 881 -77.32 -47.63 -36.80
C ASN E 881 -77.99 -48.56 -37.78
N GLY E 882 -79.31 -48.60 -37.70
CA GLY E 882 -80.13 -49.32 -38.64
C GLY E 882 -80.83 -48.32 -39.52
N GLY E 883 -80.41 -47.05 -39.47
CA GLY E 883 -81.04 -45.96 -40.18
C GLY E 883 -80.45 -45.70 -41.55
N GLY E 884 -79.21 -46.14 -41.77
CA GLY E 884 -78.59 -45.97 -43.07
C GLY E 884 -77.40 -46.89 -43.28
N LEU E 885 -76.71 -46.65 -44.42
CA LEU E 885 -75.50 -47.38 -44.79
C LEU E 885 -75.69 -48.87 -44.59
N MET E 886 -76.81 -49.37 -45.08
CA MET E 886 -77.20 -50.73 -44.73
C MET E 886 -76.51 -51.76 -45.60
N GLN E 887 -75.71 -51.33 -46.57
CA GLN E 887 -74.84 -52.28 -47.22
C GLN E 887 -73.83 -52.83 -46.24
N LEU E 888 -73.47 -52.04 -45.24
CA LEU E 888 -72.39 -52.31 -44.31
C LEU E 888 -72.81 -53.28 -43.21
N ASN E 889 -71.81 -53.96 -42.66
CA ASN E 889 -71.92 -54.80 -41.48
C ASN E 889 -72.03 -53.93 -40.24
N LYS E 890 -72.75 -54.42 -39.22
CA LYS E 890 -73.06 -53.64 -38.02
C LYS E 890 -72.73 -54.40 -36.73
N ASP E 891 -72.86 -53.68 -35.61
CA ASP E 891 -72.76 -54.26 -34.27
C ASP E 891 -73.88 -55.27 -34.04
N LYS E 892 -73.58 -56.35 -33.35
CA LYS E 892 -74.59 -57.38 -33.11
C LYS E 892 -75.78 -56.83 -32.35
N MET E 893 -75.65 -55.65 -31.73
CA MET E 893 -76.72 -55.15 -30.86
C MET E 893 -77.97 -54.77 -31.65
N LEU E 894 -77.83 -54.40 -32.92
CA LEU E 894 -78.98 -54.12 -33.79
C LEU E 894 -79.73 -55.41 -34.09
N LEU E 895 -79.58 -56.39 -33.23
CA LEU E 895 -80.35 -57.60 -33.30
C LEU E 895 -81.40 -57.64 -32.20
N ASN E 896 -81.60 -56.52 -31.46
CA ASN E 896 -82.64 -56.40 -30.45
C ASN E 896 -83.48 -55.13 -30.61
N ALA E 897 -83.50 -54.55 -31.79
CA ALA E 897 -84.15 -53.25 -31.96
C ALA E 897 -85.61 -53.34 -31.55
N TRP E 898 -86.09 -52.27 -30.92
CA TRP E 898 -87.45 -52.23 -30.42
C TRP E 898 -88.40 -52.62 -31.52
N THR E 899 -89.22 -53.62 -31.23
CA THR E 899 -90.35 -53.97 -32.08
C THR E 899 -91.61 -54.00 -31.23
N GLU E 900 -92.56 -54.85 -31.58
CA GLU E 900 -93.71 -55.07 -30.72
C GLU E 900 -93.61 -56.37 -29.94
N ASP E 901 -93.05 -57.42 -30.57
CA ASP E 901 -92.79 -58.67 -29.88
C ASP E 901 -91.52 -58.58 -29.07
N ASN E 902 -90.70 -57.58 -29.36
CA ASN E 902 -89.52 -57.27 -28.57
C ASN E 902 -89.65 -55.80 -28.24
N LYS E 903 -89.62 -55.47 -26.95
CA LYS E 903 -90.04 -54.16 -26.48
C LYS E 903 -89.28 -53.84 -25.21
N GLU E 904 -88.58 -54.83 -24.69
CA GLU E 904 -87.74 -54.64 -23.53
C GLU E 904 -86.26 -54.67 -23.93
N THR E 905 -85.86 -53.73 -24.78
CA THR E 905 -84.45 -53.47 -25.06
C THR E 905 -84.18 -51.98 -25.05
N ASP E 906 -82.97 -51.58 -25.45
CA ASP E 906 -82.64 -50.16 -25.46
C ASP E 906 -81.90 -49.79 -26.72
N VAL E 907 -81.96 -50.64 -27.73
CA VAL E 907 -81.46 -50.34 -29.07
C VAL E 907 -82.66 -49.91 -29.89
N PRO E 908 -82.64 -48.74 -30.51
CA PRO E 908 -83.86 -48.16 -31.07
C PRO E 908 -84.45 -48.97 -32.23
N LYS E 909 -85.71 -48.66 -32.55
CA LYS E 909 -86.38 -49.25 -33.69
C LYS E 909 -85.51 -49.07 -34.92
N LEU E 910 -85.70 -49.91 -35.93
CA LEU E 910 -84.74 -49.92 -37.02
C LEU E 910 -84.76 -48.61 -37.81
N GLY E 911 -85.92 -47.99 -37.98
CA GLY E 911 -86.06 -47.07 -39.09
C GLY E 911 -85.39 -45.71 -39.00
N GLN E 912 -84.66 -45.39 -37.93
CA GLN E 912 -84.26 -44.01 -37.71
C GLN E 912 -82.75 -43.85 -37.76
N SER E 913 -82.33 -42.68 -38.19
CA SER E 913 -80.89 -42.45 -38.29
C SER E 913 -80.37 -41.84 -37.00
N PRO E 914 -79.12 -42.14 -36.66
CA PRO E 914 -78.57 -41.65 -35.39
C PRO E 914 -78.03 -40.25 -35.53
N GLN E 915 -77.85 -39.57 -34.39
CA GLN E 915 -77.33 -38.21 -34.42
C GLN E 915 -76.05 -38.13 -33.61
N PHE E 916 -75.27 -37.06 -33.85
CA PHE E 916 -73.97 -36.88 -33.18
C PHE E 916 -74.19 -36.29 -31.80
N ASP E 917 -74.48 -37.14 -30.81
CA ASP E 917 -74.94 -36.59 -29.55
C ASP E 917 -73.94 -37.02 -28.48
N THR E 918 -74.36 -37.71 -27.46
CA THR E 918 -73.41 -38.11 -26.46
C THR E 918 -73.25 -39.61 -26.39
N HIS E 919 -74.10 -40.38 -27.06
CA HIS E 919 -73.86 -41.81 -27.11
C HIS E 919 -72.62 -42.11 -27.92
N LEU E 920 -72.01 -41.07 -28.49
CA LEU E 920 -70.80 -41.18 -29.28
C LEU E 920 -69.60 -40.54 -28.59
N LEU E 921 -69.83 -39.74 -27.54
CA LEU E 921 -68.73 -39.27 -26.71
C LEU E 921 -68.18 -40.42 -25.89
N GLU E 922 -66.95 -40.78 -26.16
CA GLU E 922 -66.27 -41.78 -25.38
C GLU E 922 -65.17 -41.12 -24.57
N ASN E 923 -64.74 -41.81 -23.53
CA ASN E 923 -63.63 -41.36 -22.70
C ASN E 923 -62.37 -41.95 -23.29
N ALA E 924 -61.65 -41.15 -24.08
CA ALA E 924 -60.40 -41.59 -24.70
C ALA E 924 -59.25 -41.42 -23.71
N SER E 925 -59.34 -42.16 -22.62
CA SER E 925 -58.26 -42.21 -21.65
C SER E 925 -57.53 -43.55 -21.76
N PHE E 926 -56.26 -43.51 -21.33
CA PHE E 926 -55.35 -44.63 -21.58
C PHE E 926 -54.10 -44.42 -20.74
N LEU E 927 -53.42 -45.54 -20.49
CA LEU E 927 -52.09 -45.64 -19.90
C LEU E 927 -51.34 -46.68 -20.70
N ARG E 928 -50.15 -46.36 -21.20
CA ARG E 928 -49.40 -47.26 -22.08
C ARG E 928 -48.07 -47.63 -21.45
N LEU E 929 -47.62 -48.84 -21.74
CA LEU E 929 -46.30 -49.27 -21.30
C LEU E 929 -45.38 -49.00 -22.48
N LYS E 930 -44.74 -47.83 -22.44
CA LYS E 930 -44.01 -47.30 -23.59
C LYS E 930 -42.78 -48.14 -23.95
N ASN E 931 -41.82 -48.30 -23.06
CA ASN E 931 -40.76 -49.26 -23.35
C ASN E 931 -40.64 -50.20 -22.17
N LEU E 932 -40.08 -51.39 -22.43
CA LEU E 932 -39.94 -52.39 -21.36
C LEU E 932 -38.74 -53.24 -21.76
N LYS E 933 -37.56 -52.73 -21.43
CA LYS E 933 -36.29 -53.35 -21.79
C LYS E 933 -35.86 -54.40 -20.77
N LEU E 934 -34.76 -55.06 -21.09
CA LEU E 934 -34.21 -56.12 -20.27
C LEU E 934 -32.82 -56.32 -20.79
N THR E 935 -31.88 -55.54 -20.30
CA THR E 935 -30.55 -55.62 -20.85
C THR E 935 -29.67 -56.58 -20.05
N TYR E 936 -28.51 -56.90 -20.62
CA TYR E 936 -27.58 -57.85 -20.00
C TYR E 936 -26.21 -57.50 -20.59
N VAL E 937 -25.51 -56.57 -19.92
CA VAL E 937 -24.13 -56.27 -20.27
C VAL E 937 -23.25 -57.44 -19.82
N LEU E 938 -22.55 -58.03 -20.77
CA LEU E 938 -21.77 -59.22 -20.52
C LEU E 938 -20.75 -58.97 -19.42
N PRO E 939 -20.46 -59.97 -18.59
CA PRO E 939 -19.44 -59.82 -17.54
C PRO E 939 -18.09 -59.41 -18.10
N ASN E 940 -17.50 -58.38 -17.49
CA ASN E 940 -16.19 -57.87 -17.89
C ASN E 940 -15.15 -58.96 -17.94
N SER E 941 -15.43 -60.08 -17.31
CA SER E 941 -14.47 -61.13 -17.09
C SER E 941 -14.38 -62.06 -18.27
N LEU E 942 -15.07 -61.76 -19.34
CA LEU E 942 -15.08 -62.64 -20.49
C LEU E 942 -14.10 -62.19 -21.59
N PHE E 943 -13.55 -60.98 -21.46
CA PHE E 943 -12.59 -60.40 -22.41
C PHE E 943 -11.31 -60.17 -21.62
N ALA E 944 -10.57 -61.26 -21.40
CA ALA E 944 -9.32 -61.25 -20.63
C ALA E 944 -8.11 -61.18 -21.55
N GLY E 945 -7.79 -62.28 -22.24
CA GLY E 945 -6.66 -62.26 -23.14
C GLY E 945 -6.94 -61.43 -24.37
N GLN E 946 -8.20 -61.43 -24.82
CA GLN E 946 -8.62 -60.75 -26.04
C GLN E 946 -8.45 -59.25 -25.88
N ASN E 947 -7.30 -58.74 -26.33
CA ASN E 947 -7.05 -57.30 -26.30
C ASN E 947 -7.72 -56.58 -27.44
N VAL E 948 -8.75 -57.21 -28.02
CA VAL E 948 -9.48 -56.63 -29.12
C VAL E 948 -10.89 -56.16 -28.76
N ILE E 949 -11.57 -56.80 -27.78
CA ILE E 949 -12.93 -56.44 -27.38
C ILE E 949 -12.88 -55.77 -26.01
N GLY E 950 -13.85 -56.08 -25.14
CA GLY E 950 -13.93 -55.51 -23.82
C GLY E 950 -15.30 -54.90 -23.61
N GLY E 951 -16.33 -55.54 -24.16
CA GLY E 951 -17.68 -55.01 -24.05
C GLY E 951 -18.70 -55.65 -24.98
N ALA E 952 -19.94 -55.75 -24.52
CA ALA E 952 -21.01 -56.45 -25.21
C ALA E 952 -22.30 -56.18 -24.47
N ARG E 953 -23.43 -56.44 -25.13
CA ARG E 953 -24.76 -56.29 -24.54
C ARG E 953 -25.78 -57.09 -25.35
N VAL E 954 -26.90 -57.40 -24.69
CA VAL E 954 -27.98 -58.11 -25.34
C VAL E 954 -29.32 -57.57 -24.84
N TYR E 955 -30.22 -57.28 -25.79
CA TYR E 955 -31.52 -56.63 -25.62
C TYR E 955 -32.66 -57.61 -25.54
N LEU E 956 -33.80 -57.09 -25.17
CA LEU E 956 -35.07 -57.80 -25.38
C LEU E 956 -36.17 -56.78 -25.09
N MET E 957 -36.36 -55.85 -26.04
CA MET E 957 -37.22 -54.69 -25.89
C MET E 957 -38.67 -55.04 -26.13
N ALA E 958 -39.51 -54.00 -26.06
CA ALA E 958 -40.93 -54.06 -26.37
C ALA E 958 -41.53 -52.70 -26.09
N ARG E 959 -42.32 -52.18 -27.04
CA ARG E 959 -42.93 -50.86 -26.90
C ARG E 959 -44.44 -50.96 -27.03
N ASN E 960 -45.14 -50.14 -26.26
CA ASN E 960 -46.61 -50.04 -26.27
C ASN E 960 -47.28 -51.39 -26.08
N LEU E 961 -46.70 -52.27 -25.25
CA LEU E 961 -47.26 -53.62 -25.25
C LEU E 961 -48.47 -53.79 -24.35
N LEU E 962 -48.78 -52.80 -23.51
CA LEU E 962 -49.94 -52.85 -22.63
C LEU E 962 -50.66 -51.52 -22.62
N THR E 963 -51.96 -51.60 -22.78
CA THR E 963 -52.84 -50.46 -22.88
C THR E 963 -54.10 -50.78 -22.08
N VAL E 964 -54.61 -49.75 -21.39
CA VAL E 964 -55.82 -49.87 -20.58
C VAL E 964 -56.97 -49.30 -21.41
N THR E 965 -57.67 -50.19 -22.11
CA THR E 965 -58.64 -49.76 -23.12
C THR E 965 -59.82 -49.15 -22.40
N LYS E 966 -59.94 -47.84 -22.50
CA LYS E 966 -61.23 -47.26 -22.19
C LYS E 966 -62.08 -47.06 -23.43
N TYR E 967 -61.49 -46.47 -24.46
CA TYR E 967 -62.08 -46.32 -25.78
C TYR E 967 -62.59 -47.66 -26.31
N LYS E 968 -63.67 -47.63 -27.08
CA LYS E 968 -64.19 -48.84 -27.71
C LYS E 968 -63.72 -49.01 -29.16
N GLY E 969 -62.55 -48.52 -29.50
CA GLY E 969 -62.24 -48.53 -30.91
C GLY E 969 -60.78 -48.40 -31.28
N PHE E 970 -60.10 -49.54 -31.33
CA PHE E 970 -58.70 -49.58 -31.69
C PHE E 970 -57.91 -48.70 -30.72
N ASP E 971 -57.39 -47.58 -31.20
CA ASP E 971 -56.45 -46.90 -30.33
C ASP E 971 -56.96 -45.54 -29.87
N PRO E 972 -57.04 -45.31 -28.55
CA PRO E 972 -57.64 -44.06 -28.04
C PRO E 972 -56.77 -42.82 -28.15
N GLU E 973 -55.51 -42.98 -28.53
CA GLU E 973 -54.69 -41.82 -28.80
C GLU E 973 -54.95 -41.28 -30.22
N ALA E 974 -55.27 -42.17 -31.18
CA ALA E 974 -55.32 -41.87 -32.62
C ALA E 974 -56.59 -41.11 -32.98
N GLY E 975 -56.52 -39.81 -32.78
CA GLY E 975 -57.70 -39.01 -32.98
C GLY E 975 -57.52 -37.74 -32.19
N GLY E 976 -58.44 -37.48 -31.27
CA GLY E 976 -58.44 -36.22 -30.56
C GLY E 976 -59.33 -35.27 -31.31
N ASN E 977 -60.46 -34.92 -30.70
CA ASN E 977 -61.60 -34.26 -31.34
C ASN E 977 -62.48 -35.31 -32.02
N VAL E 978 -62.02 -35.93 -33.12
CA VAL E 978 -62.81 -36.94 -33.82
C VAL E 978 -61.92 -38.14 -34.15
N GLY E 979 -62.47 -39.33 -34.04
CA GLY E 979 -61.68 -40.52 -34.35
C GLY E 979 -62.22 -41.20 -35.58
N LYS E 980 -61.60 -40.96 -36.75
CA LYS E 980 -62.08 -41.42 -38.05
C LYS E 980 -61.49 -42.79 -38.41
N ASN E 981 -61.46 -43.12 -39.69
CA ASN E 981 -60.80 -44.34 -40.11
C ASN E 981 -59.38 -44.17 -39.61
N GLN E 982 -59.02 -44.76 -38.48
CA GLN E 982 -57.76 -44.42 -37.82
C GLN E 982 -56.67 -45.46 -38.11
N TYR E 983 -55.41 -45.01 -38.07
CA TYR E 983 -54.26 -45.88 -38.25
C TYR E 983 -53.69 -46.17 -36.89
N PRO E 984 -54.06 -47.29 -36.27
CA PRO E 984 -53.64 -47.55 -34.88
C PRO E 984 -52.13 -47.46 -34.71
N ASN E 985 -51.70 -47.10 -33.50
CA ASN E 985 -50.29 -47.23 -33.20
C ASN E 985 -49.91 -48.69 -33.11
N SER E 986 -48.62 -48.92 -32.91
CA SER E 986 -48.08 -50.24 -33.08
C SER E 986 -47.63 -50.77 -31.74
N LYS E 987 -47.48 -52.08 -31.71
CA LYS E 987 -46.73 -52.78 -30.68
C LYS E 987 -45.51 -53.40 -31.35
N GLN E 988 -44.35 -53.29 -30.70
CA GLN E 988 -43.10 -53.82 -31.26
C GLN E 988 -42.47 -54.82 -30.29
N TYR E 989 -41.85 -55.84 -30.84
CA TYR E 989 -41.04 -56.77 -30.07
C TYR E 989 -39.66 -56.69 -30.69
N VAL E 990 -38.70 -56.09 -29.99
CA VAL E 990 -37.37 -55.88 -30.55
C VAL E 990 -36.35 -56.80 -29.86
N ALA E 991 -35.16 -56.87 -30.45
CA ALA E 991 -34.05 -57.61 -29.86
C ALA E 991 -32.76 -57.07 -30.50
N GLY E 992 -32.01 -56.29 -29.72
CA GLY E 992 -30.76 -55.73 -30.17
C GLY E 992 -29.52 -56.44 -29.61
N ILE E 993 -28.37 -55.96 -30.08
CA ILE E 993 -27.04 -56.47 -29.75
C ILE E 993 -26.06 -55.33 -29.95
N GLN E 994 -25.18 -55.10 -28.99
CA GLN E 994 -24.16 -54.08 -29.15
C GLN E 994 -22.80 -54.70 -28.91
N LEU E 995 -21.80 -54.22 -29.65
CA LEU E 995 -20.41 -54.62 -29.47
C LEU E 995 -19.59 -53.36 -29.23
N SER E 996 -18.92 -53.33 -28.09
CA SER E 996 -18.15 -52.17 -27.69
C SER E 996 -16.69 -52.59 -27.61
N PHE E 997 -15.83 -51.82 -28.25
CA PHE E 997 -14.39 -52.00 -28.17
C PHE E 997 -13.71 -50.69 -28.56
N ALA F 1 -66.65 -47.12 -53.85
CA ALA F 1 -67.43 -45.94 -53.47
C ALA F 1 -66.65 -45.07 -52.50
N SER F 2 -67.36 -44.36 -51.62
CA SER F 2 -66.78 -43.45 -50.62
C SER F 2 -67.85 -42.95 -49.65
N THR F 3 -68.27 -43.79 -48.72
CA THR F 3 -69.46 -43.53 -47.91
C THR F 3 -69.34 -42.38 -46.92
N THR F 4 -69.64 -41.16 -47.36
CA THR F 4 -69.71 -40.01 -46.46
C THR F 4 -71.05 -40.00 -45.72
N GLY F 5 -71.28 -41.05 -44.95
CA GLY F 5 -72.55 -41.15 -44.24
C GLY F 5 -72.74 -40.05 -43.22
N GLY F 6 -71.84 -40.03 -42.24
CA GLY F 6 -71.77 -38.94 -41.32
C GLY F 6 -70.49 -38.22 -41.65
N ASN F 7 -69.36 -38.62 -41.05
CA ASN F 7 -68.13 -37.87 -41.25
C ASN F 7 -68.28 -36.47 -40.65
N SER F 8 -68.19 -36.35 -39.33
CA SER F 8 -68.06 -35.06 -38.68
C SER F 8 -66.61 -34.57 -38.82
N GLN F 9 -66.42 -33.29 -39.14
CA GLN F 9 -65.10 -32.83 -39.58
C GLN F 9 -64.21 -32.44 -38.41
N ARG F 10 -62.99 -32.97 -38.38
CA ARG F 10 -62.06 -32.69 -37.27
C ARG F 10 -61.77 -31.20 -37.12
N GLY F 11 -61.90 -30.72 -35.91
CA GLY F 11 -61.64 -29.31 -35.71
C GLY F 11 -60.37 -29.08 -34.94
N GLY F 12 -60.10 -29.96 -33.97
CA GLY F 12 -58.96 -29.76 -33.07
C GLY F 12 -57.63 -29.81 -33.78
N GLY F 13 -57.49 -30.72 -34.74
CA GLY F 13 -56.33 -30.75 -35.60
C GLY F 13 -56.42 -29.68 -36.69
N CYS G 1 15.58 38.94 -6.63
CA CYS G 1 14.59 38.76 -5.55
C CYS G 1 15.05 37.69 -4.60
N GLU G 2 14.17 36.73 -4.23
CA GLU G 2 14.29 35.88 -3.03
C GLU G 2 15.61 35.88 -2.27
N LEU G 3 15.56 36.20 -0.98
CA LEU G 3 16.81 36.60 -0.37
C LEU G 3 16.92 36.19 1.08
N ASP G 4 16.35 35.04 1.45
CA ASP G 4 16.73 34.47 2.73
C ASP G 4 17.90 33.50 2.55
N ARG G 5 18.88 33.61 3.47
CA ARG G 5 20.12 32.83 3.47
C ARG G 5 20.21 32.05 4.78
N ASP G 6 20.39 30.74 4.68
CA ASP G 6 20.65 29.89 5.83
C ASP G 6 22.11 29.43 5.90
N PRO G 7 22.59 29.02 7.07
CA PRO G 7 24.02 28.72 7.19
C PRO G 7 24.30 27.26 6.89
N GLU G 8 25.43 27.04 6.21
CA GLU G 8 25.88 25.69 5.94
C GLU G 8 26.51 25.09 7.17
N GLY G 9 26.20 23.82 7.41
CA GLY G 9 26.66 23.23 8.64
C GLY G 9 25.56 23.04 9.66
N LYS G 10 24.71 24.05 9.86
CA LYS G 10 23.68 23.96 10.89
C LYS G 10 22.34 23.53 10.31
N ASP G 11 21.53 22.89 11.14
CA ASP G 11 20.15 22.59 10.81
C ASP G 11 19.30 23.08 11.96
N PHE G 12 17.98 23.16 11.71
CA PHE G 12 17.02 23.73 12.65
C PHE G 12 16.71 22.79 13.80
N GLN G 13 16.38 23.39 14.94
CA GLN G 13 15.83 22.63 16.05
C GLN G 13 14.41 22.19 15.65
N GLN G 14 14.07 20.94 15.87
CA GLN G 14 12.74 20.38 15.67
C GLN G 14 12.47 19.37 16.76
N PRO G 15 11.20 19.10 17.04
CA PRO G 15 10.88 17.97 17.94
C PRO G 15 11.35 16.66 17.34
N TYR G 16 11.58 15.68 18.22
CA TYR G 16 12.18 14.44 17.79
C TYR G 16 11.17 13.63 16.99
N THR G 17 11.56 13.30 15.74
CA THR G 17 10.73 12.72 14.69
C THR G 17 10.97 11.23 14.44
N SER G 18 12.11 10.70 14.89
CA SER G 18 12.64 9.42 14.43
C SER G 18 13.61 8.89 15.46
N PHE G 19 13.71 7.55 15.56
CA PHE G 19 14.66 6.97 16.49
C PHE G 19 16.08 7.50 16.24
N VAL G 20 16.49 7.54 14.97
CA VAL G 20 17.85 7.94 14.62
C VAL G 20 18.14 9.37 15.05
N GLN G 21 17.15 10.22 15.02
CA GLN G 21 17.38 11.56 15.53
C GLN G 21 17.61 11.52 17.03
N THR G 22 16.80 10.74 17.75
CA THR G 22 16.95 10.68 19.20
C THR G 22 18.34 10.18 19.56
N LYS G 23 18.83 9.18 18.84
CA LYS G 23 20.11 8.60 19.19
C LYS G 23 21.26 9.57 18.93
N GLN G 24 21.14 10.40 17.89
CA GLN G 24 22.19 11.37 17.56
C GLN G 24 22.25 12.50 18.56
N ASN G 25 21.09 13.07 18.91
CA ASN G 25 21.06 14.05 19.99
C ASN G 25 21.61 13.48 21.27
N ARG G 26 21.44 12.17 21.49
CA ARG G 26 21.95 11.56 22.72
C ARG G 26 23.47 11.56 22.78
N ASP G 27 24.16 11.29 21.66
CA ASP G 27 25.62 11.40 21.65
C ASP G 27 26.09 12.83 21.85
N GLY G 28 25.49 13.79 21.15
CA GLY G 28 25.92 15.17 21.34
C GLY G 28 25.93 15.58 22.80
N LEU G 29 25.01 15.00 23.58
CA LEU G 29 24.95 15.31 24.99
C LEU G 29 26.17 14.74 25.69
N TYR G 30 26.47 13.45 25.45
CA TYR G 30 27.63 12.76 26.03
C TYR G 30 28.96 13.35 25.56
N ALA G 31 28.97 13.94 24.36
CA ALA G 31 30.14 14.63 23.86
C ALA G 31 30.29 15.96 24.55
N LEU G 32 29.16 16.60 24.84
CA LEU G 32 29.18 17.80 25.66
C LEU G 32 29.70 17.48 27.06
N LEU G 33 29.31 16.31 27.60
CA LEU G 33 29.75 15.88 28.92
C LEU G 33 31.24 15.85 29.06
N ARG G 34 31.93 15.40 28.00
CA ARG G 34 33.35 15.12 27.98
C ARG G 34 34.18 16.40 28.19
N ASN G 35 33.68 17.55 27.77
CA ASN G 35 34.38 18.79 28.06
C ASN G 35 33.81 19.52 29.24
N THR G 36 33.10 18.82 30.14
CA THR G 36 32.45 19.43 31.30
C THR G 36 32.87 18.72 32.59
N GLU G 37 32.41 17.51 32.84
CA GLU G 37 32.92 16.71 33.95
C GLU G 37 34.29 16.19 33.50
N ASN G 38 35.28 17.10 33.52
CA ASN G 38 36.60 17.01 32.93
C ASN G 38 37.69 17.40 33.93
N PRO G 39 38.78 16.63 34.02
CA PRO G 39 39.81 16.92 35.04
C PRO G 39 40.35 18.35 35.01
N ARG G 40 40.41 19.01 33.85
CA ARG G 40 40.90 20.39 33.85
C ARG G 40 40.00 21.29 34.65
N MET G 41 38.75 20.88 34.88
CA MET G 41 37.71 21.71 35.52
C MET G 41 37.70 21.58 37.04
N HIS G 42 38.28 20.52 37.56
CA HIS G 42 38.36 20.34 38.99
C HIS G 42 39.73 20.67 39.56
N PHE G 43 40.68 21.10 38.74
CA PHE G 43 41.99 21.50 39.24
C PHE G 43 41.92 22.75 40.09
N TYR G 44 40.78 23.43 40.09
CA TYR G 44 40.56 24.63 40.88
C TYR G 44 40.33 24.27 42.34
N GLN G 45 39.33 23.42 42.62
CA GLN G 45 39.14 22.96 43.99
C GLN G 45 40.25 22.04 44.47
N GLU G 46 41.18 21.64 43.59
CA GLU G 46 42.36 20.90 44.06
C GLU G 46 43.41 21.87 44.59
N LEU G 47 43.81 22.83 43.76
CA LEU G 47 44.84 23.75 44.19
C LEU G 47 44.37 24.61 45.36
N GLN G 48 43.07 24.81 45.52
CA GLN G 48 42.60 25.60 46.65
C GLN G 48 42.75 24.90 48.00
N SER G 49 42.90 23.59 48.03
CA SER G 49 43.02 22.94 49.33
C SER G 49 44.37 23.26 49.96
N ASP G 50 44.68 22.51 51.01
CA ASP G 50 45.81 22.81 51.88
C ASP G 50 47.07 22.04 51.48
N MET G 51 47.20 21.66 50.21
CA MET G 51 48.25 20.72 49.82
C MET G 51 49.41 21.30 49.06
N TYR G 52 49.19 22.36 48.32
CA TYR G 52 50.19 22.85 47.39
C TYR G 52 50.80 24.15 47.91
N CYS G 53 51.92 24.55 47.27
CA CYS G 53 52.48 25.89 47.35
C CYS G 53 52.99 26.30 45.96
N THR G 54 53.06 27.60 45.71
CA THR G 54 53.39 28.08 44.38
C THR G 54 54.90 28.15 44.23
N THR G 55 55.41 27.66 43.09
CA THR G 55 56.84 27.71 42.83
C THR G 55 57.16 29.05 42.16
N ILE G 56 58.42 29.25 41.82
CA ILE G 56 58.85 30.50 41.22
C ILE G 56 58.47 30.54 39.75
N THR G 57 57.74 29.52 39.31
CA THR G 57 57.37 29.40 37.91
C THR G 57 56.01 29.99 37.59
N ASP G 58 55.09 30.03 38.58
CA ASP G 58 53.73 30.54 38.37
C ASP G 58 53.74 31.96 37.81
N GLY G 59 52.76 32.25 36.96
CA GLY G 59 52.50 33.61 36.51
C GLY G 59 51.14 34.04 36.99
N ASN G 60 50.91 33.85 38.29
CA ASN G 60 49.62 34.14 38.93
C ASN G 60 48.46 33.35 38.36
N SER G 61 48.74 32.19 37.80
CA SER G 61 47.67 31.33 37.32
C SER G 61 47.09 30.52 38.47
N LEU G 62 47.97 29.91 39.28
CA LEU G 62 47.55 29.14 40.45
C LEU G 62 47.64 29.90 41.77
N ALA G 63 48.48 30.93 41.88
CA ALA G 63 48.57 31.67 43.13
C ALA G 63 47.21 32.09 43.73
N PRO G 64 46.25 32.60 42.95
CA PRO G 64 44.96 32.96 43.56
C PRO G 64 44.24 31.81 44.24
N PHE G 65 44.34 30.59 43.77
CA PHE G 65 43.65 29.53 44.50
C PHE G 65 44.46 28.97 45.64
N VAL G 66 45.76 28.76 45.43
CA VAL G 66 46.59 28.15 46.47
C VAL G 66 46.71 29.06 47.66
N ASN G 67 46.62 30.38 47.44
CA ASN G 67 46.96 31.36 48.45
C ASN G 67 45.75 32.19 48.89
N TRP G 68 44.55 31.84 48.44
CA TRP G 68 43.32 32.46 48.91
C TRP G 68 43.38 33.97 48.75
N ASP G 69 43.72 34.43 47.55
CA ASP G 69 43.61 35.84 47.21
C ASP G 69 42.13 36.08 46.93
N LEU G 70 41.41 36.49 47.99
CA LEU G 70 39.97 36.61 47.92
C LEU G 70 39.53 37.72 46.97
N GLY G 71 40.39 38.71 46.72
CA GLY G 71 40.10 39.78 45.78
C GLY G 71 40.11 39.36 44.33
N ILE G 72 40.79 38.26 44.02
CA ILE G 72 40.78 37.75 42.65
C ILE G 72 39.70 36.69 42.48
N LEU G 73 39.44 35.89 43.51
CA LEU G 73 38.45 34.82 43.41
C LEU G 73 37.00 35.31 43.39
N ASN G 74 36.74 36.59 43.72
CA ASN G 74 35.39 37.11 43.64
C ASN G 74 34.86 37.00 42.21
N ASP G 75 35.56 37.61 41.23
CA ASP G 75 35.16 37.65 39.81
C ASP G 75 35.68 36.50 38.96
N HIS G 76 36.31 35.48 39.54
CA HIS G 76 37.30 34.70 38.79
C HIS G 76 36.70 33.95 37.60
N GLY G 77 37.43 33.99 36.50
CA GLY G 77 37.16 33.13 35.38
C GLY G 77 36.76 33.91 34.15
N ARG G 78 36.41 33.13 33.11
CA ARG G 78 35.83 33.62 31.85
C ARG G 78 34.85 32.59 31.31
N ALA G 79 33.88 33.11 30.55
CA ALA G 79 32.87 32.29 29.88
C ALA G 79 32.27 33.09 28.74
N ASP G 80 33.12 33.61 27.86
CA ASP G 80 32.70 34.14 26.57
C ASP G 80 32.95 33.06 25.53
N GLU G 81 33.13 33.45 24.27
CA GLU G 81 33.42 32.46 23.24
C GLU G 81 34.89 32.35 22.87
N ASP G 82 35.76 33.16 23.48
CA ASP G 82 37.20 32.96 23.31
C ASP G 82 37.79 32.04 24.38
N GLU G 83 37.40 32.21 25.63
CA GLU G 83 37.90 31.41 26.72
C GLU G 83 36.72 30.83 27.49
N VAL G 84 36.97 29.76 28.22
CA VAL G 84 36.05 29.25 29.23
C VAL G 84 36.89 28.67 30.33
N SER G 85 37.07 29.42 31.39
CA SER G 85 38.06 29.04 32.38
C SER G 85 37.58 29.47 33.74
N GLY G 86 38.28 28.97 34.76
CA GLY G 86 38.03 29.42 36.10
C GLY G 86 36.60 29.21 36.61
N ILE G 87 36.26 29.98 37.64
CA ILE G 87 35.01 29.72 38.32
C ILE G 87 33.85 29.99 37.39
N ALA G 88 33.88 31.14 36.72
CA ALA G 88 32.84 31.47 35.75
C ALA G 88 32.61 30.34 34.75
N GLY G 89 33.70 29.74 34.26
CA GLY G 89 33.56 28.65 33.33
C GLY G 89 32.86 27.46 33.94
N TYR G 90 33.28 27.06 35.15
CA TYR G 90 32.61 25.97 35.86
C TYR G 90 31.11 26.20 35.96
N TYR G 91 30.74 27.40 36.40
CA TYR G 91 29.32 27.75 36.48
C TYR G 91 28.67 27.63 35.11
N PHE G 92 29.39 27.98 34.07
CA PHE G 92 28.77 27.99 32.75
C PHE G 92 28.60 26.57 32.20
N VAL G 93 29.69 25.79 32.19
CA VAL G 93 29.64 24.54 31.46
C VAL G 93 28.73 23.56 32.15
N TYR G 94 28.57 23.67 33.46
CA TYR G 94 27.65 22.77 34.13
C TYR G 94 26.21 23.17 33.90
N ASN G 95 25.92 24.47 33.95
CA ASN G 95 24.58 24.90 33.58
C ASN G 95 24.31 24.54 32.13
N ARG G 96 25.28 24.76 31.24
CA ARG G 96 25.06 24.39 29.85
C ARG G 96 24.72 22.91 29.72
N LEU G 97 25.46 22.05 30.42
CA LEU G 97 25.06 20.65 30.45
C LEU G 97 23.61 20.52 30.93
N ASN G 98 23.25 21.29 31.98
CA ASN G 98 21.90 21.14 32.55
C ASN G 98 20.85 21.47 31.50
N GLN G 99 21.02 22.56 30.77
CA GLN G 99 19.96 22.96 29.85
C GLN G 99 19.84 21.98 28.68
N GLN G 100 20.97 21.62 28.05
CA GLN G 100 20.93 20.73 26.88
C GLN G 100 20.45 19.34 27.25
N ALA G 101 20.83 18.85 28.44
CA ALA G 101 20.27 17.60 28.92
C ALA G 101 18.79 17.73 29.20
N ASN G 102 18.37 18.86 29.78
CA ASN G 102 16.94 19.04 30.04
C ASN G 102 16.17 18.96 28.74
N ALA G 103 16.71 19.57 27.68
CA ALA G 103 16.07 19.55 26.36
C ALA G 103 16.07 18.16 25.73
N PHE G 104 17.09 17.34 25.98
CA PHE G 104 17.01 15.95 25.53
C PHE G 104 15.88 15.24 26.24
N VAL G 105 15.86 15.31 27.57
CA VAL G 105 14.90 14.58 28.38
C VAL G 105 13.48 14.93 27.96
N ASN G 106 13.23 16.22 27.72
CA ASN G 106 11.89 16.68 27.38
C ASN G 106 11.47 16.16 26.03
N ASN G 107 12.32 16.38 25.01
CA ASN G 107 11.97 15.99 23.66
C ASN G 107 11.81 14.48 23.51
N THR G 108 12.57 13.69 24.29
CA THR G 108 12.37 12.24 24.25
C THR G 108 11.09 11.83 24.95
N GLU G 109 10.80 12.43 26.12
CA GLU G 109 9.51 12.19 26.76
C GLU G 109 8.40 12.56 25.81
N ALA G 110 8.60 13.67 25.09
CA ALA G 110 7.62 14.16 24.12
C ALA G 110 7.45 13.21 22.94
N ALA G 111 8.54 12.71 22.38
CA ALA G 111 8.43 11.81 21.24
C ALA G 111 7.72 10.51 21.63
N LEU G 112 7.76 10.12 22.90
CA LEU G 112 7.16 8.86 23.30
C LEU G 112 5.64 8.94 23.34
N GLN G 113 5.09 10.06 23.84
CA GLN G 113 3.64 10.21 23.90
C GLN G 113 3.01 10.27 22.51
N ASN G 114 3.58 11.05 21.61
CA ASN G 114 3.14 11.19 20.23
C ASN G 114 3.45 9.94 19.40
N GLN G 115 3.97 8.90 20.07
CA GLN G 115 4.13 7.56 19.49
C GLN G 115 4.94 7.58 18.20
N VAL G 116 6.01 8.39 18.17
CA VAL G 116 6.76 8.54 16.93
C VAL G 116 7.64 7.33 16.64
N TYR G 117 7.82 6.46 17.61
CA TYR G 117 8.74 5.33 17.41
C TYR G 117 8.01 4.20 16.70
N LYS G 118 8.79 3.22 16.26
CA LYS G 118 8.36 2.25 15.27
C LYS G 118 7.99 0.90 15.85
N ASN G 119 8.84 0.32 16.70
CA ASN G 119 8.53 -0.97 17.29
C ASN G 119 8.79 -0.95 18.78
N SER G 120 8.59 -2.11 19.40
CA SER G 120 8.79 -2.20 20.84
C SER G 120 10.25 -1.95 21.21
N THR G 121 11.21 -2.45 20.41
CA THR G 121 12.65 -2.24 20.66
C THR G 121 13.07 -0.78 20.53
N GLU G 122 12.46 -0.03 19.65
CA GLU G 122 12.74 1.40 19.63
C GLU G 122 12.20 2.04 20.91
N ILE G 123 10.97 1.69 21.27
CA ILE G 123 10.34 2.32 22.43
C ILE G 123 11.04 1.95 23.72
N ALA G 124 11.59 0.73 23.83
CA ALA G 124 12.36 0.37 25.01
C ALA G 124 13.68 1.16 25.09
N ASN G 125 14.49 1.13 24.03
CA ASN G 125 15.76 1.86 24.09
C ASN G 125 15.54 3.34 24.37
N ALA G 126 14.43 3.89 23.89
CA ALA G 126 14.11 5.29 24.13
C ALA G 126 13.89 5.56 25.62
N LYS G 127 13.15 4.67 26.29
CA LYS G 127 12.92 4.86 27.73
C LYS G 127 14.24 4.81 28.48
N SER G 128 15.17 3.96 28.02
CA SER G 128 16.45 3.80 28.69
C SER G 128 17.38 5.00 28.46
N PHE G 129 17.40 5.57 27.25
CA PHE G 129 18.10 6.83 27.05
C PHE G 129 17.58 7.88 28.02
N LEU G 130 16.25 7.94 28.12
CA LEU G 130 15.59 8.92 28.97
C LEU G 130 16.08 8.80 30.39
N ALA G 131 16.30 7.57 30.86
CA ALA G 131 16.84 7.38 32.20
C ALA G 131 18.24 7.94 32.30
N GLU G 132 19.09 7.60 31.33
CA GLU G 132 20.46 8.09 31.33
C GLU G 132 20.48 9.62 31.34
N GLY G 133 19.59 10.26 30.60
CA GLY G 133 19.57 11.71 30.65
C GLY G 133 19.28 12.22 32.05
N LYS G 134 18.39 11.55 32.77
CA LYS G 134 18.02 12.00 34.11
C LYS G 134 19.21 11.90 35.06
N VAL G 135 20.08 10.90 34.83
CA VAL G 135 21.30 10.78 35.62
C VAL G 135 22.20 11.99 35.45
N LEU G 136 22.36 12.47 34.20
CA LEU G 136 23.23 13.63 33.96
C LEU G 136 22.61 14.90 34.51
N GLN G 137 21.29 15.00 34.46
CA GLN G 137 20.60 16.12 35.09
C GLN G 137 21.05 16.27 36.53
N ALA G 138 21.07 15.17 37.28
CA ALA G 138 21.48 15.23 38.67
C ALA G 138 22.93 15.66 38.79
N LEU G 139 23.81 15.11 37.95
CA LEU G 139 25.21 15.43 38.07
C LEU G 139 25.44 16.92 37.88
N ALA G 140 24.73 17.54 36.95
CA ALA G 140 24.95 18.96 36.72
C ALA G 140 24.52 19.81 37.91
N ILE G 141 23.37 19.53 38.50
CA ILE G 141 22.92 20.31 39.65
C ILE G 141 23.81 20.04 40.87
N TRP G 142 24.13 18.78 41.12
CA TRP G 142 25.00 18.47 42.25
C TRP G 142 26.39 19.11 42.08
N ARG G 143 26.97 19.05 40.88
CA ARG G 143 28.25 19.72 40.66
C ARG G 143 28.12 21.21 40.84
N LEU G 144 26.92 21.76 40.62
CA LEU G 144 26.70 23.19 40.87
C LEU G 144 26.50 23.43 42.35
N MET G 145 25.85 22.49 43.02
CA MET G 145 25.65 22.66 44.45
C MET G 145 26.97 22.58 45.19
N ASP G 146 27.90 21.74 44.72
CA ASP G 146 29.10 21.44 45.52
C ASP G 146 29.96 22.66 45.73
N ARG G 147 30.04 23.53 44.75
CA ARG G 147 30.92 24.67 44.86
C ARG G 147 30.17 25.97 45.16
N PHE G 148 28.85 25.99 45.06
CA PHE G 148 28.12 27.24 45.19
C PHE G 148 27.07 27.26 46.29
N SER G 149 27.00 26.22 47.12
CA SER G 149 26.10 26.24 48.28
C SER G 149 26.93 25.90 49.51
N PHE G 150 26.61 26.58 50.61
CA PHE G 150 27.36 26.47 51.85
C PHE G 150 27.15 25.11 52.51
N HIS G 151 28.19 24.59 53.15
CA HIS G 151 28.03 23.42 53.99
C HIS G 151 27.18 23.82 55.19
N GLU G 152 26.47 22.86 55.77
CA GLU G 152 25.53 23.21 56.83
C GLU G 152 26.24 23.65 58.09
N SER G 153 27.42 24.22 57.92
CA SER G 153 28.35 24.36 59.02
C SER G 153 29.18 25.62 58.86
N VAL G 154 28.57 26.70 58.50
CA VAL G 154 29.34 27.86 58.12
C VAL G 154 29.06 29.00 59.10
N THR G 155 30.06 29.86 59.29
CA THR G 155 29.95 30.91 60.29
C THR G 155 29.21 32.09 59.70
N GLU G 156 29.93 33.15 59.34
CA GLU G 156 29.31 34.33 58.76
C GLU G 156 29.04 34.09 57.28
N VAL G 157 27.85 34.50 56.83
CA VAL G 157 27.44 34.42 55.43
C VAL G 157 26.71 35.73 55.10
N ASN G 158 26.29 35.86 53.85
CA ASN G 158 25.45 37.01 53.49
C ASN G 158 24.03 36.73 53.93
N SER G 159 23.38 37.77 54.47
CA SER G 159 22.03 37.66 55.02
C SER G 159 21.10 36.96 54.05
N GLY G 160 20.77 35.71 54.34
CA GLY G 160 19.76 35.00 53.60
C GLY G 160 20.26 33.75 52.92
N ALA G 161 21.57 33.55 52.86
CA ALA G 161 22.14 32.56 51.97
C ALA G 161 22.27 31.17 52.58
N LYS G 162 22.36 31.05 53.91
CA LYS G 162 22.81 29.81 54.53
C LYS G 162 21.93 28.60 54.22
N ASP G 163 20.75 28.76 53.63
CA ASP G 163 19.98 27.56 53.30
C ASP G 163 19.59 27.51 51.83
N LEU G 164 20.36 28.16 50.98
CA LEU G 164 20.06 28.24 49.56
C LEU G 164 20.93 27.30 48.73
N GLY G 165 20.35 26.87 47.60
CA GLY G 165 21.04 26.11 46.57
C GLY G 165 21.36 26.96 45.36
N VAL G 166 20.94 26.53 44.17
CA VAL G 166 21.18 27.26 42.92
C VAL G 166 19.88 27.46 42.18
N ILE G 167 19.93 28.27 41.12
CA ILE G 167 18.71 28.49 40.35
C ILE G 167 18.34 27.19 39.65
N LEU G 168 17.19 26.63 39.99
CA LEU G 168 16.85 25.26 39.58
C LEU G 168 15.87 25.30 38.42
N LEU G 169 16.32 24.84 37.26
CA LEU G 169 15.58 24.91 36.02
C LEU G 169 15.40 23.50 35.47
N LYS G 170 14.17 22.98 35.52
CA LYS G 170 13.94 21.57 35.18
C LYS G 170 13.45 21.38 33.75
N GLU G 171 13.45 22.43 32.93
CA GLU G 171 13.03 22.33 31.55
C GLU G 171 13.92 23.20 30.68
N TYR G 172 13.94 22.87 29.38
CA TYR G 172 14.73 23.68 28.47
C TYR G 172 14.16 25.07 28.51
N ASN G 173 14.92 26.02 29.01
CA ASN G 173 14.35 27.35 29.21
C ASN G 173 15.45 28.40 29.25
N PRO G 174 15.96 28.82 28.10
CA PRO G 174 17.03 29.83 28.11
C PRO G 174 16.58 31.24 28.41
N GLY G 175 15.29 31.52 28.43
CA GLY G 175 14.92 32.87 28.74
C GLY G 175 14.34 32.92 30.13
N TYR G 176 15.04 32.42 31.13
CA TYR G 176 14.53 32.45 32.49
C TYR G 176 15.47 33.26 33.35
N ILE G 177 14.90 34.09 34.21
CA ILE G 177 15.64 34.74 35.27
C ILE G 177 14.81 34.59 36.53
N GLY G 178 15.37 33.99 37.56
CA GLY G 178 14.63 33.78 38.76
C GLY G 178 15.56 33.89 39.94
N PRO G 179 15.07 33.53 41.13
CA PRO G 179 15.90 33.56 42.33
C PRO G 179 16.32 32.16 42.72
N ARG G 180 17.33 32.06 43.59
CA ARG G 180 17.83 30.76 43.98
C ARG G 180 16.76 29.96 44.69
N ALA G 181 16.83 28.63 44.54
CA ALA G 181 15.92 27.73 45.21
C ALA G 181 16.52 27.26 46.53
N THR G 182 15.74 26.52 47.31
CA THR G 182 16.25 26.12 48.61
C THR G 182 17.25 24.99 48.44
N LYS G 183 18.10 24.83 49.44
CA LYS G 183 18.92 23.65 49.49
C LYS G 183 18.05 22.39 49.42
N ALA G 184 17.00 22.35 50.23
CA ALA G 184 16.18 21.15 50.27
C ALA G 184 15.47 20.89 48.96
N GLN G 185 15.23 21.92 48.13
CA GLN G 185 14.52 21.73 46.87
C GLN G 185 15.41 21.07 45.82
N CYS G 186 16.65 21.54 45.69
CA CYS G 186 17.57 20.98 44.71
C CYS G 186 17.96 19.56 45.09
N TYR G 187 18.20 19.30 46.38
CA TYR G 187 18.59 17.96 46.81
C TYR G 187 17.45 16.96 46.61
N ASP G 188 16.19 17.39 46.85
CA ASP G 188 15.04 16.54 46.55
C ASP G 188 14.94 16.23 45.06
N TYR G 189 15.34 17.18 44.20
CA TYR G 189 15.34 16.92 42.77
C TYR G 189 16.43 15.93 42.39
N ILE G 190 17.68 16.21 42.81
CA ILE G 190 18.81 15.34 42.52
C ILE G 190 18.54 13.91 42.96
N LEU G 191 18.03 13.71 44.16
CA LEU G 191 17.93 12.33 44.61
C LEU G 191 16.80 11.58 43.91
N SER G 192 15.72 12.30 43.61
CA SER G 192 14.61 11.72 42.87
C SER G 192 15.05 11.30 41.48
N ARG G 193 15.75 12.19 40.77
CA ARG G 193 16.22 11.88 39.42
C ARG G 193 17.04 10.60 39.39
N LEU G 194 18.05 10.51 40.28
CA LEU G 194 18.85 9.30 40.33
C LEU G 194 17.94 8.12 40.61
N SER G 195 16.97 8.30 41.50
CA SER G 195 16.09 7.19 41.87
C SER G 195 15.24 6.73 40.67
N GLU G 196 14.72 7.68 39.89
CA GLU G 196 13.92 7.30 38.73
C GLU G 196 14.74 6.53 37.70
N ALA G 197 16.06 6.72 37.68
CA ALA G 197 16.95 6.08 36.71
C ALA G 197 17.40 4.71 37.16
N ILE G 198 17.54 4.50 38.46
CA ILE G 198 18.00 3.21 38.92
C ILE G 198 16.93 2.14 38.73
N GLU G 199 15.67 2.54 38.68
CA GLU G 199 14.60 1.60 38.38
C GLU G 199 14.47 1.23 36.92
N VAL G 200 15.19 1.88 36.01
CA VAL G 200 15.04 1.61 34.57
C VAL G 200 16.32 1.08 33.95
N LEU G 201 17.48 1.64 34.32
CA LEU G 201 18.73 1.19 33.73
C LEU G 201 18.89 -0.30 34.03
N PRO G 202 19.37 -1.09 33.08
CA PRO G 202 19.57 -2.52 33.33
C PRO G 202 20.70 -2.75 34.29
N GLU G 203 20.60 -3.85 35.04
CA GLU G 203 21.51 -4.06 36.17
C GLU G 203 22.97 -4.01 35.74
N ASN G 204 23.31 -4.69 34.66
CA ASN G 204 24.69 -4.77 34.22
C ASN G 204 25.01 -3.68 33.23
N ARG G 205 26.14 -3.00 33.44
CA ARG G 205 26.59 -1.97 32.51
C ARG G 205 26.58 -2.50 31.08
N GLU G 206 26.11 -1.67 30.17
CA GLU G 206 26.09 -2.10 28.79
C GLU G 206 27.30 -1.63 28.02
N SER G 207 27.80 -0.44 28.33
CA SER G 207 29.03 0.09 27.79
C SER G 207 29.68 1.01 28.80
N VAL G 208 31.01 1.02 28.79
CA VAL G 208 31.73 1.90 29.69
C VAL G 208 31.76 3.34 29.20
N LEU G 209 31.21 3.61 28.03
CA LEU G 209 31.16 5.00 27.58
C LEU G 209 29.80 5.62 27.76
N TYR G 210 28.91 4.96 28.48
CA TYR G 210 27.55 5.46 28.59
C TYR G 210 27.03 5.15 29.98
N VAL G 211 26.28 6.10 30.52
CA VAL G 211 25.70 5.99 31.85
C VAL G 211 25.15 4.59 32.02
N SER G 212 25.52 3.97 33.12
CA SER G 212 25.15 2.60 33.42
C SER G 212 24.50 2.61 34.78
N ARG G 213 23.79 1.53 35.10
CA ARG G 213 23.24 1.45 36.46
C ARG G 213 24.34 1.50 37.50
N ASP G 214 25.50 0.90 37.19
CA ASP G 214 26.62 0.94 38.14
C ASP G 214 27.11 2.36 38.42
N TYR G 215 27.24 3.22 37.42
CA TYR G 215 27.53 4.63 37.68
C TYR G 215 26.43 5.29 38.52
N ALA G 216 25.16 4.94 38.26
CA ALA G 216 24.07 5.55 39.01
C ALA G 216 24.23 5.33 40.52
N TYR G 217 24.39 4.06 40.94
CA TYR G 217 24.59 3.77 42.36
C TYR G 217 25.83 4.46 42.91
N ALA G 218 26.93 4.43 42.16
CA ALA G 218 28.17 5.06 42.64
C ALA G 218 28.00 6.58 42.74
N LEU G 219 27.27 7.19 41.82
CA LEU G 219 27.09 8.64 41.92
C LEU G 219 26.24 9.01 43.14
N ARG G 220 25.12 8.32 43.33
CA ARG G 220 24.29 8.58 44.49
C ARG G 220 25.11 8.35 45.76
N ALA G 221 25.84 7.21 45.82
CA ALA G 221 26.71 6.93 46.95
C ALA G 221 27.73 8.04 47.22
N ARG G 222 28.36 8.58 46.16
CA ARG G 222 29.26 9.70 46.35
C ARG G 222 28.55 10.90 46.95
N ILE G 223 27.30 11.13 46.54
CA ILE G 223 26.57 12.33 46.96
C ILE G 223 26.08 12.18 48.39
N TYR G 224 25.43 11.06 48.71
CA TYR G 224 25.02 10.79 50.08
C TYR G 224 26.18 11.01 51.05
N LEU G 225 27.39 10.56 50.66
CA LEU G 225 28.56 10.74 51.53
C LEU G 225 28.86 12.22 51.77
N ALA G 226 28.79 13.06 50.74
CA ALA G 226 29.06 14.48 50.94
C ALA G 226 28.11 15.07 51.95
N LEU G 227 26.85 14.65 51.90
CA LEU G 227 25.81 15.12 52.82
C LEU G 227 26.06 14.66 54.25
N GLY G 228 26.65 13.51 54.45
CA GLY G 228 26.64 12.95 55.77
C GLY G 228 25.65 11.84 55.96
N GLU G 229 24.91 11.48 54.91
CA GLU G 229 24.02 10.34 54.98
C GLU G 229 24.76 9.00 54.98
N TYR G 230 25.68 8.81 55.93
CA TYR G 230 26.57 7.63 55.94
C TYR G 230 25.79 6.31 55.86
N GLY G 231 24.58 6.29 56.40
CA GLY G 231 23.78 5.08 56.33
C GLY G 231 23.37 4.72 54.91
N LYS G 232 22.76 5.68 54.20
CA LYS G 232 22.37 5.39 52.84
C LYS G 232 23.58 5.30 51.92
N ALA G 233 24.62 6.13 52.15
CA ALA G 233 25.79 6.13 51.28
C ALA G 233 26.47 4.77 51.27
N ALA G 234 26.62 4.16 52.44
CA ALA G 234 27.21 2.83 52.45
C ALA G 234 26.35 1.84 51.69
N ALA G 235 25.03 1.96 51.79
CA ALA G 235 24.19 0.93 51.23
C ALA G 235 24.13 1.00 49.72
N ASP G 236 24.40 2.18 49.13
CA ASP G 236 24.45 2.24 47.67
C ASP G 236 25.80 1.76 47.16
N ALA G 237 26.88 2.20 47.82
CA ALA G 237 28.22 1.76 47.42
C ALA G 237 28.32 0.25 47.40
N LYS G 238 27.74 -0.43 48.39
CA LYS G 238 27.77 -1.89 48.41
C LYS G 238 27.15 -2.46 47.15
N MET G 239 26.21 -1.75 46.55
CA MET G 239 25.58 -2.32 45.37
C MET G 239 26.53 -2.42 44.18
N VAL G 240 27.77 -1.96 44.26
CA VAL G 240 28.60 -1.86 43.05
C VAL G 240 30.04 -2.26 43.34
N VAL G 241 30.46 -2.24 44.62
CA VAL G 241 31.89 -2.28 44.92
C VAL G 241 32.55 -3.57 44.43
N ASP G 242 31.79 -4.67 44.38
CA ASP G 242 32.37 -5.96 44.09
C ASP G 242 32.35 -6.32 42.61
N LYS G 243 31.78 -5.47 41.76
CA LYS G 243 31.74 -5.78 40.34
C LYS G 243 32.96 -5.26 39.58
N TYR G 244 33.87 -4.54 40.22
CA TYR G 244 35.04 -3.99 39.53
C TYR G 244 36.31 -4.39 40.27
N PRO G 245 37.14 -5.24 39.68
CA PRO G 245 38.38 -5.66 40.35
C PRO G 245 39.41 -4.55 40.42
N LEU G 246 40.19 -4.60 41.49
CA LEU G 246 41.29 -3.68 41.64
C LEU G 246 42.42 -4.06 40.70
N ILE G 247 43.29 -3.10 40.43
CA ILE G 247 44.38 -3.34 39.51
C ILE G 247 45.31 -4.28 40.20
N GLY G 248 45.75 -5.33 39.50
CA GLY G 248 46.72 -6.28 40.03
C GLY G 248 48.16 -6.11 39.55
N ALA G 249 49.03 -5.51 40.35
CA ALA G 249 50.38 -5.16 39.92
C ALA G 249 51.42 -5.76 40.85
N ALA G 250 52.57 -6.09 40.30
CA ALA G 250 53.67 -6.63 41.06
C ALA G 250 54.70 -5.58 41.49
N ASP G 251 54.74 -4.42 40.83
CA ASP G 251 55.68 -3.37 41.21
C ASP G 251 55.15 -2.04 40.67
N ALA G 252 55.95 -0.99 40.83
CA ALA G 252 55.52 0.33 40.39
C ALA G 252 55.35 0.39 38.88
N SER G 253 56.34 -0.06 38.11
CA SER G 253 56.24 0.04 36.65
C SER G 253 55.05 -0.74 36.10
N GLU G 254 54.73 -1.90 36.68
CA GLU G 254 53.56 -2.63 36.20
C GLU G 254 52.27 -1.94 36.60
N PHE G 255 52.22 -1.34 37.79
CA PHE G 255 51.05 -0.55 38.18
C PHE G 255 50.81 0.59 37.22
N GLU G 256 51.87 1.35 36.89
CA GLU G 256 51.71 2.50 35.99
C GLU G 256 51.15 2.12 34.62
N ASN G 257 51.59 0.99 34.04
CA ASN G 257 51.10 0.62 32.70
C ASN G 257 49.65 0.15 32.68
N ILE G 258 49.04 -0.12 33.82
CA ILE G 258 47.63 -0.43 33.83
C ILE G 258 46.80 0.76 34.30
N TYR G 259 47.30 1.53 35.28
CA TYR G 259 46.50 2.67 35.73
C TYR G 259 46.38 3.70 34.63
N ARG G 260 47.41 3.91 33.84
CA ARG G 260 47.34 4.99 32.87
C ARG G 260 46.69 4.60 31.55
N SER G 261 46.12 3.38 31.43
CA SER G 261 45.54 2.91 30.18
C SER G 261 44.02 2.93 30.27
N ASP G 262 43.40 3.91 29.58
CA ASP G 262 41.95 4.03 29.58
C ASP G 262 41.29 2.75 29.09
N ALA G 263 41.95 2.03 28.18
CA ALA G 263 41.28 0.88 27.61
C ALA G 263 41.47 -0.38 28.44
N ASN G 264 42.47 -0.43 29.32
CA ASN G 264 42.83 -1.65 30.04
C ASN G 264 42.39 -1.70 31.49
N ASN G 265 42.61 -0.60 32.26
CA ASN G 265 42.34 -0.41 33.70
C ASN G 265 40.96 -0.89 34.11
N PRO G 266 40.85 -2.02 34.83
CA PRO G 266 39.53 -2.60 35.12
C PRO G 266 38.79 -1.96 36.28
N GLU G 267 39.27 -0.82 36.74
CA GLU G 267 38.64 -0.06 37.79
C GLU G 267 37.70 1.04 37.28
N ILE G 268 37.63 1.28 35.97
CA ILE G 268 36.88 2.41 35.44
C ILE G 268 35.45 1.99 35.16
N ILE G 269 34.48 2.77 35.68
CA ILE G 269 33.06 2.41 35.54
C ILE G 269 32.36 3.25 34.46
N PHE G 270 32.90 4.42 34.12
CA PHE G 270 32.24 5.32 33.18
C PHE G 270 33.26 6.35 32.73
N ARG G 271 33.49 6.46 31.42
CA ARG G 271 34.44 7.44 30.90
C ARG G 271 33.99 7.90 29.52
N GLY G 272 34.53 9.02 29.09
CA GLY G 272 34.21 9.56 27.78
C GLY G 272 35.20 9.12 26.74
N PHE G 273 34.66 8.69 25.59
CA PHE G 273 35.44 8.20 24.46
C PHE G 273 36.64 9.09 24.18
N ALA G 274 37.73 8.45 23.76
CA ALA G 274 38.94 9.17 23.36
C ALA G 274 39.73 8.30 22.42
N SER G 275 40.17 8.91 21.34
CA SER G 275 41.20 8.43 20.45
C SER G 275 42.23 9.54 20.35
N ALA G 276 43.34 9.30 19.65
CA ALA G 276 44.34 10.35 19.54
C ALA G 276 43.87 11.54 18.72
N THR G 277 42.78 11.38 17.95
CA THR G 277 42.25 12.44 17.11
C THR G 277 40.88 12.95 17.52
N LEU G 278 40.26 12.42 18.59
CA LEU G 278 38.95 12.90 19.05
C LEU G 278 38.76 12.57 20.54
N GLY G 279 38.70 13.61 21.38
CA GLY G 279 38.37 13.37 22.77
C GLY G 279 39.54 13.25 23.72
N SER G 280 40.76 13.46 23.24
CA SER G 280 41.99 13.52 24.01
C SER G 280 42.33 14.95 24.33
N PHE G 281 43.10 15.14 25.40
CA PHE G 281 43.46 16.49 25.83
C PHE G 281 44.61 16.44 26.81
N THR G 282 45.38 17.53 26.82
CA THR G 282 46.44 17.67 27.81
C THR G 282 45.88 18.24 29.11
N ALA G 283 46.48 17.83 30.21
CA ALA G 283 46.05 18.26 31.53
C ALA G 283 47.27 18.62 32.35
N THR G 284 48.12 19.47 31.78
CA THR G 284 49.46 19.69 32.33
C THR G 284 49.49 20.75 33.38
N THR G 285 48.40 20.95 34.09
CA THR G 285 48.32 22.02 35.09
C THR G 285 49.12 21.65 36.35
N LEU G 286 48.98 20.43 36.81
CA LEU G 286 49.57 20.03 38.07
C LEU G 286 51.01 19.58 37.94
N ASN G 287 51.47 19.17 36.74
CA ASN G 287 52.84 18.68 36.59
C ASN G 287 53.76 19.57 35.76
N GLY G 288 53.24 20.46 34.91
CA GLY G 288 54.15 21.29 34.13
C GLY G 288 54.94 20.50 33.12
N ALA G 289 54.44 19.33 32.75
CA ALA G 289 55.09 18.45 31.80
C ALA G 289 55.07 19.05 30.41
N ALA G 290 56.09 18.72 29.61
CA ALA G 290 56.20 19.14 28.22
C ALA G 290 57.18 18.20 27.54
N PRO G 291 56.91 17.74 26.32
CA PRO G 291 57.84 16.81 25.67
C PRO G 291 59.12 17.50 25.24
N ALA G 292 60.21 16.74 25.34
CA ALA G 292 61.53 17.17 24.86
C ALA G 292 62.07 15.94 24.12
N GLY G 293 61.79 15.90 22.82
CA GLY G 293 62.22 14.79 22.00
C GLY G 293 61.35 13.58 22.29
N LYS G 294 61.99 12.52 22.81
CA LYS G 294 61.31 11.31 23.20
C LYS G 294 61.33 11.14 24.70
N ASP G 295 61.86 12.13 25.42
CA ASP G 295 61.79 12.24 26.86
C ASP G 295 60.65 13.15 27.23
N ILE G 296 60.53 13.36 28.53
CA ILE G 296 59.58 14.27 29.14
C ILE G 296 60.32 15.02 30.23
N LYS G 297 60.28 16.34 30.19
CA LYS G 297 60.95 17.22 31.13
C LYS G 297 59.89 18.04 31.84
N TYR G 298 60.14 18.45 33.08
CA TYR G 298 59.10 19.03 33.92
C TYR G 298 59.39 20.44 34.44
N ASN G 299 58.34 21.23 34.61
CA ASN G 299 58.46 22.56 35.21
C ASN G 299 57.13 22.96 35.82
N PRO G 300 56.88 22.54 37.07
CA PRO G 300 55.57 22.78 37.70
C PRO G 300 55.42 24.17 38.31
N SER G 301 54.16 24.63 38.41
CA SER G 301 53.83 25.88 39.08
C SER G 301 53.35 25.71 40.52
N ALA G 302 53.04 24.49 40.92
CA ALA G 302 52.77 24.18 42.32
C ALA G 302 53.20 22.75 42.56
N VAL G 303 53.88 22.53 43.68
CA VAL G 303 54.27 21.19 44.12
C VAL G 303 53.68 20.97 45.50
N PRO G 304 53.45 19.72 45.89
CA PRO G 304 52.92 19.46 47.23
C PRO G 304 53.91 19.82 48.33
N PHE G 305 53.36 19.97 49.53
CA PHE G 305 54.17 20.17 50.72
C PHE G 305 54.84 18.87 51.10
N GLN G 306 55.75 18.97 52.07
CA GLN G 306 56.46 17.78 52.46
C GLN G 306 55.53 16.77 53.11
N TRP G 307 54.49 17.26 53.81
CA TRP G 307 53.62 16.31 54.50
C TRP G 307 52.80 15.46 53.54
N VAL G 308 52.61 15.94 52.30
CA VAL G 308 51.94 15.14 51.29
C VAL G 308 52.85 14.00 50.83
N VAL G 309 54.12 14.33 50.56
CA VAL G 309 55.10 13.30 50.18
C VAL G 309 55.15 12.21 51.24
N ASP G 310 55.03 12.61 52.51
CA ASP G 310 55.24 11.70 53.63
C ASP G 310 54.03 10.80 53.91
N LEU G 311 52.89 11.03 53.26
CA LEU G 311 51.77 10.13 53.40
C LEU G 311 52.03 8.78 52.75
N TYR G 312 52.88 8.75 51.73
CA TYR G 312 53.09 7.54 50.95
C TYR G 312 54.29 6.78 51.51
N GLU G 313 54.06 5.53 51.93
CA GLU G 313 55.17 4.62 52.20
C GLU G 313 56.04 4.50 50.94
N ASN G 314 57.32 4.26 51.13
CA ASN G 314 58.21 4.25 49.98
C ASN G 314 57.94 3.09 49.03
N GLU G 315 57.24 2.05 49.47
CA GLU G 315 56.93 0.91 48.63
C GLU G 315 55.58 1.05 47.93
N ASP G 316 54.88 2.14 48.19
CA ASP G 316 53.60 2.44 47.57
C ASP G 316 53.76 2.79 46.10
N PHE G 317 53.07 2.06 45.23
CA PHE G 317 53.14 2.30 43.78
C PHE G 317 52.77 3.73 43.41
N ARG G 318 51.91 4.36 44.20
CA ARG G 318 51.42 5.69 43.87
C ARG G 318 52.49 6.75 44.07
N LYS G 319 53.58 6.42 44.81
CA LYS G 319 54.67 7.35 45.10
C LYS G 319 55.66 7.47 43.95
N SER G 320 55.32 6.86 42.81
CA SER G 320 55.99 7.08 41.54
C SER G 320 55.00 7.22 40.39
N VAL G 321 53.70 7.12 40.66
CA VAL G 321 52.69 7.26 39.61
C VAL G 321 51.77 8.47 39.87
N TYR G 322 51.04 8.47 40.99
CA TYR G 322 50.16 9.59 41.32
C TYR G 322 50.97 10.84 41.65
N ILE G 323 52.03 10.68 42.42
CA ILE G 323 53.05 11.71 42.56
C ILE G 323 54.35 11.05 42.12
N ALA G 324 55.30 11.85 41.65
CA ALA G 324 56.49 11.26 41.03
C ALA G 324 57.67 12.19 41.24
N LYS G 325 58.80 11.60 41.62
CA LYS G 325 59.95 12.38 42.07
C LYS G 325 60.74 12.85 40.85
N VAL G 326 60.25 13.91 40.21
CA VAL G 326 60.85 14.37 38.96
C VAL G 326 61.12 15.88 38.94
N VAL G 327 60.76 16.62 39.98
CA VAL G 327 61.02 18.07 40.01
C VAL G 327 62.53 18.29 40.17
N LYS G 328 63.09 19.20 39.39
CA LYS G 328 64.56 19.36 39.41
C LYS G 328 65.28 18.03 39.17
N LYS G 329 64.83 17.32 38.12
CA LYS G 329 65.34 16.05 37.64
C LYS G 329 65.12 14.93 38.65
N ASP G 330 65.49 15.15 39.92
CA ASP G 330 65.28 14.07 40.91
C ASP G 330 65.28 14.55 42.36
N LYS G 331 64.98 15.82 42.62
CA LYS G 331 65.12 16.37 43.97
C LYS G 331 63.79 16.53 44.69
N GLY G 332 62.66 16.60 43.98
CA GLY G 332 61.36 16.78 44.59
C GLY G 332 60.22 16.10 43.84
N TYR G 333 59.05 16.11 44.46
CA TYR G 333 57.87 15.48 43.89
C TYR G 333 56.90 16.50 43.31
N LEU G 334 56.21 16.09 42.24
CA LEU G 334 55.04 16.80 41.77
C LEU G 334 53.95 15.78 41.54
N VAL G 335 52.76 16.28 41.20
CA VAL G 335 51.56 15.46 41.13
C VAL G 335 51.38 15.06 39.67
N ASN G 336 51.72 13.81 39.37
CA ASN G 336 51.84 13.33 38.00
C ASN G 336 50.67 12.46 37.59
N LYS G 337 49.50 12.63 38.22
CA LYS G 337 48.45 11.68 37.93
C LYS G 337 47.98 11.81 36.49
N PHE G 338 48.09 13.00 35.90
CA PHE G 338 47.53 13.22 34.58
C PHE G 338 48.59 13.34 33.49
N LEU G 339 49.63 12.53 33.60
CA LEU G 339 50.76 12.64 32.69
C LEU G 339 50.35 12.37 31.25
N GLU G 340 49.91 11.13 30.99
CA GLU G 340 49.54 10.71 29.65
C GLU G 340 48.85 9.35 29.68
N ASP G 341 48.29 8.99 28.53
CA ASP G 341 47.96 7.65 28.11
C ASP G 341 48.65 7.49 26.75
N LYS G 342 49.55 6.51 26.63
CA LYS G 342 50.35 6.39 25.42
C LYS G 342 49.50 6.04 24.23
N ALA G 343 48.30 5.51 24.46
CA ALA G 343 47.46 5.14 23.34
C ALA G 343 47.01 6.35 22.54
N TYR G 344 47.25 7.56 23.02
CA TYR G 344 46.84 8.76 22.32
C TYR G 344 48.02 9.50 21.71
N ARG G 345 49.21 8.87 21.65
CA ARG G 345 50.38 9.49 21.03
C ARG G 345 50.27 9.56 19.51
N ASP G 346 50.75 10.66 18.93
CA ASP G 346 50.71 10.75 17.49
C ASP G 346 51.69 9.76 16.89
N VAL G 347 52.86 9.63 17.52
CA VAL G 347 53.91 8.74 17.08
C VAL G 347 54.39 7.98 18.30
N GLN G 348 54.38 6.65 18.22
CA GLN G 348 54.63 5.79 19.38
C GLN G 348 55.84 6.23 20.18
N ASP G 349 56.88 6.75 19.50
CA ASP G 349 58.14 7.24 20.07
C ASP G 349 57.96 8.42 20.99
N LYS G 350 57.06 9.34 20.66
CA LYS G 350 57.12 10.72 21.17
C LYS G 350 55.94 11.01 22.08
N PRO G 351 56.16 11.44 23.32
CA PRO G 351 55.04 11.77 24.18
C PRO G 351 54.35 13.03 23.71
N ASN G 352 53.02 13.08 23.95
CA ASN G 352 52.17 14.24 23.75
C ASN G 352 51.28 14.54 24.96
N LEU G 353 51.39 13.76 26.02
CA LEU G 353 50.79 14.09 27.30
C LEU G 353 49.26 14.22 27.21
N LYS G 354 48.63 13.41 26.38
CA LYS G 354 47.20 13.44 26.18
C LYS G 354 46.51 12.35 27.00
N VAL G 355 45.36 12.68 27.61
CA VAL G 355 44.64 11.79 28.51
C VAL G 355 43.16 11.79 28.15
N GLY G 356 42.39 11.02 28.92
CA GLY G 356 40.96 10.93 28.71
C GLY G 356 40.15 11.38 29.91
N ALA G 357 38.87 11.62 29.68
CA ALA G 357 37.99 12.06 30.75
C ALA G 357 37.40 10.84 31.45
N ARG G 358 37.84 10.59 32.68
CA ARG G 358 37.29 9.52 33.50
C ARG G 358 36.32 10.11 34.52
N TYR G 359 35.22 9.39 34.77
CA TYR G 359 34.11 9.95 35.54
C TYR G 359 33.88 9.29 36.90
N PHE G 360 34.33 8.04 37.09
CA PHE G 360 34.21 7.30 38.34
C PHE G 360 34.96 5.97 38.30
N SER G 361 35.99 5.84 39.15
CA SER G 361 36.78 4.63 39.31
C SER G 361 36.40 3.94 40.62
N VAL G 362 36.70 2.65 40.70
CA VAL G 362 36.21 1.87 41.83
C VAL G 362 36.95 2.19 43.12
N ALA G 363 38.17 2.76 43.05
CA ALA G 363 38.84 3.05 44.31
C ALA G 363 38.01 3.98 45.20
N GLU G 364 37.25 4.91 44.60
CA GLU G 364 36.44 5.84 45.36
C GLU G 364 35.26 5.13 46.02
N VAL G 365 34.64 4.19 45.31
CA VAL G 365 33.60 3.38 45.94
C VAL G 365 34.14 2.64 47.16
N TYR G 366 35.41 2.21 47.12
CA TYR G 366 35.96 1.61 48.34
C TYR G 366 36.00 2.65 49.48
N LEU G 367 36.59 3.81 49.21
CA LEU G 367 36.76 4.79 50.26
C LEU G 367 35.44 5.36 50.78
N ILE G 368 34.39 5.33 49.96
CA ILE G 368 33.07 5.69 50.47
C ILE G 368 32.55 4.58 51.36
N LEU G 369 32.75 3.33 50.96
CA LEU G 369 32.30 2.23 51.80
C LEU G 369 33.03 2.22 53.13
N VAL G 370 34.34 2.45 53.12
CA VAL G 370 35.08 2.39 54.39
C VAL G 370 34.63 3.50 55.32
N GLU G 371 34.66 4.74 54.84
CA GLU G 371 34.36 5.86 55.73
C GLU G 371 32.96 5.74 56.30
N SER G 372 32.01 5.32 55.48
CA SER G 372 30.64 5.16 55.93
C SER G 372 30.50 4.04 56.94
N ALA G 373 31.21 2.93 56.73
CA ALA G 373 31.13 1.84 57.70
C ALA G 373 31.76 2.24 59.04
N LEU G 374 32.87 3.00 59.01
CA LEU G 374 33.44 3.48 60.26
C LEU G 374 32.47 4.38 61.02
N GLN G 375 31.74 5.24 60.30
CA GLN G 375 30.81 6.14 60.97
C GLN G 375 29.56 5.41 61.46
N THR G 376 29.13 4.34 60.78
CA THR G 376 27.93 3.64 61.23
C THR G 376 28.25 2.39 62.03
N GLY G 377 29.52 2.18 62.43
CA GLY G 377 29.94 1.09 63.29
C GLY G 377 29.77 -0.33 62.77
N ASP G 378 30.44 -0.62 61.64
CA ASP G 378 30.43 -1.91 60.98
C ASP G 378 31.92 -2.09 60.68
N THR G 379 32.67 -2.42 61.73
CA THR G 379 34.11 -2.49 61.52
C THR G 379 34.42 -3.63 60.54
N PRO G 380 33.69 -4.78 60.55
CA PRO G 380 33.94 -5.80 59.53
C PRO G 380 34.06 -5.34 58.09
N THR G 381 32.97 -4.85 57.46
CA THR G 381 33.05 -4.46 56.06
C THR G 381 33.73 -3.12 55.92
N ALA G 382 34.78 -2.89 56.69
CA ALA G 382 35.47 -1.61 56.75
C ALA G 382 36.95 -1.78 56.91
N GLU G 383 37.39 -2.92 57.39
CA GLU G 383 38.77 -3.30 57.27
C GLU G 383 38.93 -4.31 56.17
N LYS G 384 37.88 -5.10 55.90
CA LYS G 384 37.89 -5.92 54.69
C LYS G 384 38.26 -5.08 53.46
N TYR G 385 37.56 -3.96 53.26
CA TYR G 385 37.76 -3.10 52.09
C TYR G 385 38.92 -2.13 52.26
N LEU G 386 39.21 -1.66 53.48
CA LEU G 386 40.33 -0.74 53.64
C LEU G 386 41.66 -1.46 53.46
N LYS G 387 41.77 -2.69 53.96
CA LYS G 387 43.01 -3.44 53.81
C LYS G 387 43.21 -3.89 52.37
N ALA G 388 42.13 -4.25 51.69
CA ALA G 388 42.26 -4.73 50.32
C ALA G 388 42.88 -3.67 49.40
N LEU G 389 42.24 -2.51 49.33
CA LEU G 389 42.73 -1.43 48.47
C LEU G 389 44.14 -1.05 48.86
N SER G 390 44.36 -0.76 50.13
CA SER G 390 45.68 -0.37 50.59
C SER G 390 46.70 -1.47 50.34
N LYS G 391 46.30 -2.73 50.38
CA LYS G 391 47.31 -3.74 50.12
C LYS G 391 47.64 -3.78 48.64
N ALA G 392 46.63 -3.75 47.77
CA ALA G 392 46.91 -3.80 46.34
C ALA G 392 47.72 -2.60 45.83
N ARG G 393 47.76 -1.48 46.56
CA ARG G 393 48.53 -0.35 46.06
C ARG G 393 50.01 -0.36 46.50
N GLY G 394 50.42 -1.31 47.34
CA GLY G 394 51.82 -1.46 47.72
C GLY G 394 52.10 -1.32 49.20
N ALA G 395 51.36 -0.47 49.91
CA ALA G 395 51.55 -0.31 51.36
C ALA G 395 50.23 -0.56 52.11
N GLU G 396 50.04 -1.80 52.58
CA GLU G 396 48.85 -2.13 53.34
C GLU G 396 48.83 -1.34 54.63
N VAL G 397 47.65 -1.17 55.17
CA VAL G 397 47.46 -0.29 56.31
C VAL G 397 47.63 -1.06 57.62
N SER G 398 48.23 -0.39 58.61
CA SER G 398 48.55 -1.00 59.90
C SER G 398 47.28 -1.32 60.67
N VAL G 399 46.50 -0.28 60.98
CA VAL G 399 45.25 -0.33 61.73
C VAL G 399 44.16 0.36 60.92
N VAL G 400 42.94 -0.17 61.00
CA VAL G 400 41.76 0.42 60.37
C VAL G 400 41.05 1.30 61.39
N ASN G 401 41.01 2.62 61.13
CA ASN G 401 40.68 3.48 62.27
C ASN G 401 40.24 4.88 61.91
N MET G 402 39.85 5.19 60.68
CA MET G 402 39.38 6.53 60.32
C MET G 402 40.51 7.56 60.24
N GLU G 403 41.53 7.47 61.08
CA GLU G 403 42.72 8.27 60.82
C GLU G 403 43.45 7.73 59.61
N ALA G 404 43.30 6.42 59.40
CA ALA G 404 43.83 5.83 58.20
C ALA G 404 42.86 5.99 57.05
N LEU G 405 41.56 6.09 57.34
CA LEU G 405 40.62 6.36 56.26
C LEU G 405 40.89 7.75 55.71
N GLN G 406 41.24 8.69 56.57
CA GLN G 406 41.58 10.00 56.07
C GLN G 406 42.88 9.98 55.28
N ALA G 407 43.89 9.27 55.76
CA ALA G 407 45.13 9.26 54.99
C ALA G 407 44.98 8.50 53.68
N GLU G 408 44.25 7.39 53.69
CA GLU G 408 44.23 6.56 52.50
C GLU G 408 43.34 7.16 51.41
N ARG G 409 42.16 7.69 51.78
CA ARG G 409 41.37 8.40 50.79
C ARG G 409 42.15 9.59 50.27
N THR G 410 42.91 10.27 51.12
CA THR G 410 43.69 11.38 50.62
C THR G 410 44.72 10.92 49.61
N ARG G 411 45.39 9.79 49.90
CA ARG G 411 46.42 9.28 49.00
C ARG G 411 45.85 8.92 47.63
N GLU G 412 44.70 8.23 47.60
CA GLU G 412 44.18 7.63 46.37
C GLU G 412 43.54 8.63 45.42
N LEU G 413 42.94 9.71 45.94
CA LEU G 413 42.22 10.68 45.14
C LEU G 413 43.01 11.98 44.91
N ILE G 414 44.31 11.98 45.14
CA ILE G 414 45.08 13.20 44.91
C ILE G 414 44.96 13.67 43.46
N GLY G 415 44.96 15.00 43.31
CA GLY G 415 44.81 15.66 42.02
C GLY G 415 43.42 15.63 41.44
N GLU G 416 42.45 15.02 42.12
CA GLU G 416 41.08 14.84 41.65
C GLU G 416 40.06 15.78 42.33
N GLY G 417 40.49 16.83 43.03
CA GLY G 417 39.57 17.85 43.50
C GLY G 417 38.66 17.40 44.62
N SER G 418 39.09 16.43 45.40
CA SER G 418 38.31 15.91 46.51
C SER G 418 38.84 16.35 47.86
N ARG G 419 40.01 17.00 47.92
CA ARG G 419 40.54 17.34 49.24
C ARG G 419 39.83 18.55 49.84
N LEU G 420 39.53 19.58 49.05
CA LEU G 420 38.86 20.76 49.62
C LEU G 420 37.53 20.40 50.26
N ARG G 421 36.68 19.65 49.54
CA ARG G 421 35.45 19.13 50.13
C ARG G 421 35.74 18.20 51.30
N ASP G 422 36.83 17.44 51.25
CA ASP G 422 37.16 16.56 52.37
C ASP G 422 37.46 17.38 53.63
N MET G 423 38.32 18.39 53.53
CA MET G 423 38.71 19.08 54.76
C MET G 423 37.60 19.95 55.33
N VAL G 424 36.46 20.01 54.68
CA VAL G 424 35.35 20.66 55.30
C VAL G 424 34.49 19.65 56.06
N ARG G 425 34.27 18.45 55.54
CA ARG G 425 33.54 17.48 56.35
C ARG G 425 34.35 17.01 57.52
N TRP G 426 35.69 17.14 57.46
CA TRP G 426 36.57 16.66 58.52
C TRP G 426 37.00 17.75 59.50
N SER G 427 36.47 18.95 59.38
CA SER G 427 36.77 20.03 60.33
C SER G 427 38.24 20.36 60.34
N ILE G 428 38.78 20.64 59.16
CA ILE G 428 40.20 20.93 59.03
C ILE G 428 40.35 22.40 58.65
N PRO G 429 41.00 23.20 59.46
CA PRO G 429 41.37 24.54 59.04
C PRO G 429 42.54 24.44 58.07
N ASN G 430 42.96 25.57 57.54
CA ASN G 430 43.98 25.44 56.50
C ASN G 430 45.33 24.96 57.05
N ASN G 431 46.03 25.83 57.81
CA ASN G 431 47.39 25.63 58.33
C ASN G 431 48.45 25.70 57.25
N HIS G 432 48.14 26.33 56.13
CA HIS G 432 49.08 26.47 55.02
C HIS G 432 50.35 27.18 55.46
N ASP G 433 50.23 28.20 56.32
CA ASP G 433 51.38 28.99 56.72
C ASP G 433 52.35 28.20 57.60
N ALA G 434 51.91 27.08 58.17
CA ALA G 434 52.72 26.33 59.11
C ALA G 434 53.47 25.17 58.49
N PHE G 435 53.03 24.65 57.34
CA PHE G 435 53.59 23.47 56.68
C PHE G 435 55.04 23.69 56.22
N GLU G 436 55.70 22.61 55.84
CA GLU G 436 57.12 22.62 55.48
C GLU G 436 57.27 22.29 54.00
N THR G 437 58.08 23.08 53.28
CA THR G 437 58.28 22.83 51.85
C THR G 437 59.27 21.69 51.66
N GLN G 438 59.20 21.03 50.51
CA GLN G 438 60.15 19.95 50.26
C GLN G 438 61.55 20.54 50.34
N PRO G 439 62.43 20.03 51.21
CA PRO G 439 63.73 20.70 51.38
C PRO G 439 64.62 20.62 50.15
N GLY G 440 64.44 19.60 49.30
CA GLY G 440 65.23 19.47 48.09
C GLY G 440 65.01 20.58 47.09
N LEU G 441 63.81 21.18 47.09
CA LEU G 441 63.45 22.27 46.18
C LEU G 441 63.56 23.52 47.03
N GLU G 442 64.75 24.09 47.09
CA GLU G 442 64.95 25.32 47.81
C GLU G 442 65.45 26.32 46.77
N GLY G 443 64.88 27.50 46.77
CA GLY G 443 65.10 28.40 45.69
C GLY G 443 64.12 28.20 44.54
N PHE G 444 63.46 27.04 44.48
CA PHE G 444 62.44 26.76 43.48
C PHE G 444 61.04 26.85 44.08
N ALA G 445 60.76 26.00 45.06
CA ALA G 445 59.48 26.02 45.78
C ALA G 445 59.73 26.48 47.21
N ASN G 446 59.42 27.75 47.46
CA ASN G 446 59.62 28.41 48.73
C ASN G 446 58.26 28.86 49.24
N THR G 447 58.21 29.33 50.47
CA THR G 447 56.92 29.61 51.09
C THR G 447 56.35 30.97 50.70
N THR G 448 55.07 30.97 50.30
CA THR G 448 54.30 32.17 50.01
C THR G 448 53.16 32.18 51.02
N PRO G 449 53.03 33.22 51.84
CA PRO G 449 52.04 33.18 52.93
C PRO G 449 50.64 33.40 52.37
N LEU G 450 49.64 33.17 53.22
CA LEU G 450 48.27 33.29 52.75
C LEU G 450 47.92 34.76 52.54
N LYS G 451 46.79 34.97 51.89
CA LYS G 451 46.30 36.32 51.74
C LYS G 451 44.95 36.45 52.40
N ALA G 452 44.56 35.43 53.16
CA ALA G 452 43.28 35.34 53.84
C ALA G 452 43.27 33.99 54.52
N GLN G 453 42.91 33.93 55.80
CA GLN G 453 42.99 32.66 56.47
C GLN G 453 41.72 31.88 56.23
N ALA G 454 41.78 30.58 56.51
CA ALA G 454 40.64 29.68 56.28
C ALA G 454 40.39 28.85 57.53
N PRO G 455 40.05 29.49 58.64
CA PRO G 455 39.64 28.72 59.82
C PRO G 455 38.31 28.08 59.53
N VAL G 456 37.95 27.08 60.36
CA VAL G 456 36.79 26.27 60.03
C VAL G 456 35.54 27.14 59.88
N GLY G 457 34.71 26.78 58.88
CA GLY G 457 33.50 27.50 58.60
C GLY G 457 33.65 28.82 57.88
N PHE G 458 34.87 29.16 57.45
CA PHE G 458 35.08 30.36 56.64
C PHE G 458 34.24 30.29 55.37
N TYR G 459 33.69 31.44 54.99
CA TYR G 459 32.71 31.45 53.91
C TYR G 459 33.31 31.10 52.55
N ALA G 460 34.58 31.44 52.31
CA ALA G 460 35.16 31.32 50.97
C ALA G 460 35.52 29.90 50.59
N TYR G 461 35.40 28.92 51.49
CA TYR G 461 35.44 27.56 51.00
C TYR G 461 34.31 27.32 50.00
N THR G 462 33.23 28.09 50.07
CA THR G 462 32.22 28.07 49.02
C THR G 462 32.42 29.25 48.08
N TRP G 463 32.18 29.02 46.79
CA TRP G 463 32.49 30.01 45.76
C TRP G 463 31.36 31.02 45.62
N GLU G 464 31.71 32.18 45.08
CA GLU G 464 30.75 33.25 44.85
C GLU G 464 30.14 33.12 43.46
N PHE G 465 28.87 33.49 43.35
CA PHE G 465 28.18 33.43 42.07
C PHE G 465 28.87 34.36 41.06
N PRO G 466 28.94 33.96 39.78
CA PRO G 466 29.67 34.79 38.81
C PRO G 466 28.94 36.09 38.55
N GLN G 467 29.71 37.15 38.34
CA GLN G 467 29.03 38.42 38.29
C GLN G 467 28.20 38.59 37.02
N ARG G 468 28.13 37.63 36.12
CA ARG G 468 27.15 37.80 35.07
C ARG G 468 25.75 37.54 35.59
N ASP G 469 25.58 36.50 36.40
CA ASP G 469 24.25 36.24 36.92
C ASP G 469 23.87 37.16 38.05
N ARG G 470 24.85 37.83 38.67
CA ARG G 470 24.56 38.90 39.61
C ARG G 470 24.05 40.13 38.87
N GLN G 471 24.83 40.63 37.91
CA GLN G 471 24.44 41.82 37.18
C GLN G 471 23.16 41.57 36.39
N THR G 472 23.02 40.41 35.77
CA THR G 472 21.87 40.16 34.93
C THR G 472 20.59 39.91 35.73
N ASN G 473 20.68 39.74 37.04
CA ASN G 473 19.56 39.21 37.82
C ASN G 473 19.68 39.72 39.24
N PRO G 474 19.17 40.92 39.51
CA PRO G 474 19.23 41.45 40.87
C PRO G 474 18.22 40.82 41.83
N GLN G 475 17.53 39.78 41.40
CA GLN G 475 16.72 38.93 42.27
C GLN G 475 17.55 37.82 42.90
N LEU G 476 18.88 37.92 42.82
CA LEU G 476 19.79 36.84 43.19
C LEU G 476 20.50 37.15 44.50
N ILE G 477 20.34 36.25 45.46
CA ILE G 477 20.90 36.42 46.79
C ILE G 477 22.35 35.95 46.73
N LYS G 478 23.30 36.84 47.00
CA LYS G 478 24.70 36.42 46.86
C LYS G 478 25.15 35.60 48.08
N ASN G 479 26.36 35.03 48.00
CA ASN G 479 26.89 34.14 49.03
C ASN G 479 27.82 34.82 50.03
N TRP G 480 28.82 35.55 49.54
CA TRP G 480 29.81 36.16 50.42
C TRP G 480 29.25 37.34 51.22
N PRO G 481 29.64 37.50 52.49
CA PRO G 481 29.32 38.74 53.21
C PRO G 481 29.93 39.94 52.55
N ILE G 482 31.08 39.76 51.91
CA ILE G 482 31.75 40.85 51.22
C ILE G 482 31.70 40.68 49.69
N LEU H 95 26.18 63.69 -5.59
CA LEU H 95 26.17 62.84 -4.41
C LEU H 95 25.58 63.55 -3.19
N SER H 96 25.98 64.79 -3.00
CA SER H 96 25.58 65.58 -1.85
C SER H 96 24.31 66.36 -2.14
N THR H 97 23.52 66.60 -1.09
CA THR H 97 22.34 67.45 -1.20
C THR H 97 22.60 68.80 -0.53
N VAL H 98 21.71 69.76 -0.82
CA VAL H 98 21.88 71.11 -0.34
C VAL H 98 21.26 71.39 1.03
N SER H 99 20.33 70.54 1.48
CA SER H 99 19.80 70.65 2.84
C SER H 99 20.81 70.16 3.87
N GLY H 100 21.45 69.03 3.60
CA GLY H 100 22.21 68.36 4.62
C GLY H 100 23.59 68.92 4.81
N SER H 101 24.29 68.38 5.80
CA SER H 101 25.65 68.77 6.13
C SER H 101 26.59 67.80 5.44
N VAL H 102 27.70 68.32 4.93
CA VAL H 102 28.60 67.58 4.06
C VAL H 102 30.00 68.15 4.27
N ALA H 103 31.01 67.29 4.15
CA ALA H 103 32.40 67.72 4.16
C ALA H 103 33.11 67.16 2.93
N LYS H 104 34.21 67.80 2.52
CA LYS H 104 34.98 67.31 1.38
C LYS H 104 36.46 67.55 1.63
N VAL H 105 37.28 66.52 1.57
CA VAL H 105 38.72 66.66 1.72
C VAL H 105 39.35 66.42 0.35
N SER H 106 40.31 67.27 -0.01
CA SER H 106 40.89 67.19 -1.34
C SER H 106 42.07 66.23 -1.39
N SER H 107 42.49 65.96 -2.63
CA SER H 107 43.66 65.13 -2.93
C SER H 107 44.90 65.48 -2.10
N GLU H 108 45.11 66.76 -1.77
CA GLU H 108 46.35 67.22 -1.11
C GLU H 108 46.58 66.55 0.24
N LYS H 109 45.51 66.14 0.92
CA LYS H 109 45.62 65.44 2.19
C LYS H 109 45.67 63.93 2.03
N LEU H 110 45.23 63.42 0.88
CA LEU H 110 45.20 61.98 0.57
C LEU H 110 46.39 61.58 -0.32
N ALA H 111 47.60 61.79 0.17
CA ALA H 111 48.76 61.66 -0.70
C ALA H 111 50.01 61.40 0.12
N GLU H 112 50.83 60.48 -0.37
CA GLU H 112 51.93 59.93 0.43
C GLU H 112 51.28 59.38 1.69
N LYS H 113 51.59 59.93 2.87
CA LYS H 113 51.16 59.37 4.14
C LYS H 113 51.68 57.93 4.19
N PRO H 114 52.88 57.75 4.73
CA PRO H 114 53.55 56.44 4.62
C PRO H 114 52.87 55.28 5.33
N VAL H 115 51.61 54.97 4.99
CA VAL H 115 50.85 53.98 5.74
C VAL H 115 49.74 53.43 4.87
N ALA H 116 49.47 52.13 5.02
CA ALA H 116 48.41 51.48 4.25
C ALA H 116 47.03 51.94 4.70
N ASN H 117 46.88 52.29 5.99
CA ASN H 117 45.62 52.74 6.59
C ASN H 117 45.30 54.17 6.18
N ILE H 118 44.41 54.30 5.19
CA ILE H 118 44.10 55.62 4.65
C ILE H 118 43.35 56.45 5.69
N MET H 119 42.43 55.83 6.44
CA MET H 119 41.64 56.63 7.35
C MET H 119 42.47 57.37 8.38
N ASP H 120 43.70 56.93 8.64
CA ASP H 120 44.56 57.58 9.64
C ASP H 120 44.90 59.01 9.25
N ALA H 121 44.79 59.34 7.98
CA ALA H 121 45.10 60.69 7.54
C ALA H 121 43.96 61.67 7.78
N LEU H 122 42.78 61.20 8.20
CA LEU H 122 41.65 62.11 8.38
C LEU H 122 41.39 62.44 9.85
N GLN H 123 42.34 62.16 10.74
CA GLN H 123 42.14 62.42 12.16
C GLN H 123 42.21 63.92 12.41
N GLY H 124 41.13 64.47 12.98
CA GLY H 124 41.03 65.90 13.19
C GLY H 124 40.93 66.71 11.92
N GLN H 125 40.25 66.17 10.91
CA GLN H 125 40.13 66.87 9.64
C GLN H 125 38.70 67.00 9.16
N VAL H 126 37.74 66.34 9.79
CA VAL H 126 36.34 66.46 9.43
C VAL H 126 35.55 66.68 10.72
N ALA H 127 34.55 67.56 10.65
CA ALA H 127 33.75 67.94 11.82
C ALA H 127 32.77 66.82 12.16
N GLY H 128 33.05 66.07 13.24
CA GLY H 128 32.21 64.98 13.70
C GLY H 128 32.66 63.56 13.38
N MET H 129 33.89 63.38 12.92
CA MET H 129 34.44 62.06 12.56
C MET H 129 35.59 61.73 13.50
N GLN H 130 35.31 60.86 14.44
CA GLN H 130 36.28 60.45 15.44
C GLN H 130 36.97 59.18 14.93
N VAL H 131 38.25 59.28 14.60
CA VAL H 131 39.00 58.16 14.07
C VAL H 131 40.22 57.90 14.96
N MET H 132 40.45 56.64 15.29
CA MET H 132 41.56 56.25 16.13
C MET H 132 42.10 54.94 15.61
N THR H 133 43.43 54.83 15.60
CA THR H 133 44.13 53.62 15.16
C THR H 133 44.75 53.01 16.40
N THR H 134 44.27 51.84 16.84
CA THR H 134 44.69 51.28 18.11
C THR H 134 45.85 50.31 17.99
N SER H 135 46.65 50.40 16.93
CA SER H 135 47.77 49.48 16.75
C SER H 135 48.75 50.03 15.72
N GLY H 136 50.04 49.93 16.02
CA GLY H 136 51.08 50.33 15.08
C GLY H 136 51.52 49.20 14.16
N ASP H 137 50.58 48.37 13.81
CA ASP H 137 50.80 47.25 12.92
C ASP H 137 50.42 47.67 11.53
N PRO H 138 51.29 47.54 10.55
CA PRO H 138 50.95 48.09 9.23
C PRO H 138 49.70 47.47 8.64
N THR H 139 49.31 46.29 9.12
CA THR H 139 48.13 45.62 8.60
C THR H 139 46.86 46.18 9.21
N ALA H 140 46.98 47.08 10.18
CA ALA H 140 45.86 47.52 10.98
C ALA H 140 45.00 48.52 10.21
N VAL H 141 43.72 48.57 10.60
CA VAL H 141 42.75 49.50 10.04
C VAL H 141 42.12 50.29 11.18
N ALA H 142 41.84 51.57 10.93
CA ALA H 142 41.39 52.49 11.98
C ALA H 142 39.90 52.32 12.28
N SER H 143 39.51 52.77 13.46
CA SER H 143 38.12 52.73 13.91
C SER H 143 37.49 54.09 13.68
N VAL H 144 36.27 54.10 13.15
CA VAL H 144 35.63 55.34 12.72
C VAL H 144 34.19 55.40 13.24
N GLU H 145 33.86 56.49 13.93
CA GLU H 145 32.53 56.78 14.47
C GLU H 145 32.14 58.20 14.06
N ILE H 146 31.06 58.33 13.31
CA ILE H 146 30.58 59.63 12.87
C ILE H 146 29.52 60.11 13.84
N HIS H 147 29.70 61.32 14.39
CA HIS H 147 28.85 61.91 15.44
C HIS H 147 28.88 61.03 16.67
N GLY H 148 27.89 60.18 16.90
CA GLY H 148 27.90 59.37 18.09
C GLY H 148 28.43 57.95 17.90
N THR H 149 28.56 57.24 19.01
CA THR H 149 28.61 55.78 18.97
C THR H 149 27.19 55.29 18.82
N GLY H 150 26.89 54.69 17.67
CA GLY H 150 25.50 54.45 17.29
C GLY H 150 24.78 53.43 18.16
N SER H 151 25.41 52.29 18.40
CA SER H 151 24.72 51.21 19.09
C SER H 151 25.66 50.53 20.06
N LEU H 152 25.08 49.61 20.83
CA LEU H 152 25.75 48.78 21.81
C LEU H 152 26.03 47.38 21.30
N GLY H 153 25.17 46.89 20.43
CA GLY H 153 25.42 45.63 19.76
C GLY H 153 25.88 45.81 18.32
N ALA H 154 25.14 46.58 17.55
CA ALA H 154 25.45 46.73 16.14
C ALA H 154 26.64 47.66 15.94
N SER H 155 27.13 47.66 14.71
CA SER H 155 28.38 48.35 14.43
C SER H 155 28.15 49.83 14.23
N SER H 156 29.21 50.59 14.43
CA SER H 156 29.15 52.04 14.38
C SER H 156 30.06 52.62 13.32
N ALA H 157 30.74 51.79 12.55
CA ALA H 157 31.59 52.31 11.51
C ALA H 157 30.74 52.86 10.36
N PRO H 158 31.23 53.87 9.65
CA PRO H 158 30.48 54.42 8.52
C PRO H 158 30.35 53.40 7.41
N LEU H 159 29.39 53.66 6.52
CA LEU H 159 29.29 52.88 5.30
C LEU H 159 30.32 53.42 4.31
N TYR H 160 31.23 52.55 3.87
CA TYR H 160 32.34 52.92 2.98
C TYR H 160 31.99 52.61 1.53
N ILE H 161 32.02 53.65 0.69
CA ILE H 161 31.65 53.54 -0.71
C ILE H 161 32.75 54.19 -1.54
N VAL H 162 33.26 53.43 -2.52
CA VAL H 162 34.19 53.94 -3.51
C VAL H 162 33.50 53.86 -4.86
N ASP H 163 33.37 55.02 -5.51
CA ASP H 163 32.90 55.16 -6.88
C ASP H 163 31.54 54.49 -7.12
N GLY H 164 30.70 54.31 -6.10
CA GLY H 164 29.34 53.85 -6.30
C GLY H 164 29.05 52.48 -5.74
N MET H 165 30.05 51.67 -5.52
CA MET H 165 29.83 50.38 -4.90
C MET H 165 30.42 50.39 -3.50
N GLN H 166 29.74 49.72 -2.58
CA GLN H 166 30.22 49.57 -1.21
C GLN H 166 31.44 48.67 -1.15
N THR H 167 32.58 49.20 -0.68
CA THR H 167 33.74 48.35 -0.50
C THR H 167 34.04 48.13 0.96
N SER H 168 35.31 48.08 1.33
CA SER H 168 35.67 47.81 2.71
C SER H 168 37.08 48.31 2.95
N LEU H 169 37.36 48.72 4.20
CA LEU H 169 38.67 49.28 4.52
C LEU H 169 39.84 48.37 4.16
N ASP H 170 39.62 47.05 4.22
CA ASP H 170 40.70 46.12 3.88
C ASP H 170 41.02 46.16 2.40
N VAL H 171 39.98 46.24 1.57
CA VAL H 171 40.17 46.40 0.13
C VAL H 171 40.83 47.76 -0.16
N VAL H 172 40.31 48.82 0.47
CA VAL H 172 40.81 50.18 0.26
C VAL H 172 42.31 50.30 0.50
N ALA H 173 42.84 49.46 1.37
CA ALA H 173 44.28 49.44 1.62
C ALA H 173 45.06 48.78 0.48
N THR H 174 44.45 47.92 -0.30
CA THR H 174 45.18 47.40 -1.44
C THR H 174 45.22 48.40 -2.59
N MET H 175 44.52 49.54 -2.48
CA MET H 175 44.52 50.55 -3.54
C MET H 175 45.66 51.57 -3.39
N ASN H 176 45.82 52.39 -4.45
CA ASN H 176 46.87 53.40 -4.54
C ASN H 176 46.36 54.76 -4.11
N PRO H 177 46.99 55.42 -3.12
CA PRO H 177 46.42 56.69 -2.64
C PRO H 177 46.41 57.81 -3.67
N ASN H 178 47.45 57.95 -4.49
CA ASN H 178 47.46 59.06 -5.44
C ASN H 178 46.35 58.99 -6.49
N ASP H 179 45.62 57.88 -6.57
CA ASP H 179 44.48 57.75 -7.48
C ASP H 179 43.22 58.44 -6.96
N PHE H 180 43.18 58.76 -5.67
CA PHE H 180 41.97 59.29 -5.07
C PHE H 180 41.86 60.78 -5.41
N GLU H 181 40.70 61.17 -5.94
CA GLU H 181 40.43 62.55 -6.31
C GLU H 181 39.91 63.38 -5.14
N SER H 182 38.91 62.86 -4.43
CA SER H 182 38.33 63.58 -3.32
C SER H 182 37.59 62.60 -2.42
N MET H 183 37.39 63.01 -1.16
CA MET H 183 36.61 62.28 -0.17
C MET H 183 35.53 63.18 0.42
N SER H 184 34.29 62.68 0.44
CA SER H 184 33.17 63.40 1.02
C SER H 184 32.59 62.60 2.19
N VAL H 185 32.37 63.28 3.32
CA VAL H 185 31.76 62.68 4.51
C VAL H 185 30.34 63.21 4.61
N LEU H 186 29.36 62.31 4.54
CA LEU H 186 27.95 62.68 4.60
C LEU H 186 27.44 62.40 6.01
N LYS H 187 27.46 63.43 6.86
CA LYS H 187 27.31 63.25 8.30
C LYS H 187 25.90 63.49 8.85
N ASP H 188 24.97 64.09 8.09
CA ASP H 188 23.62 64.22 8.63
C ASP H 188 22.75 63.12 8.00
N ALA H 189 21.42 63.33 7.98
CA ALA H 189 20.50 62.31 7.48
C ALA H 189 19.86 62.65 6.16
N SER H 190 20.06 63.87 5.67
CA SER H 190 19.49 64.31 4.39
C SER H 190 20.36 63.90 3.21
N ALA H 191 21.68 63.98 3.38
CA ALA H 191 22.62 63.52 2.36
C ALA H 191 22.58 62.00 2.22
N THR H 192 22.56 61.30 3.34
CA THR H 192 22.55 59.85 3.34
C THR H 192 21.10 59.44 3.25
N SER H 193 20.56 59.49 2.04
CA SER H 193 19.16 59.13 1.87
C SER H 193 18.91 58.21 0.70
N ILE H 194 19.91 57.92 -0.12
CA ILE H 194 19.82 56.96 -1.23
C ILE H 194 20.55 55.66 -0.94
N TYR H 195 21.33 55.60 0.15
CA TYR H 195 22.13 54.45 0.53
C TYR H 195 21.34 53.52 1.46
N GLY H 196 21.90 52.35 1.73
CA GLY H 196 21.11 51.40 2.49
C GLY H 196 21.71 50.13 3.06
N ALA H 197 22.47 50.28 4.14
CA ALA H 197 22.94 49.10 4.83
C ALA H 197 23.28 49.41 6.27
N ARG H 198 24.04 50.49 6.45
CA ARG H 198 24.31 51.04 7.76
C ARG H 198 24.50 52.53 7.62
N ALA H 199 23.69 53.14 6.75
CA ALA H 199 23.83 54.56 6.52
C ALA H 199 23.49 55.37 7.77
N ALA H 200 22.98 54.73 8.82
CA ALA H 200 22.78 55.44 10.07
C ALA H 200 24.09 56.06 10.59
N ASN H 201 25.23 55.38 10.38
CA ASN H 201 26.52 55.85 10.89
C ASN H 201 27.23 56.81 9.96
N GLY H 202 26.51 57.44 9.03
CA GLY H 202 27.13 58.26 8.02
C GLY H 202 27.59 57.41 6.85
N VAL H 203 28.12 58.07 5.82
CA VAL H 203 28.86 57.38 4.77
C VAL H 203 30.11 58.17 4.43
N VAL H 204 31.04 57.47 3.77
CA VAL H 204 32.31 58.01 3.35
C VAL H 204 32.47 57.64 1.89
N PHE H 205 32.59 58.65 1.03
CA PHE H 205 32.53 58.49 -0.41
C PHE H 205 33.87 58.90 -0.99
N ILE H 206 34.52 57.97 -1.68
CA ILE H 206 35.78 58.19 -2.39
C ILE H 206 35.53 58.25 -3.88
N GLN H 207 36.15 59.24 -4.54
CA GLN H 207 36.10 59.40 -5.98
C GLN H 207 37.50 59.29 -6.58
N THR H 208 37.65 58.42 -7.57
CA THR H 208 38.94 58.21 -8.20
C THR H 208 39.08 59.16 -9.38
N LYS H 209 40.31 59.66 -9.58
CA LYS H 209 40.60 60.61 -10.64
C LYS H 209 40.08 60.13 -11.98
N LYS H 210 39.57 61.06 -12.77
CA LYS H 210 39.41 60.84 -14.19
C LYS H 210 40.10 62.01 -14.87
N GLY H 211 41.00 61.70 -15.79
CA GLY H 211 41.93 62.70 -16.27
C GLY H 211 41.23 63.85 -16.95
N LYS H 212 41.75 65.06 -16.69
CA LYS H 212 41.27 66.24 -17.38
C LYS H 212 41.45 66.08 -18.88
N MET H 213 40.49 66.61 -19.65
CA MET H 213 40.45 66.29 -21.07
C MET H 213 41.62 66.93 -21.81
N SER H 214 41.77 68.25 -21.68
CA SER H 214 42.87 68.99 -22.30
C SER H 214 43.08 68.59 -23.76
N GLU H 215 44.34 68.51 -24.19
CA GLU H 215 44.66 68.17 -25.57
C GLU H 215 46.06 67.60 -25.66
N ARG H 216 46.79 67.55 -24.55
CA ARG H 216 48.08 66.87 -24.57
C ARG H 216 48.02 65.69 -23.62
N GLY H 217 49.06 65.52 -22.83
CA GLY H 217 49.12 64.38 -21.96
C GLY H 217 50.00 64.70 -20.79
N ARG H 218 49.56 64.25 -19.63
CA ARG H 218 50.25 64.42 -18.37
C ARG H 218 50.82 63.09 -17.94
N ILE H 219 51.97 63.15 -17.27
CA ILE H 219 52.63 61.93 -16.83
C ILE H 219 53.49 62.30 -15.64
N THR H 220 53.12 61.77 -14.47
CA THR H 220 53.79 62.12 -13.24
C THR H 220 54.40 60.88 -12.62
N PHE H 221 55.42 61.12 -11.81
CA PHE H 221 56.23 60.04 -11.26
C PHE H 221 56.59 60.40 -9.82
N ASN H 222 56.27 59.52 -8.88
CA ASN H 222 56.52 59.76 -7.48
C ASN H 222 57.46 58.69 -6.94
N ALA H 223 58.22 59.05 -5.90
CA ALA H 223 59.24 58.14 -5.37
C ALA H 223 59.75 58.60 -4.01
N SER H 224 59.43 57.84 -2.97
CA SER H 224 59.77 58.24 -1.62
C SER H 224 60.34 57.07 -0.82
N TYR H 225 61.14 57.43 0.19
CA TYR H 225 61.79 56.49 1.10
C TYR H 225 61.78 57.02 2.53
N GLY H 226 61.74 56.08 3.47
CA GLY H 226 61.75 56.43 4.88
C GLY H 226 61.90 55.20 5.76
N ILE H 227 61.86 55.45 7.07
CA ILE H 227 61.98 54.42 8.10
C ILE H 227 60.94 54.68 9.17
N SER H 228 60.53 53.61 9.86
CA SER H 228 59.65 53.70 11.02
C SER H 228 60.46 53.49 12.30
N GLN H 229 60.28 54.40 13.26
CA GLN H 229 60.96 54.31 14.55
C GLN H 229 59.92 54.21 15.64
N ILE H 230 60.23 54.73 16.82
CA ILE H 230 59.39 54.53 17.99
C ILE H 230 59.36 55.84 18.79
N LEU H 231 58.16 56.24 19.20
CA LEU H 231 57.99 57.59 19.75
C LEU H 231 58.31 57.67 21.26
N ASN H 232 57.64 56.86 22.09
CA ASN H 232 57.81 56.97 23.54
C ASN H 232 58.82 55.95 24.06
N THR H 233 59.83 56.46 24.79
CA THR H 233 60.78 55.64 25.54
C THR H 233 60.60 55.79 27.03
N LYS H 234 59.82 56.79 27.45
CA LYS H 234 59.73 57.14 28.87
C LYS H 234 59.40 55.94 29.77
N PRO H 235 58.53 55.00 29.37
CA PRO H 235 58.21 53.86 30.26
C PRO H 235 59.37 53.11 30.88
N LEU H 236 60.48 52.92 30.17
CA LEU H 236 61.58 52.14 30.74
C LEU H 236 62.64 53.03 31.36
N ASP H 237 62.27 54.25 31.75
CA ASP H 237 63.24 55.15 32.34
C ASP H 237 63.38 54.96 33.83
N ASN H 238 62.52 54.16 34.45
CA ASN H 238 62.50 54.09 35.91
C ASN H 238 62.08 52.69 36.32
N MET H 239 62.79 51.69 35.82
CA MET H 239 62.58 50.32 36.22
C MET H 239 63.89 49.79 36.76
N MET H 240 63.80 48.93 37.77
CA MET H 240 64.98 48.42 38.46
C MET H 240 65.98 47.83 37.48
N THR H 241 67.26 47.92 37.83
CA THR H 241 68.32 47.50 36.93
C THR H 241 68.72 46.06 37.27
N GLY H 242 69.90 45.64 36.82
CA GLY H 242 70.33 44.26 36.97
C GLY H 242 70.18 43.75 38.39
N ASP H 243 71.11 44.13 39.26
CA ASP H 243 71.04 43.69 40.65
C ASP H 243 70.13 44.56 41.50
N GLU H 244 69.53 45.62 40.92
CA GLU H 244 68.53 46.39 41.65
C GLU H 244 67.37 45.51 42.11
N LEU H 245 66.83 44.68 41.21
CA LEU H 245 65.76 43.79 41.63
C LEU H 245 66.27 42.49 42.22
N LEU H 246 67.56 42.19 42.15
CA LEU H 246 68.05 41.03 42.90
C LEU H 246 67.82 41.19 44.40
N ASP H 247 68.30 42.29 45.01
CA ASP H 247 68.01 42.52 46.42
C ASP H 247 66.52 42.63 46.68
N PHE H 248 65.77 43.21 45.72
CA PHE H 248 64.32 43.29 45.88
C PHE H 248 63.70 41.91 46.06
N GLN H 249 64.14 40.94 45.24
CA GLN H 249 63.63 39.57 45.36
C GLN H 249 64.07 38.93 46.67
N VAL H 250 65.37 39.03 46.99
CA VAL H 250 65.90 38.36 48.16
C VAL H 250 65.30 38.95 49.42
N LYS H 251 65.20 40.29 49.50
CA LYS H 251 64.62 40.93 50.68
C LYS H 251 63.17 40.51 50.89
N ALA H 252 62.40 40.31 49.80
CA ALA H 252 61.02 39.85 49.88
C ALA H 252 60.87 38.34 49.85
N GLY H 253 61.97 37.60 50.06
CA GLY H 253 61.98 36.15 50.21
C GLY H 253 61.40 35.34 49.08
N PHE H 254 61.37 35.89 47.87
CA PHE H 254 60.88 35.14 46.72
C PHE H 254 61.72 33.89 46.51
N TRP H 255 63.03 34.01 46.71
CA TRP H 255 63.92 32.86 46.78
C TRP H 255 64.03 32.57 48.26
N GLY H 256 63.36 31.51 48.73
CA GLY H 256 63.35 30.99 50.10
C GLY H 256 63.82 31.87 51.24
N ASN H 257 62.98 32.11 52.26
CA ASN H 257 63.42 32.85 53.45
C ASN H 257 64.77 32.32 53.95
N ASN H 258 65.67 33.26 54.28
CA ASN H 258 67.07 33.05 54.63
C ASN H 258 67.87 32.72 53.35
N GLN H 259 68.64 33.69 52.87
CA GLN H 259 69.44 33.53 51.67
C GLN H 259 70.33 34.76 51.50
N THR H 260 71.47 34.59 50.83
CA THR H 260 72.36 35.70 50.56
C THR H 260 72.31 36.03 49.08
N VAL H 261 72.40 37.32 48.76
CA VAL H 261 72.31 37.78 47.38
C VAL H 261 73.23 36.97 46.46
N GLN H 262 74.40 36.54 46.96
CA GLN H 262 75.24 35.78 46.04
C GLN H 262 74.75 34.33 45.90
N LYS H 263 74.33 33.69 46.99
CA LYS H 263 73.76 32.35 46.87
C LYS H 263 72.72 32.29 45.74
N VAL H 264 71.89 33.33 45.63
CA VAL H 264 70.75 33.38 44.72
C VAL H 264 71.29 33.49 43.31
N LYS H 265 72.56 33.64 43.17
CA LYS H 265 73.13 33.72 41.83
C LYS H 265 74.32 32.83 41.72
N ASP H 266 75.17 32.79 42.76
CA ASP H 266 76.48 32.14 42.75
C ASP H 266 76.43 30.84 41.98
N MET H 267 75.42 30.03 42.24
CA MET H 267 75.18 28.87 41.41
C MET H 267 73.70 28.62 41.17
N ILE H 268 72.77 29.28 41.88
CA ILE H 268 71.37 28.90 41.72
C ILE H 268 70.97 28.98 40.26
N LEU H 269 71.18 30.14 39.63
CA LEU H 269 70.85 30.26 38.22
C LEU H 269 72.01 30.54 37.31
N ALA H 270 73.05 31.23 37.78
CA ALA H 270 74.27 31.23 36.99
C ALA H 270 74.79 29.80 36.80
N GLY H 271 74.37 28.88 37.67
CA GLY H 271 74.68 27.47 37.54
C GLY H 271 73.59 26.66 36.89
N ALA H 272 72.71 27.30 36.13
CA ALA H 272 71.87 26.59 35.16
C ALA H 272 72.41 26.77 33.74
N GLU H 273 73.75 26.81 33.67
CA GLU H 273 74.48 26.37 32.50
C GLU H 273 74.30 24.89 32.27
N ASP H 274 73.83 24.14 33.28
CA ASP H 274 73.51 22.75 33.07
C ASP H 274 72.47 22.58 31.98
N LEU H 275 71.62 23.59 31.78
CA LEU H 275 70.71 23.52 30.66
C LEU H 275 71.49 23.65 29.35
N TYR H 276 72.28 24.71 29.24
CA TYR H 276 72.99 24.98 28.00
C TYR H 276 73.91 23.85 27.60
N GLY H 277 74.38 23.05 28.55
CA GLY H 277 75.30 21.99 28.21
C GLY H 277 74.71 20.72 27.68
N ASN H 278 73.38 20.60 27.54
CA ASN H 278 72.83 19.40 26.94
C ASN H 278 72.50 19.59 25.48
N TYR H 279 72.60 20.81 24.99
CA TYR H 279 72.29 21.12 23.62
C TYR H 279 73.61 21.31 22.89
N ASP H 280 73.83 20.49 21.86
CA ASP H 280 75.10 20.48 21.15
C ASP H 280 75.39 21.83 20.50
N SER H 281 74.35 22.57 20.15
CA SER H 281 74.56 23.86 19.51
C SER H 281 75.42 24.74 20.39
N LEU H 282 74.98 24.92 21.61
CA LEU H 282 75.50 25.85 22.59
C LEU H 282 76.31 25.24 23.74
N LYS H 283 76.62 23.93 23.68
CA LYS H 283 77.27 23.26 24.82
C LYS H 283 78.64 23.85 25.12
N ASP H 284 79.42 24.14 24.08
CA ASP H 284 80.76 24.68 24.29
C ASP H 284 80.83 26.06 23.69
N GLU H 285 79.74 26.81 23.84
CA GLU H 285 79.78 28.22 23.53
C GLU H 285 79.22 29.05 24.67
N TYR H 286 78.91 28.42 25.79
CA TYR H 286 78.54 29.13 27.00
C TYR H 286 79.85 29.48 27.69
N GLY H 287 80.00 30.75 28.05
CA GLY H 287 81.23 31.25 28.57
C GLY H 287 82.18 31.68 27.46
N LYS H 288 82.03 31.11 26.27
CA LYS H 288 82.82 31.53 25.12
C LYS H 288 82.20 32.77 24.49
N THR H 289 81.28 32.56 23.55
CA THR H 289 80.70 33.62 22.74
C THR H 289 79.34 34.07 23.22
N LEU H 290 78.84 33.47 24.29
CA LEU H 290 77.42 33.55 24.52
C LEU H 290 77.22 33.42 26.03
N PHE H 291 76.96 34.56 26.71
CA PHE H 291 76.61 34.55 28.13
C PHE H 291 75.14 34.93 28.28
N PRO H 292 74.35 34.10 28.92
CA PRO H 292 72.90 34.37 28.96
C PRO H 292 72.42 34.87 30.31
N VAL H 293 73.32 34.89 31.30
CA VAL H 293 73.06 35.50 32.60
C VAL H 293 74.25 36.37 32.91
N ASP H 294 74.01 37.56 33.42
CA ASP H 294 75.12 38.45 33.74
C ASP H 294 74.62 39.56 34.64
N PHE H 295 75.04 39.50 35.91
CA PHE H 295 74.57 40.43 36.91
C PHE H 295 75.37 41.71 36.88
N ASN H 296 76.23 41.85 35.86
CA ASN H 296 77.04 43.04 35.65
C ASN H 296 76.42 43.83 34.51
N HIS H 297 76.93 43.68 33.28
CA HIS H 297 76.35 44.39 32.15
C HIS H 297 74.94 43.91 31.87
N ASP H 298 73.92 44.51 32.49
CA ASP H 298 72.57 44.05 32.21
C ASP H 298 72.15 44.49 30.81
N ALA H 299 71.31 43.69 30.17
CA ALA H 299 71.12 43.85 28.74
C ALA H 299 69.94 44.79 28.44
N ASP H 300 69.87 45.19 27.18
CA ASP H 300 68.92 46.18 26.68
C ASP H 300 67.79 45.41 26.01
N TRP H 301 66.69 45.22 26.74
CA TRP H 301 65.61 44.40 26.19
C TRP H 301 64.77 45.13 25.15
N LEU H 302 64.85 46.45 25.11
CA LEU H 302 64.07 47.19 24.12
C LEU H 302 64.61 46.93 22.72
N LYS H 303 65.94 47.06 22.57
CA LYS H 303 66.60 46.76 21.29
C LYS H 303 66.44 45.30 20.89
N ALA H 304 66.22 44.42 21.86
CA ALA H 304 65.99 43.02 21.55
C ALA H 304 64.67 42.77 20.85
N LEU H 305 63.66 43.64 21.02
CA LEU H 305 62.30 43.40 20.54
C LEU H 305 61.76 44.45 19.57
N PHE H 306 62.52 45.52 19.30
CA PHE H 306 62.08 46.57 18.38
C PHE H 306 63.27 47.04 17.57
N LYS H 307 63.02 47.33 16.29
CA LYS H 307 64.05 47.67 15.31
C LYS H 307 63.54 48.84 14.51
N THR H 308 64.46 49.55 13.87
CA THR H 308 64.03 50.56 12.92
C THR H 308 63.77 49.87 11.59
N ALA H 309 62.55 49.99 11.04
CA ALA H 309 62.12 49.18 9.91
C ALA H 309 61.76 50.06 8.73
N PRO H 310 62.27 49.75 7.53
CA PRO H 310 62.19 50.69 6.40
C PRO H 310 60.85 50.60 5.68
N THR H 311 60.45 51.74 5.08
CA THR H 311 59.22 51.87 4.30
C THR H 311 59.49 52.59 2.98
N SER H 312 58.91 52.09 1.88
CA SER H 312 59.23 52.55 0.53
C SER H 312 57.99 52.54 -0.36
N GLN H 313 57.81 53.58 -1.18
CA GLN H 313 56.70 53.57 -2.12
C GLN H 313 56.99 54.44 -3.33
N GLY H 314 56.26 54.16 -4.41
CA GLY H 314 56.44 54.83 -5.69
C GLY H 314 55.30 54.57 -6.65
N ASP H 315 55.11 55.52 -7.57
CA ASP H 315 53.89 55.69 -8.34
C ASP H 315 54.26 56.19 -9.72
N ILE H 316 53.56 55.71 -10.74
CA ILE H 316 53.63 56.25 -12.09
C ILE H 316 52.21 56.36 -12.59
N SER H 317 51.85 57.49 -13.18
CA SER H 317 50.46 57.69 -13.56
C SER H 317 50.35 58.58 -14.78
N PHE H 318 49.42 58.22 -15.66
CA PHE H 318 49.16 58.91 -16.92
C PHE H 318 47.72 59.38 -16.97
N SER H 319 47.53 60.60 -17.45
CA SER H 319 46.22 61.20 -17.55
C SER H 319 46.13 61.93 -18.87
N GLY H 320 44.92 62.28 -19.26
CA GLY H 320 44.72 62.87 -20.55
C GLY H 320 43.40 62.43 -21.16
N GLY H 321 43.07 63.06 -22.27
CA GLY H 321 41.79 62.83 -22.91
C GLY H 321 41.71 63.65 -24.18
N SER H 322 40.53 63.58 -24.80
CA SER H 322 40.42 64.12 -26.14
C SER H 322 39.04 64.66 -26.42
N GLN H 323 38.26 63.98 -27.25
CA GLN H 323 36.97 64.56 -27.63
C GLN H 323 35.90 64.27 -26.59
N GLY H 324 35.24 63.13 -26.73
CA GLY H 324 34.20 62.79 -25.79
C GLY H 324 34.70 61.67 -24.91
N THR H 325 36.00 61.71 -24.61
CA THR H 325 36.75 60.62 -23.98
C THR H 325 37.80 61.12 -22.99
N SER H 326 37.87 60.45 -21.83
CA SER H 326 38.79 60.76 -20.75
C SER H 326 39.41 59.47 -20.24
N TYR H 327 40.66 59.55 -19.77
CA TYR H 327 41.28 58.36 -19.20
C TYR H 327 42.26 58.74 -18.08
N TYR H 328 42.27 57.91 -17.03
CA TYR H 328 43.28 57.89 -15.98
C TYR H 328 43.91 56.50 -15.90
N ALA H 329 45.18 56.46 -15.47
CA ALA H 329 45.92 55.21 -15.39
C ALA H 329 47.10 55.36 -14.43
N SER H 330 47.35 54.32 -13.62
CA SER H 330 48.45 54.34 -12.68
C SER H 330 48.98 52.92 -12.46
N ILE H 331 50.26 52.85 -12.10
CA ILE H 331 50.88 51.65 -11.53
C ILE H 331 51.81 52.10 -10.40
N GLY H 332 51.88 51.30 -9.35
CA GLY H 332 52.66 51.70 -8.20
C GLY H 332 52.86 50.55 -7.24
N TYR H 333 53.83 50.73 -6.36
CA TYR H 333 54.15 49.74 -5.33
C TYR H 333 54.24 50.40 -3.96
N PHE H 334 54.06 49.56 -2.95
CA PHE H 334 54.11 49.99 -1.58
C PHE H 334 54.65 48.82 -0.77
N ASP H 335 55.53 49.10 0.18
CA ASP H 335 56.15 48.05 1.00
C ASP H 335 56.58 48.67 2.34
N GLN H 336 55.75 48.49 3.37
CA GLN H 336 56.01 49.00 4.71
C GLN H 336 56.29 47.82 5.64
N GLU H 337 57.24 47.99 6.55
CA GLU H 337 57.65 46.96 7.49
C GLU H 337 57.41 47.39 8.94
N GLY H 338 56.83 46.49 9.73
CA GLY H 338 56.48 46.82 11.10
C GLY H 338 57.69 46.94 12.01
N MET H 339 57.63 47.93 12.91
CA MET H 339 58.78 48.18 13.77
C MET H 339 58.94 47.12 14.84
N ALA H 340 57.96 46.25 15.04
CA ALA H 340 58.15 45.17 15.97
C ALA H 340 59.10 44.14 15.36
N ARG H 341 60.06 43.66 16.18
CA ARG H 341 60.98 42.62 15.73
C ARG H 341 60.27 41.32 15.50
N GLU H 342 59.22 41.06 16.26
CA GLU H 342 58.26 40.05 15.87
C GLU H 342 57.62 40.50 14.55
N PRO H 343 57.63 39.64 13.53
CA PRO H 343 57.44 40.11 12.14
C PRO H 343 56.06 40.68 11.83
N ALA H 344 56.02 41.81 11.10
CA ALA H 344 54.75 42.38 10.67
C ALA H 344 54.99 43.31 9.49
N ASN H 345 54.19 43.17 8.44
CA ASN H 345 54.37 44.00 7.23
C ASN H 345 53.17 43.88 6.30
N PHE H 346 53.13 44.80 5.32
CA PHE H 346 52.10 44.94 4.31
C PHE H 346 52.74 45.53 3.06
N LYS H 347 52.58 44.84 1.92
CA LYS H 347 53.16 45.28 0.64
C LYS H 347 52.21 44.94 -0.50
N ARG H 348 52.01 45.92 -1.41
CA ARG H 348 51.06 45.81 -2.51
C ARG H 348 51.68 46.30 -3.81
N TYR H 349 51.15 45.76 -4.91
CA TYR H 349 51.49 46.19 -6.24
C TYR H 349 50.19 46.60 -6.91
N SER H 350 50.06 47.89 -7.25
CA SER H 350 48.79 48.52 -7.59
C SER H 350 48.71 48.95 -9.06
N GLY H 351 47.58 48.65 -9.70
CA GLY H 351 47.29 49.14 -11.03
C GLY H 351 45.88 49.66 -11.10
N ARG H 352 45.66 50.63 -12.00
CA ARG H 352 44.34 51.25 -12.17
C ARG H 352 44.24 51.89 -13.56
N LEU H 353 43.11 51.66 -14.23
CA LEU H 353 42.77 52.31 -15.51
C LEU H 353 41.34 52.81 -15.45
N ASN H 354 41.18 54.13 -15.42
CA ASN H 354 39.91 54.82 -15.31
C ASN H 354 39.57 55.43 -16.67
N PHE H 355 38.30 55.37 -17.08
CA PHE H 355 37.96 55.67 -18.46
C PHE H 355 36.49 56.04 -18.60
N GLU H 356 36.22 57.04 -19.43
CA GLU H 356 34.83 57.43 -19.66
C GLU H 356 34.74 58.11 -21.02
N SER H 357 33.64 57.84 -21.75
CA SER H 357 33.52 58.30 -23.12
C SER H 357 32.08 58.55 -23.53
N ARG H 358 31.86 59.66 -24.25
CA ARG H 358 30.56 60.00 -24.82
C ARG H 358 30.40 59.40 -26.21
N ILE H 359 29.55 58.38 -26.33
CA ILE H 359 29.32 57.73 -27.63
C ILE H 359 28.58 58.67 -28.57
N ASN H 360 27.40 59.13 -28.17
CA ASN H 360 26.67 60.19 -28.88
C ASN H 360 25.96 61.05 -27.86
N GLU H 361 24.91 61.73 -28.33
CA GLU H 361 24.10 62.63 -27.54
C GLU H 361 22.85 61.95 -27.01
N TRP H 362 22.94 60.66 -26.75
CA TRP H 362 21.80 59.85 -26.33
C TRP H 362 22.36 58.67 -25.57
N LEU H 363 23.67 58.48 -25.68
CA LEU H 363 24.28 57.35 -25.02
C LEU H 363 25.69 57.74 -24.63
N LYS H 364 26.13 57.24 -23.48
CA LYS H 364 27.43 57.59 -22.92
C LYS H 364 27.79 56.58 -21.84
N VAL H 365 29.02 56.07 -21.90
CA VAL H 365 29.42 54.93 -21.10
C VAL H 365 30.76 55.20 -20.44
N GLY H 366 31.04 54.41 -19.41
CA GLY H 366 32.27 54.56 -18.67
C GLY H 366 32.56 53.30 -17.88
N ALA H 367 33.75 53.29 -17.29
CA ALA H 367 34.24 52.13 -16.58
C ALA H 367 35.56 52.51 -15.93
N ASN H 368 35.76 52.10 -14.69
CA ASN H 368 37.06 52.26 -14.05
C ASN H 368 37.45 50.99 -13.31
N LEU H 369 38.64 50.49 -13.69
CA LEU H 369 39.12 49.16 -13.37
C LEU H 369 40.36 49.27 -12.48
N SER H 370 40.36 48.55 -11.36
CA SER H 370 41.48 48.54 -10.43
C SER H 370 41.81 47.12 -10.00
N GLY H 371 42.96 46.98 -9.34
CA GLY H 371 43.43 45.66 -8.96
C GLY H 371 44.83 45.68 -8.38
N ALA H 372 45.16 44.69 -7.57
CA ALA H 372 46.47 44.69 -6.95
C ALA H 372 46.84 43.30 -6.49
N ILE H 373 48.10 43.19 -6.05
CA ILE H 373 48.63 41.97 -5.46
C ILE H 373 49.37 42.34 -4.19
N ALA H 374 48.87 41.83 -3.05
CA ALA H 374 49.35 42.23 -1.74
C ALA H 374 49.60 41.04 -0.83
N ASN H 375 50.72 41.14 -0.08
CA ASN H 375 51.15 40.20 0.94
C ASN H 375 51.03 40.90 2.29
N ARG H 376 50.04 40.52 3.10
CA ARG H 376 49.89 41.06 4.44
C ARG H 376 50.27 40.03 5.52
N ARG H 377 51.17 40.42 6.43
CA ARG H 377 51.52 39.59 7.60
C ARG H 377 51.39 40.40 8.88
N SER H 378 50.63 39.86 9.85
CA SER H 378 50.21 40.59 11.05
C SER H 378 50.81 39.91 12.28
N ALA H 379 51.55 40.69 13.06
CA ALA H 379 52.10 40.23 14.34
C ALA H 379 51.01 40.12 15.38
N ASP H 380 50.86 38.95 15.97
CA ASP H 380 49.66 38.72 16.76
C ASP H 380 49.95 38.10 18.13
N TYR H 381 51.14 38.32 18.67
CA TYR H 381 51.32 38.13 20.11
C TYR H 381 51.10 39.42 20.89
N PHE H 382 50.57 40.46 20.25
CA PHE H 382 50.34 41.71 20.94
C PHE H 382 48.95 41.72 21.55
N GLY H 383 48.79 42.50 22.61
CA GLY H 383 47.54 42.50 23.32
C GLY H 383 47.37 41.36 24.28
N LYS H 384 48.42 40.59 24.52
CA LYS H 384 48.33 39.42 25.39
C LYS H 384 49.58 39.43 26.26
N TYR H 385 49.48 38.81 27.44
CA TYR H 385 50.58 38.86 28.42
C TYR H 385 51.37 37.56 28.36
N TYR H 386 52.56 37.64 27.77
CA TYR H 386 53.43 36.50 27.60
C TYR H 386 54.83 36.86 28.04
N MET H 387 55.51 35.89 28.65
CA MET H 387 56.72 36.14 29.44
C MET H 387 57.73 37.07 28.77
N GLY H 388 57.94 36.93 27.47
CA GLY H 388 58.99 37.74 26.91
C GLY H 388 58.71 38.41 25.59
N SER H 389 57.53 38.94 25.39
CA SER H 389 57.22 39.48 24.08
C SER H 389 56.36 40.71 24.21
N GLY H 390 56.50 41.61 23.23
CA GLY H 390 55.76 42.85 23.19
C GLY H 390 56.39 43.93 24.04
N THR H 391 55.76 45.11 24.03
CA THR H 391 56.19 46.15 24.95
C THR H 391 56.12 45.68 26.40
N PHE H 392 55.08 44.91 26.74
CA PHE H 392 55.05 44.27 28.05
C PHE H 392 56.35 43.53 28.32
N GLY H 393 56.96 42.96 27.30
CA GLY H 393 58.20 42.26 27.52
C GLY H 393 59.36 43.19 27.80
N VAL H 394 59.44 44.31 27.07
CA VAL H 394 60.62 45.15 27.24
C VAL H 394 60.69 45.71 28.67
N LEU H 395 59.55 45.79 29.37
CA LEU H 395 59.53 46.34 30.71
C LEU H 395 59.70 45.27 31.78
N THR H 396 59.00 44.15 31.64
CA THR H 396 58.97 43.16 32.71
C THR H 396 60.20 42.25 32.75
N MET H 397 60.86 42.01 31.62
CA MET H 397 61.99 41.08 31.61
C MET H 397 63.12 41.55 32.53
N PRO H 398 63.61 40.70 33.43
CA PRO H 398 64.74 41.10 34.27
C PRO H 398 65.91 41.49 33.40
N ARG H 399 66.71 42.43 33.90
CA ARG H 399 67.84 42.91 33.12
C ARG H 399 69.07 42.02 33.23
N TYR H 400 69.08 41.05 34.15
CA TYR H 400 70.22 40.15 34.23
C TYR H 400 70.11 38.92 33.32
N TYR H 401 69.11 38.87 32.44
CA TYR H 401 69.04 37.84 31.42
C TYR H 401 69.41 38.49 30.08
N ASN H 402 70.37 37.89 29.37
CA ASN H 402 70.98 38.54 28.21
C ASN H 402 70.63 37.77 26.94
N PRO H 403 69.85 38.33 26.04
CA PRO H 403 69.54 37.61 24.80
C PRO H 403 70.59 37.88 23.74
N PHE H 404 71.79 38.26 24.13
CA PHE H 404 72.80 38.65 23.18
C PHE H 404 74.07 37.81 23.32
N ASP H 405 74.73 37.63 22.19
CA ASP H 405 76.06 37.05 22.13
C ASP H 405 77.10 38.09 22.55
N VAL H 406 78.35 37.66 22.63
CA VAL H 406 79.42 38.55 23.06
C VAL H 406 79.69 39.69 22.08
N ASN H 407 79.15 39.64 20.86
CA ASN H 407 79.36 40.70 19.88
C ASN H 407 78.22 41.72 19.82
N GLY H 408 77.27 41.68 20.76
CA GLY H 408 76.15 42.61 20.69
C GLY H 408 75.14 42.34 19.59
N ASP H 409 75.12 41.13 19.04
CA ASP H 409 74.13 40.72 18.05
C ASP H 409 73.13 39.81 18.75
N LEU H 410 71.91 39.73 18.21
CA LEU H 410 70.89 38.91 18.84
C LEU H 410 71.22 37.42 18.74
N ALA H 411 71.19 36.75 19.89
CA ALA H 411 71.48 35.33 19.94
C ALA H 411 70.29 34.53 19.41
N ASP H 412 70.49 33.23 19.24
CA ASP H 412 69.39 32.36 18.84
C ASP H 412 68.47 31.99 20.00
N VAL H 413 68.89 32.17 21.25
CA VAL H 413 68.11 31.63 22.36
C VAL H 413 68.57 32.31 23.64
N TYR H 414 67.60 32.62 24.53
CA TYR H 414 67.86 33.15 25.87
C TYR H 414 67.35 32.17 26.93
N TYR H 415 67.56 32.53 28.21
CA TYR H 415 67.25 31.61 29.30
C TYR H 415 66.59 32.38 30.44
N MET H 416 65.56 31.79 31.02
CA MET H 416 64.91 32.23 32.26
C MET H 416 65.44 31.39 33.42
N TYR H 417 64.62 30.86 34.32
CA TYR H 417 65.20 30.02 35.36
C TYR H 417 64.28 28.89 35.72
N GLY H 418 64.83 27.69 35.81
CA GLY H 418 64.04 26.52 36.03
C GLY H 418 63.41 26.01 34.76
N ALA H 419 63.84 26.54 33.62
CA ALA H 419 63.26 26.21 32.33
C ALA H 419 63.79 24.87 31.85
N THR H 420 63.04 24.22 30.97
CA THR H 420 63.50 22.96 30.41
C THR H 420 64.28 23.17 29.11
N ARG H 421 63.66 23.75 28.17
CA ARG H 421 64.08 24.12 26.84
C ARG H 421 64.47 25.58 26.84
N PRO H 422 65.58 25.99 26.26
CA PRO H 422 65.87 27.42 26.16
C PRO H 422 64.77 28.11 25.36
N SER H 423 64.45 29.33 25.73
CA SER H 423 63.42 30.05 25.00
C SER H 423 64.05 30.74 23.77
N MET H 424 63.42 30.62 22.59
CA MET H 424 63.99 31.17 21.34
C MET H 424 63.73 32.66 21.14
N THR H 425 64.73 33.36 20.60
CA THR H 425 64.58 34.78 20.37
C THR H 425 63.62 35.02 19.22
N GLU H 426 63.07 36.22 19.14
CA GLU H 426 61.99 36.42 18.17
C GLU H 426 62.44 36.37 16.72
N PRO H 427 63.71 36.69 16.35
CA PRO H 427 64.12 36.51 14.95
C PRO H 427 64.35 35.06 14.59
N TYR H 428 64.95 34.30 15.49
CA TYR H 428 65.11 32.87 15.24
C TYR H 428 63.77 32.13 15.26
N PHE H 429 62.83 32.55 16.11
CA PHE H 429 61.45 32.04 16.09
C PHE H 429 60.78 32.23 14.72
N ALA H 430 60.94 33.41 14.10
CA ALA H 430 60.28 33.64 12.83
C ALA H 430 60.79 32.71 11.74
N LYS H 431 62.09 32.45 11.74
CA LYS H 431 62.70 31.63 10.70
C LYS H 431 62.51 30.14 10.95
N MET H 432 62.08 29.74 12.14
CA MET H 432 61.59 28.40 12.42
C MET H 432 60.10 28.26 12.15
N ARG H 433 59.50 29.26 11.49
CA ARG H 433 58.05 29.44 11.51
C ARG H 433 57.60 30.36 10.37
N PRO H 434 57.65 29.90 9.13
CA PRO H 434 57.42 30.81 8.01
C PRO H 434 55.93 31.05 7.79
N PHE H 435 55.68 32.10 7.00
CA PHE H 435 54.33 32.53 6.69
C PHE H 435 54.32 33.35 5.41
N SER H 436 53.33 33.09 4.56
CA SER H 436 53.08 33.98 3.45
C SER H 436 51.61 33.91 3.05
N SER H 437 51.02 35.07 2.74
CA SER H 437 49.77 35.10 2.01
C SER H 437 50.00 35.90 0.73
N GLU H 438 49.14 35.62 -0.25
CA GLU H 438 49.05 36.35 -1.52
C GLU H 438 47.59 36.53 -1.85
N SER H 439 47.18 37.79 -1.94
CA SER H 439 45.82 38.18 -2.26
C SER H 439 45.77 38.70 -3.70
N HIS H 440 44.79 38.23 -4.45
CA HIS H 440 44.62 38.57 -5.86
C HIS H 440 43.32 39.37 -6.03
N GLN H 441 43.42 40.70 -5.83
CA GLN H 441 42.27 41.59 -5.74
C GLN H 441 41.92 42.26 -7.07
N ALA H 442 40.64 42.24 -7.42
CA ALA H 442 40.12 42.84 -8.64
C ALA H 442 38.85 43.63 -8.37
N ASN H 443 38.70 44.77 -9.06
CA ASN H 443 37.55 45.65 -8.89
C ASN H 443 37.14 46.16 -10.26
N VAL H 444 35.97 45.75 -10.75
CA VAL H 444 35.47 46.19 -12.05
C VAL H 444 34.22 47.00 -11.84
N ASN H 445 34.07 48.04 -12.64
CA ASN H 445 32.98 48.98 -12.44
C ASN H 445 32.62 49.54 -13.79
N GLY H 446 31.35 49.51 -14.13
CA GLY H 446 30.88 50.08 -15.38
C GLY H 446 29.53 50.73 -15.22
N PHE H 447 29.26 51.70 -16.09
CA PHE H 447 27.95 52.33 -16.10
C PHE H 447 27.59 52.72 -17.52
N ALA H 448 26.32 53.03 -17.71
CA ALA H 448 25.79 53.43 -19.01
C ALA H 448 24.70 54.45 -18.77
N GLN H 449 24.88 55.65 -19.33
CA GLN H 449 23.90 56.72 -19.28
C GLN H 449 23.16 56.88 -20.60
N ILE H 450 21.84 57.05 -20.52
CA ILE H 450 20.98 57.16 -21.68
C ILE H 450 20.09 58.35 -21.43
N THR H 451 20.09 59.33 -22.34
CA THR H 451 19.24 60.53 -22.18
C THR H 451 18.26 60.56 -23.35
N PRO H 452 17.13 59.80 -23.30
CA PRO H 452 16.15 59.86 -24.40
C PRO H 452 15.60 61.24 -24.69
N ILE H 453 14.84 61.81 -23.75
CA ILE H 453 14.02 62.99 -24.02
C ILE H 453 14.31 64.09 -22.98
N LYS H 454 15.23 65.00 -23.32
CA LYS H 454 15.53 66.24 -22.57
C LYS H 454 16.08 66.00 -21.16
N GLY H 455 15.21 66.14 -20.17
CA GLY H 455 15.61 66.17 -18.78
C GLY H 455 16.03 64.85 -18.14
N LEU H 456 15.30 63.77 -18.44
CA LEU H 456 15.55 62.55 -17.69
C LEU H 456 16.89 61.93 -18.10
N THR H 457 17.52 61.29 -17.12
CA THR H 457 18.84 60.68 -17.27
C THR H 457 18.68 59.26 -16.71
N LEU H 458 18.44 58.32 -17.60
CA LEU H 458 18.38 56.92 -17.23
C LEU H 458 19.80 56.35 -17.13
N LYS H 459 20.05 55.53 -16.11
CA LYS H 459 21.40 55.07 -15.84
C LYS H 459 21.35 53.71 -15.17
N ALA H 460 21.93 52.70 -15.81
CA ALA H 460 22.13 51.38 -15.21
C ALA H 460 23.56 51.20 -14.76
N GLN H 461 23.76 50.64 -13.56
CA GLN H 461 25.12 50.45 -13.06
C GLN H 461 25.32 49.10 -12.38
N ALA H 462 26.51 48.53 -12.65
CA ALA H 462 26.91 47.27 -12.04
C ALA H 462 28.42 47.24 -11.85
N GLY H 463 28.87 46.36 -10.94
CA GLY H 463 30.28 46.16 -10.68
C GLY H 463 30.46 44.89 -9.88
N VAL H 464 31.71 44.43 -9.81
CA VAL H 464 32.02 43.16 -9.17
C VAL H 464 33.34 43.32 -8.42
N ASP H 465 33.45 42.65 -7.26
CA ASP H 465 34.62 42.74 -6.38
C ASP H 465 35.05 41.33 -5.97
N ILE H 466 36.19 40.88 -6.52
CA ILE H 466 36.76 39.56 -6.28
C ILE H 466 38.04 39.71 -5.49
N THR H 467 38.23 38.83 -4.50
CA THR H 467 39.48 38.83 -3.74
C THR H 467 39.79 37.38 -3.33
N ASN H 468 40.67 36.72 -4.11
CA ASN H 468 41.18 35.38 -3.81
C ASN H 468 42.53 35.48 -3.09
N THR H 469 42.57 34.96 -1.88
CA THR H 469 43.79 34.89 -1.09
C THR H 469 44.10 33.45 -0.78
N ARG H 470 45.37 33.23 -0.47
CA ARG H 470 45.96 31.92 -0.39
C ARG H 470 47.14 32.06 0.56
N THR H 471 47.26 31.17 1.55
CA THR H 471 48.19 31.46 2.63
C THR H 471 48.76 30.19 3.26
N SER H 472 50.10 30.15 3.40
CA SER H 472 50.86 28.96 3.78
C SER H 472 51.77 29.23 4.97
N SER H 473 51.92 28.21 5.83
CA SER H 473 52.57 28.34 7.12
C SER H 473 53.19 27.01 7.56
N LYS H 474 54.40 27.06 8.14
CA LYS H 474 55.16 25.86 8.45
C LYS H 474 55.72 25.87 9.86
N ARG H 475 55.87 24.66 10.43
CA ARG H 475 56.69 24.40 11.61
C ARG H 475 57.91 23.59 11.17
N MET H 476 59.09 24.19 11.26
CA MET H 476 60.22 23.56 10.58
C MET H 476 60.71 22.35 11.37
N PRO H 477 61.04 21.26 10.70
CA PRO H 477 61.49 20.05 11.41
C PRO H 477 62.95 20.13 11.86
N ASN H 478 63.23 19.46 12.99
CA ASN H 478 64.59 19.23 13.47
C ASN H 478 65.16 20.43 14.18
N ASN H 479 64.25 21.33 14.92
CA ASN H 479 65.28 22.16 15.55
C ASN H 479 65.48 21.73 17.00
N PRO H 480 66.71 21.90 17.52
CA PRO H 480 67.05 21.29 18.82
C PRO H 480 66.31 21.91 19.98
N TYR H 481 65.73 23.09 19.80
CA TYR H 481 65.06 23.80 20.87
C TYR H 481 63.54 23.75 20.76
N ASP H 482 62.97 22.66 20.23
CA ASP H 482 61.53 22.49 20.00
C ASP H 482 61.00 21.29 20.81
N SER H 483 59.69 21.06 20.71
CA SER H 483 59.09 19.97 21.49
C SER H 483 59.37 18.62 20.85
N THR H 484 59.15 18.51 19.54
CA THR H 484 59.50 17.32 18.78
C THR H 484 60.37 17.78 17.63
N PRO H 485 60.96 16.84 16.89
CA PRO H 485 61.72 17.24 15.71
C PRO H 485 60.97 17.02 14.42
N LEU H 486 59.66 16.73 14.47
CA LEU H 486 58.85 16.51 13.29
C LEU H 486 58.14 17.81 12.93
N GLY H 487 58.23 18.19 11.65
CA GLY H 487 57.65 19.44 11.19
C GLY H 487 56.17 19.34 10.89
N GLU H 488 55.62 20.44 10.36
CA GLU H 488 54.24 20.38 9.90
C GLU H 488 53.90 21.60 9.02
N ARG H 489 52.81 21.46 8.26
CA ARG H 489 52.42 22.46 7.28
C ARG H 489 50.89 22.65 7.23
N ARG H 490 50.49 23.90 6.98
CA ARG H 490 49.09 24.36 6.90
C ARG H 490 48.89 25.21 5.66
N GLU H 491 47.91 24.85 4.83
CA GLU H 491 47.60 25.57 3.60
C GLU H 491 46.14 25.99 3.59
N ARG H 492 45.90 27.29 3.40
CA ARG H 492 44.54 27.83 3.35
C ARG H 492 44.27 28.54 2.03
N ALA H 493 42.97 28.61 1.69
CA ALA H 493 42.49 29.16 0.42
C ALA H 493 41.18 29.89 0.68
N TYR H 494 41.23 31.21 0.76
CA TYR H 494 40.02 32.00 0.90
C TYR H 494 39.55 32.54 -0.44
N ARG H 495 38.25 32.80 -0.51
CA ARG H 495 37.62 33.41 -1.69
C ARG H 495 36.48 34.32 -1.23
N ASP H 496 36.46 35.56 -1.76
CA ASP H 496 35.41 36.52 -1.47
C ASP H 496 34.95 37.17 -2.78
N VAL H 497 33.63 37.19 -3.00
CA VAL H 497 33.04 37.69 -4.25
C VAL H 497 31.76 38.46 -3.96
N SER H 498 31.83 39.78 -3.88
CA SER H 498 30.64 40.60 -3.66
C SER H 498 30.36 41.47 -4.87
N LYS H 499 29.12 41.49 -5.34
CA LYS H 499 28.74 42.26 -6.52
C LYS H 499 27.51 43.14 -6.27
N SER H 500 27.49 44.34 -6.89
CA SER H 500 26.40 45.31 -6.68
C SER H 500 25.80 45.77 -8.01
N PHE H 501 24.50 46.04 -8.00
CA PHE H 501 23.81 46.73 -9.08
C PHE H 501 23.16 47.97 -8.49
N THR H 502 23.18 49.08 -9.22
CA THR H 502 22.46 50.25 -8.70
C THR H 502 22.04 51.15 -9.86
N ASN H 503 20.83 50.91 -10.38
CA ASN H 503 20.38 51.67 -11.54
C ASN H 503 19.17 52.54 -11.23
N THR H 504 19.30 53.81 -11.56
CA THR H 504 18.39 54.89 -11.27
C THR H 504 17.63 55.33 -12.54
N ALA H 505 16.84 56.38 -12.38
CA ALA H 505 16.18 57.08 -13.50
C ALA H 505 15.78 58.45 -12.97
N GLU H 506 16.49 59.51 -13.34
CA GLU H 506 16.29 60.83 -12.75
C GLU H 506 15.70 61.80 -13.77
N TYR H 507 14.55 62.37 -13.44
CA TYR H 507 13.85 63.29 -14.33
C TYR H 507 13.80 64.68 -13.68
N LYS H 508 14.82 65.49 -13.96
CA LYS H 508 14.74 66.89 -13.60
C LYS H 508 14.13 67.67 -14.75
N PHE H 509 13.60 68.85 -14.45
CA PHE H 509 12.91 69.69 -15.44
C PHE H 509 12.33 70.91 -14.74
N SER H 510 12.38 72.08 -15.36
CA SER H 510 11.78 73.25 -14.75
C SER H 510 10.36 73.44 -15.27
N ILE H 511 9.66 74.41 -14.69
CA ILE H 511 8.24 74.61 -14.97
C ILE H 511 7.85 76.06 -14.67
N ASP H 512 8.84 76.97 -14.64
CA ASP H 512 8.59 78.39 -14.37
C ASP H 512 9.84 79.24 -14.60
N GLU H 513 10.42 79.75 -13.53
CA GLU H 513 11.58 80.64 -13.53
C GLU H 513 11.97 80.74 -12.07
N LYS H 514 11.03 80.37 -11.22
CA LYS H 514 11.23 80.27 -9.80
C LYS H 514 10.53 79.02 -9.28
N HIS H 515 10.60 77.92 -10.07
CA HIS H 515 9.90 76.66 -9.77
C HIS H 515 10.70 75.49 -10.38
N ASP H 516 11.89 75.24 -9.85
CA ASP H 516 12.74 74.12 -10.26
C ASP H 516 12.44 72.85 -9.48
N LEU H 517 12.85 71.71 -10.04
CA LEU H 517 12.50 70.42 -9.48
C LEU H 517 13.37 69.30 -10.04
N THR H 518 13.56 68.25 -9.25
CA THR H 518 14.21 67.03 -9.69
C THR H 518 13.49 65.84 -9.08
N ALA H 519 13.16 64.83 -9.88
CA ALA H 519 12.49 63.64 -9.36
C ALA H 519 13.35 62.43 -9.73
N LEU H 520 14.02 61.87 -8.72
CA LEU H 520 14.95 60.76 -8.87
C LEU H 520 14.42 59.52 -8.17
N MET H 521 14.66 58.34 -8.75
CA MET H 521 14.29 57.10 -8.09
C MET H 521 14.79 55.83 -8.79
N GLY H 522 15.48 54.94 -8.09
CA GLY H 522 15.91 53.68 -8.70
C GLY H 522 15.93 52.48 -7.76
N HIS H 523 16.77 51.46 -8.00
CA HIS H 523 16.91 50.41 -6.98
C HIS H 523 18.33 49.91 -7.00
N GLU H 524 18.63 49.11 -5.98
CA GLU H 524 19.91 48.49 -5.74
C GLU H 524 19.66 47.00 -5.56
N TYR H 525 20.76 46.23 -5.60
CA TYR H 525 20.73 44.79 -5.32
C TYR H 525 22.17 44.42 -5.00
N ILE H 526 22.52 44.33 -3.72
CA ILE H 526 23.85 43.86 -3.30
C ILE H 526 23.73 42.39 -2.98
N GLU H 527 24.88 41.70 -3.00
CA GLU H 527 24.92 40.26 -2.81
C GLU H 527 26.37 39.79 -2.65
N TYR H 528 26.60 38.95 -1.63
CA TYR H 528 27.94 38.56 -1.22
C TYR H 528 27.98 37.07 -0.97
N GLU H 529 29.12 36.47 -1.32
CA GLU H 529 29.41 35.07 -1.05
C GLU H 529 30.85 34.95 -0.61
N GLY H 530 31.07 34.18 0.46
CA GLY H 530 32.41 33.93 0.97
C GLY H 530 32.63 32.44 1.13
N ASP H 531 33.83 32.10 1.61
CA ASP H 531 34.32 30.72 1.57
C ASP H 531 35.73 30.65 2.14
N VAL H 532 36.03 29.62 2.94
CA VAL H 532 37.39 29.32 3.40
C VAL H 532 37.66 27.83 3.42
N ILE H 533 38.88 27.47 3.05
CA ILE H 533 39.35 26.09 2.90
C ILE H 533 40.73 25.93 3.51
N GLY H 534 40.90 24.90 4.33
CA GLY H 534 42.19 24.69 5.01
C GLY H 534 42.55 23.23 5.16
N ALA H 535 43.86 22.96 5.06
CA ALA H 535 44.47 21.63 5.13
C ALA H 535 45.77 21.69 5.91
N SER H 536 46.03 20.64 6.67
CA SER H 536 47.16 20.58 7.59
C SER H 536 47.72 19.17 7.64
N SER H 537 49.05 19.07 7.81
CA SER H 537 49.74 17.79 7.83
C SER H 537 50.93 17.84 8.78
N LYS H 538 51.26 16.71 9.39
CA LYS H 538 52.39 16.68 10.29
C LYS H 538 53.21 15.41 10.10
N GLY H 539 54.36 15.39 10.77
CA GLY H 539 55.30 14.29 10.74
C GLY H 539 56.46 14.46 9.77
N PHE H 540 56.79 15.67 9.38
CA PHE H 540 57.80 15.87 8.35
C PHE H 540 59.19 15.70 8.90
N GLU H 541 60.08 15.11 8.10
CA GLU H 541 61.44 14.89 8.55
C GLU H 541 62.49 15.60 7.71
N SER H 542 62.13 16.31 6.65
CA SER H 542 63.16 16.98 5.87
C SER H 542 62.62 18.20 5.16
N ASP H 543 63.45 19.24 5.06
CA ASP H 543 63.01 20.49 4.42
C ASP H 543 62.52 20.25 3.01
N LYS H 544 63.19 19.38 2.26
CA LYS H 544 62.92 19.21 0.84
C LYS H 544 61.70 18.36 0.57
N LEU H 545 61.22 17.64 1.58
CA LEU H 545 60.05 16.77 1.44
C LEU H 545 59.01 17.20 2.48
N MET H 546 58.39 18.37 2.24
CA MET H 546 57.35 18.93 3.10
C MET H 546 56.11 19.21 2.27
N LEU H 547 55.84 18.32 1.33
CA LEU H 547 54.63 18.42 0.56
C LEU H 547 53.48 17.90 1.42
N LEU H 548 52.30 18.48 1.21
CA LEU H 548 51.20 18.23 2.14
C LEU H 548 50.83 16.75 2.18
N SER H 549 51.00 16.06 1.06
CA SER H 549 50.56 14.69 0.90
C SER H 549 51.62 13.70 1.30
N GLN H 550 52.69 14.18 1.91
CA GLN H 550 53.79 13.35 2.37
C GLN H 550 53.82 13.29 3.89
N GLY H 551 52.67 13.22 4.51
CA GLY H 551 52.59 13.36 5.95
C GLY H 551 52.43 12.00 6.58
N LYS H 552 52.48 12.00 7.90
CA LYS H 552 52.20 10.77 8.64
C LYS H 552 50.72 10.45 8.55
N THR H 553 50.40 9.20 8.85
CA THR H 553 49.18 8.62 8.31
C THR H 553 48.27 8.06 9.38
N GLY H 554 48.48 8.37 10.63
CA GLY H 554 47.68 7.57 11.52
C GLY H 554 46.93 8.42 12.49
N ASN H 555 47.45 8.46 13.66
CA ASN H 555 47.08 9.44 14.62
C ASN H 555 47.64 10.75 14.26
N SER H 556 48.31 10.89 13.12
CA SER H 556 48.86 12.18 12.75
C SER H 556 47.96 12.96 11.81
N LEU H 557 46.87 12.34 11.37
CA LEU H 557 45.93 12.97 10.46
C LEU H 557 45.07 13.98 11.20
N SER H 558 44.66 15.01 10.48
CA SER H 558 43.88 16.15 10.94
C SER H 558 42.52 16.09 10.27
N LEU H 559 41.70 17.04 10.57
CA LEU H 559 40.44 17.29 9.88
C LEU H 559 40.53 18.62 9.17
N PRO H 560 39.95 18.82 7.98
CA PRO H 560 40.12 20.11 7.27
C PRO H 560 39.39 21.26 7.98
N GLU H 561 39.63 22.47 7.47
CA GLU H 561 38.96 23.65 7.98
C GLU H 561 38.00 24.14 6.92
N HIS H 562 36.82 24.62 7.35
CA HIS H 562 35.81 25.05 6.38
C HIS H 562 34.83 26.04 7.01
N ARG H 563 34.66 27.20 6.37
CA ARG H 563 33.75 28.23 6.83
C ARG H 563 33.15 28.88 5.60
N VAL H 564 31.84 29.18 5.65
CA VAL H 564 31.07 29.67 4.52
C VAL H 564 30.09 30.72 4.98
N ALA H 565 29.99 31.83 4.25
CA ALA H 565 29.08 32.92 4.62
C ALA H 565 28.58 33.66 3.40
N GLU H 566 27.29 34.05 3.43
CA GLU H 566 26.66 34.78 2.33
C GLU H 566 25.45 35.59 2.83
N TYR H 567 25.27 36.78 2.26
CA TYR H 567 24.13 37.64 2.60
C TYR H 567 23.64 38.34 1.33
N ALA H 568 22.70 39.29 1.49
CA ALA H 568 22.12 40.10 0.41
C ALA H 568 21.36 41.30 0.96
N TYR H 569 21.10 42.27 0.07
CA TYR H 569 20.37 43.51 0.31
C TYR H 569 19.60 43.81 -0.97
N LEU H 570 18.34 44.27 -0.85
CA LEU H 570 17.53 44.70 -1.98
C LEU H 570 16.71 45.92 -1.56
N SER H 571 16.98 47.07 -2.15
CA SER H 571 16.30 48.29 -1.70
C SER H 571 15.80 49.12 -2.89
N PHE H 572 14.64 49.76 -2.70
CA PHE H 572 14.05 50.70 -3.66
C PHE H 572 13.99 52.06 -2.99
N PHE H 573 14.33 53.10 -3.72
CA PHE H 573 14.38 54.41 -3.09
C PHE H 573 13.74 55.42 -4.04
N SER H 574 13.67 56.67 -3.57
CA SER H 574 13.19 57.82 -4.31
C SER H 574 13.62 59.07 -3.55
N ARG H 575 13.92 60.16 -4.27
CA ARG H 575 14.43 61.35 -3.60
C ARG H 575 14.34 62.56 -4.52
N PHE H 576 13.46 63.52 -4.14
CA PHE H 576 13.15 64.73 -4.89
C PHE H 576 13.73 65.99 -4.24
N ASN H 577 14.10 66.97 -5.07
CA ASN H 577 14.44 68.31 -4.60
C ASN H 577 13.47 69.32 -5.22
N TYR H 578 13.25 70.39 -4.46
CA TYR H 578 12.31 71.43 -4.83
C TYR H 578 13.03 72.76 -4.66
N GLY H 579 12.80 73.65 -5.60
CA GLY H 579 13.39 74.96 -5.55
C GLY H 579 12.30 75.99 -5.80
N PHE H 580 12.50 77.15 -5.21
CA PHE H 580 11.54 78.23 -5.34
C PHE H 580 12.40 79.48 -5.38
N ASP H 581 12.32 80.19 -6.51
CA ASP H 581 13.15 81.37 -6.76
C ASP H 581 14.59 80.91 -6.60
N LYS H 582 15.43 81.62 -5.85
CA LYS H 582 16.84 81.28 -5.73
C LYS H 582 17.26 81.29 -4.26
N TRP H 583 16.29 81.12 -3.37
CA TRP H 583 16.53 81.22 -1.93
C TRP H 583 15.99 80.02 -1.16
N MET H 584 14.89 79.40 -1.62
CA MET H 584 14.20 78.39 -0.83
C MET H 584 14.25 77.04 -1.52
N TYR H 585 14.73 76.04 -0.75
CA TYR H 585 14.86 74.66 -1.20
C TYR H 585 14.26 73.71 -0.17
N ILE H 586 13.54 72.73 -0.67
CA ILE H 586 12.86 71.72 0.14
C ILE H 586 13.07 70.40 -0.57
N ASP H 587 13.46 69.38 0.17
CA ASP H 587 13.65 68.07 -0.46
C ASP H 587 13.22 66.97 0.50
N PHE H 588 12.69 65.90 -0.09
CA PHE H 588 11.98 64.87 0.62
C PHE H 588 12.29 63.54 -0.06
N SER H 589 12.52 62.50 0.75
CA SER H 589 12.96 61.20 0.26
C SER H 589 12.30 60.06 1.04
N VAL H 590 12.36 58.87 0.46
CA VAL H 590 11.76 57.66 1.03
C VAL H 590 12.42 56.42 0.45
N ARG H 591 12.64 55.42 1.33
CA ARG H 591 13.44 54.22 1.12
C ARG H 591 12.62 52.99 1.48
N ASN H 592 13.16 51.81 1.12
CA ASN H 592 12.63 50.54 1.62
C ASN H 592 13.72 49.49 1.47
N ASP H 593 14.32 49.11 2.59
CA ASP H 593 15.50 48.24 2.64
C ASP H 593 15.09 46.86 3.12
N GLN H 594 15.49 45.82 2.39
CA GLN H 594 15.32 44.44 2.88
C GLN H 594 16.67 43.75 3.08
N SER H 595 16.76 42.85 4.07
CA SER H 595 18.05 42.18 4.27
C SER H 595 17.86 40.74 4.71
N SER H 596 18.88 39.91 4.41
CA SER H 596 18.88 38.48 4.69
C SER H 596 19.28 38.17 6.12
N ARG H 597 19.78 39.15 6.86
CA ARG H 597 20.19 38.93 8.23
C ARG H 597 19.01 38.73 9.16
N PHE H 598 17.79 39.01 8.69
CA PHE H 598 16.57 38.97 9.47
C PHE H 598 15.60 37.95 8.90
N GLY H 599 14.58 37.66 9.71
CA GLY H 599 13.66 36.59 9.39
C GLY H 599 12.94 36.82 8.09
N SER H 600 12.23 35.77 7.68
CA SER H 600 11.45 35.84 6.45
C SER H 600 10.30 36.85 6.57
N ASN H 601 9.86 37.18 7.80
CA ASN H 601 8.72 38.03 8.09
C ASN H 601 9.11 39.37 8.70
N ASN H 602 10.36 39.77 8.61
CA ASN H 602 10.81 40.92 9.37
C ASN H 602 11.87 41.74 8.64
N ARG H 603 12.12 41.50 7.36
CA ARG H 603 13.33 42.05 6.75
C ARG H 603 13.13 43.45 6.15
N SER H 604 11.89 43.85 5.83
CA SER H 604 11.61 45.15 5.22
C SER H 604 11.50 46.28 6.25
N ALA H 605 11.65 47.52 5.76
CA ALA H 605 11.77 48.67 6.63
C ALA H 605 11.80 49.98 5.85
N TRP H 606 10.87 50.90 6.10
CA TRP H 606 10.87 52.17 5.39
C TRP H 606 11.42 53.30 6.24
N PHE H 607 12.23 54.13 5.61
CA PHE H 607 12.83 55.28 6.27
C PHE H 607 12.60 56.49 5.37
N TYR H 608 12.64 57.69 5.95
CA TYR H 608 12.35 58.91 5.19
C TYR H 608 13.14 60.07 5.76
N SER H 609 13.51 60.97 4.88
CA SER H 609 14.28 62.15 5.21
C SER H 609 13.54 63.39 4.76
N VAL H 610 13.59 64.46 5.54
CA VAL H 610 13.07 65.77 5.10
C VAL H 610 13.92 66.89 5.68
N GLY H 611 14.23 67.89 4.85
CA GLY H 611 15.00 69.07 5.23
C GLY H 611 14.86 70.19 4.21
N GLY H 612 15.58 71.27 4.47
CA GLY H 612 15.54 72.43 3.59
C GLY H 612 16.68 73.38 3.88
N MET H 613 17.03 74.17 2.86
CA MET H 613 18.06 75.20 2.95
C MET H 613 17.49 76.52 2.50
N PHE H 614 17.82 77.57 3.25
CA PHE H 614 17.36 78.93 3.01
C PHE H 614 18.58 79.82 2.77
N ASP H 615 18.64 80.44 1.59
CA ASP H 615 19.74 81.32 1.20
C ASP H 615 19.48 82.73 1.73
N ILE H 616 19.94 83.00 2.95
CA ILE H 616 19.66 84.29 3.59
C ILE H 616 20.44 85.42 2.93
N TYR H 617 21.45 85.13 2.11
CA TYR H 617 22.18 86.21 1.48
C TYR H 617 21.63 86.61 0.12
N ASN H 618 21.00 85.70 -0.63
CA ASN H 618 20.44 86.03 -1.94
C ASN H 618 19.02 86.56 -1.92
N LYS H 619 18.36 86.61 -0.76
CA LYS H 619 17.02 87.21 -0.64
C LYS H 619 17.09 88.50 0.16
N PHE H 620 17.30 88.38 1.46
CA PHE H 620 17.14 89.45 2.45
C PHE H 620 18.36 90.33 2.62
N ILE H 621 19.50 90.03 2.00
CA ILE H 621 20.63 90.93 2.15
C ILE H 621 21.47 91.00 0.87
N GLN H 622 20.85 90.66 -0.29
CA GLN H 622 21.42 90.64 -1.66
C GLN H 622 22.87 91.14 -1.86
N GLU H 623 23.29 92.13 -1.08
CA GLU H 623 24.66 92.62 -1.14
C GLU H 623 25.05 93.20 0.21
N SER H 624 26.34 93.18 0.50
CA SER H 624 26.88 93.75 1.72
C SER H 624 28.37 93.96 1.49
N ASN H 625 29.05 94.52 2.49
CA ASN H 625 30.45 94.90 2.34
C ASN H 625 31.42 93.86 2.90
N TRP H 626 30.97 93.03 3.84
CA TRP H 626 31.84 92.05 4.47
C TRP H 626 31.24 90.65 4.56
N LEU H 627 29.91 90.51 4.51
CA LEU H 627 29.26 89.21 4.64
C LEU H 627 29.11 88.63 3.23
N SER H 628 29.99 87.68 2.88
CA SER H 628 29.96 87.02 1.57
C SER H 628 28.78 86.08 1.45
N ASP H 629 28.64 85.18 2.40
CA ASP H 629 27.62 84.15 2.32
C ASP H 629 27.02 83.94 3.70
N LEU H 630 25.77 83.46 3.72
CA LEU H 630 25.10 83.13 4.97
C LEU H 630 23.91 82.26 4.60
N ARG H 631 23.98 80.98 4.98
CA ARG H 631 22.98 79.99 4.62
C ARG H 631 22.53 79.34 5.91
N LEU H 632 21.23 79.09 6.06
CA LEU H 632 20.72 78.29 7.17
C LEU H 632 20.09 77.02 6.63
N LYS H 633 20.41 75.89 7.26
CA LYS H 633 19.82 74.62 6.87
C LYS H 633 19.45 73.83 8.11
N MET H 634 18.56 72.87 7.91
CA MET H 634 17.96 72.06 8.96
C MET H 634 17.25 70.86 8.35
N SER H 635 17.27 69.73 9.06
CA SER H 635 16.68 68.50 8.54
C SER H 635 16.42 67.50 9.68
N TYR H 636 15.61 66.49 9.34
CA TYR H 636 15.36 65.35 10.19
C TYR H 636 15.00 64.15 9.32
N GLY H 637 15.59 63.00 9.66
CA GLY H 637 15.28 61.75 8.99
C GLY H 637 15.57 60.56 9.88
N THR H 638 14.95 59.44 9.53
CA THR H 638 15.19 58.13 10.14
C THR H 638 15.99 57.24 9.20
N THR H 639 17.04 56.61 9.74
CA THR H 639 17.96 55.76 8.99
C THR H 639 17.81 54.28 9.31
N GLY H 640 18.91 53.53 9.32
CA GLY H 640 18.81 52.11 9.51
C GLY H 640 20.19 51.49 9.59
N ASN H 641 20.34 50.56 10.53
CA ASN H 641 21.62 49.97 10.89
C ASN H 641 21.47 48.47 10.83
N SER H 642 22.36 47.83 10.12
CA SER H 642 22.12 46.44 9.82
C SER H 642 23.36 45.58 10.00
N GLU H 643 24.48 46.17 10.45
CA GLU H 643 25.71 45.40 10.53
C GLU H 643 25.67 44.56 11.79
N ILE H 644 25.24 43.31 11.64
CA ILE H 644 25.44 42.31 12.69
C ILE H 644 25.97 41.04 12.04
N GLY H 645 25.34 39.92 12.33
CA GLY H 645 25.83 38.67 11.77
C GLY H 645 24.89 38.10 10.74
N ASN H 646 25.37 37.17 9.94
CA ASN H 646 24.58 36.73 8.81
C ASN H 646 23.48 35.76 9.19
N TYR H 647 23.60 35.06 10.30
CA TYR H 647 22.59 34.04 10.62
C TYR H 647 22.07 34.23 12.05
N ASN H 648 22.13 35.45 12.58
CA ASN H 648 21.99 35.66 14.02
C ASN H 648 20.56 35.57 14.50
N HIS H 649 19.71 34.82 13.81
CA HIS H 649 18.30 34.78 14.14
C HIS H 649 17.68 33.40 14.15
N GLN H 650 18.40 32.37 13.79
CA GLN H 650 17.77 31.07 13.61
C GLN H 650 18.03 30.23 14.84
N ALA H 651 17.15 29.25 15.08
CA ALA H 651 17.24 28.36 16.25
C ALA H 651 17.93 27.06 15.84
N LEU H 652 19.23 26.94 16.12
CA LEU H 652 20.07 26.02 15.36
C LEU H 652 20.74 24.94 16.19
N VAL H 653 21.09 23.89 15.45
CA VAL H 653 21.80 22.71 15.91
C VAL H 653 23.05 22.51 15.05
N THR H 654 24.17 22.14 15.68
CA THR H 654 25.33 21.69 14.90
C THR H 654 25.75 20.27 15.31
N VAL H 655 26.91 19.86 14.76
CA VAL H 655 27.46 18.54 14.95
C VAL H 655 28.37 18.54 16.16
N ASN H 656 28.24 17.51 16.97
CA ASN H 656 29.12 17.26 18.10
C ASN H 656 29.35 15.77 18.06
N ASN H 657 30.52 15.31 17.65
CA ASN H 657 30.68 13.88 17.54
C ASN H 657 31.18 13.35 18.87
N TYR H 658 30.59 12.25 19.33
CA TYR H 658 31.07 11.56 20.52
C TYR H 658 32.10 10.51 20.13
N THR H 659 31.67 9.55 19.34
CA THR H 659 32.50 8.46 18.88
C THR H 659 32.93 8.70 17.43
N GLU H 660 33.56 7.69 16.86
CA GLU H 660 33.96 7.72 15.46
C GLU H 660 33.08 6.81 14.61
N ASP H 661 31.94 6.36 15.14
CA ASP H 661 31.05 5.47 14.40
C ASP H 661 29.64 6.01 14.27
N ALA H 662 29.38 7.23 14.71
CA ALA H 662 28.13 7.89 14.36
C ALA H 662 28.27 9.36 14.66
N MET H 663 27.41 10.15 14.01
CA MET H 663 27.38 11.57 14.30
C MET H 663 26.43 11.82 15.48
N GLY H 664 26.64 12.97 16.12
CA GLY H 664 25.80 13.41 17.19
C GLY H 664 25.53 14.89 17.04
N LEU H 665 24.44 15.34 17.67
CA LEU H 665 23.96 16.70 17.57
C LEU H 665 23.82 17.33 18.94
N SER H 666 24.26 18.59 19.06
CA SER H 666 23.96 19.43 20.22
C SER H 666 23.46 20.80 19.76
N ILE H 667 23.04 21.64 20.74
CA ILE H 667 22.30 22.86 20.42
C ILE H 667 23.27 24.01 20.27
N SER H 668 23.04 24.83 19.26
CA SER H 668 24.08 25.74 18.80
C SER H 668 23.73 27.19 19.00
N THR H 669 22.48 27.57 18.86
CA THR H 669 22.15 28.97 19.08
C THR H 669 20.75 29.05 19.66
N ALA H 670 20.51 30.09 20.46
CA ALA H 670 19.27 30.16 21.21
C ALA H 670 18.07 30.38 20.28
N GLY H 671 18.03 31.53 19.59
CA GLY H 671 16.93 31.85 18.69
C GLY H 671 16.39 33.27 18.85
N ASN H 672 15.62 33.79 17.86
CA ASN H 672 14.92 35.07 17.91
C ASN H 672 14.16 35.34 16.63
N PRO H 673 12.98 34.77 16.43
CA PRO H 673 12.28 34.95 15.13
C PRO H 673 11.97 36.39 14.81
N ASP H 674 11.90 37.24 15.84
CA ASP H 674 11.49 38.62 15.71
C ASP H 674 12.67 39.57 15.56
N LEU H 675 13.84 39.08 15.14
CA LEU H 675 14.96 39.99 14.92
C LEU H 675 14.70 40.82 13.67
N SER H 676 14.91 42.12 13.77
CA SER H 676 14.68 43.04 12.66
C SER H 676 15.67 44.21 12.74
N TRP H 677 15.39 45.27 11.97
CA TRP H 677 16.30 46.38 11.81
C TRP H 677 16.43 47.21 13.08
N GLU H 678 17.65 47.68 13.34
CA GLU H 678 17.86 48.78 14.28
C GLU H 678 17.62 50.09 13.55
N LYS H 679 16.86 51.00 14.17
CA LYS H 679 16.36 52.22 13.55
C LYS H 679 16.88 53.43 14.30
N GLN H 680 17.49 54.36 13.58
CA GLN H 680 18.01 55.59 14.19
C GLN H 680 17.24 56.80 13.64
N SER H 681 17.51 57.98 14.20
CA SER H 681 16.89 59.22 13.75
C SER H 681 17.80 60.40 14.07
N GLN H 682 17.90 61.34 13.12
CA GLN H 682 18.77 62.51 13.22
C GLN H 682 17.94 63.77 13.03
N PHE H 683 18.27 64.80 13.81
CA PHE H 683 17.73 66.14 13.61
C PHE H 683 18.92 67.08 13.60
N ASN H 684 19.14 67.76 12.48
CA ASN H 684 20.27 68.64 12.31
C ASN H 684 19.75 70.04 12.09
N PHE H 685 20.34 71.02 12.77
CA PHE H 685 20.02 72.43 12.59
C PHE H 685 21.35 73.15 12.43
N GLY H 686 21.53 73.87 11.32
CA GLY H 686 22.87 74.32 10.95
C GLY H 686 22.92 75.69 10.30
N LEU H 687 24.09 76.33 10.47
CA LEU H 687 24.41 77.65 9.94
C LEU H 687 25.85 77.70 9.44
N ALA H 688 26.03 78.16 8.19
CA ALA H 688 27.32 78.36 7.54
C ALA H 688 27.46 79.81 7.08
N ALA H 689 28.71 80.26 6.92
CA ALA H 689 28.96 81.66 6.59
C ALA H 689 30.30 81.83 5.90
N GLY H 690 30.45 82.97 5.20
CA GLY H 690 31.68 83.37 4.54
C GLY H 690 31.89 84.88 4.54
N ALA H 691 33.12 85.33 4.79
CA ALA H 691 33.40 86.74 5.00
C ALA H 691 34.31 87.34 3.93
N PHE H 692 35.20 88.26 4.37
CA PHE H 692 36.13 89.06 3.57
C PHE H 692 35.87 89.12 2.06
N ASN H 693 35.90 87.97 1.40
CA ASN H 693 35.56 87.88 -0.01
C ASN H 693 35.31 86.41 -0.35
N ASN H 694 34.51 85.72 0.47
CA ASN H 694 34.47 84.26 0.49
C ASN H 694 35.88 83.70 0.65
N ARG H 695 36.63 84.27 1.61
CA ARG H 695 37.98 83.81 1.90
C ARG H 695 38.20 83.68 3.40
N LEU H 696 37.14 83.37 4.13
CA LEU H 696 37.20 83.18 5.56
C LEU H 696 35.86 82.60 5.97
N SER H 697 35.76 81.28 6.03
CA SER H 697 34.47 80.60 6.14
C SER H 697 34.43 79.71 7.38
N ALA H 698 33.22 79.31 7.77
CA ALA H 698 32.99 78.43 8.92
C ALA H 698 31.53 77.97 8.88
N GLU H 699 31.30 76.82 9.51
CA GLU H 699 29.99 76.17 9.53
C GLU H 699 29.79 75.58 10.93
N VAL H 700 28.54 75.56 11.38
CA VAL H 700 28.18 75.07 12.71
C VAL H 700 26.87 74.32 12.59
N ASP H 701 26.85 73.06 13.05
CA ASP H 701 25.61 72.29 13.09
C ASP H 701 25.43 71.68 14.47
N PHE H 702 24.16 71.54 14.87
CA PHE H 702 23.73 70.98 16.14
C PHE H 702 22.84 69.77 15.86
N TYR H 703 23.01 68.70 16.63
CA TYR H 703 22.30 67.48 16.26
C TYR H 703 21.73 66.74 17.47
N VAL H 704 20.67 65.98 17.20
CA VAL H 704 20.08 65.05 18.16
C VAL H 704 19.84 63.74 17.44
N ARG H 705 20.55 62.71 17.86
CA ARG H 705 20.51 61.41 17.25
C ARG H 705 19.93 60.40 18.23
N THR H 706 18.89 59.70 17.81
CA THR H 706 18.16 58.78 18.68
C THR H 706 18.18 57.39 18.10
N THR H 707 18.76 56.45 18.85
CA THR H 707 18.80 55.06 18.42
C THR H 707 17.69 54.30 19.10
N ASN H 708 16.71 53.88 18.32
CA ASN H 708 15.53 53.23 18.84
C ASN H 708 15.54 51.80 18.33
N ASP H 709 14.79 50.92 19.00
CA ASP H 709 14.66 49.53 18.55
C ASP H 709 16.03 48.83 18.43
N MET H 710 16.94 49.18 19.34
CA MET H 710 18.36 48.88 19.22
C MET H 710 18.62 47.38 19.10
N LEU H 711 19.77 47.06 18.47
CA LEU H 711 20.30 45.69 18.29
C LEU H 711 21.42 45.51 19.31
N ILE H 712 21.13 44.78 20.40
CA ILE H 712 22.09 44.51 21.47
C ILE H 712 22.49 43.04 21.44
N ASP H 713 23.78 42.76 21.61
CA ASP H 713 24.24 41.39 21.83
C ASP H 713 24.07 41.07 23.32
N VAL H 714 22.82 40.80 23.71
CA VAL H 714 22.44 40.89 25.12
C VAL H 714 23.12 39.79 25.93
N PRO H 715 23.85 40.13 26.99
CA PRO H 715 24.53 39.10 27.79
C PRO H 715 23.48 38.28 28.51
N MET H 716 23.52 37.01 28.34
CA MET H 716 22.48 36.23 28.99
C MET H 716 22.99 35.62 30.29
N PRO H 717 22.10 35.32 31.23
CA PRO H 717 22.55 34.59 32.42
C PRO H 717 23.14 33.24 32.07
N TYR H 718 24.29 32.92 32.69
CA TYR H 718 24.94 31.65 32.39
C TYR H 718 24.01 30.48 32.71
N ILE H 719 22.95 30.70 33.49
CA ILE H 719 22.00 29.63 33.73
C ILE H 719 21.36 29.19 32.44
N SER H 720 21.42 30.05 31.42
CA SER H 720 20.70 29.81 30.17
C SER H 720 21.34 28.71 29.35
N GLY H 721 22.65 28.65 29.31
CA GLY H 721 23.32 27.69 28.48
C GLY H 721 23.99 28.29 27.26
N PHE H 722 23.73 29.57 26.97
CA PHE H 722 24.36 30.35 25.90
C PHE H 722 25.18 31.52 26.47
N PHE H 723 25.86 32.29 25.61
CA PHE H 723 26.55 33.48 26.08
C PHE H 723 25.75 34.75 25.81
N SER H 724 25.27 34.91 24.57
CA SER H 724 24.67 36.12 24.02
C SER H 724 23.45 35.76 23.19
N GLN H 725 22.69 36.78 22.81
CA GLN H 725 21.74 36.68 21.71
C GLN H 725 21.32 38.08 21.27
N TYR H 726 21.33 38.30 19.97
CA TYR H 726 20.92 39.58 19.46
C TYR H 726 19.42 39.72 19.63
N GLN H 727 18.99 40.91 20.02
CA GLN H 727 17.59 41.21 20.26
C GLN H 727 17.38 42.70 20.02
N ASN H 728 16.27 43.04 19.37
CA ASN H 728 15.84 44.43 19.20
C ASN H 728 15.36 44.93 20.58
N VAL H 729 16.21 45.70 21.27
CA VAL H 729 16.04 45.99 22.69
C VAL H 729 16.79 47.27 23.07
N GLY H 730 16.14 48.20 23.74
CA GLY H 730 16.89 49.35 24.27
C GLY H 730 16.73 50.60 23.45
N SER H 731 17.52 51.62 23.82
CA SER H 731 17.60 52.89 23.09
C SER H 731 18.70 53.76 23.67
N MET H 732 19.02 54.84 22.96
CA MET H 732 20.24 55.59 23.24
C MET H 732 20.17 56.96 22.56
N LYS H 733 20.92 57.92 23.08
CA LYS H 733 20.92 59.30 22.58
C LYS H 733 22.33 59.82 22.42
N ASN H 734 22.56 60.50 21.29
CA ASN H 734 23.75 61.31 21.06
C ASN H 734 23.34 62.72 20.64
N THR H 735 23.72 63.72 21.44
CA THR H 735 23.44 65.12 21.17
C THR H 735 24.76 65.88 21.14
N GLY H 736 24.96 66.70 20.10
CA GLY H 736 26.21 67.42 20.00
C GLY H 736 26.20 68.57 19.02
N VAL H 737 27.38 69.18 18.89
CA VAL H 737 27.57 70.29 17.97
C VAL H 737 28.99 70.23 17.46
N ASP H 738 29.18 70.53 16.18
CA ASP H 738 30.50 70.62 15.60
C ASP H 738 30.68 71.98 14.93
N LEU H 739 31.94 72.38 14.78
CA LEU H 739 32.29 73.65 14.17
C LEU H 739 33.61 73.48 13.45
N SER H 740 33.64 73.90 12.20
CA SER H 740 34.86 73.97 11.43
C SER H 740 35.01 75.40 10.91
N LEU H 741 36.24 75.78 10.59
CA LEU H 741 36.51 77.11 10.09
C LEU H 741 37.87 77.16 9.40
N LYS H 742 37.94 77.83 8.25
CA LYS H 742 39.17 78.02 7.51
C LYS H 742 39.42 79.50 7.27
N GLY H 743 40.69 79.88 7.29
CA GLY H 743 41.06 81.26 7.04
C GLY H 743 42.15 81.42 5.99
N THR H 744 42.64 82.64 5.81
CA THR H 744 43.70 82.93 4.82
C THR H 744 44.40 84.22 5.25
N ILE H 745 45.46 84.05 6.03
CA ILE H 745 46.23 85.16 6.61
C ILE H 745 47.33 85.55 5.63
N TYR H 746 47.08 85.39 4.32
CA TYR H 746 48.15 85.58 3.34
C TYR H 746 48.80 86.95 3.51
N GLN H 747 50.12 86.96 3.52
CA GLN H 747 50.89 88.13 3.96
C GLN H 747 51.46 88.95 2.81
N ASN H 748 51.25 88.52 1.57
CA ASN H 748 51.92 89.16 0.44
C ASN H 748 50.98 89.24 -0.75
N LYS H 749 51.34 88.50 -1.80
CA LYS H 749 50.64 88.52 -3.07
C LYS H 749 51.03 87.21 -3.72
N ASP H 750 52.21 86.72 -3.34
CA ASP H 750 52.72 85.42 -3.72
C ASP H 750 53.06 84.55 -2.53
N TRP H 751 52.98 85.09 -1.31
CA TRP H 751 53.54 84.48 -0.11
C TRP H 751 52.34 84.24 0.79
N ASN H 752 51.78 83.03 0.70
CA ASN H 752 50.50 82.71 1.30
C ASN H 752 50.65 82.11 2.70
N VAL H 753 49.61 82.29 3.52
CA VAL H 753 49.53 81.70 4.85
C VAL H 753 48.11 81.19 5.05
N TYR H 754 47.98 79.90 5.32
CA TYR H 754 46.67 79.29 5.47
C TYR H 754 46.61 78.63 6.84
N ALA H 755 45.38 78.40 7.32
CA ALA H 755 45.20 77.73 8.60
C ALA H 755 43.75 77.25 8.67
N SER H 756 43.52 76.18 9.42
CA SER H 756 42.16 75.67 9.61
C SER H 756 42.06 74.88 10.91
N ALA H 757 40.85 74.87 11.49
CA ALA H 757 40.61 74.30 12.81
C ALA H 757 39.27 73.57 12.83
N ASN H 758 39.13 72.66 13.78
CA ASN H 758 38.01 71.74 13.82
C ASN H 758 37.67 71.42 15.28
N PHE H 759 36.38 71.22 15.58
CA PHE H 759 35.98 70.94 16.96
C PHE H 759 34.55 70.40 17.00
N ASN H 760 34.34 69.37 17.82
CA ASN H 760 33.03 68.77 18.07
C ASN H 760 32.95 68.21 19.48
N TYR H 761 31.76 68.33 20.08
CA TYR H 761 31.46 67.71 21.37
C TYR H 761 30.15 66.94 21.22
N ASN H 762 30.20 65.64 21.54
CA ASN H 762 29.03 64.78 21.53
C ASN H 762 28.79 64.21 22.92
N ARG H 763 27.53 64.23 23.38
CA ARG H 763 27.12 63.67 24.67
C ARG H 763 26.26 62.44 24.45
N GLN H 764 26.53 61.39 25.21
CA GLN H 764 25.88 60.10 25.05
C GLN H 764 24.91 59.85 26.21
N GLU H 765 23.82 59.12 25.93
CA GLU H 765 22.83 58.85 26.96
C GLU H 765 22.10 57.56 26.64
N ILE H 766 22.05 56.64 27.60
CA ILE H 766 21.33 55.39 27.38
C ILE H 766 19.90 55.55 27.87
N THR H 767 18.95 54.95 27.15
CA THR H 767 17.53 55.12 27.42
C THR H 767 16.94 53.85 28.03
N LYS H 768 16.79 52.78 27.27
CA LYS H 768 16.35 51.50 27.80
C LYS H 768 17.51 50.53 27.73
N LEU H 769 17.52 49.57 28.66
CA LEU H 769 18.45 48.46 28.60
C LEU H 769 17.64 47.20 28.30
N PHE H 770 18.14 46.04 28.73
CA PHE H 770 17.53 44.78 28.30
C PHE H 770 16.60 44.19 29.35
N PHE H 771 17.09 43.31 30.23
CA PHE H 771 16.18 42.51 31.07
C PHE H 771 15.48 43.31 32.16
N GLY H 772 15.15 44.56 31.88
CA GLY H 772 14.51 45.35 32.91
C GLY H 772 15.49 45.93 33.91
N LEU H 773 16.76 46.06 33.55
CA LEU H 773 17.70 46.57 34.53
C LEU H 773 17.87 48.07 34.35
N ASN H 774 18.39 48.70 35.40
CA ASN H 774 18.63 50.13 35.35
C ASN H 774 20.10 50.43 35.15
N LYS H 775 20.95 49.53 35.61
CA LYS H 775 22.37 49.57 35.34
C LYS H 775 22.80 48.13 35.14
N TYR H 776 23.88 47.97 34.38
CA TYR H 776 24.48 46.66 34.13
C TYR H 776 25.97 46.86 33.95
N MET H 777 26.76 46.29 34.86
CA MET H 777 28.20 46.28 34.74
C MET H 777 28.62 45.17 33.77
N LEU H 778 29.53 45.48 32.89
CA LEU H 778 30.14 44.46 32.06
C LEU H 778 31.14 43.69 32.91
N PRO H 779 31.07 42.37 32.96
CA PRO H 779 31.91 41.61 33.90
C PRO H 779 33.40 41.89 33.69
N ASN H 780 34.11 42.08 34.82
CA ASN H 780 35.51 42.51 34.93
C ASN H 780 36.08 43.17 33.67
N THR H 781 35.44 44.25 33.25
CA THR H 781 35.88 45.15 32.19
C THR H 781 36.21 46.53 32.72
N GLY H 782 35.57 46.93 33.81
CA GLY H 782 35.71 48.27 34.29
C GLY H 782 34.72 49.23 33.69
N THR H 783 33.65 48.72 33.05
CA THR H 783 32.64 49.58 32.43
C THR H 783 31.23 49.17 32.87
N ILE H 784 30.28 50.09 32.69
CA ILE H 784 28.91 49.86 33.15
C ILE H 784 27.93 50.62 32.27
N TRP H 785 26.78 50.01 31.99
CA TRP H 785 25.69 50.64 31.24
C TRP H 785 24.59 51.01 32.23
N GLU H 786 24.65 52.22 32.75
CA GLU H 786 23.61 52.76 33.62
C GLU H 786 22.74 53.71 32.81
N ILE H 787 21.41 53.64 33.04
CA ILE H 787 20.48 54.44 32.27
C ILE H 787 20.69 55.93 32.51
N GLY H 788 21.35 56.28 33.62
CA GLY H 788 21.68 57.65 33.91
C GLY H 788 22.87 58.17 33.12
N TYR H 789 22.66 58.37 31.84
CA TYR H 789 23.55 59.05 30.90
C TYR H 789 24.56 58.10 30.21
N PRO H 790 25.93 58.42 30.12
CA PRO H 790 26.69 57.89 28.97
C PRO H 790 27.02 56.40 29.00
N ASN H 791 28.29 56.09 28.83
CA ASN H 791 28.77 54.72 28.99
C ASN H 791 30.11 54.88 29.68
N SER H 792 30.18 54.52 30.95
CA SER H 792 31.26 55.01 31.77
C SER H 792 31.95 53.87 32.52
N PHE H 793 33.10 54.22 33.09
CA PHE H 793 33.90 53.32 33.90
C PHE H 793 33.25 53.01 35.25
N TYR H 794 33.55 51.83 35.79
CA TYR H 794 32.91 51.31 37.01
C TYR H 794 34.00 50.70 37.88
N MET H 795 34.59 51.49 38.75
CA MET H 795 35.67 51.00 39.61
C MET H 795 35.43 51.33 41.08
N ALA H 796 36.48 51.22 41.88
CA ALA H 796 36.43 51.54 43.30
C ALA H 796 37.39 52.69 43.56
N GLU H 797 36.91 53.74 44.24
CA GLU H 797 37.76 54.89 44.52
C GLU H 797 38.87 54.46 45.47
N TYR H 798 40.09 54.68 45.06
CA TYR H 798 41.24 54.25 45.83
C TYR H 798 41.68 55.40 46.71
N ALA H 799 41.92 55.10 47.99
CA ALA H 799 42.31 56.12 48.93
C ALA H 799 43.81 56.31 48.94
N GLY H 800 44.49 55.43 49.67
CA GLY H 800 45.92 55.43 49.71
C GLY H 800 46.39 54.30 50.59
N ILE H 801 47.45 54.52 51.33
CA ILE H 801 47.92 53.53 52.28
C ILE H 801 47.86 54.11 53.68
N ASP H 802 47.67 53.22 54.64
CA ASP H 802 47.60 53.57 56.04
C ASP H 802 49.02 53.62 56.57
N LYS H 803 49.55 54.81 56.87
CA LYS H 803 50.92 54.88 57.36
C LYS H 803 51.10 54.11 58.67
N LYS H 804 50.00 53.74 59.37
CA LYS H 804 50.09 53.07 60.66
C LYS H 804 50.25 51.55 60.48
N THR H 805 49.46 50.94 59.59
CA THR H 805 49.54 49.50 59.33
C THR H 805 50.17 49.18 57.99
N GLY H 806 50.14 50.10 57.03
CA GLY H 806 50.71 49.88 55.72
C GLY H 806 49.79 49.23 54.72
N LYS H 807 48.49 49.09 55.01
CA LYS H 807 47.60 48.34 54.13
C LYS H 807 47.09 49.24 53.00
N GLN H 808 46.03 48.85 52.31
CA GLN H 808 45.52 49.61 51.19
C GLN H 808 44.13 50.09 51.56
N LEU H 809 43.79 51.31 51.15
CA LEU H 809 42.50 51.87 51.51
C LEU H 809 41.68 52.29 50.30
N TRP H 810 40.38 52.37 50.55
CA TRP H 810 39.36 52.63 49.55
C TRP H 810 38.24 53.39 50.25
N TYR H 811 37.77 54.47 49.63
CA TYR H 811 36.60 55.19 50.15
C TYR H 811 35.37 54.30 50.05
N VAL H 812 34.45 54.46 50.99
CA VAL H 812 33.19 53.70 50.98
C VAL H 812 32.15 54.56 50.26
N PRO H 813 31.54 54.05 49.19
CA PRO H 813 30.66 54.90 48.35
C PRO H 813 29.38 55.26 49.11
N GLY H 814 29.12 56.56 49.19
CA GLY H 814 27.95 57.08 49.85
C GLY H 814 28.15 57.37 51.32
N GLN H 815 29.32 57.06 51.87
CA GLN H 815 29.65 57.26 53.28
C GLN H 815 30.61 58.43 53.37
N VAL H 816 30.22 59.45 54.13
CA VAL H 816 31.07 60.59 54.39
C VAL H 816 31.26 60.70 55.91
N ASP H 817 32.31 61.40 56.34
CA ASP H 817 32.57 61.63 57.76
C ASP H 817 32.31 63.06 58.21
N ALA H 818 31.81 63.19 59.45
CA ALA H 818 31.50 64.45 60.14
C ALA H 818 32.66 64.91 61.01
N LYS H 822 34.93 61.71 54.99
CA LYS H 822 34.89 60.57 54.07
C LYS H 822 35.52 59.29 54.60
N VAL H 823 34.69 58.25 54.72
CA VAL H 823 35.09 57.02 55.39
C VAL H 823 36.02 56.21 54.50
N THR H 824 36.99 55.55 55.11
CA THR H 824 37.91 54.68 54.39
C THR H 824 37.94 53.32 55.06
N THR H 825 38.09 52.28 54.25
CA THR H 825 38.12 50.91 54.73
C THR H 825 39.38 50.25 54.21
N SER H 826 39.62 49.04 54.71
CA SER H 826 40.81 48.29 54.37
C SER H 826 40.49 46.91 53.82
N GLN H 827 39.23 46.50 53.83
CA GLN H 827 38.79 45.21 53.32
C GLN H 827 38.11 45.51 52.00
N TYR H 828 38.82 45.30 50.90
CA TYR H 828 38.18 45.47 49.60
C TYR H 828 36.99 44.52 49.50
N SER H 829 35.83 45.09 49.16
CA SER H 829 34.62 44.33 48.90
C SER H 829 34.14 44.61 47.50
N ALA H 830 33.46 43.60 46.94
CA ALA H 830 32.84 43.75 45.63
C ALA H 830 31.95 44.99 45.58
N ASP H 831 31.14 45.20 46.62
CA ASP H 831 30.23 46.34 46.67
C ASP H 831 30.90 47.64 47.11
N LEU H 832 32.20 47.77 46.87
CA LEU H 832 32.87 49.04 47.05
C LEU H 832 32.97 49.84 45.76
N GLU H 833 32.35 49.34 44.70
CA GLU H 833 32.54 49.83 43.35
C GLU H 833 31.36 50.69 42.93
N THR H 834 31.65 51.83 42.28
CA THR H 834 30.61 52.79 41.91
C THR H 834 30.92 53.50 40.60
N ARG H 835 29.86 53.76 39.81
CA ARG H 835 29.95 54.49 38.54
C ARG H 835 30.79 55.72 38.72
N ILE H 836 31.99 55.74 38.15
CA ILE H 836 32.74 56.98 38.12
C ILE H 836 32.24 57.84 36.95
N ASP H 837 32.44 59.15 37.06
CA ASP H 837 31.87 60.07 36.09
C ASP H 837 32.85 60.36 34.98
N LYS H 838 33.43 59.31 34.41
CA LYS H 838 34.26 59.33 33.21
C LYS H 838 33.50 58.75 32.02
N SER H 839 34.22 58.25 31.03
CA SER H 839 33.56 57.87 29.80
C SER H 839 34.43 57.02 28.89
N VAL H 840 33.90 55.92 28.33
CA VAL H 840 34.73 55.07 27.47
C VAL H 840 35.01 55.80 26.14
N THR H 841 33.96 56.17 25.41
CA THR H 841 34.04 56.88 24.13
C THR H 841 34.29 58.36 24.34
N PRO H 842 35.39 58.91 23.82
CA PRO H 842 35.76 60.28 24.14
C PRO H 842 34.71 61.29 23.67
N PRO H 843 34.62 62.41 24.35
CA PRO H 843 33.58 63.39 24.01
C PRO H 843 34.04 64.54 23.13
N ILE H 844 35.33 64.79 23.03
CA ILE H 844 35.84 65.91 22.27
C ILE H 844 36.78 65.38 21.20
N THR H 845 36.49 65.73 19.94
CA THR H 845 37.26 65.31 18.78
C THR H 845 37.46 66.49 17.86
N GLY H 846 38.58 66.49 17.17
CA GLY H 846 38.88 67.51 16.19
C GLY H 846 40.34 67.90 16.24
N GLY H 847 40.80 68.48 15.15
CA GLY H 847 42.15 68.99 15.10
C GLY H 847 42.19 70.37 14.48
N PHE H 848 43.35 70.71 13.93
CA PHE H 848 43.58 72.00 13.31
C PHE H 848 44.87 71.92 12.51
N SER H 849 44.93 72.68 11.43
CA SER H 849 46.09 72.62 10.55
C SER H 849 46.57 74.02 10.17
N LEU H 850 47.88 74.12 9.92
CA LEU H 850 48.53 75.33 9.43
C LEU H 850 48.91 75.12 7.96
N GLY H 851 49.59 76.11 7.40
CA GLY H 851 49.95 76.05 6.01
C GLY H 851 50.54 77.37 5.56
N ALA H 852 51.48 77.31 4.62
CA ALA H 852 52.18 78.52 4.23
C ALA H 852 52.81 78.30 2.86
N SER H 853 53.80 79.14 2.54
CA SER H 853 54.35 79.24 1.20
C SER H 853 55.54 80.19 1.20
N TRP H 854 55.91 80.64 0.01
CA TRP H 854 56.94 81.65 -0.25
C TRP H 854 57.00 81.77 -1.76
N LYS H 855 58.13 81.38 -2.31
CA LYS H 855 58.32 81.33 -3.75
C LYS H 855 58.89 79.94 -3.97
N GLY H 856 58.01 78.96 -4.07
CA GLY H 856 58.47 77.59 -4.22
C GLY H 856 58.44 76.79 -2.94
N LEU H 857 59.14 77.27 -1.91
CA LEU H 857 59.12 76.59 -0.62
C LEU H 857 57.71 76.55 -0.04
N SER H 858 57.33 75.39 0.50
CA SER H 858 56.09 75.26 1.25
C SER H 858 56.32 74.40 2.48
N LEU H 859 55.45 74.64 3.47
CA LEU H 859 55.49 73.89 4.70
C LEU H 859 54.06 73.81 5.20
N ASP H 860 53.64 72.62 5.59
CA ASP H 860 52.30 72.39 6.11
C ASP H 860 52.42 71.60 7.39
N ALA H 861 51.49 71.85 8.30
CA ALA H 861 51.51 71.20 9.60
C ALA H 861 50.08 70.93 9.96
N ASP H 862 49.77 69.67 10.27
CA ASP H 862 48.42 69.25 10.64
C ASP H 862 48.43 68.60 12.02
N PHE H 863 47.56 69.09 12.91
CA PHE H 863 47.43 68.57 14.27
C PHE H 863 46.08 67.89 14.45
N ALA H 864 46.03 67.03 15.47
CA ALA H 864 44.78 66.41 15.84
C ALA H 864 44.85 66.11 17.32
N TYR H 865 43.69 66.16 17.98
CA TYR H 865 43.62 65.92 19.40
C TYR H 865 42.38 65.13 19.74
N ILE H 866 42.44 64.51 20.92
CA ILE H 866 41.32 63.84 21.55
C ILE H 866 41.46 64.00 23.06
N VAL H 867 40.46 64.65 23.67
CA VAL H 867 40.49 64.93 25.11
C VAL H 867 39.19 64.46 25.77
N GLY H 868 39.33 64.01 27.00
CA GLY H 868 38.26 63.33 27.68
C GLY H 868 38.24 61.83 27.49
N LYS H 869 39.41 61.22 27.22
CA LYS H 869 39.57 59.79 26.96
C LYS H 869 40.43 59.19 28.07
N TRP H 870 39.94 58.14 28.69
CA TRP H 870 40.67 57.49 29.77
C TRP H 870 40.83 56.00 29.43
N MET H 871 41.87 55.39 30.01
CA MET H 871 42.21 53.98 29.79
C MET H 871 42.81 53.39 31.05
N ILE H 872 42.68 52.08 31.17
CA ILE H 872 43.21 51.34 32.29
C ILE H 872 44.54 50.71 31.90
N ASN H 873 45.65 51.21 32.46
CA ASN H 873 46.96 50.63 32.18
C ASN H 873 47.18 49.26 32.85
N ASN H 874 46.73 48.18 32.19
CA ASN H 874 46.92 46.82 32.72
C ASN H 874 48.41 46.49 32.83
N ASP H 875 49.26 47.11 31.99
CA ASP H 875 50.70 46.98 32.19
C ASP H 875 51.10 47.35 33.62
N ARG H 876 50.47 48.38 34.19
CA ARG H 876 50.85 48.80 35.54
C ARG H 876 50.37 47.85 36.62
N TYR H 877 49.38 47.00 36.35
CA TYR H 877 49.06 45.97 37.33
C TYR H 877 50.30 45.14 37.62
N PHE H 878 51.19 44.98 36.63
CA PHE H 878 52.40 44.17 36.80
C PHE H 878 53.59 45.00 37.28
N THR H 879 53.93 46.08 36.58
CA THR H 879 55.16 46.76 36.95
C THR H 879 55.12 47.38 38.33
N GLU H 880 53.97 47.36 39.01
CA GLU H 880 53.77 48.14 40.21
C GLU H 880 53.11 47.34 41.32
N ASN H 881 53.62 46.14 41.61
CA ASN H 881 53.12 45.49 42.81
C ASN H 881 54.17 44.60 43.42
N GLY H 882 54.09 44.44 44.74
CA GLY H 882 54.94 43.54 45.47
C GLY H 882 54.17 42.32 45.93
N GLY H 883 52.96 42.11 45.43
CA GLY H 883 52.13 41.02 45.89
C GLY H 883 52.30 39.74 45.11
N GLY H 884 52.63 39.83 43.83
CA GLY H 884 52.83 38.60 43.09
C GLY H 884 53.62 38.82 41.81
N LEU H 885 53.74 37.75 41.03
CA LEU H 885 54.46 37.78 39.76
C LEU H 885 55.84 38.39 39.95
N MET H 886 56.55 37.90 40.96
CA MET H 886 57.80 38.54 41.38
C MET H 886 59.02 38.14 40.55
N GLN H 887 58.86 37.26 39.57
CA GLN H 887 59.92 37.08 38.59
C GLN H 887 60.16 38.35 37.80
N LEU H 888 59.12 39.16 37.64
CA LEU H 888 59.20 40.27 36.70
C LEU H 888 59.90 41.46 37.33
N ASN H 889 60.53 42.25 36.47
CA ASN H 889 61.13 43.51 36.86
C ASN H 889 60.02 44.51 37.13
N LYS H 890 60.25 45.42 38.09
CA LYS H 890 59.21 46.34 38.55
C LYS H 890 59.67 47.80 38.57
N ASP H 891 58.71 48.69 38.78
CA ASP H 891 59.01 50.10 38.93
C ASP H 891 59.88 50.31 40.17
N LYS H 892 60.79 51.28 40.08
CA LYS H 892 61.72 51.54 41.17
C LYS H 892 61.02 51.92 42.46
N MET H 893 59.74 52.27 42.39
CA MET H 893 59.05 52.80 43.55
C MET H 893 58.82 51.72 44.60
N LEU H 894 58.76 50.45 44.20
CA LEU H 894 58.58 49.38 45.18
C LEU H 894 59.81 49.18 46.05
N LEU H 895 60.62 50.23 46.15
CA LEU H 895 61.80 50.24 46.99
C LEU H 895 61.58 51.10 48.23
N ASN H 896 60.34 51.55 48.47
CA ASN H 896 60.00 52.35 49.64
C ASN H 896 58.82 51.78 50.39
N ALA H 897 58.54 50.50 50.21
CA ALA H 897 57.35 49.91 50.79
C ALA H 897 57.36 50.06 52.30
N TRP H 898 56.18 50.30 52.85
CA TRP H 898 56.00 50.49 54.28
C TRP H 898 56.60 49.34 55.09
N THR H 899 57.49 49.67 56.02
CA THR H 899 57.94 48.70 57.02
C THR H 899 57.74 49.27 58.42
N GLU H 900 58.62 48.91 59.34
CA GLU H 900 58.62 49.56 60.64
C GLU H 900 59.68 50.63 60.74
N ASP H 901 60.80 50.42 60.06
CA ASP H 901 61.84 51.44 60.00
C ASP H 901 61.55 52.49 58.94
N ASN H 902 60.66 52.20 57.99
CA ASN H 902 60.32 53.08 56.87
C ASN H 902 58.81 53.26 56.85
N LYS H 903 58.35 54.51 56.85
CA LYS H 903 56.95 54.74 57.15
C LYS H 903 56.39 56.04 56.56
N GLU H 904 57.26 56.89 56.01
CA GLU H 904 56.84 58.16 55.41
C GLU H 904 56.85 58.09 53.89
N THR H 905 56.11 57.10 53.37
CA THR H 905 55.87 56.99 51.94
C THR H 905 54.40 56.71 51.67
N ASP H 906 54.09 56.35 50.42
CA ASP H 906 52.73 55.99 50.08
C ASP H 906 52.71 54.80 49.11
N VAL H 907 53.78 54.00 49.11
CA VAL H 907 53.82 52.73 48.40
C VAL H 907 53.56 51.62 49.42
N PRO H 908 52.55 50.78 49.21
CA PRO H 908 52.13 49.86 50.28
C PRO H 908 53.20 48.81 50.56
N LYS H 909 53.02 48.14 51.70
CA LYS H 909 53.86 47.02 52.13
C LYS H 909 53.93 45.96 51.05
N LEU H 910 54.97 45.12 51.08
CA LEU H 910 55.15 44.19 49.98
C LEU H 910 54.03 43.17 49.90
N GLY H 911 53.48 42.74 51.04
CA GLY H 911 52.72 41.49 51.06
C GLY H 911 51.36 41.47 50.37
N GLN H 912 50.90 42.59 49.79
CA GLN H 912 49.56 42.65 49.23
C GLN H 912 49.61 42.94 47.75
N SER H 913 48.66 42.37 47.03
CA SER H 913 48.41 42.42 45.61
C SER H 913 47.40 43.51 45.30
N PRO H 914 47.53 44.17 44.16
CA PRO H 914 46.68 45.31 43.84
C PRO H 914 45.37 44.89 43.18
N GLN H 915 44.40 45.83 43.20
CA GLN H 915 43.09 45.64 42.59
C GLN H 915 42.83 46.72 41.53
N PHE H 916 41.86 46.47 40.66
CA PHE H 916 41.55 47.33 39.50
C PHE H 916 40.64 48.46 39.95
N ASP H 917 41.26 49.57 40.37
CA ASP H 917 40.50 50.61 41.06
C ASP H 917 40.66 51.88 40.24
N THR H 918 41.19 52.95 40.81
CA THR H 918 41.43 54.17 40.08
C THR H 918 42.92 54.51 40.00
N HIS H 919 43.77 53.80 40.75
CA HIS H 919 45.20 54.02 40.60
C HIS H 919 45.69 53.53 39.25
N LEU H 920 44.83 52.90 38.46
CA LEU H 920 45.15 52.43 37.13
C LEU H 920 44.42 53.20 36.05
N LEU H 921 43.38 53.96 36.39
CA LEU H 921 42.76 54.86 35.42
C LEU H 921 43.67 56.06 35.18
N GLU H 922 44.12 56.20 33.95
CA GLU H 922 44.94 57.32 33.54
C GLU H 922 44.16 58.18 32.54
N ASN H 923 44.65 59.41 32.34
CA ASN H 923 44.04 60.32 31.37
C ASN H 923 44.74 60.16 30.03
N ALA H 924 44.16 59.30 29.19
CA ALA H 924 44.73 59.06 27.87
C ALA H 924 44.26 60.12 26.87
N SER H 925 44.62 61.34 27.16
CA SER H 925 44.38 62.41 26.21
C SER H 925 45.69 62.77 25.54
N PHE H 926 45.58 63.32 24.34
CA PHE H 926 46.77 63.50 23.54
C PHE H 926 46.46 64.45 22.40
N LEU H 927 47.52 65.06 21.89
CA LEU H 927 47.51 65.87 20.69
C LEU H 927 48.69 65.42 19.85
N ARG H 928 48.43 65.11 18.59
CA ARG H 928 49.49 64.62 17.73
C ARG H 928 49.70 65.56 16.56
N LEU H 929 50.97 65.65 16.15
CA LEU H 929 51.38 66.41 14.99
C LEU H 929 51.44 65.37 13.89
N LYS H 930 50.33 65.24 13.17
CA LYS H 930 50.20 64.11 12.25
C LYS H 930 51.18 64.20 11.08
N ASN H 931 51.13 65.25 10.26
CA ASN H 931 52.18 65.35 9.25
C ASN H 931 52.83 66.72 9.33
N LEU H 932 54.04 66.80 8.78
CA LEU H 932 54.83 68.04 8.79
C LEU H 932 55.70 67.98 7.54
N LYS H 933 55.14 68.43 6.42
CA LYS H 933 55.81 68.39 5.14
C LYS H 933 56.69 69.61 4.94
N LEU H 934 57.43 69.60 3.86
CA LEU H 934 58.38 70.62 3.51
C LEU H 934 58.73 70.38 2.06
N THR H 935 57.94 70.99 1.18
CA THR H 935 58.07 70.78 -0.24
C THR H 935 58.93 71.88 -0.87
N TYR H 936 59.30 71.66 -2.14
CA TYR H 936 60.14 72.62 -2.87
C TYR H 936 59.85 72.37 -4.36
N VAL H 937 58.82 73.04 -4.88
CA VAL H 937 58.52 72.97 -6.31
C VAL H 937 59.59 73.74 -7.07
N LEU H 938 60.34 73.03 -7.92
CA LEU H 938 61.47 73.59 -8.63
C LEU H 938 61.07 74.82 -9.45
N PRO H 939 61.99 75.77 -9.62
CA PRO H 939 61.69 76.98 -10.38
C PRO H 939 61.13 76.69 -11.76
N ASN H 940 60.03 77.38 -12.09
CA ASN H 940 59.38 77.23 -13.38
C ASN H 940 60.36 77.49 -14.53
N SER H 941 61.43 78.25 -14.28
CA SER H 941 62.36 78.74 -15.28
C SER H 941 63.52 77.80 -15.52
N LEU H 942 63.51 76.62 -14.91
CA LEU H 942 64.59 75.68 -15.10
C LEU H 942 64.33 74.72 -16.24
N PHE H 943 63.12 74.71 -16.77
CA PHE H 943 62.76 73.85 -17.89
C PHE H 943 62.44 74.76 -19.05
N ALA H 944 63.50 75.30 -19.64
CA ALA H 944 63.39 76.22 -20.77
C ALA H 944 63.59 75.47 -22.08
N GLY H 945 64.82 75.03 -22.35
CA GLY H 945 65.08 74.28 -23.58
C GLY H 945 64.59 72.84 -23.57
N GLN H 946 64.73 72.15 -22.44
CA GLN H 946 64.38 70.73 -22.36
C GLN H 946 62.88 70.52 -22.50
N ASN H 947 62.39 70.30 -23.73
CA ASN H 947 60.97 70.05 -23.94
C ASN H 947 60.60 68.60 -23.63
N VAL H 948 61.38 67.96 -22.77
CA VAL H 948 61.20 66.58 -22.35
C VAL H 948 60.56 66.54 -20.97
N ILE H 949 60.87 67.52 -20.13
CA ILE H 949 60.37 67.57 -18.75
C ILE H 949 59.54 68.83 -18.57
N GLY H 950 59.69 69.49 -17.43
CA GLY H 950 58.92 70.68 -17.11
C GLY H 950 58.23 70.62 -15.76
N GLY H 951 58.91 70.04 -14.76
CA GLY H 951 58.33 69.93 -13.42
C GLY H 951 59.09 69.01 -12.47
N ALA H 952 59.07 69.36 -11.19
CA ALA H 952 59.83 68.64 -10.18
C ALA H 952 59.36 69.11 -8.81
N ARG H 953 59.70 68.32 -7.78
CA ARG H 953 59.31 68.57 -6.39
C ARG H 953 60.21 67.77 -5.46
N VAL H 954 60.30 68.22 -4.22
CA VAL H 954 61.16 67.58 -3.22
C VAL H 954 60.46 67.58 -1.87
N TYR H 955 60.49 66.43 -1.20
CA TYR H 955 59.81 66.26 0.07
C TYR H 955 60.75 66.44 1.25
N LEU H 956 60.13 66.50 2.42
CA LEU H 956 60.83 66.24 3.66
C LEU H 956 59.73 66.09 4.71
N MET H 957 59.05 64.96 4.63
CA MET H 957 57.90 64.66 5.45
C MET H 957 58.35 64.19 6.82
N ALA H 958 57.36 63.87 7.65
CA ALA H 958 57.54 63.33 8.99
C ALA H 958 56.14 63.16 9.57
N ARG H 959 55.83 62.01 10.16
CA ARG H 959 54.50 61.80 10.72
C ARG H 959 54.59 61.39 12.18
N ASN H 960 53.65 61.90 12.99
CA ASN H 960 53.51 61.54 14.39
C ASN H 960 54.81 61.76 15.18
N LEU H 961 55.51 62.84 14.86
CA LEU H 961 56.79 63.07 15.50
C LEU H 961 56.68 63.77 16.84
N LEU H 962 55.50 64.26 17.20
CA LEU H 962 55.31 64.93 18.47
C LEU H 962 53.98 64.55 19.09
N THR H 963 54.01 64.19 20.37
CA THR H 963 52.84 63.76 21.14
C THR H 963 52.94 64.31 22.57
N VAL H 964 51.79 64.73 23.15
CA VAL H 964 51.75 65.34 24.49
C VAL H 964 51.35 64.28 25.51
N THR H 965 52.38 63.72 26.15
CA THR H 965 52.25 62.52 26.97
C THR H 965 51.50 62.84 28.25
N LYS H 966 50.27 62.39 28.36
CA LYS H 966 49.66 62.30 29.68
C LYS H 966 49.72 60.88 30.22
N TYR H 967 49.36 59.90 29.39
CA TYR H 967 49.48 58.48 29.69
C TYR H 967 50.91 58.12 30.12
N LYS H 968 51.02 57.16 31.04
CA LYS H 968 52.32 56.70 31.53
C LYS H 968 52.79 55.39 30.88
N GLY H 969 52.44 55.17 29.62
CA GLY H 969 52.75 53.87 29.04
C GLY H 969 52.69 53.78 27.53
N PHE H 970 53.79 54.11 26.87
CA PHE H 970 53.91 54.02 25.42
C PHE H 970 52.85 54.89 24.77
N ASP H 971 51.86 54.30 24.09
CA ASP H 971 51.00 55.20 23.33
C ASP H 971 49.56 55.17 23.82
N PRO H 972 48.96 56.33 24.16
CA PRO H 972 47.58 56.36 24.67
C PRO H 972 46.50 56.22 23.62
N GLU H 973 46.85 56.31 22.34
CA GLU H 973 45.87 56.05 21.31
C GLU H 973 45.62 54.55 21.20
N ALA H 974 46.67 53.75 21.38
CA ALA H 974 46.64 52.31 21.14
C ALA H 974 45.95 51.61 22.30
N GLY H 975 44.63 51.68 22.26
CA GLY H 975 43.81 51.17 23.35
C GLY H 975 42.40 51.72 23.37
N GLY H 976 41.98 52.27 24.49
CA GLY H 976 40.57 52.56 24.62
C GLY H 976 39.91 51.42 25.35
N ASN H 977 39.40 51.73 26.54
CA ASN H 977 38.95 50.77 27.57
C ASN H 977 40.09 50.30 28.45
N VAL H 978 40.94 49.44 27.92
CA VAL H 978 42.03 48.81 28.64
C VAL H 978 43.28 48.97 27.80
N GLY H 979 44.42 49.09 28.46
CA GLY H 979 45.65 49.19 27.71
C GLY H 979 46.57 48.02 27.99
N LYS H 980 46.51 46.99 27.16
CA LYS H 980 47.28 45.76 27.41
C LYS H 980 48.65 45.86 26.74
N ASN H 981 49.29 44.72 26.53
CA ASN H 981 50.55 44.72 25.80
C ASN H 981 50.31 45.33 24.43
N GLN H 982 50.63 46.61 24.31
CA GLN H 982 50.21 47.33 23.12
C GLN H 982 51.35 47.43 22.14
N TYR H 983 50.98 47.59 20.88
CA TYR H 983 51.88 47.84 19.76
C TYR H 983 51.82 49.34 19.47
N PRO H 984 52.75 50.12 20.02
CA PRO H 984 52.66 51.60 19.89
C PRO H 984 52.57 52.01 18.44
N ASN H 985 51.98 53.18 18.20
CA ASN H 985 52.08 53.69 16.85
C ASN H 985 53.51 54.06 16.54
N SER H 986 53.72 54.49 15.30
CA SER H 986 55.05 54.67 14.79
C SER H 986 55.30 56.14 14.51
N LYS H 987 56.57 56.49 14.48
CA LYS H 987 57.02 57.79 13.98
C LYS H 987 57.78 57.53 12.68
N GLN H 988 57.52 58.35 11.64
CA GLN H 988 58.15 58.19 10.34
C GLN H 988 58.91 59.43 9.88
N TYR H 989 60.03 59.18 9.22
CA TYR H 989 60.85 60.20 8.58
C TYR H 989 60.86 59.82 7.11
N VAL H 990 60.26 60.65 6.27
CA VAL H 990 60.12 60.35 4.85
C VAL H 990 61.06 61.27 4.06
N ALA H 991 61.23 60.96 2.77
CA ALA H 991 61.90 61.86 1.84
C ALA H 991 61.47 61.43 0.44
N GLY H 992 60.55 62.20 -0.14
CA GLY H 992 60.02 61.92 -1.46
C GLY H 992 60.61 62.79 -2.57
N ILE H 993 60.19 62.47 -3.79
CA ILE H 993 60.71 63.10 -4.99
C ILE H 993 59.63 62.96 -6.06
N GLN H 994 59.31 64.04 -6.77
CA GLN H 994 58.37 63.93 -7.87
C GLN H 994 58.97 64.45 -9.16
N LEU H 995 58.66 63.76 -10.26
CA LEU H 995 59.07 64.16 -11.61
C LEU H 995 57.82 64.28 -12.45
N SER H 996 57.57 65.46 -12.98
CA SER H 996 56.34 65.72 -13.69
C SER H 996 56.70 66.18 -15.09
N PHE H 997 56.14 65.53 -16.12
CA PHE H 997 56.28 65.96 -17.53
C PHE H 997 55.16 65.39 -18.41
N ALA I 1 56.05 30.62 28.99
CA ALA I 1 54.85 30.64 29.84
C ALA I 1 53.78 31.60 29.28
N SER I 2 52.95 32.17 30.16
CA SER I 2 51.86 33.08 29.77
C SER I 2 51.22 33.72 31.01
N THR I 3 51.91 34.68 31.62
CA THR I 3 51.52 35.17 32.94
C THR I 3 50.20 35.92 32.84
N THR I 4 49.11 35.16 32.93
CA THR I 4 47.78 35.75 33.00
C THR I 4 47.52 36.19 34.44
N GLY I 5 48.34 37.14 34.90
CA GLY I 5 48.21 37.61 36.26
C GLY I 5 46.92 38.35 36.54
N GLY I 6 46.75 39.47 35.86
CA GLY I 6 45.48 40.13 35.93
C GLY I 6 44.84 39.93 34.60
N ASN I 7 45.08 40.84 33.64
CA ASN I 7 44.40 40.80 32.35
C ASN I 7 42.88 41.03 32.48
N SER I 8 42.46 42.28 32.67
CA SER I 8 41.05 42.61 32.56
C SER I 8 40.72 42.64 31.09
N GLN I 9 39.58 42.08 30.71
CA GLN I 9 39.27 41.78 29.32
C GLN I 9 38.70 43.01 28.62
N ARG I 10 39.21 43.30 27.41
CA ARG I 10 38.89 44.53 26.69
C ARG I 10 37.38 44.74 26.60
N GLY I 11 36.96 45.98 26.72
CA GLY I 11 35.54 46.21 26.73
C GLY I 11 34.94 46.69 25.42
N SER I 12 35.35 47.88 24.93
CA SER I 12 34.77 48.44 23.70
C SER I 12 35.47 47.78 22.50
N GLY I 13 34.86 46.71 22.01
CA GLY I 13 35.28 46.05 20.79
C GLY I 13 34.08 45.91 19.87
N CYS J 1 67.50 36.78 -14.24
CA CYS J 1 68.54 35.74 -14.34
C CYS J 1 68.25 34.51 -13.48
N GLU J 2 69.26 34.04 -12.73
CA GLU J 2 69.31 32.72 -12.10
C GLU J 2 68.04 31.91 -12.18
N LEU J 3 68.07 30.82 -12.94
CA LEU J 3 66.81 30.28 -13.42
C LEU J 3 66.78 28.77 -13.45
N ASP J 4 67.48 28.12 -12.54
CA ASP J 4 67.27 26.70 -12.35
C ASP J 4 66.19 26.49 -11.31
N ARG J 5 65.27 25.56 -11.59
CA ARG J 5 64.12 25.26 -10.76
C ARG J 5 64.13 23.78 -10.38
N ASP J 6 64.15 23.48 -9.07
CA ASP J 6 64.07 22.11 -8.56
C ASP J 6 62.69 21.81 -8.01
N PRO J 7 62.29 20.55 -7.95
CA PRO J 7 60.89 20.23 -7.61
C PRO J 7 60.68 20.05 -6.13
N GLU J 8 59.56 20.57 -5.64
CA GLU J 8 59.19 20.34 -4.26
C GLU J 8 58.58 18.97 -4.08
N GLY J 9 58.92 18.30 -2.98
CA GLY J 9 58.48 16.94 -2.81
C GLY J 9 59.64 15.99 -2.96
N LYS J 10 60.52 16.27 -3.90
CA LYS J 10 61.66 15.39 -4.20
C LYS J 10 62.98 15.90 -3.62
N ASP J 11 63.90 14.95 -3.41
CA ASP J 11 65.28 15.25 -3.11
C ASP J 11 66.16 14.42 -4.04
N PHE J 12 67.43 14.84 -4.12
CA PHE J 12 68.40 14.22 -5.01
C PHE J 12 68.84 12.88 -4.43
N GLN J 13 69.22 11.95 -5.31
CA GLN J 13 69.86 10.72 -4.87
C GLN J 13 71.28 11.02 -4.42
N GLN J 14 71.68 10.47 -3.28
CA GLN J 14 73.06 10.56 -2.82
C GLN J 14 73.47 9.25 -2.18
N PRO J 15 74.78 8.97 -2.11
CA PRO J 15 75.25 7.85 -1.30
C PRO J 15 74.97 8.06 0.19
N TYR J 16 74.85 6.96 0.91
CA TYR J 16 74.40 6.99 2.30
C TYR J 16 75.47 7.63 3.16
N THR J 17 75.07 8.65 3.93
CA THR J 17 75.98 9.46 4.72
C THR J 17 75.93 9.15 6.21
N SER J 18 74.85 8.54 6.71
CA SER J 18 74.57 8.51 8.14
C SER J 18 73.58 7.39 8.44
N PHE J 19 73.66 6.87 9.67
CA PHE J 19 72.79 5.77 10.06
C PHE J 19 71.32 6.05 9.74
N VAL J 20 70.84 7.25 10.06
CA VAL J 20 69.42 7.55 9.93
C VAL J 20 68.96 7.46 8.48
N GLN J 21 69.85 7.85 7.55
CA GLN J 21 69.50 7.75 6.14
C GLN J 21 69.38 6.30 5.69
N THR J 22 70.31 5.43 6.11
CA THR J 22 70.19 4.01 5.76
C THR J 22 68.87 3.44 6.26
N LYS J 23 68.46 3.82 7.46
CA LYS J 23 67.25 3.24 8.02
C LYS J 23 66.03 3.70 7.21
N GLN J 24 66.06 4.91 6.68
CA GLN J 24 64.91 5.42 5.95
C GLN J 24 64.74 4.71 4.60
N ASN J 25 65.83 4.66 3.82
CA ASN J 25 65.83 3.93 2.56
C ASN J 25 65.42 2.48 2.73
N ARG J 26 65.73 1.91 3.90
CA ARG J 26 65.37 0.54 4.20
C ARG J 26 63.85 0.36 4.31
N ASP J 27 63.15 1.35 4.88
CA ASP J 27 61.67 1.31 4.87
C ASP J 27 61.11 1.48 3.46
N GLY J 28 61.66 2.43 2.69
CA GLY J 28 61.23 2.63 1.30
C GLY J 28 61.31 1.38 0.47
N LEU J 29 62.28 0.51 0.75
CA LEU J 29 62.33 -0.79 0.10
C LEU J 29 61.22 -1.69 0.64
N TYR J 30 61.03 -1.72 1.97
CA TYR J 30 59.97 -2.54 2.56
C TYR J 30 58.58 -2.06 2.18
N ALA J 31 58.44 -0.77 1.90
CA ALA J 31 57.17 -0.21 1.44
C ALA J 31 56.91 -0.61 0.00
N LEU J 32 57.96 -0.59 -0.81
CA LEU J 32 57.88 -1.06 -2.17
C LEU J 32 57.49 -2.53 -2.21
N LEU J 33 58.05 -3.33 -1.29
CA LEU J 33 57.71 -4.74 -1.20
C LEU J 33 56.20 -4.93 -1.00
N ARG J 34 55.57 -4.01 -0.24
CA ARG J 34 54.17 -4.16 0.15
C ARG J 34 53.23 -4.13 -1.06
N ASN J 35 53.57 -3.36 -2.08
CA ASN J 35 52.86 -3.33 -3.35
C ASN J 35 53.54 -4.17 -4.42
N THR J 36 54.32 -5.18 -4.01
CA THR J 36 54.98 -6.09 -4.94
C THR J 36 54.65 -7.55 -4.61
N GLU J 37 55.15 -8.10 -3.51
CA GLU J 37 54.77 -9.45 -3.05
C GLU J 37 53.39 -9.37 -2.39
N ASN J 38 52.39 -9.25 -3.26
CA ASN J 38 51.06 -8.81 -2.91
C ASN J 38 50.05 -9.85 -3.40
N PRO J 39 49.01 -10.15 -2.63
CA PRO J 39 48.04 -11.16 -3.09
C PRO J 39 47.40 -10.83 -4.42
N ARG J 40 47.24 -9.55 -4.77
CA ARG J 40 46.68 -9.18 -6.06
C ARG J 40 47.58 -9.62 -7.22
N MET J 41 48.88 -9.78 -6.97
CA MET J 41 49.87 -10.06 -8.01
C MET J 41 50.00 -11.55 -8.29
N HIS J 42 49.51 -12.38 -7.38
CA HIS J 42 49.54 -13.81 -7.57
C HIS J 42 48.17 -14.36 -7.97
N PHE J 43 47.18 -13.50 -8.14
CA PHE J 43 45.85 -13.93 -8.56
C PHE J 43 45.80 -14.40 -10.01
N TYR J 44 46.84 -14.16 -10.82
CA TYR J 44 46.80 -14.63 -12.19
C TYR J 44 47.15 -16.11 -12.28
N GLN J 45 48.35 -16.47 -11.80
CA GLN J 45 48.73 -17.88 -11.83
C GLN J 45 47.81 -18.75 -10.99
N GLU J 46 46.94 -18.13 -10.20
CA GLU J 46 45.90 -18.90 -9.55
C GLU J 46 44.81 -19.22 -10.55
N LEU J 47 44.34 -18.20 -11.27
CA LEU J 47 43.24 -18.40 -12.19
C LEU J 47 43.63 -19.29 -13.36
N GLN J 48 44.91 -19.30 -13.75
CA GLN J 48 45.36 -20.10 -14.90
C GLN J 48 45.33 -21.59 -14.62
N SER J 49 45.35 -22.00 -13.35
CA SER J 49 45.35 -23.41 -13.02
C SER J 49 43.97 -24.02 -13.28
N ASP J 50 43.81 -25.27 -12.88
CA ASP J 50 42.69 -26.10 -13.31
C ASP J 50 41.54 -26.08 -12.32
N MET J 51 41.37 -24.97 -11.60
CA MET J 51 40.37 -24.89 -10.56
C MET J 51 39.21 -23.96 -10.90
N TYR J 52 39.42 -22.97 -11.74
CA TYR J 52 38.36 -22.00 -11.95
C TYR J 52 37.69 -22.21 -13.30
N CYS J 53 36.51 -21.59 -13.40
CA CYS J 53 35.72 -21.44 -14.60
C CYS J 53 35.08 -20.06 -14.60
N THR J 54 34.82 -19.53 -15.78
CA THR J 54 34.35 -18.15 -15.89
C THR J 54 32.83 -18.07 -15.80
N THR J 55 32.33 -17.12 -15.01
CA THR J 55 30.91 -16.89 -14.86
C THR J 55 30.43 -15.81 -15.83
N ILE J 56 29.11 -15.58 -15.87
CA ILE J 56 28.49 -14.68 -16.83
C ILE J 56 28.68 -13.22 -16.44
N THR J 57 29.43 -12.96 -15.40
CA THR J 57 29.68 -11.58 -15.03
C THR J 57 30.97 -11.07 -15.64
N ASP J 58 31.91 -11.98 -15.90
CA ASP J 58 33.25 -11.64 -16.39
C ASP J 58 33.14 -10.78 -17.64
N GLY J 59 34.06 -9.83 -17.78
CA GLY J 59 34.20 -9.08 -19.00
C GLY J 59 35.55 -9.37 -19.63
N ASN J 60 35.86 -10.66 -19.80
CA ASN J 60 37.15 -11.13 -20.32
C ASN J 60 38.34 -10.71 -19.46
N SER J 61 38.11 -10.53 -18.15
CA SER J 61 39.19 -10.17 -17.23
C SER J 61 39.95 -11.40 -16.76
N LEU J 62 39.24 -12.43 -16.32
CA LEU J 62 39.93 -13.65 -15.93
C LEU J 62 39.89 -14.70 -17.02
N ALA J 63 38.88 -14.64 -17.91
CA ALA J 63 38.69 -15.63 -18.96
C ALA J 63 40.02 -15.97 -19.65
N PRO J 64 40.90 -15.01 -19.95
CA PRO J 64 42.19 -15.37 -20.56
C PRO J 64 43.06 -16.28 -19.72
N PHE J 65 42.99 -16.24 -18.40
CA PHE J 65 43.82 -17.18 -17.66
C PHE J 65 43.08 -18.49 -17.45
N VAL J 66 41.78 -18.41 -17.14
CA VAL J 66 40.96 -19.58 -16.87
C VAL J 66 40.77 -20.45 -18.11
N ASN J 67 40.78 -19.83 -19.30
CA ASN J 67 40.44 -20.50 -20.55
C ASN J 67 41.59 -20.54 -21.55
N TRP J 68 42.79 -20.08 -21.18
CA TRP J 68 44.02 -20.21 -21.95
C TRP J 68 43.93 -19.63 -23.36
N ASP J 69 43.49 -18.37 -23.46
CA ASP J 69 43.47 -17.61 -24.72
C ASP J 69 44.90 -17.13 -24.99
N LEU J 70 45.67 -17.95 -25.74
CA LEU J 70 47.10 -17.70 -25.94
C LEU J 70 47.38 -16.44 -26.74
N GLY J 71 46.44 -16.03 -27.60
CA GLY J 71 46.56 -14.79 -28.35
C GLY J 71 46.42 -13.55 -27.50
N ILE J 72 45.87 -13.70 -26.31
CA ILE J 72 45.76 -12.61 -25.35
C ILE J 72 46.89 -12.63 -24.33
N LEU J 73 47.31 -13.83 -23.88
CA LEU J 73 48.33 -13.98 -22.84
C LEU J 73 49.74 -13.67 -23.34
N ASN J 74 49.94 -13.59 -24.65
CA ASN J 74 51.23 -13.18 -25.16
C ASN J 74 51.59 -11.77 -24.68
N ASP J 75 50.73 -10.78 -24.99
CA ASP J 75 51.01 -9.38 -24.70
C ASP J 75 50.54 -8.93 -23.34
N HIS J 76 50.02 -9.84 -22.51
CA HIS J 76 49.06 -9.45 -21.47
C HIS J 76 49.68 -8.52 -20.43
N GLY J 77 48.91 -7.51 -20.08
CA GLY J 77 49.21 -6.65 -18.96
C GLY J 77 49.49 -5.24 -19.42
N ARG J 78 49.81 -4.41 -18.44
CA ARG J 78 50.20 -3.03 -18.69
C ARG J 78 51.22 -2.69 -17.63
N ALA J 79 52.08 -1.74 -17.96
CA ALA J 79 53.06 -1.29 -16.99
C ALA J 79 53.50 0.09 -17.41
N ASP J 80 52.52 0.97 -17.56
CA ASP J 80 52.79 2.39 -17.70
C ASP J 80 52.59 3.05 -16.33
N GLU J 81 52.38 4.36 -16.34
CA GLU J 81 52.10 5.15 -15.16
C GLU J 81 50.62 5.37 -14.94
N ASP J 82 49.78 4.90 -15.87
CA ASP J 82 48.34 4.85 -15.67
C ASP J 82 47.95 3.54 -15.01
N GLU J 83 48.50 2.43 -15.48
CA GLU J 83 48.17 1.13 -14.91
C GLU J 83 49.45 0.35 -14.61
N VAL J 84 49.30 -0.68 -13.76
CA VAL J 84 50.28 -1.74 -13.57
C VAL J 84 49.49 -2.99 -13.22
N SER J 85 49.36 -3.90 -14.19
CA SER J 85 48.54 -5.11 -14.03
C SER J 85 49.12 -6.22 -14.89
N GLY J 86 48.58 -7.41 -14.72
CA GLY J 86 48.89 -8.52 -15.58
C GLY J 86 50.36 -8.90 -15.61
N ILE J 87 50.70 -9.65 -16.67
CA ILE J 87 52.01 -10.29 -16.72
C ILE J 87 53.12 -9.26 -16.86
N ALA J 88 52.94 -8.28 -17.74
CA ALA J 88 53.92 -7.21 -17.80
C ALA J 88 54.14 -6.59 -16.41
N GLY J 89 53.07 -6.38 -15.66
CA GLY J 89 53.19 -5.76 -14.33
C GLY J 89 53.93 -6.65 -13.33
N TYR J 90 53.56 -7.92 -13.26
CA TYR J 90 54.31 -8.86 -12.43
C TYR J 90 55.79 -8.77 -12.76
N TYR J 91 56.12 -8.86 -14.05
CA TYR J 91 57.51 -8.72 -14.51
C TYR J 91 58.09 -7.40 -14.06
N PHE J 92 57.30 -6.35 -14.10
CA PHE J 92 57.84 -5.03 -13.82
C PHE J 92 58.09 -4.85 -12.34
N VAL J 93 57.06 -5.11 -11.52
CA VAL J 93 57.14 -4.71 -10.12
C VAL J 93 58.26 -5.44 -9.42
N TYR J 94 58.59 -6.65 -9.87
CA TYR J 94 59.66 -7.41 -9.24
C TYR J 94 61.04 -6.90 -9.63
N ASN J 95 61.28 -6.62 -10.93
CA ASN J 95 62.54 -5.99 -11.31
C ASN J 95 62.70 -4.63 -10.61
N ARG J 96 61.63 -3.87 -10.47
CA ARG J 96 61.72 -2.65 -9.67
C ARG J 96 62.16 -2.98 -8.26
N LEU J 97 61.59 -4.03 -7.66
CA LEU J 97 62.03 -4.47 -6.35
C LEU J 97 63.50 -4.87 -6.36
N ASN J 98 63.92 -5.62 -7.38
CA ASN J 98 65.30 -6.08 -7.46
C ASN J 98 66.27 -4.91 -7.59
N GLN J 99 65.99 -3.96 -8.47
CA GLN J 99 66.92 -2.84 -8.64
C GLN J 99 66.96 -1.98 -7.39
N GLN J 100 65.79 -1.71 -6.79
CA GLN J 100 65.79 -0.92 -5.56
C GLN J 100 66.48 -1.68 -4.43
N ALA J 101 66.34 -3.00 -4.39
CA ALA J 101 67.10 -3.74 -3.39
C ALA J 101 68.59 -3.60 -3.65
N ASN J 102 69.00 -3.71 -4.91
CA ASN J 102 70.42 -3.58 -5.25
C ASN J 102 70.96 -2.20 -4.85
N ALA J 103 70.23 -1.13 -5.13
CA ALA J 103 70.79 0.17 -4.79
C ALA J 103 70.92 0.32 -3.27
N PHE J 104 70.01 -0.31 -2.52
CA PHE J 104 70.16 -0.35 -1.07
C PHE J 104 71.36 -1.21 -0.64
N VAL J 105 71.43 -2.45 -1.13
CA VAL J 105 72.52 -3.36 -0.74
C VAL J 105 73.88 -2.73 -1.04
N ASN J 106 74.05 -2.12 -2.22
CA ASN J 106 75.33 -1.55 -2.60
C ASN J 106 75.68 -0.33 -1.76
N ASN J 107 74.76 0.64 -1.67
CA ASN J 107 75.04 1.86 -0.93
C ASN J 107 75.24 1.60 0.56
N THR J 108 74.64 0.53 1.09
CA THR J 108 74.89 0.15 2.48
C THR J 108 76.28 -0.47 2.64
N GLU J 109 76.65 -1.35 1.70
CA GLU J 109 78.02 -1.85 1.70
C GLU J 109 79.02 -0.69 1.56
N ALA J 110 78.72 0.27 0.70
CA ALA J 110 79.62 1.40 0.49
C ALA J 110 79.80 2.23 1.76
N ALA J 111 78.70 2.46 2.49
CA ALA J 111 78.78 3.24 3.73
C ALA J 111 79.61 2.51 4.78
N LEU J 112 79.65 1.18 4.72
CA LEU J 112 80.43 0.41 5.68
C LEU J 112 81.93 0.49 5.38
N GLN J 113 82.31 0.42 4.10
CA GLN J 113 83.73 0.54 3.76
C GLN J 113 84.25 1.93 4.12
N ASN J 114 83.51 2.95 3.72
CA ASN J 114 83.96 4.30 4.01
C ASN J 114 83.79 4.70 5.47
N GLN J 115 83.35 3.78 6.35
CA GLN J 115 83.30 4.00 7.80
C GLN J 115 82.46 5.23 8.18
N VAL J 116 81.31 5.39 7.52
CA VAL J 116 80.48 6.57 7.76
C VAL J 116 79.72 6.51 9.07
N TYR J 117 79.65 5.35 9.71
CA TYR J 117 78.83 5.19 10.89
C TYR J 117 79.56 5.69 12.14
N LYS J 118 78.87 5.67 13.28
CA LYS J 118 79.33 6.36 14.47
C LYS J 118 79.89 5.42 15.52
N ASN J 119 79.13 4.39 15.93
CA ASN J 119 79.62 3.47 16.95
C ASN J 119 79.35 2.03 16.53
N SER J 120 79.69 1.09 17.43
CA SER J 120 79.58 -0.34 17.10
C SER J 120 78.14 -0.75 16.90
N THR J 121 77.23 -0.21 17.70
CA THR J 121 75.83 -0.60 17.57
C THR J 121 75.25 -0.16 16.23
N GLU J 122 75.70 0.98 15.70
CA GLU J 122 75.23 1.42 14.39
C GLU J 122 75.66 0.44 13.31
N ILE J 123 76.93 0.03 13.34
CA ILE J 123 77.47 -0.88 12.34
C ILE J 123 76.90 -2.28 12.48
N ALA J 124 76.60 -2.73 13.69
CA ALA J 124 76.02 -4.06 13.87
C ALA J 124 74.64 -4.12 13.22
N ASN J 125 73.77 -3.16 13.53
CA ASN J 125 72.47 -3.11 12.88
C ASN J 125 72.64 -2.95 11.37
N ALA J 126 73.64 -2.18 10.95
CA ALA J 126 73.88 -1.94 9.53
C ALA J 126 74.16 -3.24 8.79
N LYS J 127 75.03 -4.07 9.37
CA LYS J 127 75.32 -5.34 8.72
C LYS J 127 74.07 -6.20 8.60
N SER J 128 73.21 -6.17 9.62
CA SER J 128 72.00 -6.99 9.62
C SER J 128 70.95 -6.46 8.64
N PHE J 129 70.83 -5.13 8.50
CA PHE J 129 69.99 -4.56 7.45
C PHE J 129 70.36 -5.14 6.09
N LEU J 130 71.67 -5.18 5.82
CA LEU J 130 72.20 -5.69 4.56
C LEU J 130 71.80 -7.15 4.32
N ALA J 131 71.76 -7.94 5.40
CA ALA J 131 71.33 -9.34 5.29
C ALA J 131 69.88 -9.44 4.84
N GLU J 132 69.03 -8.57 5.41
CA GLU J 132 67.63 -8.51 5.01
C GLU J 132 67.51 -8.11 3.55
N GLY J 133 68.31 -7.14 3.12
CA GLY J 133 68.30 -6.77 1.71
C GLY J 133 68.69 -7.91 0.78
N LYS J 134 69.63 -8.77 1.19
CA LYS J 134 70.01 -9.90 0.35
C LYS J 134 68.86 -10.88 0.19
N VAL J 135 68.04 -11.06 1.23
CA VAL J 135 66.89 -11.95 1.15
C VAL J 135 65.88 -11.45 0.14
N LEU J 136 65.66 -10.15 0.07
CA LEU J 136 64.74 -9.59 -0.93
C LEU J 136 65.29 -9.70 -2.34
N GLN J 137 66.61 -9.54 -2.50
CA GLN J 137 67.28 -9.80 -3.78
C GLN J 137 66.93 -11.18 -4.31
N ALA J 138 67.05 -12.20 -3.46
CA ALA J 138 66.69 -13.55 -3.89
C ALA J 138 65.21 -13.63 -4.20
N LEU J 139 64.39 -13.01 -3.36
CA LEU J 139 62.95 -13.13 -3.52
C LEU J 139 62.51 -12.67 -4.90
N ALA J 140 63.09 -11.56 -5.37
CA ALA J 140 62.71 -11.03 -6.67
C ALA J 140 63.14 -11.98 -7.81
N ILE J 141 64.37 -12.48 -7.76
CA ILE J 141 64.87 -13.34 -8.84
C ILE J 141 64.09 -14.66 -8.89
N TRP J 142 63.80 -15.26 -7.74
CA TRP J 142 63.03 -16.50 -7.72
C TRP J 142 61.60 -16.28 -8.19
N ARG J 143 60.97 -15.16 -7.77
CA ARG J 143 59.61 -14.90 -8.24
C ARG J 143 59.58 -14.73 -9.75
N LEU J 144 60.68 -14.23 -10.31
CA LEU J 144 60.77 -14.09 -11.76
C LEU J 144 61.05 -15.42 -12.44
N MET J 145 61.82 -16.31 -11.82
CA MET J 145 62.10 -17.60 -12.45
C MET J 145 60.83 -18.45 -12.50
N ASP J 146 59.95 -18.32 -11.51
CA ASP J 146 58.77 -19.18 -11.40
C ASP J 146 57.84 -19.02 -12.58
N ARG J 147 57.75 -17.81 -13.12
CA ARG J 147 56.84 -17.52 -14.21
C ARG J 147 57.53 -17.37 -15.55
N PHE J 148 58.84 -17.21 -15.59
CA PHE J 148 59.52 -16.85 -16.83
C PHE J 148 60.66 -17.79 -17.20
N SER J 149 60.75 -18.95 -16.55
CA SER J 149 61.71 -19.96 -16.97
C SER J 149 60.98 -21.29 -17.08
N PHE J 150 61.36 -22.08 -18.10
CA PHE J 150 60.70 -23.35 -18.38
C PHE J 150 61.06 -24.38 -17.31
N HIS J 151 60.12 -25.22 -16.96
CA HIS J 151 60.44 -26.34 -16.08
C HIS J 151 61.34 -27.35 -16.79
N GLU J 152 62.14 -28.08 -16.01
CA GLU J 152 63.11 -29.00 -16.57
C GLU J 152 62.40 -30.22 -17.12
N SER J 153 61.16 -30.03 -17.56
CA SER J 153 60.26 -31.12 -17.95
C SER J 153 59.34 -30.62 -19.05
N VAL J 154 59.90 -29.88 -19.98
CA VAL J 154 59.07 -29.16 -20.94
C VAL J 154 59.34 -29.75 -22.32
N THR J 155 58.30 -29.77 -23.15
CA THR J 155 58.34 -30.36 -24.49
C THR J 155 58.83 -29.35 -25.53
N GLU J 156 57.93 -28.76 -26.32
CA GLU J 156 58.36 -27.82 -27.34
C GLU J 156 58.66 -26.46 -26.73
N VAL J 157 59.82 -25.90 -27.09
CA VAL J 157 60.25 -24.56 -26.67
C VAL J 157 60.93 -23.88 -27.86
N ASN J 158 61.33 -22.62 -27.66
CA ASN J 158 62.11 -21.91 -28.66
C ASN J 158 63.57 -22.27 -28.57
N SER J 159 64.21 -22.42 -29.73
CA SER J 159 65.62 -22.80 -29.80
C SER J 159 66.46 -21.90 -28.91
N GLY J 160 66.85 -22.41 -27.74
CA GLY J 160 67.76 -21.75 -26.83
C GLY J 160 67.23 -21.54 -25.43
N ALA J 161 65.93 -21.78 -25.22
CA ALA J 161 65.27 -21.36 -24.00
C ALA J 161 65.23 -22.40 -22.89
N LYS J 162 65.33 -23.70 -23.22
CA LYS J 162 64.96 -24.72 -22.26
C LYS J 162 65.85 -24.73 -21.02
N ASP J 163 67.00 -24.04 -21.03
CA ASP J 163 67.84 -23.96 -19.83
C ASP J 163 68.22 -22.53 -19.48
N LEU J 164 67.43 -21.54 -19.87
CA LEU J 164 67.73 -20.16 -19.53
C LEU J 164 66.85 -19.71 -18.38
N GLY J 165 67.37 -18.78 -17.60
CA GLY J 165 66.64 -18.12 -16.54
C GLY J 165 66.17 -16.77 -17.00
N VAL J 166 66.51 -15.71 -16.27
CA VAL J 166 66.10 -14.34 -16.59
C VAL J 166 67.32 -13.43 -16.62
N ILE J 167 67.09 -12.18 -17.01
CA ILE J 167 68.18 -11.21 -17.08
C ILE J 167 68.64 -10.90 -15.66
N LEU J 168 69.87 -11.27 -15.32
CA LEU J 168 70.35 -11.23 -13.94
C LEU J 168 71.26 -10.03 -13.71
N LEU J 169 70.81 -9.08 -12.89
CA LEU J 169 71.57 -7.86 -12.66
C LEU J 169 71.83 -7.72 -11.16
N LYS J 170 73.09 -7.83 -10.75
CA LYS J 170 73.42 -7.91 -9.33
C LYS J 170 73.81 -6.55 -8.73
N GLU J 171 73.59 -5.45 -9.45
CA GLU J 171 73.93 -4.12 -8.96
C GLU J 171 72.91 -3.13 -9.50
N TYR J 172 72.84 -1.95 -8.89
CA TYR J 172 71.93 -0.92 -9.42
C TYR J 172 72.42 -0.44 -10.79
N ASN J 173 71.66 -0.73 -11.86
CA ASN J 173 72.10 -0.47 -13.23
C ASN J 173 70.87 -0.32 -14.11
N PRO J 174 70.29 0.88 -14.16
CA PRO J 174 69.10 1.05 -14.98
C PRO J 174 69.41 1.18 -16.45
N GLY J 175 70.68 1.34 -16.81
CA GLY J 175 71.03 1.46 -18.22
C GLY J 175 71.72 0.22 -18.78
N TYR J 176 71.13 -0.95 -18.60
CA TYR J 176 71.71 -2.20 -19.05
C TYR J 176 70.80 -2.87 -20.06
N ILE J 177 71.42 -3.43 -21.09
CA ILE J 177 70.77 -4.39 -21.96
C ILE J 177 71.73 -5.57 -22.11
N GLY J 178 71.28 -6.76 -21.73
CA GLY J 178 72.08 -7.95 -21.86
C GLY J 178 71.19 -9.13 -22.19
N PRO J 179 71.75 -10.34 -22.24
CA PRO J 179 70.93 -11.50 -22.55
C PRO J 179 70.59 -12.28 -21.31
N ARG J 180 69.59 -13.14 -21.43
CA ARG J 180 69.18 -13.94 -20.29
C ARG J 180 70.34 -14.84 -19.87
N ALA J 181 70.46 -15.08 -18.56
CA ALA J 181 71.48 -15.98 -18.05
C ALA J 181 70.95 -17.40 -17.86
N THR J 182 71.85 -18.32 -17.50
CA THR J 182 71.47 -19.72 -17.36
C THR J 182 70.71 -19.94 -16.06
N LYS J 183 69.91 -21.01 -16.04
CA LYS J 183 69.26 -21.40 -14.79
C LYS J 183 70.28 -21.66 -13.68
N ALA J 184 71.36 -22.39 -13.99
CA ALA J 184 72.36 -22.68 -12.97
C ALA J 184 73.01 -21.41 -12.43
N GLN J 185 72.99 -20.31 -13.21
CA GLN J 185 73.55 -19.04 -12.73
C GLN J 185 72.63 -18.33 -11.74
N CYS J 186 71.33 -18.25 -12.05
CA CYS J 186 70.43 -17.55 -11.15
C CYS J 186 70.16 -18.35 -9.88
N TYR J 187 69.90 -19.65 -10.00
CA TYR J 187 69.55 -20.39 -8.79
C TYR J 187 70.72 -20.44 -7.83
N ASP J 188 71.95 -20.46 -8.36
CA ASP J 188 73.14 -20.33 -7.53
C ASP J 188 73.20 -18.94 -6.89
N TYR J 189 72.70 -17.93 -7.57
CA TYR J 189 72.62 -16.59 -6.97
C TYR J 189 71.54 -16.54 -5.90
N ILE J 190 70.32 -17.01 -6.21
CA ILE J 190 69.25 -17.05 -5.21
C ILE J 190 69.72 -17.78 -3.96
N LEU J 191 70.32 -18.95 -4.16
CA LEU J 191 70.64 -19.78 -3.00
C LEU J 191 71.84 -19.22 -2.23
N SER J 192 72.83 -18.65 -2.92
CA SER J 192 73.95 -18.03 -2.20
C SER J 192 73.46 -16.86 -1.37
N ARG J 193 72.68 -15.97 -1.99
CA ARG J 193 72.17 -14.80 -1.31
C ARG J 193 71.42 -15.18 -0.03
N LEU J 194 70.52 -16.18 -0.11
CA LEU J 194 69.83 -16.66 1.09
C LEU J 194 70.81 -17.20 2.14
N SER J 195 71.79 -18.00 1.70
CA SER J 195 72.77 -18.55 2.62
C SER J 195 73.65 -17.46 3.22
N GLU J 196 74.04 -16.46 2.43
CA GLU J 196 74.87 -15.36 2.94
C GLU J 196 74.15 -14.56 4.02
N ALA J 197 72.81 -14.54 3.99
CA ALA J 197 71.98 -13.79 4.93
C ALA J 197 71.65 -14.56 6.21
N ILE J 198 71.48 -15.89 6.13
CA ILE J 198 71.13 -16.66 7.32
C ILE J 198 72.29 -16.68 8.31
N GLU J 199 73.52 -16.42 7.85
CA GLU J 199 74.63 -16.33 8.79
C GLU J 199 74.58 -15.08 9.66
N VAL J 200 73.75 -14.09 9.33
CA VAL J 200 73.76 -12.80 10.00
C VAL J 200 72.45 -12.51 10.71
N LEU J 201 71.32 -12.94 10.13
CA LEU J 201 70.05 -12.73 10.79
C LEU J 201 70.04 -13.45 12.12
N PRO J 202 69.56 -12.82 13.19
CA PRO J 202 69.49 -13.49 14.49
C PRO J 202 68.43 -14.57 14.50
N GLU J 203 68.69 -15.59 15.32
CA GLU J 203 67.86 -16.80 15.32
C GLU J 203 66.40 -16.50 15.58
N ASN J 204 66.12 -15.67 16.56
CA ASN J 204 64.72 -15.39 16.88
C ASN J 204 64.26 -14.17 16.13
N ARG J 205 63.08 -14.28 15.52
CA ARG J 205 62.51 -13.16 14.80
C ARG J 205 62.43 -11.94 15.71
N GLU J 206 62.82 -10.81 15.17
CA GLU J 206 62.80 -9.58 15.94
C GLU J 206 61.50 -8.83 15.78
N SER J 207 60.92 -8.88 14.59
CA SER J 207 59.64 -8.25 14.30
C SER J 207 58.94 -9.01 13.17
N VAL J 208 57.61 -9.04 13.23
CA VAL J 208 56.85 -9.66 12.16
C VAL J 208 56.67 -8.73 10.97
N LEU J 209 57.16 -7.50 11.03
CA LEU J 209 57.08 -6.62 9.87
C LEU J 209 58.40 -6.44 9.15
N TYR J 210 59.39 -7.26 9.45
CA TYR J 210 60.73 -7.14 8.90
C TYR J 210 61.33 -8.52 8.72
N VAL J 211 62.11 -8.66 7.64
CA VAL J 211 62.75 -9.95 7.32
C VAL J 211 63.38 -10.53 8.58
N SER J 212 63.08 -11.80 8.81
CA SER J 212 63.59 -12.52 9.96
C SER J 212 64.30 -13.78 9.49
N ARG J 213 65.19 -14.31 10.33
CA ARG J 213 65.83 -15.56 9.97
C ARG J 213 64.80 -16.64 9.81
N ASP J 214 63.75 -16.59 10.62
CA ASP J 214 62.72 -17.61 10.52
C ASP J 214 62.08 -17.59 9.13
N TYR J 215 61.85 -16.37 8.59
CA TYR J 215 61.34 -16.23 7.23
C TYR J 215 62.34 -16.76 6.20
N ALA J 216 63.62 -16.40 6.34
CA ALA J 216 64.64 -16.80 5.36
C ALA J 216 64.68 -18.32 5.19
N TYR J 217 64.72 -19.05 6.30
CA TYR J 217 64.66 -20.51 6.23
C TYR J 217 63.39 -20.96 5.50
N ALA J 218 62.26 -20.32 5.80
CA ALA J 218 60.99 -20.73 5.19
C ALA J 218 61.01 -20.55 3.67
N LEU J 219 61.67 -19.48 3.18
CA LEU J 219 61.73 -19.22 1.74
C LEU J 219 62.62 -20.22 1.00
N ARG J 220 63.79 -20.53 1.56
CA ARG J 220 64.64 -21.55 0.95
C ARG J 220 63.92 -22.89 0.86
N ALA J 221 63.26 -23.32 1.94
CA ALA J 221 62.45 -24.54 1.89
C ALA J 221 61.33 -24.45 0.85
N ARG J 222 60.70 -23.28 0.73
CA ARG J 222 59.70 -23.10 -0.32
C ARG J 222 60.34 -23.24 -1.70
N ILE J 223 61.56 -22.70 -1.88
CA ILE J 223 62.21 -22.72 -3.18
C ILE J 223 62.72 -24.11 -3.52
N TYR J 224 63.44 -24.74 -2.59
CA TYR J 224 63.93 -26.10 -2.79
C TYR J 224 62.83 -27.05 -3.24
N LEU J 225 61.63 -26.94 -2.65
CA LEU J 225 60.55 -27.86 -3.00
C LEU J 225 60.16 -27.71 -4.47
N ALA J 226 60.11 -26.49 -4.98
CA ALA J 226 59.84 -26.31 -6.42
C ALA J 226 60.93 -26.96 -7.27
N LEU J 227 62.17 -26.87 -6.80
CA LEU J 227 63.32 -27.45 -7.50
C LEU J 227 63.28 -28.99 -7.55
N GLY J 228 62.63 -29.62 -6.58
CA GLY J 228 62.68 -31.05 -6.44
C GLY J 228 63.68 -31.53 -5.42
N GLU J 229 64.40 -30.61 -4.77
CA GLU J 229 65.39 -30.92 -3.76
C GLU J 229 64.69 -31.44 -2.51
N TYR J 230 63.92 -32.52 -2.62
CA TYR J 230 63.09 -32.98 -1.50
C TYR J 230 63.89 -33.12 -0.21
N GLY J 231 65.19 -33.40 -0.30
CA GLY J 231 66.06 -33.50 0.87
C GLY J 231 66.40 -32.23 1.61
N LYS J 232 66.97 -31.23 0.92
CA LYS J 232 67.35 -29.97 1.56
C LYS J 232 66.13 -29.19 2.00
N ALA J 233 65.02 -29.34 1.28
CA ALA J 233 63.80 -28.64 1.62
C ALA J 233 63.32 -29.02 3.01
N ALA J 234 63.27 -30.32 3.30
CA ALA J 234 62.80 -30.74 4.60
C ALA J 234 63.71 -30.23 5.71
N ALA J 235 65.02 -30.11 5.45
CA ALA J 235 66.00 -29.76 6.48
C ALA J 235 65.97 -28.28 6.87
N ASP J 236 65.45 -27.42 6.01
CA ASP J 236 65.23 -26.03 6.39
C ASP J 236 63.89 -25.87 7.08
N ALA J 237 62.89 -26.60 6.60
CA ALA J 237 61.56 -26.60 7.21
C ALA J 237 61.61 -26.93 8.71
N LYS J 238 62.37 -27.96 9.07
CA LYS J 238 62.51 -28.38 10.47
C LYS J 238 63.06 -27.28 11.37
N MET J 239 63.90 -26.39 10.81
CA MET J 239 64.52 -25.32 11.56
C MET J 239 63.54 -24.25 12.02
N VAL J 240 62.28 -24.30 11.57
CA VAL J 240 61.37 -23.18 11.79
C VAL J 240 59.97 -23.69 12.09
N VAL J 241 59.67 -24.92 11.68
CA VAL J 241 58.28 -25.38 11.72
C VAL J 241 57.73 -25.38 13.13
N ASP J 242 58.60 -25.53 14.14
CA ASP J 242 58.16 -25.68 15.53
C ASP J 242 58.00 -24.36 16.28
N LYS J 243 58.34 -23.23 15.69
CA LYS J 243 58.24 -22.01 16.46
C LYS J 243 56.90 -21.29 16.32
N TYR J 244 55.99 -21.69 15.44
CA TYR J 244 54.75 -20.93 15.24
C TYR J 244 53.53 -21.81 15.42
N PRO J 245 52.74 -21.59 16.48
CA PRO J 245 51.57 -22.43 16.73
C PRO J 245 50.48 -22.24 15.69
N LEU J 246 49.78 -23.35 15.40
CA LEU J 246 48.64 -23.36 14.51
C LEU J 246 47.46 -22.71 15.21
N ILE J 247 46.41 -22.39 14.44
CA ILE J 247 45.27 -21.69 15.01
C ILE J 247 44.45 -22.66 15.86
N GLY J 248 44.15 -22.25 17.09
CA GLY J 248 43.36 -23.06 18.00
C GLY J 248 41.92 -22.61 18.05
N ALA J 249 41.03 -23.34 17.38
CA ALA J 249 39.64 -22.96 17.29
C ALA J 249 38.75 -24.12 17.72
N ALA J 250 37.61 -23.78 18.33
CA ALA J 250 36.66 -24.81 18.69
C ALA J 250 35.55 -24.97 17.66
N ASP J 251 35.34 -23.97 16.80
CA ASP J 251 34.31 -24.04 15.78
C ASP J 251 34.67 -23.10 14.64
N ALA J 252 33.78 -23.06 13.62
CA ALA J 252 34.02 -22.29 12.42
C ALA J 252 34.06 -20.79 12.70
N SER J 253 33.08 -20.28 13.44
CA SER J 253 33.00 -18.84 13.68
C SER J 253 34.28 -18.34 14.32
N GLU J 254 34.80 -19.11 15.28
CA GLU J 254 35.98 -18.74 16.02
C GLU J 254 37.20 -18.76 15.13
N PHE J 255 37.26 -19.72 14.21
CA PHE J 255 38.37 -19.80 13.29
C PHE J 255 38.49 -18.52 12.49
N GLU J 256 37.36 -18.05 11.95
CA GLU J 256 37.35 -16.88 11.08
C GLU J 256 37.86 -15.64 11.80
N ASN J 257 37.50 -15.47 13.08
CA ASN J 257 37.91 -14.26 13.80
C ASN J 257 39.39 -14.22 14.05
N ILE J 258 40.06 -15.36 13.96
CA ILE J 258 41.49 -15.43 14.20
C ILE J 258 42.27 -15.48 12.89
N TYR J 259 41.74 -16.18 11.89
CA TYR J 259 42.45 -16.24 10.62
C TYR J 259 42.43 -14.89 9.88
N ARG J 260 41.36 -14.10 9.99
CA ARG J 260 41.29 -12.86 9.23
C ARG J 260 41.94 -11.68 9.92
N SER J 261 42.57 -11.89 11.08
CA SER J 261 43.12 -10.79 11.88
C SER J 261 44.64 -10.84 11.80
N ASP J 262 45.23 -9.88 11.06
CA ASP J 262 46.68 -9.80 10.95
C ASP J 262 47.34 -9.67 12.30
N ALA J 263 46.68 -9.05 13.26
CA ALA J 263 47.36 -8.78 14.51
C ALA J 263 47.28 -9.94 15.50
N ASN J 264 46.37 -10.90 15.30
CA ASN J 264 46.15 -11.99 16.24
C ASN J 264 46.69 -13.33 15.77
N ASN J 265 46.46 -13.71 14.51
CA ASN J 265 46.87 -14.96 13.89
C ASN J 265 48.33 -15.35 14.17
N PRO J 266 48.57 -16.38 14.98
CA PRO J 266 49.94 -16.77 15.34
C PRO J 266 50.64 -17.65 14.30
N GLU J 267 50.07 -17.81 13.11
CA GLU J 267 50.69 -18.62 12.06
C GLU J 267 51.55 -17.81 11.12
N ILE J 268 51.54 -16.49 11.24
CA ILE J 268 52.15 -15.61 10.25
C ILE J 268 53.59 -15.34 10.64
N ILE J 269 54.53 -15.49 9.70
CA ILE J 269 55.96 -15.35 9.99
C ILE J 269 56.50 -14.00 9.51
N PHE J 270 55.86 -13.39 8.53
CA PHE J 270 56.38 -12.15 7.96
C PHE J 270 55.25 -11.53 7.16
N ARG J 271 54.95 -10.26 7.43
CA ARG J 271 53.89 -9.60 6.71
C ARG J 271 54.21 -8.12 6.59
N GLY J 272 53.48 -7.47 5.68
CA GLY J 272 53.66 -6.06 5.44
C GLY J 272 52.74 -5.22 6.31
N PHE J 273 53.28 -4.09 6.76
CA PHE J 273 52.52 -3.15 7.56
C PHE J 273 51.21 -2.83 6.89
N ALA J 274 50.18 -2.64 7.71
CA ALA J 274 48.86 -2.25 7.25
C ALA J 274 48.14 -1.61 8.42
N SER J 275 47.59 -0.42 8.21
CA SER J 275 46.58 0.18 9.07
C SER J 275 45.38 0.51 8.21
N ALA J 276 44.33 1.03 8.82
CA ALA J 276 43.18 1.36 8.01
C ALA J 276 43.44 2.52 7.04
N THR J 277 44.47 3.35 7.29
CA THR J 277 44.78 4.48 6.42
C THR J 277 46.11 4.40 5.68
N LEU J 278 46.87 3.31 5.84
CA LEU J 278 48.14 3.10 5.14
C LEU J 278 48.48 1.62 5.13
N GLY J 279 48.54 1.02 3.93
CA GLY J 279 48.94 -0.36 3.74
C GLY J 279 47.80 -1.35 3.55
N SER J 280 46.56 -0.87 3.52
CA SER J 280 45.40 -1.68 3.19
C SER J 280 45.07 -1.58 1.72
N PHE J 281 44.31 -2.56 1.27
CA PHE J 281 43.87 -2.58 -0.10
C PHE J 281 42.74 -3.58 -0.22
N THR J 282 41.88 -3.34 -1.18
CA THR J 282 40.83 -4.28 -1.51
C THR J 282 41.36 -5.34 -2.44
N ALA J 283 40.88 -6.57 -2.26
CA ALA J 283 41.36 -7.68 -3.08
C ALA J 283 40.19 -8.54 -3.52
N THR J 284 39.20 -7.91 -4.11
CA THR J 284 37.92 -8.57 -4.35
C THR J 284 37.86 -9.37 -5.66
N THR J 285 39.01 -9.86 -6.17
CA THR J 285 39.05 -10.45 -7.51
C THR J 285 38.36 -11.82 -7.55
N LEU J 286 38.62 -12.65 -6.57
CA LEU J 286 38.13 -14.02 -6.60
C LEU J 286 36.74 -14.17 -6.00
N ASN J 287 36.28 -13.19 -5.21
CA ASN J 287 34.99 -13.30 -4.56
C ASN J 287 33.95 -12.30 -5.09
N GLY J 288 34.38 -11.25 -5.79
CA GLY J 288 33.43 -10.31 -6.32
C GLY J 288 32.65 -9.58 -5.25
N ALA J 289 33.21 -9.51 -4.04
CA ALA J 289 32.52 -8.94 -2.90
C ALA J 289 32.34 -7.43 -3.05
N ALA J 290 31.26 -6.92 -2.44
CA ALA J 290 31.00 -5.48 -2.44
C ALA J 290 30.02 -5.14 -1.31
N PRO J 291 30.27 -4.06 -0.57
CA PRO J 291 29.40 -3.74 0.57
C PRO J 291 28.04 -3.23 0.14
N ALA J 292 27.01 -3.65 0.90
CA ALA J 292 25.62 -3.21 0.75
C ALA J 292 25.19 -2.88 2.17
N GLY J 293 25.48 -1.65 2.58
CA GLY J 293 25.14 -1.23 3.92
C GLY J 293 26.06 -1.78 4.98
N LYS J 294 25.51 -2.62 5.84
CA LYS J 294 26.27 -3.29 6.89
C LYS J 294 26.34 -4.80 6.66
N ASP J 295 25.83 -5.27 5.52
CA ASP J 295 26.03 -6.61 5.01
C ASP J 295 27.15 -6.59 3.95
N ILE J 296 27.35 -7.73 3.31
CA ILE J 296 28.31 -7.88 2.21
C ILE J 296 27.66 -8.74 1.14
N LYS J 297 27.69 -8.29 -0.12
CA LYS J 297 27.05 -8.96 -1.23
C LYS J 297 28.09 -9.38 -2.27
N TYR J 298 27.80 -10.49 -2.96
CA TYR J 298 28.77 -11.14 -3.86
C TYR J 298 28.28 -11.20 -5.32
N ASN J 299 29.25 -11.08 -6.25
CA ASN J 299 28.99 -11.24 -7.67
C ASN J 299 30.30 -11.61 -8.37
N PRO J 300 30.69 -12.88 -8.31
CA PRO J 300 32.04 -13.28 -8.75
C PRO J 300 32.18 -13.37 -10.27
N SER J 301 33.44 -13.25 -10.72
CA SER J 301 33.76 -13.51 -12.12
C SER J 301 34.30 -14.91 -12.37
N ALA J 302 34.65 -15.65 -11.31
CA ALA J 302 34.97 -17.07 -11.45
C ALA J 302 34.61 -17.80 -10.16
N VAL J 303 34.02 -18.98 -10.27
CA VAL J 303 33.78 -19.81 -9.09
C VAL J 303 34.49 -21.13 -9.30
N PRO J 304 34.86 -21.82 -8.23
CA PRO J 304 35.52 -23.12 -8.38
C PRO J 304 34.58 -24.16 -8.94
N PHE J 305 35.19 -25.24 -9.46
CA PHE J 305 34.45 -26.38 -9.95
C PHE J 305 33.87 -27.18 -8.78
N GLN J 306 33.04 -28.16 -9.12
CA GLN J 306 32.42 -28.98 -8.09
C GLN J 306 33.44 -29.87 -7.39
N TRP J 307 34.48 -30.34 -8.08
CA TRP J 307 35.44 -31.24 -7.45
C TRP J 307 36.25 -30.55 -6.37
N VAL J 308 36.35 -29.23 -6.44
CA VAL J 308 37.04 -28.47 -5.41
C VAL J 308 36.22 -28.43 -4.12
N VAL J 309 34.91 -28.15 -4.23
CA VAL J 309 34.04 -28.20 -3.06
C VAL J 309 34.12 -29.55 -2.37
N ASP J 310 34.31 -30.60 -3.15
CA ASP J 310 34.27 -31.93 -2.60
C ASP J 310 35.58 -32.31 -1.91
N LEU J 311 36.63 -31.49 -2.04
CA LEU J 311 37.85 -31.72 -1.28
C LEU J 311 37.65 -31.49 0.21
N TYR J 312 36.75 -30.58 0.57
CA TYR J 312 36.57 -30.12 1.94
C TYR J 312 35.44 -30.90 2.59
N GLU J 313 35.76 -31.61 3.69
CA GLU J 313 34.72 -32.21 4.54
C GLU J 313 33.79 -31.11 5.05
N ASN J 314 32.51 -31.45 5.21
CA ASN J 314 31.52 -30.41 5.49
C ASN J 314 31.72 -29.73 6.84
N GLU J 315 32.43 -30.36 7.75
CA GLU J 315 32.72 -29.84 9.07
C GLU J 315 34.04 -29.09 9.11
N ASP J 316 34.70 -28.96 7.97
CA ASP J 316 35.95 -28.23 7.90
C ASP J 316 35.69 -26.75 8.11
N PHE J 317 36.44 -26.15 9.04
CA PHE J 317 36.30 -24.72 9.26
C PHE J 317 36.55 -23.96 7.97
N ARG J 318 37.44 -24.48 7.11
CA ARG J 318 37.82 -23.75 5.91
C ARG J 318 36.71 -23.73 4.87
N LYS J 319 35.70 -24.61 5.01
CA LYS J 319 34.58 -24.67 4.07
C LYS J 319 33.54 -23.58 4.34
N SER J 320 33.89 -22.59 5.17
CA SER J 320 33.10 -21.39 5.33
C SER J 320 33.95 -20.13 5.42
N VAL J 321 35.29 -20.25 5.37
CA VAL J 321 36.20 -19.11 5.44
C VAL J 321 37.09 -19.02 4.21
N TYR J 322 37.79 -20.10 3.89
CA TYR J 322 38.61 -20.09 2.69
C TYR J 322 37.72 -20.04 1.45
N ILE J 323 36.70 -20.89 1.39
CA ILE J 323 35.61 -20.81 0.42
C ILE J 323 34.30 -20.70 1.19
N ALA J 324 33.27 -20.17 0.53
CA ALA J 324 32.06 -19.79 1.24
C ALA J 324 30.83 -19.92 0.36
N LYS J 325 29.75 -20.47 0.94
CA LYS J 325 28.52 -20.77 0.21
C LYS J 325 27.64 -19.52 0.23
N VAL J 326 28.02 -18.55 -0.61
CA VAL J 326 27.41 -17.22 -0.60
C VAL J 326 26.96 -16.80 -2.00
N VAL J 327 27.28 -17.61 -3.02
CA VAL J 327 26.91 -17.33 -4.41
C VAL J 327 25.42 -17.59 -4.62
N LYS J 328 24.75 -16.68 -5.35
CA LYS J 328 23.29 -16.71 -5.52
C LYS J 328 22.59 -16.74 -4.16
N LYS J 329 23.11 -15.93 -3.24
CA LYS J 329 22.73 -15.85 -1.83
C LYS J 329 23.17 -17.07 -1.01
N ASP J 330 22.88 -18.28 -1.50
CA ASP J 330 23.20 -19.47 -0.73
C ASP J 330 23.29 -20.77 -1.52
N LYS J 331 23.61 -20.69 -2.82
CA LYS J 331 23.54 -21.89 -3.65
C LYS J 331 24.88 -22.49 -4.06
N GLY J 332 25.96 -21.71 -4.07
CA GLY J 332 27.25 -22.22 -4.51
C GLY J 332 28.38 -21.54 -3.78
N TYR J 333 29.59 -22.00 -4.04
CA TYR J 333 30.79 -21.52 -3.35
C TYR J 333 31.64 -20.61 -4.24
N LEU J 334 32.33 -19.66 -3.61
CA LEU J 334 33.42 -18.90 -4.23
C LEU J 334 34.61 -18.92 -3.29
N VAL J 335 35.73 -18.33 -3.69
CA VAL J 335 36.95 -18.36 -2.90
C VAL J 335 36.99 -17.06 -2.10
N ASN J 336 36.66 -17.15 -0.81
CA ASN J 336 36.47 -15.98 0.03
C ASN J 336 37.61 -15.78 1.03
N LYS J 337 38.78 -16.32 0.73
CA LYS J 337 39.90 -16.27 1.68
C LYS J 337 40.34 -14.84 1.92
N PHE J 338 40.12 -13.96 0.97
CA PHE J 338 40.61 -12.59 1.08
C PHE J 338 39.48 -11.62 1.37
N LEU J 339 38.52 -12.06 2.18
CA LEU J 339 37.29 -11.29 2.36
C LEU J 339 37.57 -9.90 2.91
N GLU J 340 38.12 -9.84 4.11
CA GLU J 340 38.35 -8.58 4.80
C GLU J 340 39.24 -8.82 6.01
N ASP J 341 39.70 -7.72 6.58
CA ASP J 341 40.16 -7.68 7.96
C ASP J 341 39.40 -6.51 8.57
N LYS J 342 38.63 -6.80 9.62
CA LYS J 342 37.75 -5.79 10.21
C LYS J 342 38.53 -4.65 10.89
N ALA J 343 39.80 -4.86 11.20
CA ALA J 343 40.61 -3.85 11.88
C ALA J 343 40.94 -2.66 11.00
N TYR J 344 40.69 -2.79 9.70
CA TYR J 344 40.99 -1.81 8.67
C TYR J 344 39.75 -1.08 8.16
N ARG J 345 38.59 -1.34 8.76
CA ARG J 345 37.37 -0.66 8.38
C ARG J 345 37.39 0.80 8.83
N ASP J 346 36.75 1.68 8.02
CA ASP J 346 36.65 3.09 8.39
C ASP J 346 35.70 3.30 9.58
N VAL J 347 34.59 2.58 9.59
CA VAL J 347 33.59 2.64 10.63
C VAL J 347 33.23 1.22 11.02
N GLN J 348 33.22 0.93 12.32
CA GLN J 348 33.06 -0.44 12.82
C GLN J 348 31.85 -1.16 12.20
N ASP J 349 30.76 -0.43 11.95
CA ASP J 349 29.54 -0.99 11.36
C ASP J 349 29.72 -1.48 9.94
N LYS J 350 30.50 -0.77 9.13
CA LYS J 350 30.38 -0.86 7.67
C LYS J 350 31.59 -1.56 7.07
N PRO J 351 31.41 -2.75 6.46
CA PRO J 351 32.56 -3.45 5.90
C PRO J 351 33.13 -2.67 4.73
N ASN J 352 34.45 -2.78 4.55
CA ASN J 352 35.07 -2.20 3.36
C ASN J 352 36.01 -3.14 2.63
N LEU J 353 36.10 -4.40 3.05
CA LEU J 353 36.82 -5.44 2.29
C LEU J 353 38.29 -5.09 2.10
N LYS J 354 38.91 -4.53 3.13
CA LYS J 354 40.33 -4.21 3.09
C LYS J 354 41.12 -5.26 3.84
N VAL J 355 42.32 -5.59 3.31
CA VAL J 355 43.22 -6.61 3.87
C VAL J 355 44.68 -6.13 3.77
N GLY J 356 45.59 -7.00 4.25
CA GLY J 356 47.02 -6.69 4.26
C GLY J 356 47.86 -7.72 3.55
N ALA J 357 49.10 -7.35 3.24
CA ALA J 357 49.97 -8.20 2.45
C ALA J 357 50.71 -9.22 3.33
N ARG J 358 50.36 -10.50 3.20
CA ARG J 358 51.06 -11.56 3.94
C ARG J 358 52.08 -12.24 3.05
N TYR J 359 53.23 -12.62 3.66
CA TYR J 359 54.39 -13.12 2.95
C TYR J 359 54.77 -14.57 3.27
N PHE J 360 54.36 -15.12 4.42
CA PHE J 360 54.58 -16.52 4.77
C PHE J 360 53.86 -16.93 6.05
N SER J 361 52.97 -17.93 5.99
CA SER J 361 52.34 -18.52 7.16
C SER J 361 52.84 -19.92 7.42
N VAL J 362 52.67 -20.39 8.66
CA VAL J 362 53.29 -21.64 9.04
C VAL J 362 52.55 -22.82 8.46
N ALA J 363 51.29 -22.65 8.06
CA ALA J 363 50.56 -23.77 7.46
C ALA J 363 51.29 -24.29 6.21
N GLU J 364 52.01 -23.42 5.50
CA GLU J 364 52.78 -23.85 4.34
C GLU J 364 54.01 -24.62 4.77
N VAL J 365 54.71 -24.12 5.80
CA VAL J 365 55.91 -24.81 6.30
C VAL J 365 55.56 -26.23 6.69
N TYR J 366 54.34 -26.46 7.15
CA TYR J 366 53.89 -27.83 7.37
C TYR J 366 53.77 -28.60 6.06
N LEU J 367 53.05 -28.06 5.08
CA LEU J 367 52.84 -28.84 3.86
C LEU J 367 54.13 -29.03 3.05
N ILE J 368 55.15 -28.15 3.24
CA ILE J 368 56.46 -28.42 2.64
C ILE J 368 57.12 -29.60 3.33
N LEU J 369 57.06 -29.63 4.67
CA LEU J 369 57.67 -30.73 5.41
C LEU J 369 56.97 -32.06 5.18
N VAL J 370 55.63 -32.08 5.10
CA VAL J 370 54.93 -33.34 4.88
C VAL J 370 55.32 -33.94 3.53
N GLU J 371 55.24 -33.11 2.49
CA GLU J 371 55.55 -33.57 1.14
C GLU J 371 57.02 -33.95 1.00
N SER J 372 57.93 -33.17 1.60
CA SER J 372 59.35 -33.52 1.52
C SER J 372 59.64 -34.84 2.24
N ALA J 373 59.00 -35.05 3.39
CA ALA J 373 59.25 -36.28 4.14
C ALA J 373 58.75 -37.50 3.38
N LEU J 374 57.58 -37.39 2.74
CA LEU J 374 57.04 -38.51 1.99
C LEU J 374 57.99 -38.94 0.88
N GLN J 375 58.67 -38.00 0.24
CA GLN J 375 59.57 -38.35 -0.85
C GLN J 375 60.87 -38.98 -0.35
N THR J 376 61.37 -38.56 0.81
CA THR J 376 62.66 -39.00 1.30
C THR J 376 62.56 -40.14 2.31
N GLY J 377 61.42 -40.82 2.36
CA GLY J 377 61.26 -42.00 3.20
C GLY J 377 61.35 -41.73 4.68
N ASP J 378 60.45 -40.88 5.16
CA ASP J 378 60.35 -40.51 6.55
C ASP J 378 58.86 -40.38 6.86
N THR J 379 58.15 -41.50 6.95
CA THR J 379 56.71 -41.39 7.26
C THR J 379 56.44 -40.97 8.71
N PRO J 380 57.32 -41.31 9.74
CA PRO J 380 57.09 -40.80 11.10
C PRO J 380 56.82 -39.30 11.19
N THR J 381 57.83 -38.50 10.89
CA THR J 381 57.69 -37.06 10.93
C THR J 381 57.02 -36.58 9.64
N ALA J 382 55.93 -37.25 9.28
CA ALA J 382 55.17 -36.95 8.07
C ALA J 382 53.67 -37.11 8.29
N GLU J 383 53.25 -37.83 9.32
CA GLU J 383 51.87 -37.83 9.77
C GLU J 383 51.71 -37.13 11.09
N LYS J 384 52.76 -37.04 11.89
CA LYS J 384 52.74 -36.11 13.01
C LYS J 384 52.30 -34.74 12.52
N TYR J 385 52.90 -34.28 11.42
CA TYR J 385 52.61 -32.92 10.96
C TYR J 385 51.34 -32.84 10.10
N LEU J 386 51.05 -33.85 9.28
CA LEU J 386 49.89 -33.73 8.39
C LEU J 386 48.59 -33.84 9.17
N LYS J 387 48.53 -34.74 10.13
CA LYS J 387 47.30 -34.90 10.89
C LYS J 387 47.06 -33.72 11.82
N ALA J 388 48.13 -33.20 12.41
CA ALA J 388 47.99 -32.06 13.32
C ALA J 388 47.39 -30.87 12.60
N LEU J 389 47.94 -30.51 11.44
CA LEU J 389 47.40 -29.39 10.67
C LEU J 389 45.95 -29.66 10.28
N SER J 390 45.66 -30.82 9.70
CA SER J 390 44.29 -31.13 9.28
C SER J 390 43.32 -31.18 10.45
N LYS J 391 43.78 -31.58 11.63
CA LYS J 391 42.85 -31.67 12.76
C LYS J 391 42.51 -30.28 13.30
N ALA J 392 43.51 -29.42 13.45
CA ALA J 392 43.29 -28.06 13.92
C ALA J 392 42.41 -27.26 12.98
N ARG J 393 42.25 -27.70 11.74
CA ARG J 393 41.33 -27.05 10.83
C ARG J 393 39.92 -27.63 10.87
N GLY J 394 39.66 -28.70 11.63
CA GLY J 394 38.32 -29.23 11.80
C GLY J 394 38.13 -30.63 11.28
N ALA J 395 38.84 -31.01 10.22
CA ALA J 395 38.77 -32.36 9.66
C ALA J 395 40.17 -32.98 9.58
N GLU J 396 40.52 -33.80 10.56
CA GLU J 396 41.78 -34.53 10.49
C GLU J 396 41.75 -35.50 9.30
N VAL J 397 42.93 -35.85 8.80
CA VAL J 397 43.07 -36.68 7.61
C VAL J 397 43.10 -38.16 8.03
N SER J 398 42.47 -39.01 7.22
CA SER J 398 42.34 -40.44 7.52
C SER J 398 43.67 -41.17 7.39
N VAL J 399 44.27 -41.14 6.20
CA VAL J 399 45.52 -41.81 5.89
C VAL J 399 46.51 -40.80 5.34
N VAL J 400 47.78 -40.97 5.69
CA VAL J 400 48.87 -40.13 5.21
C VAL J 400 49.56 -40.85 4.05
N ASN J 401 49.53 -40.23 2.87
CA ASN J 401 49.82 -41.04 1.68
C ASN J 401 50.15 -40.26 0.41
N MET J 402 50.53 -38.99 0.45
CA MET J 402 50.93 -38.28 -0.78
C MET J 402 49.75 -38.03 -1.72
N GLU J 403 48.78 -38.95 -1.80
CA GLU J 403 47.53 -38.61 -2.48
C GLU J 403 46.62 -37.75 -1.61
N ALA J 404 46.66 -37.91 -0.29
CA ALA J 404 45.97 -37.00 0.60
C ALA J 404 46.83 -35.79 0.94
N LEU J 405 48.16 -35.92 0.83
CA LEU J 405 49.03 -34.75 0.96
C LEU J 405 48.78 -33.76 -0.18
N GLN J 406 48.53 -34.26 -1.37
CA GLN J 406 48.24 -33.32 -2.44
C GLN J 406 46.89 -32.63 -2.21
N ALA J 407 45.88 -33.40 -1.82
CA ALA J 407 44.56 -32.82 -1.61
C ALA J 407 44.56 -31.84 -0.44
N GLU J 408 45.39 -32.11 0.59
CA GLU J 408 45.45 -31.25 1.76
C GLU J 408 46.27 -29.98 1.50
N ARG J 409 47.37 -30.07 0.75
CA ARG J 409 48.07 -28.83 0.38
C ARG J 409 47.16 -27.93 -0.44
N THR J 410 46.44 -28.54 -1.39
CA THR J 410 45.49 -27.79 -2.21
C THR J 410 44.38 -27.18 -1.36
N ARG J 411 43.83 -27.94 -0.41
CA ARG J 411 42.79 -27.39 0.45
C ARG J 411 43.30 -26.16 1.21
N GLU J 412 44.55 -26.21 1.71
CA GLU J 412 45.04 -25.12 2.55
C GLU J 412 45.53 -23.94 1.73
N LEU J 413 46.06 -24.17 0.52
CA LEU J 413 46.67 -23.07 -0.23
C LEU J 413 45.82 -22.51 -1.38
N ILE J 414 44.51 -22.77 -1.40
CA ILE J 414 43.63 -22.19 -2.42
C ILE J 414 43.74 -20.67 -2.47
N GLY J 415 43.66 -20.11 -3.67
CA GLY J 415 43.75 -18.66 -3.84
C GLY J 415 45.12 -18.04 -3.66
N GLU J 416 46.14 -18.82 -3.32
CA GLU J 416 47.47 -18.27 -3.04
C GLU J 416 48.47 -18.52 -4.17
N GLY J 417 48.00 -18.92 -5.35
CA GLY J 417 48.88 -18.96 -6.50
C GLY J 417 49.90 -20.08 -6.46
N SER J 418 49.58 -21.19 -5.79
CA SER J 418 50.48 -22.31 -5.74
C SER J 418 49.99 -23.51 -6.54
N ARG J 419 48.74 -23.49 -7.04
CA ARG J 419 48.23 -24.70 -7.69
C ARG J 419 48.83 -24.89 -9.09
N LEU J 420 49.06 -23.81 -9.83
CA LEU J 420 49.64 -23.98 -11.15
C LEU J 420 50.99 -24.66 -11.06
N ARG J 421 51.88 -24.12 -10.24
CA ARG J 421 53.22 -24.70 -10.08
C ARG J 421 53.16 -26.13 -9.54
N ASP J 422 52.21 -26.41 -8.65
CA ASP J 422 52.06 -27.76 -8.12
C ASP J 422 51.73 -28.75 -9.23
N MET J 423 50.72 -28.45 -10.05
CA MET J 423 50.27 -29.43 -11.05
C MET J 423 51.27 -29.61 -12.17
N VAL J 424 52.41 -28.92 -12.13
CA VAL J 424 53.50 -29.17 -13.06
C VAL J 424 54.53 -30.11 -12.44
N ARG J 425 54.81 -29.96 -11.13
CA ARG J 425 55.69 -30.91 -10.45
C ARG J 425 55.01 -32.24 -10.20
N TRP J 426 53.67 -32.28 -10.24
CA TRP J 426 52.92 -33.52 -10.07
C TRP J 426 52.45 -34.13 -11.39
N SER J 427 52.84 -33.57 -12.53
CA SER J 427 52.53 -34.09 -13.89
C SER J 427 51.02 -34.27 -14.10
N ILE J 428 50.30 -33.18 -13.91
CA ILE J 428 48.85 -33.14 -14.06
C ILE J 428 48.57 -32.28 -15.28
N PRO J 429 47.98 -32.82 -16.33
CA PRO J 429 47.54 -31.96 -17.42
C PRO J 429 46.31 -31.16 -16.97
N ASN J 430 45.82 -30.25 -17.81
CA ASN J 430 44.78 -29.32 -17.41
C ASN J 430 43.45 -30.00 -17.08
N ASN J 431 42.77 -30.58 -18.07
CA ASN J 431 41.50 -31.29 -17.91
C ASN J 431 40.33 -30.36 -17.57
N HIS J 432 40.44 -29.08 -17.91
CA HIS J 432 39.37 -28.13 -17.62
C HIS J 432 38.06 -28.51 -18.28
N ASP J 433 38.12 -29.04 -19.51
CA ASP J 433 36.90 -29.29 -20.29
C ASP J 433 36.03 -30.42 -19.74
N ALA J 434 36.58 -31.30 -18.92
CA ALA J 434 35.84 -32.49 -18.49
C ALA J 434 35.15 -32.31 -17.16
N PHE J 435 35.61 -31.38 -16.33
CA PHE J 435 35.11 -31.23 -14.97
C PHE J 435 33.64 -30.82 -14.97
N GLU J 436 33.04 -30.87 -13.79
CA GLU J 436 31.60 -30.64 -13.67
C GLU J 436 31.38 -29.33 -12.94
N THR J 437 30.48 -28.52 -13.47
CA THR J 437 30.16 -27.26 -12.85
C THR J 437 29.23 -27.48 -11.66
N GLN J 438 29.32 -26.56 -10.67
CA GLN J 438 28.52 -26.65 -9.44
C GLN J 438 27.02 -26.65 -9.75
N PRO J 439 26.28 -27.71 -9.39
CA PRO J 439 24.90 -27.82 -9.88
C PRO J 439 23.96 -26.76 -9.32
N GLY J 440 24.25 -26.21 -8.14
CA GLY J 440 23.39 -25.17 -7.62
C GLY J 440 23.38 -23.95 -8.50
N LEU J 441 24.45 -23.75 -9.26
CA LEU J 441 24.61 -22.58 -10.12
C LEU J 441 24.38 -22.96 -11.59
N GLU J 442 23.13 -22.87 -12.05
CA GLU J 442 22.82 -23.10 -13.45
C GLU J 442 22.20 -21.86 -14.05
N GLY J 443 22.71 -21.45 -15.20
CA GLY J 443 22.43 -20.15 -15.77
C GLY J 443 23.41 -19.06 -15.38
N PHE J 444 24.16 -19.24 -14.28
CA PHE J 444 25.16 -18.27 -13.82
C PHE J 444 26.61 -18.69 -14.09
N ALA J 445 27.03 -19.83 -13.53
CA ALA J 445 28.40 -20.35 -13.72
C ALA J 445 28.33 -21.56 -14.65
N ASN J 446 28.68 -21.33 -15.91
CA ASN J 446 28.41 -22.27 -16.97
C ASN J 446 29.73 -22.71 -17.59
N THR J 447 29.68 -23.78 -18.39
CA THR J 447 30.92 -24.37 -18.90
C THR J 447 31.40 -23.60 -20.12
N THR J 448 32.65 -23.14 -20.07
CA THR J 448 33.29 -22.50 -21.20
C THR J 448 34.52 -23.30 -21.56
N PRO J 449 34.62 -23.83 -22.77
CA PRO J 449 35.75 -24.71 -23.10
C PRO J 449 37.02 -23.88 -23.26
N LEU J 450 38.11 -24.61 -23.44
CA LEU J 450 39.41 -23.99 -23.56
C LEU J 450 39.55 -23.24 -24.88
N LYS J 451 40.65 -22.53 -25.03
CA LYS J 451 41.04 -21.94 -26.31
C LYS J 451 42.44 -22.41 -26.71
N ALA J 452 42.96 -23.43 -26.01
CA ALA J 452 44.28 -24.03 -26.21
C ALA J 452 44.45 -25.09 -25.12
N GLN J 453 44.96 -26.28 -25.46
CA GLN J 453 45.11 -27.33 -24.45
C GLN J 453 46.43 -27.23 -23.70
N ALA J 454 46.48 -27.86 -22.54
CA ALA J 454 47.68 -27.80 -21.70
C ALA J 454 48.08 -29.19 -21.23
N PRO J 455 48.38 -30.10 -22.14
CA PRO J 455 48.89 -31.41 -21.73
C PRO J 455 50.27 -31.25 -21.12
N VAL J 456 50.75 -32.32 -20.45
CA VAL J 456 51.95 -32.20 -19.62
C VAL J 456 53.15 -31.74 -20.46
N GLY J 457 53.95 -30.84 -19.90
CA GLY J 457 55.09 -30.27 -20.61
C GLY J 457 54.75 -29.21 -21.63
N PHE J 458 53.50 -28.77 -21.72
CA PHE J 458 53.12 -27.65 -22.60
C PHE J 458 53.90 -26.38 -22.26
N TYR J 459 54.32 -25.64 -23.30
CA TYR J 459 55.21 -24.50 -23.08
C TYR J 459 54.54 -23.36 -22.33
N ALA J 460 53.22 -23.20 -22.46
CA ALA J 460 52.55 -22.02 -21.93
C ALA J 460 52.37 -22.04 -20.42
N TYR J 461 52.71 -23.16 -19.75
CA TYR J 461 52.77 -23.14 -18.28
C TYR J 461 53.77 -22.12 -17.76
N THR J 462 54.78 -21.79 -18.56
CA THR J 462 55.67 -20.68 -18.29
C THR J 462 55.23 -19.51 -19.15
N TRP J 463 55.37 -18.31 -18.61
CA TRP J 463 54.90 -17.13 -19.31
C TRP J 463 55.94 -16.60 -20.28
N GLU J 464 55.45 -15.87 -21.27
CA GLU J 464 56.30 -15.29 -22.31
C GLU J 464 56.77 -13.92 -21.86
N PHE J 465 57.99 -13.57 -22.21
CA PHE J 465 58.53 -12.29 -21.80
C PHE J 465 57.65 -11.15 -22.34
N PRO J 466 57.50 -10.06 -21.58
CA PRO J 466 56.65 -8.93 -22.04
C PRO J 466 57.30 -8.28 -23.25
N GLN J 467 56.48 -7.83 -24.18
CA GLN J 467 57.13 -7.42 -25.42
C GLN J 467 57.87 -6.10 -25.31
N ARG J 468 57.92 -5.47 -24.14
CA ARG J 468 58.75 -4.28 -24.01
C ARG J 468 60.23 -4.63 -24.03
N ASP J 469 60.61 -5.68 -23.31
CA ASP J 469 62.00 -6.11 -23.32
C ASP J 469 62.33 -6.84 -24.59
N ARG J 470 61.33 -7.38 -25.29
CA ARG J 470 61.58 -7.96 -26.60
C ARG J 470 61.91 -6.88 -27.60
N GLN J 471 61.05 -5.87 -27.69
CA GLN J 471 61.26 -4.81 -28.67
C GLN J 471 62.53 -4.04 -28.38
N THR J 472 62.76 -3.72 -27.12
CA THR J 472 63.92 -2.90 -26.81
C THR J 472 65.23 -3.69 -26.85
N ASN J 473 65.21 -5.02 -26.99
CA ASN J 473 66.39 -5.85 -26.75
C ASN J 473 66.31 -7.16 -27.56
N PRO J 474 66.68 -7.10 -28.85
CA PRO J 474 66.64 -8.31 -29.68
C PRO J 474 67.81 -9.26 -29.44
N GLN J 475 68.63 -9.01 -28.43
CA GLN J 475 69.61 -9.98 -27.98
C GLN J 475 68.99 -10.92 -26.94
N LEU J 476 67.66 -10.88 -26.84
CA LEU J 476 66.93 -11.60 -25.81
C LEU J 476 66.22 -12.77 -26.47
N ILE J 477 66.50 -13.97 -25.97
CA ILE J 477 65.92 -15.19 -26.53
C ILE J 477 64.54 -15.34 -25.93
N LYS J 478 63.50 -15.33 -26.77
CA LYS J 478 62.17 -15.44 -26.22
C LYS J 478 61.86 -16.90 -25.88
N ASN J 479 60.74 -17.11 -25.18
CA ASN J 479 60.47 -18.43 -24.59
C ASN J 479 59.58 -19.31 -25.48
N TRP J 480 58.41 -18.82 -25.87
CA TRP J 480 57.47 -19.60 -26.65
C TRP J 480 57.96 -19.85 -28.08
N PRO J 481 57.66 -21.03 -28.65
CA PRO J 481 57.92 -21.22 -30.09
C PRO J 481 57.14 -20.24 -30.95
N ILE J 482 55.92 -19.86 -30.52
CA ILE J 482 55.06 -18.92 -31.27
C ILE J 482 54.93 -17.52 -30.66
N LEU K 95 54.96 41.90 -37.20
CA LEU K 95 55.12 40.56 -36.61
C LEU K 95 55.74 39.62 -37.62
N SER K 96 55.23 39.70 -38.84
CA SER K 96 55.62 38.84 -39.94
C SER K 96 56.77 39.47 -40.72
N THR K 97 57.56 38.62 -41.36
CA THR K 97 58.62 39.09 -42.24
C THR K 97 58.24 38.96 -43.70
N VAL K 98 59.05 39.62 -44.54
CA VAL K 98 58.78 39.66 -45.98
C VAL K 98 59.37 38.46 -46.71
N SER K 99 60.37 37.80 -46.11
CA SER K 99 60.90 36.55 -46.69
C SER K 99 59.99 35.36 -46.44
N GLY K 100 59.44 35.24 -45.23
CA GLY K 100 58.82 34.00 -44.82
C GLY K 100 57.39 33.84 -45.30
N SER K 101 56.86 32.65 -45.04
CA SER K 101 55.50 32.30 -45.44
C SER K 101 54.56 32.55 -44.28
N VAL K 102 53.39 33.10 -44.59
CA VAL K 102 52.47 33.56 -43.56
C VAL K 102 51.04 33.44 -44.10
N ALA K 103 50.09 33.21 -43.19
CA ALA K 103 48.66 33.16 -43.49
C ALA K 103 47.92 34.15 -42.59
N LYS K 104 46.72 34.57 -43.00
CA LYS K 104 45.92 35.49 -42.18
C LYS K 104 44.44 35.13 -42.27
N VAL K 105 43.80 34.95 -41.13
CA VAL K 105 42.38 34.65 -41.10
C VAL K 105 41.65 35.90 -40.63
N SER K 106 40.54 36.21 -41.29
CA SER K 106 39.85 37.45 -41.00
C SER K 106 38.82 37.30 -39.87
N SER K 107 38.43 38.47 -39.33
CA SER K 107 37.39 38.54 -38.31
C SER K 107 36.15 37.77 -38.73
N GLU K 108 35.85 37.77 -40.01
CA GLU K 108 34.63 37.17 -40.52
C GLU K 108 34.56 35.67 -40.19
N LYS K 109 35.72 34.98 -40.15
CA LYS K 109 35.78 33.55 -39.92
C LYS K 109 35.81 33.18 -38.45
N LEU K 110 36.15 34.13 -37.58
CA LEU K 110 36.21 33.92 -36.14
C LEU K 110 34.97 34.51 -35.47
N ALA K 111 33.78 34.03 -35.87
CA ALA K 111 32.55 34.71 -35.51
C ALA K 111 31.38 33.75 -35.45
N GLU K 112 30.59 33.87 -34.39
CA GLU K 112 29.60 32.87 -34.00
C GLU K 112 30.32 31.55 -33.81
N LYS K 113 30.01 30.50 -34.57
CA LYS K 113 30.55 29.17 -34.34
C LYS K 113 30.21 28.74 -32.91
N PRO K 114 29.12 28.01 -32.71
CA PRO K 114 28.62 27.74 -31.35
C PRO K 114 29.51 26.87 -30.48
N VAL K 115 30.76 27.26 -30.22
CA VAL K 115 31.73 26.36 -29.61
C VAL K 115 32.83 27.18 -28.92
N ALA K 116 33.31 26.65 -27.78
CA ALA K 116 34.39 27.32 -27.04
C ALA K 116 35.75 27.17 -27.71
N ASN K 117 35.99 26.05 -28.41
CA ASN K 117 37.26 25.75 -29.10
C ASN K 117 37.38 26.55 -30.38
N ILE K 118 38.13 27.63 -30.32
CA ILE K 118 38.21 28.54 -31.46
C ILE K 118 38.98 27.89 -32.60
N MET K 119 40.02 27.12 -32.25
CA MET K 119 40.84 26.50 -33.27
C MET K 119 40.05 25.57 -34.18
N ASP K 120 38.85 25.15 -33.76
CA ASP K 120 38.00 24.34 -34.64
C ASP K 120 37.55 25.11 -35.86
N ALA K 121 37.54 26.45 -35.81
CA ALA K 121 37.09 27.20 -36.97
C ALA K 121 38.12 27.26 -38.07
N LEU K 122 39.35 26.80 -37.81
CA LEU K 122 40.43 26.86 -38.77
C LEU K 122 40.72 25.51 -39.43
N GLN K 123 39.78 24.57 -39.36
CA GLN K 123 40.00 23.26 -39.96
C GLN K 123 39.94 23.36 -41.48
N GLY K 124 41.03 22.97 -42.14
CA GLY K 124 41.03 23.12 -43.56
C GLY K 124 40.93 24.58 -43.96
N GLN K 125 41.57 25.47 -43.20
CA GLN K 125 41.55 26.89 -43.54
C GLN K 125 42.92 27.54 -43.63
N VAL K 126 44.00 26.84 -43.29
CA VAL K 126 45.34 27.39 -43.46
C VAL K 126 46.19 26.36 -44.19
N ALA K 127 47.08 26.83 -45.05
CA ALA K 127 47.83 25.95 -45.93
C ALA K 127 48.81 25.17 -45.08
N GLY K 128 48.47 23.91 -44.80
CA GLY K 128 49.36 23.06 -44.04
C GLY K 128 49.06 22.94 -42.57
N MET K 129 47.89 23.40 -42.11
CA MET K 129 47.55 23.40 -40.68
C MET K 129 46.42 22.38 -40.49
N GLN K 130 46.82 21.24 -39.95
CA GLN K 130 45.94 20.13 -39.67
C GLN K 130 45.49 20.25 -38.23
N VAL K 131 44.20 20.51 -38.03
CA VAL K 131 43.62 20.63 -36.70
C VAL K 131 42.57 19.53 -36.59
N MET K 132 42.51 18.88 -35.43
CA MET K 132 41.54 17.81 -35.22
C MET K 132 41.01 17.88 -33.80
N THR K 133 39.70 17.67 -33.64
CA THR K 133 39.00 17.71 -32.36
C THR K 133 38.57 16.30 -31.99
N THR K 134 39.18 15.74 -30.95
CA THR K 134 39.01 14.32 -30.69
C THR K 134 37.87 14.01 -29.74
N SER K 135 36.97 14.97 -29.51
CA SER K 135 35.90 14.69 -28.58
C SER K 135 34.83 15.75 -28.72
N GLY K 136 33.57 15.31 -28.65
CA GLY K 136 32.44 16.22 -28.71
C GLY K 136 32.00 16.74 -27.35
N ASP K 137 32.97 16.97 -26.48
CA ASP K 137 32.80 17.48 -25.13
C ASP K 137 33.06 18.96 -25.12
N PRO K 138 32.15 19.78 -24.59
CA PRO K 138 32.33 21.23 -24.74
C PRO K 138 33.62 21.73 -24.12
N THR K 139 34.21 20.96 -23.20
CA THR K 139 35.44 21.36 -22.55
C THR K 139 36.69 21.05 -23.37
N ALA K 140 36.57 20.33 -24.48
CA ALA K 140 37.74 19.82 -25.21
C ALA K 140 38.41 20.90 -26.04
N VAL K 141 39.72 20.77 -26.24
CA VAL K 141 40.44 21.70 -27.11
C VAL K 141 41.14 20.93 -28.22
N ALA K 142 41.10 21.46 -29.44
CA ALA K 142 41.56 20.68 -30.57
C ALA K 142 43.07 20.73 -30.66
N SER K 143 43.63 19.74 -31.33
CA SER K 143 45.07 19.61 -31.51
C SER K 143 45.51 20.18 -32.84
N VAL K 144 46.65 20.85 -32.84
CA VAL K 144 47.12 21.57 -34.01
C VAL K 144 48.57 21.19 -34.25
N GLU K 145 48.89 20.77 -35.47
CA GLU K 145 50.24 20.47 -35.91
C GLU K 145 50.51 21.26 -37.17
N ILE K 146 51.51 22.11 -37.13
CA ILE K 146 51.85 22.93 -38.28
C ILE K 146 52.94 22.23 -39.08
N HIS K 147 52.67 22.02 -40.38
CA HIS K 147 53.51 21.24 -41.30
C HIS K 147 53.55 19.79 -40.82
N GLY K 148 54.65 19.33 -40.22
CA GLY K 148 54.78 17.94 -39.85
C GLY K 148 54.45 17.68 -38.38
N THR K 149 54.51 16.39 -38.00
CA THR K 149 54.59 16.03 -36.58
C THR K 149 56.02 16.31 -36.11
N GLY K 150 56.18 17.29 -35.20
CA GLY K 150 57.51 17.81 -34.94
C GLY K 150 58.44 16.82 -34.27
N SER K 151 58.00 16.20 -33.20
CA SER K 151 58.88 15.33 -32.44
C SER K 151 58.17 14.03 -32.08
N LEU K 152 58.94 13.12 -31.50
CA LEU K 152 58.45 11.82 -31.05
C LEU K 152 58.23 11.76 -29.53
N GLY K 153 58.97 12.55 -28.76
CA GLY K 153 58.68 12.74 -27.36
C GLY K 153 58.04 14.08 -27.02
N ALA K 154 58.67 15.17 -27.43
CA ALA K 154 58.17 16.48 -27.03
C ALA K 154 56.90 16.83 -27.79
N SER K 155 56.27 17.93 -27.37
CA SER K 155 54.99 18.27 -27.97
C SER K 155 55.18 19.05 -29.27
N SER K 156 54.18 18.96 -30.12
CA SER K 156 54.26 19.52 -31.46
C SER K 156 53.22 20.59 -31.70
N ALA K 157 52.48 20.96 -30.68
CA ALA K 157 51.48 21.98 -30.87
C ALA K 157 52.17 23.32 -31.09
N PRO K 158 51.58 24.20 -31.90
CA PRO K 158 52.18 25.51 -32.16
C PRO K 158 52.18 26.39 -30.92
N LEU K 159 53.05 27.40 -30.94
CA LEU K 159 53.09 28.38 -29.86
C LEU K 159 51.96 29.39 -30.04
N TYR K 160 51.05 29.48 -29.06
CA TYR K 160 49.86 30.33 -29.15
C TYR K 160 50.12 31.67 -28.45
N ILE K 161 49.99 32.77 -29.21
CA ILE K 161 50.30 34.10 -28.72
C ILE K 161 49.11 35.02 -29.01
N VAL K 162 48.62 35.69 -27.98
CA VAL K 162 47.59 36.71 -28.11
C VAL K 162 48.20 38.02 -27.68
N ASP K 163 48.16 39.01 -28.56
CA ASP K 163 48.53 40.40 -28.27
C ASP K 163 49.92 40.54 -27.65
N GLY K 164 50.81 39.58 -27.84
CA GLY K 164 52.19 39.75 -27.45
C GLY K 164 52.66 38.84 -26.35
N MET K 165 51.78 38.29 -25.53
CA MET K 165 52.22 37.34 -24.52
C MET K 165 51.71 35.94 -24.87
N GLN K 166 52.52 34.93 -24.57
CA GLN K 166 52.17 33.52 -24.79
C GLN K 166 51.05 33.11 -23.84
N THR K 167 49.88 32.74 -24.38
CA THR K 167 48.82 32.29 -23.47
C THR K 167 48.65 30.79 -23.63
N SER K 168 47.42 30.30 -23.59
CA SER K 168 47.18 28.87 -23.71
C SER K 168 45.74 28.65 -24.18
N LEU K 169 45.53 27.58 -24.93
CA LEU K 169 44.21 27.28 -25.51
C LEU K 169 43.09 27.25 -24.47
N ASP K 170 43.42 26.96 -23.21
CA ASP K 170 42.40 26.95 -22.15
C ASP K 170 41.94 28.36 -21.75
N VAL K 171 42.89 29.31 -21.69
CA VAL K 171 42.59 30.73 -21.48
C VAL K 171 41.85 31.33 -22.68
N VAL K 172 42.36 31.09 -23.88
CA VAL K 172 41.72 31.62 -25.08
C VAL K 172 40.24 31.24 -25.15
N ALA K 173 39.86 30.11 -24.54
CA ALA K 173 38.45 29.72 -24.52
C ALA K 173 37.62 30.53 -23.53
N THR K 174 38.25 31.13 -22.51
CA THR K 174 37.52 32.06 -21.63
C THR K 174 37.39 33.45 -22.25
N MET K 175 38.07 33.70 -23.37
CA MET K 175 37.94 34.99 -24.02
C MET K 175 36.74 35.01 -24.97
N ASN K 176 36.42 36.21 -25.44
CA ASN K 176 35.30 36.44 -26.33
C ASN K 176 35.80 36.49 -27.76
N PRO K 177 35.34 35.59 -28.65
CA PRO K 177 35.87 35.62 -30.03
C PRO K 177 35.54 36.89 -30.80
N ASN K 178 34.38 37.52 -30.57
CA ASN K 178 34.11 38.76 -31.29
C ASN K 178 35.12 39.86 -30.97
N ASP K 179 36.00 39.63 -29.99
CA ASP K 179 37.08 40.56 -29.71
C ASP K 179 38.23 40.42 -30.69
N PHE K 180 38.31 39.28 -31.40
CA PHE K 180 39.50 39.02 -32.19
C PHE K 180 39.45 39.71 -33.54
N GLU K 181 40.50 40.45 -33.83
CA GLU K 181 40.60 41.18 -35.08
C GLU K 181 41.09 40.27 -36.20
N SER K 182 42.14 39.51 -35.94
CA SER K 182 42.76 38.65 -36.94
C SER K 182 43.54 37.55 -36.26
N MET K 183 43.80 36.50 -37.01
CA MET K 183 44.72 35.45 -36.62
C MET K 183 45.71 35.22 -37.76
N SER K 184 47.00 35.19 -37.43
CA SER K 184 48.06 34.94 -38.39
C SER K 184 48.87 33.69 -38.03
N VAL K 185 49.08 32.84 -39.02
CA VAL K 185 49.84 31.61 -38.85
C VAL K 185 51.20 31.83 -39.49
N LEU K 186 52.26 31.73 -38.67
CA LEU K 186 53.64 31.92 -39.13
C LEU K 186 54.24 30.52 -39.31
N LYS K 187 54.22 30.01 -40.56
CA LYS K 187 54.49 28.60 -40.80
C LYS K 187 55.92 28.28 -41.24
N ASP K 188 56.76 29.28 -41.57
CA ASP K 188 58.14 28.95 -41.90
C ASP K 188 59.06 29.30 -40.73
N ALA K 189 60.35 29.47 -40.99
CA ALA K 189 61.34 29.72 -39.94
C ALA K 189 61.95 31.11 -40.01
N SER K 190 61.66 31.89 -41.05
CA SER K 190 62.09 33.28 -41.10
C SER K 190 61.09 34.17 -40.39
N ALA K 191 59.80 33.81 -40.43
CA ALA K 191 58.78 34.54 -39.67
C ALA K 191 58.96 34.30 -38.16
N THR K 192 59.12 33.05 -37.75
CA THR K 192 59.28 32.75 -36.33
C THR K 192 60.75 32.85 -35.96
N SER K 193 61.23 34.09 -35.77
CA SER K 193 62.63 34.30 -35.37
C SER K 193 62.77 35.25 -34.21
N ILE K 194 61.68 35.86 -33.77
CA ILE K 194 61.68 36.68 -32.58
C ILE K 194 61.05 35.94 -31.42
N TYR K 195 60.36 34.82 -31.69
CA TYR K 195 59.74 34.02 -30.65
C TYR K 195 60.74 32.94 -30.27
N GLY K 196 60.47 32.21 -29.18
CA GLY K 196 61.46 31.25 -28.75
C GLY K 196 61.09 30.35 -27.60
N ALA K 197 60.24 29.39 -27.83
CA ALA K 197 59.99 28.52 -26.71
C ALA K 197 59.67 27.18 -27.31
N ARG K 198 58.82 27.22 -28.32
CA ARG K 198 58.55 26.07 -29.16
C ARG K 198 58.23 26.55 -30.56
N ALA K 199 58.92 27.59 -31.02
CA ALA K 199 58.67 28.16 -32.34
C ALA K 199 58.93 27.17 -33.47
N ALA K 200 59.45 25.99 -33.16
CA ALA K 200 59.57 24.95 -34.16
C ALA K 200 58.21 24.55 -34.74
N ASN K 201 57.16 24.53 -33.92
CA ASN K 201 55.86 24.06 -34.40
C ASN K 201 55.03 25.18 -35.00
N GLY K 202 55.67 26.29 -35.42
CA GLY K 202 54.98 27.49 -35.89
C GLY K 202 54.59 28.38 -34.74
N VAL K 203 53.97 29.53 -35.05
CA VAL K 203 53.22 30.26 -34.03
C VAL K 203 51.88 30.68 -34.62
N VAL K 204 50.95 30.94 -33.72
CA VAL K 204 49.59 31.35 -34.05
C VAL K 204 49.31 32.58 -33.22
N PHE K 205 49.05 33.71 -33.89
CA PHE K 205 49.03 35.03 -33.29
C PHE K 205 47.64 35.64 -33.42
N ILE K 206 47.01 35.94 -32.29
CA ILE K 206 45.72 36.59 -32.27
C ILE K 206 45.92 38.02 -31.80
N GLN K 207 45.33 38.97 -32.54
CA GLN K 207 45.35 40.39 -32.20
C GLN K 207 43.92 40.83 -31.90
N THR K 208 43.73 41.46 -30.77
CA THR K 208 42.40 41.84 -30.35
C THR K 208 42.09 43.23 -30.89
N LYS K 209 40.84 43.46 -31.26
CA LYS K 209 40.37 44.74 -31.81
C LYS K 209 40.76 45.94 -30.96
N LYS K 210 41.08 47.05 -31.62
CA LYS K 210 41.05 48.38 -31.02
C LYS K 210 40.26 49.23 -32.01
N GLY K 211 39.25 49.96 -31.53
CA GLY K 211 38.28 50.54 -32.43
C GLY K 211 38.89 51.58 -33.36
N LYS K 212 38.40 51.62 -34.61
CA LYS K 212 38.79 52.70 -35.51
C LYS K 212 38.47 54.03 -34.86
N MET K 213 39.31 55.03 -35.12
CA MET K 213 39.21 56.25 -34.33
C MET K 213 37.94 57.04 -34.66
N SER K 214 37.73 57.35 -35.94
CA SER K 214 36.55 58.10 -36.41
C SER K 214 36.28 59.35 -35.56
N GLU K 215 35.00 59.65 -35.34
CA GLU K 215 34.65 60.86 -34.61
C GLU K 215 33.28 60.70 -33.97
N ARG K 216 32.63 59.56 -34.22
CA ARG K 216 31.45 59.24 -33.43
C ARG K 216 31.73 57.94 -32.67
N GLY K 217 30.78 57.02 -32.69
CA GLY K 217 30.93 55.80 -31.94
C GLY K 217 30.08 54.68 -32.48
N ARG K 218 30.60 53.47 -32.44
CA ARG K 218 29.87 52.30 -32.86
C ARG K 218 29.49 51.50 -31.62
N ILE K 219 28.35 50.83 -31.70
CA ILE K 219 27.85 50.04 -30.58
C ILE K 219 26.98 48.95 -31.16
N THR K 220 27.43 47.71 -31.05
CA THR K 220 26.72 46.60 -31.66
C THR K 220 26.32 45.58 -30.60
N PHE K 221 25.33 44.77 -30.97
CA PHE K 221 24.72 43.82 -30.08
C PHE K 221 24.45 42.53 -30.85
N ASN K 222 24.94 41.41 -30.33
CA ASN K 222 24.76 40.09 -30.93
C ASN K 222 23.99 39.21 -29.96
N ALA K 223 23.30 38.21 -30.47
CA ALA K 223 22.49 37.36 -29.61
C ALA K 223 21.98 36.16 -30.39
N SER K 224 22.39 34.96 -30.02
CA SER K 224 22.03 33.78 -30.79
C SER K 224 21.59 32.64 -29.88
N TYR K 225 20.87 31.68 -30.47
CA TYR K 225 20.44 30.48 -29.79
C TYR K 225 20.49 29.31 -30.76
N GLY K 226 20.61 28.10 -30.23
CA GLY K 226 20.67 26.92 -31.07
C GLY K 226 20.68 25.64 -30.27
N ILE K 227 20.90 24.50 -30.95
CA ILE K 227 21.01 23.21 -30.25
C ILE K 227 22.17 22.38 -30.79
N SER K 228 22.67 21.50 -29.94
CA SER K 228 23.67 20.50 -30.33
C SER K 228 22.97 19.14 -30.48
N GLN K 229 23.16 18.49 -31.62
CA GLN K 229 22.62 17.16 -31.84
C GLN K 229 23.74 16.17 -32.14
N ILE K 230 23.47 15.14 -32.93
CA ILE K 230 24.45 14.08 -33.15
C ILE K 230 24.41 13.68 -34.62
N LEU K 231 25.58 13.49 -35.21
CA LEU K 231 25.67 13.31 -36.65
C LEU K 231 25.42 11.86 -37.09
N ASN K 232 26.20 10.90 -36.58
CA ASN K 232 26.09 9.52 -37.06
C ASN K 232 25.13 8.69 -36.19
N THR K 233 24.15 8.04 -36.84
CA THR K 233 23.28 7.01 -36.26
C THR K 233 23.59 5.62 -36.81
N LYS K 234 24.36 5.54 -37.89
CA LYS K 234 24.57 4.29 -38.62
C LYS K 234 25.08 3.14 -37.75
N PRO K 235 26.01 3.36 -36.81
CA PRO K 235 26.54 2.25 -36.01
C PRO K 235 25.52 1.30 -35.44
N LEU K 236 24.34 1.79 -35.04
CA LEU K 236 23.34 0.92 -34.45
C LEU K 236 22.23 0.52 -35.42
N ASP K 237 22.50 0.52 -36.74
CA ASP K 237 21.44 0.12 -37.67
C ASP K 237 21.34 -1.39 -37.89
N ASN K 238 22.25 -2.19 -37.36
CA ASN K 238 22.20 -3.64 -37.60
C ASN K 238 22.82 -4.39 -36.42
N MET K 239 22.23 -4.19 -35.24
CA MET K 239 22.60 -4.91 -34.03
C MET K 239 21.35 -5.62 -33.51
N MET K 240 21.54 -6.83 -32.96
CA MET K 240 20.43 -7.67 -32.56
C MET K 240 19.46 -6.96 -31.60
N THR K 241 18.19 -7.32 -31.69
CA THR K 241 17.11 -6.70 -30.94
C THR K 241 16.80 -7.58 -29.72
N GLY K 242 15.57 -7.45 -29.20
CA GLY K 242 15.18 -8.08 -27.95
C GLY K 242 15.54 -9.54 -27.85
N ASP K 243 14.76 -10.39 -28.48
CA ASP K 243 15.06 -11.80 -28.49
C ASP K 243 15.99 -12.21 -29.63
N GLU K 244 16.42 -11.27 -30.48
CA GLU K 244 17.42 -11.59 -31.50
C GLU K 244 18.70 -12.14 -30.88
N LEU K 245 19.25 -11.45 -29.88
CA LEU K 245 20.47 -11.97 -29.29
C LEU K 245 20.23 -12.99 -28.19
N LEU K 246 19.00 -13.13 -27.69
CA LEU K 246 18.73 -14.23 -26.77
C LEU K 246 19.02 -15.58 -27.40
N ASP K 247 18.40 -15.87 -28.55
CA ASP K 247 18.69 -17.14 -29.22
C ASP K 247 20.15 -17.25 -29.61
N PHE K 248 20.79 -16.12 -29.95
CA PHE K 248 22.22 -16.17 -30.21
C PHE K 248 22.95 -16.69 -28.99
N GLN K 249 22.59 -16.18 -27.80
CA GLN K 249 23.22 -16.64 -26.56
C GLN K 249 22.87 -18.11 -26.28
N VAL K 250 21.60 -18.49 -26.44
CA VAL K 250 21.20 -19.85 -26.11
C VAL K 250 21.91 -20.84 -27.03
N LYS K 251 21.94 -20.53 -28.34
CA LYS K 251 22.50 -21.45 -29.33
C LYS K 251 23.98 -21.75 -29.05
N ALA K 252 24.73 -20.75 -28.58
CA ALA K 252 26.13 -20.93 -28.20
C ALA K 252 26.30 -21.28 -26.73
N GLY K 253 25.22 -21.64 -26.05
CA GLY K 253 25.26 -22.16 -24.69
C GLY K 253 25.91 -21.29 -23.64
N PHE K 254 25.93 -19.97 -23.84
CA PHE K 254 26.47 -19.08 -22.80
C PHE K 254 25.69 -19.27 -21.49
N TRP K 255 24.39 -19.55 -21.60
CA TRP K 255 23.55 -20.00 -20.49
C TRP K 255 23.35 -21.51 -20.56
N GLY K 256 23.93 -22.24 -19.62
CA GLY K 256 23.54 -23.63 -19.53
C GLY K 256 24.00 -24.59 -20.61
N ASN K 257 23.64 -25.84 -20.38
CA ASN K 257 23.77 -26.88 -21.38
C ASN K 257 22.39 -27.51 -21.48
N ASN K 258 21.87 -27.57 -22.70
CA ASN K 258 20.50 -27.97 -22.94
C ASN K 258 19.63 -27.05 -22.11
N GLN K 259 19.11 -26.02 -22.76
CA GLN K 259 18.26 -25.03 -22.13
C GLN K 259 17.39 -24.47 -23.22
N THR K 260 16.20 -24.05 -22.83
CA THR K 260 15.23 -23.54 -23.77
C THR K 260 15.21 -22.04 -23.60
N VAL K 261 15.14 -21.31 -24.72
CA VAL K 261 15.19 -19.86 -24.64
C VAL K 261 14.23 -19.33 -23.58
N GLN K 262 13.10 -20.01 -23.35
CA GLN K 262 12.17 -19.56 -22.32
C GLN K 262 12.62 -19.91 -20.90
N LYS K 263 13.19 -21.10 -20.69
CA LYS K 263 13.77 -21.41 -19.37
C LYS K 263 14.71 -20.31 -18.90
N VAL K 264 15.57 -19.82 -19.80
CA VAL K 264 16.63 -18.87 -19.50
C VAL K 264 16.04 -17.50 -19.23
N LYS K 265 14.77 -17.37 -19.35
CA LYS K 265 14.18 -16.08 -19.07
C LYS K 265 13.01 -16.24 -18.13
N ASP K 266 12.19 -17.29 -18.34
CA ASP K 266 10.91 -17.50 -17.65
C ASP K 266 10.98 -17.09 -16.20
N MET K 267 12.05 -17.50 -15.54
CA MET K 267 12.33 -17.02 -14.20
C MET K 267 13.81 -16.70 -13.97
N ILE K 268 14.73 -17.13 -14.85
CA ILE K 268 16.15 -16.93 -14.55
C ILE K 268 16.46 -15.47 -14.30
N LEU K 269 16.05 -14.60 -15.23
CA LEU K 269 16.24 -13.17 -15.00
C LEU K 269 14.95 -12.39 -14.94
N ALA K 270 13.89 -12.81 -15.63
CA ALA K 270 12.60 -12.19 -15.34
C ALA K 270 12.22 -12.42 -13.87
N GLY K 271 12.80 -13.44 -13.23
CA GLY K 271 12.62 -13.69 -11.82
C GLY K 271 13.73 -13.12 -10.93
N ALA K 272 14.45 -12.12 -11.44
CA ALA K 272 15.28 -11.25 -10.61
C ALA K 272 14.56 -9.94 -10.30
N GLU K 273 13.24 -10.05 -10.17
CA GLU K 273 12.41 -9.20 -9.34
C GLU K 273 12.70 -9.41 -7.86
N ASP K 274 13.31 -10.54 -7.48
CA ASP K 274 13.74 -10.66 -6.09
C ASP K 274 14.78 -9.60 -5.75
N LEU K 275 15.54 -9.14 -6.74
CA LEU K 275 16.46 -8.04 -6.47
C LEU K 275 15.67 -6.76 -6.21
N TYR K 276 14.74 -6.41 -7.10
CA TYR K 276 13.94 -5.21 -6.95
C TYR K 276 13.13 -5.19 -5.65
N GLY K 277 12.85 -6.35 -5.05
CA GLY K 277 12.06 -6.46 -3.84
C GLY K 277 12.75 -6.23 -2.51
N ASN K 278 14.05 -5.90 -2.46
CA ASN K 278 14.68 -5.58 -1.19
C ASN K 278 14.82 -4.09 -0.92
N TYR K 279 14.46 -3.26 -1.87
CA TYR K 279 14.57 -1.81 -1.71
C TYR K 279 13.18 -1.22 -1.49
N ASP K 280 12.99 -0.50 -0.38
CA ASP K 280 11.67 0.03 -0.07
C ASP K 280 11.18 0.99 -1.14
N SER K 281 12.09 1.64 -1.86
CA SER K 281 11.68 2.55 -2.92
C SER K 281 10.88 1.80 -3.99
N LEU K 282 11.53 0.83 -4.61
CA LEU K 282 11.04 0.09 -5.76
C LEU K 282 10.52 -1.30 -5.42
N LYS K 283 10.25 -1.58 -4.15
CA LYS K 283 9.78 -2.92 -3.78
C LYS K 283 8.41 -3.21 -4.37
N ASP K 284 7.55 -2.21 -4.38
CA ASP K 284 6.17 -2.34 -4.82
C ASP K 284 5.86 -1.39 -5.96
N GLU K 285 6.84 -1.19 -6.84
CA GLU K 285 6.59 -0.50 -8.09
C GLU K 285 7.15 -1.26 -9.29
N TYR K 286 7.60 -2.50 -9.09
CA TYR K 286 8.04 -3.39 -10.16
C TYR K 286 6.82 -4.11 -10.72
N GLY K 287 6.61 -4.01 -12.03
CA GLY K 287 5.40 -4.51 -12.65
C GLY K 287 4.26 -3.51 -12.70
N LYS K 288 4.25 -2.53 -11.79
CA LYS K 288 3.32 -1.41 -11.83
C LYS K 288 3.86 -0.37 -12.80
N THR K 289 4.77 0.48 -12.32
CA THR K 289 5.26 1.63 -13.08
C THR K 289 6.63 1.40 -13.71
N LEU K 290 7.25 0.25 -13.54
CA LEU K 290 8.65 0.13 -13.92
C LEU K 290 8.98 -1.31 -14.27
N PHE K 291 9.17 -1.58 -15.56
CA PHE K 291 9.69 -2.87 -15.99
C PHE K 291 11.11 -2.67 -16.46
N PRO K 292 12.05 -3.37 -15.92
CA PRO K 292 13.45 -3.13 -16.27
C PRO K 292 13.97 -4.25 -17.15
N VAL K 293 13.12 -5.25 -17.29
CA VAL K 293 13.33 -6.39 -18.16
C VAL K 293 12.06 -6.56 -18.95
N ASP K 294 12.19 -6.77 -20.27
CA ASP K 294 11.03 -6.91 -21.14
C ASP K 294 11.51 -7.33 -22.53
N PHE K 295 11.24 -8.59 -22.90
CA PHE K 295 11.68 -9.18 -24.15
C PHE K 295 10.73 -8.86 -25.31
N ASN K 296 9.75 -7.99 -25.09
CA ASN K 296 8.79 -7.60 -26.11
C ASN K 296 9.28 -6.28 -26.66
N HIS K 297 8.70 -5.19 -26.18
CA HIS K 297 9.14 -3.85 -26.55
C HIS K 297 10.54 -3.62 -25.99
N ASP K 298 11.58 -3.98 -26.74
CA ASP K 298 12.93 -3.74 -26.25
C ASP K 298 13.22 -2.25 -26.37
N ALA K 299 14.05 -1.76 -25.46
CA ALA K 299 14.10 -0.32 -25.27
C ALA K 299 15.18 0.33 -26.14
N ASP K 300 15.17 1.65 -26.13
CA ASP K 300 16.03 2.49 -26.96
C ASP K 300 17.22 2.97 -26.12
N TRP K 301 18.39 2.34 -26.30
CA TRP K 301 19.56 2.68 -25.49
C TRP K 301 20.27 3.95 -25.93
N LEU K 302 20.09 4.38 -27.17
CA LEU K 302 20.69 5.62 -27.61
C LEU K 302 19.97 6.81 -26.96
N LYS K 303 18.64 6.81 -26.98
CA LYS K 303 17.91 7.87 -26.31
C LYS K 303 18.10 7.77 -24.81
N ALA K 304 18.46 6.58 -24.30
CA ALA K 304 18.75 6.43 -22.88
C ALA K 304 20.03 7.15 -22.46
N LEU K 305 20.95 7.42 -23.37
CA LEU K 305 22.25 7.96 -22.99
C LEU K 305 22.62 9.32 -23.60
N PHE K 306 21.79 9.88 -24.49
CA PHE K 306 22.12 11.13 -25.18
C PHE K 306 20.88 11.99 -25.35
N LYS K 307 21.10 13.30 -25.38
CA LYS K 307 20.03 14.30 -25.47
C LYS K 307 20.42 15.40 -26.45
N THR K 308 19.42 16.14 -26.92
CA THR K 308 19.67 17.39 -27.65
C THR K 308 19.75 18.53 -26.64
N ALA K 309 20.88 19.26 -26.63
CA ALA K 309 21.21 20.16 -25.53
C ALA K 309 21.41 21.60 -26.01
N PRO K 310 20.91 22.59 -25.27
CA PRO K 310 20.89 23.98 -25.76
C PRO K 310 22.24 24.67 -25.70
N THR K 311 22.43 25.61 -26.62
CA THR K 311 23.62 26.46 -26.69
C THR K 311 23.17 27.90 -26.85
N SER K 312 23.75 28.83 -26.08
CA SER K 312 23.27 30.21 -25.99
C SER K 312 24.44 31.17 -25.87
N GLN K 313 24.37 32.29 -26.59
CA GLN K 313 25.42 33.29 -26.44
C GLN K 313 24.90 34.68 -26.77
N GLY K 314 25.66 35.69 -26.33
CA GLY K 314 25.28 37.08 -26.44
C GLY K 314 26.45 37.99 -26.15
N ASP K 315 26.38 39.21 -26.69
CA ASP K 315 27.55 40.04 -26.77
C ASP K 315 27.09 41.50 -26.82
N ILE K 316 27.80 42.39 -26.14
CA ILE K 316 27.61 43.83 -26.36
C ILE K 316 28.98 44.47 -26.36
N SER K 317 29.24 45.37 -27.29
CA SER K 317 30.60 45.88 -27.42
C SER K 317 30.62 47.32 -27.91
N PHE K 318 31.51 48.10 -27.29
CA PHE K 318 31.61 49.53 -27.57
C PHE K 318 33.01 49.85 -28.08
N SER K 319 33.06 50.62 -29.16
CA SER K 319 34.31 50.99 -29.79
C SER K 319 34.21 52.41 -30.34
N GLY K 320 35.36 52.96 -30.68
CA GLY K 320 35.39 54.34 -31.06
C GLY K 320 36.66 54.97 -30.57
N GLY K 321 36.88 56.22 -30.95
CA GLY K 321 38.13 56.88 -30.63
C GLY K 321 38.06 58.33 -31.04
N SER K 322 39.19 59.00 -30.85
CA SER K 322 39.13 60.45 -30.89
C SER K 322 40.42 61.03 -31.44
N GLN K 323 41.26 61.65 -30.61
CA GLN K 323 42.45 62.29 -31.15
C GLN K 323 43.60 61.33 -31.34
N GLY K 324 44.42 61.16 -30.31
CA GLY K 324 45.51 60.22 -30.38
C GLY K 324 45.23 59.05 -29.47
N THR K 325 43.94 58.72 -29.36
CA THR K 325 43.41 57.83 -28.33
C THR K 325 42.32 56.94 -28.93
N SER K 326 42.41 55.63 -28.68
CA SER K 326 41.45 54.65 -29.20
C SER K 326 41.08 53.65 -28.11
N TYR K 327 39.87 53.11 -28.19
CA TYR K 327 39.45 52.11 -27.22
C TYR K 327 38.50 51.09 -27.86
N TYR K 328 38.61 49.83 -27.41
CA TYR K 328 37.61 48.79 -27.61
C TYR K 328 37.17 48.27 -26.25
N ALA K 329 35.92 47.80 -26.17
CA ALA K 329 35.43 47.23 -24.94
C ALA K 329 34.20 46.40 -25.22
N SER K 330 34.09 45.28 -24.52
CA SER K 330 33.01 44.33 -24.75
C SER K 330 32.64 43.67 -23.43
N ILE K 331 31.40 43.19 -23.35
CA ILE K 331 30.99 42.23 -22.32
C ILE K 331 30.06 41.21 -23.01
N GLY K 332 30.14 39.95 -22.56
CA GLY K 332 29.39 38.89 -23.22
C GLY K 332 29.34 37.62 -22.39
N TYR K 333 28.41 36.75 -22.77
CA TYR K 333 28.19 35.46 -22.13
C TYR K 333 28.19 34.34 -23.17
N PHE K 334 28.45 33.13 -22.69
CA PHE K 334 28.49 31.94 -23.53
C PHE K 334 28.08 30.75 -22.68
N ASP K 335 27.24 29.87 -23.23
CA ASP K 335 26.71 28.78 -22.41
C ASP K 335 26.30 27.60 -23.31
N GLN K 336 27.20 26.62 -23.44
CA GLN K 336 26.99 25.43 -24.26
C GLN K 336 26.85 24.22 -23.36
N GLU K 337 25.92 23.32 -23.69
CA GLU K 337 25.66 22.14 -22.88
C GLU K 337 25.96 20.87 -23.65
N GLY K 338 26.61 19.92 -22.98
CA GLY K 338 27.06 18.73 -23.68
C GLY K 338 25.90 17.84 -24.10
N MET K 339 26.03 17.25 -25.28
CA MET K 339 24.97 16.41 -25.79
C MET K 339 24.92 15.07 -25.10
N ALA K 340 25.97 14.69 -24.37
CA ALA K 340 25.94 13.46 -23.61
C ALA K 340 25.08 13.65 -22.36
N ARG K 341 24.27 12.62 -22.05
CA ARG K 341 23.44 12.67 -20.86
C ARG K 341 24.29 12.67 -19.60
N GLU K 342 25.46 12.03 -19.64
CA GLU K 342 26.52 12.17 -18.65
C GLU K 342 27.02 13.62 -18.69
N PRO K 343 26.96 14.35 -17.59
CA PRO K 343 26.99 15.82 -17.65
C PRO K 343 28.30 16.35 -18.21
N ALA K 344 28.19 17.41 -19.02
CA ALA K 344 29.32 18.12 -19.61
C ALA K 344 28.82 19.49 -20.03
N ASN K 345 29.61 20.53 -19.74
CA ASN K 345 29.24 21.87 -20.17
C ASN K 345 30.39 22.83 -19.92
N PHE K 346 30.25 24.03 -20.49
CA PHE K 346 31.22 25.12 -20.48
C PHE K 346 30.42 26.41 -20.54
N LYS K 347 30.65 27.34 -19.60
CA LYS K 347 29.96 28.63 -19.65
C LYS K 347 30.85 29.70 -19.05
N ARG K 348 30.89 30.86 -19.69
CA ARG K 348 31.78 31.95 -19.26
C ARG K 348 31.06 33.29 -19.32
N TYR K 349 31.56 34.26 -18.54
CA TYR K 349 31.10 35.64 -18.63
C TYR K 349 32.33 36.51 -18.89
N SER K 350 32.36 37.20 -20.03
CA SER K 350 33.57 37.80 -20.58
C SER K 350 33.53 39.32 -20.51
N GLY K 351 34.65 39.92 -20.14
CA GLY K 351 34.81 41.36 -20.22
C GLY K 351 36.14 41.69 -20.85
N ARG K 352 36.20 42.86 -21.49
CA ARG K 352 37.42 43.28 -22.18
C ARG K 352 37.45 44.79 -22.33
N LEU K 353 38.60 45.40 -22.01
CA LEU K 353 38.79 46.82 -22.29
C LEU K 353 40.18 47.02 -22.84
N ASN K 354 40.25 47.43 -24.11
CA ASN K 354 41.45 47.66 -24.88
C ASN K 354 41.62 49.16 -25.06
N PHE K 355 42.84 49.66 -24.93
CA PHE K 355 43.02 51.10 -24.82
C PHE K 355 44.43 51.50 -25.22
N GLU K 356 44.55 52.57 -26.00
CA GLU K 356 45.88 53.05 -26.36
C GLU K 356 45.83 54.54 -26.74
N SER K 357 46.89 55.26 -26.39
CA SER K 357 46.93 56.72 -26.54
C SER K 357 48.34 57.22 -26.78
N ARG K 358 48.48 58.22 -27.66
CA ARG K 358 49.74 58.93 -27.84
C ARG K 358 49.80 60.11 -26.88
N ILE K 359 50.69 60.04 -25.89
CA ILE K 359 50.83 61.12 -24.92
C ILE K 359 51.41 62.36 -25.59
N ASN K 360 52.55 62.19 -26.26
CA ASN K 360 53.10 63.22 -27.11
C ASN K 360 53.83 62.61 -28.32
N GLU K 361 54.78 63.38 -28.82
CA GLU K 361 55.61 63.06 -29.97
C GLU K 361 56.95 62.47 -29.56
N TRP K 362 56.95 61.72 -28.47
CA TRP K 362 58.17 61.15 -27.94
C TRP K 362 57.79 59.96 -27.08
N LEU K 363 56.50 59.89 -26.71
CA LEU K 363 55.99 58.87 -25.79
C LEU K 363 54.55 58.52 -26.13
N LYS K 364 54.20 57.25 -25.96
CA LYS K 364 52.90 56.72 -26.35
C LYS K 364 52.69 55.39 -25.65
N VAL K 365 51.49 55.19 -25.08
CA VAL K 365 51.22 54.04 -24.22
C VAL K 365 49.88 53.41 -24.54
N GLY K 366 49.71 52.18 -24.05
CA GLY K 366 48.52 51.38 -24.30
C GLY K 366 48.42 50.27 -23.29
N ALA K 367 47.30 49.54 -23.37
CA ALA K 367 46.94 48.50 -22.42
C ALA K 367 45.66 47.80 -22.87
N ASN K 368 45.60 46.47 -22.80
CA ASN K 368 44.36 45.76 -23.06
C ASN K 368 44.13 44.69 -22.01
N LEU K 369 42.96 44.79 -21.37
CA LEU K 369 42.60 44.08 -20.16
C LEU K 369 41.41 43.19 -20.45
N SER K 370 41.52 41.89 -20.10
CA SER K 370 40.44 40.95 -20.27
C SER K 370 40.36 40.05 -19.05
N GLY K 371 39.26 39.32 -18.94
CA GLY K 371 39.01 38.58 -17.73
C GLY K 371 37.66 37.91 -17.79
N ALA K 372 37.46 36.86 -17.00
CA ALA K 372 36.20 36.14 -17.12
C ALA K 372 35.93 35.34 -15.86
N ILE K 373 34.75 34.73 -15.82
CA ILE K 373 34.35 33.81 -14.77
C ILE K 373 33.75 32.61 -15.48
N ALA K 374 34.33 31.42 -15.28
CA ALA K 374 33.91 30.29 -16.10
C ALA K 374 33.74 29.01 -15.31
N ASN K 375 32.68 28.27 -15.67
CA ASN K 375 32.39 26.94 -15.11
C ASN K 375 32.57 25.87 -16.19
N ARG K 376 33.64 25.09 -16.10
CA ARG K 376 33.87 23.96 -17.01
C ARG K 376 33.61 22.63 -16.32
N ARG K 377 32.75 21.81 -16.92
CA ARG K 377 32.50 20.45 -16.42
C ARG K 377 32.58 19.45 -17.56
N SER K 378 33.39 18.41 -17.38
CA SER K 378 33.75 17.46 -18.43
C SER K 378 33.31 16.05 -18.04
N ALA K 379 32.52 15.42 -18.91
CA ALA K 379 32.19 14.01 -18.73
C ALA K 379 33.38 13.15 -19.12
N ASP K 380 33.80 12.27 -18.21
CA ASP K 380 35.08 11.59 -18.40
C ASP K 380 34.99 10.08 -18.16
N TYR K 381 33.81 9.49 -18.30
CA TYR K 381 33.65 8.05 -18.46
C TYR K 381 33.74 7.63 -19.91
N PHE K 382 34.16 8.55 -20.77
CA PHE K 382 34.38 8.31 -22.18
C PHE K 382 35.84 7.90 -22.38
N GLY K 383 36.09 7.08 -23.40
CA GLY K 383 37.42 6.56 -23.61
C GLY K 383 37.79 5.37 -22.77
N LYS K 384 36.84 4.82 -22.02
CA LYS K 384 37.02 3.65 -21.17
C LYS K 384 35.80 2.78 -21.39
N TYR K 385 35.93 1.47 -21.17
CA TYR K 385 34.84 0.54 -21.46
C TYR K 385 34.11 0.15 -20.16
N TYR K 386 32.92 0.69 -19.97
CA TYR K 386 32.12 0.43 -18.78
C TYR K 386 30.71 0.05 -19.21
N MET K 387 30.15 -0.95 -18.51
CA MET K 387 29.03 -1.74 -19.02
C MET K 387 27.87 -0.91 -19.54
N GLY K 388 27.57 0.21 -18.92
CA GLY K 388 26.38 0.87 -19.40
C GLY K 388 26.55 2.34 -19.68
N SER K 389 27.68 2.70 -20.27
CA SER K 389 28.04 4.10 -20.43
C SER K 389 28.72 4.32 -21.77
N GLY K 390 28.50 5.49 -22.33
CA GLY K 390 29.14 5.87 -23.56
C GLY K 390 28.48 5.28 -24.78
N THR K 391 29.03 5.66 -25.93
CA THR K 391 28.59 5.08 -27.19
C THR K 391 28.74 3.56 -27.17
N PHE K 392 29.83 3.06 -26.58
CA PHE K 392 29.98 1.63 -26.30
C PHE K 392 28.77 1.11 -25.53
N GLY K 393 28.13 1.96 -24.73
CA GLY K 393 26.94 1.52 -24.03
C GLY K 393 25.74 1.40 -24.94
N VAL K 394 25.56 2.37 -25.86
CA VAL K 394 24.35 2.40 -26.66
C VAL K 394 24.29 1.18 -27.58
N LEU K 395 25.43 0.59 -27.90
CA LEU K 395 25.52 -0.56 -28.79
C LEU K 395 25.52 -1.90 -28.04
N THR K 396 26.36 -2.03 -27.00
CA THR K 396 26.56 -3.34 -26.36
C THR K 396 25.46 -3.70 -25.37
N MET K 397 24.79 -2.73 -24.75
CA MET K 397 23.75 -3.08 -23.79
C MET K 397 22.64 -3.88 -24.47
N PRO K 398 22.32 -5.09 -23.99
CA PRO K 398 21.19 -5.83 -24.57
C PRO K 398 19.90 -5.00 -24.50
N ARG K 399 19.03 -5.20 -25.50
CA ARG K 399 17.82 -4.39 -25.62
C ARG K 399 16.67 -4.86 -24.73
N TYR K 400 16.79 -6.03 -24.12
CA TYR K 400 15.74 -6.49 -23.20
C TYR K 400 15.93 -5.95 -21.81
N TYR K 401 16.87 -5.03 -21.61
CA TYR K 401 17.00 -4.31 -20.34
C TYR K 401 16.45 -2.91 -20.55
N ASN K 402 15.50 -2.52 -19.71
CA ASN K 402 14.71 -1.33 -20.01
C ASN K 402 14.99 -0.27 -18.97
N PRO K 403 15.69 0.85 -19.31
CA PRO K 403 15.93 1.90 -18.32
C PRO K 403 14.77 2.88 -18.18
N PHE K 404 13.57 2.45 -18.57
CA PHE K 404 12.42 3.35 -18.60
C PHE K 404 11.28 2.79 -17.76
N ASP K 405 10.50 3.73 -17.21
CA ASP K 405 9.21 3.44 -16.59
C ASP K 405 8.17 3.22 -17.68
N VAL K 406 6.95 2.89 -17.26
CA VAL K 406 5.83 2.73 -18.19
C VAL K 406 5.42 4.05 -18.83
N ASN K 407 5.93 5.20 -18.35
CA ASN K 407 5.61 6.51 -18.93
C ASN K 407 6.62 6.96 -19.97
N GLY K 408 7.53 6.10 -20.42
CA GLY K 408 8.56 6.51 -21.36
C GLY K 408 9.60 7.46 -20.80
N ASP K 409 9.72 7.53 -19.48
CA ASP K 409 10.65 8.38 -18.74
C ASP K 409 11.85 7.58 -18.23
N LEU K 410 12.98 8.28 -18.07
CA LEU K 410 14.17 7.64 -17.56
C LEU K 410 13.97 7.28 -16.11
N ALA K 411 14.26 6.04 -15.76
CA ALA K 411 14.10 5.57 -14.38
C ALA K 411 15.28 6.00 -13.49
N ASP K 412 15.15 5.76 -12.20
CA ASP K 412 16.27 6.01 -11.30
C ASP K 412 17.32 4.92 -11.44
N VAL K 413 16.93 3.76 -11.96
CA VAL K 413 17.83 2.62 -11.89
C VAL K 413 17.32 1.51 -12.81
N TYR K 414 18.24 0.82 -13.48
CA TYR K 414 17.98 -0.36 -14.27
C TYR K 414 18.68 -1.58 -13.66
N TYR K 415 18.62 -2.72 -14.36
CA TYR K 415 19.13 -3.97 -13.83
C TYR K 415 19.87 -4.74 -14.91
N MET K 416 20.98 -5.36 -14.53
CA MET K 416 21.71 -6.33 -15.33
C MET K 416 21.30 -7.74 -14.87
N TYR K 417 22.21 -8.67 -14.62
CA TYR K 417 21.82 -9.97 -14.09
C TYR K 417 22.94 -10.51 -13.22
N GLY K 418 22.58 -11.02 -12.06
CA GLY K 418 23.56 -11.41 -11.06
C GLY K 418 24.05 -10.24 -10.25
N ALA K 419 23.38 -9.10 -10.37
CA ALA K 419 23.83 -7.88 -9.73
C ALA K 419 23.46 -7.89 -8.26
N THR K 420 24.21 -7.10 -7.50
CA THR K 420 24.02 -6.89 -6.08
C THR K 420 23.07 -5.72 -5.86
N ARG K 421 23.48 -4.62 -6.25
CA ARG K 421 22.95 -3.28 -6.28
C ARG K 421 22.44 -2.96 -7.67
N PRO K 422 21.23 -2.46 -7.81
CA PRO K 422 20.79 -1.98 -9.11
C PRO K 422 21.72 -0.88 -9.60
N SER K 423 21.93 -0.85 -10.92
CA SER K 423 22.80 0.15 -11.57
C SER K 423 22.03 1.42 -11.88
N MET K 424 22.58 2.59 -11.50
CA MET K 424 21.89 3.88 -11.64
C MET K 424 22.06 4.51 -13.03
N THR K 425 21.01 5.20 -13.49
CA THR K 425 21.08 5.91 -14.76
C THR K 425 21.93 7.16 -14.62
N GLU K 426 22.47 7.64 -15.74
CA GLU K 426 23.42 8.75 -15.67
C GLU K 426 22.75 10.03 -15.18
N PRO K 427 21.41 10.20 -15.28
CA PRO K 427 20.80 11.38 -14.64
C PRO K 427 20.63 11.28 -13.12
N TYR K 428 20.23 10.13 -12.59
CA TYR K 428 20.13 9.98 -11.13
C TYR K 428 21.50 9.99 -10.47
N PHE K 429 22.46 9.28 -11.07
CA PHE K 429 23.87 9.32 -10.67
C PHE K 429 24.38 10.75 -10.57
N ALA K 430 23.99 11.60 -11.51
CA ALA K 430 24.47 12.98 -11.53
C ALA K 430 23.99 13.77 -10.32
N LYS K 431 22.77 13.52 -9.87
CA LYS K 431 22.27 14.30 -8.75
C LYS K 431 22.72 13.75 -7.38
N MET K 432 23.22 12.51 -7.31
CA MET K 432 23.85 11.93 -6.11
C MET K 432 25.35 12.23 -6.04
N ARG K 433 25.83 13.15 -6.87
CA ARG K 433 27.25 13.24 -7.15
C ARG K 433 27.52 14.59 -7.79
N PRO K 434 27.46 15.66 -7.01
CA PRO K 434 27.54 17.01 -7.54
C PRO K 434 28.96 17.42 -7.91
N PHE K 435 29.04 18.51 -8.67
CA PHE K 435 30.29 19.06 -9.14
C PHE K 435 30.08 20.52 -9.52
N SER K 436 31.03 21.40 -9.16
CA SER K 436 31.04 22.72 -9.78
C SER K 436 32.46 23.26 -9.72
N SER K 437 32.91 23.92 -10.79
CA SER K 437 34.12 24.73 -10.69
C SER K 437 33.76 26.16 -11.04
N GLU K 438 34.59 27.07 -10.59
CA GLU K 438 34.47 28.49 -10.91
C GLU K 438 35.87 28.98 -11.13
N SER K 439 36.16 29.48 -12.32
CA SER K 439 37.49 29.98 -12.63
C SER K 439 37.46 31.51 -12.69
N HIS K 440 38.42 32.15 -12.02
CA HIS K 440 38.49 33.61 -11.93
C HIS K 440 39.75 34.10 -12.66
N GLN K 441 39.60 34.32 -13.99
CA GLN K 441 40.69 34.60 -14.94
C GLN K 441 40.88 36.08 -15.24
N ALA K 442 42.14 36.54 -15.19
CA ALA K 442 42.51 37.93 -15.45
C ALA K 442 43.73 38.01 -16.35
N ASN K 443 43.72 38.98 -17.26
CA ASN K 443 44.79 39.17 -18.24
C ASN K 443 45.05 40.65 -18.41
N VAL K 444 46.19 41.13 -17.95
CA VAL K 444 46.57 42.53 -18.06
C VAL K 444 47.81 42.64 -18.93
N ASN K 445 47.87 43.71 -19.70
CA ASN K 445 48.91 43.85 -20.70
C ASN K 445 49.19 45.33 -20.82
N GLY K 446 50.44 45.75 -20.71
CA GLY K 446 50.77 47.15 -20.85
C GLY K 446 52.06 47.32 -21.63
N PHE K 447 52.19 48.44 -22.33
CA PHE K 447 53.39 48.72 -23.11
C PHE K 447 53.67 50.21 -23.15
N ALA K 448 54.88 50.56 -23.58
CA ALA K 448 55.28 51.96 -23.67
C ALA K 448 56.25 52.11 -24.83
N GLN K 449 55.92 52.98 -25.78
CA GLN K 449 56.77 53.29 -26.92
C GLN K 449 57.42 54.67 -26.75
N ILE K 450 58.71 54.75 -27.01
CA ILE K 450 59.46 55.99 -26.84
C ILE K 450 60.24 56.20 -28.12
N THR K 451 60.05 57.36 -28.76
CA THR K 451 60.73 57.63 -30.02
C THR K 451 61.63 58.85 -29.83
N PRO K 452 62.81 58.66 -29.21
CA PRO K 452 63.70 59.82 -29.02
C PRO K 452 64.14 60.51 -30.30
N ILE K 453 64.91 59.83 -31.12
CA ILE K 453 65.63 60.44 -32.24
C ILE K 453 65.20 59.71 -33.53
N LYS K 454 64.20 60.26 -34.20
CA LYS K 454 63.81 59.84 -35.55
C LYS K 454 63.40 58.38 -35.60
N GLY K 455 64.34 57.55 -36.05
CA GLY K 455 64.12 56.17 -36.44
C GLY K 455 63.93 55.12 -35.37
N LEU K 456 64.69 55.20 -34.27
CA LEU K 456 64.59 54.13 -33.30
C LEU K 456 63.30 54.25 -32.50
N THR K 457 62.78 53.08 -32.13
CA THR K 457 61.55 52.96 -31.36
C THR K 457 61.82 51.98 -30.22
N LEU K 458 62.14 52.52 -29.05
CA LEU K 458 62.29 51.76 -27.83
C LEU K 458 60.91 51.45 -27.25
N LYS K 459 60.72 50.20 -26.83
CA LYS K 459 59.39 49.77 -26.41
C LYS K 459 59.55 48.69 -25.37
N ALA K 460 59.06 48.96 -24.18
CA ALA K 460 58.99 47.95 -23.12
C ALA K 460 57.56 47.42 -23.02
N GLN K 461 57.45 46.11 -22.84
CA GLN K 461 56.16 45.44 -22.72
C GLN K 461 56.22 44.44 -21.59
N ALA K 462 55.13 44.37 -20.83
CA ALA K 462 54.98 43.43 -19.71
C ALA K 462 53.52 43.02 -19.63
N GLY K 463 53.27 41.90 -18.95
CA GLY K 463 51.90 41.46 -18.77
C GLY K 463 51.84 40.40 -17.70
N VAL K 464 50.62 40.11 -17.26
CA VAL K 464 50.40 39.21 -16.12
C VAL K 464 49.18 38.36 -16.46
N ASP K 465 49.20 37.09 -16.04
CA ASP K 465 48.07 36.17 -16.29
C ASP K 465 47.79 35.35 -15.03
N ILE K 466 46.63 35.58 -14.41
CA ILE K 466 46.23 34.90 -13.18
C ILE K 466 45.07 33.98 -13.51
N THR K 467 45.03 32.79 -12.93
CA THR K 467 43.83 31.96 -13.07
C THR K 467 43.68 31.16 -11.77
N ASN K 468 42.83 31.69 -10.85
CA ASN K 468 42.41 30.99 -9.62
C ASN K 468 41.11 30.25 -9.89
N THR K 469 41.16 28.93 -9.76
CA THR K 469 40.02 28.05 -9.93
C THR K 469 39.78 27.33 -8.62
N ARG K 470 38.56 26.84 -8.45
CA ARG K 470 38.13 26.39 -7.14
C ARG K 470 36.97 25.42 -7.37
N THR K 471 37.02 24.24 -6.74
CA THR K 471 36.14 23.15 -7.16
C THR K 471 35.70 22.16 -6.07
N SER K 472 34.39 21.88 -6.09
CA SER K 472 33.71 21.12 -5.06
C SER K 472 32.97 19.94 -5.71
N SER K 473 32.90 18.86 -4.96
CA SER K 473 32.39 17.56 -5.37
C SER K 473 31.92 16.79 -4.14
N LYS K 474 30.78 16.12 -4.24
CA LYS K 474 30.22 15.42 -3.10
C LYS K 474 29.82 14.00 -3.48
N ARG K 475 29.89 13.11 -2.50
CA ARG K 475 29.22 11.82 -2.55
C ARG K 475 28.09 11.93 -1.55
N MET K 476 26.85 11.87 -2.06
CA MET K 476 25.69 12.28 -1.26
C MET K 476 25.25 11.20 -0.28
N PRO K 477 24.83 11.58 0.92
CA PRO K 477 24.46 10.59 1.93
C PRO K 477 23.13 9.99 1.66
N ASN K 478 23.01 8.71 1.99
CA ASN K 478 21.69 8.09 2.08
C ASN K 478 21.11 7.70 0.72
N ASN K 479 21.94 7.39 -0.30
CA ASN K 479 20.95 6.94 -1.27
C ASN K 479 20.90 5.41 -1.32
N PRO K 480 19.72 4.81 -1.44
CA PRO K 480 19.61 3.37 -1.19
C PRO K 480 20.41 2.50 -2.13
N TYR K 481 20.86 3.03 -3.26
CA TYR K 481 21.53 2.23 -4.28
C TYR K 481 23.04 2.40 -4.24
N ASP K 482 23.60 2.68 -3.06
CA ASP K 482 25.04 2.94 -2.84
C ASP K 482 25.62 1.91 -1.85
N SER K 483 26.92 1.99 -1.61
CA SER K 483 27.57 1.00 -0.76
C SER K 483 27.25 1.28 0.71
N THR K 484 27.41 2.53 1.13
CA THR K 484 27.10 2.98 2.47
C THR K 484 26.13 4.13 2.37
N PRO K 485 25.65 4.63 3.50
CA PRO K 485 24.84 5.86 3.48
C PRO K 485 25.62 7.08 3.90
N LEU K 486 26.93 7.01 4.06
CA LEU K 486 27.65 8.18 4.55
C LEU K 486 28.26 8.98 3.43
N GLY K 487 28.01 10.28 3.45
CA GLY K 487 28.46 11.13 2.37
C GLY K 487 29.95 11.40 2.45
N GLU K 488 30.42 12.27 1.55
CA GLU K 488 31.78 12.78 1.61
C GLU K 488 31.92 13.94 0.63
N ARG K 489 32.98 14.71 0.81
CA ARG K 489 33.17 15.97 0.08
C ARG K 489 34.64 16.20 -0.26
N ARG K 490 34.89 16.85 -1.40
CA ARG K 490 36.25 17.14 -1.87
C ARG K 490 36.29 18.60 -2.34
N GLU K 491 37.25 19.37 -1.85
CA GLU K 491 37.42 20.75 -2.25
C GLU K 491 38.86 20.97 -2.72
N ARG K 492 39.01 21.49 -3.94
CA ARG K 492 40.34 21.73 -4.50
C ARG K 492 40.57 23.21 -4.74
N ALA K 493 41.84 23.62 -4.73
CA ALA K 493 42.19 25.04 -4.85
C ALA K 493 43.45 25.19 -5.71
N TYR K 494 43.24 25.54 -6.99
CA TYR K 494 44.31 25.75 -7.95
C TYR K 494 44.64 27.22 -8.14
N ARG K 495 45.88 27.48 -8.50
CA ARG K 495 46.33 28.83 -8.83
C ARG K 495 47.41 28.73 -9.91
N ASP K 496 47.32 29.57 -10.95
CA ASP K 496 48.29 29.66 -12.04
C ASP K 496 48.65 31.13 -12.23
N VAL K 497 49.94 31.45 -12.22
CA VAL K 497 50.34 32.86 -12.28
C VAL K 497 51.59 32.98 -13.14
N SER K 498 51.41 33.28 -14.42
CA SER K 498 52.50 33.46 -15.36
C SER K 498 52.62 34.91 -15.79
N LYS K 499 53.83 35.46 -15.73
CA LYS K 499 54.06 36.84 -16.13
C LYS K 499 55.22 36.91 -17.12
N SER K 500 55.11 37.82 -18.11
CA SER K 500 56.09 37.93 -19.18
C SER K 500 56.56 39.38 -19.32
N PHE K 501 57.82 39.56 -19.67
CA PHE K 501 58.35 40.85 -20.07
C PHE K 501 58.95 40.67 -21.46
N THR K 502 58.77 41.65 -22.34
CA THR K 502 59.40 41.54 -23.66
C THR K 502 59.62 42.96 -24.21
N ASN K 503 60.82 43.51 -23.97
CA ASN K 503 61.12 44.87 -24.41
C ASN K 503 62.19 44.91 -25.51
N THR K 504 61.83 45.57 -26.63
CA THR K 504 62.58 45.64 -27.88
C THR K 504 63.26 46.99 -28.02
N ALA K 505 63.98 47.15 -29.12
CA ALA K 505 64.57 48.45 -29.45
C ALA K 505 64.92 48.38 -30.94
N GLU K 506 64.14 49.07 -31.76
CA GLU K 506 64.26 49.00 -33.21
C GLU K 506 64.71 50.34 -33.75
N TYR K 507 65.88 50.36 -34.41
CA TYR K 507 66.45 51.55 -35.03
C TYR K 507 66.50 51.28 -36.53
N LYS K 508 65.41 51.59 -37.22
CA LYS K 508 65.42 51.57 -38.66
C LYS K 508 65.76 52.95 -39.21
N PHE K 509 66.29 52.97 -40.43
CA PHE K 509 66.83 54.17 -41.04
C PHE K 509 67.40 53.86 -42.41
N SER K 510 67.22 54.78 -43.36
CA SER K 510 67.74 54.66 -44.70
C SER K 510 69.10 55.36 -44.81
N ILE K 511 69.74 55.18 -45.96
CA ILE K 511 71.11 55.67 -46.16
C ILE K 511 71.36 55.88 -47.65
N ASP K 512 70.28 56.03 -48.42
CA ASP K 512 70.38 56.26 -49.86
C ASP K 512 69.06 56.72 -50.47
N GLU K 513 68.33 55.76 -51.03
CA GLU K 513 67.07 55.94 -51.73
C GLU K 513 66.68 54.56 -52.20
N LYS K 514 67.69 53.72 -52.33
CA LYS K 514 67.56 52.33 -52.71
C LYS K 514 68.41 51.46 -51.80
N HIS K 515 68.45 51.81 -50.49
CA HIS K 515 69.25 51.10 -49.48
C HIS K 515 68.54 51.27 -48.13
N ASP K 516 67.37 50.65 -48.00
CA ASP K 516 66.64 50.64 -46.74
C ASP K 516 67.11 49.50 -45.84
N LEU K 517 66.84 49.67 -44.55
CA LEU K 517 67.35 48.75 -43.56
C LEU K 517 66.58 48.93 -42.25
N THR K 518 66.50 47.85 -41.47
CA THR K 518 65.92 47.83 -40.11
C THR K 518 66.80 46.96 -39.23
N ALA K 519 67.14 47.45 -38.04
CA ALA K 519 67.95 46.67 -37.11
C ALA K 519 67.22 46.64 -35.77
N LEU K 520 66.67 45.49 -35.44
CA LEU K 520 65.86 45.30 -34.25
C LEU K 520 66.54 44.32 -33.31
N MET K 521 66.43 44.56 -32.00
CA MET K 521 66.94 43.59 -31.04
C MET K 521 66.60 43.91 -29.58
N GLY K 522 65.99 42.97 -28.86
CA GLY K 522 65.66 43.16 -27.45
C GLY K 522 65.81 41.90 -26.63
N HIS K 523 65.03 41.75 -25.52
CA HIS K 523 65.06 40.52 -24.72
C HIS K 523 63.66 40.20 -24.20
N GLU K 524 63.52 38.98 -23.72
CA GLU K 524 62.30 38.48 -23.13
C GLU K 524 62.67 37.89 -21.77
N TYR K 525 61.64 37.65 -20.94
CA TYR K 525 61.81 36.98 -19.66
C TYR K 525 60.42 36.46 -19.24
N ILE K 526 60.19 35.17 -19.45
CA ILE K 526 58.95 34.51 -19.05
C ILE K 526 59.20 33.78 -17.74
N GLU K 527 58.10 33.45 -17.04
CA GLU K 527 58.13 32.80 -15.74
C GLU K 527 56.70 32.37 -15.35
N TYR K 528 56.58 31.17 -14.80
CA TYR K 528 55.31 30.55 -14.43
C TYR K 528 55.45 29.89 -13.07
N GLU K 529 54.37 29.95 -12.29
CA GLU K 529 54.28 29.27 -11.01
C GLU K 529 52.89 28.69 -10.89
N GLY K 530 52.79 27.46 -10.39
CA GLY K 530 51.52 26.80 -10.20
C GLY K 530 51.43 26.27 -8.78
N ASP K 531 50.32 25.59 -8.51
CA ASP K 531 49.95 25.31 -7.12
C ASP K 531 48.64 24.56 -7.12
N VAL K 532 48.48 23.51 -6.30
CA VAL K 532 47.19 22.87 -6.08
C VAL K 532 47.06 22.46 -4.62
N ILE K 533 45.82 22.54 -4.12
CA ILE K 533 45.51 22.23 -2.72
C ILE K 533 44.23 21.42 -2.68
N GLY K 534 44.21 20.35 -1.89
CA GLY K 534 43.02 19.52 -1.79
C GLY K 534 42.78 18.97 -0.40
N ALA K 535 41.48 18.85 -0.05
CA ALA K 535 41.02 18.39 1.25
C ALA K 535 39.77 17.53 1.07
N SER K 536 39.62 16.53 1.92
CA SER K 536 38.53 15.57 1.80
C SER K 536 38.15 15.03 3.16
N SER K 537 36.85 14.75 3.35
CA SER K 537 36.36 14.23 4.62
C SER K 537 35.17 13.33 4.33
N LYS K 538 34.94 12.34 5.19
CA LYS K 538 33.85 11.40 4.94
C LYS K 538 33.13 11.05 6.23
N GLY K 539 32.03 10.33 6.07
CA GLY K 539 31.17 9.90 7.16
C GLY K 539 29.93 10.74 7.44
N PHE K 540 29.45 11.52 6.47
CA PHE K 540 28.34 12.43 6.72
C PHE K 540 27.01 11.70 6.77
N GLU K 541 26.11 12.18 7.64
CA GLU K 541 24.85 11.48 7.78
C GLU K 541 23.64 12.32 7.43
N SER K 542 23.81 13.59 7.06
CA SER K 542 22.67 14.41 6.64
C SER K 542 23.12 15.53 5.71
N ASP K 543 22.29 15.79 4.68
CA ASP K 543 22.60 16.76 3.62
C ASP K 543 22.90 18.17 4.13
N LYS K 544 22.22 18.61 5.19
CA LYS K 544 22.45 19.98 5.65
C LYS K 544 23.70 20.11 6.51
N LEU K 545 24.29 19.01 6.96
CA LEU K 545 25.48 19.01 7.84
C LEU K 545 26.63 18.32 7.12
N MET K 546 27.13 18.98 6.07
CA MET K 546 28.17 18.45 5.20
C MET K 546 29.29 19.44 5.05
N LEU K 547 29.60 20.12 6.13
CA LEU K 547 30.79 20.94 6.12
C LEU K 547 32.04 20.06 6.17
N LEU K 548 33.15 20.57 5.63
CA LEU K 548 34.35 19.74 5.51
C LEU K 548 34.90 19.34 6.85
N SER K 549 34.67 20.16 7.88
CA SER K 549 35.18 19.97 9.24
C SER K 549 34.20 19.23 10.14
N GLN K 550 33.17 18.63 9.59
CA GLN K 550 32.22 17.91 10.40
C GLN K 550 32.29 16.41 10.11
N GLY K 551 33.50 15.88 9.87
CA GLY K 551 33.67 14.53 9.35
C GLY K 551 34.03 13.53 10.43
N LYS K 552 33.97 12.25 10.07
CA LYS K 552 34.35 11.22 11.05
C LYS K 552 35.84 11.31 11.34
N THR K 553 36.24 10.75 12.46
CA THR K 553 37.41 11.29 13.13
C THR K 553 38.48 10.25 13.29
N GLY K 554 38.38 9.11 12.63
CA GLY K 554 39.37 8.10 12.95
C GLY K 554 40.04 7.49 11.75
N ASN K 555 39.60 6.28 11.46
CA ASN K 555 39.95 5.62 10.21
C ASN K 555 39.26 6.23 9.03
N SER K 556 38.50 7.28 9.24
CA SER K 556 37.84 7.97 8.16
C SER K 556 38.66 9.16 7.71
N LEU K 557 39.80 9.41 8.36
CA LEU K 557 40.63 10.53 7.98
C LEU K 557 41.40 10.23 6.69
N SER K 558 41.68 11.30 5.96
CA SER K 558 42.42 11.26 4.72
C SER K 558 43.67 12.09 4.92
N LEU K 559 44.50 12.09 3.94
CA LEU K 559 45.69 12.90 3.77
C LEU K 559 45.39 14.00 2.74
N PRO K 560 46.00 15.15 2.80
CA PRO K 560 45.69 16.21 1.83
C PRO K 560 46.19 15.90 0.43
N GLU K 561 45.91 16.80 -0.52
CA GLU K 561 46.50 16.74 -1.84
C GLU K 561 47.38 17.98 -2.04
N HIS K 562 48.51 17.82 -2.72
CA HIS K 562 49.42 18.95 -2.94
C HIS K 562 50.32 18.70 -4.14
N ARG K 563 50.40 19.68 -5.05
CA ARG K 563 51.23 19.64 -6.24
C ARG K 563 51.72 21.04 -6.54
N VAL K 564 52.95 21.16 -7.03
CA VAL K 564 53.63 22.44 -7.23
C VAL K 564 54.45 22.38 -8.52
N ALA K 565 54.47 23.48 -9.29
CA ALA K 565 55.24 23.53 -10.53
C ALA K 565 55.72 24.93 -10.87
N GLU K 566 56.94 25.05 -11.37
CA GLU K 566 57.46 26.35 -11.77
C GLU K 566 58.57 26.18 -12.82
N TYR K 567 58.56 27.05 -13.84
CA TYR K 567 59.60 27.08 -14.86
C TYR K 567 59.87 28.53 -15.26
N ALA K 568 60.76 28.71 -16.25
CA ALA K 568 61.13 30.02 -16.78
C ALA K 568 61.90 29.87 -18.08
N TYR K 569 62.02 30.99 -18.79
CA TYR K 569 62.67 31.10 -20.10
C TYR K 569 63.40 32.43 -20.12
N LEU K 570 64.61 32.45 -20.64
CA LEU K 570 65.36 33.69 -20.76
C LEU K 570 66.03 33.71 -22.13
N SER K 571 65.62 34.63 -22.98
CA SER K 571 66.11 34.65 -24.34
C SER K 571 66.49 36.06 -24.77
N PHE K 572 67.54 36.15 -25.58
CA PHE K 572 67.97 37.37 -26.24
C PHE K 572 67.93 37.16 -27.75
N PHE K 573 67.48 38.17 -28.50
CA PHE K 573 67.35 38.02 -29.95
C PHE K 573 67.78 39.30 -30.65
N SER K 574 67.78 39.23 -31.99
CA SER K 574 68.08 40.28 -32.95
C SER K 574 67.56 39.81 -34.31
N ARG K 575 67.18 40.78 -35.16
CA ARG K 575 66.60 40.45 -36.47
C ARG K 575 66.62 41.68 -37.37
N PHE K 576 67.46 41.65 -38.41
CA PHE K 576 67.68 42.77 -39.33
C PHE K 576 67.03 42.51 -40.68
N ASN K 577 66.57 43.59 -41.34
CA ASN K 577 66.11 43.54 -42.72
C ASN K 577 66.94 44.46 -43.60
N TYR K 578 67.05 44.10 -44.88
CA TYR K 578 67.83 44.79 -45.88
C TYR K 578 67.02 45.00 -47.14
N GLY K 579 67.21 46.15 -47.77
CA GLY K 579 66.57 46.44 -49.03
C GLY K 579 67.58 46.98 -50.02
N PHE K 580 67.33 46.68 -51.29
CA PHE K 580 68.18 47.13 -52.40
C PHE K 580 67.18 47.44 -53.49
N ASP K 581 67.09 48.71 -53.87
CA ASP K 581 66.11 49.22 -54.83
C ASP K 581 64.74 48.81 -54.29
N LYS K 582 63.87 48.19 -55.10
CA LYS K 582 62.51 47.92 -54.64
C LYS K 582 62.13 46.48 -54.91
N TRP K 583 63.11 45.61 -55.12
CA TRP K 583 62.84 44.24 -55.54
C TRP K 583 63.52 43.17 -54.70
N MET K 584 64.68 43.46 -54.12
CA MET K 584 65.49 42.44 -53.47
C MET K 584 65.56 42.70 -51.97
N TYR K 585 65.17 41.70 -51.18
CA TYR K 585 65.14 41.80 -49.72
C TYR K 585 65.90 40.62 -49.15
N ILE K 586 66.70 40.89 -48.14
CA ILE K 586 67.50 39.86 -47.48
C ILE K 586 67.45 40.16 -45.98
N ASP K 587 67.09 39.17 -45.20
CA ASP K 587 66.99 39.43 -43.76
C ASP K 587 67.41 38.19 -42.98
N PHE K 588 68.06 38.46 -41.86
CA PHE K 588 68.85 37.49 -41.12
C PHE K 588 68.69 37.76 -39.63
N SER K 589 68.58 36.68 -38.85
CA SER K 589 68.28 36.80 -37.43
C SER K 589 69.13 35.80 -36.65
N VAL K 590 69.20 36.01 -35.33
CA VAL K 590 70.03 35.19 -34.47
C VAL K 590 69.54 35.33 -33.03
N ARG K 591 69.51 34.20 -32.32
CA ARG K 591 68.78 34.02 -31.07
C ARG K 591 69.72 33.50 -29.99
N ASN K 592 69.22 33.46 -28.74
CA ASN K 592 69.86 32.68 -27.67
C ASN K 592 68.85 32.39 -26.58
N ASP K 593 68.39 31.15 -26.51
CA ASP K 593 67.32 30.72 -25.63
C ASP K 593 67.89 29.86 -24.51
N GLN K 594 67.62 30.23 -23.26
CA GLN K 594 67.92 29.38 -22.11
C GLN K 594 66.60 28.96 -21.48
N SER K 595 66.57 27.76 -20.94
CA SER K 595 65.33 27.25 -20.34
C SER K 595 65.62 26.47 -19.08
N SER K 596 64.68 26.57 -18.15
CA SER K 596 64.88 25.97 -16.85
C SER K 596 64.60 24.49 -16.87
N ARG K 597 64.06 23.98 -17.97
CA ARG K 597 63.77 22.56 -17.98
C ARG K 597 65.04 21.74 -18.08
N PHE K 598 66.18 22.37 -18.35
CA PHE K 598 67.43 21.66 -18.55
C PHE K 598 68.46 22.06 -17.53
N GLY K 599 69.49 21.22 -17.47
CA GLY K 599 70.49 21.32 -16.43
C GLY K 599 71.23 22.64 -16.45
N SER K 600 71.99 22.83 -15.38
CA SER K 600 72.77 24.02 -15.18
C SER K 600 73.86 24.16 -16.23
N ASN K 601 74.23 23.05 -16.87
CA ASN K 601 75.31 23.06 -17.84
C ASN K 601 74.82 22.80 -19.26
N ASN K 602 73.52 22.95 -19.50
CA ASN K 602 73.00 22.54 -20.79
C ASN K 602 71.87 23.44 -21.27
N ARG K 603 71.63 24.61 -20.65
CA ARG K 603 70.36 25.28 -20.88
C ARG K 603 70.38 26.26 -22.05
N SER K 604 71.54 26.81 -22.45
CA SER K 604 71.54 27.78 -23.55
C SER K 604 71.61 27.07 -24.90
N ALA K 605 71.29 27.83 -25.96
CA ALA K 605 71.17 27.30 -27.32
C ALA K 605 70.95 28.43 -28.33
N TRP K 606 71.79 28.52 -29.37
CA TRP K 606 71.67 29.61 -30.33
C TRP K 606 71.00 29.14 -31.61
N PHE K 607 70.14 30.00 -32.17
CA PHE K 607 69.44 29.73 -33.42
C PHE K 607 69.50 30.93 -34.36
N TYR K 608 69.38 30.68 -35.66
CA TYR K 608 69.52 31.74 -36.65
C TYR K 608 68.64 31.44 -37.86
N SER K 609 68.09 32.51 -38.43
CA SER K 609 67.24 32.46 -39.62
C SER K 609 67.78 33.38 -40.69
N VAL K 610 67.70 32.95 -41.96
CA VAL K 610 68.06 33.80 -43.09
C VAL K 610 67.16 33.47 -44.28
N GLY K 611 66.73 34.50 -44.99
CA GLY K 611 65.90 34.35 -46.16
C GLY K 611 65.97 35.61 -46.99
N GLY K 612 65.17 35.62 -48.06
CA GLY K 612 65.09 36.74 -48.97
C GLY K 612 63.92 36.65 -49.93
N MET K 613 63.45 37.78 -50.44
CA MET K 613 62.37 37.78 -51.42
C MET K 613 62.74 38.61 -52.63
N PHE K 614 62.33 38.14 -53.80
CA PHE K 614 62.57 38.85 -55.05
C PHE K 614 61.22 39.26 -55.62
N ASP K 615 61.03 40.56 -55.87
CA ASP K 615 59.82 41.07 -56.52
C ASP K 615 60.09 41.04 -58.02
N ILE K 616 59.71 39.92 -58.66
CA ILE K 616 59.99 39.75 -60.08
C ILE K 616 59.13 40.68 -60.91
N TYR K 617 58.05 41.23 -60.34
CA TYR K 617 57.18 42.08 -61.12
C TYR K 617 57.58 43.55 -61.06
N ASN K 618 58.15 44.00 -59.96
CA ASN K 618 58.59 45.38 -59.90
C ASN K 618 59.97 45.56 -60.47
N LYS K 619 60.63 44.45 -60.86
CA LYS K 619 61.93 44.55 -61.49
C LYS K 619 61.84 44.18 -62.97
N PHE K 620 61.75 42.88 -63.25
CA PHE K 620 61.93 42.38 -64.62
C PHE K 620 60.68 42.42 -65.50
N ILE K 621 59.50 42.73 -64.96
CA ILE K 621 58.31 42.66 -65.80
C ILE K 621 57.41 43.86 -65.56
N GLN K 622 57.99 44.95 -65.03
CA GLN K 622 57.40 46.26 -64.70
C GLN K 622 55.92 46.51 -64.98
N GLU K 623 55.38 46.02 -66.09
CA GLU K 623 53.98 46.22 -66.40
C GLU K 623 53.50 45.04 -67.20
N SER K 624 52.18 44.83 -67.21
CA SER K 624 51.66 43.68 -67.95
C SER K 624 50.18 43.86 -68.25
N ASN K 625 49.64 42.87 -68.98
CA ASN K 625 48.25 42.79 -69.39
C ASN K 625 47.45 41.81 -68.55
N TRP K 626 48.11 40.83 -67.94
CA TRP K 626 47.39 39.84 -67.15
C TRP K 626 48.04 39.56 -65.80
N LEU K 627 49.34 39.78 -65.69
CA LEU K 627 50.07 39.35 -64.49
C LEU K 627 50.14 40.51 -63.50
N SER K 628 49.32 40.42 -62.46
CA SER K 628 49.26 41.45 -61.43
C SER K 628 50.48 41.42 -60.52
N ASP K 629 50.78 40.27 -59.93
CA ASP K 629 51.86 40.16 -58.96
C ASP K 629 52.64 38.88 -59.18
N LEU K 630 53.91 38.88 -58.76
CA LEU K 630 54.76 37.69 -58.89
C LEU K 630 55.94 37.86 -57.94
N ARG K 631 55.99 37.01 -56.91
CA ARG K 631 57.00 37.11 -55.86
C ARG K 631 57.64 35.75 -55.66
N LEU K 632 58.96 35.73 -55.51
CA LEU K 632 59.71 34.54 -55.13
C LEU K 632 60.41 34.76 -53.81
N LYS K 633 60.29 33.78 -52.92
CA LYS K 633 60.94 33.84 -51.63
C LYS K 633 61.52 32.47 -51.33
N MET K 634 62.49 32.47 -50.42
CA MET K 634 63.21 31.28 -50.00
C MET K 634 63.94 31.61 -48.71
N SER K 635 64.02 30.66 -47.79
CA SER K 635 64.65 30.92 -46.49
C SER K 635 65.07 29.62 -45.85
N TYR K 636 65.95 29.72 -44.85
CA TYR K 636 66.39 28.59 -44.04
C TYR K 636 66.73 29.11 -42.64
N GLY K 637 66.34 28.35 -41.62
CA GLY K 637 66.65 28.72 -40.26
C GLY K 637 66.66 27.52 -39.35
N THR K 638 67.28 27.69 -38.18
CA THR K 638 67.25 26.71 -37.10
C THR K 638 66.33 27.24 -35.99
N THR K 639 65.37 26.41 -35.57
CA THR K 639 64.40 26.80 -34.56
C THR K 639 64.70 26.06 -33.25
N GLY K 640 63.70 25.66 -32.50
CA GLY K 640 64.00 25.03 -31.23
C GLY K 640 62.74 24.58 -30.52
N ASN K 641 62.76 23.42 -29.85
CA ASN K 641 61.57 22.87 -29.23
C ASN K 641 61.89 22.54 -27.79
N SER K 642 60.95 22.87 -26.91
CA SER K 642 61.21 22.81 -25.49
C SER K 642 60.06 22.24 -24.67
N GLU K 643 58.93 21.87 -25.29
CA GLU K 643 57.75 21.49 -24.50
C GLU K 643 57.84 20.03 -24.05
N ILE K 644 58.37 19.83 -22.84
CA ILE K 644 58.34 18.52 -22.20
C ILE K 644 57.84 18.65 -20.77
N GLY K 645 58.61 18.16 -19.80
CA GLY K 645 58.22 18.22 -18.40
C GLY K 645 59.12 19.20 -17.66
N ASN K 646 58.71 19.67 -16.47
CA ASN K 646 59.51 20.73 -15.86
C ASN K 646 60.73 20.20 -15.09
N TYR K 647 60.72 18.93 -14.67
CA TYR K 647 61.78 18.41 -13.81
C TYR K 647 62.37 17.11 -14.34
N ASN K 648 62.25 16.88 -15.65
CA ASN K 648 62.49 15.55 -16.22
C ASN K 648 63.97 15.24 -16.41
N HIS K 649 64.85 15.89 -15.65
CA HIS K 649 66.28 15.77 -15.89
C HIS K 649 67.11 15.52 -14.63
N GLN K 650 66.51 15.40 -13.46
CA GLN K 650 67.25 15.21 -12.24
C GLN K 650 67.05 13.77 -11.77
N ALA K 651 68.01 13.28 -10.98
CA ALA K 651 67.98 11.91 -10.46
C ALA K 651 67.53 11.98 -9.01
N LEU K 652 66.24 11.69 -8.78
CA LEU K 652 65.53 12.08 -7.56
C LEU K 652 64.96 10.90 -6.77
N VAL K 653 64.71 11.21 -5.51
CA VAL K 653 64.08 10.33 -4.53
C VAL K 653 62.86 11.04 -3.95
N THR K 654 61.75 10.30 -3.78
CA THR K 654 60.55 10.77 -3.08
C THR K 654 60.24 9.90 -1.85
N VAL K 655 59.06 10.12 -1.21
CA VAL K 655 58.74 9.41 0.03
C VAL K 655 57.93 8.14 -0.26
N ASN K 656 58.25 7.07 0.47
CA ASN K 656 57.48 5.82 0.53
C ASN K 656 57.49 5.44 2.00
N ASN K 657 56.36 5.60 2.70
CA ASN K 657 56.34 5.41 4.15
C ASN K 657 56.00 3.95 4.43
N TYR K 658 56.73 3.33 5.35
CA TYR K 658 56.43 1.94 5.67
C TYR K 658 55.40 1.85 6.79
N THR K 659 55.75 2.42 7.92
CA THR K 659 54.88 2.52 9.06
C THR K 659 54.38 3.95 9.20
N GLU K 660 53.72 4.22 10.32
CA GLU K 660 53.24 5.58 10.58
C GLU K 660 54.13 6.29 11.58
N ASP K 661 55.30 5.74 11.89
CA ASP K 661 56.17 6.27 12.94
C ASP K 661 57.55 6.64 12.44
N ALA K 662 57.82 6.55 11.14
CA ALA K 662 59.02 7.11 10.55
C ALA K 662 58.84 7.16 9.04
N MET K 663 59.59 8.06 8.40
CA MET K 663 59.49 8.15 6.96
C MET K 663 60.42 7.15 6.28
N GLY K 664 60.11 6.88 5.01
CA GLY K 664 60.95 6.04 4.18
C GLY K 664 61.10 6.64 2.80
N LEU K 665 62.19 6.24 2.14
CA LEU K 665 62.57 6.78 0.84
C LEU K 665 62.72 5.65 -0.18
N SER K 666 62.21 5.89 -1.39
CA SER K 666 62.44 5.04 -2.55
C SER K 666 62.88 5.93 -3.73
N ILE K 667 63.28 5.30 -4.86
CA ILE K 667 63.87 6.02 -5.99
C ILE K 667 62.80 6.29 -7.04
N SER K 668 62.79 7.52 -7.60
CA SER K 668 61.65 7.96 -8.40
C SER K 668 61.98 8.25 -9.86
N THR K 669 63.17 8.77 -10.15
CA THR K 669 63.49 9.10 -11.53
C THR K 669 64.92 8.67 -11.85
N ALA K 670 65.12 8.30 -13.11
CA ALA K 670 66.37 7.68 -13.56
C ALA K 670 67.54 8.66 -13.57
N GLY K 671 67.46 9.74 -14.37
CA GLY K 671 68.50 10.77 -14.46
C GLY K 671 68.85 11.18 -15.89
N ASN K 672 69.51 12.35 -16.06
CA ASN K 672 70.07 12.76 -17.35
C ASN K 672 70.70 14.14 -17.32
N PRO K 673 71.89 14.32 -16.74
CA PRO K 673 72.47 15.67 -16.66
C PRO K 673 72.72 16.33 -18.00
N ASP K 674 72.77 15.56 -19.08
CA ASP K 674 73.03 16.06 -20.42
C ASP K 674 71.76 16.37 -21.21
N LEU K 675 70.58 16.42 -20.56
CA LEU K 675 69.37 16.72 -21.32
C LEU K 675 69.42 18.18 -21.75
N SER K 676 69.05 18.44 -23.00
CA SER K 676 69.09 19.81 -23.50
C SER K 676 68.02 19.96 -24.58
N TRP K 677 68.13 21.04 -25.36
CA TRP K 677 67.11 21.41 -26.33
C TRP K 677 67.01 20.41 -27.48
N GLU K 678 65.80 20.14 -27.93
CA GLU K 678 65.60 19.51 -29.24
C GLU K 678 65.72 20.61 -30.29
N LYS K 679 66.47 20.38 -31.37
CA LYS K 679 66.80 21.41 -32.35
C LYS K 679 66.25 21.05 -33.73
N GLN K 680 65.45 21.95 -34.32
CA GLN K 680 64.87 21.73 -35.65
C GLN K 680 65.42 22.72 -36.66
N SER K 681 65.11 22.46 -37.94
CA SER K 681 65.60 23.32 -39.01
C SER K 681 64.70 23.19 -40.24
N GLN K 682 64.40 24.33 -40.87
CA GLN K 682 63.52 24.41 -42.03
C GLN K 682 64.21 25.04 -43.23
N PHE K 683 63.88 24.53 -44.41
CA PHE K 683 64.23 25.15 -45.68
C PHE K 683 62.92 25.33 -46.42
N ASN K 684 62.58 26.59 -46.68
CA ASN K 684 61.31 26.93 -47.31
C ASN K 684 61.59 27.65 -48.61
N PHE K 685 60.93 27.20 -49.68
CA PHE K 685 61.06 27.79 -51.00
C PHE K 685 59.66 28.03 -51.53
N GLY K 686 59.34 29.27 -51.92
CA GLY K 686 57.97 29.63 -52.19
C GLY K 686 57.79 30.64 -53.31
N LEU K 687 56.62 30.56 -53.95
CA LEU K 687 56.24 31.41 -55.07
C LEU K 687 54.78 31.79 -54.99
N ALA K 688 54.49 33.08 -55.07
CA ALA K 688 53.14 33.61 -55.08
C ALA K 688 52.91 34.46 -56.32
N ALA K 689 51.65 34.57 -56.73
CA ALA K 689 51.27 35.29 -57.94
C ALA K 689 49.81 35.71 -57.84
N GLY K 690 49.47 36.76 -58.58
CA GLY K 690 48.10 37.23 -58.63
C GLY K 690 47.79 37.77 -60.00
N ALA K 691 46.60 37.49 -60.53
CA ALA K 691 46.36 37.77 -61.94
C ALA K 691 45.29 38.84 -62.20
N PHE K 692 44.53 38.64 -63.29
CA PHE K 692 43.52 39.55 -63.84
C PHE K 692 43.64 41.01 -63.43
N ASN K 693 43.50 41.30 -62.13
CA ASN K 693 43.65 42.65 -61.61
C ASN K 693 43.92 42.59 -60.09
N ASN K 694 44.87 41.74 -59.70
CA ASN K 694 45.03 41.31 -58.31
C ASN K 694 43.67 40.92 -57.74
N ARG K 695 42.93 40.15 -58.52
CA ARG K 695 41.62 39.60 -58.17
C ARG K 695 41.58 38.13 -58.55
N LEU K 696 42.74 37.48 -58.45
CA LEU K 696 42.93 36.05 -58.69
C LEU K 696 44.32 35.66 -58.20
N SER K 697 44.42 35.14 -56.98
CA SER K 697 45.69 34.99 -56.29
C SER K 697 45.95 33.53 -55.97
N ALA K 698 47.22 33.22 -55.69
CA ALA K 698 47.65 31.88 -55.30
C ALA K 698 49.10 31.91 -54.84
N GLU K 699 49.46 30.98 -53.96
CA GLU K 699 50.81 30.89 -53.40
C GLU K 699 51.18 29.42 -53.28
N VAL K 700 52.48 29.12 -53.47
CA VAL K 700 52.98 27.74 -53.44
C VAL K 700 54.32 27.72 -52.72
N ASP K 701 54.43 26.91 -51.67
CA ASP K 701 55.68 26.76 -50.92
C ASP K 701 56.03 25.29 -50.78
N PHE K 702 57.35 25.02 -50.75
CA PHE K 702 57.90 23.68 -50.54
C PHE K 702 58.85 23.73 -49.35
N TYR K 703 58.80 22.70 -48.50
CA TYR K 703 59.58 22.75 -47.26
C TYR K 703 60.23 21.42 -46.93
N VAL K 704 61.33 21.50 -46.19
CA VAL K 704 61.99 20.34 -45.63
C VAL K 704 62.34 20.66 -44.18
N ARG K 705 61.71 19.93 -43.26
CA ARG K 705 61.80 20.16 -41.82
C ARG K 705 62.55 19.00 -41.19
N THR K 706 63.63 19.31 -40.49
CA THR K 706 64.57 18.31 -39.98
C THR K 706 64.64 18.41 -38.47
N THR K 707 64.21 17.36 -37.78
CA THR K 707 64.27 17.30 -36.32
C THR K 707 65.53 16.55 -35.94
N ASN K 708 66.49 17.25 -35.37
CA ASN K 708 67.76 16.66 -34.99
C ASN K 708 67.86 16.75 -33.47
N ASP K 709 68.73 15.93 -32.87
CA ASP K 709 68.94 15.98 -31.42
C ASP K 709 67.63 15.72 -30.65
N MET K 710 66.77 14.87 -31.21
CA MET K 710 65.37 14.75 -30.81
C MET K 710 65.20 14.42 -29.33
N LEU K 711 64.06 14.80 -28.77
CA LEU K 711 63.73 14.60 -27.37
C LEU K 711 62.70 13.49 -27.27
N ILE K 712 63.15 12.27 -27.01
CA ILE K 712 62.25 11.12 -26.94
C ILE K 712 62.11 10.71 -25.48
N ASP K 713 60.88 10.42 -25.06
CA ASP K 713 60.63 9.80 -23.77
C ASP K 713 60.87 8.29 -23.89
N VAL K 714 62.15 7.91 -23.97
CA VAL K 714 62.52 6.59 -24.52
C VAL K 714 62.01 5.47 -23.62
N PRO K 715 61.27 4.50 -24.15
CA PRO K 715 60.74 3.43 -23.28
C PRO K 715 61.88 2.59 -22.76
N MET K 716 61.93 2.42 -21.49
CA MET K 716 63.06 1.63 -21.08
C MET K 716 62.64 0.18 -20.87
N PRO K 717 63.58 -0.76 -20.92
CA PRO K 717 63.25 -2.15 -20.56
C PRO K 717 62.86 -2.26 -19.08
N TYR K 718 61.82 -3.06 -18.81
CA TYR K 718 61.30 -3.13 -17.45
C TYR K 718 62.35 -3.63 -16.46
N ILE K 719 63.38 -4.34 -16.93
CA ILE K 719 64.46 -4.77 -16.05
C ILE K 719 65.16 -3.59 -15.40
N SER K 720 65.01 -2.38 -15.94
CA SER K 720 65.68 -1.22 -15.35
C SER K 720 65.00 -0.79 -14.06
N GLY K 721 63.68 -0.92 -13.98
CA GLY K 721 62.93 -0.53 -12.81
C GLY K 721 62.10 0.71 -12.99
N PHE K 722 62.34 1.47 -14.05
CA PHE K 722 61.61 2.67 -14.44
C PHE K 722 60.77 2.37 -15.67
N PHE K 723 60.03 3.39 -16.12
CA PHE K 723 59.29 3.38 -17.39
C PHE K 723 59.99 4.14 -18.50
N SER K 724 60.41 5.37 -18.23
CA SER K 724 60.82 6.30 -19.27
C SER K 724 62.05 7.06 -18.82
N GLN K 725 62.67 7.76 -19.77
CA GLN K 725 63.53 8.88 -19.39
C GLN K 725 63.85 9.72 -20.62
N TYR K 726 63.71 11.03 -20.49
CA TYR K 726 63.93 11.91 -21.64
C TYR K 726 65.40 11.94 -21.99
N GLN K 727 65.68 11.95 -23.29
CA GLN K 727 67.04 11.88 -23.80
C GLN K 727 67.06 12.61 -25.13
N ASN K 728 68.12 13.38 -25.37
CA ASN K 728 68.36 13.93 -26.71
C ASN K 728 68.83 12.80 -27.61
N VAL K 729 67.91 12.23 -28.39
CA VAL K 729 68.15 10.94 -29.04
C VAL K 729 67.28 10.75 -30.29
N GLY K 730 67.90 10.49 -31.45
CA GLY K 730 67.16 10.24 -32.68
C GLY K 730 67.14 11.45 -33.61
N SER K 731 66.33 11.32 -34.67
CA SER K 731 66.11 12.41 -35.63
C SER K 731 64.98 12.02 -36.56
N MET K 732 64.51 13.00 -37.36
CA MET K 732 63.27 12.87 -38.11
C MET K 732 63.15 13.96 -39.16
N LYS K 733 62.39 13.66 -40.23
CA LYS K 733 62.24 14.52 -41.40
C LYS K 733 60.77 14.65 -41.79
N ASN K 734 60.36 15.89 -42.10
CA ASN K 734 59.07 16.20 -42.71
C ASN K 734 59.30 17.01 -43.99
N THR K 735 58.87 16.44 -45.11
CA THR K 735 59.02 17.00 -46.45
C THR K 735 57.65 17.17 -47.07
N GLY K 736 57.32 18.36 -47.56
CA GLY K 736 56.00 18.52 -48.14
C GLY K 736 55.83 19.82 -48.89
N VAL K 737 54.60 20.04 -49.37
CA VAL K 737 54.23 21.26 -50.08
C VAL K 737 52.81 21.63 -49.73
N ASP K 738 52.56 22.93 -49.58
CA ASP K 738 51.22 23.45 -49.42
C ASP K 738 51.00 24.51 -50.51
N LEU K 739 49.73 24.67 -50.87
CA LEU K 739 49.34 25.65 -51.88
C LEU K 739 47.91 26.07 -51.60
N SER K 740 47.71 27.36 -51.66
CA SER K 740 46.40 27.94 -51.56
C SER K 740 46.17 28.85 -52.77
N LEU K 741 44.91 29.14 -53.04
CA LEU K 741 44.55 30.04 -54.12
C LEU K 741 43.13 30.56 -53.86
N LYS K 742 42.94 31.87 -54.07
CA LYS K 742 41.67 32.54 -53.89
C LYS K 742 41.27 33.22 -55.19
N GLY K 743 39.97 33.19 -55.51
CA GLY K 743 39.46 33.80 -56.72
C GLY K 743 38.30 34.75 -56.53
N THR K 744 37.66 35.18 -57.62
CA THR K 744 36.54 36.12 -57.53
C THR K 744 35.72 35.95 -58.82
N ILE K 745 34.71 35.08 -58.74
CA ILE K 745 33.90 34.71 -59.89
C ILE K 745 32.69 35.62 -60.02
N TYR K 746 32.78 36.86 -59.53
CA TYR K 746 31.59 37.71 -59.38
C TYR K 746 30.87 37.90 -60.71
N GLN K 747 29.56 37.72 -60.69
CA GLN K 747 28.77 37.58 -61.91
C GLN K 747 27.98 38.84 -62.27
N ASN K 748 28.09 39.91 -61.47
CA ASN K 748 27.27 41.10 -61.70
C ASN K 748 28.02 42.40 -61.39
N LYS K 749 27.54 43.12 -60.37
CA LYS K 749 28.05 44.45 -60.02
C LYS K 749 27.69 44.69 -58.55
N ASP K 750 26.61 44.05 -58.12
CA ASP K 750 26.22 44.03 -56.71
C ASP K 750 26.13 42.60 -56.22
N TRP K 751 26.30 41.64 -57.12
CA TRP K 751 25.96 40.24 -56.92
C TRP K 751 27.28 39.49 -57.02
N ASN K 752 27.92 39.27 -55.88
CA ASN K 752 29.29 38.76 -55.80
C ASN K 752 29.28 37.23 -55.62
N VAL K 753 30.35 36.58 -56.10
CA VAL K 753 30.56 35.14 -55.93
C VAL K 753 32.04 34.90 -55.64
N TYR K 754 32.33 34.29 -54.50
CA TYR K 754 33.69 34.10 -54.04
C TYR K 754 34.00 32.62 -53.86
N ALA K 755 35.30 32.31 -53.84
CA ALA K 755 35.77 30.94 -53.65
C ALA K 755 37.23 30.96 -53.22
N SER K 756 37.63 29.96 -52.43
CA SER K 756 39.03 29.79 -52.00
C SER K 756 39.28 28.33 -51.64
N ALA K 757 40.53 27.89 -51.83
CA ALA K 757 40.87 26.48 -51.72
C ALA K 757 42.23 26.27 -51.07
N ASN K 758 42.41 25.07 -50.51
CA ASN K 758 43.54 24.81 -49.64
C ASN K 758 44.01 23.37 -49.82
N PHE K 759 45.33 23.14 -49.72
CA PHE K 759 45.85 21.79 -49.88
C PHE K 759 47.30 21.72 -49.39
N ASN K 760 47.62 20.63 -48.70
CA ASN K 760 48.99 20.30 -48.29
C ASN K 760 49.17 18.79 -48.24
N TYR K 761 50.37 18.35 -48.62
CA TYR K 761 50.78 16.97 -48.45
C TYR K 761 52.17 16.97 -47.81
N ASN K 762 52.26 16.30 -46.64
CA ASN K 762 53.49 16.17 -45.88
C ASN K 762 53.84 14.70 -45.74
N ARG K 763 55.10 14.37 -45.91
CA ARG K 763 55.59 13.01 -45.73
C ARG K 763 56.53 12.96 -44.54
N GLN K 764 56.36 11.92 -43.72
CA GLN K 764 57.15 11.77 -42.51
C GLN K 764 58.17 10.66 -42.74
N GLU K 765 59.35 10.79 -42.13
CA GLU K 765 60.39 9.78 -42.33
C GLU K 765 61.31 9.81 -41.12
N ILE K 766 61.49 8.66 -40.47
CA ILE K 766 62.33 8.63 -39.28
C ILE K 766 63.75 8.27 -39.68
N THR K 767 64.70 8.87 -38.97
CA THR K 767 66.11 8.78 -39.29
C THR K 767 66.86 7.93 -38.27
N LYS K 768 67.11 8.45 -37.07
CA LYS K 768 67.73 7.70 -35.99
C LYS K 768 66.70 7.43 -34.91
N LEU K 769 66.85 6.30 -34.25
CA LEU K 769 66.05 5.96 -33.10
C LEU K 769 66.92 6.00 -31.84
N PHE K 770 66.54 5.24 -30.83
CA PHE K 770 67.20 5.35 -29.54
C PHE K 770 68.29 4.30 -29.34
N PHE K 771 68.04 3.13 -28.74
CA PHE K 771 69.21 2.35 -28.33
C PHE K 771 69.94 1.69 -29.51
N GLY K 772 70.03 2.40 -30.64
CA GLY K 772 70.68 1.82 -31.80
C GLY K 772 69.79 0.86 -32.56
N LEU K 773 68.47 0.94 -32.36
CA LEU K 773 67.57 0.01 -33.01
C LEU K 773 67.17 0.54 -34.37
N ASN K 774 66.66 -0.38 -35.17
CA ASN K 774 66.17 -0.05 -36.49
C ASN K 774 64.66 -0.04 -36.55
N LYS K 775 64.02 -0.85 -35.74
CA LYS K 775 62.58 -0.77 -35.62
C LYS K 775 62.22 -0.96 -34.16
N TYR K 776 61.07 -0.39 -33.78
CA TYR K 776 60.57 -0.48 -32.41
C TYR K 776 59.05 -0.41 -32.43
N MET K 777 58.40 -1.50 -32.02
CA MET K 777 56.96 -1.52 -31.84
C MET K 777 56.56 -0.95 -30.49
N LEU K 778 55.58 -0.11 -30.49
CA LEU K 778 54.99 0.37 -29.26
C LEU K 778 54.09 -0.73 -28.72
N PRO K 779 54.26 -1.17 -27.47
CA PRO K 779 53.49 -2.33 -26.98
C PRO K 779 51.98 -2.15 -27.13
N ASN K 780 51.32 -3.24 -27.57
CA ASN K 780 49.91 -3.31 -28.01
C ASN K 780 49.23 -1.97 -28.26
N THR K 781 49.77 -1.21 -29.21
CA THR K 781 49.14 -0.01 -29.77
C THR K 781 48.78 -0.22 -31.22
N GLY K 782 49.52 -1.08 -31.88
CA GLY K 782 49.35 -1.28 -33.29
C GLY K 782 50.19 -0.37 -34.14
N THR K 783 51.17 0.33 -33.55
CA THR K 783 51.97 1.29 -34.27
C THR K 783 53.44 0.94 -34.08
N ILE K 784 54.31 1.48 -34.93
CA ILE K 784 55.72 1.08 -34.94
C ILE K 784 56.58 2.23 -35.44
N TRP K 785 57.76 2.38 -34.85
CA TRP K 785 58.75 3.36 -35.32
C TRP K 785 59.87 2.60 -36.03
N GLU K 786 59.75 2.43 -37.35
CA GLU K 786 60.80 1.81 -38.16
C GLU K 786 61.54 2.88 -38.95
N ILE K 787 62.87 2.77 -39.00
CA ILE K 787 63.68 3.80 -39.65
C ILE K 787 63.29 3.93 -41.12
N GLY K 788 62.62 2.91 -41.65
CA GLY K 788 62.13 2.93 -43.01
C GLY K 788 60.91 3.79 -43.20
N TYR K 789 61.13 5.09 -43.16
CA TYR K 789 60.14 6.09 -43.54
C TYR K 789 59.16 6.34 -42.38
N PRO K 790 57.79 6.52 -42.58
CA PRO K 790 57.04 7.39 -41.64
C PRO K 790 56.86 6.87 -40.23
N ASN K 791 55.61 6.87 -39.77
CA ASN K 791 55.28 6.33 -38.47
C ASN K 791 54.00 5.56 -38.70
N SER K 792 54.09 4.25 -38.70
CA SER K 792 53.06 3.50 -39.35
C SER K 792 52.50 2.43 -38.42
N PHE K 793 51.39 1.86 -38.88
CA PHE K 793 50.72 0.78 -38.17
C PHE K 793 51.51 -0.54 -38.25
N TYR K 794 51.34 -1.40 -37.24
CA TYR K 794 52.12 -2.65 -37.10
C TYR K 794 51.18 -3.79 -36.72
N MET K 795 50.62 -4.48 -37.72
CA MET K 795 49.71 -5.60 -37.47
C MET K 795 49.99 -6.84 -38.31
N ALA K 796 49.05 -7.77 -38.31
CA ALA K 796 49.16 -8.99 -39.09
C ALA K 796 48.04 -8.99 -40.11
N GLU K 797 48.40 -9.12 -41.39
CA GLU K 797 47.45 -9.06 -42.49
C GLU K 797 46.43 -10.18 -42.42
N TYR K 798 45.15 -9.80 -42.46
CA TYR K 798 44.06 -10.75 -42.29
C TYR K 798 43.61 -11.27 -43.65
N ALA K 799 43.47 -12.59 -43.73
CA ALA K 799 43.05 -13.27 -44.96
C ALA K 799 41.53 -13.39 -45.03
N GLY K 800 41.00 -14.37 -44.32
CA GLY K 800 39.57 -14.58 -44.23
C GLY K 800 39.31 -15.76 -43.34
N ILE K 801 38.32 -16.59 -43.69
CA ILE K 801 38.06 -17.83 -42.96
C ILE K 801 38.20 -19.01 -43.92
N ASP K 802 38.57 -20.16 -43.36
CA ASP K 802 38.76 -21.40 -44.13
C ASP K 802 37.40 -22.07 -44.31
N LYS K 803 36.88 -22.10 -45.53
CA LYS K 803 35.57 -22.69 -45.71
C LYS K 803 35.54 -24.18 -45.31
N LYS K 804 36.70 -24.83 -45.21
CA LYS K 804 36.77 -26.26 -44.89
C LYS K 804 36.75 -26.54 -43.39
N THR K 805 37.47 -25.75 -42.57
CA THR K 805 37.52 -25.92 -41.11
C THR K 805 36.76 -24.85 -40.33
N GLY K 806 36.54 -23.68 -40.91
CA GLY K 806 35.87 -22.61 -40.24
C GLY K 806 36.74 -21.72 -39.39
N LYS K 807 38.07 -21.91 -39.44
CA LYS K 807 38.97 -21.13 -38.59
C LYS K 807 39.34 -19.84 -39.31
N GLN K 808 40.41 -19.19 -38.87
CA GLN K 808 40.78 -17.86 -39.33
C GLN K 808 42.12 -17.97 -40.03
N LEU K 809 42.34 -17.17 -41.06
CA LEU K 809 43.63 -17.22 -41.75
C LEU K 809 44.31 -15.86 -41.80
N TRP K 810 45.63 -15.92 -42.03
CA TRP K 810 46.54 -14.79 -41.99
C TRP K 810 47.62 -15.02 -43.04
N TYR K 811 47.88 -14.00 -43.85
CA TYR K 811 49.00 -14.06 -44.78
C TYR K 811 50.30 -14.10 -43.97
N VAL K 812 51.28 -14.82 -44.48
CA VAL K 812 52.59 -14.95 -43.83
C VAL K 812 53.56 -13.94 -44.44
N PRO K 813 54.17 -13.06 -43.64
CA PRO K 813 55.00 -11.98 -44.23
C PRO K 813 56.29 -12.52 -44.82
N GLY K 814 56.48 -12.27 -46.12
CA GLY K 814 57.68 -12.64 -46.86
C GLY K 814 57.65 -13.99 -47.56
N GLN K 815 56.60 -14.79 -47.39
CA GLN K 815 56.46 -16.11 -47.98
C GLN K 815 55.39 -16.04 -49.06
N VAL K 816 55.76 -16.41 -50.29
CA VAL K 816 54.85 -16.35 -51.44
C VAL K 816 54.63 -17.75 -52.01
N ASP K 817 53.55 -17.90 -52.77
CA ASP K 817 53.20 -19.13 -53.46
C ASP K 817 53.36 -19.06 -54.97
N ALA K 818 53.75 -20.21 -55.54
CA ALA K 818 53.91 -20.40 -56.98
C ALA K 818 52.64 -21.00 -57.59
N LYS K 822 50.36 -16.55 -52.39
CA LYS K 822 50.59 -16.03 -51.04
C LYS K 822 50.11 -16.97 -49.92
N VAL K 823 51.05 -17.34 -49.04
CA VAL K 823 50.82 -18.43 -48.09
C VAL K 823 49.88 -17.97 -46.96
N THR K 824 49.01 -18.88 -46.53
CA THR K 824 48.05 -18.61 -45.47
C THR K 824 48.10 -19.69 -44.41
N THR K 825 47.96 -19.28 -43.15
CA THR K 825 48.02 -20.17 -42.01
C THR K 825 46.83 -19.94 -41.09
N SER K 826 46.70 -20.80 -40.08
CA SER K 826 45.62 -20.72 -39.10
C SER K 826 46.12 -20.60 -37.66
N GLN K 827 47.43 -20.70 -37.44
CA GLN K 827 48.01 -20.64 -36.12
C GLN K 827 48.70 -19.29 -36.03
N TYR K 828 48.03 -18.35 -35.35
CA TYR K 828 48.60 -17.03 -35.08
C TYR K 828 49.91 -17.16 -34.32
N SER K 829 50.97 -16.52 -34.86
CA SER K 829 52.24 -16.37 -34.15
C SER K 829 52.58 -14.89 -34.01
N ALA K 830 53.27 -14.55 -32.90
CA ALA K 830 53.70 -13.18 -32.64
C ALA K 830 54.43 -12.58 -33.84
N ASP K 831 55.31 -13.37 -34.45
CA ASP K 831 56.10 -12.95 -35.59
C ASP K 831 55.33 -13.03 -36.91
N LEU K 832 54.01 -12.96 -36.84
CA LEU K 832 53.15 -12.87 -38.00
C LEU K 832 52.80 -11.42 -38.32
N GLU K 833 53.42 -10.49 -37.62
CA GLU K 833 53.10 -9.08 -37.67
C GLU K 833 54.16 -8.32 -38.44
N THR K 834 53.74 -7.37 -39.27
CA THR K 834 54.66 -6.64 -40.13
C THR K 834 54.19 -5.21 -40.33
N ARG K 835 55.17 -4.30 -40.46
CA ARG K 835 54.91 -2.89 -40.77
C ARG K 835 53.92 -2.83 -41.93
N ILE K 836 52.68 -2.44 -41.67
CA ILE K 836 51.77 -2.21 -42.79
C ILE K 836 52.02 -0.81 -43.34
N ASP K 837 51.59 -0.58 -44.59
CA ASP K 837 51.92 0.62 -45.36
C ASP K 837 50.88 1.71 -45.22
N LYS K 838 50.45 1.97 -44.00
CA LYS K 838 49.62 3.12 -43.69
C LYS K 838 50.49 4.12 -42.94
N SER K 839 49.87 4.96 -42.13
CA SER K 839 50.59 5.97 -41.38
C SER K 839 49.65 6.52 -40.34
N VAL K 840 50.15 6.69 -39.11
CA VAL K 840 49.24 7.14 -38.06
C VAL K 840 48.83 8.60 -38.30
N THR K 841 49.78 9.51 -38.40
CA THR K 841 49.50 10.93 -38.62
C THR K 841 49.06 11.13 -40.07
N PRO K 842 47.88 11.67 -40.31
CA PRO K 842 47.40 11.79 -41.68
C PRO K 842 48.33 12.66 -42.50
N PRO K 843 48.46 12.39 -43.84
CA PRO K 843 49.42 13.12 -44.69
C PRO K 843 48.86 14.23 -45.59
N ILE K 844 47.56 14.25 -45.85
CA ILE K 844 46.96 15.23 -46.74
C ILE K 844 45.96 16.06 -45.97
N THR K 845 46.19 17.37 -45.95
CA THR K 845 45.40 18.31 -45.18
C THR K 845 45.06 19.51 -46.02
N GLY K 846 43.90 20.09 -45.74
CA GLY K 846 43.46 21.29 -46.43
C GLY K 846 41.96 21.22 -46.67
N GLY K 847 41.40 22.40 -46.92
CA GLY K 847 40.00 22.47 -47.28
C GLY K 847 39.72 23.40 -48.44
N PHE K 848 38.48 23.89 -48.47
CA PHE K 848 38.03 24.79 -49.50
C PHE K 848 36.71 25.38 -49.03
N SER K 849 36.47 26.62 -49.41
CA SER K 849 35.24 27.30 -49.04
C SER K 849 34.67 28.02 -50.25
N LEU K 850 33.34 28.11 -50.28
CA LEU K 850 32.57 28.76 -51.32
C LEU K 850 31.98 30.07 -50.76
N GLY K 851 31.11 30.70 -51.54
CA GLY K 851 30.61 31.99 -51.12
C GLY K 851 29.74 32.70 -52.13
N ALA K 852 28.85 33.54 -51.65
CA ALA K 852 27.88 34.18 -52.52
C ALA K 852 27.46 35.51 -51.87
N SER K 853 26.33 36.05 -52.34
CA SER K 853 25.92 37.43 -52.08
C SER K 853 24.54 37.64 -52.69
N TRP K 854 24.18 38.89 -52.98
CA TRP K 854 23.00 39.31 -53.74
C TRP K 854 22.81 40.78 -53.50
N LYS K 855 21.79 41.11 -52.72
CA LYS K 855 21.56 42.47 -52.27
C LYS K 855 21.14 42.30 -50.80
N GLY K 856 22.13 42.11 -49.92
CA GLY K 856 21.78 41.80 -48.55
C GLY K 856 21.89 40.32 -48.21
N LEU K 857 21.13 39.48 -48.92
CA LEU K 857 21.22 38.04 -48.71
C LEU K 857 22.63 37.51 -48.97
N SER K 858 23.11 36.64 -48.08
CA SER K 858 24.38 35.96 -48.28
C SER K 858 24.27 34.49 -47.91
N LEU K 859 25.17 33.69 -48.48
CA LEU K 859 25.25 32.27 -48.20
C LEU K 859 26.72 31.91 -48.31
N ASP K 860 27.22 31.19 -47.30
CA ASP K 860 28.63 30.84 -47.22
C ASP K 860 28.76 29.37 -46.87
N ALA K 861 29.80 28.74 -47.40
CA ALA K 861 30.01 27.32 -47.18
C ALA K 861 31.50 27.10 -47.06
N ASP K 862 31.91 26.50 -45.95
CA ASP K 862 33.31 26.17 -45.72
C ASP K 862 33.39 24.67 -45.53
N PHE K 863 34.26 24.01 -46.30
CA PHE K 863 34.50 22.57 -46.20
C PHE K 863 35.92 22.33 -45.71
N ALA K 864 36.16 21.12 -45.22
CA ALA K 864 37.52 20.69 -44.89
C ALA K 864 37.60 19.18 -44.98
N TYR K 865 38.78 18.67 -45.30
CA TYR K 865 38.96 17.23 -45.47
C TYR K 865 40.29 16.79 -44.88
N ILE K 866 40.36 15.49 -44.61
CA ILE K 866 41.57 14.81 -44.18
C ILE K 866 41.56 13.41 -44.78
N VAL K 867 42.56 13.10 -45.62
CA VAL K 867 42.68 11.81 -46.26
C VAL K 867 44.02 11.20 -45.96
N GLY K 868 44.03 9.88 -45.88
CA GLY K 868 45.20 9.13 -45.45
C GLY K 868 45.29 8.92 -43.97
N LYS K 869 44.14 8.87 -43.28
CA LYS K 869 44.08 8.75 -41.82
C LYS K 869 43.43 7.42 -41.51
N TRP K 870 44.11 6.60 -40.71
CA TRP K 870 43.55 5.32 -40.36
C TRP K 870 43.48 5.17 -38.85
N MET K 871 42.56 4.31 -38.40
CA MET K 871 42.30 4.07 -36.99
C MET K 871 41.87 2.62 -36.77
N ILE K 872 42.03 2.15 -35.55
CA ILE K 872 41.59 0.82 -35.15
C ILE K 872 40.30 0.97 -34.37
N ASN K 873 39.18 0.53 -34.96
CA ASN K 873 37.91 0.58 -34.23
C ASN K 873 37.86 -0.45 -33.11
N ASN K 874 38.34 -0.07 -31.92
CA ASN K 874 38.36 -0.98 -30.78
C ASN K 874 36.95 -1.43 -30.38
N ASP K 875 35.92 -0.60 -30.63
CA ASP K 875 34.54 -1.01 -30.39
C ASP K 875 34.19 -2.31 -31.10
N ARG K 876 34.74 -2.50 -32.30
CA ARG K 876 34.46 -3.71 -33.05
C ARG K 876 35.18 -4.94 -32.50
N TYR K 877 36.17 -4.80 -31.62
CA TYR K 877 36.70 -5.97 -30.93
C TYR K 877 35.59 -6.69 -30.19
N PHE K 878 34.61 -5.93 -29.72
CA PHE K 878 33.51 -6.47 -28.94
C PHE K 878 32.31 -6.87 -29.81
N THR K 879 31.86 -5.94 -30.66
CA THR K 879 30.64 -6.15 -31.42
C THR K 879 30.77 -7.18 -32.53
N GLU K 880 31.96 -7.70 -32.82
CA GLU K 880 32.22 -8.59 -33.95
C GLU K 880 33.04 -9.81 -33.53
N ASN K 881 32.64 -10.50 -32.46
CA ASN K 881 33.35 -11.72 -32.10
C ASN K 881 32.47 -12.74 -31.40
N GLY K 882 32.83 -14.00 -31.57
CA GLY K 882 32.19 -15.09 -30.87
C GLY K 882 33.08 -15.68 -29.79
N GLY K 883 34.18 -15.00 -29.43
CA GLY K 883 35.13 -15.53 -28.47
C GLY K 883 34.95 -15.18 -27.00
N GLY K 884 34.34 -14.03 -26.74
CA GLY K 884 34.08 -13.62 -25.37
C GLY K 884 33.06 -12.50 -25.28
N LEU K 885 32.92 -11.99 -24.05
CA LEU K 885 32.05 -10.87 -23.72
C LEU K 885 30.63 -11.10 -24.20
N MET K 886 30.13 -12.32 -24.01
CA MET K 886 28.86 -12.68 -24.62
C MET K 886 27.65 -12.21 -23.81
N GLN K 887 27.84 -11.54 -22.69
CA GLN K 887 26.75 -10.75 -22.14
C GLN K 887 26.38 -9.65 -23.11
N LEU K 888 27.36 -9.18 -23.88
CA LEU K 888 27.22 -7.99 -24.71
C LEU K 888 26.54 -8.28 -26.05
N ASN K 889 25.89 -7.25 -26.57
CA ASN K 889 25.22 -7.27 -27.85
C ASN K 889 26.25 -7.17 -28.97
N LYS K 890 25.95 -7.81 -30.10
CA LYS K 890 26.88 -7.95 -31.22
C LYS K 890 26.20 -7.57 -32.53
N ASP K 891 27.01 -7.49 -33.57
CA ASP K 891 26.54 -7.30 -34.94
C ASP K 891 25.71 -8.49 -35.42
N LYS K 892 24.73 -8.22 -36.28
CA LYS K 892 23.87 -9.30 -36.74
C LYS K 892 24.66 -10.38 -37.46
N MET K 893 25.89 -10.08 -37.91
CA MET K 893 26.61 -10.99 -38.81
C MET K 893 26.99 -12.28 -38.12
N LEU K 894 27.14 -12.25 -36.81
CA LEU K 894 27.41 -13.47 -36.05
C LEU K 894 26.16 -14.36 -36.02
N LEU K 895 25.29 -14.19 -37.01
CA LEU K 895 24.14 -15.06 -37.21
C LEU K 895 24.35 -15.97 -38.42
N ASN K 896 25.55 -15.93 -39.01
CA ASN K 896 25.91 -16.80 -40.13
C ASN K 896 27.23 -17.51 -39.89
N ALA K 897 27.64 -17.64 -38.63
CA ALA K 897 28.94 -18.21 -38.33
C ALA K 897 29.04 -19.62 -38.87
N TRP K 898 30.20 -19.93 -39.44
CA TRP K 898 30.43 -21.21 -40.10
C TRP K 898 30.00 -22.37 -39.21
N THR K 899 29.14 -23.22 -39.75
CA THR K 899 28.82 -24.50 -39.12
C THR K 899 29.09 -25.61 -40.15
N GLU K 900 28.36 -26.71 -40.06
CA GLU K 900 28.42 -27.74 -41.09
C GLU K 900 27.23 -27.66 -42.03
N ASP K 901 26.08 -27.25 -41.50
CA ASP K 901 24.90 -27.02 -42.30
C ASP K 901 24.96 -25.67 -43.01
N ASN K 902 25.82 -24.77 -42.53
CA ASN K 902 26.02 -23.46 -43.10
C ASN K 902 27.52 -23.28 -43.36
N LYS K 903 27.88 -22.96 -44.60
CA LYS K 903 29.28 -23.04 -44.98
C LYS K 903 29.58 -22.11 -46.16
N GLU K 904 28.53 -21.48 -46.68
CA GLU K 904 28.68 -20.49 -47.74
C GLU K 904 28.53 -19.07 -47.18
N THR K 905 29.34 -18.78 -46.16
CA THR K 905 29.48 -17.43 -45.60
C THR K 905 30.96 -17.16 -45.38
N ASP K 906 31.27 -16.09 -44.65
CA ASP K 906 32.66 -15.76 -44.34
C ASP K 906 32.84 -15.21 -42.92
N VAL K 907 31.91 -15.47 -42.03
CA VAL K 907 32.05 -15.14 -40.61
C VAL K 907 32.46 -16.39 -39.84
N PRO K 908 33.57 -16.36 -39.10
CA PRO K 908 34.17 -17.60 -38.58
C PRO K 908 33.28 -18.29 -37.57
N LYS K 909 33.67 -19.53 -37.26
CA LYS K 909 33.01 -20.36 -36.25
C LYS K 909 32.92 -19.63 -34.92
N LEU K 910 31.96 -20.02 -34.09
CA LEU K 910 31.63 -19.23 -32.91
C LEU K 910 32.76 -19.23 -31.88
N GLY K 911 33.46 -20.35 -31.72
CA GLY K 911 34.27 -20.58 -30.51
C GLY K 911 35.57 -19.81 -30.37
N GLN K 912 35.91 -18.92 -31.30
CA GLN K 912 37.23 -18.30 -31.33
C GLN K 912 37.13 -16.79 -31.15
N SER K 913 38.19 -16.19 -30.46
CA SER K 913 38.22 -14.75 -30.21
C SER K 913 39.05 -14.04 -31.28
N PRO K 914 38.75 -12.78 -31.58
CA PRO K 914 39.46 -12.07 -32.65
C PRO K 914 40.73 -11.42 -32.11
N GLN K 915 41.60 -11.06 -33.04
CA GLN K 915 42.84 -10.38 -32.69
C GLN K 915 42.84 -9.01 -33.35
N PHE K 916 43.76 -8.17 -32.88
CA PHE K 916 43.87 -6.80 -33.41
C PHE K 916 44.76 -6.83 -34.65
N ASP K 917 44.14 -7.10 -35.80
CA ASP K 917 44.88 -7.37 -37.02
C ASP K 917 44.47 -6.28 -38.00
N THR K 918 43.94 -6.62 -39.16
CA THR K 918 43.43 -5.64 -40.10
C THR K 918 41.93 -5.74 -40.31
N HIS K 919 41.26 -6.79 -39.81
CA HIS K 919 39.81 -6.75 -39.89
C HIS K 919 39.25 -5.64 -39.04
N LEU K 920 40.13 -4.98 -38.30
CA LEU K 920 39.78 -3.87 -37.45
C LEU K 920 40.37 -2.54 -37.90
N LEU K 921 41.39 -2.53 -38.76
CA LEU K 921 41.89 -1.26 -39.30
C LEU K 921 40.91 -0.71 -40.33
N GLU K 922 40.34 0.45 -40.05
CA GLU K 922 39.40 1.12 -40.95
C GLU K 922 40.01 2.38 -41.54
N ASN K 923 39.39 2.86 -42.62
CA ASN K 923 39.81 4.10 -43.28
C ASN K 923 39.03 5.29 -42.70
N ALA K 924 39.63 5.95 -41.70
CA ALA K 924 39.03 7.10 -41.02
C ALA K 924 39.29 8.39 -41.79
N SER K 925 38.78 8.42 -43.01
CA SER K 925 38.82 9.64 -43.80
C SER K 925 37.42 10.24 -43.91
N PHE K 926 37.40 11.55 -44.14
CA PHE K 926 36.13 12.27 -44.04
C PHE K 926 36.29 13.67 -44.64
N LEU K 927 35.15 14.20 -45.07
CA LEU K 927 34.94 15.56 -45.54
C LEU K 927 33.71 16.08 -44.83
N ARG K 928 33.84 17.27 -44.24
CA ARG K 928 32.79 17.88 -43.43
C ARG K 928 32.37 19.23 -44.00
N LEU K 929 31.10 19.55 -43.81
CA LEU K 929 30.59 20.87 -44.14
C LEU K 929 30.57 21.59 -42.80
N LYS K 930 31.65 22.33 -42.54
CA LYS K 930 31.86 22.93 -41.22
C LYS K 930 30.88 24.06 -40.93
N ASN K 931 30.80 25.09 -41.77
CA ASN K 931 29.75 26.07 -41.52
C ASN K 931 28.90 26.22 -42.76
N LEU K 932 27.68 26.73 -42.57
CA LEU K 932 26.73 26.96 -43.64
C LEU K 932 25.83 28.11 -43.17
N LYS K 933 26.31 29.34 -43.36
CA LYS K 933 25.58 30.53 -42.94
C LYS K 933 24.64 31.01 -44.03
N LEU K 934 23.78 31.95 -43.64
CA LEU K 934 22.72 32.44 -44.49
C LEU K 934 22.21 33.69 -43.84
N THR K 935 22.87 34.79 -44.11
CA THR K 935 22.55 36.05 -43.49
C THR K 935 21.66 36.91 -44.37
N TYR K 936 21.17 38.00 -43.80
CA TYR K 936 20.29 38.95 -44.51
C TYR K 936 20.48 40.29 -43.79
N VAL K 937 21.45 41.06 -44.25
CA VAL K 937 21.63 42.40 -43.69
C VAL K 937 20.44 43.25 -44.15
N LEU K 938 19.70 43.77 -43.18
CA LEU K 938 18.46 44.49 -43.48
C LEU K 938 18.72 45.65 -44.44
N PRO K 939 17.78 45.94 -45.34
CA PRO K 939 17.96 47.05 -46.29
C PRO K 939 18.30 48.36 -45.59
N ASN K 940 19.33 49.02 -46.11
CA ASN K 940 19.82 50.28 -45.57
C ASN K 940 18.74 51.35 -45.48
N SER K 941 17.67 51.24 -46.27
CA SER K 941 16.67 52.30 -46.44
C SER K 941 15.54 52.22 -45.44
N LEU K 942 15.60 51.31 -44.46
CA LEU K 942 14.51 51.19 -43.51
C LEU K 942 14.74 52.02 -42.26
N PHE K 943 15.93 52.60 -42.10
CA PHE K 943 16.29 53.44 -40.97
C PHE K 943 16.50 54.85 -41.52
N ALA K 944 15.38 55.50 -41.82
CA ALA K 944 15.42 56.85 -42.40
C ALA K 944 15.28 57.88 -41.28
N GLY K 945 14.10 57.97 -40.67
CA GLY K 945 13.89 58.90 -39.58
C GLY K 945 14.53 58.46 -38.26
N GLN K 946 14.56 57.15 -37.98
CA GLN K 946 15.02 56.64 -36.69
C GLN K 946 16.48 57.02 -36.47
N ASN K 947 16.69 58.13 -35.80
CA ASN K 947 18.02 58.65 -35.50
C ASN K 947 18.66 57.87 -34.37
N VAL K 948 18.15 56.66 -34.12
CA VAL K 948 18.63 55.81 -33.05
C VAL K 948 19.39 54.57 -33.55
N ILE K 949 19.01 54.00 -34.69
CA ILE K 949 19.60 52.76 -35.19
C ILE K 949 20.38 53.04 -36.47
N GLY K 950 20.31 52.10 -37.41
CA GLY K 950 21.07 52.19 -38.63
C GLY K 950 21.85 50.91 -38.90
N GLY K 951 21.21 49.76 -38.66
CA GLY K 951 21.83 48.47 -38.89
C GLY K 951 21.10 47.28 -38.31
N ALA K 952 21.20 46.12 -38.95
CA ALA K 952 20.48 44.92 -38.52
C ALA K 952 21.01 43.74 -39.31
N ARG K 953 20.75 42.53 -38.81
CA ARG K 953 21.16 41.28 -39.43
C ARG K 953 20.39 40.10 -38.85
N VAL K 954 20.36 39.00 -39.60
CA VAL K 954 19.72 37.78 -39.14
C VAL K 954 20.54 36.59 -39.64
N TYR K 955 20.73 35.61 -38.77
CA TYR K 955 21.54 34.44 -39.05
C TYR K 955 20.70 33.24 -39.45
N LEU K 956 21.39 32.24 -39.94
CA LEU K 956 20.79 30.93 -39.98
C LEU K 956 21.94 29.95 -40.23
N MET K 957 22.76 29.74 -39.19
CA MET K 957 23.97 28.94 -39.29
C MET K 957 23.63 27.46 -39.18
N ALA K 958 24.67 26.65 -39.33
CA ALA K 958 24.56 25.20 -39.22
C ALA K 958 25.95 24.64 -39.41
N ARG K 959 26.41 23.80 -38.48
CA ARG K 959 27.79 23.31 -38.51
C ARG K 959 27.87 21.80 -38.46
N ASN K 960 28.83 21.26 -39.20
CA ASN K 960 29.13 19.82 -39.25
C ASN K 960 27.89 19.00 -39.61
N LEU K 961 27.07 19.49 -40.54
CA LEU K 961 25.79 18.82 -40.83
C LEU K 961 25.89 17.72 -41.87
N LEU K 962 26.99 17.64 -42.62
CA LEU K 962 27.17 16.63 -43.65
C LEU K 962 28.59 16.08 -43.56
N THR K 963 28.68 14.76 -43.53
CA THR K 963 29.96 14.07 -43.37
C THR K 963 29.92 12.87 -44.30
N VAL K 964 31.06 12.56 -44.90
CA VAL K 964 31.16 11.45 -45.82
C VAL K 964 31.79 10.28 -45.06
N THR K 965 30.92 9.42 -44.56
CA THR K 965 31.30 8.38 -43.62
C THR K 965 32.07 7.30 -44.35
N LYS K 966 33.35 7.21 -44.10
CA LYS K 966 33.99 5.95 -44.43
C LYS K 966 34.09 5.05 -43.21
N TYR K 967 34.50 5.62 -42.09
CA TYR K 967 34.52 4.90 -40.83
C TYR K 967 33.17 4.30 -40.49
N LYS K 968 33.19 3.08 -39.92
CA LYS K 968 32.00 2.35 -39.47
C LYS K 968 31.69 2.59 -38.00
N GLY K 969 31.91 3.80 -37.51
CA GLY K 969 31.71 4.01 -36.10
C GLY K 969 31.58 5.43 -35.62
N PHE K 970 30.37 5.98 -35.67
CA PHE K 970 30.14 7.34 -35.19
C PHE K 970 31.06 8.30 -35.92
N ASP K 971 32.05 8.86 -35.20
CA ASP K 971 32.75 9.95 -35.84
C ASP K 971 34.20 9.58 -36.12
N PRO K 972 34.67 9.73 -37.37
CA PRO K 972 36.05 9.35 -37.69
C PRO K 972 37.11 10.37 -37.28
N GLU K 973 36.72 11.56 -36.82
CA GLU K 973 37.68 12.53 -36.30
C GLU K 973 38.07 12.20 -34.86
N ALA K 974 37.09 11.79 -34.05
CA ALA K 974 37.25 11.59 -32.61
C ALA K 974 37.92 10.25 -32.37
N GLY K 975 39.24 10.28 -32.48
CA GLY K 975 40.08 9.10 -32.37
C GLY K 975 41.46 9.43 -32.86
N GLY K 976 42.03 8.64 -33.76
CA GLY K 976 43.44 8.83 -33.99
C GLY K 976 44.20 7.86 -33.11
N ASN K 977 44.89 6.92 -33.78
CA ASN K 977 45.51 5.75 -33.18
C ASN K 977 44.39 4.76 -32.94
N VAL K 978 43.57 4.98 -31.91
CA VAL K 978 42.50 4.04 -31.63
C VAL K 978 41.23 4.81 -31.37
N GLY K 979 40.13 4.16 -31.71
CA GLY K 979 38.82 4.71 -31.48
C GLY K 979 38.17 3.86 -30.43
N LYS K 980 38.15 4.37 -29.20
CA LYS K 980 37.58 3.65 -28.07
C LYS K 980 36.12 4.09 -27.90
N ASN K 981 35.54 3.90 -26.73
CA ASN K 981 34.24 4.47 -26.44
C ASN K 981 34.36 5.99 -26.61
N GLN K 982 33.85 6.52 -27.71
CA GLN K 982 34.12 7.90 -28.09
C GLN K 982 32.95 8.83 -27.77
N TYR K 983 33.27 10.12 -27.61
CA TYR K 983 32.29 11.19 -27.46
C TYR K 983 32.20 11.87 -28.82
N PRO K 984 31.25 11.50 -29.67
CA PRO K 984 31.21 12.01 -31.05
C PRO K 984 31.14 13.51 -31.09
N ASN K 985 31.62 14.09 -32.19
CA ASN K 985 31.41 15.53 -32.31
C ASN K 985 29.92 15.81 -32.49
N SER K 986 29.62 17.09 -32.55
CA SER K 986 28.26 17.58 -32.48
C SER K 986 27.85 18.18 -33.81
N LYS K 987 26.54 18.23 -34.02
CA LYS K 987 25.95 19.03 -35.09
C LYS K 987 25.13 20.14 -34.43
N GLN K 988 25.24 21.36 -34.98
CA GLN K 988 24.58 22.54 -34.41
C GLN K 988 23.66 23.23 -35.42
N TYR K 989 22.54 23.74 -34.91
CA TYR K 989 21.59 24.57 -35.66
C TYR K 989 21.51 25.88 -34.90
N VAL K 990 22.02 26.97 -35.46
CA VAL K 990 22.00 28.26 -34.77
C VAL K 990 21.01 29.19 -35.46
N ALA K 991 20.68 30.30 -34.77
CA ALA K 991 19.86 31.36 -35.35
C ALA K 991 20.14 32.63 -34.55
N GLY K 992 20.98 33.50 -35.10
CA GLY K 992 21.36 34.72 -34.44
C GLY K 992 20.64 35.96 -34.93
N ILE K 993 20.93 37.07 -34.24
CA ILE K 993 20.31 38.37 -34.51
C ILE K 993 21.32 39.43 -34.10
N GLN K 994 21.59 40.39 -34.96
CA GLN K 994 22.52 41.46 -34.63
C GLN K 994 21.84 42.80 -34.83
N LEU K 995 22.13 43.72 -33.91
CA LEU K 995 21.60 45.07 -33.93
C LEU K 995 22.79 46.02 -33.87
N SER K 996 22.90 46.89 -34.85
CA SER K 996 24.05 47.77 -34.96
C SER K 996 23.59 49.21 -34.93
N PHE K 997 24.22 50.01 -34.07
CA PHE K 997 24.01 51.46 -34.04
C PHE K 997 25.17 52.17 -33.33
N ALA L 1 29.97 -3.10 -13.53
CA ALA L 1 31.25 -3.73 -13.88
C ALA L 1 32.13 -2.79 -14.72
N SER L 2 33.03 -3.36 -15.55
CA SER L 2 34.02 -2.62 -16.36
C SER L 2 34.81 -3.49 -17.34
N THR L 3 34.18 -3.92 -18.44
CA THR L 3 34.73 -4.94 -19.34
C THR L 3 35.98 -4.54 -20.12
N THR L 4 37.16 -4.81 -19.57
CA THR L 4 38.40 -4.63 -20.33
C THR L 4 38.63 -5.84 -21.24
N GLY L 5 37.67 -6.08 -22.12
CA GLY L 5 37.72 -7.26 -22.97
C GLY L 5 38.95 -7.23 -23.83
N GLY L 6 39.07 -6.18 -24.63
CA GLY L 6 40.29 -5.93 -25.35
C GLY L 6 40.92 -4.66 -24.81
N ASN L 7 40.54 -3.52 -25.39
CA ASN L 7 41.15 -2.23 -25.06
C ASN L 7 42.62 -2.20 -25.46
N SER L 8 42.90 -1.98 -26.75
CA SER L 8 44.26 -1.67 -27.17
C SER L 8 44.54 -0.25 -26.71
N GLN L 9 45.72 0.00 -26.17
CA GLN L 9 45.98 1.26 -25.49
C GLN L 9 46.50 2.31 -26.47
N ARG L 10 45.83 3.48 -26.50
CA ARG L 10 46.17 4.54 -27.47
C ARG L 10 47.63 4.99 -27.32
N GLY L 11 48.34 5.06 -28.44
CA GLY L 11 49.71 5.52 -28.42
C GLY L 11 49.83 6.88 -29.07
N GLY L 12 48.72 7.36 -29.66
CA GLY L 12 48.62 8.66 -30.31
C GLY L 12 47.98 9.76 -29.48
N GLY L 13 48.80 10.41 -28.65
CA GLY L 13 48.36 11.49 -27.77
C GLY L 13 49.44 11.97 -26.82
#